data_3KR5
#
_entry.id   3KR5
#
_cell.length_a   172.080
_cell.length_b   174.160
_cell.length_c   227.706
_cell.angle_alpha   90.00
_cell.angle_beta   90.00
_cell.angle_gamma   90.00
#
_symmetry.space_group_name_H-M   'P 21 21 21'
#
loop_
_entity.id
_entity.type
_entity.pdbx_description
1 polymer 'M17 leucyl aminopeptidase'
2 non-polymer 'CARBONATE ION'
3 non-polymer 'ZINC ION'
4 non-polymer '(2S)-3-[(R)-[(1S)-1-amino-3-phenylpropyl](hydroxy)phosphoryl]-2-benzylpropanoic acid'
5 non-polymer 'SULFATE ION'
6 non-polymer 'PENTAETHYLENE GLYCOL'
7 water water
#
_entity_poly.entity_id   1
_entity_poly.type   'polypeptide(L)'
_entity_poly.pdbx_seq_one_letter_code
;MASEVPQVVSLDPTSIPIEYNTPIHDIKVQVYDIKGGCNVEEGLTIFLVNNPGKENGPVKISSKVNDKQVSEFLKDENME
KFNVKLGTSKHFYMFNDNKNSVAVGYVGCGSVADLSEADMKRVVLSLVTMLHDNKLSKLTVVFEINVDKNLFRFFLETLF
YEYMTDERFKSTDKNVNMEYIKHLGVYINNADTYKEEVEKARVYYFGTYYASQLIAAPSNYCNPVSLSNAAVELAQKLNL
EYKILGVKELEELKMGAYLSVGKGSMYPNKFIHLTYKSKGDVKKKIALVGKGITFDSGGYNLKAAPGSMIDLMKFDMSGC
AAVLGCAYCVGTLKPENVEIHFLSAVCENMVSKNSYRPGDIITASNGKTIEVGNTDAEGRLTLADALVYAEKLGVDYIVD
IATLTGAMLYSLGTSYAGVFGNNEELINKILQSSKTSNEPVWWLPIINEYRATLNSKYADINQISSSVKASSIVASLFLK
EFVQNTAWAHIDIAGVSWNFKARKPKGFGVRLLTEFVLNDALHHHHHH
;
_entity_poly.pdbx_strand_id   A,B,C,D,E,F,G,H,I,J,K,L
#
loop_
_chem_comp.id
_chem_comp.type
_chem_comp.name
_chem_comp.formula
1PE non-polymer 'PENTAETHYLENE GLYCOL' 'C10 H22 O6'
BEY non-polymer '(2S)-3-[(R)-[(1S)-1-amino-3-phenylpropyl](hydroxy)phosphoryl]-2-benzylpropanoic acid' 'C19 H24 N O4 P'
CO3 non-polymer 'CARBONATE ION' 'C O3 -2'
SO4 non-polymer 'SULFATE ION' 'O4 S -2'
ZN non-polymer 'ZINC ION' 'Zn 2'
#
# COMPACT_ATOMS: atom_id res chain seq x y z
N ALA A 2 9.91 -32.84 -62.40
CA ALA A 2 10.55 -34.14 -62.73
C ALA A 2 11.85 -33.98 -63.55
N SER A 3 12.98 -33.95 -62.85
CA SER A 3 14.30 -33.90 -63.46
C SER A 3 15.17 -35.09 -63.01
N GLU A 4 16.17 -35.42 -63.82
CA GLU A 4 17.09 -36.53 -63.52
C GLU A 4 17.91 -36.25 -62.27
N VAL A 5 17.91 -37.17 -61.32
CA VAL A 5 18.89 -36.99 -60.26
C VAL A 5 20.24 -37.30 -60.86
N PRO A 6 21.13 -36.30 -60.90
CA PRO A 6 22.46 -36.66 -61.36
C PRO A 6 23.02 -37.68 -60.40
N GLN A 7 23.86 -38.56 -60.91
CA GLN A 7 24.53 -39.54 -60.09
C GLN A 7 26.01 -39.47 -60.37
N VAL A 8 26.83 -39.88 -59.39
CA VAL A 8 28.26 -40.10 -59.56
C VAL A 8 28.49 -41.54 -60.00
N VAL A 9 27.91 -42.46 -59.21
CA VAL A 9 27.92 -43.88 -59.51
C VAL A 9 26.48 -44.40 -59.60
N SER A 10 26.30 -45.56 -60.23
CA SER A 10 24.97 -46.10 -60.46
C SER A 10 24.34 -46.56 -59.17
N LEU A 11 25.18 -46.79 -58.18
CA LEU A 11 24.66 -47.10 -56.84
C LEU A 11 24.10 -45.88 -56.11
N ASP A 12 24.27 -44.69 -56.66
CA ASP A 12 23.73 -43.46 -56.09
C ASP A 12 22.22 -43.48 -56.31
N PRO A 13 21.46 -43.22 -55.24
CA PRO A 13 20.02 -43.31 -55.31
C PRO A 13 19.39 -42.12 -56.02
N THR A 14 18.31 -42.35 -56.73
CA THR A 14 17.78 -41.26 -57.50
C THR A 14 16.39 -40.75 -57.04
N SER A 15 16.03 -41.01 -55.78
CA SER A 15 14.78 -40.50 -55.23
C SER A 15 14.79 -40.63 -53.71
N ILE A 16 13.96 -39.86 -53.04
CA ILE A 16 13.75 -40.07 -51.65
C ILE A 16 12.62 -41.09 -51.62
N PRO A 17 12.82 -42.24 -50.90
CA PRO A 17 11.80 -43.25 -50.62
C PRO A 17 10.78 -42.71 -49.62
N ILE A 18 9.52 -42.67 -50.00
CA ILE A 18 8.55 -42.10 -49.10
C ILE A 18 7.40 -43.08 -48.78
N GLU A 19 7.11 -43.22 -47.49
CA GLU A 19 5.99 -43.97 -47.05
C GLU A 19 4.80 -43.03 -46.89
N TYR A 20 3.84 -43.18 -47.80
CA TYR A 20 2.56 -42.47 -47.69
C TYR A 20 1.57 -43.28 -46.87
N ASN A 21 1.37 -44.54 -47.26
CA ASN A 21 0.50 -45.41 -46.50
C ASN A 21 1.22 -46.02 -45.33
N THR A 22 1.20 -45.27 -44.24
CA THR A 22 1.79 -45.76 -43.02
C THR A 22 0.78 -46.65 -42.29
N PRO A 23 1.30 -47.56 -41.47
CA PRO A 23 0.50 -48.37 -40.62
C PRO A 23 -0.48 -47.53 -39.80
N ILE A 24 -0.12 -46.29 -39.48
CA ILE A 24 -1.03 -45.41 -38.75
C ILE A 24 -2.35 -45.15 -39.52
N HIS A 25 -2.31 -45.28 -40.86
CA HIS A 25 -3.48 -45.02 -41.67
C HIS A 25 -4.41 -46.21 -41.68
N ASP A 26 -3.92 -47.31 -41.11
CA ASP A 26 -4.67 -48.54 -41.02
C ASP A 26 -5.34 -48.65 -39.67
N ILE A 27 -4.97 -47.79 -38.76
CA ILE A 27 -5.63 -47.81 -37.46
C ILE A 27 -7.08 -47.29 -37.58
N LYS A 28 -8.01 -48.16 -37.23
CA LYS A 28 -9.39 -47.74 -37.10
C LYS A 28 -9.59 -47.16 -35.69
N VAL A 29 -10.04 -45.91 -35.63
CA VAL A 29 -10.04 -45.19 -34.38
C VAL A 29 -11.50 -44.97 -33.96
N GLN A 30 -11.75 -45.13 -32.69
CA GLN A 30 -13.10 -45.04 -32.21
C GLN A 30 -13.14 -44.27 -30.88
N VAL A 31 -14.02 -43.31 -30.80
CA VAL A 31 -14.18 -42.53 -29.62
C VAL A 31 -15.52 -42.94 -29.06
N TYR A 32 -15.51 -43.13 -27.75
CA TYR A 32 -16.70 -43.41 -27.03
C TYR A 32 -16.75 -42.51 -25.83
N ASP A 33 -17.96 -42.13 -25.47
CA ASP A 33 -18.15 -41.39 -24.26
C ASP A 33 -17.95 -42.30 -23.04
N ILE A 34 -17.14 -41.82 -22.10
CA ILE A 34 -16.92 -42.48 -20.82
C ILE A 34 -18.21 -42.58 -19.97
N LYS A 35 -19.17 -41.69 -20.22
CA LYS A 35 -20.49 -41.77 -19.55
C LYS A 35 -21.04 -43.19 -19.71
N GLY A 36 -20.95 -43.69 -20.95
CA GLY A 36 -21.39 -45.02 -21.33
C GLY A 36 -20.69 -46.19 -20.66
N GLY A 37 -19.45 -45.99 -20.19
CA GLY A 37 -18.70 -47.05 -19.50
C GLY A 37 -17.69 -47.73 -20.40
N CYS A 38 -16.71 -48.40 -19.82
CA CYS A 38 -15.57 -48.92 -20.58
C CYS A 38 -15.63 -50.41 -20.93
N ASN A 39 -15.77 -50.71 -22.21
CA ASN A 39 -15.63 -52.10 -22.65
C ASN A 39 -14.14 -52.48 -22.78
N VAL A 40 -13.77 -53.41 -21.92
CA VAL A 40 -12.39 -53.78 -21.75
C VAL A 40 -12.24 -55.14 -22.35
N GLU A 41 -11.72 -55.21 -23.57
CA GLU A 41 -11.55 -56.54 -24.13
C GLU A 41 -10.15 -56.87 -24.62
N GLU A 42 -10.06 -57.24 -25.89
CA GLU A 42 -8.81 -57.67 -26.40
C GLU A 42 -7.90 -56.46 -26.50
N GLY A 43 -6.61 -56.73 -26.55
CA GLY A 43 -5.64 -55.68 -26.72
C GLY A 43 -5.26 -55.17 -25.36
N LEU A 44 -4.80 -53.93 -25.37
CA LEU A 44 -4.33 -53.28 -24.19
C LEU A 44 -5.25 -52.10 -23.92
N THR A 45 -5.79 -52.01 -22.70
CA THR A 45 -6.66 -50.90 -22.33
C THR A 45 -5.96 -50.07 -21.24
N ILE A 46 -5.51 -48.89 -21.66
CA ILE A 46 -4.76 -47.96 -20.83
C ILE A 46 -5.62 -46.80 -20.27
N PHE A 47 -5.39 -46.52 -19.01
CA PHE A 47 -5.99 -45.36 -18.40
C PHE A 47 -4.94 -44.28 -18.25
N LEU A 48 -5.33 -43.07 -18.63
CA LEU A 48 -4.48 -41.95 -18.38
C LEU A 48 -5.02 -41.33 -17.08
N VAL A 49 -4.24 -41.48 -16.01
CA VAL A 49 -4.70 -40.97 -14.70
C VAL A 49 -3.71 -40.03 -14.02
N ASN A 50 -4.24 -38.96 -13.48
CA ASN A 50 -3.49 -38.05 -12.64
C ASN A 50 -4.03 -38.18 -11.22
N ASN A 51 -3.47 -37.41 -10.31
CA ASN A 51 -4.07 -37.24 -8.99
C ASN A 51 -3.99 -35.76 -8.64
N PRO A 52 -4.99 -34.97 -9.08
CA PRO A 52 -4.94 -33.52 -8.94
C PRO A 52 -4.34 -33.07 -7.61
N GLY A 53 -3.34 -32.20 -7.66
CA GLY A 53 -2.74 -31.65 -6.45
C GLY A 53 -1.75 -32.54 -5.70
N LYS A 54 -2.15 -33.78 -5.41
CA LYS A 54 -1.29 -34.77 -4.70
C LYS A 54 -0.19 -35.41 -5.61
N GLU A 55 1.00 -34.80 -5.58
CA GLU A 55 2.18 -35.17 -6.38
C GLU A 55 2.55 -36.61 -6.11
N ASN A 56 2.64 -37.39 -7.20
CA ASN A 56 2.92 -38.83 -7.11
C ASN A 56 1.98 -39.56 -6.14
N GLY A 57 0.75 -39.04 -6.04
CA GLY A 57 -0.31 -39.68 -5.29
C GLY A 57 -0.74 -41.00 -5.91
N PRO A 58 -1.62 -41.73 -5.21
CA PRO A 58 -2.05 -43.05 -5.68
C PRO A 58 -3.01 -42.95 -6.87
N VAL A 59 -3.07 -44.04 -7.64
CA VAL A 59 -3.97 -44.18 -8.78
C VAL A 59 -5.37 -44.52 -8.30
N LYS A 60 -6.38 -43.87 -8.89
CA LYS A 60 -7.81 -44.16 -8.67
C LYS A 60 -8.49 -44.22 -10.02
N ILE A 61 -9.25 -45.27 -10.29
CA ILE A 61 -9.98 -45.33 -11.57
C ILE A 61 -11.44 -44.84 -11.43
N SER A 62 -11.77 -43.74 -12.10
CA SER A 62 -13.06 -43.11 -11.87
C SER A 62 -14.13 -43.70 -12.78
N SER A 63 -13.75 -43.94 -14.03
CA SER A 63 -14.66 -44.33 -15.09
C SER A 63 -15.37 -45.63 -14.82
N LYS A 64 -16.60 -45.74 -15.32
CA LYS A 64 -17.31 -47.01 -15.29
C LYS A 64 -16.64 -47.98 -16.26
N VAL A 65 -16.47 -49.20 -15.76
CA VAL A 65 -16.02 -50.34 -16.54
C VAL A 65 -17.16 -51.35 -16.57
N ASN A 66 -17.56 -51.71 -17.78
CA ASN A 66 -18.69 -52.58 -17.96
C ASN A 66 -18.22 -54.01 -17.85
N ASP A 67 -17.80 -54.36 -16.66
CA ASP A 67 -17.29 -55.67 -16.40
C ASP A 67 -17.08 -55.71 -14.92
N LYS A 68 -17.78 -56.64 -14.28
CA LYS A 68 -17.68 -56.83 -12.84
C LYS A 68 -16.22 -57.13 -12.48
N GLN A 69 -15.59 -57.98 -13.29
CA GLN A 69 -14.26 -58.51 -13.01
C GLN A 69 -13.18 -57.42 -13.11
N VAL A 70 -13.22 -56.67 -14.21
CA VAL A 70 -12.23 -55.64 -14.41
C VAL A 70 -12.45 -54.56 -13.33
N SER A 71 -13.68 -54.05 -13.22
CA SER A 71 -14.10 -53.16 -12.13
C SER A 71 -13.48 -53.61 -10.82
N GLU A 72 -13.88 -54.80 -10.35
CA GLU A 72 -13.32 -55.38 -9.13
C GLU A 72 -11.81 -55.24 -9.11
N PHE A 73 -11.15 -55.65 -10.22
CA PHE A 73 -9.70 -55.54 -10.32
C PHE A 73 -9.27 -54.06 -10.13
N LEU A 74 -9.96 -53.13 -10.75
CA LEU A 74 -9.52 -51.75 -10.71
C LEU A 74 -10.13 -50.95 -9.57
N LYS A 75 -10.72 -51.67 -8.60
CA LYS A 75 -11.37 -51.04 -7.44
C LYS A 75 -10.29 -50.34 -6.68
N ASP A 76 -10.67 -49.32 -5.95
CA ASP A 76 -9.69 -48.43 -5.33
C ASP A 76 -8.64 -49.17 -4.46
N GLU A 77 -9.11 -50.11 -3.63
CA GLU A 77 -8.25 -50.87 -2.74
C GLU A 77 -7.08 -51.55 -3.49
N ASN A 78 -7.31 -51.90 -4.76
CA ASN A 78 -6.33 -52.58 -5.59
C ASN A 78 -5.42 -51.63 -6.30
N MET A 79 -5.83 -50.38 -6.42
CA MET A 79 -5.08 -49.42 -7.23
C MET A 79 -4.16 -48.46 -6.45
N GLU A 80 -4.23 -48.51 -5.12
CA GLU A 80 -3.47 -47.57 -4.31
C GLU A 80 -2.03 -48.01 -4.08
N LYS A 81 -1.67 -49.16 -4.65
CA LYS A 81 -0.29 -49.64 -4.64
C LYS A 81 0.48 -48.90 -5.71
N PHE A 82 -0.25 -48.13 -6.51
CA PHE A 82 0.36 -47.44 -7.65
C PHE A 82 0.23 -45.94 -7.56
N ASN A 83 1.14 -45.25 -8.19
CA ASN A 83 1.15 -43.82 -8.09
C ASN A 83 1.13 -43.24 -9.49
N VAL A 84 0.66 -42.01 -9.62
CA VAL A 84 0.41 -41.36 -10.93
C VAL A 84 1.59 -40.55 -11.44
N LYS A 85 2.78 -40.71 -10.84
CA LYS A 85 3.95 -39.91 -11.25
C LYS A 85 3.98 -39.84 -12.77
N LEU A 86 4.00 -38.61 -13.30
CA LEU A 86 4.15 -38.36 -14.71
C LEU A 86 4.99 -39.43 -15.44
N GLY A 87 4.36 -40.05 -16.44
CA GLY A 87 5.02 -41.00 -17.32
C GLY A 87 5.26 -42.39 -16.78
N THR A 88 4.86 -42.64 -15.56
CA THR A 88 5.02 -43.97 -15.05
C THR A 88 3.85 -44.75 -15.67
N SER A 89 3.96 -46.08 -15.66
CA SER A 89 2.92 -46.97 -16.23
C SER A 89 2.99 -48.32 -15.53
N LYS A 90 1.90 -49.09 -15.58
CA LYS A 90 1.90 -50.47 -15.13
C LYS A 90 1.01 -51.30 -16.04
N HIS A 91 1.22 -52.61 -16.04
CA HIS A 91 0.43 -53.54 -16.83
C HIS A 91 -0.37 -54.46 -15.95
N PHE A 92 -1.63 -54.62 -16.27
CA PHE A 92 -2.45 -55.43 -15.44
C PHE A 92 -2.91 -56.57 -16.25
N TYR A 93 -3.22 -57.67 -15.57
CA TYR A 93 -3.66 -58.88 -16.25
C TYR A 93 -4.71 -59.57 -15.43
N MET A 94 -5.82 -59.89 -16.08
CA MET A 94 -6.99 -60.40 -15.41
C MET A 94 -7.91 -61.09 -16.40
N PHE A 95 -8.89 -61.82 -15.87
CA PHE A 95 -9.90 -62.51 -16.69
C PHE A 95 -11.21 -61.79 -16.52
N ASN A 96 -11.82 -61.40 -17.65
CA ASN A 96 -12.98 -60.49 -17.67
C ASN A 96 -14.32 -61.18 -17.42
N ASP A 97 -15.41 -60.48 -17.66
CA ASP A 97 -16.75 -61.05 -17.42
C ASP A 97 -17.07 -62.27 -18.29
N ASN A 98 -16.37 -62.40 -19.41
CA ASN A 98 -16.63 -63.44 -20.42
C ASN A 98 -15.52 -64.50 -20.45
N LYS A 99 -14.86 -64.66 -19.31
CA LYS A 99 -13.79 -65.65 -19.17
C LYS A 99 -12.65 -65.38 -20.14
N ASN A 100 -12.53 -64.13 -20.59
CA ASN A 100 -11.46 -63.74 -21.51
C ASN A 100 -10.35 -62.98 -20.79
N SER A 101 -9.11 -63.24 -21.20
CA SER A 101 -7.98 -62.59 -20.59
C SER A 101 -7.76 -61.24 -21.26
N VAL A 102 -7.57 -60.22 -20.43
CA VAL A 102 -7.46 -58.84 -20.90
C VAL A 102 -6.19 -58.21 -20.38
N ALA A 103 -5.72 -57.22 -21.12
CA ALA A 103 -4.57 -56.45 -20.73
C ALA A 103 -5.09 -55.06 -20.54
N VAL A 104 -4.99 -54.61 -19.28
CA VAL A 104 -5.35 -53.27 -18.91
C VAL A 104 -4.12 -52.71 -18.28
N GLY A 105 -4.08 -51.37 -18.20
CA GLY A 105 -3.00 -50.65 -17.57
C GLY A 105 -3.30 -49.17 -17.47
N TYR A 106 -2.28 -48.41 -17.08
CA TYR A 106 -2.46 -46.99 -16.89
C TYR A 106 -1.14 -46.29 -17.15
N VAL A 107 -1.24 -45.02 -17.51
CA VAL A 107 -0.10 -44.12 -17.58
C VAL A 107 -0.42 -43.02 -16.59
N GLY A 108 0.55 -42.77 -15.72
CA GLY A 108 0.48 -41.75 -14.71
C GLY A 108 0.66 -40.43 -15.42
N CYS A 109 -0.25 -39.52 -15.13
CA CYS A 109 -0.30 -38.20 -15.75
C CYS A 109 0.08 -37.11 -14.75
N GLY A 110 0.93 -37.46 -13.80
CA GLY A 110 1.43 -36.52 -12.82
C GLY A 110 0.36 -36.10 -11.83
N SER A 111 0.45 -34.85 -11.37
CA SER A 111 -0.41 -34.35 -10.32
C SER A 111 -1.02 -33.01 -10.70
N VAL A 112 -0.60 -32.46 -11.83
CA VAL A 112 -1.13 -31.18 -12.36
C VAL A 112 -2.16 -31.39 -13.49
N ALA A 113 -3.43 -31.11 -13.17
CA ALA A 113 -4.61 -31.43 -14.00
C ALA A 113 -4.71 -30.68 -15.33
N ASP A 114 -3.64 -29.94 -15.64
CA ASP A 114 -3.47 -29.32 -16.94
C ASP A 114 -2.07 -29.57 -17.52
N LEU A 115 -1.87 -30.77 -18.06
CA LEU A 115 -0.60 -31.15 -18.64
C LEU A 115 -0.23 -30.21 -19.76
N SER A 116 1.01 -29.76 -19.71
CA SER A 116 1.54 -28.92 -20.77
C SER A 116 1.84 -29.82 -21.96
N GLU A 117 1.76 -29.21 -23.15
CA GLU A 117 2.17 -29.86 -24.37
C GLU A 117 3.23 -30.92 -24.04
N ALA A 118 4.27 -30.55 -23.30
CA ALA A 118 5.42 -31.44 -23.15
C ALA A 118 5.22 -32.59 -22.17
N ASP A 119 4.44 -32.39 -21.11
CA ASP A 119 4.04 -33.48 -20.21
C ASP A 119 3.29 -34.54 -20.99
N MET A 120 2.26 -34.10 -21.69
CA MET A 120 1.56 -34.97 -22.60
C MET A 120 2.51 -35.73 -23.57
N LYS A 121 3.60 -35.09 -24.02
CA LYS A 121 4.65 -35.79 -24.80
C LYS A 121 5.27 -36.87 -23.97
N ARG A 122 5.47 -36.61 -22.67
CA ARG A 122 6.02 -37.63 -21.81
C ARG A 122 5.01 -38.77 -21.63
N VAL A 123 3.73 -38.41 -21.56
CA VAL A 123 2.68 -39.40 -21.39
C VAL A 123 2.59 -40.28 -22.61
N VAL A 124 2.62 -39.68 -23.81
CA VAL A 124 2.59 -40.50 -25.03
C VAL A 124 3.78 -41.46 -25.03
N LEU A 125 5.00 -40.92 -24.91
CA LEU A 125 6.19 -41.76 -24.86
C LEU A 125 6.02 -42.97 -23.93
N SER A 126 5.46 -42.78 -22.73
CA SER A 126 5.27 -43.92 -21.81
C SER A 126 4.31 -44.97 -22.36
N LEU A 127 3.32 -44.50 -23.12
CA LEU A 127 2.32 -45.35 -23.70
C LEU A 127 2.87 -46.03 -24.97
N VAL A 128 3.74 -45.34 -25.67
CA VAL A 128 4.41 -45.93 -26.82
C VAL A 128 5.23 -47.10 -26.35
N THR A 129 5.89 -46.94 -25.22
CA THR A 129 6.77 -47.99 -24.78
C THR A 129 5.89 -49.21 -24.45
N MET A 130 4.65 -48.94 -24.04
CA MET A 130 3.70 -50.03 -23.87
C MET A 130 3.30 -50.68 -25.20
N LEU A 131 3.34 -49.93 -26.30
CA LEU A 131 2.97 -50.47 -27.60
C LEU A 131 4.12 -51.20 -28.25
N HIS A 132 5.33 -50.84 -27.83
CA HIS A 132 6.54 -51.39 -28.40
C HIS A 132 6.77 -52.73 -27.75
N ASP A 133 7.40 -53.65 -28.48
CA ASP A 133 7.67 -54.98 -27.93
C ASP A 133 6.42 -55.56 -27.29
N ASN A 134 5.44 -55.89 -28.13
CA ASN A 134 4.16 -56.43 -27.67
C ASN A 134 3.17 -56.35 -28.81
N LYS A 135 2.90 -57.49 -29.44
CA LYS A 135 2.11 -57.51 -30.66
C LYS A 135 0.63 -57.32 -30.39
N LEU A 136 0.17 -56.10 -30.44
CA LEU A 136 -1.21 -55.85 -30.08
C LEU A 136 -1.99 -55.60 -31.30
N SER A 137 -3.23 -56.00 -31.28
CA SER A 137 -4.11 -55.71 -32.36
C SER A 137 -4.88 -54.44 -32.02
N LYS A 138 -4.92 -54.08 -30.73
CA LYS A 138 -5.78 -53.01 -30.25
C LYS A 138 -5.26 -52.23 -29.01
N LEU A 139 -5.23 -50.90 -29.12
CA LEU A 139 -5.02 -50.05 -27.99
C LEU A 139 -6.32 -49.32 -27.64
N THR A 140 -6.76 -49.43 -26.39
CA THR A 140 -7.88 -48.64 -25.89
C THR A 140 -7.42 -47.71 -24.77
N VAL A 141 -7.52 -46.41 -25.05
CA VAL A 141 -7.07 -45.40 -24.12
C VAL A 141 -8.28 -44.73 -23.49
N VAL A 142 -8.20 -44.57 -22.17
CA VAL A 142 -9.24 -43.93 -21.39
C VAL A 142 -8.72 -42.65 -20.73
N PHE A 143 -9.16 -41.50 -21.23
CA PHE A 143 -8.78 -40.24 -20.63
C PHE A 143 -9.53 -40.01 -19.33
N GLU A 144 -8.82 -40.14 -18.22
CA GLU A 144 -9.37 -39.77 -16.93
C GLU A 144 -8.61 -38.52 -16.49
N ILE A 145 -8.38 -37.64 -17.45
CA ILE A 145 -7.71 -36.37 -17.28
C ILE A 145 -8.49 -35.39 -18.15
N ASN A 146 -8.35 -34.12 -17.87
CA ASN A 146 -9.03 -33.10 -18.63
C ASN A 146 -8.08 -32.57 -19.67
N VAL A 147 -8.39 -32.81 -20.93
CA VAL A 147 -7.66 -32.16 -21.99
C VAL A 147 -8.69 -31.46 -22.87
N ASP A 148 -8.25 -30.47 -23.65
CA ASP A 148 -9.13 -29.81 -24.60
C ASP A 148 -8.85 -30.28 -26.03
N LYS A 149 -9.69 -29.84 -26.95
CA LYS A 149 -9.67 -30.38 -28.30
C LYS A 149 -8.23 -30.48 -28.85
N ASN A 150 -7.56 -29.33 -28.96
CA ASN A 150 -6.14 -29.21 -29.33
C ASN A 150 -5.21 -30.20 -28.66
N LEU A 151 -5.27 -30.23 -27.32
CA LEU A 151 -4.44 -31.14 -26.54
C LEU A 151 -4.76 -32.61 -26.84
N PHE A 152 -6.05 -32.93 -26.93
CA PHE A 152 -6.51 -34.26 -27.35
C PHE A 152 -5.96 -34.62 -28.74
N ARG A 153 -6.10 -33.70 -29.71
CA ARG A 153 -5.58 -33.93 -31.03
C ARG A 153 -4.12 -34.26 -30.83
N PHE A 154 -3.46 -33.36 -30.15
CA PHE A 154 -2.03 -33.36 -29.99
C PHE A 154 -1.52 -34.71 -29.57
N PHE A 155 -2.19 -35.25 -28.55
CA PHE A 155 -1.94 -36.62 -28.07
C PHE A 155 -2.05 -37.62 -29.23
N LEU A 156 -3.14 -37.58 -30.01
CA LEU A 156 -3.26 -38.48 -31.18
C LEU A 156 -2.11 -38.32 -32.14
N GLU A 157 -1.79 -37.04 -32.45
CA GLU A 157 -0.76 -36.67 -33.42
C GLU A 157 0.64 -37.11 -32.97
N THR A 158 0.88 -36.93 -31.69
CA THR A 158 2.13 -37.29 -31.10
C THR A 158 2.21 -38.83 -31.00
N LEU A 159 1.15 -39.43 -30.47
CA LEU A 159 1.07 -40.86 -30.41
C LEU A 159 1.35 -41.45 -31.77
N PHE A 160 0.64 -41.00 -32.79
CA PHE A 160 0.78 -41.60 -34.11
C PHE A 160 2.21 -41.52 -34.52
N TYR A 161 2.75 -40.29 -34.38
CA TYR A 161 4.11 -39.92 -34.81
C TYR A 161 5.15 -40.82 -34.14
N GLU A 162 5.16 -40.80 -32.80
CA GLU A 162 6.12 -41.55 -32.01
C GLU A 162 6.01 -43.06 -32.20
N TYR A 163 4.86 -43.54 -32.64
CA TYR A 163 4.62 -44.97 -32.75
C TYR A 163 5.28 -45.45 -34.03
N MET A 164 5.12 -44.64 -35.06
CA MET A 164 5.57 -44.92 -36.40
C MET A 164 7.06 -45.13 -36.30
N THR A 165 7.63 -45.92 -37.20
CA THR A 165 9.07 -46.23 -37.16
C THR A 165 9.56 -46.33 -38.58
N ASP A 166 10.42 -45.38 -38.93
CA ASP A 166 10.91 -45.25 -40.28
C ASP A 166 11.94 -46.34 -40.62
N GLU A 167 11.52 -47.32 -41.40
CA GLU A 167 12.47 -48.35 -41.74
C GLU A 167 12.94 -48.27 -43.15
N ARG A 168 12.87 -47.08 -43.74
CA ARG A 168 13.12 -47.00 -45.15
C ARG A 168 14.58 -47.32 -45.50
N PHE A 169 15.48 -47.04 -44.57
CA PHE A 169 16.88 -47.16 -44.87
C PHE A 169 17.38 -48.42 -44.23
N LYS A 170 16.42 -49.24 -43.78
CA LYS A 170 16.66 -50.60 -43.27
C LYS A 170 16.75 -51.64 -44.40
N SER A 171 17.74 -52.51 -44.29
CA SER A 171 17.93 -53.53 -45.28
C SER A 171 18.00 -54.91 -44.62
N THR A 172 19.11 -55.17 -43.93
CA THR A 172 19.27 -56.43 -43.16
C THR A 172 18.83 -56.29 -41.68
N ASP A 173 18.39 -55.09 -41.26
CA ASP A 173 18.15 -54.81 -39.85
C ASP A 173 16.72 -54.26 -39.63
N LYS A 174 15.77 -54.75 -40.43
CA LYS A 174 14.35 -54.56 -40.14
C LYS A 174 13.93 -55.30 -38.83
N ASN A 175 12.97 -54.75 -38.08
CA ASN A 175 12.49 -55.35 -36.83
C ASN A 175 11.30 -56.27 -37.10
N VAL A 176 11.39 -57.50 -36.59
CA VAL A 176 10.49 -58.64 -36.93
C VAL A 176 9.44 -59.02 -35.86
N MET A 178 7.64 -56.77 -35.24
CA MET A 178 7.06 -55.45 -35.40
C MET A 178 5.76 -55.41 -36.24
N GLU A 179 4.65 -55.38 -35.53
CA GLU A 179 3.32 -55.21 -36.10
C GLU A 179 2.71 -54.10 -35.30
N TYR A 180 1.59 -53.60 -35.79
CA TYR A 180 1.08 -52.32 -35.32
C TYR A 180 -0.29 -52.59 -34.89
N ILE A 181 -0.79 -51.86 -33.89
CA ILE A 181 -2.24 -52.03 -33.58
C ILE A 181 -3.07 -51.73 -34.82
N LYS A 182 -4.17 -52.44 -35.01
CA LYS A 182 -5.05 -52.14 -36.11
C LYS A 182 -6.37 -51.50 -35.60
N HIS A 183 -6.35 -51.05 -34.34
CA HIS A 183 -7.49 -50.41 -33.69
C HIS A 183 -7.11 -49.52 -32.51
N LEU A 184 -7.60 -48.30 -32.56
CA LEU A 184 -7.41 -47.39 -31.46
C LEU A 184 -8.74 -47.01 -30.92
N GLY A 185 -8.92 -47.33 -29.65
CA GLY A 185 -10.16 -46.98 -28.96
C GLY A 185 -9.91 -45.85 -27.97
N VAL A 186 -10.77 -44.85 -28.00
CA VAL A 186 -10.65 -43.72 -27.11
C VAL A 186 -11.95 -43.51 -26.36
N TYR A 187 -11.82 -43.50 -25.02
CA TYR A 187 -12.91 -43.17 -24.14
C TYR A 187 -12.61 -41.82 -23.52
N ILE A 188 -13.45 -40.84 -23.85
CA ILE A 188 -13.32 -39.47 -23.31
C ILE A 188 -14.68 -38.80 -23.07
N ASN A 189 -14.73 -37.87 -22.13
CA ASN A 189 -15.98 -37.18 -21.81
C ASN A 189 -16.39 -36.25 -22.92
N ASN A 190 -17.69 -36.18 -23.20
CA ASN A 190 -18.16 -35.35 -24.30
C ASN A 190 -17.44 -35.76 -25.59
N ALA A 191 -17.46 -37.06 -25.82
CA ALA A 191 -16.76 -37.69 -26.92
C ALA A 191 -17.02 -36.98 -28.23
N ASP A 192 -18.29 -36.67 -28.49
CA ASP A 192 -18.69 -36.05 -29.75
C ASP A 192 -17.90 -34.78 -30.12
N THR A 193 -17.54 -33.97 -29.12
CA THR A 193 -16.71 -32.79 -29.38
C THR A 193 -15.28 -33.14 -29.79
N TYR A 194 -14.79 -34.32 -29.37
CA TYR A 194 -13.41 -34.75 -29.65
C TYR A 194 -13.29 -35.57 -30.91
N LYS A 195 -14.38 -36.17 -31.37
CA LYS A 195 -14.34 -37.06 -32.52
C LYS A 195 -13.76 -36.38 -33.75
N GLU A 196 -14.05 -35.10 -33.90
CA GLU A 196 -13.59 -34.34 -35.06
C GLU A 196 -12.08 -34.17 -35.07
N GLU A 197 -11.44 -34.27 -33.92
CA GLU A 197 -9.98 -34.13 -33.84
C GLU A 197 -9.22 -35.33 -34.43
N VAL A 198 -9.87 -36.50 -34.40
CA VAL A 198 -9.25 -37.74 -34.82
C VAL A 198 -8.64 -37.65 -36.22
N GLU A 199 -9.46 -37.38 -37.22
CA GLU A 199 -8.94 -37.37 -38.55
C GLU A 199 -8.02 -36.17 -38.80
N LYS A 200 -8.25 -35.11 -38.04
CA LYS A 200 -7.37 -33.95 -38.16
C LYS A 200 -5.99 -34.32 -37.66
N ALA A 201 -5.95 -35.02 -36.52
CA ALA A 201 -4.72 -35.53 -35.94
C ALA A 201 -4.00 -36.47 -36.93
N ARG A 202 -4.77 -37.27 -37.66
CA ARG A 202 -4.20 -38.25 -38.55
C ARG A 202 -3.53 -37.51 -39.68
N VAL A 203 -4.19 -36.46 -40.17
CA VAL A 203 -3.60 -35.64 -41.22
C VAL A 203 -2.34 -34.94 -40.71
N TYR A 204 -2.49 -34.31 -39.56
CA TYR A 204 -1.38 -33.60 -38.95
C TYR A 204 -0.18 -34.54 -38.72
N TYR A 205 -0.47 -35.73 -38.18
CA TYR A 205 0.53 -36.74 -38.00
C TYR A 205 1.30 -36.88 -39.33
N PHE A 206 0.58 -37.20 -40.41
CA PHE A 206 1.29 -37.53 -41.62
C PHE A 206 2.07 -36.33 -42.16
N GLY A 207 1.48 -35.16 -42.10
CA GLY A 207 2.19 -33.99 -42.57
C GLY A 207 3.52 -33.95 -41.85
N THR A 208 3.47 -34.09 -40.52
CA THR A 208 4.65 -34.03 -39.67
C THR A 208 5.58 -35.18 -40.01
N TYR A 209 5.00 -36.36 -40.15
CA TYR A 209 5.78 -37.55 -40.42
C TYR A 209 6.41 -37.47 -41.80
N TYR A 210 5.66 -36.92 -42.75
CA TYR A 210 6.19 -36.70 -44.08
C TYR A 210 7.39 -35.74 -44.07
N ALA A 211 7.28 -34.64 -43.34
CA ALA A 211 8.41 -33.71 -43.19
C ALA A 211 9.62 -34.46 -42.60
N SER A 212 9.33 -35.16 -41.52
CA SER A 212 10.25 -36.04 -40.83
C SER A 212 10.96 -37.00 -41.78
N GLN A 213 10.22 -37.62 -42.68
CA GLN A 213 10.79 -38.52 -43.67
C GLN A 213 11.78 -37.80 -44.55
N LEU A 214 11.44 -36.59 -44.96
CA LEU A 214 12.30 -35.84 -45.86
C LEU A 214 13.57 -35.43 -45.16
N ILE A 215 13.41 -34.93 -43.95
CA ILE A 215 14.51 -34.46 -43.14
C ILE A 215 15.47 -35.62 -42.92
N ALA A 216 14.92 -36.75 -42.44
CA ALA A 216 15.73 -37.92 -42.09
C ALA A 216 16.47 -38.49 -43.29
N ALA A 217 15.86 -38.40 -44.47
CA ALA A 217 16.50 -38.92 -45.64
C ALA A 217 17.82 -38.20 -45.74
N PRO A 218 18.90 -38.99 -45.90
CA PRO A 218 20.25 -38.48 -45.95
C PRO A 218 20.42 -37.70 -47.24
N SER A 219 21.47 -36.89 -47.30
CA SER A 219 21.63 -35.94 -48.38
C SER A 219 21.97 -36.55 -49.71
N ASN A 220 22.39 -37.83 -49.71
CA ASN A 220 22.63 -38.56 -50.98
C ASN A 220 21.28 -38.99 -51.60
N TYR A 221 20.31 -39.23 -50.72
CA TYR A 221 18.95 -39.53 -51.15
C TYR A 221 18.19 -38.26 -51.38
N CYS A 222 18.19 -37.40 -50.38
CA CYS A 222 17.49 -36.13 -50.45
C CYS A 222 18.44 -35.00 -50.88
N ASN A 223 18.41 -34.68 -52.16
CA ASN A 223 19.24 -33.65 -52.72
C ASN A 223 18.26 -32.68 -53.37
N PRO A 224 18.73 -31.53 -53.88
CA PRO A 224 17.81 -30.58 -54.53
C PRO A 224 16.92 -31.18 -55.65
N VAL A 225 17.47 -32.07 -56.47
CA VAL A 225 16.70 -32.63 -57.56
C VAL A 225 15.65 -33.59 -57.02
N SER A 226 16.07 -34.50 -56.12
CA SER A 226 15.17 -35.49 -55.58
C SER A 226 14.15 -34.88 -54.65
N LEU A 227 14.57 -33.86 -53.90
CA LEU A 227 13.64 -33.13 -53.05
C LEU A 227 12.53 -32.46 -53.84
N SER A 228 12.90 -31.67 -54.84
CA SER A 228 11.93 -31.03 -55.70
C SER A 228 11.08 -32.09 -56.42
N ASN A 229 11.67 -33.19 -56.85
CA ASN A 229 10.85 -34.27 -57.45
C ASN A 229 9.78 -34.76 -56.48
N ALA A 230 10.17 -34.95 -55.23
CA ALA A 230 9.22 -35.39 -54.21
C ALA A 230 8.10 -34.35 -53.99
N ALA A 231 8.45 -33.07 -54.00
CA ALA A 231 7.46 -32.01 -53.89
C ALA A 231 6.49 -32.09 -55.05
N VAL A 232 6.99 -32.29 -56.25
CA VAL A 232 6.16 -32.43 -57.46
C VAL A 232 5.17 -33.58 -57.27
N GLU A 233 5.72 -34.72 -56.85
CA GLU A 233 4.93 -35.88 -56.59
C GLU A 233 3.83 -35.58 -55.55
N LEU A 234 4.18 -34.86 -54.50
CA LEU A 234 3.24 -34.57 -53.42
C LEU A 234 2.12 -33.67 -53.94
N ALA A 235 2.52 -32.68 -54.73
CA ALA A 235 1.61 -31.75 -55.38
C ALA A 235 0.62 -32.51 -56.29
N GLN A 236 1.13 -33.48 -57.02
CA GLN A 236 0.32 -34.23 -57.94
C GLN A 236 -0.67 -35.04 -57.18
N LYS A 237 -0.24 -35.64 -56.08
CA LYS A 237 -1.16 -36.41 -55.26
C LYS A 237 -2.25 -35.54 -54.59
N LEU A 238 -1.94 -34.26 -54.36
CA LEU A 238 -2.85 -33.41 -53.62
C LEU A 238 -3.60 -32.46 -54.53
N ASN A 239 -3.36 -32.54 -55.84
CA ASN A 239 -3.94 -31.60 -56.80
C ASN A 239 -3.55 -30.16 -56.59
N LEU A 240 -2.31 -29.96 -56.17
CA LEU A 240 -1.78 -28.62 -56.01
C LEU A 240 -1.10 -28.18 -57.27
N GLU A 241 -1.21 -26.89 -57.60
CA GLU A 241 -0.42 -26.35 -58.67
C GLU A 241 1.01 -26.37 -58.18
N TYR A 242 1.93 -26.69 -59.08
CA TYR A 242 3.34 -26.67 -58.77
C TYR A 242 4.11 -26.16 -59.96
N LYS A 243 5.29 -25.61 -59.65
CA LYS A 243 6.21 -25.11 -60.61
C LYS A 243 7.55 -25.35 -59.92
N ILE A 244 8.50 -25.94 -60.64
CA ILE A 244 9.86 -26.08 -60.15
C ILE A 244 10.75 -25.23 -61.04
N LEU A 245 11.39 -24.22 -60.45
CA LEU A 245 12.28 -23.34 -61.20
C LEU A 245 13.68 -23.95 -61.23
N GLY A 246 14.19 -24.12 -62.46
CA GLY A 246 15.51 -24.70 -62.68
C GLY A 246 16.50 -23.58 -62.88
N VAL A 247 17.78 -23.89 -63.06
CA VAL A 247 18.76 -22.81 -63.04
C VAL A 247 18.54 -21.76 -64.10
N LYS A 248 18.20 -22.15 -65.32
CA LYS A 248 17.95 -21.15 -66.37
C LYS A 248 16.91 -20.11 -65.93
N GLU A 249 15.79 -20.57 -65.37
CA GLU A 249 14.76 -19.66 -64.91
C GLU A 249 15.21 -18.83 -63.73
N LEU A 250 16.00 -19.45 -62.83
CA LEU A 250 16.57 -18.75 -61.66
C LEU A 250 17.50 -17.62 -62.08
N GLU A 251 18.33 -17.89 -63.09
CA GLU A 251 19.22 -16.89 -63.69
C GLU A 251 18.41 -15.74 -64.28
N GLU A 252 17.38 -16.08 -65.05
CA GLU A 252 16.47 -15.09 -65.62
C GLU A 252 15.84 -14.23 -64.53
N LEU A 253 15.53 -14.86 -63.41
CA LEU A 253 14.96 -14.13 -62.31
C LEU A 253 16.00 -13.37 -61.49
N LYS A 254 17.28 -13.56 -61.83
CA LYS A 254 18.42 -12.85 -61.15
C LYS A 254 18.56 -13.19 -59.67
N MET A 255 18.24 -14.43 -59.32
CA MET A 255 18.41 -14.93 -57.96
C MET A 255 19.87 -15.34 -57.69
N GLY A 256 20.75 -14.35 -57.72
CA GLY A 256 22.17 -14.59 -57.54
C GLY A 256 22.57 -15.03 -56.15
N ALA A 257 21.81 -14.64 -55.12
CA ALA A 257 22.20 -15.00 -53.76
C ALA A 257 22.00 -16.49 -53.60
N TYR A 258 20.82 -16.93 -54.04
CA TYR A 258 20.40 -18.32 -53.98
C TYR A 258 21.28 -19.18 -54.83
N LEU A 259 21.57 -18.72 -56.05
CA LEU A 259 22.33 -19.51 -57.01
C LEU A 259 23.77 -19.63 -56.58
N SER A 260 24.25 -18.63 -55.84
CA SER A 260 25.65 -18.63 -55.46
C SER A 260 25.90 -19.73 -54.49
N VAL A 261 24.97 -19.92 -53.57
CA VAL A 261 25.06 -21.00 -52.61
C VAL A 261 25.24 -22.36 -53.31
N GLY A 262 24.48 -22.58 -54.38
CA GLY A 262 24.41 -23.89 -55.00
C GLY A 262 25.53 -24.13 -56.00
N LYS A 263 26.29 -23.08 -56.28
CA LYS A 263 27.29 -23.14 -57.32
C LYS A 263 28.20 -24.35 -57.18
N GLY A 264 28.60 -24.62 -55.94
CA GLY A 264 29.47 -25.75 -55.63
C GLY A 264 28.83 -27.11 -55.68
N SER A 265 27.52 -27.21 -55.84
CA SER A 265 26.85 -28.53 -55.80
C SER A 265 26.78 -29.22 -57.14
N MET A 266 26.79 -30.53 -57.13
CA MET A 266 26.63 -31.32 -58.36
C MET A 266 25.16 -31.33 -58.76
N TYR A 267 24.31 -30.92 -57.81
CA TYR A 267 22.88 -30.87 -58.04
C TYR A 267 22.46 -29.45 -58.35
N PRO A 268 21.82 -29.25 -59.50
CA PRO A 268 21.34 -27.94 -59.90
C PRO A 268 20.34 -27.47 -58.89
N ASN A 269 20.35 -26.19 -58.60
CA ASN A 269 19.32 -25.61 -57.78
C ASN A 269 17.94 -25.92 -58.32
N LYS A 270 17.02 -26.15 -57.41
CA LYS A 270 15.64 -26.31 -57.76
C LYS A 270 14.82 -25.50 -56.79
N PHE A 271 14.02 -24.58 -57.32
CA PHE A 271 13.16 -23.75 -56.52
C PHE A 271 11.73 -24.34 -56.55
N ILE A 272 11.22 -24.70 -55.38
CA ILE A 272 9.95 -25.35 -55.30
C ILE A 272 8.90 -24.28 -55.11
N HIS A 273 7.87 -24.32 -55.95
CA HIS A 273 6.71 -23.45 -55.85
C HIS A 273 5.41 -24.25 -55.97
N LEU A 274 4.82 -24.53 -54.83
CA LEU A 274 3.56 -25.21 -54.76
C LEU A 274 2.47 -24.19 -54.43
N THR A 275 1.28 -24.38 -54.97
CA THR A 275 0.19 -23.44 -54.71
C THR A 275 -1.08 -24.20 -54.44
N TYR A 276 -1.69 -23.85 -53.31
CA TYR A 276 -3.04 -24.25 -53.02
C TYR A 276 -3.92 -23.01 -53.13
N LYS A 277 -4.95 -23.09 -53.96
CA LYS A 277 -5.92 -22.01 -54.04
C LYS A 277 -7.25 -22.55 -53.60
N SER A 278 -7.96 -21.82 -52.73
CA SER A 278 -9.29 -22.22 -52.27
C SER A 278 -10.33 -22.13 -53.40
N LYS A 279 -11.40 -22.90 -53.25
CA LYS A 279 -12.51 -22.91 -54.21
C LYS A 279 -13.26 -21.56 -54.24
N GLY A 280 -13.60 -21.03 -53.06
CA GLY A 280 -14.35 -19.79 -52.95
C GLY A 280 -13.57 -18.51 -53.26
N ASP A 281 -14.09 -17.38 -52.79
CA ASP A 281 -13.36 -16.12 -52.84
C ASP A 281 -12.11 -16.25 -51.98
N VAL A 282 -10.99 -15.77 -52.50
CA VAL A 282 -9.74 -15.78 -51.78
C VAL A 282 -9.67 -14.50 -50.95
N LYS A 283 -9.54 -14.66 -49.64
CA LYS A 283 -9.53 -13.53 -48.72
C LYS A 283 -8.14 -13.30 -48.14
N LYS A 284 -7.30 -14.32 -48.21
CA LYS A 284 -5.95 -14.25 -47.65
C LYS A 284 -4.98 -14.97 -48.59
N LYS A 285 -3.88 -14.30 -48.88
CA LYS A 285 -2.80 -14.91 -49.62
C LYS A 285 -1.57 -15.07 -48.74
N ILE A 286 -1.09 -16.29 -48.62
CA ILE A 286 0.05 -16.59 -47.77
C ILE A 286 1.16 -17.25 -48.57
N ALA A 287 2.38 -16.75 -48.38
CA ALA A 287 3.58 -17.40 -48.90
C ALA A 287 4.32 -18.06 -47.73
N LEU A 288 4.48 -19.37 -47.81
CA LEU A 288 5.26 -20.09 -46.83
C LEU A 288 6.59 -20.43 -47.46
N VAL A 289 7.65 -19.95 -46.84
CA VAL A 289 8.99 -20.11 -47.37
C VAL A 289 9.83 -20.95 -46.41
N GLY A 290 10.36 -22.06 -46.91
CA GLY A 290 11.17 -22.93 -46.10
C GLY A 290 12.59 -22.98 -46.60
N LYS A 291 13.53 -22.96 -45.67
CA LYS A 291 14.92 -23.06 -46.02
C LYS A 291 15.19 -24.48 -46.49
N GLY A 292 15.78 -24.60 -47.69
CA GLY A 292 15.93 -25.90 -48.35
C GLY A 292 17.34 -26.29 -48.72
N ILE A 293 18.21 -26.32 -47.72
CA ILE A 293 19.60 -26.73 -47.94
C ILE A 293 19.69 -28.23 -47.63
N THR A 294 19.84 -29.04 -48.69
CA THR A 294 19.71 -30.47 -48.57
C THR A 294 20.94 -31.04 -47.92
N PHE A 295 22.04 -30.32 -48.07
CA PHE A 295 23.19 -30.55 -47.21
C PHE A 295 23.95 -29.27 -47.05
N ASP A 296 24.31 -28.97 -45.82
CA ASP A 296 25.10 -27.80 -45.56
C ASP A 296 26.48 -28.18 -45.06
N SER A 297 27.47 -28.22 -45.94
CA SER A 297 28.82 -28.57 -45.54
C SER A 297 29.45 -27.35 -44.89
N GLY A 298 28.81 -26.20 -45.12
CA GLY A 298 29.39 -24.91 -44.72
C GLY A 298 30.10 -24.22 -45.86
N GLY A 299 30.32 -24.93 -46.96
CA GLY A 299 31.09 -24.42 -48.09
C GLY A 299 32.55 -24.18 -47.68
N TYR A 300 33.23 -23.23 -48.32
CA TYR A 300 34.62 -22.94 -47.93
C TYR A 300 34.80 -22.62 -46.43
N ASN A 301 33.77 -22.05 -45.81
CA ASN A 301 33.69 -21.96 -44.36
C ASN A 301 33.19 -23.29 -43.81
N LEU A 302 33.95 -24.33 -44.10
CA LEU A 302 33.60 -25.71 -43.79
C LEU A 302 33.26 -25.88 -42.33
N LYS A 303 32.27 -26.74 -42.06
CA LYS A 303 31.87 -27.03 -40.69
C LYS A 303 32.91 -27.98 -40.12
N ALA A 304 34.00 -27.42 -39.66
CA ALA A 304 35.12 -28.21 -39.18
C ALA A 304 35.31 -28.00 -37.69
N ALA A 305 34.66 -26.95 -37.17
CA ALA A 305 34.79 -26.59 -35.76
C ALA A 305 34.08 -27.62 -34.90
N PRO A 306 34.60 -27.89 -33.68
CA PRO A 306 33.88 -28.77 -32.76
C PRO A 306 32.47 -28.27 -32.50
N GLY A 307 31.50 -29.19 -32.51
CA GLY A 307 30.11 -28.82 -32.26
C GLY A 307 29.40 -28.18 -33.44
N SER A 308 30.06 -28.12 -34.59
CA SER A 308 29.39 -27.66 -35.81
C SER A 308 28.43 -28.71 -36.41
N MET A 309 28.56 -29.98 -35.97
CA MET A 309 27.61 -31.06 -36.25
C MET A 309 27.35 -31.24 -37.74
N ILE A 310 28.43 -31.37 -38.52
CA ILE A 310 28.32 -31.47 -39.95
C ILE A 310 27.49 -32.67 -40.34
N ASP A 311 27.49 -33.70 -39.48
CA ASP A 311 26.84 -34.97 -39.77
C ASP A 311 25.32 -34.86 -39.73
N LEU A 312 24.83 -33.78 -39.15
CA LEU A 312 23.41 -33.55 -38.95
C LEU A 312 22.81 -32.74 -40.11
N MET A 313 23.69 -32.22 -40.96
CA MET A 313 23.32 -31.17 -41.88
C MET A 313 22.45 -31.58 -43.08
N LYS A 314 22.04 -32.85 -43.11
CA LYS A 314 21.00 -33.26 -44.01
C LYS A 314 19.71 -32.56 -43.57
N PHE A 315 19.71 -32.06 -42.34
CA PHE A 315 18.51 -31.58 -41.70
C PHE A 315 18.25 -30.12 -42.04
N ASP A 316 19.21 -29.51 -42.72
CA ASP A 316 19.13 -28.09 -43.10
C ASP A 316 18.07 -27.77 -44.18
N MET A 317 17.25 -28.78 -44.54
CA MET A 317 16.06 -28.55 -45.36
C MET A 317 14.77 -28.75 -44.57
N SER A 318 14.90 -28.81 -43.25
CA SER A 318 13.76 -28.89 -42.36
C SER A 318 12.65 -27.86 -42.62
N GLY A 319 13.06 -26.64 -42.94
CA GLY A 319 12.11 -25.58 -43.19
C GLY A 319 11.32 -25.97 -44.41
N CYS A 320 12.02 -26.47 -45.42
CA CYS A 320 11.40 -26.88 -46.63
C CYS A 320 10.49 -28.05 -46.33
N ALA A 321 10.97 -28.97 -45.51
CA ALA A 321 10.15 -30.10 -45.10
C ALA A 321 8.88 -29.62 -44.41
N ALA A 322 9.02 -28.68 -43.49
CA ALA A 322 7.86 -28.26 -42.73
C ALA A 322 6.85 -27.67 -43.71
N VAL A 323 7.33 -26.81 -44.58
CA VAL A 323 6.48 -26.24 -45.61
C VAL A 323 5.76 -27.31 -46.45
N LEU A 324 6.50 -28.32 -46.91
CA LEU A 324 5.92 -29.39 -47.73
C LEU A 324 4.91 -30.18 -46.95
N GLY A 325 5.23 -30.48 -45.68
CA GLY A 325 4.30 -31.21 -44.81
C GLY A 325 3.04 -30.39 -44.59
N CYS A 326 3.20 -29.09 -44.45
CA CYS A 326 2.09 -28.17 -44.36
C CYS A 326 1.23 -28.21 -45.64
N ALA A 327 1.90 -28.20 -46.80
CA ALA A 327 1.20 -28.40 -48.06
C ALA A 327 0.37 -29.67 -48.03
N TYR A 328 0.93 -30.75 -47.50
CA TYR A 328 0.16 -31.97 -47.41
C TYR A 328 -1.10 -31.72 -46.58
N CYS A 329 -0.95 -31.04 -45.43
CA CYS A 329 -2.10 -30.88 -44.52
C CYS A 329 -3.18 -30.01 -45.13
N VAL A 330 -2.74 -28.86 -45.67
CA VAL A 330 -3.59 -27.89 -46.34
C VAL A 330 -4.25 -28.53 -47.56
N GLY A 331 -3.48 -29.25 -48.36
CA GLY A 331 -4.00 -29.89 -49.56
C GLY A 331 -5.07 -30.89 -49.19
N THR A 332 -4.93 -31.49 -48.00
CA THR A 332 -5.79 -32.54 -47.57
C THR A 332 -7.01 -31.96 -46.91
N LEU A 333 -6.80 -31.04 -45.96
CA LEU A 333 -7.91 -30.45 -45.20
C LEU A 333 -8.67 -29.40 -45.98
N LYS A 334 -8.09 -28.98 -47.09
CA LYS A 334 -8.70 -28.03 -48.02
C LYS A 334 -9.42 -26.85 -47.36
N PRO A 335 -8.65 -25.97 -46.69
CA PRO A 335 -9.26 -24.76 -46.10
C PRO A 335 -9.85 -23.81 -47.16
N GLU A 336 -10.80 -22.98 -46.76
CA GLU A 336 -11.44 -22.06 -47.70
C GLU A 336 -10.85 -20.66 -47.63
N ASN A 337 -11.07 -19.89 -48.70
CA ASN A 337 -10.77 -18.47 -48.76
C ASN A 337 -9.30 -18.13 -48.64
N VAL A 338 -8.44 -19.11 -48.88
CA VAL A 338 -7.01 -18.90 -48.78
C VAL A 338 -6.33 -19.33 -50.03
N GLU A 339 -5.29 -18.60 -50.38
CA GLU A 339 -4.38 -19.01 -51.42
C GLU A 339 -3.03 -19.15 -50.74
N ILE A 340 -2.47 -20.35 -50.79
CA ILE A 340 -1.16 -20.58 -50.17
C ILE A 340 -0.10 -21.00 -51.18
N HIS A 341 1.02 -20.29 -51.10
CA HIS A 341 2.19 -20.60 -51.86
C HIS A 341 3.19 -21.23 -50.94
N PHE A 342 3.69 -22.38 -51.38
CA PHE A 342 4.67 -23.16 -50.66
C PHE A 342 5.95 -23.08 -51.43
N LEU A 343 6.94 -22.46 -50.81
CA LEU A 343 8.17 -22.08 -51.51
C LEU A 343 9.38 -22.61 -50.78
N SER A 344 10.31 -23.14 -51.57
CA SER A 344 11.67 -23.38 -51.07
C SER A 344 12.69 -23.28 -52.15
N ALA A 345 13.66 -22.42 -51.91
CA ALA A 345 14.81 -22.31 -52.75
C ALA A 345 15.77 -23.42 -52.33
N VAL A 346 15.70 -24.52 -53.06
CA VAL A 346 16.44 -25.71 -52.70
C VAL A 346 17.80 -25.77 -53.37
N CYS A 347 18.82 -26.08 -52.57
CA CYS A 347 20.16 -26.28 -53.04
C CYS A 347 21.00 -26.96 -51.99
N GLU A 348 22.25 -27.19 -52.35
CA GLU A 348 23.20 -27.88 -51.50
C GLU A 348 24.44 -27.02 -51.38
N ASN A 349 24.91 -26.84 -50.15
CA ASN A 349 26.06 -25.99 -49.87
C ASN A 349 27.35 -26.81 -49.77
N MET A 350 28.11 -26.86 -50.85
CA MET A 350 29.21 -27.81 -50.95
C MET A 350 30.55 -27.14 -51.19
N VAL A 351 31.61 -27.92 -51.09
CA VAL A 351 32.95 -27.40 -51.35
C VAL A 351 33.43 -27.94 -52.67
N SER A 352 33.88 -27.04 -53.52
CA SER A 352 34.18 -27.40 -54.91
C SER A 352 34.97 -26.26 -55.53
N LYS A 353 35.61 -26.55 -56.65
CA LYS A 353 36.21 -25.49 -57.44
C LYS A 353 35.18 -24.45 -57.90
N ASN A 354 33.92 -24.84 -57.92
CA ASN A 354 32.85 -23.99 -58.40
C ASN A 354 32.09 -23.27 -57.28
N SER A 355 32.46 -23.50 -56.04
CA SER A 355 31.70 -22.94 -54.95
C SER A 355 31.90 -21.44 -54.88
N TYR A 356 30.93 -20.76 -54.29
CA TYR A 356 31.19 -19.36 -53.99
C TYR A 356 32.18 -19.29 -52.82
N ARG A 357 32.97 -18.20 -52.77
CA ARG A 357 33.94 -18.01 -51.72
C ARG A 357 33.57 -16.95 -50.70
N PRO A 358 34.16 -17.06 -49.52
CA PRO A 358 34.03 -15.96 -48.58
C PRO A 358 34.62 -14.73 -49.23
N GLY A 359 33.92 -13.61 -49.13
CA GLY A 359 34.37 -12.37 -49.78
C GLY A 359 33.62 -12.06 -51.06
N ASP A 360 33.07 -13.09 -51.71
CA ASP A 360 32.32 -12.87 -52.94
C ASP A 360 31.21 -11.86 -52.71
N ILE A 361 31.00 -11.02 -53.70
CA ILE A 361 29.86 -10.10 -53.70
C ILE A 361 28.86 -10.59 -54.75
N ILE A 362 27.64 -10.79 -54.33
CA ILE A 362 26.67 -11.44 -55.18
C ILE A 362 25.43 -10.56 -55.16
N THR A 363 24.58 -10.66 -56.18
CA THR A 363 23.43 -9.76 -56.28
C THR A 363 22.12 -10.50 -56.20
N ALA A 364 21.32 -10.11 -55.21
CA ALA A 364 20.01 -10.73 -55.03
C ALA A 364 19.05 -10.32 -56.15
N SER A 365 17.95 -11.05 -56.29
CA SER A 365 16.95 -10.72 -57.29
C SER A 365 16.33 -9.32 -57.16
N ASN A 366 16.48 -8.67 -56.02
CA ASN A 366 15.93 -7.34 -55.85
C ASN A 366 17.03 -6.28 -56.12
N GLY A 367 18.17 -6.78 -56.60
CA GLY A 367 19.24 -5.90 -56.98
C GLY A 367 20.22 -5.55 -55.87
N LYS A 368 19.89 -5.89 -54.63
CA LYS A 368 20.87 -5.67 -53.56
C LYS A 368 22.13 -6.51 -53.71
N THR A 369 23.26 -5.85 -53.68
CA THR A 369 24.54 -6.55 -53.66
C THR A 369 24.92 -6.97 -52.23
N ILE A 370 25.35 -8.22 -52.09
CA ILE A 370 25.63 -8.82 -50.80
C ILE A 370 27.10 -9.25 -50.79
N GLU A 371 27.80 -8.81 -49.73
CA GLU A 371 29.14 -9.30 -49.45
C GLU A 371 29.04 -10.57 -48.60
N VAL A 372 29.56 -11.67 -49.13
CA VAL A 372 29.56 -12.93 -48.40
C VAL A 372 30.72 -12.89 -47.41
N GLY A 373 30.41 -12.85 -46.13
CA GLY A 373 31.44 -12.90 -45.10
C GLY A 373 31.67 -14.32 -44.61
N ASN A 374 30.74 -15.22 -44.86
CA ASN A 374 30.89 -16.61 -44.43
C ASN A 374 29.97 -17.50 -45.24
N THR A 375 30.55 -18.40 -46.03
CA THR A 375 29.75 -19.26 -46.88
C THR A 375 28.81 -20.17 -46.10
N ASP A 376 29.09 -20.34 -44.81
CA ASP A 376 28.24 -21.19 -43.99
C ASP A 376 26.95 -20.46 -43.58
N ALA A 377 26.87 -19.14 -43.80
CA ALA A 377 25.62 -18.44 -43.53
C ALA A 377 24.81 -18.41 -44.84
N GLU A 378 24.62 -19.57 -45.41
CA GLU A 378 24.03 -19.66 -46.75
C GLU A 378 22.51 -19.56 -46.78
N GLY A 379 21.89 -19.93 -45.68
CA GLY A 379 20.45 -20.04 -45.62
C GLY A 379 19.79 -18.74 -45.93
N ARG A 380 20.29 -17.68 -45.28
CA ARG A 380 19.77 -16.32 -45.47
C ARG A 380 19.94 -15.82 -46.88
N LEU A 381 20.98 -16.32 -47.55
CA LEU A 381 21.20 -15.98 -48.94
C LEU A 381 20.08 -16.59 -49.79
N THR A 382 19.76 -17.86 -49.55
CA THR A 382 18.77 -18.52 -50.36
C THR A 382 17.40 -17.93 -50.01
N LEU A 383 17.18 -17.72 -48.71
CA LEU A 383 15.94 -17.12 -48.26
C LEU A 383 15.71 -15.70 -48.77
N ALA A 384 16.78 -14.92 -48.85
CA ALA A 384 16.71 -13.61 -49.46
C ALA A 384 16.02 -13.70 -50.80
N ASP A 385 16.59 -14.44 -51.75
CA ASP A 385 15.97 -14.57 -53.05
C ASP A 385 14.55 -15.17 -52.98
N ALA A 386 14.31 -16.03 -52.01
CA ALA A 386 13.01 -16.65 -51.87
C ALA A 386 11.99 -15.64 -51.37
N LEU A 387 12.45 -14.73 -50.51
CA LEU A 387 11.57 -13.70 -49.97
C LEU A 387 11.17 -12.69 -51.03
N VAL A 388 12.15 -12.28 -51.84
CA VAL A 388 11.91 -11.36 -52.96
C VAL A 388 10.87 -11.98 -53.93
N TYR A 389 11.05 -13.27 -54.20
CA TYR A 389 10.10 -14.03 -54.98
C TYR A 389 8.72 -14.04 -54.31
N ALA A 390 8.69 -14.35 -53.03
CA ALA A 390 7.44 -14.42 -52.27
C ALA A 390 6.67 -13.13 -52.39
N GLU A 391 7.37 -12.02 -52.19
CA GLU A 391 6.71 -10.75 -52.14
C GLU A 391 6.24 -10.35 -53.54
N LYS A 392 6.94 -10.79 -54.56
CA LYS A 392 6.50 -10.55 -55.92
C LYS A 392 5.17 -11.25 -56.22
N LEU A 393 4.83 -12.28 -55.45
CA LEU A 393 3.55 -12.97 -55.55
C LEU A 393 2.34 -12.16 -55.05
N GLY A 394 2.62 -11.09 -54.31
CA GLY A 394 1.56 -10.20 -53.86
C GLY A 394 0.75 -10.84 -52.77
N VAL A 395 1.40 -11.31 -51.73
CA VAL A 395 0.70 -12.01 -50.68
C VAL A 395 0.41 -11.11 -49.51
N ASP A 396 -0.41 -11.55 -48.58
CA ASP A 396 -0.72 -10.75 -47.40
C ASP A 396 0.29 -11.03 -46.31
N TYR A 397 0.70 -12.31 -46.22
CA TYR A 397 1.74 -12.73 -45.30
C TYR A 397 2.82 -13.55 -45.96
N ILE A 398 4.05 -13.31 -45.54
CA ILE A 398 5.16 -14.20 -45.83
C ILE A 398 5.67 -14.73 -44.50
N VAL A 399 5.62 -16.05 -44.34
CA VAL A 399 6.24 -16.71 -43.21
C VAL A 399 7.30 -17.70 -43.72
N ASP A 400 8.54 -17.47 -43.31
CA ASP A 400 9.63 -18.37 -43.62
C ASP A 400 9.94 -19.18 -42.38
N ILE A 401 10.39 -20.41 -42.62
CA ILE A 401 10.75 -21.28 -41.53
C ILE A 401 12.08 -21.91 -41.95
N ALA A 402 13.05 -21.90 -41.05
CA ALA A 402 14.39 -22.23 -41.46
C ALA A 402 15.22 -22.63 -40.26
N THR A 403 16.05 -23.65 -40.48
CA THR A 403 17.09 -24.05 -39.51
C THR A 403 18.22 -23.10 -39.77
N LEU A 404 18.05 -21.87 -39.28
CA LEU A 404 18.86 -20.77 -39.73
C LEU A 404 20.11 -20.54 -38.90
N THR A 405 19.99 -20.59 -37.59
CA THR A 405 21.16 -20.24 -36.78
C THR A 405 21.34 -21.18 -35.59
N GLY A 406 22.54 -21.74 -35.48
CA GLY A 406 22.94 -22.57 -34.33
C GLY A 406 22.78 -21.85 -32.99
N ALA A 407 22.87 -20.51 -33.00
CA ALA A 407 22.63 -19.68 -31.79
C ALA A 407 21.29 -19.98 -31.10
N MET A 408 20.35 -20.51 -31.88
CA MET A 408 19.02 -20.83 -31.38
C MET A 408 19.11 -21.79 -30.23
N LEU A 409 20.08 -22.70 -30.35
CA LEU A 409 20.40 -23.62 -29.24
C LEU A 409 20.82 -22.89 -27.97
N TYR A 410 21.44 -21.73 -28.14
CA TYR A 410 21.91 -20.95 -27.00
C TYR A 410 20.81 -20.03 -26.48
N SER A 411 19.86 -19.69 -27.36
CA SER A 411 18.81 -18.77 -26.95
C SER A 411 17.63 -19.52 -26.41
N LEU A 412 16.93 -20.26 -27.28
CA LEU A 412 15.71 -20.93 -26.83
C LEU A 412 15.88 -22.42 -26.59
N GLY A 413 16.97 -23.00 -27.07
CA GLY A 413 17.22 -24.42 -26.86
C GLY A 413 16.50 -25.30 -27.86
N THR A 414 16.19 -26.53 -27.44
CA THR A 414 15.70 -27.54 -28.35
C THR A 414 14.16 -27.65 -28.37
N SER A 415 13.49 -26.91 -27.51
CA SER A 415 12.06 -27.05 -27.38
C SER A 415 11.27 -25.97 -28.10
N TYR A 416 11.71 -24.73 -28.03
CA TYR A 416 10.91 -23.63 -28.59
C TYR A 416 11.59 -22.98 -29.77
N ALA A 417 10.86 -22.83 -30.88
CA ALA A 417 11.44 -22.15 -32.03
C ALA A 417 11.36 -20.67 -31.76
N GLY A 418 12.19 -19.90 -32.46
CA GLY A 418 12.15 -18.44 -32.37
C GLY A 418 11.33 -17.89 -33.52
N VAL A 419 10.49 -16.91 -33.20
CA VAL A 419 9.86 -16.16 -34.27
C VAL A 419 10.25 -14.67 -34.21
N PHE A 420 10.66 -14.18 -35.37
CA PHE A 420 10.99 -12.79 -35.57
C PHE A 420 10.05 -12.34 -36.69
N GLY A 421 9.83 -11.05 -36.79
CA GLY A 421 9.01 -10.54 -37.86
C GLY A 421 9.02 -9.02 -37.94
N ASN A 422 8.38 -8.49 -38.98
CA ASN A 422 8.28 -7.07 -39.17
C ASN A 422 6.89 -6.60 -38.84
N ASN A 423 6.06 -7.52 -38.32
CA ASN A 423 4.65 -7.22 -38.13
C ASN A 423 4.08 -7.89 -36.89
N GLU A 424 3.54 -7.10 -35.99
CA GLU A 424 3.01 -7.63 -34.73
C GLU A 424 1.79 -8.53 -34.89
N GLU A 425 0.84 -8.10 -35.71
CA GLU A 425 -0.35 -8.93 -35.94
C GLU A 425 0.04 -10.31 -36.46
N LEU A 426 0.96 -10.34 -37.43
CA LEU A 426 1.45 -11.60 -38.00
C LEU A 426 2.14 -12.45 -36.96
N ILE A 427 3.00 -11.82 -36.17
CA ILE A 427 3.70 -12.53 -35.09
C ILE A 427 2.71 -13.13 -34.09
N ASN A 428 1.71 -12.34 -33.70
CA ASN A 428 0.68 -12.85 -32.81
C ASN A 428 -0.09 -14.03 -33.39
N LYS A 429 -0.34 -13.99 -34.69
CA LYS A 429 -0.98 -15.12 -35.40
C LYS A 429 -0.13 -16.37 -35.31
N ILE A 430 1.19 -16.23 -35.54
CA ILE A 430 2.10 -17.35 -35.39
C ILE A 430 2.03 -17.84 -33.94
N LEU A 431 2.05 -16.90 -32.99
CA LEU A 431 2.00 -17.29 -31.57
C LEU A 431 0.71 -17.99 -31.20
N GLN A 432 -0.41 -17.49 -31.72
CA GLN A 432 -1.66 -18.22 -31.54
C GLN A 432 -1.55 -19.60 -32.16
N SER A 433 -0.99 -19.68 -33.36
CA SER A 433 -0.80 -20.98 -34.04
C SER A 433 0.08 -21.91 -33.26
N SER A 434 1.10 -21.35 -32.63
CA SER A 434 1.94 -22.11 -31.72
C SER A 434 1.12 -22.78 -30.62
N LYS A 435 0.26 -21.99 -29.97
CA LYS A 435 -0.60 -22.44 -28.88
C LYS A 435 -1.53 -23.55 -29.34
N THR A 436 -2.16 -23.38 -30.51
CA THR A 436 -3.13 -24.36 -30.95
C THR A 436 -2.53 -25.60 -31.59
N SER A 437 -1.36 -25.48 -32.21
CA SER A 437 -0.64 -26.64 -32.74
C SER A 437 0.17 -27.35 -31.68
N ASN A 438 0.47 -26.65 -30.58
CA ASN A 438 1.35 -27.18 -29.53
C ASN A 438 2.77 -27.44 -30.03
N GLU A 439 3.19 -26.65 -31.02
CA GLU A 439 4.57 -26.54 -31.39
C GLU A 439 5.03 -25.19 -30.86
N PRO A 440 5.78 -25.24 -29.75
CA PRO A 440 6.16 -24.05 -29.00
C PRO A 440 7.08 -23.09 -29.76
N VAL A 441 6.70 -21.82 -29.76
CA VAL A 441 7.43 -20.79 -30.46
C VAL A 441 7.52 -19.60 -29.52
N TRP A 442 8.61 -18.86 -29.60
CA TRP A 442 8.79 -17.69 -28.76
C TRP A 442 9.19 -16.49 -29.58
N TRP A 443 8.59 -15.37 -29.27
CA TRP A 443 8.83 -14.16 -30.01
C TRP A 443 10.15 -13.55 -29.61
N LEU A 444 11.01 -13.38 -30.59
CA LEU A 444 12.30 -12.79 -30.36
C LEU A 444 12.40 -11.51 -31.19
N PRO A 445 13.17 -10.52 -30.68
CA PRO A 445 13.17 -9.20 -31.30
C PRO A 445 14.09 -9.10 -32.51
N ILE A 446 13.72 -8.27 -33.47
CA ILE A 446 14.67 -7.85 -34.49
C ILE A 446 15.16 -6.49 -34.00
N ILE A 447 16.38 -6.49 -33.46
CA ILE A 447 16.94 -5.31 -32.82
C ILE A 447 17.62 -4.42 -33.86
N ASN A 448 17.02 -3.25 -34.12
CA ASN A 448 17.49 -2.44 -35.23
C ASN A 448 18.85 -1.88 -35.02
N GLU A 449 19.21 -1.69 -33.75
CA GLU A 449 20.56 -1.26 -33.38
C GLU A 449 21.68 -2.07 -34.07
N TYR A 450 21.45 -3.36 -34.33
CA TYR A 450 22.45 -4.21 -34.90
C TYR A 450 22.57 -4.04 -36.42
N ARG A 451 21.57 -3.39 -37.02
CA ARG A 451 21.49 -3.24 -38.48
C ARG A 451 22.78 -2.73 -39.08
N ALA A 452 23.38 -1.73 -38.44
CA ALA A 452 24.62 -1.08 -38.89
C ALA A 452 25.79 -2.06 -39.12
N THR A 453 25.85 -3.16 -38.37
CA THR A 453 26.93 -4.14 -38.54
C THR A 453 26.76 -4.95 -39.82
N LEU A 454 25.69 -4.70 -40.58
CA LEU A 454 25.53 -5.32 -41.88
C LEU A 454 25.90 -4.34 -42.98
N ASN A 455 26.38 -3.16 -42.60
CA ASN A 455 26.84 -2.15 -43.59
C ASN A 455 28.19 -2.57 -44.18
N SER A 456 28.14 -3.14 -45.37
CA SER A 456 29.33 -3.57 -46.08
C SER A 456 30.06 -2.35 -46.61
N LYS A 457 31.37 -2.44 -46.67
CA LYS A 457 32.16 -1.35 -47.23
C LYS A 457 32.04 -1.28 -48.74
N TYR A 458 31.83 -2.44 -49.36
CA TYR A 458 31.80 -2.53 -50.82
C TYR A 458 30.42 -2.84 -51.38
N ALA A 459 29.73 -3.80 -50.78
CA ALA A 459 28.41 -4.21 -51.25
C ALA A 459 27.33 -3.37 -50.56
N ASP A 460 26.09 -3.56 -50.96
CA ASP A 460 24.99 -2.84 -50.36
C ASP A 460 24.82 -3.31 -48.92
N ILE A 461 25.14 -4.58 -48.70
CA ILE A 461 24.90 -5.20 -47.42
C ILE A 461 25.82 -6.40 -47.20
N ASN A 462 26.19 -6.57 -45.94
CA ASN A 462 26.89 -7.74 -45.49
C ASN A 462 25.93 -8.85 -45.18
N GLN A 463 26.33 -10.08 -45.52
CA GLN A 463 25.56 -11.27 -45.20
C GLN A 463 25.60 -11.50 -43.68
N ILE A 464 26.78 -11.31 -43.10
CA ILE A 464 26.94 -11.53 -41.66
C ILE A 464 27.49 -10.31 -40.95
N SER A 465 27.19 -10.20 -39.67
CA SER A 465 27.82 -9.23 -38.79
C SER A 465 29.27 -9.65 -38.56
N SER A 466 30.13 -8.66 -38.36
CA SER A 466 31.51 -8.92 -37.95
C SER A 466 31.54 -8.97 -36.42
N SER A 467 30.90 -7.96 -35.81
CA SER A 467 30.84 -7.81 -34.35
C SER A 467 29.77 -8.61 -33.65
N VAL A 468 28.50 -8.41 -34.02
CA VAL A 468 27.35 -8.94 -33.25
C VAL A 468 27.19 -10.47 -33.23
N LYS A 469 27.24 -11.06 -32.04
CA LYS A 469 27.19 -12.51 -31.90
C LYS A 469 25.75 -13.00 -31.83
N ALA A 470 24.80 -12.07 -31.74
CA ALA A 470 23.37 -12.37 -31.72
C ALA A 470 22.87 -12.76 -33.12
N SER A 471 23.37 -13.87 -33.63
CA SER A 471 23.29 -14.15 -35.06
C SER A 471 21.89 -14.45 -35.56
N SER A 472 21.02 -14.92 -34.67
CA SER A 472 19.63 -15.13 -35.05
C SER A 472 18.96 -13.80 -35.33
N ILE A 473 19.32 -12.80 -34.53
CA ILE A 473 18.75 -11.50 -34.71
C ILE A 473 19.36 -10.85 -35.94
N VAL A 474 20.65 -11.05 -36.12
CA VAL A 474 21.36 -10.50 -37.27
C VAL A 474 20.84 -11.12 -38.57
N ALA A 475 20.72 -12.44 -38.59
CA ALA A 475 20.14 -13.16 -39.73
C ALA A 475 18.74 -12.60 -40.09
N SER A 476 17.94 -12.33 -39.05
CA SER A 476 16.61 -11.72 -39.18
C SER A 476 16.68 -10.31 -39.77
N LEU A 477 17.62 -9.49 -39.31
CA LEU A 477 17.81 -8.17 -39.85
C LEU A 477 18.12 -8.28 -41.29
N PHE A 478 19.02 -9.20 -41.61
CA PHE A 478 19.42 -9.43 -43.00
C PHE A 478 18.20 -9.81 -43.84
N LEU A 479 17.44 -10.79 -43.38
CA LEU A 479 16.23 -11.19 -44.09
C LEU A 479 15.23 -10.04 -44.30
N LYS A 480 15.06 -9.22 -43.27
CA LYS A 480 14.11 -8.14 -43.29
C LYS A 480 14.36 -7.25 -44.50
N GLU A 481 15.62 -7.19 -44.89
CA GLU A 481 16.04 -6.32 -45.94
C GLU A 481 15.48 -6.78 -47.29
N PHE A 482 14.88 -7.98 -47.30
CA PHE A 482 14.39 -8.52 -48.57
C PHE A 482 12.90 -8.59 -48.66
N VAL A 483 12.23 -8.02 -47.66
CA VAL A 483 10.78 -7.85 -47.65
C VAL A 483 10.49 -6.35 -47.55
N GLN A 484 10.05 -5.78 -48.66
CA GLN A 484 9.87 -4.34 -48.73
C GLN A 484 8.61 -3.86 -48.02
N ASN A 485 7.50 -4.56 -48.18
CA ASN A 485 6.23 -3.96 -47.84
C ASN A 485 5.14 -4.98 -47.49
N THR A 486 5.54 -6.16 -47.03
CA THR A 486 4.60 -7.23 -46.65
C THR A 486 4.82 -7.69 -45.21
N ALA A 487 3.75 -8.01 -44.52
CA ALA A 487 3.85 -8.53 -43.18
C ALA A 487 4.64 -9.81 -43.34
N TRP A 488 5.72 -9.93 -42.58
CA TRP A 488 6.63 -11.08 -42.68
C TRP A 488 7.08 -11.55 -41.32
N ALA A 489 7.04 -12.86 -41.12
CA ALA A 489 7.61 -13.52 -39.94
C ALA A 489 8.58 -14.61 -40.36
N HIS A 490 9.54 -14.89 -39.48
CA HIS A 490 10.63 -15.82 -39.74
C HIS A 490 10.70 -16.69 -38.50
N ILE A 491 10.56 -17.99 -38.71
CA ILE A 491 10.63 -18.97 -37.64
C ILE A 491 11.94 -19.75 -37.75
N ASP A 492 12.79 -19.57 -36.73
CA ASP A 492 14.11 -20.20 -36.69
C ASP A 492 13.98 -21.47 -35.91
N ILE A 493 14.00 -22.57 -36.66
CA ILE A 493 13.79 -23.89 -36.09
C ILE A 493 15.10 -24.69 -35.99
N ALA A 494 16.23 -23.98 -36.09
CA ALA A 494 17.55 -24.61 -36.02
C ALA A 494 17.73 -25.41 -34.76
N GLY A 495 17.23 -24.88 -33.64
CA GLY A 495 17.41 -25.54 -32.35
C GLY A 495 16.47 -26.68 -32.11
N VAL A 496 15.34 -26.64 -32.81
CA VAL A 496 14.18 -27.36 -32.38
C VAL A 496 13.89 -28.49 -33.36
N SER A 497 14.45 -28.38 -34.57
CA SER A 497 14.05 -29.27 -35.65
C SER A 497 14.45 -30.72 -35.44
N TRP A 498 15.67 -30.94 -34.96
CA TRP A 498 16.15 -32.28 -34.66
C TRP A 498 15.99 -32.66 -33.19
N ASN A 499 15.39 -33.83 -32.96
CA ASN A 499 15.28 -34.42 -31.63
C ASN A 499 16.54 -35.20 -31.33
N PHE A 500 17.51 -34.54 -30.69
CA PHE A 500 18.82 -35.12 -30.45
C PHE A 500 18.75 -36.37 -29.59
N LYS A 501 17.93 -36.34 -28.56
CA LYS A 501 17.77 -37.52 -27.69
C LYS A 501 17.23 -38.72 -28.47
N ALA A 502 16.19 -38.54 -29.28
CA ALA A 502 15.59 -39.66 -30.03
C ALA A 502 16.33 -39.97 -31.32
N ARG A 503 17.30 -39.14 -31.69
CA ARG A 503 18.07 -39.31 -32.92
C ARG A 503 17.18 -39.32 -34.17
N LYS A 504 16.21 -38.41 -34.21
CA LYS A 504 15.30 -38.28 -35.36
C LYS A 504 14.73 -36.86 -35.52
N PRO A 505 14.26 -36.52 -36.73
CA PRO A 505 13.64 -35.19 -36.87
C PRO A 505 12.35 -35.11 -36.08
N LYS A 506 11.89 -33.90 -35.81
CA LYS A 506 10.60 -33.75 -35.16
C LYS A 506 9.51 -33.47 -36.18
N GLY A 507 9.91 -33.10 -37.40
CA GLY A 507 8.97 -32.58 -38.39
C GLY A 507 8.35 -31.27 -37.91
N PHE A 508 9.14 -30.49 -37.17
CA PHE A 508 8.66 -29.32 -36.50
C PHE A 508 8.17 -28.28 -37.45
N GLY A 509 6.99 -27.71 -37.13
CA GLY A 509 6.49 -26.59 -37.87
C GLY A 509 5.33 -26.90 -38.77
N VAL A 510 5.17 -28.17 -39.14
CA VAL A 510 4.12 -28.54 -40.08
C VAL A 510 2.77 -28.15 -39.47
N ARG A 511 2.55 -28.54 -38.23
CA ARG A 511 1.30 -28.29 -37.55
C ARG A 511 1.12 -26.80 -37.31
N LEU A 512 2.21 -26.18 -36.85
CA LEU A 512 2.26 -24.74 -36.63
C LEU A 512 1.79 -23.97 -37.82
N LEU A 513 2.38 -24.26 -38.97
CA LEU A 513 2.06 -23.56 -40.20
C LEU A 513 0.67 -23.87 -40.68
N THR A 514 0.25 -25.12 -40.50
CA THR A 514 -1.08 -25.50 -40.87
C THR A 514 -2.14 -24.84 -39.97
N GLU A 515 -1.90 -24.81 -38.66
CA GLU A 515 -2.82 -24.09 -37.77
C GLU A 515 -2.86 -22.63 -38.18
N PHE A 516 -1.69 -22.07 -38.46
CA PHE A 516 -1.62 -20.69 -38.94
C PHE A 516 -2.52 -20.45 -40.15
N VAL A 517 -2.34 -21.25 -41.18
CA VAL A 517 -3.14 -21.23 -42.39
C VAL A 517 -4.63 -21.42 -42.07
N LEU A 518 -4.94 -22.43 -41.28
CA LEU A 518 -6.32 -22.81 -41.00
C LEU A 518 -7.09 -21.83 -40.14
N ASN A 519 -6.44 -21.21 -39.14
CA ASN A 519 -7.14 -20.29 -38.24
C ASN A 519 -7.28 -18.88 -38.82
N ASP A 520 -6.90 -18.76 -40.09
CA ASP A 520 -7.09 -17.53 -40.88
C ASP A 520 -8.25 -17.65 -41.90
N SER B 3 41.42 -15.76 -71.95
CA SER B 3 40.76 -14.48 -72.35
C SER B 3 39.24 -14.40 -71.98
N GLU B 4 38.54 -15.54 -72.05
CA GLU B 4 37.12 -15.57 -71.64
C GLU B 4 36.98 -16.08 -70.19
N VAL B 5 36.25 -15.33 -69.36
CA VAL B 5 36.09 -15.74 -67.99
C VAL B 5 35.04 -16.85 -67.86
N PRO B 6 35.48 -18.07 -67.48
CA PRO B 6 34.47 -19.10 -67.30
C PRO B 6 33.52 -18.71 -66.17
N GLN B 7 32.40 -19.40 -66.10
CA GLN B 7 31.27 -19.03 -65.25
C GLN B 7 30.53 -20.29 -64.81
N VAL B 8 29.98 -20.27 -63.60
CA VAL B 8 29.20 -21.45 -63.20
C VAL B 8 27.76 -21.18 -63.60
N VAL B 9 27.29 -19.98 -63.25
CA VAL B 9 25.94 -19.57 -63.57
C VAL B 9 26.02 -18.29 -64.41
N SER B 10 24.99 -18.04 -65.22
CA SER B 10 25.00 -16.88 -66.07
C SER B 10 25.23 -15.57 -65.25
N LEU B 11 24.88 -15.59 -63.97
CA LEU B 11 25.03 -14.38 -63.16
C LEU B 11 26.42 -14.23 -62.53
N ASP B 12 27.40 -15.04 -62.93
CA ASP B 12 28.80 -14.86 -62.46
C ASP B 12 29.61 -13.80 -63.25
N PRO B 13 30.19 -12.81 -62.57
CA PRO B 13 30.82 -11.78 -63.38
C PRO B 13 31.97 -12.26 -64.28
N THR B 14 32.18 -11.55 -65.38
CA THR B 14 33.15 -11.94 -66.40
C THR B 14 34.21 -10.84 -66.66
N SER B 15 34.23 -9.79 -65.83
CA SER B 15 35.27 -8.79 -65.80
C SER B 15 35.26 -7.97 -64.51
N ILE B 16 36.41 -7.41 -64.13
CA ILE B 16 36.50 -6.66 -62.91
C ILE B 16 36.10 -5.24 -63.25
N PRO B 17 35.13 -4.67 -62.51
CA PRO B 17 34.77 -3.27 -62.68
C PRO B 17 35.93 -2.34 -62.27
N ILE B 18 36.38 -1.52 -63.20
CA ILE B 18 37.53 -0.66 -62.96
C ILE B 18 37.17 0.72 -63.44
N GLU B 19 37.29 1.65 -62.51
CA GLU B 19 36.91 3.03 -62.66
C GLU B 19 38.25 3.74 -62.88
N TYR B 20 38.56 4.07 -64.12
CA TYR B 20 39.83 4.67 -64.44
C TYR B 20 39.75 6.20 -64.25
N ASN B 21 38.74 6.80 -64.84
CA ASN B 21 38.52 8.19 -64.57
C ASN B 21 37.74 8.43 -63.32
N THR B 22 38.49 8.54 -62.23
CA THR B 22 37.94 8.77 -60.91
C THR B 22 37.57 10.26 -60.80
N PRO B 23 36.60 10.60 -59.94
CA PRO B 23 36.32 11.99 -59.66
C PRO B 23 37.56 12.74 -59.19
N ILE B 24 38.51 12.02 -58.63
CA ILE B 24 39.78 12.63 -58.27
C ILE B 24 40.47 13.27 -59.50
N HIS B 25 40.42 12.60 -60.65
CA HIS B 25 41.00 13.17 -61.88
C HIS B 25 40.32 14.43 -62.35
N ASP B 26 39.04 14.55 -62.01
CA ASP B 26 38.22 15.72 -62.34
C ASP B 26 38.54 16.92 -61.45
N ILE B 27 39.43 16.74 -60.46
CA ILE B 27 39.82 17.88 -59.62
C ILE B 27 40.88 18.81 -60.27
N LYS B 28 40.52 20.07 -60.48
CA LYS B 28 41.51 21.05 -60.91
C LYS B 28 42.34 21.44 -59.70
N VAL B 29 43.66 21.38 -59.86
CA VAL B 29 44.58 21.73 -58.77
C VAL B 29 45.53 22.89 -59.16
N GLN B 30 45.42 23.98 -58.43
CA GLN B 30 46.30 25.14 -58.55
C GLN B 30 47.22 25.21 -57.35
N VAL B 31 48.50 25.45 -57.58
CA VAL B 31 49.38 25.78 -56.49
C VAL B 31 49.76 27.28 -56.51
N TYR B 32 49.88 27.83 -55.31
CA TYR B 32 50.01 29.26 -55.09
C TYR B 32 51.05 29.53 -54.00
N ASP B 33 51.89 30.56 -54.18
CA ASP B 33 52.91 30.89 -53.17
C ASP B 33 52.30 31.70 -52.02
N ILE B 34 52.37 31.11 -50.83
CA ILE B 34 52.03 31.72 -49.54
C ILE B 34 52.52 33.18 -49.41
N LYS B 35 53.62 33.48 -50.12
CA LYS B 35 54.24 34.81 -50.16
C LYS B 35 53.31 35.83 -50.75
N GLY B 36 52.57 35.44 -51.79
CA GLY B 36 51.65 36.35 -52.46
C GLY B 36 50.42 36.66 -51.64
N GLY B 37 50.25 35.95 -50.53
CA GLY B 37 49.02 35.98 -49.75
C GLY B 37 48.14 34.78 -50.08
N CYS B 38 46.93 34.74 -49.53
CA CYS B 38 46.01 33.60 -49.73
C CYS B 38 44.53 33.98 -49.80
N ASN B 39 43.93 33.86 -50.99
CA ASN B 39 42.53 34.30 -51.22
C ASN B 39 41.52 33.36 -50.54
N VAL B 40 40.45 33.97 -50.01
CA VAL B 40 39.37 33.27 -49.31
C VAL B 40 38.03 33.68 -49.95
N GLU B 41 37.78 33.18 -51.15
CA GLU B 41 36.66 33.65 -51.96
C GLU B 41 35.43 32.73 -51.92
N GLU B 42 35.64 31.44 -51.64
CA GLU B 42 34.54 30.44 -51.58
C GLU B 42 35.02 29.01 -51.25
N GLY B 43 34.05 28.09 -51.09
CA GLY B 43 34.29 26.70 -50.69
C GLY B 43 34.88 26.67 -49.29
N LEU B 44 35.63 25.62 -49.00
CA LEU B 44 36.28 25.51 -47.70
C LEU B 44 37.76 25.81 -47.79
N THR B 45 38.24 26.71 -46.92
CA THR B 45 39.68 26.97 -46.78
C THR B 45 40.21 26.43 -45.46
N ILE B 46 41.31 25.70 -45.53
CA ILE B 46 41.75 24.89 -44.41
C ILE B 46 43.21 25.13 -44.15
N PHE B 47 43.47 25.76 -43.01
CA PHE B 47 44.84 26.02 -42.58
C PHE B 47 45.43 24.80 -41.91
N LEU B 48 46.62 24.41 -42.36
CA LEU B 48 47.36 23.36 -41.72
C LEU B 48 48.30 24.00 -40.72
N VAL B 49 47.84 24.15 -39.47
CA VAL B 49 48.63 24.83 -38.46
C VAL B 49 49.22 23.89 -37.44
N ASN B 50 50.49 24.07 -37.16
CA ASN B 50 51.01 23.49 -35.94
C ASN B 50 51.33 24.61 -34.94
N ASN B 51 52.03 24.23 -33.90
CA ASN B 51 52.69 25.17 -33.03
C ASN B 51 53.81 24.29 -32.52
N PRO B 52 54.95 24.31 -33.21
CA PRO B 52 56.01 23.32 -32.95
C PRO B 52 56.38 23.23 -31.47
N GLY B 53 56.46 22.01 -30.93
CA GLY B 53 56.95 21.73 -29.57
C GLY B 53 56.26 22.41 -28.39
N LYS B 54 55.01 22.83 -28.58
CA LYS B 54 54.21 23.43 -27.52
C LYS B 54 52.99 22.56 -27.19
N GLU B 55 53.14 21.24 -27.37
CA GLU B 55 52.04 20.26 -27.28
C GLU B 55 50.78 20.76 -28.02
N ASN B 56 49.77 21.15 -27.26
CA ASN B 56 48.49 21.58 -27.82
C ASN B 56 48.32 23.09 -27.81
N GLY B 57 49.40 23.80 -28.11
CA GLY B 57 49.41 25.26 -28.16
C GLY B 57 48.36 25.92 -29.07
N PRO B 58 48.25 27.26 -28.99
CA PRO B 58 47.23 28.05 -29.69
C PRO B 58 47.38 28.03 -31.19
N VAL B 59 46.36 28.46 -31.92
CA VAL B 59 46.48 28.41 -33.35
C VAL B 59 46.86 29.76 -33.95
N LYS B 60 48.15 29.91 -34.15
CA LYS B 60 48.69 31.05 -34.88
C LYS B 60 48.53 30.87 -36.40
N ILE B 61 47.67 31.70 -36.99
CA ILE B 61 47.56 31.79 -38.45
C ILE B 61 48.64 32.74 -38.93
N SER B 62 49.79 32.18 -39.29
CA SER B 62 50.99 32.95 -39.63
C SER B 62 50.86 33.79 -40.90
N SER B 63 50.21 33.22 -41.91
CA SER B 63 50.17 33.72 -43.29
C SER B 63 49.27 34.92 -43.57
N LYS B 64 49.71 35.74 -44.54
CA LYS B 64 48.99 36.94 -44.95
C LYS B 64 47.71 36.53 -45.68
N VAL B 65 46.58 36.98 -45.16
CA VAL B 65 45.29 36.51 -45.65
C VAL B 65 44.64 37.57 -46.50
N ASN B 66 44.70 37.38 -47.81
CA ASN B 66 44.26 38.38 -48.78
C ASN B 66 42.81 38.83 -48.63
N ASP B 67 42.37 39.02 -47.40
CA ASP B 67 41.04 39.59 -47.10
C ASP B 67 41.02 40.24 -45.71
N LYS B 68 40.50 41.47 -45.64
CA LYS B 68 40.49 42.25 -44.40
C LYS B 68 39.53 41.63 -43.38
N GLN B 69 38.31 41.39 -43.83
CA GLN B 69 37.30 40.70 -43.03
C GLN B 69 37.83 39.39 -42.42
N VAL B 70 38.45 38.59 -43.27
CA VAL B 70 38.93 37.30 -42.85
C VAL B 70 40.06 37.46 -41.83
N SER B 71 40.98 38.38 -42.08
CA SER B 71 42.10 38.57 -41.16
C SER B 71 41.66 39.12 -39.81
N GLU B 72 40.65 39.99 -39.81
CA GLU B 72 40.00 40.42 -38.56
C GLU B 72 39.50 39.22 -37.76
N PHE B 73 38.88 38.26 -38.46
CA PHE B 73 38.40 37.02 -37.82
C PHE B 73 39.58 36.23 -37.26
N LEU B 74 40.60 36.03 -38.07
CA LEU B 74 41.73 35.15 -37.72
C LEU B 74 42.88 35.76 -36.88
N LYS B 75 42.60 36.88 -36.20
CA LYS B 75 43.55 37.47 -35.24
C LYS B 75 43.81 36.44 -34.16
N ASP B 76 45.05 36.30 -33.73
CA ASP B 76 45.37 35.22 -32.80
C ASP B 76 44.64 35.37 -31.46
N GLU B 77 44.26 36.61 -31.12
CA GLU B 77 43.28 36.87 -30.06
C GLU B 77 42.06 35.93 -30.22
N ASN B 78 41.50 35.87 -31.43
CA ASN B 78 40.35 35.00 -31.75
C ASN B 78 40.66 33.52 -31.80
N MET B 79 41.90 33.21 -32.17
CA MET B 79 42.29 31.82 -32.36
C MET B 79 42.91 31.24 -31.10
N GLU B 80 43.07 32.08 -30.07
CA GLU B 80 43.67 31.65 -28.81
C GLU B 80 43.04 30.36 -28.29
N LYS B 81 41.70 30.25 -28.36
CA LYS B 81 40.97 29.13 -27.74
C LYS B 81 41.12 27.75 -28.41
N PHE B 82 41.68 27.73 -29.61
CA PHE B 82 41.83 26.51 -30.39
C PHE B 82 43.23 25.95 -30.28
N ASN B 83 43.34 24.67 -29.97
CA ASN B 83 44.65 24.07 -29.91
C ASN B 83 45.08 23.45 -31.24
N VAL B 84 46.38 23.15 -31.34
CA VAL B 84 46.97 22.57 -32.55
C VAL B 84 47.00 21.05 -32.50
N LYS B 85 46.55 20.48 -31.38
CA LYS B 85 46.55 19.01 -31.20
C LYS B 85 46.44 18.24 -32.51
N LEU B 86 47.44 17.41 -32.82
CA LEU B 86 47.40 16.56 -34.02
C LEU B 86 46.07 15.81 -34.19
N GLY B 87 45.44 15.99 -35.36
CA GLY B 87 44.13 15.40 -35.62
C GLY B 87 43.02 16.42 -35.62
N THR B 88 42.82 17.14 -34.53
CA THR B 88 41.64 18.01 -34.42
C THR B 88 41.50 18.98 -35.58
N SER B 89 40.30 19.52 -35.71
CA SER B 89 40.00 20.51 -36.73
C SER B 89 38.82 21.28 -36.23
N LYS B 90 38.56 22.40 -36.89
CA LYS B 90 37.39 23.23 -36.62
C LYS B 90 36.96 23.96 -37.90
N HIS B 91 35.66 24.22 -37.99
CA HIS B 91 35.07 24.98 -39.11
C HIS B 91 34.73 26.44 -38.71
N PHE B 92 34.98 27.41 -39.60
CA PHE B 92 34.72 28.84 -39.37
C PHE B 92 33.88 29.49 -40.48
N TYR B 93 32.86 30.22 -40.07
CA TYR B 93 31.95 30.87 -40.98
C TYR B 93 32.09 32.38 -40.76
N MET B 94 31.95 33.15 -41.83
CA MET B 94 32.13 34.62 -41.78
C MET B 94 31.78 35.29 -43.11
N PHE B 95 31.95 36.60 -43.15
CA PHE B 95 31.77 37.31 -44.39
C PHE B 95 33.06 37.92 -44.84
N ASN B 96 33.45 37.62 -46.07
CA ASN B 96 34.59 38.31 -46.67
C ASN B 96 34.21 39.75 -47.11
N ASP B 97 35.14 40.42 -47.79
CA ASP B 97 34.96 41.84 -48.14
C ASP B 97 33.90 41.99 -49.22
N ASN B 98 33.85 40.98 -50.08
CA ASN B 98 32.79 40.78 -51.06
C ASN B 98 31.43 40.84 -50.37
N LYS B 99 31.50 40.72 -49.05
CA LYS B 99 30.35 40.51 -48.22
C LYS B 99 29.78 39.12 -48.48
N ASN B 100 30.48 38.33 -49.26
CA ASN B 100 30.10 36.95 -49.45
C ASN B 100 30.39 36.12 -48.20
N SER B 101 29.73 34.97 -48.08
CA SER B 101 29.97 34.07 -46.99
C SER B 101 30.91 32.97 -47.40
N VAL B 102 32.02 32.83 -46.70
CA VAL B 102 33.03 31.78 -47.00
C VAL B 102 33.35 30.88 -45.82
N ALA B 103 33.47 29.58 -46.09
CA ALA B 103 33.86 28.63 -45.08
C ALA B 103 35.40 28.55 -44.96
N VAL B 104 35.87 28.69 -43.73
CA VAL B 104 37.30 28.63 -43.41
C VAL B 104 37.42 27.68 -42.24
N GLY B 105 38.62 27.16 -42.02
CA GLY B 105 38.89 26.26 -40.92
C GLY B 105 40.35 25.88 -40.85
N TYR B 106 40.65 24.92 -39.99
CA TYR B 106 42.01 24.45 -39.78
C TYR B 106 42.07 22.96 -39.43
N VAL B 107 43.24 22.36 -39.63
CA VAL B 107 43.56 21.07 -39.03
C VAL B 107 44.72 21.30 -38.08
N GLY B 108 44.76 20.53 -37.00
CA GLY B 108 45.91 20.53 -36.13
C GLY B 108 46.90 19.46 -36.57
N CYS B 109 48.17 19.86 -36.65
CA CYS B 109 49.26 18.94 -36.91
C CYS B 109 50.22 18.93 -35.73
N GLY B 110 49.72 19.32 -34.56
CA GLY B 110 50.45 19.18 -33.31
C GLY B 110 51.81 19.86 -33.19
N SER B 111 52.82 19.07 -32.84
CA SER B 111 54.09 19.59 -32.32
C SER B 111 55.38 19.30 -33.12
N VAL B 112 55.83 18.04 -33.16
CA VAL B 112 57.06 17.67 -33.90
C VAL B 112 57.02 18.35 -35.26
N ALA B 113 57.94 19.31 -35.48
CA ALA B 113 57.90 20.20 -36.66
C ALA B 113 57.92 19.44 -38.00
N ASP B 114 58.71 18.38 -38.07
CA ASP B 114 58.63 17.45 -39.20
C ASP B 114 57.62 16.32 -38.92
N LEU B 115 56.46 16.37 -39.59
CA LEU B 115 55.42 15.37 -39.40
C LEU B 115 55.76 14.11 -40.19
N SER B 116 55.30 12.97 -39.69
CA SER B 116 55.67 11.65 -40.22
C SER B 116 54.60 11.02 -41.12
N GLU B 117 55.03 10.10 -41.99
CA GLU B 117 54.11 9.41 -42.91
C GLU B 117 52.77 8.99 -42.26
N ALA B 118 52.81 8.57 -40.99
CA ALA B 118 51.60 8.16 -40.27
C ALA B 118 50.87 9.32 -39.59
N ASP B 119 51.60 10.36 -39.22
CA ASP B 119 50.97 11.60 -38.73
C ASP B 119 50.31 12.34 -39.87
N MET B 120 50.93 12.29 -41.04
CA MET B 120 50.47 13.04 -42.20
C MET B 120 49.17 12.42 -42.65
N LYS B 121 49.12 11.09 -42.51
CA LYS B 121 47.92 10.35 -42.81
C LYS B 121 46.84 10.87 -41.88
N ARG B 122 47.15 10.98 -40.58
CA ARG B 122 46.17 11.41 -39.58
C ARG B 122 45.54 12.73 -39.97
N VAL B 123 46.40 13.68 -40.33
CA VAL B 123 45.99 14.98 -40.82
C VAL B 123 45.07 14.83 -42.01
N VAL B 124 45.51 14.06 -43.02
CA VAL B 124 44.69 13.89 -44.21
C VAL B 124 43.31 13.40 -43.77
N LEU B 125 43.28 12.37 -42.94
CA LEU B 125 41.99 11.84 -42.53
C LEU B 125 41.10 12.93 -41.91
N SER B 126 41.66 13.79 -41.06
CA SER B 126 40.86 14.89 -40.55
C SER B 126 40.27 15.69 -41.69
N LEU B 127 41.11 16.02 -42.65
CA LEU B 127 40.72 16.83 -43.77
C LEU B 127 39.59 16.16 -44.56
N VAL B 128 39.70 14.85 -44.75
CA VAL B 128 38.75 14.14 -45.55
C VAL B 128 37.40 14.12 -44.85
N THR B 129 37.44 14.16 -43.53
CA THR B 129 36.24 14.25 -42.70
C THR B 129 35.45 15.51 -42.96
N MET B 130 36.15 16.62 -43.19
CA MET B 130 35.53 17.86 -43.55
C MET B 130 35.12 17.86 -45.03
N LEU B 131 35.77 17.03 -45.86
CA LEU B 131 35.28 16.79 -47.22
C LEU B 131 34.05 15.88 -47.26
N HIS B 132 33.98 14.91 -46.35
CA HIS B 132 32.82 14.04 -46.23
C HIS B 132 31.71 14.84 -45.61
N ASP B 133 30.54 14.70 -46.18
CA ASP B 133 29.34 15.21 -45.60
C ASP B 133 29.22 16.71 -45.61
N ASN B 134 29.90 17.34 -46.54
CA ASN B 134 29.77 18.74 -46.83
C ASN B 134 29.83 18.96 -48.32
N LYS B 135 28.77 19.46 -48.94
CA LYS B 135 28.82 19.65 -50.38
C LYS B 135 29.58 20.88 -50.82
N LEU B 136 30.82 20.69 -51.23
CA LEU B 136 31.81 21.74 -51.46
C LEU B 136 32.28 21.72 -52.89
N SER B 137 32.33 22.89 -53.50
CA SER B 137 32.86 23.04 -54.85
C SER B 137 34.39 23.06 -54.83
N LYS B 138 34.97 23.79 -53.88
CA LYS B 138 36.40 24.06 -53.84
C LYS B 138 37.00 23.82 -52.45
N LEU B 139 38.07 23.04 -52.39
CA LEU B 139 38.83 22.90 -51.15
C LEU B 139 40.13 23.64 -51.28
N THR B 140 40.53 24.33 -50.21
CA THR B 140 41.74 25.12 -50.26
C THR B 140 42.61 24.83 -49.05
N VAL B 141 43.79 24.29 -49.31
CA VAL B 141 44.67 23.99 -48.22
C VAL B 141 45.88 24.92 -48.14
N VAL B 142 45.96 25.63 -47.02
CA VAL B 142 47.07 26.48 -46.69
C VAL B 142 48.00 25.69 -45.76
N PHE B 143 49.28 25.64 -46.12
CA PHE B 143 50.32 24.88 -45.44
C PHE B 143 51.16 25.74 -44.49
N GLU B 144 50.67 25.90 -43.25
CA GLU B 144 51.39 26.64 -42.23
C GLU B 144 52.22 25.68 -41.40
N ILE B 145 52.55 24.54 -42.01
CA ILE B 145 53.59 23.67 -41.53
C ILE B 145 54.52 23.52 -42.73
N ASN B 146 55.81 23.31 -42.49
CA ASN B 146 56.69 23.06 -43.63
C ASN B 146 56.82 21.58 -43.83
N VAL B 147 57.05 21.16 -45.06
CA VAL B 147 57.07 19.74 -45.42
C VAL B 147 58.01 19.60 -46.60
N ASP B 148 58.86 18.58 -46.66
CA ASP B 148 59.71 18.46 -47.85
C ASP B 148 58.90 18.09 -49.12
N LYS B 149 59.57 17.94 -50.25
CA LYS B 149 58.88 17.74 -51.52
C LYS B 149 58.05 16.46 -51.51
N ASN B 150 58.67 15.37 -51.01
CA ASN B 150 58.01 14.04 -50.95
C ASN B 150 56.74 14.00 -50.11
N LEU B 151 56.82 14.51 -48.89
CA LEU B 151 55.68 14.54 -48.00
C LEU B 151 54.53 15.38 -48.54
N PHE B 152 54.84 16.45 -49.26
CA PHE B 152 53.79 17.15 -49.96
C PHE B 152 53.02 16.21 -50.93
N ARG B 153 53.76 15.54 -51.81
CA ARG B 153 53.23 14.53 -52.72
C ARG B 153 52.45 13.42 -51.96
N PHE B 154 53.09 12.83 -50.94
CA PHE B 154 52.44 11.87 -50.08
C PHE B 154 51.16 12.44 -49.47
N PHE B 155 51.20 13.69 -48.99
CA PHE B 155 49.98 14.36 -48.55
C PHE B 155 48.91 14.38 -49.65
N LEU B 156 49.31 14.69 -50.88
CA LEU B 156 48.32 14.73 -51.95
C LEU B 156 47.76 13.36 -52.29
N GLU B 157 48.62 12.35 -52.40
CA GLU B 157 48.13 11.02 -52.72
C GLU B 157 47.21 10.54 -51.60
N THR B 158 47.66 10.66 -50.36
CA THR B 158 46.81 10.37 -49.25
C THR B 158 45.51 11.13 -49.33
N LEU B 159 45.56 12.41 -49.69
CA LEU B 159 44.31 13.14 -49.81
C LEU B 159 43.44 12.49 -50.88
N PHE B 160 44.03 12.22 -52.03
CA PHE B 160 43.32 11.69 -53.17
C PHE B 160 42.76 10.28 -52.87
N TYR B 161 43.63 9.44 -52.36
CA TYR B 161 43.29 8.07 -52.12
C TYR B 161 42.19 7.91 -51.07
N GLU B 162 42.30 8.65 -49.97
CA GLU B 162 41.33 8.55 -48.88
C GLU B 162 40.03 9.30 -49.13
N TYR B 163 40.03 10.15 -50.14
CA TYR B 163 38.88 10.95 -50.45
C TYR B 163 37.96 10.17 -51.38
N MET B 164 38.57 9.38 -52.27
CA MET B 164 37.85 8.53 -53.22
C MET B 164 37.12 7.39 -52.53
N THR B 165 35.81 7.32 -52.67
CA THR B 165 35.02 6.17 -52.21
C THR B 165 34.81 5.17 -53.38
N ASP B 166 34.92 3.88 -53.10
CA ASP B 166 34.81 2.82 -54.12
C ASP B 166 33.42 2.27 -54.17
N GLU B 167 32.70 2.55 -55.25
CA GLU B 167 31.29 2.23 -55.30
C GLU B 167 30.94 1.23 -56.38
N ARG B 168 31.96 0.74 -57.07
CA ARG B 168 31.77 -0.25 -58.10
C ARG B 168 30.82 -1.35 -57.71
N PHE B 169 30.63 -1.58 -56.41
CA PHE B 169 29.90 -2.77 -55.92
C PHE B 169 28.67 -2.44 -55.09
N LYS B 170 28.34 -1.16 -55.00
CA LYS B 170 27.02 -0.80 -54.55
C LYS B 170 26.02 -0.88 -55.71
N SER B 171 24.75 -0.65 -55.40
CA SER B 171 23.71 -0.51 -56.42
C SER B 171 22.50 0.16 -55.80
N THR B 172 21.96 -0.40 -54.70
CA THR B 172 20.90 0.26 -53.88
C THR B 172 21.42 1.25 -52.79
N ASP B 173 22.71 1.16 -52.45
CA ASP B 173 23.32 2.01 -51.41
C ASP B 173 23.91 3.33 -51.96
N LYS B 174 23.61 4.43 -51.24
CA LYS B 174 23.99 5.79 -51.67
C LYS B 174 24.59 6.65 -50.51
N ASN B 175 25.60 7.51 -50.76
CA ASN B 175 26.01 8.01 -52.08
C ASN B 175 25.02 8.98 -52.76
N VAL B 176 23.78 9.03 -52.25
CA VAL B 176 22.79 10.00 -52.73
C VAL B 176 23.20 11.42 -52.28
N ASN B 177 24.32 11.50 -51.55
CA ASN B 177 24.88 12.76 -51.08
C ASN B 177 26.28 13.00 -51.61
N MET B 178 27.04 11.93 -51.77
CA MET B 178 28.45 11.98 -52.12
C MET B 178 28.74 12.64 -53.49
N GLU B 179 29.32 13.84 -53.42
CA GLU B 179 29.74 14.63 -54.59
C GLU B 179 31.04 15.40 -54.30
N TYR B 180 32.05 15.09 -55.10
CA TYR B 180 33.41 15.53 -54.90
C TYR B 180 33.61 17.03 -55.23
N ILE B 181 34.60 17.64 -54.57
CA ILE B 181 35.08 18.95 -54.95
C ILE B 181 35.53 18.92 -56.41
N LYS B 182 35.50 20.09 -57.06
CA LYS B 182 36.01 20.28 -58.42
C LYS B 182 37.35 21.00 -58.39
N HIS B 183 37.66 21.62 -57.26
CA HIS B 183 38.85 22.45 -57.15
C HIS B 183 39.64 22.26 -55.88
N LEU B 184 40.94 22.06 -56.04
CA LEU B 184 41.88 22.04 -54.93
C LEU B 184 42.90 23.16 -55.06
N GLY B 185 42.92 24.02 -54.06
CA GLY B 185 43.90 25.08 -54.01
C GLY B 185 44.92 24.70 -52.98
N VAL B 186 46.18 24.95 -53.32
CA VAL B 186 47.25 24.86 -52.34
C VAL B 186 48.03 26.18 -52.23
N TYR B 187 48.41 26.48 -50.98
CA TYR B 187 49.28 27.60 -50.67
C TYR B 187 50.47 27.07 -49.88
N ILE B 188 51.65 27.14 -50.48
CA ILE B 188 52.89 26.69 -49.84
C ILE B 188 54.16 27.60 -50.14
N ASN B 189 55.15 27.55 -49.24
CA ASN B 189 56.50 28.14 -49.47
C ASN B 189 57.08 27.63 -50.78
N ASN B 190 57.98 28.39 -51.41
CA ASN B 190 58.54 28.00 -52.73
C ASN B 190 57.69 26.93 -53.43
N ALA B 191 56.43 27.29 -53.66
CA ALA B 191 55.43 26.44 -54.28
C ALA B 191 55.88 26.05 -55.69
N ASP B 192 56.71 26.91 -56.25
CA ASP B 192 57.15 26.82 -57.62
C ASP B 192 58.03 25.58 -57.80
N THR B 193 58.47 25.01 -56.68
CA THR B 193 59.06 23.68 -56.65
C THR B 193 58.02 22.56 -56.36
N TYR B 194 57.27 22.69 -55.25
CA TYR B 194 56.21 21.71 -54.92
C TYR B 194 55.28 21.38 -56.08
N LYS B 195 55.16 22.31 -57.03
CA LYS B 195 54.21 22.18 -58.11
C LYS B 195 54.38 20.89 -58.91
N GLU B 196 55.63 20.50 -59.13
CA GLU B 196 55.92 19.28 -59.87
C GLU B 196 55.39 18.00 -59.18
N GLU B 197 55.19 18.06 -57.85
CA GLU B 197 54.73 16.90 -57.08
C GLU B 197 53.25 16.60 -57.33
N VAL B 198 52.50 17.61 -57.78
CA VAL B 198 51.05 17.52 -57.93
C VAL B 198 50.63 16.45 -58.90
N GLU B 199 51.11 16.50 -60.12
CA GLU B 199 50.75 15.47 -61.10
C GLU B 199 51.40 14.13 -60.83
N LYS B 200 52.56 14.14 -60.19
CA LYS B 200 53.17 12.89 -59.76
C LYS B 200 52.26 12.22 -58.73
N ALA B 201 51.75 13.02 -57.79
CA ALA B 201 50.86 12.55 -56.74
C ALA B 201 49.60 11.98 -57.35
N ARG B 202 49.09 12.63 -58.37
CA ARG B 202 47.89 12.17 -59.01
C ARG B 202 48.13 10.83 -59.69
N VAL B 203 49.28 10.68 -60.36
CA VAL B 203 49.61 9.39 -60.95
C VAL B 203 49.80 8.28 -59.89
N TYR B 204 50.58 8.60 -58.87
CA TYR B 204 50.75 7.73 -57.74
C TYR B 204 49.43 7.39 -57.11
N TYR B 205 48.56 8.38 -56.88
CA TYR B 205 47.24 8.09 -56.33
C TYR B 205 46.58 7.03 -57.17
N PHE B 206 46.54 7.22 -58.49
CA PHE B 206 45.75 6.29 -59.27
C PHE B 206 46.36 4.91 -59.35
N GLY B 207 47.68 4.83 -59.45
CA GLY B 207 48.35 3.52 -59.39
C GLY B 207 47.94 2.78 -58.13
N THR B 208 47.99 3.47 -57.00
CA THR B 208 47.62 2.91 -55.70
C THR B 208 46.14 2.58 -55.67
N TYR B 209 45.33 3.51 -56.15
CA TYR B 209 43.89 3.29 -56.19
C TYR B 209 43.49 2.16 -57.14
N TYR B 210 44.22 2.04 -58.24
CA TYR B 210 43.97 0.99 -59.17
C TYR B 210 44.28 -0.38 -58.56
N ALA B 211 45.42 -0.49 -57.87
CA ALA B 211 45.74 -1.72 -57.14
C ALA B 211 44.64 -2.02 -56.13
N SER B 212 44.25 -0.99 -55.41
CA SER B 212 43.19 -1.07 -54.42
C SER B 212 41.89 -1.62 -55.02
N GLN B 213 41.52 -1.07 -56.18
CA GLN B 213 40.36 -1.57 -56.90
C GLN B 213 40.42 -3.06 -57.27
N LEU B 214 41.58 -3.52 -57.70
CA LEU B 214 41.80 -4.92 -58.01
C LEU B 214 41.69 -5.78 -56.76
N ILE B 215 42.40 -5.37 -55.70
CA ILE B 215 42.41 -6.10 -54.44
C ILE B 215 41.00 -6.18 -53.88
N ALA B 216 40.34 -5.03 -53.76
CA ALA B 216 38.97 -4.98 -53.22
C ALA B 216 37.99 -5.83 -54.03
N ALA B 217 38.19 -5.93 -55.35
CA ALA B 217 37.28 -6.71 -56.14
C ALA B 217 37.30 -8.10 -55.57
N PRO B 218 36.10 -8.63 -55.27
CA PRO B 218 35.95 -9.97 -54.70
C PRO B 218 36.36 -11.01 -55.73
N SER B 219 36.52 -12.25 -55.27
CA SER B 219 37.23 -13.26 -56.04
C SER B 219 36.38 -13.77 -57.15
N ASN B 220 35.07 -13.55 -57.02
CA ASN B 220 34.13 -13.92 -58.10
C ASN B 220 34.26 -12.98 -59.27
N TYR B 221 34.62 -11.74 -58.99
CA TYR B 221 34.89 -10.74 -60.02
C TYR B 221 36.30 -10.84 -60.47
N CYS B 222 37.19 -10.83 -59.50
CA CYS B 222 38.61 -10.89 -59.75
C CYS B 222 39.12 -12.34 -59.64
N ASN B 223 39.26 -12.98 -60.78
CA ASN B 223 39.77 -14.30 -60.84
C ASN B 223 40.95 -14.28 -61.80
N PRO B 224 41.69 -15.39 -61.92
CA PRO B 224 42.87 -15.35 -62.77
C PRO B 224 42.59 -14.89 -64.20
N VAL B 225 41.44 -15.29 -64.75
CA VAL B 225 41.12 -14.89 -66.12
C VAL B 225 40.80 -13.42 -66.22
N SER B 226 39.97 -12.94 -65.31
CA SER B 226 39.55 -11.52 -65.33
C SER B 226 40.70 -10.59 -64.93
N LEU B 227 41.54 -11.07 -64.02
CA LEU B 227 42.65 -10.27 -63.56
C LEU B 227 43.63 -10.09 -64.69
N SER B 228 44.02 -11.18 -65.32
CA SER B 228 44.89 -11.07 -66.49
C SER B 228 44.25 -10.24 -67.61
N ASN B 229 42.94 -10.34 -67.80
CA ASN B 229 42.26 -9.50 -68.81
C ASN B 229 42.44 -8.03 -68.48
N ALA B 230 42.31 -7.70 -67.22
CA ALA B 230 42.46 -6.33 -66.76
C ALA B 230 43.87 -5.82 -66.98
N ALA B 231 44.85 -6.69 -66.75
CA ALA B 231 46.25 -6.34 -66.99
C ALA B 231 46.45 -6.04 -68.44
N VAL B 232 45.95 -6.91 -69.32
CA VAL B 232 46.02 -6.70 -70.77
C VAL B 232 45.42 -5.35 -71.13
N GLU B 233 44.24 -5.07 -70.58
CA GLU B 233 43.55 -3.80 -70.82
C GLU B 233 44.42 -2.64 -70.35
N LEU B 234 45.00 -2.78 -69.16
CA LEU B 234 45.88 -1.75 -68.65
C LEU B 234 47.07 -1.55 -69.57
N ALA B 235 47.67 -2.65 -69.99
CA ALA B 235 48.82 -2.59 -70.88
C ALA B 235 48.48 -1.89 -72.20
N GLN B 236 47.31 -2.17 -72.73
CA GLN B 236 46.86 -1.54 -73.96
C GLN B 236 46.69 -0.05 -73.78
N LYS B 237 46.10 0.35 -72.66
CA LYS B 237 45.94 1.77 -72.36
C LYS B 237 47.27 2.48 -72.15
N LEU B 238 48.29 1.75 -71.76
CA LEU B 238 49.55 2.39 -71.47
C LEU B 238 50.58 2.12 -72.55
N ASN B 239 50.15 1.47 -73.63
CA ASN B 239 51.05 1.01 -74.68
C ASN B 239 52.27 0.23 -74.18
N LEU B 240 52.04 -0.64 -73.20
CA LEU B 240 53.06 -1.58 -72.73
C LEU B 240 52.95 -2.85 -73.54
N GLU B 241 54.08 -3.49 -73.81
CA GLU B 241 54.10 -4.84 -74.34
C GLU B 241 53.50 -5.75 -73.25
N TYR B 242 52.70 -6.72 -73.66
CA TYR B 242 52.16 -7.68 -72.74
C TYR B 242 52.14 -9.03 -73.39
N LYS B 243 52.18 -10.05 -72.54
CA LYS B 243 52.02 -11.42 -72.93
C LYS B 243 51.30 -12.05 -71.76
N ILE B 244 50.26 -12.85 -72.06
CA ILE B 244 49.62 -13.66 -71.03
C ILE B 244 49.89 -15.13 -71.31
N LEU B 245 50.56 -15.80 -70.38
CA LEU B 245 50.87 -17.20 -70.54
C LEU B 245 49.70 -18.01 -70.02
N GLY B 246 49.16 -18.88 -70.87
CA GLY B 246 48.04 -19.76 -70.52
C GLY B 246 48.59 -21.14 -70.19
N VAL B 247 47.71 -22.04 -69.80
CA VAL B 247 48.13 -23.34 -69.29
C VAL B 247 49.09 -24.09 -70.22
N LYS B 248 48.79 -24.11 -71.52
CA LYS B 248 49.60 -24.86 -72.48
C LYS B 248 51.05 -24.36 -72.47
N GLU B 249 51.21 -23.04 -72.52
CA GLU B 249 52.54 -22.46 -72.45
C GLU B 249 53.19 -22.71 -71.09
N LEU B 250 52.42 -22.57 -70.02
CA LEU B 250 52.94 -22.82 -68.70
C LEU B 250 53.46 -24.26 -68.58
N GLU B 251 52.74 -25.21 -69.17
CA GLU B 251 53.17 -26.61 -69.19
C GLU B 251 54.47 -26.78 -69.96
N GLU B 252 54.52 -26.17 -71.15
CA GLU B 252 55.74 -26.18 -71.96
C GLU B 252 56.90 -25.59 -71.17
N LEU B 253 56.62 -24.57 -70.35
CA LEU B 253 57.68 -23.93 -69.59
C LEU B 253 57.98 -24.71 -68.31
N LYS B 254 57.21 -25.77 -68.05
CA LYS B 254 57.43 -26.68 -66.93
C LYS B 254 57.21 -26.00 -65.56
N MET B 255 56.21 -25.13 -65.49
CA MET B 255 55.94 -24.43 -64.26
C MET B 255 55.03 -25.21 -63.35
N GLY B 256 55.56 -26.31 -62.81
CA GLY B 256 54.79 -27.30 -62.08
C GLY B 256 54.39 -26.82 -60.69
N ALA B 257 55.22 -25.97 -60.10
CA ALA B 257 54.88 -25.48 -58.77
C ALA B 257 53.66 -24.56 -58.90
N TYR B 258 53.77 -23.65 -59.86
CA TYR B 258 52.71 -22.70 -60.15
C TYR B 258 51.44 -23.39 -60.59
N LEU B 259 51.57 -24.31 -61.52
CA LEU B 259 50.41 -25.00 -62.05
C LEU B 259 49.74 -25.85 -61.02
N SER B 260 50.51 -26.36 -60.07
CA SER B 260 49.91 -27.26 -59.08
C SER B 260 48.90 -26.54 -58.19
N VAL B 261 49.21 -25.32 -57.84
CA VAL B 261 48.37 -24.55 -56.96
C VAL B 261 47.02 -24.32 -57.64
N GLY B 262 47.06 -24.12 -58.96
CA GLY B 262 45.89 -23.71 -59.70
C GLY B 262 45.04 -24.90 -60.06
N LYS B 263 45.58 -26.11 -59.90
CA LYS B 263 44.90 -27.33 -60.36
C LYS B 263 43.47 -27.42 -59.93
N GLY B 264 43.23 -27.02 -58.68
CA GLY B 264 41.89 -27.04 -58.07
C GLY B 264 40.90 -25.99 -58.57
N SER B 265 41.39 -24.98 -59.28
CA SER B 265 40.52 -23.89 -59.66
C SER B 265 39.76 -24.16 -60.95
N MET B 266 38.58 -23.56 -61.04
CA MET B 266 37.80 -23.58 -62.27
C MET B 266 38.37 -22.57 -63.28
N TYR B 267 39.28 -21.72 -62.82
CA TYR B 267 39.93 -20.68 -63.64
C TYR B 267 41.32 -21.15 -63.98
N PRO B 268 41.60 -21.27 -65.29
CA PRO B 268 42.93 -21.65 -65.75
C PRO B 268 43.94 -20.64 -65.24
N ASN B 269 45.12 -21.13 -64.89
CA ASN B 269 46.21 -20.22 -64.53
C ASN B 269 46.46 -19.24 -65.66
N LYS B 270 46.74 -17.99 -65.30
CA LYS B 270 47.15 -16.98 -66.27
C LYS B 270 48.39 -16.28 -65.73
N PHE B 271 49.46 -16.32 -66.51
CA PHE B 271 50.71 -15.67 -66.10
C PHE B 271 50.81 -14.31 -66.80
N ILE B 272 50.89 -13.27 -66.00
CA ILE B 272 50.87 -11.92 -66.54
C ILE B 272 52.31 -11.47 -66.75
N HIS B 273 52.61 -11.08 -67.99
CA HIS B 273 53.90 -10.51 -68.34
C HIS B 273 53.73 -9.21 -69.10
N LEU B 274 53.94 -8.12 -68.36
CA LEU B 274 53.89 -6.78 -68.92
C LEU B 274 55.31 -6.26 -69.00
N THR B 275 55.59 -5.51 -70.06
CA THR B 275 56.91 -4.94 -70.23
C THR B 275 56.82 -3.46 -70.59
N TYR B 276 57.59 -2.66 -69.85
CA TYR B 276 57.87 -1.29 -70.21
C TYR B 276 59.34 -1.22 -70.57
N LYS B 277 59.62 -0.70 -71.75
CA LYS B 277 61.00 -0.48 -72.17
C LYS B 277 61.15 1.01 -72.41
N SER B 278 62.23 1.61 -71.91
CA SER B 278 62.50 3.03 -72.15
C SER B 278 62.90 3.30 -73.57
N LYS B 279 62.70 4.55 -74.01
CA LYS B 279 63.05 4.94 -75.36
C LYS B 279 64.56 4.91 -75.61
N GLY B 280 65.34 5.42 -74.65
CA GLY B 280 66.79 5.49 -74.80
C GLY B 280 67.56 4.20 -74.62
N ASP B 281 68.83 4.31 -74.25
CA ASP B 281 69.66 3.16 -73.93
C ASP B 281 69.13 2.59 -72.62
N VAL B 282 68.97 1.28 -72.56
CA VAL B 282 68.50 0.64 -71.36
C VAL B 282 69.71 0.37 -70.47
N LYS B 283 69.69 0.93 -69.26
CA LYS B 283 70.80 0.80 -68.31
C LYS B 283 70.49 -0.16 -67.15
N LYS B 284 69.21 -0.39 -66.92
CA LYS B 284 68.77 -1.21 -65.81
C LYS B 284 67.58 -2.05 -66.26
N LYS B 285 67.62 -3.35 -65.99
CA LYS B 285 66.48 -4.22 -66.30
C LYS B 285 65.96 -4.74 -64.99
N ILE B 286 64.66 -4.54 -64.77
CA ILE B 286 64.03 -4.90 -63.52
C ILE B 286 62.85 -5.83 -63.76
N ALA B 287 62.79 -6.93 -63.01
CA ALA B 287 61.62 -7.79 -63.03
C ALA B 287 60.89 -7.57 -61.72
N LEU B 288 59.62 -7.17 -61.82
CA LEU B 288 58.77 -6.98 -60.66
C LEU B 288 57.76 -8.11 -60.60
N VAL B 289 57.81 -8.90 -59.53
CA VAL B 289 57.00 -10.11 -59.43
C VAL B 289 55.97 -9.96 -58.30
N GLY B 290 54.69 -10.03 -58.65
CA GLY B 290 53.64 -9.94 -57.64
C GLY B 290 52.96 -11.27 -57.42
N LYS B 291 52.77 -11.65 -56.15
CA LYS B 291 51.97 -12.82 -55.84
C LYS B 291 50.51 -12.56 -56.27
N GLY B 292 49.95 -13.48 -57.03
CA GLY B 292 48.66 -13.28 -57.67
C GLY B 292 47.72 -14.44 -57.45
N ILE B 293 47.38 -14.68 -56.19
CA ILE B 293 46.40 -15.66 -55.79
C ILE B 293 45.07 -14.89 -55.63
N THR B 294 44.13 -15.16 -56.54
CA THR B 294 42.93 -14.33 -56.65
C THR B 294 41.95 -14.72 -55.57
N PHE B 295 42.07 -15.96 -55.13
CA PHE B 295 41.46 -16.39 -53.87
C PHE B 295 42.24 -17.51 -53.24
N ASP B 296 42.53 -17.36 -51.96
CA ASP B 296 43.27 -18.37 -51.24
C ASP B 296 42.41 -19.07 -50.19
N SER B 297 41.81 -20.18 -50.58
CA SER B 297 41.03 -20.98 -49.66
C SER B 297 41.92 -21.74 -48.68
N GLY B 298 43.19 -21.89 -49.03
CA GLY B 298 44.11 -22.76 -48.31
C GLY B 298 44.30 -24.09 -48.99
N GLY B 299 43.38 -24.44 -49.89
CA GLY B 299 43.40 -25.74 -50.54
C GLY B 299 43.04 -26.80 -49.51
N TYR B 300 43.55 -28.02 -49.69
CA TYR B 300 43.19 -29.05 -48.73
C TYR B 300 43.56 -28.69 -47.31
N ASN B 301 44.60 -27.86 -47.13
CA ASN B 301 44.90 -27.25 -45.84
C ASN B 301 44.01 -26.01 -45.70
N LEU B 302 42.73 -26.23 -45.87
CA LEU B 302 41.73 -25.19 -45.76
C LEU B 302 41.94 -24.22 -44.61
N LYS B 303 41.77 -22.94 -44.88
CA LYS B 303 41.80 -21.93 -43.85
C LYS B 303 40.54 -22.11 -42.97
N ALA B 304 40.65 -23.01 -42.01
CA ALA B 304 39.53 -23.32 -41.17
C ALA B 304 39.81 -22.90 -39.73
N ALA B 305 41.09 -22.70 -39.42
CA ALA B 305 41.52 -22.27 -38.09
C ALA B 305 41.00 -20.86 -37.75
N PRO B 306 40.68 -20.61 -36.47
CA PRO B 306 40.35 -19.25 -36.04
C PRO B 306 41.46 -18.27 -36.44
N GLY B 307 41.08 -17.12 -36.97
CA GLY B 307 42.06 -16.11 -37.33
C GLY B 307 42.79 -16.34 -38.63
N SER B 308 42.43 -17.39 -39.37
CA SER B 308 42.99 -17.57 -40.70
C SER B 308 42.37 -16.60 -41.74
N MET B 309 41.27 -15.94 -41.38
CA MET B 309 40.68 -14.87 -42.18
C MET B 309 40.40 -15.22 -43.62
N ILE B 310 39.73 -16.36 -43.83
CA ILE B 310 39.47 -16.82 -45.18
C ILE B 310 38.72 -15.77 -46.01
N ASP B 311 37.86 -15.00 -45.34
CA ASP B 311 37.01 -14.00 -45.97
C ASP B 311 37.77 -12.80 -46.55
N LEU B 312 39.03 -12.70 -46.19
CA LEU B 312 39.88 -11.61 -46.63
C LEU B 312 40.69 -12.02 -47.87
N MET B 313 40.69 -13.32 -48.14
CA MET B 313 41.67 -13.88 -49.05
C MET B 313 41.56 -13.48 -50.53
N LYS B 314 40.54 -12.71 -50.88
CA LYS B 314 40.51 -12.06 -52.19
C LYS B 314 41.74 -11.16 -52.31
N PHE B 315 42.34 -10.83 -51.18
CA PHE B 315 43.43 -9.88 -51.13
C PHE B 315 44.80 -10.50 -51.40
N ASP B 316 44.80 -11.79 -51.62
CA ASP B 316 46.02 -12.52 -51.84
C ASP B 316 46.68 -12.27 -53.19
N MET B 317 46.07 -11.38 -54.00
CA MET B 317 46.69 -10.93 -55.25
C MET B 317 47.15 -9.48 -55.13
N SER B 318 47.27 -9.02 -53.91
CA SER B 318 47.76 -7.67 -53.63
C SER B 318 49.11 -7.41 -54.26
N GLY B 319 50.00 -8.38 -54.13
CA GLY B 319 51.32 -8.29 -54.72
C GLY B 319 51.19 -8.06 -56.21
N CYS B 320 50.37 -8.88 -56.88
CA CYS B 320 50.06 -8.65 -58.27
C CYS B 320 49.47 -7.26 -58.51
N ALA B 321 48.55 -6.81 -57.66
CA ALA B 321 47.93 -5.48 -57.79
C ALA B 321 48.97 -4.36 -57.68
N ALA B 322 49.84 -4.48 -56.68
CA ALA B 322 50.93 -3.54 -56.48
C ALA B 322 51.76 -3.44 -57.73
N VAL B 323 52.12 -4.59 -58.31
CA VAL B 323 52.90 -4.64 -59.57
C VAL B 323 52.14 -3.99 -60.74
N LEU B 324 50.85 -4.31 -60.89
CA LEU B 324 50.06 -3.65 -61.93
C LEU B 324 49.86 -2.14 -61.71
N GLY B 325 49.63 -1.73 -60.46
CA GLY B 325 49.57 -0.29 -60.15
C GLY B 325 50.86 0.44 -60.49
N CYS B 326 51.96 -0.20 -60.16
CA CYS B 326 53.25 0.26 -60.55
C CYS B 326 53.39 0.35 -62.05
N ALA B 327 52.97 -0.68 -62.77
CA ALA B 327 52.96 -0.59 -64.25
C ALA B 327 52.21 0.63 -64.74
N TYR B 328 51.11 0.97 -64.07
CA TYR B 328 50.38 2.17 -64.43
C TYR B 328 51.23 3.39 -64.26
N CYS B 329 51.88 3.51 -63.10
CA CYS B 329 52.73 4.67 -62.79
C CYS B 329 53.91 4.79 -63.71
N VAL B 330 54.65 3.70 -63.87
CA VAL B 330 55.77 3.67 -64.79
C VAL B 330 55.33 3.92 -66.23
N GLY B 331 54.24 3.31 -66.65
CA GLY B 331 53.72 3.51 -68.02
C GLY B 331 53.30 4.94 -68.28
N THR B 332 52.86 5.61 -67.22
CA THR B 332 52.43 6.99 -67.32
C THR B 332 53.61 7.97 -67.19
N LEU B 333 54.46 7.79 -66.19
CA LEU B 333 55.56 8.70 -65.96
C LEU B 333 56.74 8.45 -66.90
N LYS B 334 56.73 7.29 -67.54
CA LYS B 334 57.69 6.97 -68.61
C LYS B 334 59.14 7.27 -68.26
N PRO B 335 59.69 6.57 -67.26
CA PRO B 335 61.09 6.76 -66.88
C PRO B 335 62.03 6.33 -68.01
N GLU B 336 63.25 6.84 -67.97
CA GLU B 336 64.23 6.53 -69.02
C GLU B 336 65.23 5.50 -68.60
N ASN B 337 65.87 4.87 -69.58
CA ASN B 337 67.00 3.97 -69.35
C ASN B 337 66.66 2.71 -68.55
N VAL B 338 65.37 2.39 -68.47
CA VAL B 338 64.93 1.21 -67.77
C VAL B 338 64.09 0.30 -68.64
N GLU B 339 64.24 -1.00 -68.41
CA GLU B 339 63.35 -2.00 -68.92
C GLU B 339 62.72 -2.70 -67.71
N ILE B 340 61.39 -2.61 -67.61
CA ILE B 340 60.71 -3.22 -66.49
C ILE B 340 59.73 -4.27 -66.96
N HIS B 341 59.83 -5.43 -66.33
CA HIS B 341 58.91 -6.53 -66.52
C HIS B 341 58.04 -6.67 -65.32
N PHE B 342 56.74 -6.64 -65.57
CA PHE B 342 55.76 -6.77 -64.53
C PHE B 342 55.15 -8.13 -64.69
N LEU B 343 55.37 -8.96 -63.68
CA LEU B 343 55.07 -10.37 -63.73
C LEU B 343 54.15 -10.77 -62.58
N SER B 344 53.21 -11.67 -62.88
CA SER B 344 52.47 -12.34 -61.84
C SER B 344 51.94 -13.65 -62.33
N ALA B 345 52.28 -14.70 -61.57
CA ALA B 345 51.76 -16.03 -61.81
C ALA B 345 50.42 -16.05 -61.09
N VAL B 346 49.37 -15.83 -61.86
CA VAL B 346 48.06 -15.67 -61.28
C VAL B 346 47.33 -17.02 -61.29
N CYS B 347 46.70 -17.33 -60.17
CA CYS B 347 45.87 -18.51 -60.06
C CYS B 347 44.99 -18.39 -58.82
N GLU B 348 44.19 -19.41 -58.59
CA GLU B 348 43.31 -19.42 -57.46
C GLU B 348 43.55 -20.72 -56.74
N ASN B 349 43.68 -20.64 -55.40
CA ASN B 349 43.93 -21.81 -54.58
C ASN B 349 42.66 -22.38 -53.98
N MET B 350 42.12 -23.42 -54.61
CA MET B 350 40.78 -23.93 -54.28
C MET B 350 40.77 -25.38 -53.82
N VAL B 351 39.60 -25.84 -53.36
CA VAL B 351 39.43 -27.23 -52.92
C VAL B 351 38.55 -27.97 -53.92
N SER B 352 39.10 -29.04 -54.47
CA SER B 352 38.47 -29.72 -55.57
C SER B 352 38.96 -31.14 -55.58
N LYS B 353 38.30 -31.98 -56.35
CA LYS B 353 38.88 -33.28 -56.65
C LYS B 353 40.18 -33.13 -57.48
N ASN B 354 40.38 -31.97 -58.07
CA ASN B 354 41.53 -31.70 -58.90
C ASN B 354 42.71 -31.00 -58.18
N SER B 355 42.46 -30.54 -56.95
CA SER B 355 43.48 -29.80 -56.22
C SER B 355 44.73 -30.59 -55.98
N TYR B 356 45.84 -29.92 -55.76
CA TYR B 356 47.01 -30.64 -55.31
C TYR B 356 46.82 -30.95 -53.84
N ARG B 357 47.51 -31.98 -53.36
CA ARG B 357 47.32 -32.42 -51.98
C ARG B 357 48.52 -32.15 -51.20
N PRO B 358 48.34 -32.01 -49.88
CA PRO B 358 49.51 -32.04 -49.01
C PRO B 358 50.27 -33.34 -49.26
N GLY B 359 51.59 -33.27 -49.36
CA GLY B 359 52.42 -34.43 -49.61
C GLY B 359 52.84 -34.57 -51.07
N ASP B 360 52.07 -33.98 -51.98
CA ASP B 360 52.41 -34.00 -53.40
C ASP B 360 53.83 -33.51 -53.61
N ILE B 361 54.52 -34.12 -54.57
CA ILE B 361 55.84 -33.66 -54.97
C ILE B 361 55.70 -33.13 -56.39
N ILE B 362 56.07 -31.86 -56.54
CA ILE B 362 55.85 -31.17 -57.77
C ILE B 362 57.21 -30.63 -58.22
N THR B 363 57.34 -30.32 -59.50
CA THR B 363 58.60 -29.92 -60.07
C THR B 363 58.52 -28.49 -60.61
N ALA B 364 59.34 -27.60 -60.04
CA ALA B 364 59.45 -26.23 -60.52
C ALA B 364 60.15 -26.17 -61.88
N SER B 365 59.97 -25.05 -62.58
CA SER B 365 60.49 -24.89 -63.92
C SER B 365 62.02 -24.93 -63.98
N ASN B 366 62.69 -24.84 -62.84
CA ASN B 366 64.15 -24.97 -62.82
C ASN B 366 64.59 -26.39 -62.51
N GLY B 367 63.63 -27.32 -62.51
CA GLY B 367 63.88 -28.73 -62.24
C GLY B 367 63.85 -29.20 -60.80
N LYS B 368 63.85 -28.27 -59.84
CA LYS B 368 63.78 -28.63 -58.41
C LYS B 368 62.43 -29.27 -58.09
N THR B 369 62.49 -30.41 -57.40
CA THR B 369 61.32 -31.06 -56.92
C THR B 369 61.01 -30.55 -55.54
N ILE B 370 59.72 -30.25 -55.32
CA ILE B 370 59.25 -29.64 -54.09
C ILE B 370 58.24 -30.55 -53.43
N GLU B 371 58.44 -30.81 -52.14
CA GLU B 371 57.46 -31.57 -51.38
C GLU B 371 56.47 -30.59 -50.77
N VAL B 372 55.20 -30.74 -51.10
CA VAL B 372 54.19 -29.84 -50.57
C VAL B 372 53.88 -30.25 -49.15
N GLY B 373 54.26 -29.44 -48.19
CA GLY B 373 53.91 -29.74 -46.79
C GLY B 373 52.52 -29.20 -46.39
N ASN B 374 52.08 -28.17 -47.10
CA ASN B 374 50.87 -27.50 -46.77
C ASN B 374 50.38 -26.72 -47.95
N THR B 375 49.22 -27.10 -48.46
CA THR B 375 48.67 -26.48 -49.64
C THR B 375 48.35 -25.00 -49.45
N ASP B 376 48.35 -24.55 -48.20
CA ASP B 376 48.09 -23.13 -47.90
C ASP B 376 49.36 -22.30 -48.05
N ALA B 377 50.51 -22.95 -48.21
CA ALA B 377 51.71 -22.22 -48.45
C ALA B 377 51.90 -22.20 -49.96
N GLU B 378 50.88 -21.70 -50.67
CA GLU B 378 50.86 -21.74 -52.13
C GLU B 378 51.57 -20.57 -52.78
N GLY B 379 51.64 -19.43 -52.07
CA GLY B 379 52.26 -18.25 -52.62
C GLY B 379 53.61 -18.60 -53.16
N ARG B 380 54.45 -19.16 -52.30
CA ARG B 380 55.86 -19.42 -52.58
C ARG B 380 56.07 -20.40 -53.74
N LEU B 381 55.07 -21.26 -53.94
CA LEU B 381 55.06 -22.20 -55.04
C LEU B 381 54.89 -21.42 -56.32
N THR B 382 53.93 -20.50 -56.34
CA THR B 382 53.69 -19.74 -57.56
C THR B 382 54.87 -18.80 -57.81
N LEU B 383 55.41 -18.24 -56.75
CA LEU B 383 56.50 -17.30 -56.89
C LEU B 383 57.77 -17.98 -57.36
N ALA B 384 57.98 -19.22 -56.93
CA ALA B 384 59.14 -19.98 -57.35
C ALA B 384 59.21 -20.01 -58.87
N ASP B 385 58.10 -20.39 -59.52
CA ASP B 385 58.11 -20.48 -60.95
C ASP B 385 58.22 -19.11 -61.58
N ALA B 386 57.64 -18.11 -60.90
CA ALA B 386 57.67 -16.74 -61.40
C ALA B 386 59.09 -16.22 -61.29
N LEU B 387 59.80 -16.65 -60.26
CA LEU B 387 61.16 -16.19 -60.05
C LEU B 387 62.08 -16.80 -61.06
N VAL B 388 61.89 -18.08 -61.38
CA VAL B 388 62.76 -18.69 -62.39
C VAL B 388 62.52 -18.07 -63.74
N TYR B 389 61.26 -17.73 -64.01
CA TYR B 389 60.87 -16.99 -65.22
C TYR B 389 61.58 -15.63 -65.27
N ALA B 390 61.48 -14.90 -64.17
CA ALA B 390 62.06 -13.59 -64.07
C ALA B 390 63.54 -13.65 -64.37
N GLU B 391 64.24 -14.60 -63.76
CA GLU B 391 65.69 -14.70 -63.92
C GLU B 391 66.04 -15.07 -65.35
N LYS B 392 65.22 -15.89 -66.00
CA LYS B 392 65.44 -16.21 -67.40
C LYS B 392 65.40 -14.97 -68.29
N LEU B 393 64.76 -13.90 -67.81
CA LEU B 393 64.67 -12.66 -68.57
C LEU B 393 65.98 -11.91 -68.61
N GLY B 394 66.92 -12.28 -67.74
CA GLY B 394 68.23 -11.63 -67.70
C GLY B 394 68.13 -10.21 -67.19
N VAL B 395 67.53 -10.05 -66.03
CA VAL B 395 67.37 -8.73 -65.41
C VAL B 395 68.49 -8.44 -64.40
N ASP B 396 68.63 -7.17 -64.03
CA ASP B 396 69.59 -6.79 -63.01
C ASP B 396 69.01 -7.01 -61.61
N TYR B 397 67.71 -6.72 -61.47
CA TYR B 397 66.99 -6.86 -60.22
C TYR B 397 65.69 -7.62 -60.42
N ILE B 398 65.42 -8.51 -59.46
CA ILE B 398 64.13 -9.10 -59.31
C ILE B 398 63.65 -8.66 -57.94
N VAL B 399 62.53 -7.94 -57.93
CA VAL B 399 61.81 -7.67 -56.69
C VAL B 399 60.41 -8.30 -56.77
N ASP B 400 60.14 -9.24 -55.85
CA ASP B 400 58.80 -9.80 -55.69
C ASP B 400 58.12 -9.12 -54.51
N ILE B 401 56.81 -9.02 -54.61
CA ILE B 401 56.03 -8.43 -53.56
C ILE B 401 54.85 -9.34 -53.43
N ALA B 402 54.55 -9.75 -52.19
CA ALA B 402 53.55 -10.80 -51.94
C ALA B 402 52.93 -10.69 -50.54
N THR B 403 51.65 -11.03 -50.46
CA THR B 403 50.99 -11.20 -49.21
C THR B 403 51.35 -12.61 -48.80
N LEU B 404 52.58 -12.81 -48.32
CA LEU B 404 53.11 -14.16 -48.28
C LEU B 404 52.84 -14.88 -46.97
N THR B 405 53.03 -14.20 -45.84
CA THR B 405 52.99 -14.90 -44.55
C THR B 405 52.24 -14.12 -43.51
N GLY B 406 51.26 -14.76 -42.90
CA GLY B 406 50.49 -14.18 -41.79
C GLY B 406 51.38 -13.85 -40.60
N ALA B 407 52.50 -14.54 -40.46
CA ALA B 407 53.50 -14.20 -39.45
C ALA B 407 53.93 -12.72 -39.48
N MET B 408 53.74 -12.09 -40.63
CA MET B 408 54.11 -10.68 -40.79
C MET B 408 53.39 -9.85 -39.76
N LEU B 409 52.14 -10.22 -39.45
CA LEU B 409 51.33 -9.54 -38.44
C LEU B 409 52.00 -9.63 -37.08
N TYR B 410 52.76 -10.69 -36.86
CA TYR B 410 53.37 -10.91 -35.58
C TYR B 410 54.76 -10.27 -35.54
N SER B 411 55.38 -10.11 -36.70
CA SER B 411 56.71 -9.52 -36.74
C SER B 411 56.65 -8.01 -36.88
N LEU B 412 56.13 -7.50 -37.99
CA LEU B 412 56.14 -6.04 -38.21
C LEU B 412 54.79 -5.38 -38.00
N GLY B 413 53.73 -6.17 -38.00
CA GLY B 413 52.37 -5.69 -37.87
C GLY B 413 51.76 -5.20 -39.16
N THR B 414 50.89 -4.21 -39.05
CA THR B 414 50.08 -3.74 -40.16
C THR B 414 50.64 -2.48 -40.85
N SER B 415 51.74 -1.94 -40.35
CA SER B 415 52.22 -0.67 -40.88
C SER B 415 53.48 -0.79 -41.75
N TYR B 416 54.36 -1.71 -41.40
CA TYR B 416 55.62 -1.91 -42.12
C TYR B 416 55.69 -3.22 -42.85
N ALA B 417 55.95 -3.18 -44.15
CA ALA B 417 56.17 -4.44 -44.88
C ALA B 417 57.57 -4.93 -44.55
N GLY B 418 57.82 -6.20 -44.76
CA GLY B 418 59.14 -6.73 -44.54
C GLY B 418 59.83 -6.91 -45.87
N VAL B 419 61.11 -6.60 -45.89
CA VAL B 419 61.90 -6.90 -47.06
C VAL B 419 63.04 -7.86 -46.73
N PHE B 420 63.14 -8.90 -47.56
CA PHE B 420 64.20 -9.87 -47.47
C PHE B 420 64.88 -9.82 -48.83
N GLY B 421 66.10 -10.31 -48.92
CA GLY B 421 66.76 -10.37 -50.21
C GLY B 421 68.11 -11.01 -50.11
N ASN B 422 68.71 -11.27 -51.27
CA ASN B 422 70.04 -11.89 -51.35
C ASN B 422 71.14 -10.87 -51.67
N ASN B 423 70.77 -9.59 -51.70
CA ASN B 423 71.67 -8.51 -52.12
C ASN B 423 71.44 -7.23 -51.32
N GLU B 424 72.49 -6.78 -50.66
CA GLU B 424 72.39 -5.63 -49.79
C GLU B 424 72.10 -4.35 -50.60
N GLU B 425 72.77 -4.17 -51.74
CA GLU B 425 72.53 -2.95 -52.52
C GLU B 425 71.05 -2.84 -52.90
N LEU B 426 70.48 -3.96 -53.35
CA LEU B 426 69.12 -3.98 -53.78
C LEU B 426 68.18 -3.70 -52.60
N ILE B 427 68.46 -4.32 -51.47
CA ILE B 427 67.69 -4.09 -50.25
C ILE B 427 67.72 -2.62 -49.90
N ASN B 428 68.92 -2.04 -49.89
CA ASN B 428 69.06 -0.62 -49.61
C ASN B 428 68.26 0.27 -50.55
N LYS B 429 68.22 -0.12 -51.83
CA LYS B 429 67.44 0.62 -52.81
C LYS B 429 65.93 0.56 -52.43
N ILE B 430 65.45 -0.64 -52.09
CA ILE B 430 64.09 -0.78 -51.62
C ILE B 430 63.86 0.13 -50.40
N LEU B 431 64.80 0.11 -49.44
CA LEU B 431 64.65 0.93 -48.25
C LEU B 431 64.64 2.40 -48.61
N GLN B 432 65.46 2.79 -49.59
CA GLN B 432 65.44 4.20 -50.02
C GLN B 432 64.08 4.53 -50.70
N SER B 433 63.55 3.55 -51.42
CA SER B 433 62.30 3.74 -52.08
C SER B 433 61.18 3.78 -51.06
N SER B 434 61.40 3.10 -49.94
CA SER B 434 60.46 3.12 -48.83
C SER B 434 60.43 4.53 -48.27
N LYS B 435 61.60 5.09 -48.04
CA LYS B 435 61.70 6.42 -47.47
C LYS B 435 60.99 7.43 -48.38
N THR B 436 61.27 7.37 -49.68
CA THR B 436 60.77 8.40 -50.62
C THR B 436 59.29 8.21 -51.04
N SER B 437 58.78 7.00 -50.95
CA SER B 437 57.39 6.74 -51.29
C SER B 437 56.53 6.86 -50.04
N ASN B 438 57.19 6.74 -48.89
CA ASN B 438 56.50 6.79 -47.61
C ASN B 438 55.59 5.60 -47.39
N GLU B 439 55.97 4.47 -48.00
CA GLU B 439 55.37 3.17 -47.72
C GLU B 439 56.41 2.40 -46.91
N PRO B 440 56.23 2.34 -45.60
CA PRO B 440 57.26 1.87 -44.69
C PRO B 440 57.60 0.40 -44.88
N VAL B 441 58.88 0.11 -44.94
CA VAL B 441 59.37 -1.22 -45.12
C VAL B 441 60.51 -1.43 -44.14
N TRP B 442 60.67 -2.65 -43.66
CA TRP B 442 61.76 -2.91 -42.75
C TRP B 442 62.51 -4.13 -43.25
N TRP B 443 63.81 -4.10 -43.08
CA TRP B 443 64.68 -5.13 -43.54
C TRP B 443 64.73 -6.24 -42.52
N LEU B 444 64.31 -7.42 -42.96
CA LEU B 444 64.33 -8.64 -42.18
C LEU B 444 65.32 -9.63 -42.78
N PRO B 445 65.93 -10.47 -41.91
CA PRO B 445 67.04 -11.30 -42.35
C PRO B 445 66.60 -12.60 -42.99
N ILE B 446 67.36 -13.09 -43.96
CA ILE B 446 67.18 -14.47 -44.40
C ILE B 446 68.21 -15.26 -43.62
N ILE B 447 67.73 -15.99 -42.62
CA ILE B 447 68.60 -16.68 -41.72
C ILE B 447 68.91 -18.06 -42.29
N ASN B 448 70.15 -18.26 -42.74
CA ASN B 448 70.51 -19.49 -43.42
C ASN B 448 70.45 -20.69 -42.51
N GLU B 449 70.64 -20.48 -41.21
CA GLU B 449 70.55 -21.59 -40.25
C GLU B 449 69.23 -22.38 -40.42
N TYR B 450 68.17 -21.72 -40.85
CA TYR B 450 66.88 -22.38 -40.99
C TYR B 450 66.77 -23.16 -42.29
N ARG B 451 67.71 -22.95 -43.21
CA ARG B 451 67.70 -23.61 -44.52
C ARG B 451 67.51 -25.12 -44.41
N ALA B 452 68.19 -25.73 -43.44
CA ALA B 452 68.18 -27.19 -43.27
C ALA B 452 66.78 -27.78 -43.06
N THR B 453 65.88 -26.98 -42.48
CA THR B 453 64.51 -27.44 -42.21
C THR B 453 63.68 -27.48 -43.49
N LEU B 454 64.27 -27.08 -44.61
CA LEU B 454 63.60 -27.27 -45.90
C LEU B 454 64.13 -28.49 -46.64
N ASN B 455 65.06 -29.22 -46.01
CA ASN B 455 65.60 -30.45 -46.60
C ASN B 455 64.52 -31.53 -46.55
N SER B 456 63.94 -31.80 -47.71
CA SER B 456 62.94 -32.84 -47.84
C SER B 456 63.62 -34.20 -47.88
N LYS B 457 62.96 -35.23 -47.38
CA LYS B 457 63.50 -36.57 -47.42
C LYS B 457 63.41 -37.14 -48.84
N TYR B 458 62.40 -36.71 -49.59
CA TYR B 458 62.11 -37.32 -50.86
C TYR B 458 62.32 -36.38 -51.99
N ALA B 459 61.87 -35.13 -51.83
CA ALA B 459 62.05 -34.12 -52.87
C ALA B 459 63.38 -33.37 -52.68
N ASP B 460 63.69 -32.48 -53.60
CA ASP B 460 64.91 -31.66 -53.50
C ASP B 460 64.75 -30.72 -52.34
N ILE B 461 63.52 -30.26 -52.12
CA ILE B 461 63.27 -29.25 -51.12
C ILE B 461 61.84 -29.31 -50.66
N ASN B 462 61.67 -28.98 -49.39
CA ASN B 462 60.37 -28.82 -48.75
C ASN B 462 59.88 -27.44 -49.03
N GLN B 463 58.56 -27.35 -49.17
CA GLN B 463 57.89 -26.09 -49.36
C GLN B 463 57.85 -25.36 -48.03
N ILE B 464 57.59 -26.09 -46.96
CA ILE B 464 57.51 -25.48 -45.63
C ILE B 464 58.47 -26.12 -44.66
N SER B 465 58.81 -25.39 -43.62
CA SER B 465 59.52 -25.97 -42.49
C SER B 465 58.57 -26.86 -41.71
N SER B 466 59.12 -27.87 -41.04
CA SER B 466 58.36 -28.63 -40.05
C SER B 466 58.50 -27.95 -38.68
N SER B 467 59.75 -27.68 -38.30
CA SER B 467 60.09 -27.05 -37.01
C SER B 467 59.95 -25.52 -36.97
N VAL B 468 60.62 -24.80 -37.86
CA VAL B 468 60.75 -23.35 -37.74
C VAL B 468 59.43 -22.55 -37.92
N LYS B 469 59.07 -21.78 -36.89
CA LYS B 469 57.84 -20.99 -36.90
C LYS B 469 58.09 -19.61 -37.51
N ALA B 470 59.35 -19.26 -37.79
CA ALA B 470 59.68 -17.99 -38.43
C ALA B 470 59.40 -18.14 -39.92
N SER B 471 58.12 -18.21 -40.26
CA SER B 471 57.71 -18.62 -41.60
C SER B 471 57.96 -17.59 -42.68
N SER B 472 57.97 -16.30 -42.34
CA SER B 472 58.39 -15.29 -43.31
C SER B 472 59.84 -15.49 -43.73
N ILE B 473 60.69 -15.88 -42.79
CA ILE B 473 62.08 -16.12 -43.09
C ILE B 473 62.17 -17.39 -43.90
N VAL B 474 61.44 -18.42 -43.46
CA VAL B 474 61.46 -19.72 -44.11
C VAL B 474 60.99 -19.60 -45.55
N ALA B 475 59.89 -18.90 -45.74
CA ALA B 475 59.35 -18.62 -47.06
C ALA B 475 60.39 -17.94 -47.94
N SER B 476 61.10 -16.95 -47.36
CA SER B 476 62.20 -16.28 -48.07
C SER B 476 63.32 -17.25 -48.47
N LEU B 477 63.74 -18.11 -47.52
CA LEU B 477 64.75 -19.12 -47.78
C LEU B 477 64.29 -19.99 -48.95
N PHE B 478 63.00 -20.31 -48.95
CA PHE B 478 62.47 -21.14 -49.99
C PHE B 478 62.55 -20.42 -51.31
N LEU B 479 62.11 -19.17 -51.34
CA LEU B 479 62.19 -18.34 -52.56
C LEU B 479 63.62 -18.18 -53.10
N LYS B 480 64.57 -17.93 -52.20
CA LYS B 480 65.96 -17.72 -52.57
C LYS B 480 66.48 -18.88 -53.43
N GLU B 481 65.93 -20.06 -53.20
CA GLU B 481 66.34 -21.26 -53.92
C GLU B 481 65.99 -21.20 -55.40
N PHE B 482 65.22 -20.19 -55.80
CA PHE B 482 64.78 -20.08 -57.16
C PHE B 482 65.33 -18.86 -57.86
N VAL B 483 66.26 -18.17 -57.20
CA VAL B 483 67.06 -17.13 -57.85
C VAL B 483 68.53 -17.56 -57.77
N GLN B 484 69.08 -18.01 -58.90
CA GLN B 484 70.45 -18.54 -58.94
C GLN B 484 71.55 -17.47 -58.83
N ASN B 485 71.40 -16.35 -59.54
CA ASN B 485 72.52 -15.46 -59.75
C ASN B 485 72.12 -14.02 -60.02
N THR B 486 70.99 -13.60 -59.46
CA THR B 486 70.48 -12.26 -59.65
C THR B 486 70.18 -11.62 -58.30
N ALA B 487 70.50 -10.34 -58.20
CA ALA B 487 70.04 -9.52 -57.08
C ALA B 487 68.52 -9.65 -56.97
N TRP B 488 68.06 -10.05 -55.80
CA TRP B 488 66.66 -10.31 -55.59
C TRP B 488 66.23 -9.87 -54.19
N ALA B 489 65.04 -9.29 -54.13
CA ALA B 489 64.46 -8.86 -52.88
C ALA B 489 63.00 -9.27 -52.88
N HIS B 490 62.46 -9.46 -51.69
CA HIS B 490 61.17 -10.03 -51.52
C HIS B 490 60.49 -9.14 -50.48
N ILE B 491 59.36 -8.58 -50.85
CA ILE B 491 58.64 -7.73 -49.95
C ILE B 491 57.37 -8.44 -49.50
N ASP B 492 57.31 -8.76 -48.21
CA ASP B 492 56.16 -9.44 -47.68
C ASP B 492 55.18 -8.41 -47.15
N ILE B 493 54.10 -8.24 -47.89
CA ILE B 493 53.11 -7.23 -47.57
C ILE B 493 51.87 -7.84 -46.96
N ALA B 494 52.01 -9.07 -46.45
CA ALA B 494 50.87 -9.79 -45.90
C ALA B 494 50.20 -9.03 -44.73
N GLY B 495 51.01 -8.40 -43.90
CA GLY B 495 50.52 -7.69 -42.73
C GLY B 495 50.04 -6.29 -43.05
N VAL B 496 50.57 -5.71 -44.11
CA VAL B 496 50.28 -4.32 -44.40
C VAL B 496 49.28 -4.06 -45.49
N SER B 497 48.95 -5.08 -46.29
CA SER B 497 48.25 -4.82 -47.52
C SER B 497 46.83 -4.36 -47.25
N TRP B 498 46.18 -4.97 -46.29
CA TRP B 498 44.79 -4.67 -45.98
C TRP B 498 44.68 -3.73 -44.79
N ASN B 499 43.95 -2.65 -44.98
CA ASN B 499 43.67 -1.73 -43.88
C ASN B 499 42.47 -2.26 -43.14
N PHE B 500 42.73 -3.01 -42.08
CA PHE B 500 41.67 -3.65 -41.32
C PHE B 500 40.69 -2.65 -40.69
N LYS B 501 41.24 -1.56 -40.13
CA LYS B 501 40.39 -0.52 -39.55
C LYS B 501 39.43 0.10 -40.59
N ALA B 502 39.96 0.51 -41.74
CA ALA B 502 39.13 1.13 -42.77
C ALA B 502 38.33 0.12 -43.58
N ARG B 503 38.60 -1.18 -43.40
CA ARG B 503 37.94 -2.26 -44.15
C ARG B 503 38.16 -2.13 -45.68
N LYS B 504 39.37 -1.74 -46.08
CA LYS B 504 39.72 -1.59 -47.49
C LYS B 504 41.20 -1.86 -47.74
N PRO B 505 41.56 -2.17 -49.01
CA PRO B 505 42.99 -2.37 -49.28
C PRO B 505 43.73 -1.04 -49.16
N LYS B 506 45.04 -1.09 -49.05
CA LYS B 506 45.85 0.13 -49.03
C LYS B 506 46.46 0.40 -50.37
N GLY B 507 46.42 -0.60 -51.25
CA GLY B 507 47.14 -0.57 -52.52
C GLY B 507 48.63 -0.47 -52.26
N PHE B 508 49.08 -1.09 -51.16
CA PHE B 508 50.46 -0.95 -50.71
C PHE B 508 51.49 -1.48 -51.71
N GLY B 509 52.50 -0.69 -51.99
CA GLY B 509 53.60 -1.19 -52.76
C GLY B 509 53.74 -0.49 -54.09
N VAL B 510 52.62 0.03 -54.60
CA VAL B 510 52.63 0.71 -55.89
C VAL B 510 53.67 1.82 -55.88
N ARG B 511 53.57 2.72 -54.92
CA ARG B 511 54.46 3.87 -54.83
C ARG B 511 55.89 3.42 -54.56
N LEU B 512 56.05 2.55 -53.57
CA LEU B 512 57.34 1.95 -53.27
C LEU B 512 58.04 1.41 -54.53
N LEU B 513 57.34 0.58 -55.29
CA LEU B 513 57.92 -0.02 -56.46
C LEU B 513 58.19 1.01 -57.50
N THR B 514 57.32 2.00 -57.60
CA THR B 514 57.51 3.05 -58.62
C THR B 514 58.71 3.89 -58.26
N GLU B 515 58.80 4.30 -57.00
CA GLU B 515 59.97 5.06 -56.55
C GLU B 515 61.22 4.26 -56.83
N PHE B 516 61.18 2.98 -56.53
CA PHE B 516 62.29 2.09 -56.77
C PHE B 516 62.75 2.14 -58.22
N VAL B 517 61.79 2.03 -59.13
CA VAL B 517 62.02 2.05 -60.56
C VAL B 517 62.54 3.43 -61.02
N LEU B 518 61.95 4.49 -60.47
CA LEU B 518 62.24 5.85 -60.86
C LEU B 518 63.57 6.37 -60.34
N ASN B 519 63.96 5.99 -59.12
CA ASN B 519 65.21 6.52 -58.56
C ASN B 519 66.43 5.75 -59.04
N ASP B 520 66.17 4.88 -60.01
CA ASP B 520 67.18 4.33 -60.92
C ASP B 520 67.21 5.14 -62.23
N SER C 3 43.36 -48.20 -66.38
CA SER C 3 44.68 -48.00 -67.08
C SER C 3 45.19 -46.54 -67.26
N GLU C 4 44.47 -45.70 -67.99
CA GLU C 4 45.01 -44.38 -68.34
C GLU C 4 44.86 -43.42 -67.14
N VAL C 5 45.96 -43.04 -66.50
CA VAL C 5 45.89 -42.11 -65.38
C VAL C 5 45.38 -40.75 -65.84
N PRO C 6 44.22 -40.28 -65.31
CA PRO C 6 43.77 -38.90 -65.57
C PRO C 6 44.74 -37.87 -64.98
N GLN C 7 44.93 -36.77 -65.73
CA GLN C 7 45.85 -35.68 -65.37
C GLN C 7 45.12 -34.34 -65.45
N VAL C 8 45.32 -33.47 -64.46
CA VAL C 8 44.74 -32.12 -64.53
C VAL C 8 45.61 -31.22 -65.41
N VAL C 9 46.91 -31.31 -65.21
CA VAL C 9 47.82 -30.71 -66.14
C VAL C 9 48.80 -31.74 -66.64
N SER C 10 49.19 -31.58 -67.91
CA SER C 10 50.17 -32.43 -68.54
C SER C 10 51.47 -32.62 -67.69
N LEU C 11 51.69 -31.83 -66.66
CA LEU C 11 52.81 -32.18 -65.78
C LEU C 11 52.40 -33.06 -64.63
N ASP C 12 51.14 -33.50 -64.58
CA ASP C 12 50.77 -34.46 -63.53
C ASP C 12 51.38 -35.74 -64.01
N PRO C 13 51.98 -36.49 -63.09
CA PRO C 13 52.71 -37.66 -63.48
C PRO C 13 51.70 -38.77 -63.69
N THR C 14 52.08 -39.79 -64.50
CA THR C 14 51.12 -40.80 -64.96
C THR C 14 51.48 -42.21 -64.52
N SER C 15 52.56 -42.33 -63.77
CA SER C 15 52.86 -43.61 -63.21
C SER C 15 53.55 -43.40 -61.92
N ILE C 16 53.58 -44.44 -61.09
CA ILE C 16 54.47 -44.37 -59.94
C ILE C 16 55.89 -44.81 -60.35
N PRO C 17 56.85 -43.91 -60.24
CA PRO C 17 58.22 -44.40 -60.44
C PRO C 17 58.52 -45.52 -59.46
N ILE C 18 59.05 -46.62 -59.97
CA ILE C 18 59.45 -47.71 -59.10
C ILE C 18 60.86 -48.17 -59.44
N GLU C 19 61.62 -48.49 -58.41
CA GLU C 19 62.93 -49.06 -58.66
C GLU C 19 62.86 -50.51 -58.21
N TYR C 20 62.96 -51.42 -59.18
CA TYR C 20 63.04 -52.86 -58.96
C TYR C 20 64.51 -53.28 -58.77
N ASN C 21 65.36 -52.87 -59.71
CA ASN C 21 66.77 -53.19 -59.67
C ASN C 21 67.48 -52.18 -58.81
N THR C 22 67.49 -52.45 -57.52
CA THR C 22 68.14 -51.55 -56.55
C THR C 22 69.64 -51.82 -56.52
N PRO C 23 70.42 -50.87 -56.00
CA PRO C 23 71.81 -51.21 -55.72
C PRO C 23 71.93 -52.38 -54.77
N ILE C 24 70.99 -52.53 -53.83
CA ILE C 24 71.02 -53.68 -52.93
C ILE C 24 71.10 -55.00 -53.71
N HIS C 25 70.23 -55.16 -54.69
CA HIS C 25 70.18 -56.37 -55.50
C HIS C 25 71.48 -56.70 -56.19
N ASP C 26 72.31 -55.70 -56.42
CA ASP C 26 73.59 -55.90 -57.08
C ASP C 26 74.68 -56.34 -56.11
N ILE C 27 74.32 -56.53 -54.84
CA ILE C 27 75.38 -56.83 -53.88
C ILE C 27 75.66 -58.33 -53.96
N LYS C 28 76.88 -58.70 -54.31
CA LYS C 28 77.23 -60.10 -54.26
C LYS C 28 77.47 -60.47 -52.79
N VAL C 29 76.65 -61.37 -52.26
CA VAL C 29 76.72 -61.78 -50.85
C VAL C 29 77.43 -63.14 -50.66
N GLN C 30 78.35 -63.19 -49.71
CA GLN C 30 79.04 -64.43 -49.37
C GLN C 30 78.90 -64.63 -47.86
N VAL C 31 78.54 -65.85 -47.45
CA VAL C 31 78.54 -66.20 -46.04
C VAL C 31 79.59 -67.26 -45.81
N TYR C 32 80.35 -67.08 -44.74
CA TYR C 32 81.44 -67.99 -44.35
C TYR C 32 81.30 -68.55 -42.93
N ASP C 33 81.92 -69.70 -42.68
CA ASP C 33 81.99 -70.16 -41.29
C ASP C 33 83.08 -69.43 -40.50
N ILE C 34 82.63 -68.68 -39.51
CA ILE C 34 83.48 -68.12 -38.49
C ILE C 34 84.73 -68.99 -38.16
N LYS C 35 84.55 -70.28 -37.88
CA LYS C 35 85.62 -71.17 -37.40
C LYS C 35 86.72 -71.45 -38.43
N GLY C 36 86.51 -70.99 -39.66
CA GLY C 36 87.54 -71.01 -40.69
C GLY C 36 88.40 -69.74 -40.66
N GLY C 37 87.94 -68.72 -39.91
CA GLY C 37 88.69 -67.46 -39.75
C GLY C 37 88.46 -66.38 -40.81
N CYS C 38 88.55 -65.12 -40.40
CA CYS C 38 88.18 -63.97 -41.26
C CYS C 38 89.40 -63.42 -41.98
N ASN C 39 89.39 -63.42 -43.31
CA ASN C 39 90.39 -62.66 -44.07
C ASN C 39 89.89 -61.21 -44.08
N VAL C 40 90.75 -60.29 -43.69
CA VAL C 40 90.40 -58.89 -43.61
C VAL C 40 91.19 -58.20 -44.70
N GLU C 41 90.53 -57.98 -45.83
CA GLU C 41 91.26 -57.74 -47.07
C GLU C 41 91.05 -56.40 -47.71
N GLU C 42 89.89 -55.81 -47.50
CA GLU C 42 89.50 -54.61 -48.20
C GLU C 42 88.21 -54.11 -47.63
N GLY C 43 87.75 -52.99 -48.19
CA GLY C 43 86.57 -52.30 -47.69
C GLY C 43 86.59 -52.23 -46.17
N LEU C 44 85.45 -52.56 -45.58
CA LEU C 44 85.21 -52.37 -44.19
C LEU C 44 84.72 -53.69 -43.58
N THR C 45 85.26 -54.03 -42.40
CA THR C 45 85.04 -55.29 -41.72
C THR C 45 84.66 -55.04 -40.26
N ILE C 46 83.37 -55.21 -40.01
CA ILE C 46 82.80 -54.83 -38.77
C ILE C 46 82.51 -56.09 -37.99
N PHE C 47 82.89 -56.07 -36.72
CA PHE C 47 82.58 -57.13 -35.81
C PHE C 47 81.33 -56.72 -35.03
N LEU C 48 80.38 -57.63 -34.92
CA LEU C 48 79.27 -57.32 -34.04
C LEU C 48 79.72 -57.95 -32.75
N VAL C 49 79.84 -57.15 -31.71
CA VAL C 49 80.36 -57.68 -30.47
C VAL C 49 79.57 -57.20 -29.30
N ASN C 50 79.36 -58.15 -28.39
CA ASN C 50 78.64 -57.91 -27.16
C ASN C 50 79.55 -58.34 -26.03
N ASN C 51 79.22 -57.88 -24.83
CA ASN C 51 79.87 -58.38 -23.65
C ASN C 51 78.80 -58.92 -22.76
N PRO C 52 78.64 -60.25 -22.76
CA PRO C 52 77.54 -60.89 -22.08
C PRO C 52 77.69 -60.64 -20.58
N GLY C 53 76.79 -59.85 -20.01
CA GLY C 53 76.75 -59.69 -18.56
C GLY C 53 77.02 -58.27 -18.14
N LYS C 54 78.31 -57.99 -17.89
CA LYS C 54 78.82 -56.64 -17.58
C LYS C 54 78.26 -55.56 -18.52
N GLU C 55 77.53 -54.59 -17.97
CA GLU C 55 76.94 -53.48 -18.75
C GLU C 55 78.00 -52.47 -19.23
N ASN C 56 78.20 -52.41 -20.55
CA ASN C 56 79.17 -51.49 -21.18
C ASN C 56 80.57 -52.05 -21.20
N GLY C 57 80.66 -53.36 -21.41
CA GLY C 57 81.93 -54.08 -21.34
C GLY C 57 82.91 -53.78 -22.45
N PRO C 58 84.15 -54.25 -22.28
CA PRO C 58 85.22 -54.19 -23.27
C PRO C 58 84.83 -54.83 -24.55
N VAL C 59 85.53 -54.52 -25.63
CA VAL C 59 85.31 -55.24 -26.87
C VAL C 59 86.37 -56.32 -26.91
N LYS C 60 85.95 -57.57 -26.89
CA LYS C 60 86.88 -58.65 -27.15
C LYS C 60 86.45 -59.39 -28.43
N ILE C 61 87.31 -59.31 -29.46
CA ILE C 61 87.15 -59.97 -30.76
C ILE C 61 87.55 -61.44 -30.66
N SER C 62 86.54 -62.31 -30.71
CA SER C 62 86.69 -63.75 -30.60
C SER C 62 87.24 -64.35 -31.89
N SER C 63 86.65 -64.02 -33.03
CA SER C 63 86.95 -64.70 -34.29
C SER C 63 88.42 -64.80 -34.48
N LYS C 64 88.92 -65.98 -34.83
CA LYS C 64 90.28 -66.04 -35.33
C LYS C 64 90.29 -65.19 -36.62
N VAL C 65 91.28 -64.31 -36.74
CA VAL C 65 91.40 -63.42 -37.89
C VAL C 65 92.67 -63.86 -38.61
N ASN C 66 92.54 -64.17 -39.89
CA ASN C 66 93.64 -64.75 -40.67
C ASN C 66 94.59 -63.67 -41.16
N ASP C 67 95.22 -62.96 -40.24
CA ASP C 67 96.14 -61.86 -40.55
C ASP C 67 96.86 -61.35 -39.31
N LYS C 68 98.17 -61.58 -39.26
CA LYS C 68 98.94 -61.32 -38.04
C LYS C 68 98.69 -59.88 -37.58
N GLN C 69 98.65 -58.97 -38.55
CA GLN C 69 98.60 -57.54 -38.26
C GLN C 69 97.24 -57.06 -37.76
N VAL C 70 96.17 -57.57 -38.37
CA VAL C 70 94.81 -57.28 -37.90
C VAL C 70 94.68 -57.92 -36.53
N SER C 71 95.14 -59.16 -36.44
CA SER C 71 95.16 -59.86 -35.18
C SER C 71 95.87 -59.05 -34.11
N GLU C 72 97.08 -58.55 -34.37
CA GLU C 72 97.76 -57.80 -33.30
C GLU C 72 96.92 -56.58 -32.92
N PHE C 73 96.41 -55.88 -33.93
CA PHE C 73 95.63 -54.68 -33.74
C PHE C 73 94.53 -54.99 -32.73
N LEU C 74 93.81 -56.08 -32.99
CA LEU C 74 92.60 -56.41 -32.25
C LEU C 74 92.81 -57.20 -30.95
N LYS C 75 94.06 -57.50 -30.62
CA LYS C 75 94.39 -58.09 -29.32
C LYS C 75 93.58 -57.40 -28.25
N ASP C 76 92.95 -58.18 -27.39
CA ASP C 76 92.09 -57.64 -26.29
C ASP C 76 92.65 -56.34 -25.70
N GLU C 77 93.96 -56.31 -25.48
CA GLU C 77 94.66 -55.16 -24.98
C GLU C 77 94.28 -53.89 -25.77
N ASN C 78 94.34 -54.00 -27.10
CA ASN C 78 94.12 -52.85 -28.00
C ASN C 78 92.67 -52.37 -28.06
N MET C 79 91.75 -53.29 -27.79
CA MET C 79 90.31 -53.11 -27.94
C MET C 79 89.60 -52.72 -26.64
N GLU C 80 90.37 -52.78 -25.55
CA GLU C 80 89.82 -52.67 -24.21
C GLU C 80 89.27 -51.28 -23.97
N LYS C 81 89.81 -50.31 -24.67
CA LYS C 81 89.41 -48.94 -24.45
C LYS C 81 87.98 -48.75 -24.97
N PHE C 82 87.62 -49.52 -25.98
CA PHE C 82 86.32 -49.39 -26.62
C PHE C 82 85.34 -50.28 -25.87
N ASN C 83 84.11 -49.79 -25.69
CA ASN C 83 83.04 -50.57 -25.06
C ASN C 83 81.98 -51.10 -26.05
N VAL C 84 80.99 -51.82 -25.54
CA VAL C 84 80.02 -52.50 -26.40
C VAL C 84 78.60 -51.94 -26.30
N LYS C 85 78.42 -50.85 -25.57
CA LYS C 85 77.11 -50.23 -25.46
C LYS C 85 76.46 -50.37 -26.82
N LEU C 86 75.40 -51.18 -26.88
CA LEU C 86 74.59 -51.33 -28.06
C LEU C 86 74.57 -50.03 -28.83
N GLY C 87 75.08 -50.05 -30.06
CA GLY C 87 74.94 -48.91 -30.96
C GLY C 87 76.20 -48.07 -31.05
N THR C 88 77.10 -48.24 -30.09
CA THR C 88 78.44 -47.67 -30.20
C THR C 88 79.06 -48.21 -31.47
N SER C 89 79.80 -47.38 -32.17
CA SER C 89 80.70 -47.98 -33.13
C SER C 89 82.04 -47.26 -33.18
N LYS C 90 83.02 -47.99 -33.68
CA LYS C 90 84.34 -47.49 -33.85
C LYS C 90 84.85 -48.02 -35.19
N HIS C 91 85.75 -47.25 -35.77
CA HIS C 91 86.36 -47.50 -37.04
C HIS C 91 87.84 -47.56 -36.74
N PHE C 92 88.51 -48.55 -37.32
CA PHE C 92 89.95 -48.67 -37.19
C PHE C 92 90.59 -48.65 -38.57
N TYR C 93 91.73 -47.99 -38.65
CA TYR C 93 92.43 -47.99 -39.89
C TYR C 93 93.77 -48.66 -39.62
N MET C 94 94.15 -49.65 -40.45
CA MET C 94 95.48 -50.30 -40.36
C MET C 94 95.99 -50.97 -41.66
N PHE C 95 97.21 -51.51 -41.56
CA PHE C 95 97.83 -52.36 -42.59
C PHE C 95 97.88 -53.80 -42.15
N ASN C 96 97.39 -54.64 -43.05
CA ASN C 96 97.43 -56.09 -42.93
C ASN C 96 98.75 -56.70 -43.39
N ASP C 97 98.72 -58.01 -43.61
CA ASP C 97 99.89 -58.79 -44.00
C ASP C 97 100.54 -58.43 -45.37
N ASN C 98 99.73 -58.28 -46.41
CA ASN C 98 100.30 -57.84 -47.67
C ASN C 98 100.48 -56.35 -47.68
N LYS C 99 100.64 -55.77 -46.50
CA LYS C 99 100.83 -54.33 -46.38
C LYS C 99 99.72 -53.56 -47.09
N ASN C 100 98.48 -54.00 -46.89
CA ASN C 100 97.33 -53.36 -47.51
C ASN C 100 96.42 -52.70 -46.48
N SER C 101 96.29 -51.37 -46.58
CA SER C 101 95.45 -50.62 -45.66
C SER C 101 94.02 -51.16 -45.64
N VAL C 102 93.55 -51.55 -44.46
CA VAL C 102 92.21 -52.08 -44.31
C VAL C 102 91.54 -51.26 -43.23
N ALA C 103 90.23 -51.09 -43.41
CA ALA C 103 89.40 -50.42 -42.44
C ALA C 103 88.62 -51.51 -41.72
N VAL C 104 88.55 -51.39 -40.40
CA VAL C 104 87.98 -52.44 -39.58
C VAL C 104 87.12 -51.66 -38.60
N GLY C 105 86.34 -52.34 -37.77
CA GLY C 105 85.53 -51.63 -36.79
C GLY C 105 84.59 -52.62 -36.17
N TYR C 106 83.81 -52.15 -35.21
CA TYR C 106 82.82 -52.99 -34.55
C TYR C 106 81.60 -52.14 -34.29
N VAL C 107 80.46 -52.79 -34.18
CA VAL C 107 79.28 -52.18 -33.64
C VAL C 107 79.00 -52.84 -32.28
N GLY C 108 78.88 -52.02 -31.25
CA GLY C 108 78.41 -52.49 -29.96
C GLY C 108 77.04 -53.13 -30.04
N CYS C 109 76.95 -54.34 -29.49
CA CYS C 109 75.71 -55.11 -29.45
C CYS C 109 75.15 -55.31 -28.01
N GLY C 110 75.66 -54.56 -27.02
CA GLY C 110 75.09 -54.56 -25.66
C GLY C 110 75.59 -55.63 -24.70
N SER C 111 74.93 -55.72 -23.54
CA SER C 111 75.25 -56.78 -22.57
C SER C 111 74.37 -58.02 -22.73
N VAL C 112 73.10 -57.81 -23.06
CA VAL C 112 72.13 -58.91 -23.15
C VAL C 112 72.38 -59.79 -24.39
N ALA C 113 72.76 -61.05 -24.13
CA ALA C 113 73.21 -62.02 -25.15
C ALA C 113 72.14 -62.47 -26.16
N ASP C 114 70.91 -62.02 -25.95
CA ASP C 114 69.84 -62.25 -26.90
C ASP C 114 69.29 -60.88 -27.28
N LEU C 115 69.54 -60.47 -28.52
CA LEU C 115 69.13 -59.15 -29.01
C LEU C 115 67.67 -59.10 -29.39
N SER C 116 66.95 -58.11 -28.87
CA SER C 116 65.57 -57.92 -29.28
C SER C 116 65.53 -57.33 -30.70
N GLU C 117 64.42 -57.55 -31.39
CA GLU C 117 64.17 -56.94 -32.68
C GLU C 117 64.64 -55.46 -32.74
N ALA C 118 64.29 -54.67 -31.70
CA ALA C 118 64.61 -53.22 -31.59
C ALA C 118 66.09 -52.92 -31.37
N ASP C 119 66.77 -53.88 -30.72
CA ASP C 119 68.20 -53.83 -30.51
C ASP C 119 68.87 -54.15 -31.82
N MET C 120 68.41 -55.20 -32.50
CA MET C 120 68.98 -55.52 -33.80
C MET C 120 68.85 -54.35 -34.77
N LYS C 121 67.76 -53.60 -34.65
CA LYS C 121 67.56 -52.45 -35.50
C LYS C 121 68.60 -51.34 -35.22
N ARG C 122 68.64 -50.90 -33.96
CA ARG C 122 69.62 -49.95 -33.49
C ARG C 122 71.00 -50.44 -33.93
N VAL C 123 71.21 -51.74 -33.97
CA VAL C 123 72.51 -52.27 -34.43
C VAL C 123 72.78 -52.02 -35.93
N VAL C 124 71.79 -52.32 -36.78
CA VAL C 124 71.92 -52.06 -38.21
C VAL C 124 72.12 -50.57 -38.44
N LEU C 125 71.33 -49.78 -37.75
CA LEU C 125 71.40 -48.32 -37.90
C LEU C 125 72.83 -47.87 -37.68
N SER C 126 73.53 -48.50 -36.75
CA SER C 126 74.89 -48.04 -36.45
C SER C 126 75.78 -48.38 -37.58
N LEU C 127 75.58 -49.58 -38.07
CA LEU C 127 76.27 -50.09 -39.24
C LEU C 127 75.96 -49.27 -40.52
N VAL C 128 74.76 -48.72 -40.63
CA VAL C 128 74.44 -48.01 -41.86
C VAL C 128 75.09 -46.63 -41.83
N THR C 129 75.25 -46.05 -40.66
CA THR C 129 75.90 -44.76 -40.53
C THR C 129 77.37 -44.94 -40.80
N MET C 130 77.82 -46.18 -40.86
CA MET C 130 79.22 -46.40 -41.16
C MET C 130 79.39 -46.56 -42.68
N LEU C 131 78.29 -46.86 -43.37
CA LEU C 131 78.31 -47.10 -44.79
C LEU C 131 78.00 -45.84 -45.55
N HIS C 132 77.30 -44.92 -44.86
CA HIS C 132 77.01 -43.59 -45.40
C HIS C 132 78.24 -42.73 -45.25
N ASP C 133 78.50 -41.88 -46.20
CA ASP C 133 79.58 -40.90 -46.16
C ASP C 133 80.91 -41.57 -46.19
N ASN C 134 80.91 -42.80 -46.68
CA ASN C 134 82.13 -43.60 -46.81
C ASN C 134 82.05 -44.50 -48.04
N LYS C 135 82.73 -44.10 -49.10
CA LYS C 135 82.71 -44.79 -50.34
C LYS C 135 83.45 -46.09 -50.27
N LEU C 136 82.70 -47.18 -50.11
CA LEU C 136 83.18 -48.55 -49.88
C LEU C 136 82.65 -49.48 -50.97
N SER C 137 83.47 -50.46 -51.35
CA SER C 137 83.09 -51.40 -52.39
C SER C 137 82.66 -52.71 -51.74
N LYS C 138 83.10 -52.90 -50.50
CA LYS C 138 82.91 -54.14 -49.77
C LYS C 138 82.66 -53.88 -48.27
N LEU C 139 81.60 -54.49 -47.74
CA LEU C 139 81.48 -54.61 -46.29
C LEU C 139 81.57 -56.09 -46.00
N THR C 140 82.04 -56.38 -44.78
CA THR C 140 82.12 -57.72 -44.22
C THR C 140 81.67 -57.63 -42.77
N VAL C 141 80.66 -58.42 -42.41
CA VAL C 141 80.15 -58.41 -41.05
C VAL C 141 80.52 -59.73 -40.42
N VAL C 142 81.34 -59.66 -39.36
CA VAL C 142 81.69 -60.84 -38.58
C VAL C 142 80.73 -60.90 -37.41
N PHE C 143 79.98 -61.99 -37.31
CA PHE C 143 79.01 -62.18 -36.23
C PHE C 143 79.68 -62.83 -35.03
N GLU C 144 79.88 -62.04 -33.98
CA GLU C 144 80.29 -62.59 -32.71
C GLU C 144 79.18 -62.36 -31.73
N ILE C 145 78.00 -62.77 -32.14
CA ILE C 145 76.85 -62.82 -31.26
C ILE C 145 76.00 -64.05 -31.57
N ASN C 146 75.11 -64.38 -30.66
CA ASN C 146 74.15 -65.44 -30.89
C ASN C 146 72.97 -64.86 -31.64
N VAL C 147 72.72 -65.33 -32.86
CA VAL C 147 71.43 -65.01 -33.55
C VAL C 147 70.74 -66.25 -34.12
N ASP C 148 69.41 -66.33 -34.02
CA ASP C 148 68.68 -67.43 -34.69
C ASP C 148 68.59 -67.14 -36.19
N LYS C 149 68.10 -68.09 -36.98
CA LYS C 149 67.97 -67.85 -38.42
C LYS C 149 67.07 -66.63 -38.77
N ASN C 150 65.93 -66.43 -38.09
CA ASN C 150 65.03 -65.27 -38.39
C ASN C 150 65.66 -63.90 -38.12
N LEU C 151 66.63 -63.86 -37.21
CA LEU C 151 67.17 -62.61 -36.73
C LEU C 151 68.26 -62.18 -37.67
N PHE C 152 69.10 -63.13 -38.04
CA PHE C 152 70.05 -62.94 -39.13
C PHE C 152 69.35 -62.59 -40.46
N ARG C 153 68.18 -63.16 -40.72
CA ARG C 153 67.42 -62.74 -41.89
C ARG C 153 67.04 -61.28 -41.71
N PHE C 154 66.49 -60.97 -40.52
CA PHE C 154 66.11 -59.61 -40.11
C PHE C 154 67.27 -58.62 -40.20
N PHE C 155 68.44 -59.09 -39.76
CA PHE C 155 69.65 -58.31 -39.84
C PHE C 155 69.89 -57.86 -41.26
N LEU C 156 69.85 -58.84 -42.16
CA LEU C 156 70.03 -58.55 -43.57
C LEU C 156 68.89 -57.71 -44.10
N GLU C 157 67.66 -58.02 -43.71
CA GLU C 157 66.50 -57.27 -44.27
C GLU C 157 66.62 -55.83 -43.88
N THR C 158 66.91 -55.61 -42.60
CA THR C 158 67.03 -54.28 -42.10
C THR C 158 68.25 -53.59 -42.68
N LEU C 159 69.42 -54.26 -42.65
CA LEU C 159 70.62 -53.74 -43.32
C LEU C 159 70.30 -53.30 -44.76
N PHE C 160 69.70 -54.18 -45.57
CA PHE C 160 69.34 -53.80 -46.95
C PHE C 160 68.41 -52.60 -47.01
N TYR C 161 67.29 -52.69 -46.30
CA TYR C 161 66.31 -51.61 -46.27
C TYR C 161 66.81 -50.28 -45.68
N GLU C 162 67.57 -50.31 -44.58
CA GLU C 162 68.11 -49.06 -44.07
C GLU C 162 69.18 -48.43 -44.94
N TYR C 163 70.01 -49.28 -45.53
CA TYR C 163 71.10 -48.84 -46.42
C TYR C 163 70.57 -48.13 -47.68
N MET C 164 69.56 -48.75 -48.29
CA MET C 164 68.85 -48.21 -49.46
C MET C 164 68.42 -46.74 -49.27
N THR C 165 68.46 -45.98 -50.36
CA THR C 165 68.14 -44.59 -50.26
C THR C 165 67.37 -44.03 -51.44
N ASP C 166 66.05 -43.98 -51.26
CA ASP C 166 65.09 -43.54 -52.23
C ASP C 166 65.33 -42.13 -52.81
N GLU C 167 65.71 -42.11 -54.08
CA GLU C 167 66.04 -40.87 -54.76
C GLU C 167 65.11 -40.65 -55.96
N ARG C 168 64.06 -41.47 -56.07
CA ARG C 168 63.11 -41.36 -57.20
C ARG C 168 62.64 -39.95 -57.36
N PHE C 169 62.46 -39.23 -56.26
CA PHE C 169 61.88 -37.89 -56.39
C PHE C 169 62.92 -36.79 -56.33
N LYS C 170 64.19 -37.17 -56.24
CA LYS C 170 65.29 -36.20 -56.21
C LYS C 170 65.60 -35.83 -57.63
N SER C 171 66.09 -34.61 -57.82
CA SER C 171 66.37 -34.14 -59.15
C SER C 171 67.64 -33.29 -59.07
N THR C 172 67.53 -32.09 -58.51
CA THR C 172 68.69 -31.21 -58.30
C THR C 172 69.46 -31.49 -56.99
N ASP C 173 68.86 -32.25 -56.07
CA ASP C 173 69.48 -32.56 -54.75
C ASP C 173 69.71 -34.06 -54.48
N LYS C 174 70.12 -34.79 -55.53
CA LYS C 174 70.63 -36.15 -55.41
C LYS C 174 71.95 -36.14 -54.63
N ASN C 175 72.26 -37.28 -54.02
CA ASN C 175 73.55 -37.45 -53.40
C ASN C 175 74.63 -37.70 -54.47
N VAL C 176 75.42 -36.66 -54.73
CA VAL C 176 76.54 -36.69 -55.68
C VAL C 176 77.65 -37.64 -55.21
N ASN C 177 77.64 -37.97 -53.93
CA ASN C 177 78.73 -38.72 -53.33
C ASN C 177 78.22 -40.07 -52.79
N MET C 178 77.14 -40.59 -53.37
CA MET C 178 76.59 -41.92 -53.00
C MET C 178 77.07 -43.07 -53.87
N GLU C 179 77.67 -44.07 -53.25
CA GLU C 179 78.16 -45.24 -53.97
C GLU C 179 77.84 -46.39 -53.06
N TYR C 180 77.42 -47.52 -53.63
CA TYR C 180 77.01 -48.67 -52.83
C TYR C 180 78.08 -49.73 -52.81
N ILE C 181 78.06 -50.58 -51.79
CA ILE C 181 78.96 -51.73 -51.77
C ILE C 181 78.56 -52.72 -52.86
N LYS C 182 79.55 -53.43 -53.40
CA LYS C 182 79.30 -54.35 -54.49
C LYS C 182 79.32 -55.76 -53.92
N HIS C 183 79.91 -55.87 -52.74
CA HIS C 183 80.09 -57.16 -52.11
C HIS C 183 79.78 -57.04 -50.65
N LEU C 184 79.06 -58.03 -50.12
CA LEU C 184 78.82 -58.19 -48.69
C LEU C 184 79.33 -59.53 -48.27
N GLY C 185 80.27 -59.52 -47.34
CA GLY C 185 80.77 -60.76 -46.76
C GLY C 185 80.27 -60.89 -45.34
N VAL C 186 79.78 -62.08 -44.98
CA VAL C 186 79.30 -62.34 -43.64
C VAL C 186 79.99 -63.55 -43.05
N TYR C 187 80.64 -63.36 -41.91
CA TYR C 187 81.19 -64.47 -41.15
C TYR C 187 80.26 -64.73 -40.02
N ILE C 188 79.99 -66.01 -39.82
CA ILE C 188 79.10 -66.46 -38.77
C ILE C 188 79.42 -67.90 -38.48
N ASN C 189 79.00 -68.33 -37.30
CA ASN C 189 79.00 -69.72 -36.89
C ASN C 189 77.86 -70.48 -37.53
N ASN C 190 78.10 -71.74 -37.89
CA ASN C 190 77.07 -72.60 -38.47
C ASN C 190 76.75 -72.24 -39.89
N ALA C 191 77.63 -71.46 -40.49
CA ALA C 191 77.47 -70.91 -41.83
C ALA C 191 76.33 -71.53 -42.62
N ASP C 192 76.46 -72.82 -42.92
CA ASP C 192 75.51 -73.47 -43.80
C ASP C 192 74.06 -73.18 -43.40
N THR C 193 73.73 -73.28 -42.12
CA THR C 193 72.35 -73.01 -41.68
C THR C 193 71.87 -71.58 -41.95
N TYR C 194 72.72 -70.59 -41.64
CA TYR C 194 72.35 -69.18 -41.83
C TYR C 194 72.33 -68.80 -43.31
N LYS C 195 73.03 -69.59 -44.12
CA LYS C 195 73.18 -69.24 -45.53
C LYS C 195 71.86 -69.12 -46.26
N GLU C 196 70.91 -69.97 -45.88
CA GLU C 196 69.59 -69.99 -46.50
C GLU C 196 68.78 -68.72 -46.22
N GLU C 197 69.13 -68.00 -45.15
CA GLU C 197 68.43 -66.77 -44.78
C GLU C 197 68.79 -65.62 -45.71
N VAL C 198 69.92 -65.75 -46.41
CA VAL C 198 70.45 -64.63 -47.14
C VAL C 198 69.51 -64.20 -48.23
N GLU C 199 69.20 -65.11 -49.14
CA GLU C 199 68.34 -64.75 -50.24
C GLU C 199 66.90 -64.49 -49.82
N LYS C 200 66.46 -65.14 -48.74
CA LYS C 200 65.16 -64.86 -48.16
C LYS C 200 65.14 -63.42 -47.72
N ALA C 201 66.20 -63.00 -47.03
CA ALA C 201 66.33 -61.64 -46.55
C ALA C 201 66.23 -60.66 -47.71
N ARG C 202 66.87 -61.01 -48.80
CA ARG C 202 66.92 -60.14 -49.94
C ARG C 202 65.53 -59.99 -50.57
N VAL C 203 64.78 -61.09 -50.60
CA VAL C 203 63.41 -61.04 -51.08
C VAL C 203 62.53 -60.22 -50.13
N TYR C 204 62.62 -60.54 -48.85
CA TYR C 204 61.93 -59.79 -47.80
C TYR C 204 62.28 -58.33 -47.89
N TYR C 205 63.57 -58.03 -48.01
CA TYR C 205 63.99 -56.64 -48.16
C TYR C 205 63.21 -55.98 -49.27
N PHE C 206 63.20 -56.58 -50.45
CA PHE C 206 62.60 -55.90 -51.56
C PHE C 206 61.11 -55.76 -51.41
N GLY C 207 60.46 -56.78 -50.86
CA GLY C 207 59.03 -56.71 -50.66
C GLY C 207 58.72 -55.47 -49.81
N THR C 208 59.49 -55.33 -48.73
CA THR C 208 59.31 -54.27 -47.77
C THR C 208 59.62 -52.97 -48.46
N TYR C 209 60.72 -52.96 -49.22
CA TYR C 209 61.18 -51.73 -49.84
C TYR C 209 60.22 -51.34 -50.94
N TYR C 210 59.65 -52.33 -51.59
CA TYR C 210 58.71 -52.07 -52.65
C TYR C 210 57.44 -51.44 -52.05
N ALA C 211 57.02 -51.93 -50.90
CA ALA C 211 55.85 -51.39 -50.24
C ALA C 211 56.17 -49.97 -49.89
N SER C 212 57.35 -49.80 -49.29
CA SER C 212 57.94 -48.52 -48.92
C SER C 212 57.88 -47.51 -50.08
N GLN C 213 58.36 -47.93 -51.25
CA GLN C 213 58.32 -47.08 -52.42
C GLN C 213 56.90 -46.63 -52.75
N LEU C 214 55.94 -47.54 -52.71
CA LEU C 214 54.54 -47.20 -53.00
C LEU C 214 54.00 -46.20 -52.00
N ILE C 215 54.25 -46.47 -50.71
CA ILE C 215 53.78 -45.59 -49.65
C ILE C 215 54.38 -44.22 -49.82
N ALA C 216 55.70 -44.16 -49.98
CA ALA C 216 56.42 -42.89 -50.07
C ALA C 216 56.01 -42.06 -51.27
N ALA C 217 55.68 -42.72 -52.37
CA ALA C 217 55.21 -42.04 -53.56
C ALA C 217 54.07 -41.16 -53.15
N PRO C 218 54.18 -39.87 -53.42
CA PRO C 218 53.16 -38.92 -53.06
C PRO C 218 51.88 -39.17 -53.86
N SER C 219 50.76 -38.62 -53.40
CA SER C 219 49.45 -38.98 -53.93
C SER C 219 49.20 -38.54 -55.36
N ASN C 220 49.95 -37.54 -55.84
CA ASN C 220 49.88 -37.14 -57.23
C ASN C 220 50.50 -38.19 -58.16
N TYR C 221 51.49 -38.91 -57.65
CA TYR C 221 52.12 -40.00 -58.36
C TYR C 221 51.34 -41.27 -58.13
N CYS C 222 51.09 -41.53 -56.85
CA CYS C 222 50.42 -42.74 -56.44
C CYS C 222 48.94 -42.45 -56.21
N ASN C 223 48.16 -42.70 -57.26
CA ASN C 223 46.74 -42.57 -57.18
C ASN C 223 46.09 -43.92 -57.48
N PRO C 224 44.77 -44.03 -57.31
CA PRO C 224 44.17 -45.33 -57.55
C PRO C 224 44.50 -45.97 -58.89
N VAL C 225 44.58 -45.17 -59.94
CA VAL C 225 44.82 -45.72 -61.29
C VAL C 225 46.28 -46.16 -61.41
N SER C 226 47.20 -45.30 -61.01
CA SER C 226 48.64 -45.59 -61.07
C SER C 226 49.04 -46.69 -60.11
N LEU C 227 48.41 -46.74 -58.94
CA LEU C 227 48.66 -47.81 -57.99
C LEU C 227 48.23 -49.15 -58.56
N SER C 228 46.99 -49.26 -59.04
CA SER C 228 46.51 -50.48 -59.65
C SER C 228 47.33 -50.86 -60.89
N ASN C 229 47.80 -49.87 -61.64
CA ASN C 229 48.70 -50.16 -62.75
C ASN C 229 49.97 -50.85 -62.26
N ALA C 230 50.49 -50.39 -61.13
CA ALA C 230 51.72 -50.86 -60.58
C ALA C 230 51.54 -52.27 -60.11
N ALA C 231 50.36 -52.55 -59.57
CA ALA C 231 50.01 -53.91 -59.12
C ALA C 231 49.98 -54.88 -60.32
N VAL C 232 49.37 -54.44 -61.42
CA VAL C 232 49.30 -55.22 -62.65
C VAL C 232 50.69 -55.49 -63.20
N GLU C 233 51.53 -54.46 -63.20
CA GLU C 233 52.90 -54.59 -63.58
C GLU C 233 53.64 -55.60 -62.69
N LEU C 234 53.39 -55.55 -61.39
CA LEU C 234 54.05 -56.47 -60.45
C LEU C 234 53.58 -57.87 -60.70
N ALA C 235 52.28 -58.02 -60.88
CA ALA C 235 51.69 -59.30 -61.14
C ALA C 235 52.28 -59.92 -62.41
N GLN C 236 52.45 -59.11 -63.44
CA GLN C 236 53.01 -59.57 -64.69
C GLN C 236 54.43 -60.06 -64.51
N LYS C 237 55.21 -59.33 -63.74
CA LYS C 237 56.58 -59.69 -63.48
C LYS C 237 56.66 -60.95 -62.64
N LEU C 238 55.63 -61.21 -61.85
CA LEU C 238 55.68 -62.37 -60.96
C LEU C 238 54.86 -63.52 -61.47
N ASN C 239 54.26 -63.37 -62.64
CA ASN C 239 53.34 -64.39 -63.17
C ASN C 239 52.16 -64.68 -62.29
N LEU C 240 51.65 -63.65 -61.61
CA LEU C 240 50.46 -63.81 -60.80
C LEU C 240 49.24 -63.53 -61.67
N GLU C 241 48.15 -64.23 -61.39
CA GLU C 241 46.86 -63.87 -61.97
C GLU C 241 46.47 -62.53 -61.35
N TYR C 242 45.92 -61.65 -62.17
CA TYR C 242 45.46 -60.38 -61.69
C TYR C 242 44.17 -59.98 -62.39
N LYS C 243 43.37 -59.22 -61.67
CA LYS C 243 42.14 -58.65 -62.16
C LYS C 243 42.03 -57.28 -61.50
N ILE C 244 41.79 -56.25 -62.29
CA ILE C 244 41.49 -54.93 -61.75
C ILE C 244 40.03 -54.62 -61.98
N LEU C 245 39.29 -54.45 -60.90
CA LEU C 245 37.89 -54.12 -61.02
C LEU C 245 37.71 -52.64 -61.13
N GLY C 246 37.14 -52.20 -62.26
CA GLY C 246 36.80 -50.80 -62.53
C GLY C 246 35.40 -50.44 -62.05
N VAL C 247 35.04 -49.16 -62.19
CA VAL C 247 33.81 -48.65 -61.59
C VAL C 247 32.59 -49.43 -62.03
N LYS C 248 32.51 -49.75 -63.32
CA LYS C 248 31.36 -50.46 -63.84
C LYS C 248 31.20 -51.80 -63.15
N GLU C 249 32.30 -52.54 -62.99
CA GLU C 249 32.25 -53.84 -62.32
C GLU C 249 31.93 -53.70 -60.84
N LEU C 250 32.52 -52.70 -60.21
CA LEU C 250 32.23 -52.40 -58.83
C LEU C 250 30.76 -52.13 -58.60
N GLU C 251 30.16 -51.37 -59.51
CA GLU C 251 28.73 -51.05 -59.44
C GLU C 251 27.91 -52.32 -59.56
N GLU C 252 28.26 -53.16 -60.53
CA GLU C 252 27.61 -54.45 -60.73
C GLU C 252 27.75 -55.27 -59.46
N LEU C 253 28.88 -55.14 -58.77
CA LEU C 253 29.07 -55.93 -57.55
C LEU C 253 28.42 -55.27 -56.35
N LYS C 254 27.83 -54.10 -56.57
CA LYS C 254 27.12 -53.37 -55.52
C LYS C 254 28.00 -52.94 -54.34
N MET C 255 29.24 -52.60 -54.66
CA MET C 255 30.19 -52.13 -53.65
C MET C 255 30.01 -50.64 -53.34
N GLY C 256 28.84 -50.31 -52.76
CA GLY C 256 28.42 -48.92 -52.47
C GLY C 256 29.22 -48.21 -51.39
N ALA C 257 29.68 -48.95 -50.40
CA ALA C 257 30.48 -48.34 -49.36
C ALA C 257 31.81 -47.88 -49.96
N TYR C 258 32.48 -48.79 -50.66
CA TYR C 258 33.75 -48.53 -51.32
C TYR C 258 33.60 -47.43 -52.35
N LEU C 259 32.61 -47.54 -53.22
CA LEU C 259 32.45 -46.55 -54.26
C LEU C 259 32.10 -45.20 -53.69
N SER C 260 31.38 -45.14 -52.57
CA SER C 260 31.00 -43.85 -51.98
C SER C 260 32.20 -43.02 -51.57
N VAL C 261 33.19 -43.67 -50.95
CA VAL C 261 34.44 -43.01 -50.58
C VAL C 261 35.14 -42.36 -51.80
N GLY C 262 35.18 -43.09 -52.91
CA GLY C 262 35.88 -42.60 -54.08
C GLY C 262 35.12 -41.56 -54.91
N LYS C 263 33.83 -41.40 -54.65
CA LYS C 263 32.98 -40.49 -55.41
C LYS C 263 33.58 -39.11 -55.66
N GLY C 264 34.19 -38.56 -54.62
CA GLY C 264 34.85 -37.25 -54.70
C GLY C 264 36.17 -37.21 -55.46
N SER C 265 36.70 -38.33 -55.90
CA SER C 265 38.01 -38.30 -56.51
C SER C 265 37.96 -38.18 -58.01
N MET C 266 38.98 -37.54 -58.55
CA MET C 266 39.17 -37.48 -60.00
C MET C 266 39.65 -38.82 -60.54
N TYR C 267 40.11 -39.69 -59.66
CA TYR C 267 40.57 -40.99 -60.04
C TYR C 267 39.47 -41.99 -59.77
N PRO C 268 39.06 -42.73 -60.82
CA PRO C 268 38.09 -43.80 -60.66
C PRO C 268 38.61 -44.87 -59.70
N ASN C 269 37.75 -45.40 -58.84
CA ASN C 269 38.14 -46.53 -57.98
C ASN C 269 38.73 -47.64 -58.81
N LYS C 270 39.75 -48.28 -58.24
CA LYS C 270 40.30 -49.47 -58.83
C LYS C 270 40.47 -50.50 -57.73
N PHE C 271 39.82 -51.64 -57.89
CA PHE C 271 39.96 -52.76 -56.97
C PHE C 271 41.00 -53.74 -57.50
N ILE C 272 42.06 -53.93 -56.71
CA ILE C 272 43.18 -54.79 -57.06
C ILE C 272 42.89 -56.20 -56.55
N HIS C 273 42.93 -57.16 -57.46
CA HIS C 273 42.83 -58.56 -57.15
C HIS C 273 43.98 -59.34 -57.82
N LEU C 274 44.99 -59.64 -57.02
CA LEU C 274 46.10 -60.50 -57.43
C LEU C 274 45.88 -61.87 -56.83
N THR C 275 46.27 -62.91 -57.56
CA THR C 275 46.16 -64.25 -57.06
C THR C 275 47.45 -64.99 -57.31
N TYR C 276 47.91 -65.69 -56.28
CA TYR C 276 48.99 -66.63 -56.42
C TYR C 276 48.39 -67.97 -56.08
N LYS C 277 48.55 -68.93 -56.96
CA LYS C 277 48.07 -70.30 -56.70
C LYS C 277 49.29 -71.24 -56.72
N SER C 278 49.39 -72.12 -55.74
CA SER C 278 50.51 -73.07 -55.70
C SER C 278 50.37 -74.11 -56.79
N LYS C 279 51.50 -74.68 -57.18
CA LYS C 279 51.51 -75.73 -58.19
C LYS C 279 50.78 -77.00 -57.69
N GLY C 280 51.05 -77.40 -56.44
CA GLY C 280 50.49 -78.63 -55.90
C GLY C 280 49.04 -78.56 -55.48
N ASP C 281 48.63 -79.47 -54.62
CA ASP C 281 47.30 -79.43 -54.04
C ASP C 281 47.21 -78.19 -53.15
N VAL C 282 46.10 -77.49 -53.25
CA VAL C 282 45.87 -76.29 -52.46
C VAL C 282 45.22 -76.69 -51.14
N LYS C 283 45.92 -76.46 -50.05
CA LYS C 283 45.45 -76.88 -48.74
C LYS C 283 44.89 -75.72 -47.95
N LYS C 284 45.32 -74.50 -48.31
CA LYS C 284 44.94 -73.27 -47.59
C LYS C 284 44.69 -72.13 -48.58
N LYS C 285 43.53 -71.49 -48.43
CA LYS C 285 43.18 -70.35 -49.23
C LYS C 285 43.16 -69.14 -48.34
N ILE C 286 43.93 -68.11 -48.70
CA ILE C 286 44.04 -66.93 -47.90
C ILE C 286 43.72 -65.70 -48.75
N ALA C 287 42.90 -64.80 -48.19
CA ALA C 287 42.63 -63.51 -48.77
C ALA C 287 43.32 -62.47 -47.93
N LEU C 288 44.25 -61.74 -48.53
CA LEU C 288 44.95 -60.63 -47.88
C LEU C 288 44.39 -59.30 -48.40
N VAL C 289 43.83 -58.51 -47.48
CA VAL C 289 43.13 -57.30 -47.83
C VAL C 289 43.86 -56.08 -47.26
N GLY C 290 44.31 -55.20 -48.14
CA GLY C 290 45.00 -54.00 -47.72
C GLY C 290 44.20 -52.75 -47.93
N LYS C 291 44.22 -51.85 -46.94
CA LYS C 291 43.49 -50.60 -47.12
C LYS C 291 44.30 -49.81 -48.11
N GLY C 292 43.63 -49.34 -49.16
CA GLY C 292 44.27 -48.63 -50.28
C GLY C 292 43.69 -47.25 -50.55
N ILE C 293 43.74 -46.39 -49.54
CA ILE C 293 43.38 -44.99 -49.70
C ILE C 293 44.63 -44.25 -50.14
N THR C 294 44.68 -43.84 -51.40
CA THR C 294 45.91 -43.26 -51.97
C THR C 294 46.14 -41.84 -51.45
N PHE C 295 45.04 -41.16 -51.16
CA PHE C 295 45.12 -39.97 -50.34
C PHE C 295 43.88 -39.85 -49.53
N ASP C 296 44.06 -39.49 -48.26
CA ASP C 296 42.94 -39.31 -47.35
C ASP C 296 42.85 -37.90 -46.86
N SER C 297 42.02 -37.11 -47.52
CA SER C 297 41.87 -35.71 -47.13
C SER C 297 40.93 -35.58 -45.92
N GLY C 298 40.20 -36.65 -45.66
CA GLY C 298 39.16 -36.61 -44.66
C GLY C 298 37.78 -36.51 -45.29
N GLY C 299 37.71 -36.08 -46.56
CA GLY C 299 36.44 -35.84 -47.22
C GLY C 299 35.85 -34.62 -46.56
N TYR C 300 34.54 -34.44 -46.64
CA TYR C 300 33.91 -33.30 -45.95
C TYR C 300 34.23 -33.18 -44.45
N ASN C 301 34.50 -34.30 -43.80
CA ASN C 301 35.15 -34.28 -42.49
C ASN C 301 36.64 -34.04 -42.64
N LEU C 302 36.97 -32.91 -43.26
CA LEU C 302 38.35 -32.61 -43.61
C LEU C 302 39.30 -32.78 -42.44
N LYS C 303 40.45 -33.38 -42.68
CA LYS C 303 41.55 -33.38 -41.71
C LYS C 303 42.13 -31.97 -41.52
N ALA C 304 41.46 -31.20 -40.65
CA ALA C 304 41.79 -29.80 -40.42
C ALA C 304 42.23 -29.60 -38.98
N ALA C 305 41.87 -30.54 -38.13
CA ALA C 305 42.21 -30.51 -36.72
C ALA C 305 43.74 -30.62 -36.52
N PRO C 306 44.28 -29.95 -35.48
CA PRO C 306 45.70 -30.07 -35.18
C PRO C 306 46.04 -31.51 -34.92
N GLY C 307 47.17 -31.96 -35.44
CA GLY C 307 47.59 -33.36 -35.28
C GLY C 307 46.88 -34.37 -36.15
N SER C 308 46.05 -33.90 -37.08
CA SER C 308 45.39 -34.79 -38.06
C SER C 308 46.33 -35.24 -39.19
N MET C 309 47.49 -34.55 -39.33
CA MET C 309 48.59 -34.96 -40.20
C MET C 309 48.21 -35.20 -41.65
N ILE C 310 47.42 -34.29 -42.20
CA ILE C 310 46.90 -34.45 -43.53
C ILE C 310 48.05 -34.66 -44.53
N ASP C 311 49.20 -34.09 -44.24
CA ASP C 311 50.35 -34.14 -45.15
C ASP C 311 51.00 -35.52 -45.24
N LEU C 312 50.63 -36.38 -44.30
CA LEU C 312 51.10 -37.75 -44.24
C LEU C 312 50.18 -38.73 -45.00
N MET C 313 48.99 -38.29 -45.37
CA MET C 313 47.93 -39.16 -45.81
C MET C 313 48.14 -39.87 -47.17
N LYS C 314 49.27 -39.63 -47.80
CA LYS C 314 49.68 -40.44 -48.94
C LYS C 314 49.91 -41.87 -48.46
N PHE C 315 50.05 -42.01 -47.13
CA PHE C 315 50.45 -43.29 -46.55
C PHE C 315 49.26 -44.19 -46.24
N ASP C 316 48.08 -43.72 -46.56
CA ASP C 316 46.88 -44.40 -46.20
C ASP C 316 46.61 -45.57 -47.14
N MET C 317 47.55 -45.83 -48.03
CA MET C 317 47.49 -47.07 -48.80
C MET C 317 48.60 -48.05 -48.37
N SER C 318 49.17 -47.81 -47.19
CA SER C 318 50.18 -48.70 -46.65
C SER C 318 49.70 -50.13 -46.60
N GLY C 319 48.45 -50.33 -46.23
CA GLY C 319 47.93 -51.66 -46.11
C GLY C 319 48.01 -52.33 -47.46
N CYS C 320 47.61 -51.56 -48.48
CA CYS C 320 47.63 -52.07 -49.83
C CYS C 320 49.09 -52.37 -50.23
N ALA C 321 49.97 -51.48 -49.84
CA ALA C 321 51.39 -51.62 -50.12
C ALA C 321 51.91 -52.87 -49.48
N ALA C 322 51.54 -53.11 -48.22
CA ALA C 322 51.99 -54.29 -47.48
C ALA C 322 51.58 -55.51 -48.22
N VAL C 323 50.32 -55.52 -48.64
CA VAL C 323 49.74 -56.67 -49.36
C VAL C 323 50.49 -56.90 -50.70
N LEU C 324 50.78 -55.82 -51.43
CA LEU C 324 51.54 -55.90 -52.70
C LEU C 324 52.99 -56.37 -52.51
N GLY C 325 53.65 -55.82 -51.51
CA GLY C 325 54.99 -56.26 -51.16
C GLY C 325 54.97 -57.74 -50.83
N CYS C 326 53.92 -58.18 -50.14
CA CYS C 326 53.79 -59.59 -49.78
C CYS C 326 53.61 -60.41 -51.03
N ALA C 327 52.81 -59.90 -51.97
CA ALA C 327 52.61 -60.57 -53.25
C ALA C 327 53.95 -60.76 -53.93
N TYR C 328 54.80 -59.72 -53.88
CA TYR C 328 56.15 -59.86 -54.40
C TYR C 328 56.86 -61.04 -53.74
N CYS C 329 56.82 -61.10 -52.42
CA CYS C 329 57.56 -62.12 -51.68
C CYS C 329 57.04 -63.51 -51.98
N VAL C 330 55.73 -63.65 -51.92
CA VAL C 330 55.09 -64.94 -52.17
C VAL C 330 55.29 -65.33 -53.64
N GLY C 331 55.11 -64.38 -54.56
CA GLY C 331 55.36 -64.66 -55.96
C GLY C 331 56.81 -65.06 -56.26
N THR C 332 57.74 -64.54 -55.47
CA THR C 332 59.14 -64.88 -55.63
C THR C 332 59.50 -66.19 -54.93
N LEU C 333 59.07 -66.36 -53.69
CA LEU C 333 59.47 -67.51 -52.91
C LEU C 333 58.66 -68.74 -53.27
N LYS C 334 57.54 -68.52 -53.92
CA LYS C 334 56.67 -69.59 -54.41
C LYS C 334 56.36 -70.69 -53.39
N PRO C 335 55.64 -70.35 -52.31
CA PRO C 335 55.23 -71.37 -51.35
C PRO C 335 54.28 -72.42 -51.96
N GLU C 336 54.20 -73.59 -51.35
CA GLU C 336 53.34 -74.64 -51.88
C GLU C 336 52.05 -74.75 -51.10
N ASN C 337 51.06 -75.39 -51.72
CA ASN C 337 49.80 -75.74 -51.07
C ASN C 337 48.94 -74.57 -50.61
N VAL C 338 49.22 -73.39 -51.15
CA VAL C 338 48.46 -72.22 -50.82
C VAL C 338 47.93 -71.53 -52.05
N GLU C 339 46.75 -70.97 -51.90
CA GLU C 339 46.21 -70.06 -52.87
C GLU C 339 46.03 -68.77 -52.08
N ILE C 340 46.67 -67.70 -52.55
CA ILE C 340 46.57 -66.40 -51.91
C ILE C 340 46.00 -65.34 -52.83
N HIS C 341 45.01 -64.64 -52.30
CA HIS C 341 44.43 -63.51 -52.98
C HIS C 341 44.89 -62.24 -52.32
N PHE C 342 45.40 -61.33 -53.13
CA PHE C 342 45.89 -60.07 -52.65
C PHE C 342 44.86 -59.07 -53.12
N LEU C 343 44.18 -58.44 -52.17
CA LEU C 343 43.07 -57.55 -52.48
C LEU C 343 43.27 -56.15 -51.95
N SER C 344 42.90 -55.14 -52.74
CA SER C 344 42.79 -53.79 -52.20
C SER C 344 41.74 -53.02 -52.97
N ALA C 345 40.82 -52.45 -52.22
CA ALA C 345 39.81 -51.59 -52.77
C ALA C 345 40.42 -50.22 -52.76
N VAL C 346 41.00 -49.82 -53.89
CA VAL C 346 41.79 -48.61 -53.95
C VAL C 346 40.95 -47.41 -54.39
N CYS C 347 41.10 -46.30 -53.69
CA CYS C 347 40.42 -45.07 -54.05
C CYS C 347 41.08 -43.94 -53.28
N GLU C 348 40.61 -42.72 -53.53
CA GLU C 348 41.15 -41.55 -52.94
C GLU C 348 39.97 -40.82 -52.32
N ASN C 349 40.13 -40.39 -51.06
CA ASN C 349 39.08 -39.73 -50.26
C ASN C 349 39.23 -38.21 -50.31
N MET C 350 38.44 -37.56 -51.19
CA MET C 350 38.67 -36.15 -51.55
C MET C 350 37.44 -35.30 -51.27
N VAL C 351 37.61 -33.99 -51.45
CA VAL C 351 36.54 -33.01 -51.20
C VAL C 351 36.12 -32.40 -52.53
N SER C 352 34.87 -32.59 -52.89
CA SER C 352 34.38 -32.29 -54.21
C SER C 352 32.88 -32.13 -54.11
N LYS C 353 32.28 -31.54 -55.12
CA LYS C 353 30.85 -31.51 -55.24
C LYS C 353 30.30 -32.92 -55.34
N ASN C 354 31.17 -33.85 -55.72
CA ASN C 354 30.75 -35.24 -55.94
C ASN C 354 31.01 -36.17 -54.74
N SER C 355 31.61 -35.65 -53.67
CA SER C 355 31.99 -36.49 -52.54
C SER C 355 30.78 -37.03 -51.84
N TYR C 356 30.98 -38.08 -51.06
CA TYR C 356 29.90 -38.49 -50.19
C TYR C 356 29.92 -37.57 -48.98
N ARG C 357 28.76 -37.39 -48.36
CA ARG C 357 28.65 -36.45 -47.21
C ARG C 357 28.49 -37.18 -45.91
N PRO C 358 28.90 -36.54 -44.81
CA PRO C 358 28.48 -37.05 -43.51
C PRO C 358 26.96 -37.11 -43.47
N GLY C 359 26.43 -38.25 -43.07
CA GLY C 359 25.00 -38.46 -43.00
C GLY C 359 24.50 -39.39 -44.06
N ASP C 360 25.20 -39.45 -45.19
CA ASP C 360 24.84 -40.32 -46.29
C ASP C 360 24.60 -41.72 -45.80
N ILE C 361 23.55 -42.36 -46.31
CA ILE C 361 23.36 -43.78 -46.08
C ILE C 361 23.70 -44.53 -47.36
N ILE C 362 24.64 -45.46 -47.27
CA ILE C 362 25.17 -46.15 -48.42
C ILE C 362 24.99 -47.63 -48.19
N THR C 363 24.98 -48.42 -49.28
CA THR C 363 24.73 -49.87 -49.17
C THR C 363 25.94 -50.72 -49.60
N ALA C 364 26.46 -51.52 -48.67
CA ALA C 364 27.61 -52.38 -48.92
C ALA C 364 27.18 -53.52 -49.82
N SER C 365 28.15 -54.21 -50.42
CA SER C 365 27.86 -55.31 -51.34
C SER C 365 27.09 -56.48 -50.70
N ASN C 366 27.07 -56.53 -49.38
CA ASN C 366 26.35 -57.58 -48.73
C ASN C 366 24.94 -57.11 -48.35
N GLY C 367 24.56 -55.95 -48.87
CA GLY C 367 23.22 -55.45 -48.63
C GLY C 367 23.02 -54.65 -47.36
N LYS C 368 24.01 -54.61 -46.48
CA LYS C 368 23.92 -53.76 -45.27
C LYS C 368 23.98 -52.28 -45.60
N THR C 369 22.98 -51.55 -45.12
CA THR C 369 22.99 -50.10 -45.23
C THR C 369 23.79 -49.51 -44.08
N ILE C 370 24.58 -48.49 -44.41
CA ILE C 370 25.52 -47.86 -43.51
C ILE C 370 25.28 -46.37 -43.48
N GLU C 371 25.13 -45.84 -42.28
CA GLU C 371 25.01 -44.42 -42.09
C GLU C 371 26.40 -43.88 -41.83
N VAL C 372 26.81 -42.95 -42.68
CA VAL C 372 28.14 -42.35 -42.63
C VAL C 372 28.12 -41.27 -41.60
N GLY C 373 28.81 -41.48 -40.48
CA GLY C 373 28.89 -40.46 -39.46
C GLY C 373 30.04 -39.49 -39.65
N ASN C 374 31.05 -39.95 -40.38
CA ASN C 374 32.25 -39.20 -40.60
C ASN C 374 32.96 -39.70 -41.86
N THR C 375 33.10 -38.83 -42.84
CA THR C 375 33.67 -39.21 -44.12
C THR C 375 35.16 -39.57 -43.95
N ASP C 376 35.76 -39.20 -42.82
CA ASP C 376 37.17 -39.50 -42.57
C ASP C 376 37.32 -40.89 -42.03
N ALA C 377 36.23 -41.55 -41.70
CA ALA C 377 36.29 -42.98 -41.35
C ALA C 377 36.02 -43.83 -42.61
N GLU C 378 36.77 -43.54 -43.67
CA GLU C 378 36.51 -44.10 -44.99
C GLU C 378 37.08 -45.46 -45.16
N GLY C 379 38.20 -45.73 -44.49
CA GLY C 379 38.91 -47.02 -44.61
C GLY C 379 37.98 -48.19 -44.42
N ARG C 380 37.27 -48.20 -43.31
CA ARG C 380 36.40 -49.29 -42.94
C ARG C 380 35.25 -49.46 -43.93
N LEU C 381 34.89 -48.37 -44.62
CA LEU C 381 33.89 -48.43 -45.66
C LEU C 381 34.49 -49.16 -46.84
N THR C 382 35.70 -48.82 -47.25
CA THR C 382 36.32 -49.54 -48.36
C THR C 382 36.58 -50.99 -48.00
N LEU C 383 37.03 -51.22 -46.77
CA LEU C 383 37.35 -52.57 -46.37
C LEU C 383 36.10 -53.42 -46.27
N ALA C 384 35.00 -52.83 -45.86
CA ALA C 384 33.74 -53.56 -45.77
C ALA C 384 33.47 -54.29 -47.08
N ASP C 385 33.47 -53.55 -48.18
CA ASP C 385 33.22 -54.15 -49.49
C ASP C 385 34.33 -55.11 -49.91
N ALA C 386 35.57 -54.82 -49.52
CA ALA C 386 36.67 -55.70 -49.80
C ALA C 386 36.49 -57.00 -49.01
N LEU C 387 35.97 -56.89 -47.80
CA LEU C 387 35.81 -58.08 -46.96
C LEU C 387 34.71 -59.01 -47.50
N VAL C 388 33.58 -58.43 -47.89
CA VAL C 388 32.49 -59.15 -48.53
C VAL C 388 33.04 -59.85 -49.76
N TYR C 389 33.82 -59.12 -50.53
CA TYR C 389 34.45 -59.68 -51.71
C TYR C 389 35.34 -60.85 -51.36
N ALA C 390 36.19 -60.66 -50.36
CA ALA C 390 37.14 -61.69 -49.94
C ALA C 390 36.43 -62.94 -49.54
N GLU C 391 35.36 -62.78 -48.75
CA GLU C 391 34.61 -63.92 -48.26
C GLU C 391 33.88 -64.66 -49.40
N LYS C 392 33.44 -63.94 -50.41
CA LYS C 392 32.86 -64.57 -51.57
C LYS C 392 33.87 -65.44 -52.32
N LEU C 393 35.16 -65.24 -52.08
CA LEU C 393 36.20 -66.07 -52.70
C LEU C 393 36.25 -67.46 -52.11
N GLY C 394 35.68 -67.63 -50.92
CA GLY C 394 35.67 -68.92 -50.23
C GLY C 394 37.04 -69.28 -49.72
N VAL C 395 37.61 -68.39 -48.90
CA VAL C 395 38.95 -68.63 -48.37
C VAL C 395 38.88 -69.16 -46.96
N ASP C 396 40.00 -69.65 -46.46
CA ASP C 396 40.07 -70.15 -45.10
C ASP C 396 40.33 -69.00 -44.13
N TYR C 397 41.14 -68.05 -44.57
CA TYR C 397 41.50 -66.89 -43.78
C TYR C 397 41.36 -65.64 -44.57
N ILE C 398 40.82 -64.63 -43.91
CA ILE C 398 40.89 -63.27 -44.39
C ILE C 398 41.71 -62.45 -43.38
N VAL C 399 42.80 -61.86 -43.85
CA VAL C 399 43.55 -60.95 -43.04
C VAL C 399 43.59 -59.63 -43.75
N ASP C 400 43.10 -58.59 -43.09
CA ASP C 400 43.20 -57.24 -43.62
C ASP C 400 44.26 -56.48 -42.84
N ILE C 401 44.86 -55.49 -43.48
CA ILE C 401 45.91 -54.73 -42.89
C ILE C 401 45.66 -53.32 -43.38
N ALA C 402 45.57 -52.39 -42.44
CA ALA C 402 45.09 -51.08 -42.76
C ALA C 402 45.63 -50.05 -41.78
N THR C 403 45.96 -48.88 -42.32
CA THR C 403 46.27 -47.75 -41.49
C THR C 403 44.91 -47.20 -41.08
N LEU C 404 44.28 -47.87 -40.13
CA LEU C 404 42.87 -47.66 -39.96
C LEU C 404 42.52 -46.56 -39.00
N THR C 405 43.22 -46.52 -37.86
CA THR C 405 42.83 -45.61 -36.78
C THR C 405 44.02 -44.88 -36.14
N GLY C 406 43.92 -43.57 -36.08
CA GLY C 406 44.88 -42.79 -35.36
C GLY C 406 44.98 -43.17 -33.89
N ALA C 407 43.89 -43.71 -33.36
CA ALA C 407 43.88 -44.14 -31.97
C ALA C 407 45.01 -45.12 -31.67
N MET C 408 45.53 -45.77 -32.71
CA MET C 408 46.63 -46.74 -32.56
C MET C 408 47.87 -46.12 -31.96
N LEU C 409 48.11 -44.86 -32.30
CA LEU C 409 49.18 -44.08 -31.67
C LEU C 409 49.00 -43.98 -30.16
N TYR C 410 47.76 -43.95 -29.69
CA TYR C 410 47.48 -43.79 -28.28
C TYR C 410 47.42 -45.13 -27.59
N SER C 411 47.17 -46.18 -28.35
CA SER C 411 47.12 -47.51 -27.72
C SER C 411 48.49 -48.20 -27.78
N LEU C 412 48.98 -48.51 -28.99
CA LEU C 412 50.20 -49.30 -29.08
C LEU C 412 51.38 -48.48 -29.42
N GLY C 413 51.15 -47.32 -30.04
CA GLY C 413 52.24 -46.42 -30.40
C GLY C 413 52.76 -46.67 -31.81
N THR C 414 54.04 -46.39 -32.00
CA THR C 414 54.64 -46.44 -33.31
C THR C 414 55.42 -47.75 -33.59
N SER C 415 55.51 -48.65 -32.61
CA SER C 415 56.31 -49.86 -32.74
C SER C 415 55.50 -51.11 -33.01
N TYR C 416 54.36 -51.27 -32.33
CA TYR C 416 53.55 -52.49 -32.44
C TYR C 416 52.25 -52.20 -33.13
N ALA C 417 51.92 -53.02 -34.13
CA ALA C 417 50.63 -52.92 -34.80
C ALA C 417 49.64 -53.64 -33.92
N GLY C 418 48.36 -53.29 -34.06
CA GLY C 418 47.28 -54.00 -33.40
C GLY C 418 46.71 -55.07 -34.29
N VAL C 419 46.39 -56.21 -33.68
CA VAL C 419 45.64 -57.24 -34.37
C VAL C 419 44.35 -57.52 -33.59
N PHE C 420 43.27 -57.50 -34.35
CA PHE C 420 41.94 -57.86 -33.89
C PHE C 420 41.49 -59.00 -34.79
N GLY C 421 40.49 -59.73 -34.34
CA GLY C 421 39.93 -60.76 -35.20
C GLY C 421 38.82 -61.54 -34.54
N ASN C 422 38.17 -62.38 -35.33
CA ASN C 422 37.04 -63.18 -34.88
C ASN C 422 37.42 -64.61 -34.60
N ASN C 423 38.70 -64.92 -34.67
CA ASN C 423 39.18 -66.29 -34.59
C ASN C 423 40.53 -66.39 -33.91
N GLU C 424 40.57 -67.10 -32.79
CA GLU C 424 41.77 -67.21 -31.98
C GLU C 424 42.94 -67.90 -32.69
N GLU C 425 42.68 -68.99 -33.40
CA GLU C 425 43.72 -69.68 -34.14
C GLU C 425 44.37 -68.74 -35.16
N LEU C 426 43.55 -68.02 -35.89
CA LEU C 426 44.08 -67.09 -36.88
C LEU C 426 44.93 -65.97 -36.24
N ILE C 427 44.42 -65.33 -35.19
CA ILE C 427 45.17 -64.36 -34.42
C ILE C 427 46.53 -64.93 -33.95
N ASN C 428 46.52 -66.11 -33.38
CA ASN C 428 47.75 -66.75 -32.94
C ASN C 428 48.73 -66.96 -34.09
N LYS C 429 48.21 -67.30 -35.27
CA LYS C 429 49.03 -67.43 -36.46
C LYS C 429 49.69 -66.10 -36.80
N ILE C 430 48.92 -65.02 -36.76
CA ILE C 430 49.46 -63.68 -36.97
C ILE C 430 50.54 -63.40 -35.94
N LEU C 431 50.28 -63.76 -34.69
CA LEU C 431 51.24 -63.55 -33.61
C LEU C 431 52.55 -64.25 -33.93
N GLN C 432 52.48 -65.54 -34.23
CA GLN C 432 53.67 -66.31 -34.57
C GLN C 432 54.41 -65.67 -35.73
N SER C 433 53.65 -65.16 -36.70
CA SER C 433 54.23 -64.50 -37.85
C SER C 433 54.84 -63.19 -37.47
N SER C 434 54.25 -62.56 -36.50
CA SER C 434 54.88 -61.41 -35.89
C SER C 434 56.24 -61.82 -35.29
N LYS C 435 56.27 -62.90 -34.53
CA LYS C 435 57.48 -63.32 -33.89
C LYS C 435 58.57 -63.65 -34.92
N THR C 436 58.21 -64.35 -35.98
CA THR C 436 59.22 -64.83 -36.90
C THR C 436 59.65 -63.78 -37.92
N SER C 437 58.75 -62.84 -38.23
CA SER C 437 59.08 -61.70 -39.14
C SER C 437 59.75 -60.53 -38.43
N ASN C 438 59.62 -60.52 -37.12
CA ASN C 438 60.09 -59.44 -36.29
C ASN C 438 59.40 -58.11 -36.60
N GLU C 439 58.16 -58.20 -37.07
CA GLU C 439 57.29 -57.03 -37.19
C GLU C 439 56.28 -57.10 -36.05
N PRO C 440 56.53 -56.35 -34.97
CA PRO C 440 55.78 -56.53 -33.72
C PRO C 440 54.29 -56.21 -33.84
N VAL C 441 53.51 -57.16 -33.34
CA VAL C 441 52.07 -57.07 -33.38
C VAL C 441 51.52 -57.47 -32.02
N TRP C 442 50.51 -56.74 -31.57
CA TRP C 442 49.86 -57.05 -30.31
C TRP C 442 48.38 -57.32 -30.50
N TRP C 443 47.89 -58.34 -29.80
CA TRP C 443 46.49 -58.71 -29.92
C TRP C 443 45.62 -57.78 -29.08
N LEU C 444 44.67 -57.15 -29.75
CA LEU C 444 43.74 -56.26 -29.10
C LEU C 444 42.33 -56.81 -29.22
N PRO C 445 41.46 -56.51 -28.24
CA PRO C 445 40.16 -57.18 -28.19
C PRO C 445 39.13 -56.51 -29.07
N ILE C 446 38.25 -57.30 -29.68
CA ILE C 446 37.03 -56.72 -30.25
C ILE C 446 35.99 -56.83 -29.15
N ILE C 447 35.70 -55.71 -28.51
CA ILE C 447 34.83 -55.71 -27.34
C ILE C 447 33.38 -55.58 -27.74
N ASN C 448 32.63 -56.66 -27.61
CA ASN C 448 31.28 -56.68 -28.15
C ASN C 448 30.34 -55.69 -27.48
N GLU C 449 30.66 -55.32 -26.25
CA GLU C 449 29.80 -54.39 -25.57
C GLU C 449 29.65 -53.10 -26.34
N TYR C 450 30.64 -52.76 -27.16
CA TYR C 450 30.60 -51.49 -27.87
C TYR C 450 29.75 -51.56 -29.13
N ARG C 451 29.41 -52.79 -29.54
CA ARG C 451 28.65 -53.04 -30.77
C ARG C 451 27.41 -52.17 -30.87
N ALA C 452 26.76 -51.97 -29.72
CA ALA C 452 25.48 -51.27 -29.68
C ALA C 452 25.57 -49.83 -30.13
N THR C 453 26.77 -49.23 -29.98
CA THR C 453 26.95 -47.85 -30.40
C THR C 453 27.05 -47.72 -31.92
N LEU C 454 27.03 -48.85 -32.63
CA LEU C 454 26.98 -48.82 -34.11
C LEU C 454 25.54 -49.01 -34.61
N ASN C 455 24.60 -49.04 -33.67
CA ASN C 455 23.19 -49.18 -34.02
C ASN C 455 22.69 -47.86 -34.56
N SER C 456 22.51 -47.80 -35.88
CA SER C 456 22.01 -46.62 -36.53
C SER C 456 20.48 -46.54 -36.37
N LYS C 457 19.94 -45.34 -36.25
CA LYS C 457 18.51 -45.16 -36.16
C LYS C 457 17.84 -45.44 -37.52
N TYR C 458 18.55 -45.17 -38.59
CA TYR C 458 17.97 -45.25 -39.91
C TYR C 458 18.57 -46.35 -40.76
N ALA C 459 19.90 -46.47 -40.75
CA ALA C 459 20.58 -47.50 -41.50
C ALA C 459 20.69 -48.80 -40.69
N ASP C 460 21.23 -49.85 -41.32
CA ASP C 460 21.40 -51.13 -40.61
C ASP C 460 22.48 -50.93 -39.56
N ILE C 461 23.44 -50.10 -39.88
CA ILE C 461 24.59 -49.92 -39.04
C ILE C 461 25.16 -48.51 -39.22
N ASN C 462 25.72 -47.98 -38.15
CA ASN C 462 26.57 -46.81 -38.18
C ASN C 462 27.98 -47.18 -38.60
N GLN C 463 28.64 -46.27 -39.27
CA GLN C 463 30.04 -46.41 -39.63
C GLN C 463 30.92 -46.12 -38.39
N ILE C 464 30.52 -45.13 -37.60
CA ILE C 464 31.32 -44.80 -36.43
C ILE C 464 30.46 -44.81 -35.22
N SER C 465 31.10 -44.95 -34.06
CA SER C 465 30.45 -44.76 -32.78
C SER C 465 30.19 -43.29 -32.58
N SER C 466 29.15 -42.95 -31.84
CA SER C 466 28.95 -41.57 -31.37
C SER C 466 29.67 -41.39 -30.02
N SER C 467 29.44 -42.36 -29.13
CA SER C 467 30.01 -42.35 -27.77
C SER C 467 31.43 -42.90 -27.66
N VAL C 468 31.64 -44.16 -28.06
CA VAL C 468 32.93 -44.85 -27.80
C VAL C 468 34.20 -44.26 -28.49
N LYS C 469 35.13 -43.80 -27.68
CA LYS C 469 36.39 -43.27 -28.21
C LYS C 469 37.45 -44.36 -28.54
N ALA C 470 37.16 -45.61 -28.22
CA ALA C 470 38.05 -46.71 -28.53
C ALA C 470 37.83 -47.06 -30.01
N SER C 471 38.29 -46.16 -30.85
CA SER C 471 37.91 -46.24 -32.23
C SER C 471 38.52 -47.42 -33.02
N SER C 472 39.69 -47.93 -32.61
CA SER C 472 40.25 -49.09 -33.27
C SER C 472 39.39 -50.32 -33.02
N ILE C 473 38.85 -50.40 -31.80
CA ILE C 473 37.97 -51.49 -31.44
C ILE C 473 36.67 -51.33 -32.21
N VAL C 474 36.13 -50.12 -32.21
CA VAL C 474 34.86 -49.84 -32.89
C VAL C 474 34.99 -50.11 -34.39
N ALA C 475 36.09 -49.68 -34.97
CA ALA C 475 36.36 -49.96 -36.38
C ALA C 475 36.37 -51.43 -36.65
N SER C 476 37.01 -52.19 -35.76
CA SER C 476 37.04 -53.66 -35.84
C SER C 476 35.63 -54.24 -35.75
N LEU C 477 34.85 -53.76 -34.79
CA LEU C 477 33.45 -54.20 -34.64
C LEU C 477 32.69 -53.99 -35.95
N PHE C 478 32.89 -52.81 -36.53
CA PHE C 478 32.28 -52.49 -37.79
C PHE C 478 32.70 -53.51 -38.83
N LEU C 479 34.02 -53.75 -38.98
CA LEU C 479 34.52 -54.64 -40.02
C LEU C 479 33.97 -56.05 -39.81
N LYS C 480 33.90 -56.47 -38.54
CA LYS C 480 33.47 -57.82 -38.21
C LYS C 480 32.09 -58.10 -38.81
N GLU C 481 31.28 -57.05 -38.94
CA GLU C 481 29.95 -57.18 -39.51
C GLU C 481 29.97 -57.58 -40.97
N PHE C 482 31.15 -57.58 -41.59
CA PHE C 482 31.25 -57.86 -43.02
C PHE C 482 31.96 -59.16 -43.33
N VAL C 483 32.27 -59.90 -42.27
CA VAL C 483 32.73 -61.25 -42.42
C VAL C 483 31.71 -62.13 -41.73
N GLN C 484 30.92 -62.85 -42.52
CA GLN C 484 29.87 -63.70 -41.96
C GLN C 484 30.36 -64.99 -41.31
N ASN C 485 31.28 -65.70 -41.96
CA ASN C 485 31.57 -67.06 -41.56
C ASN C 485 32.99 -67.53 -41.86
N THR C 486 33.94 -66.63 -41.81
CA THR C 486 35.31 -66.98 -42.11
C THR C 486 36.20 -66.45 -41.01
N ALA C 487 37.22 -67.21 -40.67
CA ALA C 487 38.26 -66.72 -39.80
C ALA C 487 38.82 -65.45 -40.41
N TRP C 488 38.83 -64.39 -39.63
CA TRP C 488 39.27 -63.09 -40.09
C TRP C 488 40.07 -62.34 -39.01
N ALA C 489 41.12 -61.68 -39.44
CA ALA C 489 41.93 -60.87 -38.56
C ALA C 489 42.23 -59.56 -39.28
N HIS C 490 42.40 -58.53 -38.45
CA HIS C 490 42.54 -57.17 -38.90
C HIS C 490 43.76 -56.55 -38.20
N ILE C 491 44.70 -56.09 -39.02
CA ILE C 491 45.91 -55.55 -38.46
C ILE C 491 45.88 -54.08 -38.74
N ASP C 492 45.79 -53.29 -37.67
CA ASP C 492 45.79 -51.84 -37.75
C ASP C 492 47.19 -51.28 -37.60
N ILE C 493 47.73 -50.81 -38.72
CA ILE C 493 49.13 -50.41 -38.80
C ILE C 493 49.19 -48.90 -38.93
N ALA C 494 48.13 -48.23 -38.49
CA ALA C 494 48.08 -46.77 -38.52
C ALA C 494 49.21 -46.13 -37.74
N GLY C 495 49.53 -46.70 -36.59
CA GLY C 495 50.54 -46.11 -35.72
C GLY C 495 51.96 -46.46 -36.15
N VAL C 496 52.09 -47.60 -36.80
CA VAL C 496 53.40 -48.18 -37.06
C VAL C 496 53.92 -47.97 -38.45
N SER C 497 53.01 -47.63 -39.36
CA SER C 497 53.35 -47.70 -40.77
C SER C 497 54.45 -46.74 -41.16
N TRP C 498 54.36 -45.52 -40.64
CA TRP C 498 55.30 -44.49 -40.98
C TRP C 498 56.32 -44.31 -39.90
N ASN C 499 57.57 -44.26 -40.31
CA ASN C 499 58.67 -43.97 -39.41
C ASN C 499 58.83 -42.47 -39.32
N PHE C 500 58.22 -41.89 -38.28
CA PHE C 500 58.21 -40.44 -38.12
C PHE C 500 59.60 -39.88 -37.92
N LYS C 501 60.40 -40.56 -37.11
CA LYS C 501 61.77 -40.13 -36.89
C LYS C 501 62.59 -40.12 -38.18
N ALA C 502 62.56 -41.19 -38.96
CA ALA C 502 63.33 -41.25 -40.22
C ALA C 502 62.65 -40.57 -41.40
N ARG C 503 61.41 -40.12 -41.21
CA ARG C 503 60.62 -39.43 -42.25
C ARG C 503 60.46 -40.30 -43.49
N LYS C 504 60.11 -41.57 -43.29
CA LYS C 504 59.93 -42.50 -44.38
C LYS C 504 59.00 -43.64 -43.95
N PRO C 505 58.46 -44.40 -44.92
CA PRO C 505 57.64 -45.55 -44.56
C PRO C 505 58.52 -46.67 -44.00
N LYS C 506 57.91 -47.62 -43.30
CA LYS C 506 58.58 -48.80 -42.82
C LYS C 506 58.31 -49.95 -43.76
N GLY C 507 57.30 -49.81 -44.61
CA GLY C 507 56.85 -50.95 -45.40
C GLY C 507 56.35 -52.03 -44.47
N PHE C 508 55.73 -51.63 -43.37
CA PHE C 508 55.36 -52.55 -42.31
C PHE C 508 54.32 -53.55 -42.78
N GLY C 509 54.52 -54.83 -42.45
CA GLY C 509 53.49 -55.82 -42.72
C GLY C 509 53.83 -56.79 -43.83
N VAL C 510 54.75 -56.40 -44.71
CA VAL C 510 55.14 -57.27 -45.80
C VAL C 510 55.70 -58.58 -45.28
N ARG C 511 56.70 -58.47 -44.41
CA ARG C 511 57.33 -59.67 -43.86
C ARG C 511 56.37 -60.48 -43.01
N LEU C 512 55.64 -59.79 -42.12
CA LEU C 512 54.59 -60.40 -41.32
C LEU C 512 53.62 -61.24 -42.17
N LEU C 513 52.98 -60.61 -43.15
CA LEU C 513 52.06 -61.34 -44.02
C LEU C 513 52.74 -62.49 -44.78
N THR C 514 53.97 -62.27 -45.20
CA THR C 514 54.69 -63.33 -45.90
C THR C 514 55.00 -64.49 -44.97
N GLU C 515 55.46 -64.18 -43.76
CA GLU C 515 55.71 -65.23 -42.79
C GLU C 515 54.41 -65.98 -42.57
N PHE C 516 53.33 -65.22 -42.45
CA PHE C 516 52.05 -65.82 -42.19
C PHE C 516 51.67 -66.83 -43.28
N VAL C 517 51.78 -66.38 -44.51
CA VAL C 517 51.54 -67.22 -45.67
C VAL C 517 52.51 -68.40 -45.73
N LEU C 518 53.78 -68.16 -45.49
CA LEU C 518 54.80 -69.20 -45.57
C LEU C 518 54.75 -70.27 -44.47
N ASN C 519 54.45 -69.90 -43.24
CA ASN C 519 54.44 -70.86 -42.14
C ASN C 519 53.11 -71.56 -41.95
N ASP C 520 52.05 -71.06 -42.62
CA ASP C 520 50.74 -71.74 -42.65
C ASP C 520 50.69 -72.83 -43.71
N ALA D 2 41.73 -40.50 12.67
CA ALA D 2 41.09 -39.16 12.72
C ALA D 2 42.14 -38.05 12.83
N SER D 3 42.57 -37.51 11.68
CA SER D 3 43.18 -36.18 11.64
C SER D 3 42.02 -35.19 11.60
N GLU D 4 42.23 -34.02 12.18
CA GLU D 4 41.27 -32.96 12.00
C GLU D 4 41.36 -32.61 10.49
N VAL D 5 40.31 -32.87 9.74
CA VAL D 5 40.27 -32.32 8.39
C VAL D 5 40.03 -30.80 8.42
N PRO D 6 40.80 -30.05 7.61
CA PRO D 6 40.67 -28.60 7.57
C PRO D 6 39.51 -28.14 6.69
N GLN D 7 39.01 -26.94 7.00
CA GLN D 7 37.96 -26.34 6.21
C GLN D 7 38.27 -24.89 5.96
N VAL D 8 37.75 -24.37 4.86
CA VAL D 8 37.81 -22.94 4.62
C VAL D 8 36.60 -22.27 5.26
N VAL D 9 35.43 -22.85 5.08
CA VAL D 9 34.27 -22.32 5.79
C VAL D 9 33.71 -23.40 6.72
N SER D 10 32.90 -22.96 7.70
CA SER D 10 32.41 -23.89 8.73
C SER D 10 31.41 -24.84 8.12
N LEU D 11 30.81 -24.44 7.01
CA LEU D 11 29.92 -25.32 6.25
C LEU D 11 30.64 -26.44 5.47
N ASP D 12 31.96 -26.39 5.36
CA ASP D 12 32.72 -27.49 4.70
C ASP D 12 32.60 -28.82 5.46
N PRO D 13 32.31 -29.92 4.73
CA PRO D 13 32.21 -31.21 5.39
C PRO D 13 33.57 -31.65 5.95
N THR D 14 33.55 -32.51 6.95
CA THR D 14 34.78 -32.87 7.63
C THR D 14 34.93 -34.36 7.61
N SER D 15 33.98 -35.02 6.94
CA SER D 15 34.09 -36.45 6.67
C SER D 15 33.21 -37.00 5.52
N ILE D 16 33.57 -38.18 5.06
CA ILE D 16 32.80 -38.86 4.02
C ILE D 16 31.65 -39.51 4.70
N PRO D 17 30.42 -39.26 4.21
CA PRO D 17 29.32 -40.13 4.63
C PRO D 17 29.46 -41.54 4.02
N ILE D 18 29.37 -42.56 4.86
CA ILE D 18 29.39 -43.93 4.39
C ILE D 18 28.15 -44.67 4.88
N GLU D 19 27.51 -45.40 3.98
CA GLU D 19 26.51 -46.37 4.38
C GLU D 19 27.18 -47.71 4.39
N TYR D 20 26.99 -48.45 5.47
CA TYR D 20 27.60 -49.75 5.62
C TYR D 20 26.51 -50.81 5.53
N ASN D 21 25.52 -50.66 6.42
CA ASN D 21 24.31 -51.46 6.35
C ASN D 21 23.46 -50.84 5.26
N THR D 22 23.41 -51.52 4.13
CA THR D 22 22.61 -51.06 3.03
C THR D 22 21.40 -51.93 3.16
N PRO D 23 20.29 -51.56 2.50
CA PRO D 23 19.13 -52.47 2.39
C PRO D 23 19.45 -53.77 1.69
N ILE D 24 20.57 -53.82 0.94
CA ILE D 24 20.99 -55.06 0.32
C ILE D 24 21.46 -56.11 1.36
N HIS D 25 21.89 -55.69 2.53
CA HIS D 25 22.18 -56.71 3.52
C HIS D 25 20.94 -57.32 4.12
N ASP D 26 19.82 -56.62 4.09
CA ASP D 26 18.61 -57.16 4.68
C ASP D 26 17.83 -58.01 3.69
N ILE D 27 18.44 -58.34 2.55
CA ILE D 27 17.75 -59.11 1.53
C ILE D 27 18.02 -60.59 1.78
N LYS D 28 16.98 -61.34 2.13
CA LYS D 28 17.09 -62.76 2.51
C LYS D 28 16.95 -63.58 1.24
N VAL D 29 18.04 -64.25 0.85
CA VAL D 29 18.12 -64.85 -0.48
C VAL D 29 17.80 -66.33 -0.41
N GLN D 30 16.98 -66.81 -1.34
CA GLN D 30 16.76 -68.24 -1.36
C GLN D 30 17.06 -68.70 -2.74
N VAL D 31 17.77 -69.82 -2.85
CA VAL D 31 18.04 -70.42 -4.15
C VAL D 31 17.31 -71.78 -4.24
N TYR D 32 16.53 -71.95 -5.30
CA TYR D 32 15.75 -73.14 -5.44
C TYR D 32 16.16 -73.81 -6.70
N ASP D 33 15.84 -75.08 -6.82
CA ASP D 33 16.12 -75.76 -8.05
C ASP D 33 14.96 -75.59 -8.98
N ILE D 34 15.30 -75.29 -10.23
CA ILE D 34 14.35 -75.00 -11.28
C ILE D 34 13.64 -76.29 -11.72
N LYS D 35 14.32 -77.43 -11.58
CA LYS D 35 13.72 -78.69 -12.03
C LYS D 35 12.41 -78.87 -11.34
N GLY D 36 12.39 -78.51 -10.06
CA GLY D 36 11.19 -78.65 -9.22
C GLY D 36 9.92 -77.87 -9.57
N GLY D 37 10.04 -76.87 -10.44
CA GLY D 37 8.92 -75.96 -10.70
C GLY D 37 8.89 -74.83 -9.69
N CYS D 38 8.16 -73.77 -9.99
CA CYS D 38 8.26 -72.52 -9.22
C CYS D 38 7.04 -72.21 -8.38
N ASN D 39 7.29 -71.69 -7.18
CA ASN D 39 6.25 -71.05 -6.38
C ASN D 39 6.19 -69.62 -6.87
N VAL D 40 5.01 -69.18 -7.26
CA VAL D 40 4.81 -67.80 -7.62
C VAL D 40 3.58 -67.27 -6.93
N GLU D 41 3.80 -66.85 -5.70
CA GLU D 41 2.69 -66.53 -4.83
C GLU D 41 2.99 -65.25 -4.08
N GLU D 42 4.15 -64.66 -4.37
CA GLU D 42 4.58 -63.45 -3.67
C GLU D 42 5.37 -62.52 -4.61
N GLY D 43 5.15 -61.22 -4.47
CA GLY D 43 5.89 -60.16 -5.18
C GLY D 43 6.09 -60.28 -6.70
N LEU D 44 7.29 -59.96 -7.15
CA LEU D 44 7.58 -60.02 -8.55
C LEU D 44 8.38 -61.28 -8.96
N THR D 45 7.92 -61.94 -10.01
CA THR D 45 8.69 -63.01 -10.60
C THR D 45 9.05 -62.62 -12.00
N ILE D 46 10.32 -62.79 -12.31
CA ILE D 46 10.88 -62.46 -13.61
C ILE D 46 11.60 -63.68 -14.08
N PHE D 47 11.39 -63.94 -15.36
CA PHE D 47 11.88 -65.12 -16.03
C PHE D 47 12.94 -64.67 -16.94
N LEU D 48 14.19 -65.04 -16.67
CA LEU D 48 15.21 -64.74 -17.65
C LEU D 48 15.00 -65.68 -18.82
N VAL D 49 14.65 -65.14 -19.96
CA VAL D 49 14.42 -66.06 -21.05
C VAL D 49 15.31 -65.69 -22.20
N ASN D 50 15.68 -66.68 -23.00
CA ASN D 50 16.26 -66.38 -24.29
C ASN D 50 15.64 -67.25 -25.34
N ASN D 51 16.18 -67.15 -26.54
CA ASN D 51 15.72 -67.97 -27.62
C ASN D 51 16.93 -68.13 -28.55
N PRO D 52 17.74 -69.19 -28.33
CA PRO D 52 18.89 -69.35 -29.24
C PRO D 52 18.44 -69.40 -30.70
N GLY D 53 19.25 -68.80 -31.58
CA GLY D 53 19.00 -68.83 -33.01
C GLY D 53 18.23 -67.68 -33.63
N LYS D 54 16.95 -67.53 -33.25
CA LYS D 54 16.12 -66.43 -33.75
C LYS D 54 16.38 -65.18 -32.89
N GLU D 55 17.09 -64.20 -33.45
CA GLU D 55 17.29 -62.92 -32.79
C GLU D 55 15.89 -62.30 -32.64
N ASN D 56 15.69 -61.51 -31.58
CA ASN D 56 14.36 -61.01 -31.20
C ASN D 56 13.28 -62.09 -31.21
N GLY D 57 13.63 -63.27 -30.70
CA GLY D 57 12.75 -64.44 -30.73
C GLY D 57 11.61 -64.27 -29.74
N PRO D 58 10.48 -64.97 -29.97
CA PRO D 58 9.40 -64.86 -29.02
C PRO D 58 9.83 -65.47 -27.68
N VAL D 59 9.18 -65.00 -26.61
CA VAL D 59 9.27 -65.56 -25.26
C VAL D 59 8.46 -66.82 -25.13
N LYS D 60 9.05 -67.77 -24.40
CA LYS D 60 8.45 -69.06 -24.13
C LYS D 60 9.02 -69.50 -22.79
N ILE D 61 8.15 -69.62 -21.81
CA ILE D 61 8.51 -70.01 -20.47
C ILE D 61 8.41 -71.54 -20.40
N SER D 62 9.47 -72.17 -19.90
CA SER D 62 9.54 -73.64 -19.82
C SER D 62 9.08 -74.15 -18.47
N SER D 63 9.63 -73.55 -17.40
CA SER D 63 9.31 -73.88 -16.02
C SER D 63 7.81 -74.09 -15.81
N LYS D 64 7.46 -75.17 -15.12
CA LYS D 64 6.11 -75.26 -14.59
C LYS D 64 6.05 -74.41 -13.34
N VAL D 65 4.99 -73.65 -13.19
CA VAL D 65 4.80 -72.87 -11.97
C VAL D 65 3.59 -73.39 -11.24
N ASN D 66 3.72 -73.44 -9.91
CA ASN D 66 2.68 -74.03 -9.06
C ASN D 66 1.45 -73.11 -8.89
N ASP D 67 1.17 -72.30 -9.91
CA ASP D 67 -0.02 -71.45 -9.93
C ASP D 67 -0.82 -71.55 -11.24
N LYS D 68 -2.14 -71.71 -11.13
CA LYS D 68 -2.98 -71.87 -12.33
C LYS D 68 -3.11 -70.56 -13.14
N GLN D 69 -3.53 -69.48 -12.47
CA GLN D 69 -3.65 -68.15 -13.11
C GLN D 69 -2.38 -67.77 -13.86
N VAL D 70 -1.25 -67.90 -13.17
CA VAL D 70 0.06 -67.45 -13.63
C VAL D 70 0.57 -68.35 -14.73
N SER D 71 0.18 -69.62 -14.69
CA SER D 71 0.49 -70.57 -15.75
C SER D 71 -0.23 -70.23 -17.00
N GLU D 72 -1.47 -69.78 -16.82
CA GLU D 72 -2.31 -69.33 -17.91
C GLU D 72 -1.65 -68.11 -18.57
N PHE D 73 -1.26 -67.16 -17.75
CA PHE D 73 -0.58 -65.93 -18.19
C PHE D 73 0.71 -66.20 -18.92
N LEU D 74 1.45 -67.23 -18.47
CA LEU D 74 2.73 -67.66 -19.07
C LEU D 74 2.60 -68.63 -20.24
N LYS D 75 1.36 -68.94 -20.65
CA LYS D 75 1.17 -69.91 -21.71
C LYS D 75 1.94 -69.42 -22.91
N ASP D 76 2.13 -70.27 -23.92
CA ASP D 76 2.94 -69.84 -25.05
C ASP D 76 2.25 -68.78 -25.92
N GLU D 77 0.93 -68.87 -26.02
CA GLU D 77 0.15 -67.90 -26.80
C GLU D 77 0.26 -66.47 -26.25
N ASN D 78 0.06 -66.23 -24.95
CA ASN D 78 0.33 -64.87 -24.48
C ASN D 78 1.85 -64.49 -24.51
N MET D 79 2.72 -65.48 -24.27
CA MET D 79 4.13 -65.16 -24.14
C MET D 79 4.82 -64.89 -25.47
N GLU D 80 4.32 -65.45 -26.56
CA GLU D 80 4.87 -65.20 -27.91
C GLU D 80 4.69 -63.77 -28.43
N LYS D 81 3.86 -63.00 -27.75
CA LYS D 81 3.68 -61.60 -28.07
C LYS D 81 4.90 -60.73 -27.68
N PHE D 82 5.76 -61.28 -26.86
CA PHE D 82 6.93 -60.55 -26.42
C PHE D 82 8.17 -61.12 -27.07
N ASN D 83 9.26 -60.37 -27.07
CA ASN D 83 10.49 -60.91 -27.65
C ASN D 83 11.67 -60.92 -26.69
N VAL D 84 12.70 -61.66 -27.05
CA VAL D 84 13.86 -61.81 -26.18
C VAL D 84 15.00 -60.80 -26.38
N LYS D 85 14.79 -59.72 -27.17
CA LYS D 85 15.85 -58.74 -27.45
C LYS D 85 16.58 -58.41 -26.16
N LEU D 86 17.90 -58.57 -26.15
CA LEU D 86 18.67 -58.44 -24.93
C LEU D 86 18.17 -57.25 -24.12
N GLY D 87 17.86 -57.47 -22.83
CA GLY D 87 17.38 -56.39 -21.99
C GLY D 87 15.90 -56.01 -22.07
N THR D 88 15.19 -56.46 -23.11
CA THR D 88 13.76 -56.16 -23.20
C THR D 88 12.99 -56.85 -22.10
N SER D 89 12.20 -56.09 -21.36
CA SER D 89 11.28 -56.72 -20.43
C SER D 89 9.82 -56.29 -20.51
N LYS D 90 8.97 -57.21 -20.10
CA LYS D 90 7.60 -56.90 -19.84
C LYS D 90 7.28 -57.53 -18.51
N HIS D 91 6.24 -57.02 -17.87
CA HIS D 91 5.77 -57.53 -16.59
C HIS D 91 4.42 -56.99 -16.20
N PHE D 92 3.56 -57.89 -15.71
CA PHE D 92 2.19 -57.58 -15.35
C PHE D 92 1.86 -57.82 -13.86
N TYR D 93 0.97 -57.00 -13.31
CA TYR D 93 0.33 -57.32 -12.04
C TYR D 93 -0.92 -58.15 -12.27
N MET D 94 -1.13 -59.15 -11.41
CA MET D 94 -2.23 -60.11 -11.55
C MET D 94 -2.52 -60.76 -10.23
N PHE D 95 -3.71 -61.33 -10.13
CA PHE D 95 -4.09 -62.08 -8.95
C PHE D 95 -3.80 -63.54 -9.18
N ASN D 96 -3.13 -64.18 -8.23
CA ASN D 96 -2.84 -65.62 -8.29
C ASN D 96 -3.92 -66.42 -7.60
N ASP D 97 -3.81 -67.75 -7.70
CA ASP D 97 -4.88 -68.66 -7.25
C ASP D 97 -5.42 -68.34 -5.86
N ASN D 98 -4.72 -67.44 -5.15
CA ASN D 98 -5.04 -67.00 -3.81
C ASN D 98 -5.69 -65.64 -3.78
N LYS D 99 -6.06 -65.14 -4.92
CA LYS D 99 -6.42 -63.76 -5.07
C LYS D 99 -5.38 -62.84 -4.45
N ASN D 100 -4.15 -63.31 -4.45
CA ASN D 100 -3.01 -62.56 -4.02
C ASN D 100 -2.44 -61.80 -5.17
N SER D 101 -1.97 -60.61 -4.91
CA SER D 101 -1.53 -59.71 -5.95
C SER D 101 -0.04 -59.88 -6.24
N VAL D 102 0.31 -60.41 -7.41
CA VAL D 102 1.71 -60.72 -7.77
C VAL D 102 2.06 -60.11 -9.11
N ALA D 103 3.35 -59.88 -9.33
CA ALA D 103 3.83 -59.37 -10.60
C ALA D 103 4.65 -60.42 -11.29
N VAL D 104 4.50 -60.50 -12.61
CA VAL D 104 5.16 -61.54 -13.38
C VAL D 104 5.70 -61.03 -14.68
N GLY D 105 6.95 -61.37 -14.97
CA GLY D 105 7.48 -61.03 -16.26
C GLY D 105 8.72 -61.78 -16.63
N TYR D 106 9.42 -61.20 -17.61
CA TYR D 106 10.66 -61.72 -18.11
C TYR D 106 11.52 -60.53 -18.48
N VAL D 107 12.82 -60.80 -18.64
CA VAL D 107 13.82 -59.92 -19.20
C VAL D 107 14.45 -60.76 -20.32
N GLY D 108 14.46 -60.22 -21.54
CA GLY D 108 14.96 -61.01 -22.68
C GLY D 108 16.46 -61.13 -22.61
N CYS D 109 16.98 -62.31 -22.78
CA CYS D 109 18.43 -62.48 -22.70
C CYS D 109 19.08 -62.77 -24.02
N GLY D 110 18.44 -62.35 -25.10
CA GLY D 110 19.03 -62.45 -26.42
C GLY D 110 18.90 -63.82 -27.00
N SER D 111 19.75 -64.11 -27.97
CA SER D 111 19.67 -65.33 -28.76
C SER D 111 21.00 -66.02 -28.68
N VAL D 112 21.75 -65.73 -27.64
CA VAL D 112 23.01 -66.42 -27.45
C VAL D 112 23.00 -67.16 -26.12
N ALA D 113 23.20 -68.48 -26.16
CA ALA D 113 23.11 -69.30 -24.95
C ALA D 113 24.25 -69.07 -23.92
N ASP D 114 25.17 -68.17 -24.27
CA ASP D 114 26.27 -67.78 -23.42
C ASP D 114 26.22 -66.27 -23.22
N LEU D 115 25.84 -65.83 -22.03
CA LEU D 115 25.80 -64.40 -21.80
C LEU D 115 27.20 -63.90 -21.39
N SER D 116 27.60 -62.73 -21.90
CA SER D 116 28.83 -62.09 -21.42
C SER D 116 28.50 -61.30 -20.18
N GLU D 117 29.53 -60.78 -19.52
CA GLU D 117 29.33 -59.92 -18.36
C GLU D 117 28.48 -58.72 -18.73
N ALA D 118 28.85 -58.10 -19.85
CA ALA D 118 28.16 -56.96 -20.41
C ALA D 118 26.70 -57.33 -20.69
N ASP D 119 26.51 -58.47 -21.32
CA ASP D 119 25.17 -58.92 -21.59
C ASP D 119 24.37 -59.09 -20.27
N MET D 120 25.04 -59.62 -19.26
CA MET D 120 24.37 -59.83 -17.98
C MET D 120 23.98 -58.50 -17.37
N LYS D 121 24.94 -57.56 -17.37
CA LYS D 121 24.74 -56.18 -16.94
C LYS D 121 23.48 -55.63 -17.63
N ARG D 122 23.33 -55.88 -18.93
CA ARG D 122 22.13 -55.43 -19.64
C ARG D 122 20.85 -56.06 -19.11
N VAL D 123 20.93 -57.34 -18.75
CA VAL D 123 19.82 -58.05 -18.17
C VAL D 123 19.51 -57.50 -16.77
N VAL D 124 20.55 -57.43 -15.92
CA VAL D 124 20.37 -56.91 -14.59
C VAL D 124 19.76 -55.50 -14.63
N LEU D 125 20.20 -54.70 -15.59
CA LEU D 125 19.84 -53.31 -15.60
C LEU D 125 18.38 -53.19 -15.85
N SER D 126 17.85 -54.20 -16.52
CA SER D 126 16.49 -54.18 -16.95
C SER D 126 15.67 -54.59 -15.71
N LEU D 127 16.17 -55.57 -15.00
CA LEU D 127 15.59 -56.02 -13.75
C LEU D 127 15.51 -54.83 -12.82
N VAL D 128 16.67 -54.26 -12.56
CA VAL D 128 16.80 -53.16 -11.64
C VAL D 128 15.85 -52.02 -11.95
N THR D 129 15.43 -51.95 -13.21
CA THR D 129 14.47 -50.97 -13.59
C THR D 129 13.15 -51.34 -12.95
N MET D 130 12.74 -52.60 -13.16
CA MET D 130 11.48 -53.06 -12.63
C MET D 130 11.46 -52.84 -11.14
N LEU D 131 12.58 -53.14 -10.53
CA LEU D 131 12.78 -52.96 -9.13
C LEU D 131 12.55 -51.54 -8.63
N HIS D 132 13.00 -50.53 -9.37
CA HIS D 132 12.91 -49.15 -8.87
C HIS D 132 11.53 -48.57 -9.02
N ASP D 133 10.66 -49.31 -9.67
CA ASP D 133 9.27 -48.98 -9.73
C ASP D 133 8.39 -50.03 -9.11
N ASN D 134 8.88 -50.74 -8.11
CA ASN D 134 8.10 -51.76 -7.48
C ASN D 134 8.02 -51.53 -6.01
N LYS D 135 6.84 -51.59 -5.43
CA LYS D 135 6.75 -51.48 -4.00
C LYS D 135 6.47 -52.87 -3.51
N LEU D 136 7.09 -53.81 -4.21
CA LEU D 136 6.83 -55.21 -4.00
C LEU D 136 7.63 -55.69 -2.83
N SER D 137 7.42 -56.94 -2.47
CA SER D 137 8.12 -57.53 -1.33
C SER D 137 9.29 -58.50 -1.63
N LYS D 138 9.22 -59.17 -2.73
CA LYS D 138 10.23 -60.14 -2.96
C LYS D 138 10.42 -60.08 -4.44
N LEU D 139 11.64 -60.38 -4.84
CA LEU D 139 11.92 -60.66 -6.22
C LEU D 139 12.15 -62.13 -6.35
N THR D 140 11.59 -62.70 -7.40
CA THR D 140 11.96 -64.03 -7.78
C THR D 140 12.47 -63.97 -9.19
N VAL D 141 13.72 -64.40 -9.36
CA VAL D 141 14.30 -64.51 -10.68
C VAL D 141 14.41 -65.98 -11.04
N VAL D 142 13.89 -66.34 -12.21
CA VAL D 142 13.91 -67.72 -12.68
C VAL D 142 14.80 -67.77 -13.89
N PHE D 143 15.89 -68.51 -13.78
CA PHE D 143 16.86 -68.55 -14.84
C PHE D 143 16.43 -69.52 -15.88
N GLU D 144 15.86 -69.03 -16.96
CA GLU D 144 15.53 -69.94 -18.05
C GLU D 144 16.64 -69.92 -19.09
N ILE D 145 17.79 -69.44 -18.64
CA ILE D 145 18.98 -69.34 -19.42
C ILE D 145 20.09 -70.06 -18.65
N ASN D 146 21.18 -70.31 -19.34
CA ASN D 146 22.24 -71.18 -18.91
C ASN D 146 23.37 -70.34 -18.36
N VAL D 147 23.67 -70.46 -17.07
CA VAL D 147 24.70 -69.60 -16.41
C VAL D 147 25.64 -70.36 -15.49
N ASP D 148 26.94 -70.13 -15.61
CA ASP D 148 27.81 -70.83 -14.69
C ASP D 148 27.93 -70.08 -13.35
N LYS D 149 28.39 -70.79 -12.30
CA LYS D 149 28.71 -70.25 -10.97
C LYS D 149 29.19 -68.78 -10.88
N ASN D 150 30.13 -68.41 -11.73
CA ASN D 150 30.73 -67.07 -11.65
C ASN D 150 29.83 -66.04 -12.24
N LEU D 151 29.20 -66.39 -13.35
CA LEU D 151 28.32 -65.43 -13.99
C LEU D 151 27.17 -65.13 -13.02
N PHE D 152 26.73 -66.18 -12.33
CA PHE D 152 25.65 -66.08 -11.37
C PHE D 152 25.98 -65.18 -10.20
N ARG D 153 27.19 -65.26 -9.71
CA ARG D 153 27.62 -64.37 -8.65
C ARG D 153 27.70 -62.95 -9.21
N PHE D 154 28.14 -62.83 -10.44
CA PHE D 154 28.20 -61.52 -11.06
C PHE D 154 26.78 -60.96 -11.11
N PHE D 155 25.83 -61.81 -11.53
CA PHE D 155 24.44 -61.44 -11.62
C PHE D 155 24.00 -60.85 -10.28
N LEU D 156 24.32 -61.54 -9.20
CA LEU D 156 23.86 -61.09 -7.90
C LEU D 156 24.53 -59.78 -7.48
N GLU D 157 25.85 -59.71 -7.69
CA GLU D 157 26.66 -58.57 -7.32
C GLU D 157 26.25 -57.37 -8.11
N THR D 158 25.81 -57.62 -9.33
CA THR D 158 25.45 -56.53 -10.19
C THR D 158 24.08 -56.09 -9.81
N LEU D 159 23.19 -57.05 -9.64
CA LEU D 159 21.84 -56.76 -9.15
C LEU D 159 21.91 -55.91 -7.88
N PHE D 160 22.62 -56.42 -6.88
CA PHE D 160 22.75 -55.71 -5.61
C PHE D 160 23.33 -54.34 -5.83
N TYR D 161 24.28 -54.27 -6.73
CA TYR D 161 24.95 -53.04 -6.99
C TYR D 161 24.04 -52.05 -7.74
N GLU D 162 23.49 -52.42 -8.88
CA GLU D 162 22.66 -51.43 -9.61
C GLU D 162 21.41 -51.04 -8.84
N TYR D 163 20.88 -51.97 -8.06
CA TYR D 163 19.62 -51.80 -7.34
C TYR D 163 19.74 -50.71 -6.29
N MET D 164 20.82 -50.83 -5.53
CA MET D 164 21.11 -49.97 -4.43
C MET D 164 21.35 -48.58 -5.01
N THR D 165 20.68 -47.58 -4.42
CA THR D 165 20.88 -46.23 -4.91
C THR D 165 21.48 -45.36 -3.82
N ASP D 166 22.38 -44.46 -4.23
CA ASP D 166 23.24 -43.73 -3.31
C ASP D 166 22.64 -42.39 -2.92
N GLU D 167 21.98 -42.36 -1.75
CA GLU D 167 21.18 -41.19 -1.35
C GLU D 167 21.87 -40.24 -0.36
N ARG D 168 23.16 -40.44 -0.11
CA ARG D 168 23.91 -39.70 0.93
C ARG D 168 23.97 -38.19 0.76
N PHE D 169 23.84 -37.69 -0.48
CA PHE D 169 23.93 -36.25 -0.76
C PHE D 169 22.58 -35.70 -1.12
N LYS D 170 21.57 -36.54 -1.01
CA LYS D 170 20.23 -36.03 -1.17
C LYS D 170 19.70 -35.56 0.21
N SER D 171 18.89 -34.51 0.17
CA SER D 171 18.28 -33.92 1.37
C SER D 171 16.97 -34.65 1.74
N MET D 178 9.39 -46.92 -5.71
CA MET D 178 9.85 -48.21 -5.21
C MET D 178 9.93 -48.33 -3.66
N GLU D 179 10.77 -49.27 -3.22
CA GLU D 179 10.99 -49.66 -1.82
C GLU D 179 12.01 -50.78 -1.97
N TYR D 180 12.76 -51.17 -0.94
CA TYR D 180 13.68 -52.31 -1.18
C TYR D 180 13.06 -53.66 -0.85
N ILE D 181 13.31 -54.65 -1.69
CA ILE D 181 12.82 -56.00 -1.44
C ILE D 181 13.48 -56.55 -0.18
N LYS D 182 12.75 -57.38 0.56
CA LYS D 182 13.30 -58.04 1.76
C LYS D 182 13.72 -59.48 1.40
N HIS D 183 13.23 -59.98 0.26
CA HIS D 183 13.51 -61.34 -0.22
C HIS D 183 13.97 -61.37 -1.68
N LEU D 184 14.98 -62.21 -1.95
CA LEU D 184 15.33 -62.56 -3.33
C LEU D 184 15.24 -64.06 -3.51
N GLY D 185 14.32 -64.47 -4.38
CA GLY D 185 14.19 -65.86 -4.77
C GLY D 185 14.90 -66.07 -6.09
N VAL D 186 15.69 -67.13 -6.19
CA VAL D 186 16.27 -67.59 -7.45
C VAL D 186 15.84 -69.01 -7.75
N TYR D 187 15.43 -69.29 -8.97
CA TYR D 187 15.22 -70.67 -9.45
C TYR D 187 16.21 -70.93 -10.58
N ILE D 188 16.98 -72.00 -10.47
CA ILE D 188 18.11 -72.20 -11.34
C ILE D 188 18.51 -73.65 -11.19
N ASN D 189 19.01 -74.23 -12.28
CA ASN D 189 19.30 -75.64 -12.33
C ASN D 189 20.57 -75.79 -11.57
N ASN D 190 20.63 -76.80 -10.71
CA ASN D 190 21.78 -77.06 -9.85
C ASN D 190 21.85 -76.14 -8.69
N ALA D 191 20.69 -75.63 -8.26
CA ALA D 191 20.57 -74.71 -7.12
C ALA D 191 21.67 -74.83 -6.05
N ASP D 192 21.84 -76.05 -5.56
CA ASP D 192 22.69 -76.32 -4.43
C ASP D 192 24.16 -76.03 -4.69
N THR D 193 24.58 -75.99 -5.95
CA THR D 193 25.97 -75.66 -6.33
C THR D 193 26.20 -74.14 -6.41
N TYR D 194 25.17 -73.40 -6.04
CA TYR D 194 25.18 -71.96 -6.19
C TYR D 194 24.97 -71.24 -4.87
N LYS D 195 24.49 -71.96 -3.87
CA LYS D 195 24.13 -71.32 -2.62
C LYS D 195 25.30 -70.57 -2.03
N GLU D 196 26.50 -71.11 -2.21
CA GLU D 196 27.70 -70.55 -1.61
C GLU D 196 28.09 -69.22 -2.25
N GLU D 197 27.59 -68.96 -3.45
CA GLU D 197 27.88 -67.75 -4.15
C GLU D 197 27.10 -66.58 -3.60
N VAL D 198 25.99 -66.87 -2.92
CA VAL D 198 25.12 -65.80 -2.44
C VAL D 198 25.83 -64.85 -1.49
N GLU D 199 26.42 -65.36 -0.42
CA GLU D 199 27.03 -64.48 0.55
C GLU D 199 28.34 -63.88 0.03
N LYS D 200 28.97 -64.57 -0.90
CA LYS D 200 30.15 -64.06 -1.56
C LYS D 200 29.76 -62.86 -2.43
N ALA D 201 28.67 -63.00 -3.16
CA ALA D 201 28.14 -61.92 -3.95
C ALA D 201 27.82 -60.73 -3.08
N ARG D 202 27.25 -60.97 -1.92
CA ARG D 202 26.84 -59.87 -1.07
C ARG D 202 28.08 -59.13 -0.57
N VAL D 203 29.12 -59.86 -0.24
CA VAL D 203 30.37 -59.23 0.19
C VAL D 203 30.97 -58.45 -0.98
N TYR D 204 31.01 -59.09 -2.15
CA TYR D 204 31.55 -58.46 -3.33
C TYR D 204 30.76 -57.22 -3.67
N TYR D 205 29.43 -57.34 -3.60
CA TYR D 205 28.57 -56.19 -3.80
C TYR D 205 29.04 -55.05 -2.92
N PHE D 206 29.20 -55.30 -1.64
CA PHE D 206 29.46 -54.18 -0.75
C PHE D 206 30.84 -53.61 -0.89
N GLY D 207 31.83 -54.47 -1.14
CA GLY D 207 33.15 -53.97 -1.49
C GLY D 207 33.07 -52.98 -2.64
N THR D 208 32.44 -53.42 -3.72
CA THR D 208 32.26 -52.61 -4.92
C THR D 208 31.45 -51.36 -4.59
N TYR D 209 30.34 -51.52 -3.88
CA TYR D 209 29.52 -50.38 -3.57
C TYR D 209 30.19 -49.42 -2.64
N TYR D 210 30.99 -49.93 -1.73
CA TYR D 210 31.79 -49.09 -0.86
C TYR D 210 32.81 -48.26 -1.63
N ALA D 211 33.48 -48.88 -2.61
CA ALA D 211 34.43 -48.14 -3.44
C ALA D 211 33.65 -47.08 -4.18
N SER D 212 32.55 -47.50 -4.79
CA SER D 212 31.64 -46.62 -5.49
C SER D 212 31.31 -45.40 -4.64
N GLN D 213 31.00 -45.63 -3.37
CA GLN D 213 30.60 -44.56 -2.47
C GLN D 213 31.70 -43.54 -2.31
N LEU D 214 32.94 -44.04 -2.17
CA LEU D 214 34.09 -43.18 -2.02
C LEU D 214 34.35 -42.38 -3.29
N ILE D 215 34.26 -43.05 -4.44
CA ILE D 215 34.54 -42.39 -5.69
C ILE D 215 33.51 -41.29 -5.86
N ALA D 216 32.24 -41.65 -5.75
CA ALA D 216 31.13 -40.73 -5.98
C ALA D 216 31.17 -39.53 -5.05
N ALA D 217 31.67 -39.73 -3.82
CA ALA D 217 31.81 -38.65 -2.87
C ALA D 217 32.64 -37.55 -3.53
N PRO D 218 32.09 -36.32 -3.59
CA PRO D 218 32.77 -35.22 -4.24
C PRO D 218 34.04 -34.87 -3.47
N SER D 219 34.92 -34.09 -4.09
CA SER D 219 36.22 -33.89 -3.54
C SER D 219 36.23 -32.98 -2.31
N ASN D 220 35.17 -32.18 -2.12
CA ASN D 220 34.99 -31.46 -0.86
C ASN D 220 34.64 -32.36 0.32
N TYR D 221 33.97 -33.47 0.04
CA TYR D 221 33.70 -34.47 1.06
C TYR D 221 34.86 -35.41 1.17
N CYS D 222 35.28 -35.96 0.02
CA CYS D 222 36.35 -36.93 -0.07
C CYS D 222 37.66 -36.26 -0.43
N ASN D 223 38.43 -35.91 0.60
CA ASN D 223 39.73 -35.32 0.45
C ASN D 223 40.75 -36.25 1.11
N PRO D 224 42.05 -35.94 1.00
CA PRO D 224 43.06 -36.88 1.56
C PRO D 224 42.87 -37.21 3.03
N VAL D 225 42.50 -36.21 3.82
CA VAL D 225 42.28 -36.39 5.25
C VAL D 225 41.02 -37.23 5.53
N SER D 226 39.90 -36.86 4.91
CA SER D 226 38.68 -37.63 5.10
C SER D 226 38.78 -39.04 4.51
N LEU D 227 39.42 -39.18 3.33
CA LEU D 227 39.60 -40.48 2.73
C LEU D 227 40.39 -41.37 3.69
N SER D 228 41.55 -40.93 4.11
CA SER D 228 42.35 -41.75 5.04
C SER D 228 41.62 -42.00 6.34
N ASN D 229 40.86 -41.03 6.82
CA ASN D 229 39.99 -41.29 7.97
C ASN D 229 39.02 -42.46 7.74
N ALA D 230 38.36 -42.46 6.59
CA ALA D 230 37.47 -43.53 6.21
C ALA D 230 38.19 -44.87 6.15
N ALA D 231 39.39 -44.90 5.59
CA ALA D 231 40.17 -46.14 5.53
C ALA D 231 40.46 -46.64 6.93
N VAL D 232 40.86 -45.74 7.82
CA VAL D 232 41.07 -46.08 9.24
C VAL D 232 39.80 -46.68 9.87
N GLU D 233 38.67 -46.01 9.63
CA GLU D 233 37.40 -46.51 10.10
C GLU D 233 37.09 -47.91 9.55
N LEU D 234 37.31 -48.11 8.25
CA LEU D 234 37.12 -49.43 7.61
C LEU D 234 38.03 -50.48 8.20
N ALA D 235 39.30 -50.13 8.38
CA ALA D 235 40.28 -51.02 9.03
C ALA D 235 39.85 -51.45 10.42
N GLN D 236 39.32 -50.50 11.18
CA GLN D 236 38.86 -50.76 12.54
C GLN D 236 37.68 -51.69 12.55
N LYS D 237 36.74 -51.46 11.63
CA LYS D 237 35.59 -52.34 11.49
C LYS D 237 35.97 -53.74 11.04
N LEU D 238 37.09 -53.86 10.36
CA LEU D 238 37.49 -55.15 9.83
C LEU D 238 38.65 -55.78 10.58
N ASN D 239 39.08 -55.18 11.69
CA ASN D 239 40.24 -55.71 12.43
C ASN D 239 41.50 -55.82 11.58
N LEU D 240 41.69 -54.87 10.67
CA LEU D 240 42.91 -54.80 9.90
C LEU D 240 43.91 -53.90 10.60
N GLU D 241 45.19 -54.23 10.48
CA GLU D 241 46.24 -53.33 10.92
C GLU D 241 46.16 -52.16 9.95
N TYR D 242 46.39 -50.95 10.46
CA TYR D 242 46.44 -49.77 9.62
C TYR D 242 47.47 -48.83 10.17
N LYS D 243 47.98 -47.99 9.28
CA LYS D 243 48.93 -46.95 9.58
C LYS D 243 48.63 -45.88 8.56
N ILE D 244 48.55 -44.64 9.00
CA ILE D 244 48.40 -43.51 8.06
C ILE D 244 49.63 -42.64 8.13
N LEU D 245 50.32 -42.54 7.02
CA LEU D 245 51.54 -41.76 7.02
C LEU D 245 51.19 -40.31 6.71
N GLY D 246 51.57 -39.43 7.62
CA GLY D 246 51.40 -38.00 7.44
C GLY D 246 52.65 -37.35 6.88
N VAL D 247 52.55 -36.05 6.62
CA VAL D 247 53.61 -35.32 5.94
C VAL D 247 55.01 -35.54 6.56
N LYS D 248 55.12 -35.36 7.86
CA LYS D 248 56.39 -35.52 8.56
C LYS D 248 57.07 -36.86 8.25
N GLU D 249 56.28 -37.95 8.33
CA GLU D 249 56.75 -39.31 8.02
C GLU D 249 57.07 -39.46 6.54
N LEU D 250 56.22 -38.88 5.71
CA LEU D 250 56.46 -38.92 4.28
C LEU D 250 57.79 -38.27 3.91
N GLU D 251 58.08 -37.15 4.59
CA GLU D 251 59.32 -36.43 4.36
C GLU D 251 60.51 -37.28 4.83
N GLU D 252 60.37 -37.91 5.98
CA GLU D 252 61.46 -38.76 6.49
C GLU D 252 61.71 -39.93 5.54
N LEU D 253 60.64 -40.39 4.88
CA LEU D 253 60.76 -41.46 3.92
C LEU D 253 61.21 -40.97 2.55
N LYS D 254 61.33 -39.64 2.42
CA LYS D 254 61.83 -39.01 1.18
C LYS D 254 60.93 -39.27 -0.02
N MET D 255 59.62 -39.23 0.20
CA MET D 255 58.63 -39.41 -0.86
C MET D 255 58.35 -38.07 -1.54
N GLY D 256 59.37 -37.58 -2.26
CA GLY D 256 59.33 -36.26 -2.87
C GLY D 256 58.44 -36.20 -4.07
N ALA D 257 58.30 -37.31 -4.82
CA ALA D 257 57.40 -37.30 -5.99
C ALA D 257 55.96 -37.15 -5.47
N TYR D 258 55.62 -37.98 -4.52
CA TYR D 258 54.29 -38.01 -3.93
C TYR D 258 53.98 -36.67 -3.28
N LEU D 259 54.91 -36.20 -2.46
CA LEU D 259 54.71 -34.95 -1.74
C LEU D 259 54.60 -33.76 -2.65
N SER D 260 55.31 -33.81 -3.78
CA SER D 260 55.30 -32.70 -4.71
C SER D 260 53.91 -32.45 -5.27
N VAL D 261 53.18 -33.53 -5.53
CA VAL D 261 51.86 -33.45 -6.13
C VAL D 261 50.91 -32.76 -5.17
N GLY D 262 51.04 -33.11 -3.90
CA GLY D 262 50.16 -32.61 -2.87
C GLY D 262 50.47 -31.19 -2.45
N LYS D 263 51.61 -30.66 -2.87
CA LYS D 263 52.12 -29.40 -2.32
C LYS D 263 51.09 -28.30 -2.36
N GLY D 264 50.33 -28.27 -3.45
CA GLY D 264 49.38 -27.22 -3.72
C GLY D 264 48.07 -27.37 -2.98
N SER D 265 47.90 -28.46 -2.24
CA SER D 265 46.60 -28.76 -1.65
C SER D 265 46.50 -28.20 -0.25
N MET D 266 45.28 -27.87 0.15
CA MET D 266 45.04 -27.44 1.50
C MET D 266 44.97 -28.64 2.42
N TYR D 267 44.89 -29.83 1.83
CA TYR D 267 44.87 -31.08 2.59
C TYR D 267 46.24 -31.75 2.61
N PRO D 268 46.76 -32.04 3.80
CA PRO D 268 48.07 -32.67 3.90
C PRO D 268 48.00 -34.03 3.27
N ASN D 269 49.06 -34.44 2.59
CA ASN D 269 49.14 -35.79 2.06
C ASN D 269 48.92 -36.82 3.14
N LYS D 270 48.18 -37.88 2.79
CA LYS D 270 47.93 -38.97 3.73
C LYS D 270 48.22 -40.26 2.97
N PHE D 271 49.07 -41.10 3.53
CA PHE D 271 49.42 -42.32 2.85
C PHE D 271 48.76 -43.43 3.61
N ILE D 272 47.90 -44.18 2.91
CA ILE D 272 47.08 -45.20 3.56
C ILE D 272 47.82 -46.51 3.47
N HIS D 273 48.01 -47.15 4.63
CA HIS D 273 48.59 -48.47 4.69
C HIS D 273 47.75 -49.41 5.57
N LEU D 274 46.93 -50.24 4.92
CA LEU D 274 46.18 -51.26 5.65
C LEU D 274 46.85 -52.58 5.39
N THR D 275 46.74 -53.44 6.39
CA THR D 275 47.31 -54.76 6.32
C THR D 275 46.31 -55.80 6.78
N TYR D 276 46.13 -56.83 5.94
CA TYR D 276 45.46 -58.03 6.37
C TYR D 276 46.50 -59.13 6.43
N LYS D 277 46.61 -59.81 7.55
CA LYS D 277 47.54 -60.94 7.66
C LYS D 277 46.72 -62.17 7.99
N SER D 278 47.00 -63.29 7.35
CA SER D 278 46.21 -64.52 7.58
C SER D 278 46.59 -65.11 8.91
N LYS D 279 45.70 -65.93 9.45
CA LYS D 279 45.95 -66.64 10.70
C LYS D 279 47.10 -67.66 10.55
N GLY D 280 47.05 -68.43 9.46
CA GLY D 280 48.01 -69.51 9.24
C GLY D 280 49.39 -69.07 8.83
N ASP D 281 50.15 -69.98 8.25
CA ASP D 281 51.43 -69.61 7.66
C ASP D 281 51.14 -68.72 6.47
N VAL D 282 51.95 -67.68 6.32
CA VAL D 282 51.81 -66.78 5.20
C VAL D 282 52.65 -67.32 4.04
N LYS D 283 52.00 -67.59 2.92
CA LYS D 283 52.64 -68.19 1.76
C LYS D 283 52.81 -67.18 0.62
N LYS D 284 52.02 -66.12 0.69
CA LYS D 284 52.03 -65.11 -0.35
C LYS D 284 51.86 -63.72 0.26
N LYS D 285 52.74 -62.79 -0.12
CA LYS D 285 52.61 -61.42 0.32
C LYS D 285 52.29 -60.56 -0.86
N ILE D 286 51.22 -59.79 -0.75
CA ILE D 286 50.76 -58.96 -1.86
C ILE D 286 50.62 -57.53 -1.41
N ALA D 287 51.14 -56.61 -2.21
CA ALA D 287 50.91 -55.21 -2.01
C ALA D 287 49.93 -54.76 -3.09
N LEU D 288 48.79 -54.21 -2.64
CA LEU D 288 47.84 -53.58 -3.54
C LEU D 288 47.94 -52.07 -3.42
N VAL D 289 48.30 -51.42 -4.54
CA VAL D 289 48.51 -49.98 -4.58
C VAL D 289 47.44 -49.32 -5.46
N GLY D 290 46.69 -48.41 -4.86
CA GLY D 290 45.68 -47.65 -5.61
C GLY D 290 46.11 -46.20 -5.76
N LYS D 291 45.91 -45.64 -6.95
CA LYS D 291 46.07 -44.20 -7.12
C LYS D 291 44.97 -43.46 -6.36
N GLY D 292 45.38 -42.49 -5.56
CA GLY D 292 44.49 -41.81 -4.63
C GLY D 292 44.57 -40.32 -4.72
N ILE D 293 44.23 -39.79 -5.88
CA ILE D 293 44.14 -38.37 -6.12
C ILE D 293 42.68 -38.04 -5.87
N THR D 294 42.42 -37.33 -4.77
CA THR D 294 41.03 -37.06 -4.36
C THR D 294 40.40 -35.98 -5.21
N PHE D 295 41.20 -35.06 -5.72
CA PHE D 295 40.78 -34.27 -6.86
C PHE D 295 41.96 -33.98 -7.77
N ASP D 296 41.73 -34.03 -9.07
CA ASP D 296 42.79 -33.77 -10.01
C ASP D 296 42.42 -32.57 -10.88
N SER D 297 42.93 -31.42 -10.48
CA SER D 297 42.67 -30.21 -11.25
C SER D 297 43.59 -30.15 -12.43
N GLY D 298 44.67 -30.94 -12.37
CA GLY D 298 45.71 -30.89 -13.38
C GLY D 298 46.94 -30.17 -12.87
N GLY D 299 46.74 -29.32 -11.87
CA GLY D 299 47.79 -28.47 -11.31
C GLY D 299 47.96 -27.32 -12.26
N TYR D 300 49.17 -26.77 -12.31
CA TYR D 300 49.44 -25.73 -13.30
C TYR D 300 49.16 -26.16 -14.76
N ASN D 301 49.35 -27.44 -15.06
CA ASN D 301 48.83 -27.96 -16.32
C ASN D 301 47.33 -28.21 -16.19
N LEU D 302 46.59 -27.17 -15.82
CA LEU D 302 45.17 -27.26 -15.56
C LEU D 302 44.40 -27.96 -16.65
N LYS D 303 43.43 -28.78 -16.24
CA LYS D 303 42.55 -29.47 -17.14
C LYS D 303 41.59 -28.46 -17.71
N ALA D 304 42.00 -27.81 -18.77
CA ALA D 304 41.21 -26.73 -19.29
C ALA D 304 40.83 -27.06 -20.71
N ALA D 305 41.53 -28.03 -21.29
CA ALA D 305 41.30 -28.45 -22.66
C ALA D 305 39.91 -29.08 -22.76
N PRO D 306 39.23 -28.94 -23.92
CA PRO D 306 37.95 -29.63 -24.13
C PRO D 306 38.12 -31.13 -23.94
N GLY D 307 37.16 -31.78 -23.27
CA GLY D 307 37.22 -33.21 -23.04
C GLY D 307 38.17 -33.69 -21.95
N SER D 308 38.82 -32.75 -21.25
CA SER D 308 39.63 -33.10 -20.08
C SER D 308 38.80 -33.50 -18.85
N MET D 309 37.51 -33.16 -18.88
CA MET D 309 36.54 -33.64 -17.89
C MET D 309 36.95 -33.35 -16.44
N ILE D 310 37.33 -32.11 -16.20
CA ILE D 310 37.75 -31.72 -14.86
C ILE D 310 36.68 -32.04 -13.80
N ASP D 311 35.41 -31.98 -14.21
CA ASP D 311 34.30 -32.12 -13.28
C ASP D 311 34.14 -33.55 -12.77
N LEU D 312 34.83 -34.45 -13.46
CA LEU D 312 34.79 -35.89 -13.12
C LEU D 312 35.91 -36.25 -12.15
N MET D 313 36.85 -35.33 -11.93
CA MET D 313 38.13 -35.67 -11.33
C MET D 313 38.13 -36.01 -9.86
N LYS D 314 36.97 -35.97 -9.21
CA LYS D 314 36.82 -36.59 -7.89
C LYS D 314 37.07 -38.10 -8.01
N PHE D 315 37.02 -38.59 -9.27
CA PHE D 315 37.08 -40.03 -9.51
C PHE D 315 38.52 -40.51 -9.64
N ASP D 316 39.45 -39.59 -9.49
CA ASP D 316 40.84 -39.93 -9.57
C ASP D 316 41.43 -40.65 -8.35
N MET D 317 40.59 -40.97 -7.37
CA MET D 317 41.01 -41.89 -6.32
C MET D 317 40.35 -43.26 -6.44
N SER D 318 39.77 -43.56 -7.61
CA SER D 318 39.12 -44.86 -7.85
C SER D 318 40.05 -46.01 -7.54
N GLY D 319 41.33 -45.88 -7.89
CA GLY D 319 42.27 -46.95 -7.61
C GLY D 319 42.31 -47.20 -6.13
N CYS D 320 42.43 -46.11 -5.38
CA CYS D 320 42.41 -46.18 -3.94
C CYS D 320 41.12 -46.79 -3.43
N ALA D 321 39.98 -46.35 -3.98
CA ALA D 321 38.68 -46.93 -3.65
C ALA D 321 38.65 -48.43 -3.92
N ALA D 322 39.14 -48.86 -5.10
CA ALA D 322 39.15 -50.27 -5.45
C ALA D 322 39.93 -51.06 -4.40
N VAL D 323 41.08 -50.53 -4.02
CA VAL D 323 41.92 -51.18 -3.07
C VAL D 323 41.19 -51.24 -1.73
N LEU D 324 40.59 -50.15 -1.29
CA LEU D 324 39.82 -50.17 -0.03
C LEU D 324 38.62 -51.10 -0.03
N GLY D 325 37.89 -51.10 -1.13
CA GLY D 325 36.81 -52.06 -1.31
C GLY D 325 37.33 -53.47 -1.21
N CYS D 326 38.47 -53.72 -1.84
CA CYS D 326 39.08 -55.04 -1.77
C CYS D 326 39.43 -55.40 -0.32
N ALA D 327 40.01 -54.43 0.39
CA ALA D 327 40.28 -54.60 1.80
C ALA D 327 39.03 -55.01 2.54
N TYR D 328 37.90 -54.41 2.20
CA TYR D 328 36.64 -54.84 2.82
C TYR D 328 36.37 -56.29 2.56
N CYS D 329 36.41 -56.69 1.28
CA CYS D 329 36.18 -58.10 0.88
C CYS D 329 37.14 -59.08 1.53
N VAL D 330 38.42 -58.81 1.39
CA VAL D 330 39.42 -59.65 2.02
C VAL D 330 39.24 -59.71 3.55
N GLY D 331 39.01 -58.56 4.18
CA GLY D 331 38.85 -58.50 5.63
C GLY D 331 37.61 -59.25 6.09
N THR D 332 36.63 -59.35 5.20
CA THR D 332 35.40 -60.03 5.48
C THR D 332 35.51 -61.52 5.20
N LEU D 333 36.02 -61.86 4.01
CA LEU D 333 36.13 -63.25 3.60
C LEU D 333 37.30 -63.97 4.26
N LYS D 334 38.24 -63.22 4.80
CA LYS D 334 39.36 -63.75 5.56
C LYS D 334 40.08 -64.93 4.91
N PRO D 335 40.67 -64.71 3.72
CA PRO D 335 41.45 -65.76 3.05
C PRO D 335 42.65 -66.20 3.89
N GLU D 336 43.14 -67.40 3.64
CA GLU D 336 44.27 -67.93 4.43
C GLU D 336 45.56 -67.86 3.67
N ASN D 337 46.66 -67.96 4.43
CA ASN D 337 48.02 -68.00 3.88
C ASN D 337 48.47 -66.77 3.07
N VAL D 338 47.76 -65.66 3.22
CA VAL D 338 48.12 -64.42 2.53
C VAL D 338 48.35 -63.29 3.50
N GLU D 339 49.31 -62.45 3.17
CA GLU D 339 49.46 -61.16 3.80
C GLU D 339 49.24 -60.13 2.71
N ILE D 340 48.25 -59.26 2.93
CA ILE D 340 47.96 -58.24 1.95
C ILE D 340 48.11 -56.87 2.56
N HIS D 341 48.79 -56.02 1.80
CA HIS D 341 48.97 -54.61 2.11
C HIS D 341 48.20 -53.79 1.14
N PHE D 342 47.34 -52.97 1.71
CA PHE D 342 46.51 -52.09 0.93
C PHE D 342 47.12 -50.70 1.05
N LEU D 343 47.60 -50.19 -0.08
CA LEU D 343 48.34 -48.93 -0.09
C LEU D 343 47.70 -47.90 -0.98
N SER D 344 47.65 -46.67 -0.50
CA SER D 344 47.41 -45.54 -1.39
C SER D 344 48.11 -44.27 -0.90
N ALA D 345 48.90 -43.69 -1.79
CA ALA D 345 49.48 -42.37 -1.57
C ALA D 345 48.43 -41.35 -1.93
N VAL D 346 47.74 -40.84 -0.91
CA VAL D 346 46.57 -40.01 -1.15
C VAL D 346 46.93 -38.54 -1.07
N CYS D 347 46.41 -37.77 -2.00
CA CYS D 347 46.65 -36.32 -2.06
C CYS D 347 45.74 -35.76 -3.11
N GLU D 348 45.84 -34.45 -3.27
CA GLU D 348 44.97 -33.66 -4.11
C GLU D 348 45.86 -32.78 -4.95
N ASN D 349 45.60 -32.81 -6.25
CA ASN D 349 46.37 -32.06 -7.23
C ASN D 349 45.70 -30.74 -7.55
N MET D 350 46.25 -29.69 -6.95
CA MET D 350 45.62 -28.38 -6.96
C MET D 350 46.51 -27.26 -7.51
N VAL D 351 45.92 -26.10 -7.73
CA VAL D 351 46.64 -24.97 -8.26
C VAL D 351 46.67 -23.98 -7.14
N SER D 352 47.88 -23.54 -6.81
CA SER D 352 48.15 -22.72 -5.64
C SER D 352 49.48 -22.05 -5.87
N LYS D 353 49.80 -21.04 -5.07
CA LYS D 353 51.18 -20.55 -5.01
C LYS D 353 52.16 -21.62 -4.52
N ASN D 354 51.64 -22.67 -3.87
CA ASN D 354 52.47 -23.74 -3.29
C ASN D 354 52.61 -24.99 -4.18
N SER D 355 51.88 -25.02 -5.29
CA SER D 355 51.89 -26.16 -6.21
C SER D 355 53.23 -26.39 -6.82
N TYR D 356 53.48 -27.62 -7.23
CA TYR D 356 54.72 -27.88 -7.95
C TYR D 356 54.44 -27.40 -9.34
N ARG D 357 55.50 -27.05 -10.06
CA ARG D 357 55.38 -26.47 -11.41
C ARG D 357 55.87 -27.42 -12.44
N PRO D 358 55.35 -27.27 -13.66
CA PRO D 358 55.97 -27.97 -14.75
C PRO D 358 57.45 -27.58 -14.77
N GLY D 359 58.34 -28.54 -14.96
CA GLY D 359 59.74 -28.24 -15.02
C GLY D 359 60.43 -28.63 -13.73
N ASP D 360 59.72 -28.56 -12.61
CA ASP D 360 60.32 -28.93 -11.34
C ASP D 360 61.02 -30.28 -11.44
N ILE D 361 62.17 -30.39 -10.77
CA ILE D 361 62.80 -31.68 -10.66
C ILE D 361 62.66 -32.12 -9.24
N ILE D 362 62.04 -33.28 -9.06
CA ILE D 362 61.72 -33.80 -7.73
C ILE D 362 62.41 -35.14 -7.54
N THR D 363 62.64 -35.55 -6.29
CA THR D 363 63.33 -36.80 -6.04
C THR D 363 62.42 -37.82 -5.37
N ALA D 364 62.20 -38.95 -6.03
CA ALA D 364 61.45 -40.06 -5.44
C ALA D 364 62.21 -40.74 -4.27
N SER D 365 61.49 -41.52 -3.47
CA SER D 365 62.07 -42.11 -2.29
C SER D 365 63.17 -43.12 -2.58
N ASN D 366 63.34 -43.50 -3.85
CA ASN D 366 64.41 -44.45 -4.21
C ASN D 366 65.64 -43.69 -4.69
N GLY D 367 65.60 -42.36 -4.58
CA GLY D 367 66.69 -41.53 -5.06
C GLY D 367 66.57 -41.03 -6.49
N LYS D 368 65.66 -41.56 -7.28
CA LYS D 368 65.56 -41.12 -8.67
C LYS D 368 65.00 -39.71 -8.79
N THR D 369 65.70 -38.86 -9.53
CA THR D 369 65.23 -37.53 -9.78
C THR D 369 64.36 -37.57 -11.01
N ILE D 370 63.23 -36.87 -10.90
CA ILE D 370 62.23 -36.83 -11.92
C ILE D 370 62.02 -35.39 -12.41
N GLU D 371 62.06 -35.19 -13.72
CA GLU D 371 61.69 -33.92 -14.32
C GLU D 371 60.21 -33.91 -14.64
N VAL D 372 59.46 -33.03 -14.00
CA VAL D 372 58.02 -32.94 -14.18
C VAL D 372 57.79 -32.23 -15.48
N GLY D 373 57.24 -32.92 -16.45
CA GLY D 373 56.96 -32.33 -17.76
C GLY D 373 55.54 -31.80 -17.78
N ASN D 374 54.72 -32.34 -16.88
CA ASN D 374 53.29 -32.00 -16.88
C ASN D 374 52.72 -32.29 -15.52
N THR D 375 52.21 -31.27 -14.84
CA THR D 375 51.71 -31.47 -13.48
C THR D 375 50.46 -32.32 -13.47
N ASP D 376 49.83 -32.45 -14.64
CA ASP D 376 48.63 -33.30 -14.75
C ASP D 376 48.96 -34.78 -14.88
N ALA D 377 50.22 -35.11 -15.09
CA ALA D 377 50.64 -36.51 -15.02
C ALA D 377 51.09 -36.79 -13.60
N GLU D 378 50.21 -36.56 -12.64
CA GLU D 378 50.59 -36.59 -11.22
C GLU D 378 50.49 -37.98 -10.60
N GLY D 379 49.63 -38.81 -11.17
CA GLY D 379 49.34 -40.14 -10.63
C GLY D 379 50.59 -40.94 -10.53
N ARG D 380 51.33 -41.00 -11.63
CA ARG D 380 52.53 -41.81 -11.71
C ARG D 380 53.58 -41.32 -10.71
N LEU D 381 53.57 -40.02 -10.43
CA LEU D 381 54.43 -39.45 -9.38
C LEU D 381 54.08 -40.03 -8.04
N THR D 382 52.79 -40.01 -7.69
CA THR D 382 52.38 -40.53 -6.40
C THR D 382 52.62 -42.03 -6.37
N LEU D 383 52.32 -42.72 -7.47
CA LEU D 383 52.50 -44.18 -7.52
C LEU D 383 53.97 -44.61 -7.40
N ALA D 384 54.87 -43.81 -7.95
CA ALA D 384 56.29 -44.07 -7.90
C ALA D 384 56.71 -44.28 -6.45
N ASP D 385 56.31 -43.33 -5.60
CA ASP D 385 56.70 -43.39 -4.20
C ASP D 385 55.93 -44.52 -3.52
N ALA D 386 54.69 -44.72 -3.96
CA ALA D 386 53.90 -45.84 -3.41
C ALA D 386 54.58 -47.16 -3.75
N LEU D 387 55.06 -47.29 -4.99
CA LEU D 387 55.70 -48.50 -5.45
C LEU D 387 57.01 -48.79 -4.70
N VAL D 388 57.81 -47.77 -4.53
CA VAL D 388 59.04 -47.92 -3.79
C VAL D 388 58.73 -48.40 -2.40
N TYR D 389 57.65 -47.88 -1.83
CA TYR D 389 57.20 -48.25 -0.48
C TYR D 389 56.75 -49.71 -0.45
N ALA D 390 55.92 -50.08 -1.42
CA ALA D 390 55.41 -51.44 -1.53
C ALA D 390 56.57 -52.42 -1.61
N GLU D 391 57.56 -52.13 -2.44
CA GLU D 391 58.64 -53.07 -2.64
C GLU D 391 59.48 -53.18 -1.36
N LYS D 392 59.60 -52.08 -0.64
CA LYS D 392 60.29 -52.12 0.63
C LYS D 392 59.60 -53.05 1.63
N LEU D 393 58.33 -53.38 1.38
CA LEU D 393 57.60 -54.32 2.26
C LEU D 393 58.04 -55.74 2.07
N GLY D 394 58.75 -56.04 0.99
CA GLY D 394 59.20 -57.41 0.68
C GLY D 394 58.04 -58.30 0.29
N VAL D 395 57.25 -57.88 -0.68
CA VAL D 395 56.11 -58.68 -1.09
C VAL D 395 56.45 -59.56 -2.28
N ASP D 396 55.58 -60.50 -2.61
CA ASP D 396 55.76 -61.34 -3.79
C ASP D 396 55.17 -60.66 -5.03
N TYR D 397 54.06 -59.96 -4.84
CA TYR D 397 53.39 -59.23 -5.88
C TYR D 397 53.07 -57.82 -5.47
N ILE D 398 53.29 -56.89 -6.40
CA ILE D 398 52.75 -55.58 -6.28
C ILE D 398 51.82 -55.40 -7.44
N VAL D 399 50.56 -55.11 -7.13
CA VAL D 399 49.56 -54.73 -8.15
C VAL D 399 49.08 -53.35 -7.82
N ASP D 400 49.32 -52.40 -8.73
CA ASP D 400 48.72 -51.09 -8.64
C ASP D 400 47.52 -50.98 -9.58
N ILE D 401 46.54 -50.17 -9.18
CA ILE D 401 45.35 -49.93 -9.96
C ILE D 401 45.09 -48.42 -9.87
N ALA D 402 44.88 -47.78 -11.01
CA ALA D 402 44.94 -46.33 -11.06
C ALA D 402 44.19 -45.82 -12.26
N THR D 403 43.46 -44.73 -12.07
CA THR D 403 42.84 -44.04 -13.16
C THR D 403 43.98 -43.22 -13.75
N LEU D 404 44.84 -43.89 -14.51
CA LEU D 404 46.10 -43.28 -14.84
C LEU D 404 46.10 -42.47 -16.12
N THR D 405 45.48 -42.98 -17.19
CA THR D 405 45.64 -42.28 -18.48
C THR D 405 44.35 -42.18 -19.26
N GLY D 406 44.01 -40.96 -19.64
CA GLY D 406 42.87 -40.71 -20.52
C GLY D 406 42.98 -41.50 -21.83
N ALA D 407 44.21 -41.82 -22.26
CA ALA D 407 44.42 -42.63 -23.47
C ALA D 407 43.69 -43.97 -23.41
N MET D 408 43.47 -44.49 -22.20
CA MET D 408 42.71 -45.75 -22.05
C MET D 408 41.39 -45.74 -22.80
N LEU D 409 40.74 -44.57 -22.85
CA LEU D 409 39.49 -44.43 -23.55
C LEU D 409 39.71 -44.63 -25.04
N TYR D 410 40.91 -44.34 -25.52
CA TYR D 410 41.20 -44.49 -26.93
C TYR D 410 41.73 -45.86 -27.25
N SER D 411 42.29 -46.53 -26.24
CA SER D 411 42.78 -47.88 -26.45
C SER D 411 41.71 -48.92 -26.19
N LEU D 412 41.31 -49.07 -24.94
CA LEU D 412 40.38 -50.15 -24.59
C LEU D 412 38.93 -49.71 -24.44
N GLY D 413 38.73 -48.44 -24.12
CA GLY D 413 37.39 -47.91 -24.03
C GLY D 413 36.94 -47.90 -22.59
N THR D 414 35.63 -47.98 -22.42
CA THR D 414 35.01 -47.87 -21.11
C THR D 414 34.75 -49.25 -20.46
N SER D 415 35.05 -50.32 -21.18
CA SER D 415 34.68 -51.64 -20.69
C SER D 415 35.78 -52.47 -20.11
N TYR D 416 36.94 -52.44 -20.74
CA TYR D 416 38.06 -53.28 -20.33
C TYR D 416 39.14 -52.40 -19.78
N ALA D 417 39.64 -52.75 -18.61
CA ALA D 417 40.79 -52.02 -18.10
C ALA D 417 42.02 -52.59 -18.78
N GLY D 418 43.11 -51.88 -18.68
CA GLY D 418 44.35 -52.34 -19.22
C GLY D 418 45.25 -52.84 -18.12
N VAL D 419 45.96 -53.92 -18.40
CA VAL D 419 46.96 -54.38 -17.47
C VAL D 419 48.31 -54.45 -18.15
N PHE D 420 49.29 -53.88 -17.47
CA PHE D 420 50.67 -53.88 -17.89
C PHE D 420 51.40 -54.45 -16.71
N GLY D 421 52.59 -54.98 -16.94
CA GLY D 421 53.37 -55.52 -15.86
C GLY D 421 54.72 -55.98 -16.33
N ASN D 422 55.55 -56.37 -15.36
CA ASN D 422 56.92 -56.79 -15.63
C ASN D 422 57.06 -58.26 -15.46
N ASN D 423 55.94 -58.94 -15.33
CA ASN D 423 55.93 -60.38 -14.99
C ASN D 423 54.73 -61.09 -15.58
N GLU D 424 55.00 -62.08 -16.42
CA GLU D 424 53.94 -62.77 -17.14
C GLU D 424 53.03 -63.57 -16.21
N GLU D 425 53.60 -64.34 -15.30
CA GLU D 425 52.80 -65.09 -14.34
C GLU D 425 51.82 -64.19 -13.60
N LEU D 426 52.32 -63.07 -13.10
CA LEU D 426 51.47 -62.15 -12.40
C LEU D 426 50.35 -61.61 -13.27
N ILE D 427 50.70 -61.22 -14.50
CA ILE D 427 49.74 -60.72 -15.48
C ILE D 427 48.66 -61.77 -15.72
N ASN D 428 49.08 -63.02 -15.92
CA ASN D 428 48.15 -64.10 -16.15
C ASN D 428 47.23 -64.27 -14.96
N LYS D 429 47.76 -64.11 -13.75
CA LYS D 429 46.94 -64.16 -12.54
C LYS D 429 45.85 -63.09 -12.57
N ILE D 430 46.24 -61.86 -12.92
CA ILE D 430 45.28 -60.78 -13.05
C ILE D 430 44.22 -61.14 -14.08
N LEU D 431 44.65 -61.69 -15.22
CA LEU D 431 43.73 -62.04 -16.28
C LEU D 431 42.76 -63.13 -15.82
N GLN D 432 43.27 -64.04 -15.01
CA GLN D 432 42.46 -65.13 -14.55
C GLN D 432 41.45 -64.53 -13.60
N SER D 433 41.92 -63.56 -12.82
CA SER D 433 41.07 -62.88 -11.84
C SER D 433 40.00 -62.06 -12.54
N SER D 434 40.38 -61.55 -13.72
CA SER D 434 39.46 -60.83 -14.56
C SER D 434 38.36 -61.76 -14.97
N LYS D 435 38.73 -62.95 -15.43
CA LYS D 435 37.75 -63.94 -15.90
C LYS D 435 36.77 -64.28 -14.80
N THR D 436 37.29 -64.57 -13.61
CA THR D 436 36.43 -65.07 -12.52
C THR D 436 35.65 -63.97 -11.79
N SER D 437 36.14 -62.73 -11.87
CA SER D 437 35.46 -61.59 -11.23
C SER D 437 34.44 -60.97 -12.17
N ASN D 438 34.67 -61.21 -13.46
CA ASN D 438 33.90 -60.64 -14.55
C ASN D 438 34.08 -59.13 -14.61
N GLU D 439 35.25 -58.68 -14.19
CA GLU D 439 35.70 -57.32 -14.44
C GLU D 439 36.76 -57.38 -15.53
N PRO D 440 36.36 -57.08 -16.78
CA PRO D 440 37.20 -57.31 -17.95
C PRO D 440 38.48 -56.49 -17.94
N VAL D 441 39.57 -57.19 -18.16
CA VAL D 441 40.88 -56.58 -18.23
C VAL D 441 41.59 -57.13 -19.47
N TRP D 442 42.38 -56.28 -20.11
CA TRP D 442 43.14 -56.72 -21.26
C TRP D 442 44.60 -56.42 -21.05
N TRP D 443 45.43 -57.39 -21.41
CA TRP D 443 46.86 -57.23 -21.34
C TRP D 443 47.41 -56.32 -22.41
N LEU D 444 48.07 -55.25 -21.97
CA LEU D 444 48.73 -54.32 -22.88
C LEU D 444 50.26 -54.34 -22.64
N PRO D 445 51.04 -54.06 -23.70
CA PRO D 445 52.48 -54.26 -23.59
C PRO D 445 53.16 -53.04 -23.00
N ILE D 446 54.25 -53.28 -22.28
CA ILE D 446 55.16 -52.21 -21.89
C ILE D 446 56.24 -52.29 -22.93
N ILE D 447 56.18 -51.39 -23.90
CA ILE D 447 57.09 -51.42 -25.05
C ILE D 447 58.38 -50.69 -24.68
N ASN D 448 59.46 -51.45 -24.53
CA ASN D 448 60.72 -50.87 -24.09
C ASN D 448 61.32 -49.85 -25.02
N GLU D 449 61.03 -49.98 -26.31
CA GLU D 449 61.44 -48.97 -27.29
C GLU D 449 61.12 -47.54 -26.86
N TYR D 450 60.01 -47.36 -26.15
CA TYR D 450 59.60 -46.03 -25.75
C TYR D 450 60.41 -45.46 -24.58
N ARG D 451 61.11 -46.34 -23.87
CA ARG D 451 61.83 -46.00 -22.64
C ARG D 451 62.72 -44.78 -22.82
N ALA D 452 63.43 -44.75 -23.94
CA ALA D 452 64.32 -43.65 -24.26
C ALA D 452 63.66 -42.26 -24.19
N THR D 453 62.37 -42.16 -24.51
CA THR D 453 61.71 -40.86 -24.45
C THR D 453 61.46 -40.37 -23.02
N LEU D 454 61.85 -41.19 -22.04
CA LEU D 454 61.81 -40.73 -20.64
C LEU D 454 63.17 -40.28 -20.15
N ASN D 455 64.17 -40.29 -21.05
CA ASN D 455 65.50 -39.82 -20.74
C ASN D 455 65.52 -38.29 -20.65
N SER D 456 65.50 -37.78 -19.42
CA SER D 456 65.55 -36.36 -19.17
C SER D 456 66.98 -35.89 -19.37
N LYS D 457 67.13 -34.66 -19.83
CA LYS D 457 68.44 -34.05 -20.01
C LYS D 457 69.07 -33.75 -18.67
N TYR D 458 68.24 -33.41 -17.68
CA TYR D 458 68.74 -32.92 -16.39
C TYR D 458 68.49 -33.87 -15.25
N ALA D 459 67.29 -34.45 -15.21
CA ALA D 459 66.95 -35.38 -14.15
C ALA D 459 67.33 -36.78 -14.58
N ASP D 460 67.23 -37.74 -13.65
CA ASP D 460 67.42 -39.15 -13.92
C ASP D 460 66.40 -39.63 -14.93
N ILE D 461 65.18 -39.12 -14.81
CA ILE D 461 64.09 -39.56 -15.66
C ILE D 461 63.04 -38.47 -15.84
N ASN D 462 62.42 -38.49 -17.03
CA ASN D 462 61.27 -37.67 -17.31
C ASN D 462 60.03 -38.34 -16.81
N GLN D 463 59.08 -37.52 -16.41
CA GLN D 463 57.80 -38.00 -15.92
C GLN D 463 56.97 -38.39 -17.12
N ILE D 464 56.99 -37.55 -18.13
CA ILE D 464 56.25 -37.81 -19.34
C ILE D 464 57.17 -37.91 -20.55
N SER D 465 56.68 -38.57 -21.59
CA SER D 465 57.29 -38.49 -22.90
C SER D 465 57.02 -37.10 -23.51
N SER D 466 57.93 -36.66 -24.36
CA SER D 466 57.71 -35.47 -25.20
C SER D 466 57.07 -35.91 -26.51
N SER D 467 57.67 -36.94 -27.12
CA SER D 467 57.21 -37.52 -28.41
C SER D 467 56.03 -38.52 -28.29
N VAL D 468 56.23 -39.64 -27.60
CA VAL D 468 55.28 -40.76 -27.63
C VAL D 468 53.88 -40.50 -27.06
N LYS D 469 52.88 -40.66 -27.93
CA LYS D 469 51.49 -40.43 -27.59
C LYS D 469 50.84 -41.65 -26.95
N ALA D 470 51.59 -42.75 -26.87
CA ALA D 470 51.11 -43.96 -26.22
C ALA D 470 51.30 -43.83 -24.70
N SER D 471 50.51 -42.94 -24.10
CA SER D 471 50.80 -42.51 -22.74
C SER D 471 50.56 -43.53 -21.65
N SER D 472 49.64 -44.48 -21.90
CA SER D 472 49.43 -45.57 -20.97
C SER D 472 50.64 -46.47 -20.91
N ILE D 473 51.27 -46.73 -22.07
CA ILE D 473 52.49 -47.50 -22.12
C ILE D 473 53.67 -46.73 -21.48
N VAL D 474 53.78 -45.46 -21.84
CA VAL D 474 54.79 -44.57 -21.29
C VAL D 474 54.63 -44.46 -19.75
N ALA D 475 53.43 -44.16 -19.27
CA ALA D 475 53.17 -44.18 -17.84
C ALA D 475 53.65 -45.49 -17.21
N SER D 476 53.44 -46.60 -17.92
CA SER D 476 53.80 -47.89 -17.34
C SER D 476 55.31 -48.01 -17.28
N LEU D 477 55.97 -47.60 -18.35
CA LEU D 477 57.42 -47.60 -18.41
C LEU D 477 57.98 -46.77 -17.27
N PHE D 478 57.34 -45.64 -17.01
CA PHE D 478 57.74 -44.79 -15.91
C PHE D 478 57.62 -45.55 -14.61
N LEU D 479 56.47 -46.22 -14.40
CA LEU D 479 56.22 -46.90 -13.15
C LEU D 479 57.18 -48.05 -12.94
N LYS D 480 57.44 -48.78 -14.01
CA LYS D 480 58.39 -49.87 -14.00
C LYS D 480 59.71 -49.47 -13.35
N GLU D 481 60.11 -48.23 -13.54
CA GLU D 481 61.38 -47.74 -13.02
C GLU D 481 61.43 -47.72 -11.51
N PHE D 482 60.30 -47.95 -10.86
CA PHE D 482 60.22 -47.85 -9.40
C PHE D 482 59.96 -49.18 -8.70
N VAL D 483 59.97 -50.24 -9.50
CA VAL D 483 59.94 -51.60 -9.00
C VAL D 483 61.22 -52.29 -9.49
N GLN D 484 62.11 -52.56 -8.55
CA GLN D 484 63.43 -53.05 -8.92
C GLN D 484 63.48 -54.53 -9.17
N ASN D 485 62.78 -55.30 -8.34
CA ASN D 485 62.99 -56.73 -8.33
C ASN D 485 61.79 -57.55 -7.85
N THR D 486 60.58 -57.06 -8.16
CA THR D 486 59.36 -57.70 -7.70
C THR D 486 58.41 -57.80 -8.87
N ALA D 487 57.71 -58.91 -8.93
CA ALA D 487 56.64 -59.08 -9.86
C ALA D 487 55.63 -57.96 -9.62
N TRP D 488 55.33 -57.22 -10.67
CA TRP D 488 54.51 -56.05 -10.56
C TRP D 488 53.60 -55.99 -11.76
N ALA D 489 52.34 -55.64 -11.49
CA ALA D 489 51.37 -55.36 -12.55
C ALA D 489 50.65 -54.03 -12.26
N HIS D 490 50.20 -53.38 -13.32
CA HIS D 490 49.60 -52.09 -13.22
C HIS D 490 48.29 -52.15 -14.01
N ILE D 491 47.19 -51.79 -13.36
CA ILE D 491 45.89 -51.86 -13.97
C ILE D 491 45.38 -50.46 -14.16
N ASP D 492 45.28 -50.02 -15.42
CA ASP D 492 44.84 -48.67 -15.71
C ASP D 492 43.33 -48.69 -15.95
N ILE D 493 42.61 -48.15 -14.98
CA ILE D 493 41.16 -48.18 -14.98
C ILE D 493 40.58 -46.80 -15.29
N ALA D 494 41.41 -45.91 -15.87
CA ALA D 494 40.96 -44.56 -16.24
C ALA D 494 39.76 -44.56 -17.17
N GLY D 495 39.68 -45.54 -18.07
CA GLY D 495 38.59 -45.58 -19.04
C GLY D 495 37.34 -46.25 -18.52
N VAL D 496 37.53 -47.06 -17.49
CA VAL D 496 36.60 -48.08 -17.13
C VAL D 496 35.93 -47.75 -15.80
N SER D 497 36.54 -46.83 -15.05
CA SER D 497 36.13 -46.61 -13.65
C SER D 497 34.77 -45.94 -13.51
N TRP D 498 34.51 -44.97 -14.39
CA TRP D 498 33.27 -44.19 -14.35
C TRP D 498 32.29 -44.71 -15.37
N ASN D 499 31.08 -44.94 -14.92
CA ASN D 499 30.02 -45.30 -15.80
C ASN D 499 29.41 -44.00 -16.29
N PHE D 500 29.79 -43.60 -17.48
CA PHE D 500 29.34 -42.32 -18.02
C PHE D 500 27.85 -42.34 -18.35
N LYS D 501 27.35 -43.46 -18.90
CA LYS D 501 25.93 -43.54 -19.21
C LYS D 501 25.09 -43.41 -17.93
N ALA D 502 25.46 -44.16 -16.89
CA ALA D 502 24.69 -44.15 -15.63
C ALA D 502 25.07 -43.01 -14.71
N ARG D 503 26.06 -42.21 -15.09
CA ARG D 503 26.51 -41.08 -14.29
C ARG D 503 26.87 -41.48 -12.87
N LYS D 504 27.59 -42.59 -12.73
CA LYS D 504 28.03 -43.10 -11.42
C LYS D 504 29.31 -43.96 -11.53
N PRO D 505 30.01 -44.18 -10.42
CA PRO D 505 31.19 -45.02 -10.50
C PRO D 505 30.77 -46.46 -10.66
N LYS D 506 31.72 -47.31 -11.05
CA LYS D 506 31.44 -48.71 -11.24
C LYS D 506 31.98 -49.48 -10.05
N GLY D 507 32.80 -48.82 -9.26
CA GLY D 507 33.55 -49.49 -8.20
C GLY D 507 34.49 -50.54 -8.80
N PHE D 508 34.96 -50.28 -10.03
CA PHE D 508 35.74 -51.24 -10.81
C PHE D 508 37.04 -51.65 -10.13
N GLY D 509 37.28 -52.94 -10.06
CA GLY D 509 38.55 -53.44 -9.56
C GLY D 509 38.43 -54.17 -8.25
N VAL D 510 37.42 -53.85 -7.44
CA VAL D 510 37.28 -54.47 -6.13
C VAL D 510 37.22 -55.97 -6.30
N ARG D 511 36.28 -56.43 -7.11
CA ARG D 511 36.10 -57.85 -7.30
C ARG D 511 37.33 -58.51 -7.96
N LEU D 512 37.88 -57.83 -8.95
CA LEU D 512 39.08 -58.29 -9.62
C LEU D 512 40.21 -58.53 -8.63
N LEU D 513 40.45 -57.54 -7.79
CA LEU D 513 41.56 -57.62 -6.83
C LEU D 513 41.30 -58.68 -5.80
N THR D 514 40.04 -58.79 -5.40
CA THR D 514 39.67 -59.79 -4.40
C THR D 514 39.80 -61.20 -4.96
N GLU D 515 39.31 -61.41 -6.17
CA GLU D 515 39.52 -62.70 -6.84
C GLU D 515 41.01 -63.00 -6.95
N PHE D 516 41.78 -62.00 -7.36
CA PHE D 516 43.21 -62.17 -7.43
C PHE D 516 43.79 -62.68 -6.11
N VAL D 517 43.44 -62.00 -5.01
CA VAL D 517 43.92 -62.33 -3.67
C VAL D 517 43.43 -63.73 -3.24
N LEU D 518 42.13 -63.98 -3.46
CA LEU D 518 41.50 -65.24 -3.09
C LEU D 518 41.94 -66.47 -3.88
N ASN D 519 42.20 -66.35 -5.17
CA ASN D 519 42.61 -67.52 -5.96
C ASN D 519 44.10 -67.69 -6.20
N ASP D 520 44.82 -66.56 -6.18
CA ASP D 520 46.17 -66.41 -6.82
C ASP D 520 46.99 -65.25 -6.25
N SER E 3 66.23 -13.28 1.64
CA SER E 3 67.43 -14.18 1.85
C SER E 3 67.16 -15.68 2.07
N GLU E 4 66.21 -16.05 2.92
CA GLU E 4 66.02 -17.49 3.24
C GLU E 4 64.91 -18.17 2.43
N VAL E 5 65.16 -19.38 1.95
CA VAL E 5 64.21 -19.96 0.99
C VAL E 5 62.98 -20.68 1.61
N PRO E 6 61.77 -20.10 1.35
CA PRO E 6 60.47 -20.68 1.74
C PRO E 6 60.19 -22.02 1.08
N GLN E 7 59.78 -22.99 1.93
CA GLN E 7 59.43 -24.35 1.51
C GLN E 7 58.00 -24.69 1.87
N VAL E 8 57.36 -25.52 1.03
CA VAL E 8 56.11 -26.17 1.42
C VAL E 8 56.39 -27.43 2.25
N VAL E 9 57.25 -28.33 1.74
CA VAL E 9 57.65 -29.53 2.49
C VAL E 9 59.14 -29.57 2.76
N SER E 10 59.58 -30.42 3.69
CA SER E 10 60.99 -30.44 4.03
C SER E 10 61.92 -30.76 2.83
N LEU E 11 61.35 -31.26 1.74
CA LEU E 11 62.17 -31.73 0.64
C LEU E 11 62.28 -30.72 -0.49
N ASP E 12 61.69 -29.56 -0.31
CA ASP E 12 61.83 -28.48 -1.26
C ASP E 12 63.24 -27.88 -1.21
N PRO E 13 63.90 -27.77 -2.38
CA PRO E 13 65.30 -27.26 -2.38
C PRO E 13 65.40 -25.80 -1.85
N THR E 14 66.41 -25.50 -1.03
CA THR E 14 66.62 -24.12 -0.60
C THR E 14 67.73 -23.39 -1.34
N SER E 15 68.29 -24.00 -2.39
CA SER E 15 69.29 -23.31 -3.21
C SER E 15 69.46 -23.94 -4.60
N ILE E 16 69.73 -23.11 -5.61
CA ILE E 16 70.15 -23.59 -6.94
C ILE E 16 71.57 -24.14 -6.88
N PRO E 17 71.75 -25.44 -7.09
CA PRO E 17 73.16 -25.83 -7.13
C PRO E 17 73.89 -25.13 -8.28
N ILE E 18 75.21 -24.99 -8.15
CA ILE E 18 76.04 -24.42 -9.21
C ILE E 18 77.38 -25.11 -9.37
N GLU E 19 77.70 -25.59 -10.58
CA GLU E 19 79.07 -26.01 -10.89
C GLU E 19 79.83 -24.77 -11.28
N TYR E 20 80.87 -24.42 -10.51
CA TYR E 20 81.77 -23.33 -10.87
C TYR E 20 83.12 -23.85 -11.43
N ASN E 21 83.66 -24.93 -10.83
CA ASN E 21 84.81 -25.65 -11.41
C ASN E 21 84.35 -26.72 -12.34
N THR E 22 84.48 -26.46 -13.62
CA THR E 22 84.05 -27.42 -14.59
C THR E 22 85.25 -28.13 -15.19
N PRO E 23 85.00 -29.29 -15.78
CA PRO E 23 86.12 -29.95 -16.36
C PRO E 23 86.70 -29.14 -17.52
N ILE E 24 85.93 -28.19 -18.05
CA ILE E 24 86.45 -27.29 -19.07
C ILE E 24 87.62 -26.53 -18.49
N HIS E 25 87.39 -25.91 -17.34
CA HIS E 25 88.46 -25.21 -16.65
C HIS E 25 89.78 -25.95 -16.55
N ASP E 26 89.80 -27.28 -16.51
CA ASP E 26 91.07 -28.02 -16.45
C ASP E 26 91.60 -28.50 -17.80
N ILE E 27 91.18 -27.87 -18.89
CA ILE E 27 91.80 -28.19 -20.18
C ILE E 27 92.90 -27.18 -20.49
N LYS E 28 94.13 -27.69 -20.60
CA LYS E 28 95.28 -26.90 -21.01
C LYS E 28 95.16 -26.75 -22.53
N VAL E 29 95.20 -25.51 -23.00
CA VAL E 29 94.95 -25.23 -24.39
C VAL E 29 96.21 -24.59 -24.94
N GLN E 30 96.87 -25.33 -25.81
CA GLN E 30 98.05 -24.85 -26.51
C GLN E 30 97.67 -24.68 -28.00
N VAL E 31 97.91 -23.49 -28.54
CA VAL E 31 97.58 -23.20 -29.92
C VAL E 31 98.88 -23.13 -30.73
N TYR E 32 98.99 -23.95 -31.78
CA TYR E 32 100.18 -23.95 -32.62
C TYR E 32 99.99 -23.42 -34.02
N ASP E 33 101.09 -22.99 -34.62
CA ASP E 33 101.01 -22.60 -36.01
C ASP E 33 100.94 -23.79 -36.92
N ILE E 34 100.00 -23.74 -37.85
CA ILE E 34 99.80 -24.80 -38.80
C ILE E 34 101.06 -25.03 -39.68
N LYS E 35 101.89 -24.00 -39.80
CA LYS E 35 103.16 -24.14 -40.48
C LYS E 35 104.06 -24.93 -39.51
N GLY E 36 105.19 -25.41 -39.98
CA GLY E 36 105.91 -26.42 -39.23
C GLY E 36 105.25 -27.77 -39.39
N GLY E 37 103.94 -27.78 -39.61
CA GLY E 37 103.19 -29.02 -39.70
C GLY E 37 102.73 -29.47 -38.34
N CYS E 38 101.96 -30.58 -38.33
CA CYS E 38 101.26 -31.08 -37.15
C CYS E 38 101.86 -32.36 -36.66
N ASN E 39 102.00 -32.43 -35.33
CA ASN E 39 102.26 -33.67 -34.65
C ASN E 39 100.97 -34.40 -34.30
N VAL E 40 100.88 -35.67 -34.69
CA VAL E 40 99.79 -36.53 -34.28
C VAL E 40 100.48 -37.63 -33.50
N GLU E 41 100.24 -37.61 -32.20
CA GLU E 41 101.10 -38.31 -31.26
C GLU E 41 100.24 -39.05 -30.28
N GLU E 42 99.12 -38.44 -29.94
CA GLU E 42 98.26 -38.92 -28.88
C GLU E 42 96.89 -38.27 -28.99
N GLY E 43 95.84 -39.06 -28.78
CA GLY E 43 94.51 -38.52 -28.65
C GLY E 43 93.76 -38.44 -29.95
N LEU E 44 92.80 -37.53 -30.02
CA LEU E 44 92.02 -37.36 -31.22
C LEU E 44 92.54 -36.09 -31.86
N THR E 45 92.96 -36.22 -33.12
CA THR E 45 93.27 -35.10 -34.01
C THR E 45 92.15 -35.07 -35.04
N ILE E 46 91.43 -33.95 -35.07
CA ILE E 46 90.34 -33.70 -36.03
C ILE E 46 90.75 -32.56 -37.00
N PHE E 47 90.69 -32.81 -38.30
CA PHE E 47 90.92 -31.74 -39.26
C PHE E 47 89.60 -31.05 -39.59
N LEU E 48 89.56 -29.74 -39.44
CA LEU E 48 88.38 -28.95 -39.83
C LEU E 48 88.57 -28.56 -41.27
N VAL E 49 87.67 -29.10 -42.11
CA VAL E 49 87.87 -29.23 -43.54
C VAL E 49 86.66 -28.81 -44.36
N ASN E 50 86.95 -28.11 -45.45
CA ASN E 50 85.94 -27.57 -46.31
C ASN E 50 86.35 -27.89 -47.75
N ASN E 51 85.43 -27.69 -48.68
CA ASN E 51 85.78 -27.75 -50.09
C ASN E 51 85.01 -26.65 -50.81
N PRO E 52 85.61 -25.43 -50.84
CA PRO E 52 84.97 -24.24 -51.39
C PRO E 52 84.45 -24.49 -52.80
N GLY E 53 83.16 -24.30 -53.01
CA GLY E 53 82.54 -24.50 -54.33
C GLY E 53 81.93 -25.88 -54.49
N LYS E 54 82.79 -26.91 -54.65
CA LYS E 54 82.37 -28.32 -54.61
C LYS E 54 81.48 -28.66 -53.38
N GLU E 55 80.15 -28.55 -53.55
CA GLU E 55 79.21 -28.85 -52.46
C GLU E 55 79.30 -30.35 -52.16
N ASN E 56 79.35 -30.69 -50.87
CA ASN E 56 79.54 -32.10 -50.44
C ASN E 56 80.77 -32.76 -51.07
N GLY E 57 81.80 -31.96 -51.25
CA GLY E 57 82.95 -32.41 -51.96
C GLY E 57 83.88 -33.27 -51.14
N PRO E 58 84.81 -33.90 -51.83
CA PRO E 58 85.72 -34.82 -51.15
C PRO E 58 86.47 -34.13 -50.01
N VAL E 59 86.75 -34.85 -48.94
CA VAL E 59 87.74 -34.38 -47.92
C VAL E 59 89.17 -34.38 -48.48
N LYS E 60 89.92 -33.31 -48.24
CA LYS E 60 91.34 -33.29 -48.52
C LYS E 60 92.01 -32.54 -47.39
N ILE E 61 93.15 -33.09 -46.97
CA ILE E 61 93.92 -32.59 -45.86
C ILE E 61 95.11 -31.90 -46.48
N SER E 62 95.24 -30.61 -46.23
CA SER E 62 96.40 -29.87 -46.72
C SER E 62 97.63 -30.11 -45.84
N SER E 63 97.43 -30.14 -44.52
CA SER E 63 98.53 -30.06 -43.57
C SER E 63 99.58 -31.15 -43.67
N LYS E 64 100.85 -30.75 -43.55
CA LYS E 64 101.92 -31.70 -43.26
C LYS E 64 101.62 -32.23 -41.88
N VAL E 65 101.66 -33.54 -41.75
CA VAL E 65 101.52 -34.22 -40.49
C VAL E 65 102.81 -35.00 -40.38
N ASN E 66 103.53 -34.74 -39.30
CA ASN E 66 104.87 -35.28 -39.05
C ASN E 66 104.78 -36.65 -38.39
N ASP E 67 103.95 -37.50 -39.00
CA ASP E 67 103.84 -38.89 -38.69
C ASP E 67 103.60 -39.63 -40.01
N LYS E 68 104.48 -40.58 -40.34
CA LYS E 68 104.34 -41.30 -41.59
C LYS E 68 103.01 -42.08 -41.68
N GLN E 69 102.65 -42.81 -40.62
CA GLN E 69 101.47 -43.71 -40.62
C GLN E 69 100.18 -42.93 -40.79
N VAL E 70 100.07 -41.85 -40.01
CA VAL E 70 98.92 -41.01 -40.04
C VAL E 70 98.92 -40.24 -41.36
N SER E 71 100.11 -39.95 -41.90
CA SER E 71 100.15 -39.26 -43.21
C SER E 71 99.51 -40.16 -44.27
N GLU E 72 99.79 -41.45 -44.17
CA GLU E 72 99.23 -42.39 -45.11
C GLU E 72 97.72 -42.36 -44.99
N PHE E 73 97.23 -42.33 -43.75
CA PHE E 73 95.81 -42.41 -43.49
C PHE E 73 95.14 -41.19 -44.11
N LEU E 74 95.89 -40.10 -44.11
CA LEU E 74 95.46 -38.83 -44.57
C LEU E 74 95.61 -38.67 -46.08
N LYS E 75 96.29 -39.63 -46.74
CA LYS E 75 96.44 -39.64 -48.21
C LYS E 75 95.12 -39.29 -48.97
N ASP E 76 95.28 -38.52 -50.04
CA ASP E 76 94.17 -38.08 -50.88
C ASP E 76 93.26 -39.24 -51.34
N GLU E 77 93.85 -40.32 -51.89
CA GLU E 77 93.04 -41.48 -52.34
C GLU E 77 92.20 -42.00 -51.19
N ASN E 78 92.56 -41.59 -49.99
CA ASN E 78 91.90 -42.08 -48.79
C ASN E 78 90.80 -41.13 -48.33
N MET E 79 91.12 -39.85 -48.29
CA MET E 79 90.24 -38.88 -47.67
C MET E 79 89.03 -38.59 -48.55
N GLU E 80 89.22 -38.75 -49.85
CA GLU E 80 88.21 -38.43 -50.84
C GLU E 80 87.02 -39.35 -50.71
N LYS E 81 87.16 -40.43 -49.95
CA LYS E 81 86.02 -41.32 -49.72
C LYS E 81 85.07 -40.69 -48.72
N PHE E 82 85.45 -39.53 -48.21
CA PHE E 82 84.67 -38.85 -47.26
C PHE E 82 84.39 -37.53 -47.88
N ASN E 83 83.28 -36.92 -47.49
CA ASN E 83 82.91 -35.67 -48.08
C ASN E 83 82.72 -34.62 -47.02
N VAL E 84 82.59 -33.39 -47.48
CA VAL E 84 82.73 -32.22 -46.65
C VAL E 84 81.42 -31.66 -46.08
N LYS E 85 80.28 -32.19 -46.50
CA LYS E 85 78.97 -31.78 -45.94
C LYS E 85 79.10 -31.32 -44.47
N LEU E 86 78.68 -30.09 -44.20
CA LEU E 86 78.75 -29.51 -42.86
C LEU E 86 78.34 -30.49 -41.80
N GLY E 87 79.30 -30.83 -40.93
CA GLY E 87 79.04 -31.59 -39.74
C GLY E 87 79.09 -33.07 -39.98
N THR E 88 79.35 -33.48 -41.21
CA THR E 88 79.65 -34.86 -41.47
C THR E 88 81.03 -35.13 -40.89
N SER E 89 81.08 -36.13 -40.01
CA SER E 89 82.36 -36.54 -39.43
C SER E 89 82.70 -38.02 -39.69
N LYS E 90 83.97 -38.33 -39.48
CA LYS E 90 84.47 -39.66 -39.54
C LYS E 90 85.74 -39.61 -38.72
N HIS E 91 85.94 -40.56 -37.82
CA HIS E 91 87.23 -40.65 -37.19
C HIS E 91 87.69 -42.08 -37.10
N PHE E 92 88.99 -42.29 -37.31
CA PHE E 92 89.54 -43.60 -37.29
C PHE E 92 90.57 -43.72 -36.18
N TYR E 93 90.69 -44.94 -35.66
CA TYR E 93 91.74 -45.28 -34.72
C TYR E 93 92.84 -46.06 -35.43
N MET E 94 94.08 -45.69 -35.14
CA MET E 94 95.18 -46.34 -35.77
C MET E 94 96.38 -46.11 -34.91
N PHE E 95 97.43 -46.84 -35.26
CA PHE E 95 98.72 -46.65 -34.64
C PHE E 95 99.48 -45.63 -35.43
N ASN E 96 100.07 -44.67 -34.72
CA ASN E 96 101.04 -43.77 -35.29
C ASN E 96 102.45 -44.47 -35.38
N ASP E 97 103.47 -43.75 -35.85
CA ASP E 97 104.83 -44.33 -36.05
C ASP E 97 105.39 -44.85 -34.76
N ASN E 98 104.86 -44.33 -33.65
CA ASN E 98 105.29 -44.77 -32.35
C ASN E 98 104.60 -46.05 -31.84
N LYS E 99 103.76 -46.62 -32.65
CA LYS E 99 102.89 -47.64 -32.21
C LYS E 99 102.05 -47.13 -31.06
N ASN E 100 101.68 -45.88 -31.11
CA ASN E 100 100.83 -45.39 -30.10
C ASN E 100 99.43 -45.20 -30.63
N SER E 101 98.44 -45.63 -29.89
CA SER E 101 97.08 -45.46 -30.38
C SER E 101 96.63 -44.04 -30.48
N VAL E 102 96.14 -43.69 -31.64
CA VAL E 102 95.69 -42.35 -31.93
C VAL E 102 94.45 -42.39 -32.80
N ALA E 103 93.74 -41.28 -32.76
CA ALA E 103 92.43 -41.17 -33.34
C ALA E 103 92.47 -39.98 -34.31
N VAL E 104 92.35 -40.26 -35.60
CA VAL E 104 92.41 -39.17 -36.59
C VAL E 104 91.14 -39.03 -37.38
N GLY E 105 90.74 -37.80 -37.62
CA GLY E 105 89.50 -37.62 -38.34
C GLY E 105 89.23 -36.18 -38.71
N TYR E 106 88.01 -35.90 -39.16
CA TYR E 106 87.69 -34.59 -39.69
C TYR E 106 86.22 -34.21 -39.41
N VAL E 107 85.89 -32.93 -39.35
CA VAL E 107 84.52 -32.56 -39.41
C VAL E 107 84.37 -31.74 -40.65
N GLY E 108 83.37 -32.08 -41.47
CA GLY E 108 83.11 -31.27 -42.70
C GLY E 108 82.57 -29.88 -42.40
N CYS E 109 83.12 -28.87 -43.08
CA CYS E 109 82.70 -27.47 -42.92
C CYS E 109 82.18 -26.91 -44.25
N GLY E 110 81.58 -27.76 -45.09
CA GLY E 110 80.99 -27.33 -46.35
C GLY E 110 81.89 -26.64 -47.36
N SER E 111 81.26 -25.77 -48.12
CA SER E 111 81.77 -25.27 -49.38
C SER E 111 81.84 -23.77 -49.37
N VAL E 112 81.40 -23.22 -48.24
CA VAL E 112 81.31 -21.82 -48.06
C VAL E 112 82.59 -21.49 -47.32
N ALA E 113 83.30 -20.46 -47.78
CA ALA E 113 84.59 -20.12 -47.20
C ALA E 113 84.43 -19.50 -45.80
N ASP E 114 83.41 -18.68 -45.61
CA ASP E 114 83.24 -17.97 -44.34
C ASP E 114 82.10 -18.62 -43.54
N LEU E 115 82.44 -19.45 -42.57
CA LEU E 115 81.44 -20.05 -41.73
C LEU E 115 80.65 -18.98 -40.98
N SER E 116 79.33 -19.07 -41.02
CA SER E 116 78.51 -18.24 -40.16
C SER E 116 78.57 -18.87 -38.78
N GLU E 117 78.00 -18.23 -37.77
CA GLU E 117 78.01 -18.80 -36.43
C GLU E 117 77.19 -20.06 -36.36
N ALA E 118 76.10 -20.11 -37.12
CA ALA E 118 75.32 -21.35 -37.27
C ALA E 118 76.16 -22.48 -37.84
N ASP E 119 77.01 -22.16 -38.84
CA ASP E 119 77.81 -23.18 -39.49
C ASP E 119 78.79 -23.69 -38.47
N MET E 120 79.41 -22.77 -37.75
CA MET E 120 80.38 -23.13 -36.73
C MET E 120 79.70 -24.00 -35.67
N LYS E 121 78.52 -23.59 -35.21
CA LYS E 121 77.73 -24.38 -34.27
C LYS E 121 77.70 -25.81 -34.76
N ARG E 122 77.18 -25.99 -35.98
CA ARG E 122 77.09 -27.32 -36.56
C ARG E 122 78.43 -28.10 -36.58
N VAL E 123 79.55 -27.45 -36.84
CA VAL E 123 80.81 -28.18 -36.80
C VAL E 123 81.27 -28.55 -35.40
N VAL E 124 81.03 -27.68 -34.41
CA VAL E 124 81.36 -28.00 -33.02
C VAL E 124 80.48 -29.14 -32.46
N LEU E 125 79.16 -29.07 -32.68
CA LEU E 125 78.26 -30.18 -32.33
C LEU E 125 78.79 -31.47 -32.86
N SER E 126 79.12 -31.51 -34.14
CA SER E 126 79.65 -32.71 -34.71
C SER E 126 80.99 -33.07 -34.01
N LEU E 127 81.84 -32.09 -33.80
CA LEU E 127 83.03 -32.31 -33.03
C LEU E 127 82.76 -32.83 -31.59
N VAL E 128 81.72 -32.33 -30.93
CA VAL E 128 81.48 -32.62 -29.50
C VAL E 128 80.99 -34.04 -29.33
N THR E 129 80.27 -34.51 -30.35
CA THR E 129 79.79 -35.88 -30.39
C THR E 129 80.94 -36.87 -30.38
N MET E 130 82.05 -36.48 -30.99
CA MET E 130 83.21 -37.35 -30.95
C MET E 130 83.83 -37.32 -29.55
N LEU E 131 83.78 -36.17 -28.92
CA LEU E 131 84.20 -36.09 -27.55
C LEU E 131 83.35 -36.98 -26.63
N HIS E 132 82.03 -36.78 -26.62
CA HIS E 132 81.17 -37.62 -25.80
C HIS E 132 81.32 -39.11 -26.03
N ASP E 133 81.77 -39.53 -27.19
CA ASP E 133 81.70 -40.92 -27.59
C ASP E 133 83.04 -41.69 -27.45
N ASN E 134 84.10 -40.99 -27.05
CA ASN E 134 85.40 -41.64 -26.93
C ASN E 134 86.21 -41.07 -25.77
N LYS E 135 86.78 -41.94 -24.96
CA LYS E 135 87.57 -41.47 -23.85
C LYS E 135 88.83 -40.93 -24.39
N LEU E 136 89.23 -39.81 -23.93
CA LEU E 136 90.31 -39.16 -24.67
C LEU E 136 91.09 -38.19 -23.82
N SER E 137 92.40 -38.38 -23.81
CA SER E 137 93.30 -37.54 -23.02
C SER E 137 93.36 -36.13 -23.61
N LYS E 138 93.34 -36.09 -24.95
CA LYS E 138 93.63 -34.92 -25.76
C LYS E 138 92.77 -34.85 -27.03
N LEU E 139 92.36 -33.63 -27.34
CA LEU E 139 91.73 -33.26 -28.58
C LEU E 139 92.64 -32.23 -29.25
N THR E 140 92.93 -32.46 -30.52
CA THR E 140 93.71 -31.52 -31.28
C THR E 140 92.81 -31.21 -32.45
N VAL E 141 92.71 -29.93 -32.79
CA VAL E 141 91.93 -29.55 -33.94
C VAL E 141 92.77 -28.73 -34.90
N VAL E 142 92.80 -29.21 -36.14
CA VAL E 142 93.60 -28.57 -37.13
C VAL E 142 92.62 -27.76 -37.96
N PHE E 143 92.80 -26.46 -37.96
CA PHE E 143 91.92 -25.62 -38.74
C PHE E 143 92.42 -25.47 -40.15
N GLU E 144 91.90 -26.29 -41.06
CA GLU E 144 92.14 -26.02 -42.48
C GLU E 144 90.97 -25.24 -43.07
N ILE E 145 90.38 -24.37 -42.24
CA ILE E 145 89.51 -23.29 -42.73
C ILE E 145 90.04 -21.92 -42.29
N ASN E 146 89.32 -20.85 -42.58
CA ASN E 146 89.62 -19.56 -41.96
C ASN E 146 88.62 -19.24 -40.87
N VAL E 147 88.68 -18.04 -40.34
CA VAL E 147 88.12 -17.80 -39.04
C VAL E 147 88.93 -16.62 -38.54
N ASP E 148 88.23 -15.56 -38.17
CA ASP E 148 88.87 -14.42 -37.54
C ASP E 148 89.11 -14.75 -36.07
N LYS E 149 89.73 -13.85 -35.34
CA LYS E 149 89.86 -14.03 -33.90
C LYS E 149 88.49 -14.32 -33.29
N ASN E 150 87.45 -13.53 -33.60
CA ASN E 150 86.13 -13.71 -32.97
C ASN E 150 85.46 -15.06 -33.25
N LEU E 151 85.59 -15.53 -34.49
CA LEU E 151 85.06 -16.84 -34.80
C LEU E 151 85.81 -17.91 -34.04
N PHE E 152 87.13 -17.84 -34.10
CA PHE E 152 87.94 -18.73 -33.27
C PHE E 152 87.54 -18.69 -31.78
N ARG E 153 87.37 -17.50 -31.22
CA ARG E 153 86.88 -17.42 -29.87
C ARG E 153 85.52 -18.03 -29.72
N PHE E 154 84.65 -17.81 -30.70
CA PHE E 154 83.30 -18.39 -30.62
C PHE E 154 83.29 -19.89 -30.69
N PHE E 155 84.20 -20.48 -31.50
CA PHE E 155 84.35 -21.94 -31.65
C PHE E 155 84.83 -22.57 -30.32
N LEU E 156 85.84 -21.94 -29.74
CA LEU E 156 86.30 -22.27 -28.40
C LEU E 156 85.17 -22.20 -27.36
N GLU E 157 84.47 -21.09 -27.22
CA GLU E 157 83.35 -21.11 -26.26
C GLU E 157 82.30 -22.19 -26.55
N THR E 158 81.92 -22.33 -27.82
CA THR E 158 80.80 -23.24 -28.20
C THR E 158 81.20 -24.67 -27.83
N LEU E 159 82.44 -25.01 -28.14
CA LEU E 159 82.97 -26.33 -27.86
C LEU E 159 83.01 -26.62 -26.37
N PHE E 160 83.49 -25.67 -25.60
CA PHE E 160 83.50 -25.76 -24.14
C PHE E 160 82.13 -25.90 -23.61
N TYR E 161 81.20 -25.13 -24.17
CA TYR E 161 79.84 -25.12 -23.64
C TYR E 161 79.19 -26.42 -23.98
N GLU E 162 79.22 -26.78 -25.25
CA GLU E 162 78.48 -27.91 -25.77
C GLU E 162 78.97 -29.25 -25.25
N TYR E 163 80.24 -29.29 -24.85
CA TYR E 163 80.92 -30.50 -24.43
C TYR E 163 80.73 -30.64 -22.96
N MET E 164 80.65 -29.51 -22.26
CA MET E 164 80.20 -29.55 -20.89
C MET E 164 78.75 -30.01 -20.89
N THR E 165 78.48 -31.04 -20.09
CA THR E 165 77.11 -31.47 -19.82
C THR E 165 76.75 -31.30 -18.34
N ASP E 166 75.60 -30.69 -18.09
CA ASP E 166 75.09 -30.36 -16.76
C ASP E 166 74.50 -31.58 -15.98
N GLU E 167 75.01 -31.85 -14.78
CA GLU E 167 74.66 -33.08 -14.07
C GLU E 167 74.20 -32.82 -12.64
N ARG E 168 73.89 -31.58 -12.34
CA ARG E 168 73.54 -31.15 -11.00
C ARG E 168 72.25 -31.84 -10.56
N PHE E 169 71.39 -32.16 -11.52
CA PHE E 169 70.13 -32.79 -11.16
C PHE E 169 70.11 -34.30 -11.37
N LYS E 170 71.27 -34.87 -11.73
CA LYS E 170 71.44 -36.32 -11.89
C LYS E 170 71.74 -36.96 -10.54
N SER E 171 71.23 -38.18 -10.30
CA SER E 171 71.73 -39.09 -9.26
C SER E 171 71.34 -40.54 -9.55
N GLU E 179 85.23 -38.55 -17.16
CA GLU E 179 86.51 -38.44 -17.87
C GLU E 179 86.43 -37.54 -19.15
N TYR E 180 86.75 -36.25 -18.99
CA TYR E 180 86.89 -35.30 -20.10
C TYR E 180 88.36 -35.23 -20.56
N ILE E 181 88.61 -34.60 -21.71
CA ILE E 181 89.95 -34.33 -22.13
C ILE E 181 90.63 -33.36 -21.16
N LYS E 182 91.95 -33.36 -21.18
CA LYS E 182 92.73 -32.52 -20.26
C LYS E 182 93.54 -31.53 -21.09
N HIS E 183 93.74 -31.89 -22.35
CA HIS E 183 94.53 -31.11 -23.32
C HIS E 183 93.74 -30.85 -24.61
N LEU E 184 93.67 -29.60 -25.04
CA LEU E 184 93.15 -29.25 -26.34
C LEU E 184 94.27 -28.54 -27.09
N GLY E 185 94.60 -29.08 -28.25
CA GLY E 185 95.62 -28.51 -29.09
C GLY E 185 94.90 -27.96 -30.31
N VAL E 186 95.34 -26.77 -30.76
CA VAL E 186 94.84 -26.17 -31.97
C VAL E 186 95.95 -25.84 -32.94
N TYR E 187 95.91 -26.45 -34.12
CA TYR E 187 96.75 -25.99 -35.22
C TYR E 187 95.95 -25.00 -36.08
N ILE E 188 96.47 -23.78 -36.22
CA ILE E 188 95.77 -22.75 -36.95
C ILE E 188 96.84 -21.85 -37.49
N ASN E 189 96.55 -21.22 -38.60
CA ASN E 189 97.51 -20.32 -39.23
C ASN E 189 97.55 -19.02 -38.48
N ASN E 190 98.77 -18.51 -38.33
CA ASN E 190 99.01 -17.24 -37.65
C ASN E 190 98.55 -17.39 -36.21
N ALA E 191 99.10 -18.40 -35.56
CA ALA E 191 98.62 -18.86 -34.28
C ALA E 191 98.87 -17.90 -33.12
N ASP E 192 99.91 -17.07 -33.24
CA ASP E 192 100.24 -16.10 -32.19
C ASP E 192 99.09 -15.13 -31.96
N THR E 193 98.43 -14.71 -33.04
CA THR E 193 97.38 -13.69 -32.93
C THR E 193 96.23 -14.14 -32.02
N TYR E 194 96.15 -15.47 -31.84
CA TYR E 194 94.96 -16.12 -31.31
C TYR E 194 95.05 -16.53 -29.87
N LYS E 195 96.27 -16.58 -29.34
CA LYS E 195 96.49 -17.06 -27.99
C LYS E 195 95.67 -16.30 -26.95
N GLU E 196 95.52 -15.00 -27.17
CA GLU E 196 94.82 -14.14 -26.23
C GLU E 196 93.34 -14.48 -26.17
N GLU E 197 92.83 -15.12 -27.22
CA GLU E 197 91.43 -15.47 -27.29
C GLU E 197 91.05 -16.62 -26.40
N VAL E 198 92.05 -17.47 -26.09
CA VAL E 198 91.83 -18.69 -25.29
C VAL E 198 91.19 -18.41 -23.95
N GLU E 199 91.82 -17.59 -23.11
CA GLU E 199 91.31 -17.36 -21.76
C GLU E 199 90.06 -16.51 -21.77
N LYS E 200 89.94 -15.67 -22.79
CA LYS E 200 88.72 -14.91 -23.02
C LYS E 200 87.56 -15.84 -23.29
N ALA E 201 87.80 -16.79 -24.19
CA ALA E 201 86.84 -17.85 -24.51
C ALA E 201 86.43 -18.60 -23.27
N ARG E 202 87.41 -18.95 -22.43
CA ARG E 202 87.12 -19.70 -21.22
C ARG E 202 86.20 -18.91 -20.28
N VAL E 203 86.47 -17.62 -20.13
CA VAL E 203 85.61 -16.75 -19.34
C VAL E 203 84.20 -16.68 -19.95
N TYR E 204 84.15 -16.42 -21.24
CA TYR E 204 82.89 -16.34 -21.97
C TYR E 204 82.12 -17.64 -21.86
N TYR E 205 82.85 -18.75 -22.02
CA TYR E 205 82.25 -20.06 -21.83
C TYR E 205 81.54 -20.12 -20.49
N PHE E 206 82.26 -19.81 -19.42
CA PHE E 206 81.65 -19.98 -18.12
C PHE E 206 80.51 -19.01 -17.83
N GLY E 207 80.64 -17.78 -18.29
CA GLY E 207 79.55 -16.85 -18.14
C GLY E 207 78.31 -17.43 -18.78
N THR E 208 78.47 -17.97 -19.98
CA THR E 208 77.38 -18.51 -20.77
C THR E 208 76.85 -19.73 -20.05
N TYR E 209 77.77 -20.56 -19.59
CA TYR E 209 77.41 -21.82 -18.98
C TYR E 209 76.73 -21.58 -17.62
N TYR E 210 77.20 -20.56 -16.92
CA TYR E 210 76.65 -20.16 -15.66
C TYR E 210 75.20 -19.70 -15.85
N ALA E 211 74.96 -18.91 -16.90
CA ALA E 211 73.61 -18.45 -17.22
C ALA E 211 72.79 -19.68 -17.51
N SER E 212 73.33 -20.53 -18.37
CA SER E 212 72.73 -21.80 -18.75
C SER E 212 72.26 -22.58 -17.51
N GLN E 213 73.16 -22.70 -16.55
CA GLN E 213 72.88 -23.43 -15.31
C GLN E 213 71.69 -22.82 -14.57
N LEU E 214 71.63 -21.51 -14.49
CA LEU E 214 70.51 -20.86 -13.84
C LEU E 214 69.21 -21.13 -14.59
N ILE E 215 69.26 -21.00 -15.91
CA ILE E 215 68.08 -21.14 -16.72
C ILE E 215 67.60 -22.55 -16.58
N ALA E 216 68.51 -23.50 -16.71
CA ALA E 216 68.16 -24.91 -16.71
C ALA E 216 67.62 -25.35 -15.38
N ALA E 217 68.16 -24.79 -14.30
CA ALA E 217 67.60 -25.03 -12.96
C ALA E 217 66.06 -24.84 -12.98
N PRO E 218 65.30 -25.88 -12.62
CA PRO E 218 63.84 -25.83 -12.57
C PRO E 218 63.37 -24.87 -11.49
N SER E 219 62.12 -24.43 -11.61
CA SER E 219 61.61 -23.33 -10.84
C SER E 219 61.49 -23.62 -9.37
N ASN E 220 61.39 -24.89 -9.00
CA ASN E 220 61.46 -25.26 -7.58
C ASN E 220 62.86 -25.02 -6.99
N TYR E 221 63.90 -25.11 -7.81
CA TYR E 221 65.25 -24.85 -7.38
C TYR E 221 65.54 -23.37 -7.54
N CYS E 222 65.25 -22.89 -8.72
CA CYS E 222 65.49 -21.53 -9.05
C CYS E 222 64.19 -20.75 -8.90
N ASN E 223 64.05 -20.12 -7.74
CA ASN E 223 62.96 -19.20 -7.43
C ASN E 223 63.56 -17.81 -7.10
N PRO E 224 62.69 -16.79 -6.96
CA PRO E 224 63.22 -15.46 -6.70
C PRO E 224 64.22 -15.39 -5.54
N VAL E 225 64.04 -16.21 -4.51
CA VAL E 225 64.89 -16.09 -3.34
C VAL E 225 66.21 -16.77 -3.60
N SER E 226 66.14 -17.95 -4.16
CA SER E 226 67.35 -18.72 -4.46
C SER E 226 68.14 -18.08 -5.60
N LEU E 227 67.44 -17.52 -6.59
CA LEU E 227 68.12 -16.80 -7.67
C LEU E 227 68.94 -15.60 -7.14
N SER E 228 68.25 -14.69 -6.44
CA SER E 228 68.90 -13.57 -5.81
C SER E 228 70.03 -14.03 -4.86
N ASN E 229 69.81 -15.14 -4.13
CA ASN E 229 70.88 -15.66 -3.32
C ASN E 229 72.08 -16.05 -4.16
N ALA E 230 71.83 -16.61 -5.34
CA ALA E 230 72.91 -17.05 -6.19
C ALA E 230 73.67 -15.84 -6.75
N ALA E 231 72.92 -14.79 -7.07
CA ALA E 231 73.55 -13.57 -7.54
C ALA E 231 74.47 -12.97 -6.47
N VAL E 232 73.99 -12.95 -5.22
CA VAL E 232 74.76 -12.45 -4.11
C VAL E 232 76.08 -13.24 -4.02
N GLU E 233 75.97 -14.55 -4.13
CA GLU E 233 77.11 -15.41 -4.04
C GLU E 233 78.08 -15.11 -5.17
N LEU E 234 77.57 -14.91 -6.38
CA LEU E 234 78.40 -14.60 -7.52
C LEU E 234 79.11 -13.27 -7.32
N ALA E 235 78.35 -12.28 -6.86
CA ALA E 235 78.89 -10.96 -6.56
C ALA E 235 80.02 -11.07 -5.56
N GLN E 236 79.84 -11.93 -4.56
CA GLN E 236 80.84 -12.06 -3.52
C GLN E 236 82.09 -12.66 -4.08
N LYS E 237 81.92 -13.64 -4.95
CA LYS E 237 83.04 -14.30 -5.57
C LYS E 237 83.77 -13.36 -6.53
N LEU E 238 83.07 -12.35 -7.03
CA LEU E 238 83.65 -11.47 -8.02
C LEU E 238 84.03 -10.11 -7.49
N ASN E 239 83.89 -9.92 -6.18
CA ASN E 239 84.01 -8.62 -5.53
C ASN E 239 83.18 -7.52 -6.15
N LEU E 240 81.96 -7.86 -6.55
CA LEU E 240 81.05 -6.86 -7.04
C LEU E 240 80.25 -6.30 -5.88
N GLU E 241 79.95 -5.01 -5.91
CA GLU E 241 78.92 -4.49 -5.02
C GLU E 241 77.59 -5.14 -5.38
N TYR E 242 76.79 -5.41 -4.35
CA TYR E 242 75.48 -5.96 -4.57
C TYR E 242 74.50 -5.42 -3.53
N LYS E 243 73.23 -5.39 -3.93
CA LYS E 243 72.15 -5.00 -3.08
C LYS E 243 70.98 -5.84 -3.59
N ILE E 244 70.29 -6.50 -2.66
CA ILE E 244 69.06 -7.18 -3.00
C ILE E 244 67.87 -6.44 -2.38
N LEU E 245 66.99 -5.93 -3.22
CA LEU E 245 65.81 -5.24 -2.72
C LEU E 245 64.71 -6.24 -2.45
N GLY E 246 64.27 -6.24 -1.19
CA GLY E 246 63.14 -7.02 -0.71
C GLY E 246 61.83 -6.26 -0.79
N VAL E 247 60.73 -6.96 -0.52
CA VAL E 247 59.40 -6.39 -0.65
C VAL E 247 59.21 -5.03 0.03
N LYS E 248 59.69 -4.89 1.26
CA LYS E 248 59.53 -3.63 1.99
C LYS E 248 60.17 -2.46 1.21
N GLU E 249 61.40 -2.66 0.73
CA GLU E 249 62.09 -1.63 -0.05
C GLU E 249 61.41 -1.39 -1.37
N LEU E 250 60.98 -2.48 -2.02
CA LEU E 250 60.24 -2.37 -3.28
C LEU E 250 58.96 -1.55 -3.12
N GLU E 251 58.24 -1.78 -2.02
CA GLU E 251 57.04 -0.97 -1.68
C GLU E 251 57.39 0.50 -1.47
N GLU E 252 58.43 0.76 -0.69
CA GLU E 252 58.96 2.13 -0.51
C GLU E 252 59.31 2.75 -1.86
N LEU E 253 59.85 1.95 -2.77
CA LEU E 253 60.19 2.49 -4.08
C LEU E 253 58.98 2.60 -5.01
N LYS E 254 57.83 2.10 -4.54
CA LYS E 254 56.55 2.17 -5.29
C LYS E 254 56.59 1.39 -6.62
N MET E 255 57.30 0.27 -6.61
CA MET E 255 57.36 -0.64 -7.74
C MET E 255 56.13 -1.55 -7.77
N GLY E 256 54.98 -0.91 -8.01
CA GLY E 256 53.69 -1.62 -8.10
C GLY E 256 53.51 -2.58 -9.26
N ALA E 257 54.11 -2.27 -10.41
CA ALA E 257 53.95 -3.12 -11.56
C ALA E 257 54.69 -4.39 -11.28
N TYR E 258 55.91 -4.25 -10.81
CA TYR E 258 56.77 -5.40 -10.48
C TYR E 258 56.19 -6.23 -9.34
N LEU E 259 55.79 -5.56 -8.26
CA LEU E 259 55.21 -6.26 -7.11
C LEU E 259 53.89 -6.91 -7.43
N SER E 260 53.12 -6.34 -8.35
CA SER E 260 51.85 -6.99 -8.73
C SER E 260 52.04 -8.39 -9.28
N VAL E 261 53.04 -8.54 -10.15
CA VAL E 261 53.31 -9.81 -10.79
C VAL E 261 53.60 -10.90 -9.76
N GLY E 262 54.40 -10.52 -8.76
CA GLY E 262 54.86 -11.48 -7.76
C GLY E 262 53.89 -11.73 -6.64
N LYS E 263 52.78 -10.97 -6.58
CA LYS E 263 51.77 -11.10 -5.51
C LYS E 263 51.27 -12.55 -5.30
N GLY E 264 51.09 -13.27 -6.42
CA GLY E 264 50.60 -14.63 -6.31
C GLY E 264 51.63 -15.66 -5.90
N SER E 265 52.91 -15.28 -5.78
CA SER E 265 53.95 -16.27 -5.50
C SER E 265 54.19 -16.49 -4.00
N MET E 266 54.66 -17.67 -3.66
CA MET E 266 55.04 -17.96 -2.29
C MET E 266 56.42 -17.39 -2.03
N TYR E 267 57.10 -16.99 -3.10
CA TYR E 267 58.42 -16.40 -2.97
C TYR E 267 58.31 -14.91 -3.06
N PRO E 268 58.80 -14.21 -2.03
CA PRO E 268 58.82 -12.74 -2.07
C PRO E 268 59.62 -12.27 -3.27
N ASN E 269 59.21 -11.16 -3.88
CA ASN E 269 60.03 -10.53 -4.92
C ASN E 269 61.38 -10.18 -4.43
N LYS E 270 62.37 -10.31 -5.31
CA LYS E 270 63.74 -9.98 -4.96
C LYS E 270 64.29 -9.25 -6.13
N PHE E 271 64.76 -8.03 -5.90
CA PHE E 271 65.31 -7.21 -6.97
C PHE E 271 66.83 -7.28 -6.88
N ILE E 272 67.45 -7.78 -7.96
CA ILE E 272 68.88 -7.99 -7.96
C ILE E 272 69.56 -6.77 -8.52
N HIS E 273 70.50 -6.21 -7.75
CA HIS E 273 71.31 -5.05 -8.14
C HIS E 273 72.78 -5.34 -7.84
N LEU E 274 73.48 -5.73 -8.91
CA LEU E 274 74.91 -5.91 -8.88
C LEU E 274 75.56 -4.69 -9.54
N THR E 275 76.75 -4.33 -9.07
CA THR E 275 77.48 -3.20 -9.62
C THR E 275 78.94 -3.57 -9.77
N TYR E 276 79.44 -3.36 -10.98
CA TYR E 276 80.85 -3.38 -11.23
C TYR E 276 81.23 -1.93 -11.51
N LYS E 277 82.24 -1.44 -10.79
CA LYS E 277 82.81 -0.12 -11.05
C LYS E 277 84.28 -0.26 -11.40
N SER E 278 84.74 0.45 -12.42
CA SER E 278 86.15 0.33 -12.84
C SER E 278 87.05 1.06 -11.88
N LYS E 279 88.31 0.64 -11.83
CA LYS E 279 89.31 1.28 -10.98
C LYS E 279 89.54 2.74 -11.38
N GLY E 280 89.73 2.99 -12.68
CA GLY E 280 90.04 4.33 -13.17
C GLY E 280 88.87 5.31 -13.22
N ASP E 281 89.00 6.34 -14.05
CA ASP E 281 87.91 7.28 -14.29
C ASP E 281 86.79 6.50 -14.96
N VAL E 282 85.56 6.76 -14.53
CA VAL E 282 84.42 6.12 -15.16
C VAL E 282 83.92 7.00 -16.30
N LYS E 283 83.96 6.45 -17.50
CA LYS E 283 83.59 7.19 -18.71
C LYS E 283 82.21 6.83 -19.23
N LYS E 284 81.74 5.65 -18.85
CA LYS E 284 80.50 5.11 -19.36
C LYS E 284 79.77 4.41 -18.22
N LYS E 285 78.49 4.72 -18.05
CA LYS E 285 77.66 4.03 -17.07
C LYS E 285 76.55 3.27 -17.79
N ILE E 286 76.46 1.99 -17.49
CA ILE E 286 75.55 1.08 -18.18
C ILE E 286 74.71 0.33 -17.17
N ALA E 287 73.40 0.31 -17.42
CA ALA E 287 72.48 -0.50 -16.66
C ALA E 287 72.03 -1.65 -17.56
N LEU E 288 72.33 -2.89 -17.13
CA LEU E 288 71.91 -4.08 -17.82
C LEU E 288 70.74 -4.67 -17.06
N VAL E 289 69.58 -4.72 -17.72
CA VAL E 289 68.36 -5.17 -17.06
C VAL E 289 67.92 -6.49 -17.66
N GLY E 290 67.88 -7.53 -16.82
CA GLY E 290 67.36 -8.84 -17.27
C GLY E 290 65.99 -9.18 -16.72
N LYS E 291 65.08 -9.65 -17.58
CA LYS E 291 63.82 -10.19 -17.10
C LYS E 291 64.13 -11.38 -16.24
N GLY E 292 63.55 -11.37 -15.04
CA GLY E 292 63.78 -12.44 -14.09
C GLY E 292 62.53 -13.12 -13.57
N ILE E 293 61.72 -13.69 -14.47
CA ILE E 293 60.55 -14.44 -14.03
C ILE E 293 60.99 -15.85 -13.85
N THR E 294 61.06 -16.31 -12.59
CA THR E 294 61.61 -17.65 -12.30
C THR E 294 60.71 -18.77 -12.68
N PHE E 295 59.42 -18.48 -12.68
CA PHE E 295 58.47 -19.34 -13.39
C PHE E 295 57.30 -18.53 -13.86
N ASP E 296 56.93 -18.76 -15.10
CA ASP E 296 55.81 -18.02 -15.68
C ASP E 296 54.64 -18.95 -16.00
N SER E 297 53.72 -19.05 -15.05
CA SER E 297 52.51 -19.85 -15.22
C SER E 297 51.54 -19.13 -16.13
N GLY E 298 51.75 -17.83 -16.32
CA GLY E 298 50.81 -17.00 -17.00
C GLY E 298 49.89 -16.27 -16.04
N GLY E 299 49.81 -16.74 -14.80
CA GLY E 299 48.89 -16.11 -13.85
C GLY E 299 47.49 -16.55 -14.20
N TYR E 300 46.48 -15.81 -13.76
CA TYR E 300 45.10 -16.08 -14.15
C TYR E 300 44.92 -16.25 -15.65
N ASN E 301 45.69 -15.51 -16.45
CA ASN E 301 45.80 -15.83 -17.88
C ASN E 301 46.74 -16.99 -18.04
N LEU E 302 46.36 -18.11 -17.45
CA LEU E 302 47.18 -19.29 -17.41
C LEU E 302 47.60 -19.72 -18.80
N LYS E 303 48.83 -20.22 -18.88
CA LYS E 303 49.35 -20.77 -20.13
C LYS E 303 48.73 -22.13 -20.32
N ALA E 304 47.55 -22.15 -20.92
CA ALA E 304 46.78 -23.38 -21.08
C ALA E 304 46.54 -23.65 -22.55
N ALA E 305 46.75 -22.64 -23.39
CA ALA E 305 46.62 -22.77 -24.84
C ALA E 305 47.66 -23.75 -25.38
N PRO E 306 47.31 -24.49 -26.44
CA PRO E 306 48.32 -25.33 -27.13
C PRO E 306 49.47 -24.50 -27.60
N GLY E 307 50.69 -25.00 -27.39
CA GLY E 307 51.90 -24.26 -27.81
C GLY E 307 52.37 -23.15 -26.89
N SER E 308 51.71 -22.97 -25.76
CA SER E 308 52.11 -21.96 -24.77
C SER E 308 53.33 -22.45 -23.98
N MET E 309 53.62 -23.74 -24.06
CA MET E 309 54.87 -24.30 -23.52
C MET E 309 55.10 -24.01 -22.04
N ILE E 310 54.10 -24.27 -21.21
CA ILE E 310 54.17 -23.89 -19.81
C ILE E 310 55.35 -24.59 -19.12
N ASP E 311 55.70 -25.74 -19.67
CA ASP E 311 56.71 -26.59 -19.07
C ASP E 311 58.13 -26.02 -19.26
N LEU E 312 58.26 -25.01 -20.11
CA LEU E 312 59.54 -24.39 -20.45
C LEU E 312 59.78 -23.14 -19.62
N MET E 313 58.77 -22.72 -18.87
CA MET E 313 58.72 -21.37 -18.33
C MET E 313 59.63 -21.11 -17.16
N LYS E 314 60.36 -22.14 -16.72
CA LYS E 314 61.51 -21.93 -15.84
C LYS E 314 62.58 -21.08 -16.53
N PHE E 315 62.48 -20.96 -17.86
CA PHE E 315 63.47 -20.23 -18.66
C PHE E 315 63.16 -18.73 -18.77
N ASP E 316 62.09 -18.30 -18.09
CA ASP E 316 61.66 -16.92 -18.19
C ASP E 316 62.51 -15.99 -17.33
N MET E 317 63.56 -16.56 -16.75
CA MET E 317 64.58 -15.73 -16.13
C MET E 317 65.90 -15.73 -16.91
N SER E 318 65.85 -16.23 -18.14
CA SER E 318 67.00 -16.16 -19.05
C SER E 318 67.64 -14.77 -19.14
N GLY E 319 66.81 -13.73 -19.20
CA GLY E 319 67.30 -12.38 -19.34
C GLY E 319 68.14 -12.09 -18.12
N CYS E 320 67.62 -12.49 -16.96
CA CYS E 320 68.33 -12.30 -15.72
C CYS E 320 69.59 -13.15 -15.72
N ALA E 321 69.50 -14.35 -16.26
CA ALA E 321 70.69 -15.20 -16.32
C ALA E 321 71.76 -14.56 -17.19
N ALA E 322 71.33 -14.01 -18.31
CA ALA E 322 72.27 -13.41 -19.27
C ALA E 322 73.04 -12.31 -18.58
N VAL E 323 72.28 -11.45 -17.93
CA VAL E 323 72.83 -10.36 -17.14
C VAL E 323 73.81 -10.84 -16.08
N LEU E 324 73.46 -11.89 -15.34
CA LEU E 324 74.34 -12.43 -14.32
C LEU E 324 75.60 -13.09 -14.91
N GLY E 325 75.43 -13.78 -16.04
CA GLY E 325 76.55 -14.40 -16.71
C GLY E 325 77.48 -13.31 -17.21
N CYS E 326 76.87 -12.22 -17.69
CA CYS E 326 77.67 -11.05 -18.09
C CYS E 326 78.42 -10.50 -16.90
N ALA E 327 77.74 -10.40 -15.75
CA ALA E 327 78.41 -9.93 -14.54
C ALA E 327 79.62 -10.79 -14.25
N TYR E 328 79.51 -12.10 -14.44
CA TYR E 328 80.66 -12.98 -14.25
C TYR E 328 81.80 -12.58 -15.18
N CYS E 329 81.49 -12.42 -16.47
CA CYS E 329 82.52 -12.07 -17.44
C CYS E 329 83.14 -10.72 -17.12
N VAL E 330 82.31 -9.72 -16.88
CA VAL E 330 82.91 -8.41 -16.60
C VAL E 330 83.65 -8.37 -15.28
N GLY E 331 83.12 -9.04 -14.26
CA GLY E 331 83.78 -9.10 -12.98
C GLY E 331 85.14 -9.79 -13.10
N THR E 332 85.24 -10.68 -14.09
CA THR E 332 86.45 -11.49 -14.30
C THR E 332 87.44 -10.79 -15.19
N LEU E 333 86.95 -10.22 -16.28
CA LEU E 333 87.83 -9.57 -17.26
C LEU E 333 88.19 -8.13 -16.86
N LYS E 334 87.42 -7.59 -15.91
CA LYS E 334 87.68 -6.28 -15.28
C LYS E 334 87.96 -5.13 -16.25
N PRO E 335 86.98 -4.78 -17.10
CA PRO E 335 87.18 -3.72 -18.06
C PRO E 335 87.40 -2.40 -17.37
N GLU E 336 88.01 -1.44 -18.05
CA GLU E 336 88.25 -0.16 -17.42
C GLU E 336 87.24 0.89 -17.86
N ASN E 337 87.20 1.98 -17.08
CA ASN E 337 86.42 3.18 -17.39
C ASN E 337 84.90 3.00 -17.48
N VAL E 338 84.41 1.86 -16.97
CA VAL E 338 82.98 1.57 -17.02
C VAL E 338 82.41 1.30 -15.63
N GLU E 339 81.19 1.76 -15.42
CA GLU E 339 80.44 1.38 -14.26
C GLU E 339 79.22 0.64 -14.79
N ILE E 340 79.05 -0.61 -14.37
CA ILE E 340 77.96 -1.45 -14.88
C ILE E 340 77.06 -1.89 -13.74
N HIS E 341 75.77 -1.70 -13.97
CA HIS E 341 74.78 -2.12 -13.02
C HIS E 341 74.04 -3.27 -13.61
N PHE E 342 74.02 -4.38 -12.87
CA PHE E 342 73.34 -5.57 -13.31
C PHE E 342 72.07 -5.69 -12.50
N LEU E 343 70.94 -5.54 -13.19
CA LEU E 343 69.63 -5.48 -12.54
C LEU E 343 68.70 -6.58 -13.02
N SER E 344 67.95 -7.14 -12.10
CA SER E 344 66.76 -7.93 -12.46
C SER E 344 65.75 -7.88 -11.34
N ALA E 345 64.53 -7.55 -11.75
CA ALA E 345 63.37 -7.54 -10.89
C ALA E 345 62.85 -8.94 -10.94
N VAL E 346 63.25 -9.73 -9.96
CA VAL E 346 62.98 -11.15 -9.96
C VAL E 346 61.71 -11.46 -9.19
N CYS E 347 60.88 -12.30 -9.79
CA CYS E 347 59.67 -12.79 -9.15
C CYS E 347 59.15 -14.01 -9.93
N GLU E 348 58.03 -14.54 -9.45
CA GLU E 348 57.42 -15.72 -10.03
C GLU E 348 55.96 -15.40 -10.29
N ASN E 349 55.47 -15.76 -11.47
CA ASN E 349 54.10 -15.42 -11.93
C ASN E 349 53.20 -16.60 -11.74
N MET E 350 52.42 -16.56 -10.66
CA MET E 350 51.72 -17.74 -10.19
C MET E 350 50.24 -17.50 -10.09
N VAL E 351 49.49 -18.60 -9.92
CA VAL E 351 48.08 -18.53 -9.73
C VAL E 351 47.74 -18.79 -8.26
N SER E 352 46.98 -17.89 -7.66
CA SER E 352 46.76 -17.89 -6.24
C SER E 352 45.59 -17.00 -5.94
N LYS E 353 45.06 -17.08 -4.73
CA LYS E 353 44.05 -16.13 -4.27
C LYS E 353 44.64 -14.73 -4.17
N ASN E 354 45.97 -14.64 -4.17
CA ASN E 354 46.72 -13.41 -3.98
C ASN E 354 47.25 -12.81 -5.25
N SER E 355 47.06 -13.51 -6.38
CA SER E 355 47.62 -13.04 -7.66
C SER E 355 46.91 -11.79 -8.11
N TYR E 356 47.55 -11.05 -9.01
CA TYR E 356 46.89 -9.91 -9.61
C TYR E 356 46.01 -10.51 -10.67
N ARG E 357 44.93 -9.83 -11.02
CA ARG E 357 43.98 -10.31 -11.99
C ARG E 357 44.07 -9.51 -13.25
N PRO E 358 43.62 -10.12 -14.35
CA PRO E 358 43.37 -9.30 -15.55
C PRO E 358 42.35 -8.20 -15.19
N GLY E 359 42.64 -6.97 -15.63
CA GLY E 359 41.80 -5.82 -15.35
C GLY E 359 42.35 -4.92 -14.26
N ASP E 360 43.12 -5.50 -13.34
CA ASP E 360 43.76 -4.72 -12.26
C ASP E 360 44.50 -3.52 -12.84
N ILE E 361 44.38 -2.39 -12.16
CA ILE E 361 45.13 -1.23 -12.50
C ILE E 361 46.16 -1.00 -11.42
N ILE E 362 47.42 -1.00 -11.84
CA ILE E 362 48.55 -0.98 -10.93
C ILE E 362 49.38 0.26 -11.25
N THR E 363 50.23 0.68 -10.33
CA THR E 363 50.97 1.94 -10.51
C THR E 363 52.47 1.66 -10.48
N ALA E 364 53.15 1.94 -11.58
CA ALA E 364 54.59 1.74 -11.66
C ALA E 364 55.31 2.80 -10.82
N SER E 365 56.60 2.58 -10.55
CA SER E 365 57.36 3.49 -9.68
C SER E 365 57.50 4.90 -10.23
N ASN E 366 57.24 5.09 -11.52
CA ASN E 366 57.27 6.44 -12.06
C ASN E 366 55.88 7.13 -11.98
N GLY E 367 54.93 6.51 -11.30
CA GLY E 367 53.59 7.06 -11.17
C GLY E 367 52.62 6.72 -12.28
N LYS E 368 53.11 6.13 -13.38
CA LYS E 368 52.17 5.68 -14.44
C LYS E 368 51.23 4.56 -13.99
N THR E 369 49.92 4.74 -14.19
CA THR E 369 48.97 3.70 -13.89
C THR E 369 48.85 2.83 -15.13
N ILE E 370 48.76 1.53 -14.90
CA ILE E 370 48.76 0.53 -15.94
C ILE E 370 47.56 -0.39 -15.78
N GLU E 371 46.81 -0.54 -16.84
CA GLU E 371 45.73 -1.50 -16.84
C GLU E 371 46.27 -2.82 -17.38
N VAL E 372 46.20 -3.85 -16.52
CA VAL E 372 46.58 -5.20 -16.86
C VAL E 372 45.51 -5.88 -17.74
N GLY E 373 45.88 -6.15 -19.00
CA GLY E 373 44.96 -6.76 -19.94
C GLY E 373 45.16 -8.27 -19.91
N ASN E 374 46.33 -8.68 -19.43
CA ASN E 374 46.70 -10.08 -19.49
C ASN E 374 47.80 -10.39 -18.51
N THR E 375 47.54 -11.25 -17.53
CA THR E 375 48.53 -11.45 -16.49
C THR E 375 49.76 -12.17 -17.01
N ASP E 376 49.65 -12.73 -18.21
CA ASP E 376 50.74 -13.45 -18.82
C ASP E 376 51.69 -12.52 -19.51
N ALA E 377 51.32 -11.23 -19.64
CA ALA E 377 52.26 -10.25 -20.18
C ALA E 377 52.96 -9.54 -19.02
N GLU E 378 53.50 -10.35 -18.11
CA GLU E 378 54.04 -9.88 -16.84
C GLU E 378 55.46 -9.32 -16.93
N GLY E 379 56.25 -9.81 -17.89
CA GLY E 379 57.65 -9.40 -18.01
C GLY E 379 57.74 -7.89 -18.16
N ARG E 380 56.95 -7.33 -19.05
CA ARG E 380 57.02 -5.89 -19.28
C ARG E 380 56.60 -5.12 -18.04
N LEU E 381 55.81 -5.74 -17.19
CA LEU E 381 55.43 -5.08 -15.93
C LEU E 381 56.63 -5.02 -15.02
N THR E 382 57.33 -6.13 -14.86
CA THR E 382 58.51 -6.14 -14.00
C THR E 382 59.57 -5.27 -14.64
N LEU E 383 59.72 -5.34 -15.96
CA LEU E 383 60.73 -4.53 -16.63
C LEU E 383 60.47 -3.01 -16.48
N ALA E 384 59.21 -2.61 -16.52
CA ALA E 384 58.84 -1.22 -16.34
C ALA E 384 59.48 -0.68 -15.05
N ASP E 385 59.22 -1.34 -13.92
CA ASP E 385 59.79 -0.86 -12.68
C ASP E 385 61.32 -0.96 -12.67
N ALA E 386 61.85 -2.02 -13.28
CA ALA E 386 63.30 -2.18 -13.45
C ALA E 386 63.93 -1.04 -14.26
N LEU E 387 63.25 -0.63 -15.34
CA LEU E 387 63.70 0.49 -16.19
C LEU E 387 63.70 1.84 -15.48
N VAL E 388 62.60 2.18 -14.83
CA VAL E 388 62.50 3.37 -13.97
C VAL E 388 63.61 3.40 -12.91
N TYR E 389 63.87 2.25 -12.29
CA TYR E 389 64.99 2.11 -11.37
C TYR E 389 66.32 2.38 -12.11
N ALA E 390 66.46 1.77 -13.29
CA ALA E 390 67.72 1.85 -14.02
C ALA E 390 68.01 3.32 -14.37
N GLU E 391 66.99 3.99 -14.87
CA GLU E 391 67.18 5.37 -15.26
C GLU E 391 67.50 6.23 -14.05
N LYS E 392 66.94 5.88 -12.88
CA LYS E 392 67.23 6.66 -11.69
C LYS E 392 68.70 6.57 -11.32
N LEU E 393 69.40 5.56 -11.84
CA LEU E 393 70.83 5.39 -11.53
C LEU E 393 71.69 6.39 -12.28
N GLY E 394 71.08 7.06 -13.26
CA GLY E 394 71.82 8.05 -14.08
C GLY E 394 72.87 7.43 -14.98
N VAL E 395 72.46 6.49 -15.81
CA VAL E 395 73.41 5.78 -16.65
C VAL E 395 73.41 6.39 -18.04
N ASP E 396 74.36 5.96 -18.87
CA ASP E 396 74.40 6.43 -20.24
C ASP E 396 73.55 5.55 -21.12
N TYR E 397 73.55 4.27 -20.79
CA TYR E 397 72.81 3.24 -21.51
C TYR E 397 72.07 2.33 -20.56
N ILE E 398 70.84 2.03 -20.96
CA ILE E 398 70.08 0.95 -20.40
C ILE E 398 69.88 -0.07 -21.50
N VAL E 399 70.32 -1.29 -21.22
CA VAL E 399 69.97 -2.40 -22.08
C VAL E 399 69.27 -3.46 -21.25
N ASP E 400 68.04 -3.77 -21.66
CA ASP E 400 67.32 -4.89 -21.09
C ASP E 400 67.32 -6.07 -22.05
N ILE E 401 67.25 -7.24 -21.46
CA ILE E 401 67.28 -8.47 -22.21
C ILE E 401 66.27 -9.36 -21.53
N ALA E 402 65.35 -9.89 -22.34
CA ALA E 402 64.15 -10.52 -21.79
C ALA E 402 63.56 -11.52 -22.74
N THR E 403 63.16 -12.66 -22.20
CA THR E 403 62.35 -13.62 -22.96
C THR E 403 60.95 -13.04 -22.94
N LEU E 404 60.74 -12.02 -23.76
CA LEU E 404 59.58 -11.18 -23.58
C LEU E 404 58.36 -11.60 -24.35
N THR E 405 58.53 -12.06 -25.59
CA THR E 405 57.36 -12.32 -26.42
C THR E 405 57.54 -13.54 -27.27
N GLY E 406 56.59 -14.44 -27.17
CA GLY E 406 56.52 -15.60 -28.02
C GLY E 406 56.48 -15.27 -29.49
N ALA E 407 55.95 -14.11 -29.82
CA ALA E 407 55.90 -13.67 -31.21
C ALA E 407 57.30 -13.69 -31.87
N MET E 408 58.35 -13.60 -31.05
CA MET E 408 59.72 -13.65 -31.56
C MET E 408 59.98 -14.89 -32.41
N LEU E 409 59.33 -15.99 -32.04
CA LEU E 409 59.47 -17.24 -32.76
C LEU E 409 58.90 -17.09 -34.14
N TYR E 410 57.92 -16.19 -34.28
CA TYR E 410 57.25 -15.96 -35.56
C TYR E 410 57.97 -14.92 -36.39
N SER E 411 58.74 -14.03 -35.73
CA SER E 411 59.43 -12.97 -36.45
C SER E 411 60.84 -13.42 -36.83
N LEU E 412 61.68 -13.65 -35.84
CA LEU E 412 63.07 -13.99 -36.10
C LEU E 412 63.39 -15.47 -35.94
N GLY E 413 62.59 -16.17 -35.16
CA GLY E 413 62.78 -17.60 -35.00
C GLY E 413 63.63 -17.90 -33.82
N THR E 414 64.40 -18.96 -33.92
CA THR E 414 65.15 -19.46 -32.78
C THR E 414 66.59 -19.04 -32.81
N SER E 415 67.00 -18.32 -33.86
CA SER E 415 68.43 -18.03 -34.08
C SER E 415 68.88 -16.64 -33.73
N TYR E 416 68.07 -15.65 -34.13
CA TYR E 416 68.40 -14.26 -33.96
C TYR E 416 67.47 -13.62 -32.95
N ALA E 417 68.04 -12.93 -31.97
CA ALA E 417 67.24 -12.22 -31.00
C ALA E 417 66.83 -10.93 -31.68
N GLY E 418 65.84 -10.26 -31.11
CA GLY E 418 65.41 -9.00 -31.62
C GLY E 418 65.97 -7.89 -30.76
N VAL E 419 66.32 -6.78 -31.38
CA VAL E 419 66.69 -5.61 -30.63
C VAL E 419 65.88 -4.43 -31.08
N PHE E 420 65.28 -3.80 -30.09
CA PHE E 420 64.49 -2.60 -30.23
C PHE E 420 65.17 -1.59 -29.33
N GLY E 421 64.91 -0.31 -29.59
CA GLY E 421 65.50 0.76 -28.80
C GLY E 421 65.02 2.15 -29.20
N ASN E 422 65.36 3.13 -28.37
CA ASN E 422 65.00 4.52 -28.60
C ASN E 422 66.20 5.32 -29.10
N ASN E 423 67.32 4.63 -29.33
CA ASN E 423 68.56 5.29 -29.73
C ASN E 423 69.36 4.50 -30.75
N GLU E 424 69.60 5.09 -31.91
CA GLU E 424 70.27 4.41 -33.01
C GLU E 424 71.70 4.03 -32.62
N GLU E 425 72.45 4.96 -32.00
CA GLU E 425 73.83 4.68 -31.65
C GLU E 425 73.91 3.44 -30.78
N LEU E 426 73.03 3.40 -29.78
CA LEU E 426 73.01 2.28 -28.85
C LEU E 426 72.70 0.97 -29.55
N ILE E 427 71.68 0.99 -30.40
CA ILE E 427 71.30 -0.15 -31.21
C ILE E 427 72.46 -0.62 -32.05
N ASN E 428 73.17 0.29 -32.69
CA ASN E 428 74.33 -0.09 -33.50
C ASN E 428 75.44 -0.75 -32.68
N LYS E 429 75.59 -0.28 -31.44
CA LYS E 429 76.56 -0.84 -30.53
C LYS E 429 76.17 -2.29 -30.22
N ILE E 430 74.89 -2.52 -29.93
CA ILE E 430 74.40 -3.89 -29.72
C ILE E 430 74.67 -4.75 -30.96
N LEU E 431 74.37 -4.20 -32.13
CA LEU E 431 74.58 -4.92 -33.37
C LEU E 431 76.06 -5.23 -33.53
N GLN E 432 76.92 -4.26 -33.26
CA GLN E 432 78.34 -4.55 -33.33
C GLN E 432 78.70 -5.65 -32.33
N SER E 433 78.17 -5.55 -31.13
CA SER E 433 78.43 -6.56 -30.13
C SER E 433 77.90 -7.91 -30.54
N SER E 434 76.79 -7.91 -31.27
CA SER E 434 76.28 -9.14 -31.89
C SER E 434 77.32 -9.73 -32.84
N LYS E 435 77.84 -8.91 -33.75
CA LYS E 435 78.82 -9.36 -34.69
C LYS E 435 80.05 -9.96 -34.01
N THR E 436 80.57 -9.30 -32.97
CA THR E 436 81.81 -9.73 -32.34
C THR E 436 81.63 -10.88 -31.37
N SER E 437 80.44 -11.01 -30.79
CA SER E 437 80.16 -12.10 -29.83
C SER E 437 79.63 -13.33 -30.55
N ASN E 438 79.17 -13.11 -31.76
CA ASN E 438 78.59 -14.15 -32.59
C ASN E 438 77.27 -14.69 -32.01
N GLU E 439 76.63 -13.84 -31.21
CA GLU E 439 75.25 -14.06 -30.79
C GLU E 439 74.38 -13.18 -31.67
N PRO E 440 73.70 -13.79 -32.65
CA PRO E 440 73.01 -13.02 -33.70
C PRO E 440 71.80 -12.24 -33.20
N VAL E 441 71.79 -10.96 -33.53
CA VAL E 441 70.72 -10.07 -33.13
C VAL E 441 70.25 -9.32 -34.39
N TRP E 442 68.97 -9.01 -34.46
CA TRP E 442 68.49 -8.23 -35.56
C TRP E 442 67.72 -7.04 -35.03
N TRP E 443 67.93 -5.92 -35.67
CA TRP E 443 67.23 -4.70 -35.32
C TRP E 443 65.78 -4.72 -35.84
N LEU E 444 64.86 -4.51 -34.90
CA LEU E 444 63.44 -4.47 -35.21
C LEU E 444 62.90 -3.12 -34.79
N PRO E 445 61.90 -2.61 -35.51
CA PRO E 445 61.45 -1.25 -35.27
C PRO E 445 60.51 -1.11 -34.08
N ILE E 446 60.58 0.01 -33.38
CA ILE E 446 59.51 0.37 -32.48
C ILE E 446 58.56 1.27 -33.30
N ILE E 447 57.44 0.73 -33.73
CA ILE E 447 56.56 1.45 -34.64
C ILE E 447 55.54 2.31 -33.88
N ASN E 448 55.73 3.62 -33.94
CA ASN E 448 54.95 4.52 -33.10
C ASN E 448 53.47 4.56 -33.41
N GLU E 449 53.11 4.24 -34.64
CA GLU E 449 51.71 4.13 -35.02
C GLU E 449 50.95 3.21 -34.07
N TYR E 450 51.62 2.21 -33.49
CA TYR E 450 50.94 1.24 -32.64
C TYR E 450 50.69 1.76 -31.23
N ARG E 451 51.43 2.79 -30.85
CA ARG E 451 51.37 3.36 -29.51
C ARG E 451 49.95 3.61 -29.04
N ALA E 452 49.08 4.06 -29.96
CA ALA E 452 47.67 4.39 -29.61
C ALA E 452 46.89 3.19 -29.05
N THR E 453 47.27 1.99 -29.43
CA THR E 453 46.56 0.83 -28.92
C THR E 453 46.92 0.52 -27.47
N LEU E 454 47.85 1.28 -26.90
CA LEU E 454 48.12 1.16 -25.49
C LEU E 454 47.39 2.22 -24.66
N ASN E 455 46.54 3.00 -25.32
CA ASN E 455 45.74 4.03 -24.65
C ASN E 455 44.60 3.38 -23.87
N SER E 456 44.78 3.28 -22.56
CA SER E 456 43.79 2.67 -21.71
C SER E 456 42.64 3.68 -21.56
N LYS E 457 41.43 3.19 -21.40
CA LYS E 457 40.32 4.07 -21.07
C LYS E 457 40.40 4.60 -19.62
N TYR E 458 41.01 3.82 -18.72
CA TYR E 458 40.95 4.15 -17.32
C TYR E 458 42.31 4.46 -16.75
N ALA E 459 43.31 3.68 -17.14
CA ALA E 459 44.65 3.89 -16.62
C ALA E 459 45.41 4.79 -17.53
N ASP E 460 46.63 5.11 -17.13
CA ASP E 460 47.49 5.95 -17.98
C ASP E 460 47.83 5.18 -19.26
N ILE E 461 48.01 3.88 -19.11
CA ILE E 461 48.45 3.09 -20.20
C ILE E 461 47.96 1.66 -20.05
N ASN E 462 47.71 1.02 -21.21
CA ASN E 462 47.51 -0.42 -21.28
C ASN E 462 48.81 -1.20 -21.25
N GLN E 463 48.77 -2.35 -20.62
CA GLN E 463 49.89 -3.28 -20.61
C GLN E 463 50.01 -3.96 -21.98
N ILE E 464 48.88 -4.33 -22.55
CA ILE E 464 48.87 -4.99 -23.85
C ILE E 464 47.97 -4.27 -24.81
N SER E 465 48.24 -4.48 -26.10
CA SER E 465 47.32 -4.06 -27.15
C SER E 465 46.10 -4.94 -27.13
N SER E 466 44.96 -4.40 -27.56
CA SER E 466 43.78 -5.21 -27.80
C SER E 466 43.82 -5.70 -29.27
N SER E 467 44.06 -4.75 -30.19
CA SER E 467 44.14 -5.01 -31.64
C SER E 467 45.49 -5.60 -32.13
N VAL E 468 46.59 -4.85 -31.96
CA VAL E 468 47.85 -5.18 -32.61
C VAL E 468 48.49 -6.50 -32.20
N LYS E 469 48.70 -7.37 -33.19
CA LYS E 469 49.30 -8.70 -33.01
C LYS E 469 50.83 -8.69 -33.04
N ALA E 470 51.42 -7.54 -33.36
CA ALA E 470 52.86 -7.33 -33.31
C ALA E 470 53.33 -7.08 -31.88
N SER E 471 53.26 -8.14 -31.07
CA SER E 471 53.34 -7.97 -29.65
C SER E 471 54.74 -7.61 -29.19
N SER E 472 55.78 -8.00 -29.95
CA SER E 472 57.16 -7.65 -29.59
C SER E 472 57.35 -6.15 -29.77
N ILE E 473 56.71 -5.60 -30.78
CA ILE E 473 56.82 -4.19 -31.00
C ILE E 473 55.99 -3.47 -29.94
N VAL E 474 54.77 -3.96 -29.69
CA VAL E 474 53.89 -3.39 -28.67
C VAL E 474 54.55 -3.42 -27.29
N ALA E 475 55.15 -4.55 -26.95
CA ALA E 475 55.85 -4.69 -25.67
C ALA E 475 56.95 -3.63 -25.58
N SER E 476 57.65 -3.43 -26.69
CA SER E 476 58.73 -2.46 -26.72
C SER E 476 58.17 -1.07 -26.52
N LEU E 477 57.10 -0.75 -27.24
CA LEU E 477 56.42 0.54 -27.07
C LEU E 477 56.08 0.74 -25.60
N PHE E 478 55.54 -0.30 -24.98
CA PHE E 478 55.20 -0.22 -23.59
C PHE E 478 56.43 0.10 -22.76
N LEU E 479 57.49 -0.69 -22.93
CA LEU E 479 58.73 -0.44 -22.17
C LEU E 479 59.29 0.97 -22.40
N LYS E 480 59.16 1.47 -23.63
CA LYS E 480 59.70 2.78 -23.98
C LYS E 480 59.10 3.82 -23.05
N GLU E 481 57.85 3.62 -22.67
CA GLU E 481 57.17 4.58 -21.80
C GLU E 481 57.81 4.70 -20.42
N PHE E 482 58.76 3.81 -20.12
CA PHE E 482 59.40 3.82 -18.80
C PHE E 482 60.84 4.29 -18.83
N VAL E 483 61.29 4.73 -20.01
CA VAL E 483 62.61 5.36 -20.13
C VAL E 483 62.41 6.76 -20.68
N GLN E 484 62.55 7.74 -19.79
CA GLN E 484 62.26 9.13 -20.13
C GLN E 484 63.34 9.75 -21.00
N ASN E 485 64.59 9.59 -20.63
CA ASN E 485 65.62 10.42 -21.21
C ASN E 485 66.99 9.74 -21.34
N THR E 486 66.98 8.42 -21.48
CA THR E 486 68.21 7.65 -21.58
C THR E 486 68.20 6.79 -22.83
N ALA E 487 69.36 6.68 -23.47
CA ALA E 487 69.55 5.74 -24.54
C ALA E 487 69.25 4.36 -23.99
N TRP E 488 68.32 3.66 -24.64
CA TRP E 488 67.81 2.37 -24.15
C TRP E 488 67.61 1.42 -25.31
N ALA E 489 68.01 0.18 -25.12
CA ALA E 489 67.77 -0.86 -26.08
C ALA E 489 67.18 -2.04 -25.32
N HIS E 490 66.36 -2.82 -26.03
CA HIS E 490 65.65 -3.97 -25.48
C HIS E 490 65.91 -5.17 -26.40
N ILE E 491 66.45 -6.24 -25.82
CA ILE E 491 66.76 -7.42 -26.59
C ILE E 491 65.78 -8.50 -26.20
N ASP E 492 64.95 -8.91 -27.17
CA ASP E 492 63.95 -9.93 -26.89
C ASP E 492 64.50 -11.28 -27.31
N ILE E 493 64.84 -12.08 -26.29
CA ILE E 493 65.50 -13.38 -26.47
C ILE E 493 64.53 -14.54 -26.22
N ALA E 494 63.25 -14.24 -26.30
CA ALA E 494 62.23 -15.23 -26.10
C ALA E 494 62.36 -16.38 -27.11
N GLY E 495 62.62 -16.06 -28.38
CA GLY E 495 62.76 -17.10 -29.39
C GLY E 495 64.07 -17.85 -29.36
N VAL E 496 65.12 -17.21 -28.85
CA VAL E 496 66.47 -17.76 -29.02
C VAL E 496 67.02 -18.40 -27.78
N SER E 497 66.43 -18.09 -26.64
CA SER E 497 67.07 -18.42 -25.39
C SER E 497 67.21 -19.93 -25.16
N TRP E 498 66.12 -20.65 -25.45
CA TRP E 498 66.13 -22.09 -25.32
C TRP E 498 66.49 -22.79 -26.63
N ASN E 499 67.43 -23.75 -26.56
CA ASN E 499 67.76 -24.64 -27.64
C ASN E 499 66.83 -25.83 -27.61
N PHE E 500 65.73 -25.72 -28.36
CA PHE E 500 64.71 -26.76 -28.37
C PHE E 500 65.25 -28.08 -28.84
N LYS E 501 66.06 -28.09 -29.91
CA LYS E 501 66.59 -29.35 -30.44
C LYS E 501 67.44 -30.04 -29.39
N ALA E 502 68.33 -29.31 -28.73
CA ALA E 502 69.24 -29.93 -27.75
C ALA E 502 68.58 -30.07 -26.38
N ARG E 503 67.37 -29.51 -26.22
CA ARG E 503 66.68 -29.54 -24.94
C ARG E 503 67.49 -28.92 -23.76
N LYS E 504 68.03 -27.73 -23.99
CA LYS E 504 68.84 -27.03 -23.00
C LYS E 504 68.87 -25.57 -23.32
N PRO E 505 69.24 -24.74 -22.32
CA PRO E 505 69.41 -23.32 -22.59
C PRO E 505 70.64 -23.05 -23.48
N LYS E 506 70.67 -21.88 -24.11
CA LYS E 506 71.85 -21.44 -24.85
C LYS E 506 72.73 -20.53 -24.01
N GLY E 507 72.17 -19.97 -22.94
CA GLY E 507 72.87 -18.96 -22.17
C GLY E 507 73.02 -17.71 -23.01
N PHE E 508 72.05 -17.50 -23.90
CA PHE E 508 72.12 -16.45 -24.91
C PHE E 508 72.20 -15.06 -24.31
N GLY E 509 73.10 -14.22 -24.81
CA GLY E 509 73.15 -12.85 -24.38
C GLY E 509 74.37 -12.53 -23.52
N VAL E 510 74.94 -13.52 -22.83
CA VAL E 510 76.07 -13.26 -21.94
C VAL E 510 77.22 -12.65 -22.71
N ARG E 511 77.60 -13.30 -23.81
CA ARG E 511 78.71 -12.83 -24.63
C ARG E 511 78.39 -11.50 -25.30
N LEU E 512 77.19 -11.42 -25.89
CA LEU E 512 76.70 -10.20 -26.47
C LEU E 512 76.85 -9.05 -25.50
N LEU E 513 76.26 -9.19 -24.30
CA LEU E 513 76.33 -8.10 -23.33
C LEU E 513 77.75 -7.77 -22.90
N THR E 514 78.54 -8.81 -22.73
CA THR E 514 79.94 -8.62 -22.37
C THR E 514 80.69 -7.89 -23.48
N GLU E 515 80.56 -8.34 -24.73
CA GLU E 515 81.20 -7.63 -25.84
C GLU E 515 80.76 -6.17 -25.84
N PHE E 516 79.45 -5.96 -25.64
CA PHE E 516 78.92 -4.62 -25.59
C PHE E 516 79.64 -3.78 -24.55
N VAL E 517 79.70 -4.31 -23.34
CA VAL E 517 80.39 -3.64 -22.23
C VAL E 517 81.87 -3.43 -22.56
N LEU E 518 82.53 -4.47 -23.04
CA LEU E 518 83.96 -4.42 -23.33
C LEU E 518 84.39 -3.51 -24.46
N ASN E 519 83.57 -3.37 -25.48
CA ASN E 519 83.97 -2.57 -26.64
C ASN E 519 83.43 -1.16 -26.66
N SER F 3 34.99 -2.46 7.58
CA SER F 3 35.89 -3.64 7.28
C SER F 3 37.17 -3.21 6.57
N GLU F 4 38.28 -3.82 6.96
CA GLU F 4 39.56 -3.47 6.37
C GLU F 4 39.80 -4.47 5.26
N VAL F 5 39.87 -3.95 4.06
CA VAL F 5 40.21 -4.75 2.91
C VAL F 5 41.57 -5.35 3.10
N PRO F 6 41.68 -6.67 2.91
CA PRO F 6 43.01 -7.23 3.11
C PRO F 6 43.94 -6.84 1.97
N GLN F 7 45.23 -7.04 2.16
CA GLN F 7 46.22 -6.56 1.23
C GLN F 7 47.32 -7.60 1.04
N VAL F 8 47.77 -7.78 -0.20
CA VAL F 8 48.94 -8.60 -0.44
C VAL F 8 50.19 -7.77 -0.18
N VAL F 9 50.16 -6.53 -0.70
CA VAL F 9 51.29 -5.56 -0.59
C VAL F 9 50.84 -4.17 -0.16
N SER F 10 51.79 -3.35 0.33
CA SER F 10 51.52 -1.99 0.80
C SER F 10 50.89 -1.10 -0.27
N LEU F 11 50.95 -1.51 -1.53
CA LEU F 11 50.45 -0.68 -2.61
C LEU F 11 49.11 -1.16 -3.13
N ASP F 12 48.56 -2.23 -2.54
CA ASP F 12 47.23 -2.74 -2.91
C ASP F 12 46.06 -1.85 -2.50
N PRO F 13 45.39 -1.27 -3.50
CA PRO F 13 44.36 -0.28 -3.17
C PRO F 13 43.47 -0.80 -2.06
N THR F 14 43.12 0.03 -1.07
CA THR F 14 42.23 -0.44 -0.01
C THR F 14 40.82 0.10 -0.16
N SER F 15 40.48 0.61 -1.33
CA SER F 15 39.13 1.09 -1.50
C SER F 15 38.91 1.55 -2.90
N ILE F 16 37.65 1.85 -3.19
CA ILE F 16 37.28 2.30 -4.50
C ILE F 16 37.15 3.82 -4.52
N PRO F 17 38.03 4.49 -5.29
CA PRO F 17 37.81 5.91 -5.60
C PRO F 17 36.43 6.10 -6.27
N ILE F 18 35.69 7.10 -5.80
CA ILE F 18 34.36 7.42 -6.30
C ILE F 18 34.26 8.92 -6.34
N GLU F 19 33.88 9.46 -7.49
CA GLU F 19 33.53 10.86 -7.57
C GLU F 19 32.01 10.97 -7.55
N TYR F 20 31.49 11.57 -6.50
CA TYR F 20 30.09 11.90 -6.38
C TYR F 20 29.74 13.27 -6.99
N ASN F 21 30.62 14.27 -6.79
CA ASN F 21 30.41 15.65 -7.22
C ASN F 21 30.92 15.88 -8.65
N THR F 22 30.34 15.13 -9.56
CA THR F 22 30.75 15.09 -10.94
C THR F 22 30.49 16.43 -11.62
N PRO F 23 31.38 16.84 -12.54
CA PRO F 23 31.18 18.06 -13.29
C PRO F 23 29.75 18.17 -13.76
N ILE F 24 29.07 17.04 -13.89
CA ILE F 24 27.74 17.05 -14.46
C ILE F 24 26.72 17.65 -13.50
N HIS F 25 27.13 17.82 -12.25
CA HIS F 25 26.29 18.44 -11.26
C HIS F 25 26.36 19.97 -11.29
N ASP F 26 27.51 20.52 -11.69
CA ASP F 26 27.70 21.98 -11.73
C ASP F 26 27.09 22.62 -12.98
N ILE F 27 26.36 21.84 -13.78
CA ILE F 27 25.67 22.36 -14.96
C ILE F 27 24.27 22.87 -14.60
N LYS F 28 23.96 24.13 -14.89
CA LYS F 28 22.60 24.66 -14.74
C LYS F 28 21.80 24.43 -16.04
N VAL F 29 20.61 23.87 -15.92
CA VAL F 29 19.83 23.46 -17.10
C VAL F 29 18.53 24.29 -17.28
N GLN F 30 18.37 24.91 -18.44
CA GLN F 30 17.22 25.77 -18.76
C GLN F 30 16.45 25.30 -20.01
N VAL F 31 15.14 25.54 -20.00
CA VAL F 31 14.23 24.98 -20.99
C VAL F 31 13.24 26.02 -21.50
N TYR F 32 13.34 26.30 -22.79
CA TYR F 32 12.58 27.38 -23.39
C TYR F 32 11.67 26.80 -24.43
N ASP F 33 10.42 27.25 -24.43
CA ASP F 33 9.53 26.87 -25.48
C ASP F 33 10.20 27.38 -26.74
N ILE F 34 10.43 26.49 -27.69
CA ILE F 34 11.06 26.85 -28.95
C ILE F 34 10.26 27.91 -29.72
N LYS F 35 8.93 27.92 -29.52
CA LYS F 35 8.04 28.88 -30.17
C LYS F 35 8.53 30.30 -29.93
N GLY F 36 9.01 30.55 -28.71
CA GLY F 36 9.54 31.87 -28.30
C GLY F 36 10.74 32.34 -29.11
N GLY F 37 11.39 31.41 -29.80
CA GLY F 37 12.56 31.71 -30.62
C GLY F 37 13.82 31.29 -29.90
N CYS F 38 14.94 31.31 -30.61
CA CYS F 38 16.22 30.90 -30.04
C CYS F 38 17.21 32.05 -29.86
N ASN F 39 17.78 32.15 -28.65
CA ASN F 39 18.93 33.01 -28.40
C ASN F 39 20.28 32.33 -28.67
N VAL F 40 21.12 33.00 -29.45
CA VAL F 40 22.52 32.61 -29.60
C VAL F 40 23.39 33.68 -28.91
N GLU F 41 23.77 33.43 -27.65
CA GLU F 41 24.58 34.36 -26.85
C GLU F 41 25.99 33.82 -26.76
N GLU F 42 26.14 32.66 -26.13
CA GLU F 42 27.46 32.07 -25.96
C GLU F 42 27.47 30.60 -26.33
N GLY F 43 28.60 29.97 -26.04
CA GLY F 43 28.76 28.53 -26.21
C GLY F 43 28.34 27.98 -27.56
N LEU F 44 27.98 26.69 -27.57
CA LEU F 44 27.59 25.97 -28.78
C LEU F 44 26.09 25.73 -28.78
N THR F 45 25.47 25.88 -29.93
CA THR F 45 24.05 25.62 -30.08
C THR F 45 23.87 24.53 -31.12
N ILE F 46 23.30 23.42 -30.67
CA ILE F 46 23.07 22.30 -31.54
C ILE F 46 21.57 22.12 -31.79
N PHE F 47 21.23 21.93 -33.07
CA PHE F 47 19.87 21.62 -33.47
C PHE F 47 19.74 20.12 -33.67
N LEU F 48 18.64 19.58 -33.18
CA LEU F 48 18.40 18.18 -33.39
C LEU F 48 17.42 18.12 -34.54
N VAL F 49 17.95 17.93 -35.73
CA VAL F 49 17.15 18.00 -36.93
C VAL F 49 17.11 16.69 -37.68
N ASN F 50 15.92 16.34 -38.18
CA ASN F 50 15.67 15.11 -38.96
C ASN F 50 15.02 15.42 -40.32
N ASN F 51 15.11 14.50 -41.27
CA ASN F 51 14.36 14.61 -42.54
C ASN F 51 13.36 13.43 -42.77
N PRO F 52 12.13 13.58 -42.25
CA PRO F 52 11.11 12.58 -42.49
C PRO F 52 10.63 12.57 -43.94
N LYS F 54 13.24 12.25 -46.88
CA LYS F 54 14.36 11.78 -47.68
C LYS F 54 15.44 11.12 -46.81
N GLU F 55 15.58 9.80 -46.97
CA GLU F 55 16.61 8.99 -46.27
C GLU F 55 17.92 9.76 -46.39
N ASN F 56 18.55 10.00 -45.24
CA ASN F 56 19.77 10.80 -45.16
C ASN F 56 19.68 12.06 -46.07
N GLY F 57 18.58 12.82 -45.94
CA GLY F 57 18.31 14.03 -46.75
C GLY F 57 18.96 15.33 -46.26
N PRO F 58 18.76 16.46 -46.99
CA PRO F 58 19.34 17.78 -46.64
C PRO F 58 18.89 18.32 -45.29
N VAL F 59 19.69 19.19 -44.68
CA VAL F 59 19.35 19.75 -43.36
C VAL F 59 18.51 21.02 -43.53
N LYS F 60 17.43 21.19 -42.76
CA LYS F 60 16.62 22.43 -42.86
C LYS F 60 16.07 22.88 -41.52
N ILE F 61 16.64 23.95 -40.99
CA ILE F 61 16.34 24.42 -39.64
C ILE F 61 15.01 25.13 -39.59
N SER F 62 14.18 24.74 -38.62
CA SER F 62 12.80 25.18 -38.54
C SER F 62 12.63 26.41 -37.64
N SER F 63 13.15 26.31 -36.41
CA SER F 63 12.91 27.31 -35.37
C SER F 63 13.37 28.71 -35.75
N LYS F 64 12.61 29.72 -35.32
CA LYS F 64 13.03 31.12 -35.49
C LYS F 64 14.15 31.41 -34.47
N VAL F 65 15.11 32.23 -34.90
CA VAL F 65 16.45 32.37 -34.31
C VAL F 65 16.81 33.86 -34.23
N ASN F 66 16.99 34.35 -33.02
CA ASN F 66 17.12 35.80 -32.74
C ASN F 66 18.36 36.55 -33.23
N ASP F 67 19.06 36.00 -34.22
CA ASP F 67 20.33 36.57 -34.69
C ASP F 67 20.32 36.85 -36.19
N LYS F 68 20.48 38.12 -36.56
CA LYS F 68 20.64 38.47 -37.97
C LYS F 68 21.78 37.64 -38.60
N GLN F 69 23.01 37.76 -38.07
CA GLN F 69 24.23 37.20 -38.70
C GLN F 69 24.28 35.67 -38.73
N VAL F 70 23.65 35.05 -37.72
CA VAL F 70 23.58 33.59 -37.61
C VAL F 70 22.44 33.00 -38.42
N SER F 71 21.32 33.71 -38.49
CA SER F 71 20.18 33.30 -39.34
C SER F 71 20.61 33.12 -40.78
N GLU F 72 21.67 33.82 -41.17
CA GLU F 72 22.23 33.72 -42.53
C GLU F 72 22.96 32.40 -42.71
N PHE F 73 23.76 32.06 -41.70
CA PHE F 73 24.43 30.77 -41.60
C PHE F 73 23.41 29.63 -41.64
N LEU F 74 22.28 29.85 -40.97
CA LEU F 74 21.18 28.86 -40.87
C LEU F 74 20.25 28.77 -42.10
N LYS F 75 20.37 29.75 -43.01
CA LYS F 75 19.63 29.80 -44.27
C LYS F 75 19.69 28.45 -45.01
N ASP F 76 18.55 28.07 -45.60
CA ASP F 76 18.36 26.74 -46.19
C ASP F 76 19.41 26.31 -47.20
N GLU F 77 19.91 27.25 -48.00
CA GLU F 77 20.88 26.96 -49.07
C GLU F 77 22.33 26.76 -48.53
N ASN F 78 22.52 27.13 -47.26
CA ASN F 78 23.75 26.89 -46.53
C ASN F 78 23.68 25.47 -45.97
N MET F 79 22.52 25.15 -45.41
CA MET F 79 22.29 23.91 -44.70
C MET F 79 22.14 22.77 -45.68
N GLU F 80 21.49 23.04 -46.81
CA GLU F 80 21.44 22.13 -47.95
C GLU F 80 22.77 21.43 -48.24
N LYS F 81 23.88 22.06 -47.83
CA LYS F 81 25.23 21.48 -47.99
C LYS F 81 25.50 20.31 -47.01
N PHE F 82 24.63 20.15 -46.02
CA PHE F 82 24.79 19.16 -44.95
C PHE F 82 23.62 18.14 -44.90
N ASN F 83 23.88 16.94 -44.40
CA ASN F 83 22.84 15.93 -44.38
C ASN F 83 22.46 15.41 -43.00
N VAL F 84 21.37 14.67 -42.98
CA VAL F 84 20.61 14.46 -41.78
C VAL F 84 20.80 13.03 -41.22
N LYS F 85 21.50 12.20 -42.00
CA LYS F 85 21.94 10.85 -41.59
C LYS F 85 22.22 10.74 -40.10
N LEU F 86 21.74 9.65 -39.50
CA LEU F 86 21.80 9.49 -38.05
C LEU F 86 23.21 9.73 -37.55
N GLY F 87 23.28 10.56 -36.52
CA GLY F 87 24.53 10.93 -35.88
C GLY F 87 25.53 11.72 -36.72
N THR F 88 25.12 12.20 -37.89
CA THR F 88 26.02 13.07 -38.63
C THR F 88 25.85 14.47 -38.06
N SER F 89 26.95 15.20 -38.00
CA SER F 89 26.97 16.51 -37.43
C SER F 89 28.05 17.36 -38.10
N LYS F 90 27.81 18.65 -38.14
CA LYS F 90 28.86 19.62 -38.39
C LYS F 90 28.51 20.74 -37.44
N HIS F 91 29.51 21.55 -37.14
CA HIS F 91 29.33 22.78 -36.39
C HIS F 91 30.41 23.76 -36.81
N PHE F 92 30.08 25.03 -36.69
CA PHE F 92 30.98 26.08 -37.11
C PHE F 92 31.10 27.10 -35.99
N TYR F 93 32.24 27.78 -35.94
CA TYR F 93 32.37 29.00 -35.14
C TYR F 93 32.15 30.20 -36.07
N MET F 94 31.73 31.30 -35.47
CA MET F 94 31.55 32.55 -36.19
C MET F 94 31.45 33.71 -35.19
N PHE F 95 30.82 34.81 -35.61
CA PHE F 95 30.47 35.90 -34.72
C PHE F 95 28.96 36.12 -34.80
N ASN F 96 28.33 36.26 -33.64
CA ASN F 96 26.90 36.51 -33.59
C ASN F 96 26.48 37.96 -33.96
N ASP F 97 25.38 38.45 -33.37
CA ASP F 97 24.94 39.84 -33.57
C ASP F 97 25.84 40.83 -32.86
N ASN F 98 26.33 40.45 -31.68
CA ASN F 98 27.19 41.34 -30.90
C ASN F 98 28.67 40.95 -30.95
N LYS F 99 29.12 40.49 -32.11
CA LYS F 99 30.52 40.09 -32.29
C LYS F 99 30.91 39.00 -31.29
N ASN F 100 29.90 38.30 -30.77
CA ASN F 100 30.14 37.23 -29.81
C ASN F 100 30.46 35.90 -30.49
N SER F 101 31.65 35.37 -30.21
CA SER F 101 32.09 34.11 -30.80
C SER F 101 31.14 32.97 -30.43
N VAL F 102 30.17 32.72 -31.30
CA VAL F 102 29.20 31.66 -31.08
C VAL F 102 29.42 30.51 -32.06
N ALA F 103 29.16 29.30 -31.57
CA ALA F 103 29.20 28.13 -32.41
C ALA F 103 27.79 27.61 -32.61
N VAL F 104 27.56 27.17 -33.83
CA VAL F 104 26.26 26.67 -34.26
C VAL F 104 26.48 25.42 -35.11
N GLY F 105 25.63 24.41 -34.90
CA GLY F 105 25.66 23.19 -35.70
C GLY F 105 24.37 22.40 -35.59
N TYR F 106 24.43 21.16 -36.04
CA TYR F 106 23.26 20.31 -36.02
C TYR F 106 23.69 18.88 -35.76
N VAL F 107 22.76 18.07 -35.32
CA VAL F 107 22.98 16.64 -35.36
C VAL F 107 21.91 16.02 -36.28
N GLY F 108 22.35 15.04 -37.06
CA GLY F 108 21.48 14.28 -37.93
C GLY F 108 20.63 13.30 -37.17
N CYS F 109 19.33 13.52 -37.23
CA CYS F 109 18.39 12.67 -36.55
C CYS F 109 17.72 11.68 -37.48
N GLY F 110 18.40 11.40 -38.59
CA GLY F 110 17.93 10.43 -39.58
C GLY F 110 16.59 10.83 -40.15
N SER F 111 15.92 9.86 -40.76
CA SER F 111 14.60 10.09 -41.33
C SER F 111 13.49 9.57 -40.41
N VAL F 112 13.86 8.69 -39.48
CA VAL F 112 12.98 8.17 -38.41
C VAL F 112 12.12 9.26 -37.75
N ALA F 113 10.80 9.09 -37.78
CA ALA F 113 9.88 10.00 -37.11
C ALA F 113 10.02 9.91 -35.59
N ASP F 114 10.01 8.69 -35.08
CA ASP F 114 10.14 8.43 -33.66
C ASP F 114 11.51 7.79 -33.35
N LEU F 115 12.41 8.59 -32.75
CA LEU F 115 13.75 8.11 -32.37
C LEU F 115 13.70 6.90 -31.49
N SER F 116 14.56 5.91 -31.76
CA SER F 116 14.69 4.75 -30.89
C SER F 116 15.63 5.05 -29.72
N GLU F 117 15.70 4.10 -28.78
CA GLU F 117 16.63 4.21 -27.68
C GLU F 117 18.02 4.28 -28.30
N ALA F 118 18.26 3.45 -29.32
CA ALA F 118 19.55 3.40 -30.02
C ALA F 118 19.85 4.69 -30.77
N ASP F 119 18.96 5.06 -31.69
CA ASP F 119 19.16 6.22 -32.56
C ASP F 119 19.46 7.47 -31.74
N MET F 120 18.86 7.55 -30.55
CA MET F 120 19.00 8.71 -29.70
C MET F 120 20.38 8.72 -29.04
N LYS F 121 20.91 7.54 -28.73
CA LYS F 121 22.29 7.45 -28.22
C LYS F 121 23.24 7.98 -29.28
N ARG F 122 22.91 7.73 -30.55
CA ARG F 122 23.79 8.14 -31.67
C ARG F 122 23.83 9.64 -31.87
N VAL F 123 22.71 10.27 -31.51
CA VAL F 123 22.55 11.69 -31.49
C VAL F 123 23.31 12.28 -30.34
N VAL F 124 23.07 11.72 -29.17
CA VAL F 124 23.79 12.15 -27.99
C VAL F 124 25.29 11.84 -28.06
N LEU F 125 25.73 10.95 -28.94
CA LEU F 125 27.18 10.63 -29.00
C LEU F 125 27.91 11.61 -29.91
N SER F 126 27.25 11.88 -31.04
CA SER F 126 27.73 12.86 -31.98
C SER F 126 27.89 14.20 -31.26
N LEU F 127 26.87 14.56 -30.50
CA LEU F 127 26.85 15.80 -29.70
C LEU F 127 27.97 15.84 -28.65
N VAL F 128 28.15 14.73 -27.94
CA VAL F 128 29.20 14.58 -26.94
C VAL F 128 30.62 14.77 -27.50
N THR F 129 30.91 14.19 -28.68
CA THR F 129 32.14 14.45 -29.41
C THR F 129 32.45 15.96 -29.41
N MET F 130 31.48 16.73 -29.88
CA MET F 130 31.69 18.14 -30.04
C MET F 130 31.96 18.77 -28.69
N LEU F 131 31.32 18.26 -27.64
CA LEU F 131 31.61 18.75 -26.30
C LEU F 131 33.02 18.45 -25.84
N HIS F 132 33.55 17.33 -26.28
CA HIS F 132 34.86 16.92 -25.90
C HIS F 132 35.92 17.65 -26.71
N ASP F 133 35.62 18.05 -27.93
CA ASP F 133 36.60 18.73 -28.79
C ASP F 133 36.58 20.24 -28.72
N ASN F 134 35.91 20.77 -27.74
CA ASN F 134 35.53 22.14 -27.75
C ASN F 134 35.43 22.70 -26.39
N LYS F 135 36.18 23.76 -26.10
CA LYS F 135 36.18 24.34 -24.76
C LYS F 135 34.95 25.24 -24.71
N LEU F 136 33.88 24.83 -24.04
CA LEU F 136 32.66 25.66 -24.02
C LEU F 136 32.13 26.07 -22.64
N SER F 137 31.55 27.26 -22.55
CA SER F 137 30.90 27.72 -21.32
C SER F 137 29.51 27.10 -21.20
N LYS F 138 28.76 27.24 -22.29
CA LYS F 138 27.39 26.75 -22.41
C LYS F 138 27.25 25.88 -23.62
N LEU F 139 26.37 24.88 -23.50
CA LEU F 139 25.79 24.19 -24.65
C LEU F 139 24.27 24.30 -24.65
N THR F 140 23.73 24.67 -25.80
CA THR F 140 22.32 24.86 -26.01
C THR F 140 21.84 23.83 -27.01
N VAL F 141 20.84 23.07 -26.62
CA VAL F 141 20.27 22.06 -27.47
C VAL F 141 18.88 22.51 -27.96
N VAL F 142 18.70 22.49 -29.27
CA VAL F 142 17.43 22.86 -29.88
C VAL F 142 16.69 21.63 -30.44
N PHE F 143 15.47 21.39 -29.97
CA PHE F 143 14.74 20.18 -30.38
C PHE F 143 13.81 20.37 -31.54
N GLU F 144 14.32 20.12 -32.74
CA GLU F 144 13.54 20.32 -33.96
C GLU F 144 13.06 18.98 -34.45
N ILE F 145 12.60 18.18 -33.50
CA ILE F 145 12.17 16.80 -33.70
C ILE F 145 11.21 16.46 -32.56
N ASN F 146 10.55 15.30 -32.62
CA ASN F 146 9.60 14.91 -31.55
C ASN F 146 10.21 14.01 -30.48
N VAL F 147 10.00 14.38 -29.21
CA VAL F 147 10.41 13.52 -28.11
C VAL F 147 9.41 13.44 -26.96
N ASP F 148 9.02 12.20 -26.68
CA ASP F 148 8.47 11.68 -25.44
C ASP F 148 9.16 12.31 -24.21
N LYS F 149 8.41 12.56 -23.14
CA LYS F 149 9.06 13.05 -21.95
C LYS F 149 10.16 12.08 -21.53
N ASN F 150 9.88 10.78 -21.62
CA ASN F 150 10.88 9.75 -21.27
C ASN F 150 12.13 9.83 -22.19
N LEU F 151 11.89 9.99 -23.50
CA LEU F 151 13.00 10.07 -24.46
C LEU F 151 13.74 11.37 -24.28
N PHE F 152 13.00 12.43 -24.01
CA PHE F 152 13.65 13.67 -23.58
C PHE F 152 14.55 13.44 -22.34
N ARG F 153 14.08 12.65 -21.36
CA ARG F 153 14.86 12.49 -20.13
C ARG F 153 16.10 11.63 -20.43
N PHE F 154 15.88 10.63 -21.30
CA PHE F 154 16.90 9.74 -21.76
C PHE F 154 17.96 10.54 -22.41
N PHE F 155 17.56 11.54 -23.18
CA PHE F 155 18.51 12.37 -23.91
C PHE F 155 19.51 13.01 -22.95
N LEU F 156 18.93 13.51 -21.87
CA LEU F 156 19.63 14.20 -20.82
C LEU F 156 20.66 13.32 -20.11
N GLU F 157 20.22 12.18 -19.60
CA GLU F 157 21.09 11.33 -18.81
C GLU F 157 22.16 10.71 -19.72
N THR F 158 21.80 10.44 -20.97
CA THR F 158 22.73 9.85 -21.92
C THR F 158 23.75 10.87 -22.19
N LEU F 159 23.31 12.13 -22.24
CA LEU F 159 24.26 13.21 -22.46
C LEU F 159 25.18 13.31 -21.29
N PHE F 160 24.62 13.44 -20.10
CA PHE F 160 25.42 13.62 -18.93
C PHE F 160 26.43 12.49 -18.87
N TYR F 161 25.96 11.25 -18.97
CA TYR F 161 26.78 10.08 -18.70
C TYR F 161 27.89 9.87 -19.72
N GLU F 162 27.54 9.97 -20.98
CA GLU F 162 28.52 9.81 -22.03
C GLU F 162 29.48 10.96 -21.93
N TYR F 163 28.99 12.09 -21.44
CA TYR F 163 29.83 13.29 -21.40
C TYR F 163 30.76 13.16 -20.22
N MET F 164 30.33 12.47 -19.19
CA MET F 164 31.14 12.35 -18.02
C MET F 164 32.33 11.37 -18.25
N THR F 165 33.56 11.88 -18.20
CA THR F 165 34.75 11.02 -18.35
C THR F 165 35.37 10.66 -17.01
N ASP F 166 35.40 9.37 -16.73
CA ASP F 166 36.01 8.81 -15.52
C ASP F 166 37.53 8.96 -15.55
N GLU F 167 38.05 9.84 -14.73
CA GLU F 167 39.47 10.05 -14.76
C GLU F 167 40.13 9.56 -13.46
N ARG F 168 39.48 8.63 -12.77
CA ARG F 168 39.94 8.22 -11.43
C ARG F 168 41.21 7.42 -11.43
N PHE F 169 41.47 6.75 -12.55
CA PHE F 169 42.57 5.81 -12.56
C PHE F 169 43.74 6.36 -13.37
N LYS F 170 43.64 7.66 -13.66
CA LYS F 170 44.70 8.42 -14.30
C LYS F 170 45.60 9.09 -13.25
N SER F 171 46.85 9.38 -13.62
CA SER F 171 47.78 10.08 -12.72
C SER F 171 47.38 11.55 -12.61
N GLU F 179 37.16 23.06 -18.26
CA GLU F 179 36.97 21.78 -18.95
C GLU F 179 35.50 21.53 -19.42
N TYR F 180 34.55 21.39 -18.48
CA TYR F 180 33.12 21.08 -18.77
C TYR F 180 32.22 22.30 -18.86
N ILE F 181 31.19 22.26 -19.70
CA ILE F 181 30.22 23.38 -19.78
C ILE F 181 29.58 23.68 -18.44
N LYS F 182 29.27 24.94 -18.17
CA LYS F 182 28.68 25.23 -16.88
C LYS F 182 27.17 25.50 -16.98
N HIS F 183 26.65 25.43 -18.21
CA HIS F 183 25.25 25.76 -18.52
C HIS F 183 24.74 24.92 -19.70
N LEU F 184 23.55 24.34 -19.52
CA LEU F 184 22.85 23.60 -20.58
C LEU F 184 21.52 24.28 -20.95
N GLY F 185 21.40 24.67 -22.21
CA GLY F 185 20.16 25.24 -22.73
C GLY F 185 19.39 24.21 -23.52
N VAL F 186 18.11 24.07 -23.20
CA VAL F 186 17.26 23.29 -24.07
C VAL F 186 16.13 24.14 -24.62
N TYR F 187 15.97 24.07 -25.93
CA TYR F 187 14.83 24.60 -26.61
C TYR F 187 13.99 23.43 -27.11
N ILE F 188 12.76 23.35 -26.61
CA ILE F 188 11.89 22.23 -26.90
C ILE F 188 10.43 22.68 -27.03
N ASN F 189 9.70 22.09 -27.97
CA ASN F 189 8.29 22.40 -28.09
C ASN F 189 7.55 21.88 -26.87
N ASN F 190 6.90 22.80 -26.16
CA ASN F 190 6.19 22.50 -24.90
C ASN F 190 7.11 22.37 -23.70
N ALA F 191 8.09 23.26 -23.63
CA ALA F 191 9.11 23.21 -22.59
C ALA F 191 8.60 23.23 -21.15
N ASP F 192 7.28 23.26 -20.96
CA ASP F 192 6.75 23.26 -19.61
C ASP F 192 6.60 21.84 -19.08
N THR F 193 6.19 20.95 -19.98
CA THR F 193 5.96 19.53 -19.64
C THR F 193 7.27 18.82 -19.26
N TYR F 194 8.38 19.35 -19.75
CA TYR F 194 9.67 18.68 -19.74
C TYR F 194 10.56 19.07 -18.59
N LYS F 195 10.29 20.21 -17.97
CA LYS F 195 11.17 20.75 -16.93
C LYS F 195 11.42 19.76 -15.81
N GLU F 196 10.38 19.01 -15.47
CA GLU F 196 10.47 18.07 -14.36
C GLU F 196 11.40 16.89 -14.68
N GLU F 197 11.65 16.65 -15.96
CA GLU F 197 12.52 15.56 -16.36
C GLU F 197 13.97 15.86 -16.09
N VAL F 198 14.32 17.15 -16.07
CA VAL F 198 15.71 17.58 -15.90
C VAL F 198 16.39 16.98 -14.67
N GLU F 199 15.84 17.24 -13.49
CA GLU F 199 16.49 16.78 -12.28
C GLU F 199 16.36 15.29 -12.11
N LYS F 200 15.31 14.73 -12.70
CA LYS F 200 15.18 13.28 -12.68
C LYS F 200 16.31 12.68 -13.52
N ALA F 201 16.56 13.27 -14.67
CA ALA F 201 17.62 12.84 -15.58
C ALA F 201 18.94 12.88 -14.86
N ARG F 202 19.11 13.93 -14.05
CA ARG F 202 20.37 14.16 -13.41
C ARG F 202 20.56 13.08 -12.38
N VAL F 203 19.51 12.78 -11.63
CA VAL F 203 19.60 11.67 -10.66
C VAL F 203 19.92 10.34 -11.37
N TYR F 204 19.17 10.09 -12.45
CA TYR F 204 19.30 8.84 -13.21
C TYR F 204 20.71 8.75 -13.76
N TYR F 205 21.19 9.87 -14.29
CA TYR F 205 22.55 9.94 -14.79
C TYR F 205 23.49 9.45 -13.73
N PHE F 206 23.40 10.04 -12.54
CA PHE F 206 24.37 9.71 -11.53
C PHE F 206 24.24 8.28 -11.04
N GLY F 207 23.02 7.79 -10.89
CA GLY F 207 22.85 6.39 -10.48
C GLY F 207 23.57 5.49 -11.46
N THR F 208 23.37 5.73 -12.75
CA THR F 208 23.96 4.97 -13.82
C THR F 208 25.47 5.13 -13.79
N TYR F 209 25.90 6.39 -13.62
CA TYR F 209 27.30 6.69 -13.65
C TYR F 209 28.01 6.13 -12.43
N TYR F 210 27.30 6.10 -11.32
CA TYR F 210 27.80 5.50 -10.11
C TYR F 210 27.97 3.98 -10.27
N ALA F 211 26.99 3.34 -10.92
CA ALA F 211 27.10 1.92 -11.18
C ALA F 211 28.35 1.72 -12.05
N SER F 212 28.36 2.48 -13.13
CA SER F 212 29.45 2.49 -14.09
C SER F 212 30.79 2.55 -13.36
N GLN F 213 30.91 3.53 -12.48
CA GLN F 213 32.12 3.70 -11.73
C GLN F 213 32.52 2.41 -11.02
N LEU F 214 31.56 1.77 -10.34
CA LEU F 214 31.86 0.52 -9.61
C LEU F 214 32.33 -0.55 -10.58
N ILE F 215 31.61 -0.68 -11.69
CA ILE F 215 31.88 -1.72 -12.65
C ILE F 215 33.30 -1.51 -13.20
N ALA F 216 33.58 -0.27 -13.61
CA ALA F 216 34.84 0.05 -14.26
C ALA F 216 36.01 -0.17 -13.32
N ALA F 217 35.78 0.09 -12.03
CA ALA F 217 36.82 -0.09 -11.04
C ALA F 217 37.31 -1.50 -11.17
N PRO F 218 38.63 -1.69 -11.34
CA PRO F 218 39.24 -2.99 -11.49
C PRO F 218 39.13 -3.78 -10.19
N SER F 219 39.30 -5.10 -10.30
CA SER F 219 39.01 -5.98 -9.20
C SER F 219 40.00 -5.87 -8.08
N ASN F 220 41.17 -5.28 -8.31
CA ASN F 220 42.08 -4.97 -7.19
C ASN F 220 41.58 -3.80 -6.34
N TYR F 221 40.86 -2.88 -6.98
CA TYR F 221 40.19 -1.79 -6.31
C TYR F 221 38.86 -2.27 -5.76
N CYS F 222 38.04 -2.81 -6.64
CA CYS F 222 36.71 -3.21 -6.31
C CYS F 222 36.72 -4.69 -6.04
N ASN F 223 36.83 -5.02 -4.76
CA ASN F 223 36.75 -6.40 -4.28
C ASN F 223 35.56 -6.45 -3.32
N PRO F 224 35.19 -7.66 -2.84
CA PRO F 224 34.01 -7.76 -1.96
C PRO F 224 34.03 -6.82 -0.74
N VAL F 225 35.18 -6.68 -0.11
CA VAL F 225 35.31 -5.80 1.07
C VAL F 225 35.16 -4.32 0.68
N SER F 226 35.86 -3.90 -0.35
CA SER F 226 35.77 -2.50 -0.77
C SER F 226 34.40 -2.18 -1.37
N LEU F 227 33.80 -3.18 -2.02
CA LEU F 227 32.53 -2.95 -2.70
C LEU F 227 31.50 -2.73 -1.62
N SER F 228 31.46 -3.63 -0.64
CA SER F 228 30.51 -3.51 0.45
C SER F 228 30.75 -2.21 1.25
N ASN F 229 32.02 -1.89 1.47
CA ASN F 229 32.34 -0.60 2.10
C ASN F 229 31.71 0.56 1.35
N ALA F 230 31.78 0.51 0.03
CA ALA F 230 31.27 1.59 -0.79
C ALA F 230 29.75 1.64 -0.64
N ALA F 231 29.11 0.48 -0.55
CA ALA F 231 27.67 0.41 -0.46
C ALA F 231 27.27 1.06 0.86
N VAL F 232 27.93 0.65 1.95
CA VAL F 232 27.74 1.27 3.26
C VAL F 232 27.87 2.81 3.20
N GLU F 233 28.92 3.27 2.53
CA GLU F 233 29.12 4.70 2.38
C GLU F 233 27.92 5.31 1.64
N LEU F 234 27.44 4.63 0.60
CA LEU F 234 26.34 5.16 -0.20
C LEU F 234 25.07 5.22 0.65
N ALA F 235 24.88 4.17 1.44
CA ALA F 235 23.72 4.04 2.30
C ALA F 235 23.72 5.19 3.29
N GLN F 236 24.90 5.48 3.84
CA GLN F 236 25.05 6.53 4.83
C GLN F 236 24.75 7.88 4.23
N LYS F 237 25.23 8.12 3.02
CA LYS F 237 24.95 9.36 2.32
C LYS F 237 23.46 9.50 1.96
N LEU F 238 22.76 8.38 1.88
CA LEU F 238 21.39 8.40 1.43
C LEU F 238 20.40 8.17 2.55
N ASN F 239 20.91 7.98 3.76
CA ASN F 239 20.00 7.68 4.86
C ASN F 239 19.26 6.36 4.69
N LEU F 240 19.90 5.39 4.05
CA LEU F 240 19.32 4.06 3.92
C LEU F 240 19.76 3.21 5.08
N GLU F 241 18.88 2.31 5.54
CA GLU F 241 19.30 1.27 6.47
C GLU F 241 20.22 0.36 5.69
N TYR F 242 21.28 -0.11 6.33
CA TYR F 242 22.19 -1.06 5.69
C TYR F 242 22.67 -2.07 6.71
N LYS F 243 23.00 -3.26 6.20
CA LYS F 243 23.55 -4.35 6.97
C LYS F 243 24.49 -5.05 6.01
N ILE F 244 25.71 -5.31 6.47
CA ILE F 244 26.65 -6.12 5.71
C ILE F 244 26.84 -7.44 6.45
N LEU F 245 26.41 -8.53 5.81
CA LEU F 245 26.66 -9.86 6.36
C LEU F 245 28.10 -10.37 6.06
N GLY F 246 28.85 -10.67 7.12
CA GLY F 246 30.21 -11.19 7.03
C GLY F 246 30.16 -12.70 7.09
N VAL F 247 31.33 -13.35 6.96
CA VAL F 247 31.28 -14.83 6.80
C VAL F 247 30.64 -15.56 7.98
N LYS F 248 30.91 -15.11 9.21
CA LYS F 248 30.29 -15.72 10.39
C LYS F 248 28.75 -15.73 10.29
N GLU F 249 28.16 -14.60 9.91
CA GLU F 249 26.69 -14.51 9.73
C GLU F 249 26.22 -15.36 8.57
N LEU F 250 27.00 -15.35 7.49
CA LEU F 250 26.65 -16.14 6.32
C LEU F 250 26.66 -17.64 6.61
N GLU F 251 27.62 -18.07 7.42
CA GLU F 251 27.69 -19.45 7.87
C GLU F 251 26.51 -19.79 8.74
N GLU F 252 26.18 -18.92 9.70
CA GLU F 252 24.97 -19.12 10.54
C GLU F 252 23.71 -19.21 9.69
N LEU F 253 23.65 -18.40 8.64
CA LEU F 253 22.52 -18.43 7.73
C LEU F 253 22.56 -19.62 6.76
N LYS F 254 23.67 -20.36 6.78
CA LYS F 254 23.84 -21.59 5.97
C LYS F 254 23.88 -21.33 4.45
N MET F 255 24.47 -20.21 4.09
CA MET F 255 24.58 -19.83 2.70
C MET F 255 25.82 -20.49 2.05
N GLY F 256 25.78 -21.82 1.98
CA GLY F 256 26.89 -22.62 1.47
C GLY F 256 27.13 -22.55 -0.04
N ALA F 257 26.10 -22.23 -0.83
CA ALA F 257 26.32 -22.05 -2.26
C ALA F 257 27.14 -20.79 -2.44
N TYR F 258 26.67 -19.70 -1.83
CA TYR F 258 27.33 -18.41 -1.91
C TYR F 258 28.74 -18.52 -1.34
N LEU F 259 28.88 -19.09 -0.15
CA LEU F 259 30.17 -19.18 0.52
C LEU F 259 31.18 -20.06 -0.22
N SER F 260 30.69 -21.06 -0.94
CA SER F 260 31.55 -21.96 -1.71
C SER F 260 32.30 -21.18 -2.76
N VAL F 261 31.60 -20.30 -3.45
CA VAL F 261 32.16 -19.51 -4.54
C VAL F 261 33.32 -18.68 -4.06
N GLY F 262 33.16 -18.12 -2.87
CA GLY F 262 34.09 -17.16 -2.33
C GLY F 262 35.27 -17.81 -1.67
N LYS F 263 35.17 -19.11 -1.42
CA LYS F 263 36.19 -19.86 -0.67
C LYS F 263 37.64 -19.59 -1.11
N GLY F 264 37.85 -19.55 -2.43
CA GLY F 264 39.17 -19.38 -2.99
C GLY F 264 39.70 -17.96 -2.92
N SER F 265 38.86 -17.01 -2.46
CA SER F 265 39.21 -15.57 -2.50
C SER F 265 39.95 -15.14 -1.26
N MET F 266 40.87 -14.19 -1.43
CA MET F 266 41.53 -13.61 -0.26
C MET F 266 40.58 -12.66 0.46
N TYR F 267 39.50 -12.30 -0.23
CA TYR F 267 38.54 -11.40 0.30
C TYR F 267 37.39 -12.19 0.83
N PRO F 268 37.06 -11.98 2.14
CA PRO F 268 35.88 -12.62 2.74
C PRO F 268 34.62 -12.16 2.02
N ASN F 269 33.67 -13.07 1.85
CA ASN F 269 32.38 -12.73 1.29
C ASN F 269 31.71 -11.64 2.10
N LYS F 270 31.02 -10.78 1.39
CA LYS F 270 30.27 -9.73 2.03
C LYS F 270 28.93 -9.69 1.34
N PHE F 271 27.89 -9.77 2.12
CA PHE F 271 26.53 -9.73 1.61
C PHE F 271 25.97 -8.37 1.91
N ILE F 272 25.64 -7.63 0.87
CA ILE F 272 25.16 -6.28 1.01
C ILE F 272 23.64 -6.33 1.13
N HIS F 273 23.16 -5.69 2.17
CA HIS F 273 21.71 -5.50 2.36
C HIS F 273 21.40 -4.05 2.70
N LEU F 274 20.89 -3.34 1.71
CA LEU F 274 20.44 -1.99 1.87
C LEU F 274 18.93 -2.00 1.87
N THR F 275 18.34 -1.07 2.62
CA THR F 275 16.88 -0.96 2.72
C THR F 275 16.47 0.50 2.63
N TYR F 276 15.55 0.75 1.72
CA TYR F 276 14.84 2.00 1.69
C TYR F 276 13.41 1.68 2.09
N LYS F 277 12.92 2.37 3.11
CA LYS F 277 11.52 2.27 3.51
C LYS F 277 10.84 3.62 3.29
N SER F 278 9.62 3.60 2.76
CA SER F 278 8.90 4.86 2.50
C SER F 278 8.36 5.41 3.79
N LYS F 279 8.08 6.72 3.78
CA LYS F 279 7.54 7.41 4.96
C LYS F 279 6.13 6.92 5.29
N GLY F 280 5.31 6.85 4.23
CA GLY F 280 3.91 6.48 4.37
C GLY F 280 3.65 5.01 4.60
N ASP F 281 2.42 4.59 4.30
CA ASP F 281 2.05 3.18 4.40
C ASP F 281 2.85 2.48 3.32
N VAL F 282 3.40 1.32 3.65
CA VAL F 282 4.13 0.52 2.69
C VAL F 282 3.16 -0.40 1.99
N LYS F 283 3.01 -0.20 0.68
CA LYS F 283 2.06 -0.97 -0.11
C LYS F 283 2.74 -2.03 -0.96
N LYS F 284 4.04 -1.87 -1.20
CA LYS F 284 4.80 -2.79 -2.02
C LYS F 284 6.18 -3.01 -1.44
N LYS F 285 6.56 -4.26 -1.27
CA LYS F 285 7.89 -4.60 -0.80
C LYS F 285 8.62 -5.26 -1.93
N ILE F 286 9.76 -4.68 -2.29
CA ILE F 286 10.57 -5.19 -3.38
C ILE F 286 11.97 -5.54 -2.92
N ALA F 287 12.44 -6.71 -3.36
CA ALA F 287 13.84 -7.12 -3.15
C ALA F 287 14.52 -7.06 -4.51
N LEU F 288 15.56 -6.26 -4.57
CA LEU F 288 16.39 -6.17 -5.76
C LEU F 288 17.70 -6.87 -5.49
N VAL F 289 17.96 -7.92 -6.26
CA VAL F 289 19.15 -8.74 -6.02
C VAL F 289 20.09 -8.63 -7.19
N GLY F 290 21.32 -8.22 -6.91
CA GLY F 290 22.33 -8.08 -7.96
C GLY F 290 23.43 -9.08 -7.79
N LYS F 291 23.83 -9.67 -8.91
CA LYS F 291 25.03 -10.52 -8.92
C LYS F 291 26.24 -9.65 -8.60
N GLY F 292 27.04 -10.11 -7.65
CA GLY F 292 28.17 -9.31 -7.18
C GLY F 292 29.45 -10.14 -7.12
N ILE F 293 29.87 -10.67 -8.27
CA ILE F 293 31.17 -11.29 -8.38
C ILE F 293 32.22 -10.21 -8.77
N THR F 294 33.08 -9.84 -7.84
CA THR F 294 34.00 -8.70 -8.06
C THR F 294 35.11 -9.03 -9.03
N PHE F 295 35.44 -10.32 -9.12
CA PHE F 295 36.19 -10.83 -10.25
C PHE F 295 35.82 -12.24 -10.49
N ASP F 296 35.61 -12.61 -11.75
CA ASP F 296 35.26 -13.99 -12.07
C ASP F 296 36.37 -14.66 -12.90
N SER F 297 37.26 -15.36 -12.23
CA SER F 297 38.35 -16.04 -12.92
C SER F 297 37.83 -17.29 -13.62
N GLY F 298 36.66 -17.75 -13.17
CA GLY F 298 36.15 -19.06 -13.55
C GLY F 298 36.33 -20.10 -12.46
N GLY F 299 37.21 -19.83 -11.51
CA GLY F 299 37.58 -20.85 -10.55
C GLY F 299 38.41 -21.94 -11.27
N TYR F 300 38.36 -23.18 -10.76
CA TYR F 300 39.09 -24.27 -11.37
C TYR F 300 38.67 -24.53 -12.81
N ASN F 301 37.41 -24.26 -13.14
CA ASN F 301 37.00 -24.05 -14.54
C ASN F 301 37.44 -22.67 -15.04
N LEU F 302 38.74 -22.44 -14.97
CA LEU F 302 39.35 -21.18 -15.38
C LEU F 302 38.83 -20.70 -16.73
N LYS F 303 38.65 -19.39 -16.86
CA LYS F 303 38.31 -18.77 -18.14
C LYS F 303 39.55 -18.76 -18.99
N ALA F 304 39.82 -19.87 -19.67
CA ALA F 304 41.05 -20.04 -20.45
C ALA F 304 40.72 -20.18 -21.94
N ALA F 305 39.45 -20.51 -22.20
CA ALA F 305 38.96 -20.71 -23.56
C ALA F 305 39.00 -19.40 -24.33
N PRO F 306 39.28 -19.46 -25.65
CA PRO F 306 39.18 -18.26 -26.48
C PRO F 306 37.80 -17.64 -26.34
N GLY F 307 37.75 -16.31 -26.24
CA GLY F 307 36.46 -15.60 -26.14
C GLY F 307 35.79 -15.62 -24.77
N SER F 308 36.47 -16.17 -23.78
CA SER F 308 35.95 -16.21 -22.43
C SER F 308 36.13 -14.84 -21.73
N MET F 309 36.97 -13.98 -22.34
CA MET F 309 37.13 -12.58 -21.90
C MET F 309 37.41 -12.41 -20.39
N ILE F 310 38.35 -13.18 -19.86
CA ILE F 310 38.69 -13.11 -18.45
C ILE F 310 39.05 -11.67 -18.01
N ASP F 311 39.58 -10.88 -18.94
CA ASP F 311 40.05 -9.52 -18.63
C ASP F 311 38.89 -8.55 -18.36
N LEU F 312 37.68 -8.95 -18.73
CA LEU F 312 36.52 -8.16 -18.58
C LEU F 312 35.83 -8.42 -17.23
N MET F 313 36.28 -9.47 -16.55
CA MET F 313 35.47 -10.07 -15.50
C MET F 313 35.40 -9.30 -14.21
N LYS F 314 36.02 -8.11 -14.18
CA LYS F 314 35.75 -7.15 -13.12
C LYS F 314 34.28 -6.69 -13.21
N PHE F 315 33.65 -6.95 -14.35
CA PHE F 315 32.33 -6.43 -14.62
C PHE F 315 31.27 -7.38 -14.11
N ASP F 316 31.72 -8.47 -13.51
CA ASP F 316 30.78 -9.49 -13.07
C ASP F 316 30.03 -9.09 -11.77
N MET F 317 30.21 -7.82 -11.36
CA MET F 317 29.39 -7.27 -10.28
C MET F 317 28.47 -6.18 -10.80
N SER F 318 28.34 -6.13 -12.12
CA SER F 318 27.41 -5.20 -12.76
C SER F 318 26.03 -5.23 -12.11
N GLY F 319 25.52 -6.44 -11.87
CA GLY F 319 24.21 -6.56 -11.28
C GLY F 319 24.18 -5.81 -9.95
N CYS F 320 25.17 -6.09 -9.13
CA CYS F 320 25.28 -5.43 -7.86
C CYS F 320 25.37 -3.94 -8.07
N ALA F 321 26.14 -3.53 -9.06
CA ALA F 321 26.28 -2.11 -9.31
C ALA F 321 24.91 -1.54 -9.71
N ALA F 322 24.17 -2.27 -10.54
CA ALA F 322 22.91 -1.74 -11.03
C ALA F 322 22.03 -1.50 -9.81
N VAL F 323 22.04 -2.46 -8.91
CA VAL F 323 21.23 -2.39 -7.72
C VAL F 323 21.64 -1.23 -6.83
N LEU F 324 22.93 -1.07 -6.59
CA LEU F 324 23.42 0.10 -5.84
C LEU F 324 23.10 1.43 -6.50
N GLY F 325 23.28 1.53 -7.81
CA GLY F 325 22.92 2.73 -8.56
C GLY F 325 21.44 3.06 -8.39
N CYS F 326 20.63 2.01 -8.36
CA CYS F 326 19.23 2.14 -8.21
C CYS F 326 18.97 2.65 -6.76
N ALA F 327 19.68 2.08 -5.79
CA ALA F 327 19.56 2.54 -4.42
C ALA F 327 19.83 4.04 -4.39
N TYR F 328 20.81 4.49 -5.15
CA TYR F 328 21.06 5.91 -5.17
C TYR F 328 19.84 6.66 -5.66
N CYS F 329 19.29 6.23 -6.78
CA CYS F 329 18.16 6.93 -7.36
C CYS F 329 16.95 6.92 -6.41
N VAL F 330 16.65 5.75 -5.86
CA VAL F 330 15.50 5.58 -5.00
C VAL F 330 15.73 6.38 -3.73
N GLY F 331 16.93 6.31 -3.18
CA GLY F 331 17.24 7.08 -1.98
C GLY F 331 17.15 8.58 -2.20
N THR F 332 17.41 8.99 -3.44
CA THR F 332 17.39 10.39 -3.78
C THR F 332 15.97 10.84 -4.14
N LEU F 333 15.26 10.08 -4.96
CA LEU F 333 13.94 10.49 -5.41
C LEU F 333 12.87 10.20 -4.37
N LYS F 334 13.21 9.36 -3.41
CA LYS F 334 12.34 9.04 -2.26
C LYS F 334 10.90 8.73 -2.65
N PRO F 335 10.68 7.63 -3.39
CA PRO F 335 9.31 7.23 -3.75
C PRO F 335 8.49 6.86 -2.52
N GLU F 336 7.16 6.90 -2.64
CA GLU F 336 6.31 6.59 -1.49
C GLU F 336 5.72 5.18 -1.55
N ASN F 337 5.26 4.71 -0.40
CA ASN F 337 4.54 3.45 -0.28
C ASN F 337 5.33 2.23 -0.74
N VAL F 338 6.65 2.33 -0.78
CA VAL F 338 7.51 1.18 -1.12
C VAL F 338 8.58 0.92 -0.07
N GLU F 339 8.80 -0.36 0.17
CA GLU F 339 9.96 -0.77 0.91
C GLU F 339 10.83 -1.55 -0.09
N ILE F 340 12.05 -1.09 -0.29
CA ILE F 340 12.96 -1.76 -1.21
C ILE F 340 14.22 -2.23 -0.52
N HIS F 341 14.51 -3.50 -0.73
CA HIS F 341 15.73 -4.12 -0.26
C HIS F 341 16.66 -4.27 -1.42
N PHE F 342 17.86 -3.72 -1.24
CA PHE F 342 18.93 -3.84 -2.19
C PHE F 342 19.92 -4.86 -1.69
N LEU F 343 20.04 -5.95 -2.45
CA LEU F 343 20.82 -7.10 -2.02
C LEU F 343 21.90 -7.52 -3.01
N SER F 344 23.05 -7.90 -2.49
CA SER F 344 24.04 -8.58 -3.30
C SER F 344 24.95 -9.43 -2.46
N ALA F 345 25.06 -10.68 -2.90
CA ALA F 345 25.93 -11.65 -2.29
C ALA F 345 27.24 -11.46 -3.04
N VAL F 346 28.09 -10.64 -2.43
CA VAL F 346 29.34 -10.23 -3.06
C VAL F 346 30.48 -11.17 -2.69
N CYS F 347 31.21 -11.61 -3.71
CA CYS F 347 32.42 -12.39 -3.50
C CYS F 347 33.18 -12.40 -4.79
N GLU F 348 34.29 -13.14 -4.78
CA GLU F 348 35.26 -13.16 -5.86
C GLU F 348 35.57 -14.61 -6.16
N ASN F 349 35.56 -14.96 -7.43
CA ASN F 349 35.67 -16.34 -7.87
C ASN F 349 37.09 -16.61 -8.32
N MET F 350 37.86 -17.23 -7.45
CA MET F 350 39.30 -17.31 -7.64
C MET F 350 39.81 -18.72 -7.60
N VAL F 351 41.04 -18.90 -8.05
CA VAL F 351 41.68 -20.21 -8.07
C VAL F 351 42.67 -20.21 -6.92
N SER F 352 42.57 -21.23 -6.10
CA SER F 352 43.32 -21.30 -4.88
C SER F 352 43.27 -22.73 -4.34
N LYS F 353 44.18 -23.08 -3.44
CA LYS F 353 44.05 -24.35 -2.74
C LYS F 353 42.74 -24.41 -2.00
N ASN F 354 42.11 -23.27 -1.74
CA ASN F 354 40.92 -23.21 -0.92
C ASN F 354 39.66 -23.14 -1.72
N SER F 355 39.79 -23.04 -3.05
CA SER F 355 38.62 -22.88 -3.93
C SER F 355 37.68 -24.09 -3.87
N TYR F 356 36.41 -23.89 -4.18
CA TYR F 356 35.56 -25.05 -4.41
C TYR F 356 35.95 -25.68 -5.74
N ARG F 357 35.73 -26.99 -5.87
CA ARG F 357 36.09 -27.70 -7.08
C ARG F 357 34.88 -28.06 -7.90
N PRO F 358 35.10 -28.37 -9.18
CA PRO F 358 34.07 -29.01 -9.95
C PRO F 358 33.76 -30.34 -9.30
N GLY F 359 32.47 -30.67 -9.16
CA GLY F 359 32.07 -31.91 -8.51
C GLY F 359 31.66 -31.74 -7.06
N ASP F 360 32.09 -30.65 -6.42
CA ASP F 360 31.69 -30.41 -5.04
C ASP F 360 30.17 -30.34 -4.89
N ILE F 361 29.68 -30.91 -3.81
CA ILE F 361 28.27 -30.78 -3.53
C ILE F 361 28.16 -29.84 -2.35
N ILE F 362 27.41 -28.78 -2.57
CA ILE F 362 27.26 -27.73 -1.60
C ILE F 362 25.78 -27.55 -1.26
N THR F 363 25.51 -26.97 -0.09
CA THR F 363 24.13 -26.86 0.42
C THR F 363 23.69 -25.45 0.53
N ALA F 364 22.67 -25.09 -0.24
CA ALA F 364 22.16 -23.73 -0.20
C ALA F 364 21.43 -23.49 1.14
N SER F 365 21.17 -22.22 1.47
CA SER F 365 20.48 -21.86 2.73
C SER F 365 19.08 -22.43 2.89
N ASN F 366 18.47 -22.91 1.80
CA ASN F 366 17.15 -23.49 1.90
C ASN F 366 17.24 -25.00 2.04
N GLY F 367 18.47 -25.47 2.28
CA GLY F 367 18.74 -26.90 2.41
C GLY F 367 18.97 -27.73 1.14
N LYS F 368 18.69 -27.16 -0.03
CA LYS F 368 18.94 -27.90 -1.29
C LYS F 368 20.43 -28.13 -1.49
N THR F 369 20.78 -29.38 -1.72
CA THR F 369 22.17 -29.70 -2.09
C THR F 369 22.36 -29.52 -3.57
N ILE F 370 23.50 -28.93 -3.93
CA ILE F 370 23.80 -28.62 -5.31
C ILE F 370 25.11 -29.31 -5.71
N GLU F 371 25.07 -30.02 -6.83
CA GLU F 371 26.29 -30.53 -7.42
C GLU F 371 26.89 -29.50 -8.34
N VAL F 372 28.13 -29.13 -8.06
CA VAL F 372 28.85 -28.15 -8.87
C VAL F 372 29.43 -28.86 -10.10
N GLY F 373 28.85 -28.56 -11.26
CA GLY F 373 29.32 -29.11 -12.52
C GLY F 373 30.39 -28.23 -13.11
N ASN F 374 30.42 -26.94 -12.75
CA ASN F 374 31.38 -25.99 -13.33
C ASN F 374 31.55 -24.77 -12.43
N THR F 375 32.75 -24.54 -11.93
CA THR F 375 32.98 -23.47 -10.99
C THR F 375 32.78 -22.09 -11.61
N ASP F 376 32.78 -22.04 -12.93
CA ASP F 376 32.60 -20.80 -13.63
C ASP F 376 31.10 -20.45 -13.71
N ALA F 377 30.22 -21.39 -13.36
CA ALA F 377 28.81 -21.02 -13.29
C ALA F 377 28.47 -20.62 -11.83
N GLU F 378 29.22 -19.64 -11.31
CA GLU F 378 29.20 -19.31 -9.89
C GLU F 378 28.07 -18.36 -9.52
N GLY F 379 27.63 -17.57 -10.48
CA GLY F 379 26.69 -16.48 -10.24
C GLY F 379 25.46 -17.05 -9.62
N ARG F 380 24.93 -18.07 -10.29
CA ARG F 380 23.69 -18.69 -9.87
C ARG F 380 23.79 -19.27 -8.51
N LEU F 381 24.99 -19.65 -8.12
CA LEU F 381 25.17 -20.22 -6.81
C LEU F 381 25.02 -19.11 -5.79
N THR F 382 25.66 -17.96 -6.05
CA THR F 382 25.57 -16.84 -5.11
C THR F 382 24.11 -16.34 -5.11
N LEU F 383 23.50 -16.25 -6.29
CA LEU F 383 22.14 -15.74 -6.38
C LEU F 383 21.17 -16.65 -5.67
N ALA F 384 21.40 -17.95 -5.76
CA ALA F 384 20.57 -18.91 -5.04
C ALA F 384 20.41 -18.46 -3.61
N ASP F 385 21.53 -18.29 -2.92
CA ASP F 385 21.48 -17.95 -1.51
C ASP F 385 20.88 -16.56 -1.30
N ALA F 386 21.14 -15.67 -2.25
CA ALA F 386 20.61 -14.34 -2.18
C ALA F 386 19.06 -14.36 -2.34
N LEU F 387 18.59 -15.25 -3.21
CA LEU F 387 17.18 -15.36 -3.47
C LEU F 387 16.45 -15.92 -2.26
N VAL F 388 17.02 -16.94 -1.63
CA VAL F 388 16.47 -17.53 -0.40
C VAL F 388 16.40 -16.46 0.69
N TYR F 389 17.45 -15.67 0.79
CA TYR F 389 17.48 -14.55 1.68
C TYR F 389 16.37 -13.56 1.36
N ALA F 390 16.27 -13.18 0.09
CA ALA F 390 15.28 -12.22 -0.37
C ALA F 390 13.89 -12.67 -0.01
N GLU F 391 13.60 -13.93 -0.28
CA GLU F 391 12.27 -14.45 -0.03
C GLU F 391 11.95 -14.46 1.48
N LYS F 392 12.98 -14.66 2.28
CA LYS F 392 12.76 -14.69 3.72
C LYS F 392 12.35 -13.31 4.19
N LEU F 393 12.62 -12.29 3.38
CA LEU F 393 12.28 -10.92 3.72
C LEU F 393 10.76 -10.65 3.64
N GLY F 394 10.05 -11.56 2.98
CA GLY F 394 8.63 -11.45 2.79
C GLY F 394 8.24 -10.32 1.87
N VAL F 395 8.82 -10.30 0.69
CA VAL F 395 8.56 -9.23 -0.27
C VAL F 395 7.47 -9.61 -1.27
N ASP F 396 7.03 -8.66 -2.08
CA ASP F 396 6.02 -8.94 -3.07
C ASP F 396 6.69 -9.35 -4.37
N TYR F 397 7.83 -8.72 -4.64
CA TYR F 397 8.61 -8.98 -5.82
C TYR F 397 10.04 -9.17 -5.44
N ILE F 398 10.67 -10.11 -6.12
CA ILE F 398 12.12 -10.24 -6.13
C ILE F 398 12.54 -10.11 -7.55
N VAL F 399 13.38 -9.11 -7.81
CA VAL F 399 14.02 -8.95 -9.12
C VAL F 399 15.52 -9.09 -8.94
N ASP F 400 16.11 -10.06 -9.65
CA ASP F 400 17.55 -10.15 -9.67
C ASP F 400 18.04 -9.69 -10.99
N ILE F 401 19.25 -9.12 -10.99
CA ILE F 401 19.89 -8.62 -12.19
C ILE F 401 21.33 -9.11 -12.09
N ALA F 402 21.83 -9.68 -13.19
CA ALA F 402 23.10 -10.38 -13.13
C ALA F 402 23.66 -10.59 -14.51
N THR F 403 24.99 -10.42 -14.58
CA THR F 403 25.75 -10.77 -15.77
C THR F 403 25.92 -12.26 -15.65
N LEU F 404 24.86 -12.98 -15.94
CA LEU F 404 24.82 -14.36 -15.62
C LEU F 404 25.38 -15.32 -16.69
N THR F 405 25.03 -15.09 -17.97
CA THR F 405 25.36 -16.07 -19.00
C THR F 405 25.82 -15.44 -20.27
N GLY F 406 27.01 -15.88 -20.72
CA GLY F 406 27.61 -15.45 -22.00
C GLY F 406 26.68 -15.75 -23.16
N ALA F 407 25.87 -16.78 -23.03
CA ALA F 407 24.86 -17.09 -24.04
C ALA F 407 24.01 -15.90 -24.45
N MET F 408 23.83 -14.97 -23.52
CA MET F 408 23.05 -13.76 -23.81
C MET F 408 23.57 -13.01 -25.04
N LEU F 409 24.89 -13.10 -25.28
CA LEU F 409 25.48 -12.48 -26.45
C LEU F 409 24.98 -13.16 -27.71
N TYR F 410 24.63 -14.44 -27.58
CA TYR F 410 24.19 -15.23 -28.74
C TYR F 410 22.69 -15.15 -28.91
N SER F 411 21.98 -14.83 -27.84
CA SER F 411 20.52 -14.73 -27.90
C SER F 411 20.08 -13.31 -28.19
N LEU F 412 20.32 -12.38 -27.28
CA LEU F 412 19.86 -11.01 -27.51
C LEU F 412 20.94 -10.02 -27.97
N GLY F 413 22.20 -10.36 -27.74
CA GLY F 413 23.28 -9.50 -28.14
C GLY F 413 23.59 -8.49 -27.08
N THR F 414 24.09 -7.36 -27.53
CA THR F 414 24.68 -6.39 -26.63
C THR F 414 23.69 -5.28 -26.27
N SER F 415 22.49 -5.29 -26.88
CA SER F 415 21.58 -4.16 -26.71
C SER F 415 20.41 -4.38 -25.79
N TYR F 416 19.87 -5.59 -25.79
CA TYR F 416 18.73 -5.92 -25.01
C TYR F 416 19.11 -6.95 -23.95
N ALA F 417 18.78 -6.67 -22.70
CA ALA F 417 18.93 -7.65 -21.64
C ALA F 417 17.79 -8.66 -21.71
N GLY F 418 17.98 -9.81 -21.08
CA GLY F 418 16.98 -10.87 -21.09
C GLY F 418 16.24 -10.83 -19.77
N VAL F 419 14.92 -10.95 -19.79
CA VAL F 419 14.17 -11.09 -18.55
C VAL F 419 13.42 -12.42 -18.55
N PHE F 420 13.62 -13.17 -17.48
CA PHE F 420 12.96 -14.42 -17.25
C PHE F 420 12.29 -14.21 -15.91
N GLY F 421 11.21 -14.98 -15.67
CA GLY F 421 10.47 -14.89 -14.42
C GLY F 421 9.49 -16.00 -14.20
N ASN F 422 8.93 -16.05 -12.99
CA ASN F 422 7.92 -17.02 -12.67
C ASN F 422 6.53 -16.36 -12.58
N ASN F 423 6.46 -15.09 -12.99
CA ASN F 423 5.23 -14.32 -12.85
C ASN F 423 5.04 -13.32 -13.97
N GLU F 424 3.95 -13.47 -14.68
CA GLU F 424 3.69 -12.65 -15.88
C GLU F 424 3.55 -11.17 -15.51
N GLU F 425 2.79 -10.89 -14.46
CA GLU F 425 2.54 -9.50 -14.03
C GLU F 425 3.86 -8.80 -13.76
N LEU F 426 4.72 -9.47 -13.00
CA LEU F 426 6.02 -8.92 -12.68
C LEU F 426 6.87 -8.69 -13.93
N ILE F 427 6.91 -9.69 -14.82
CA ILE F 427 7.62 -9.56 -16.09
C ILE F 427 7.12 -8.36 -16.88
N ASN F 428 5.79 -8.23 -16.98
CA ASN F 428 5.21 -7.09 -17.68
C ASN F 428 5.61 -5.77 -17.07
N LYS F 429 5.68 -5.74 -15.74
CA LYS F 429 6.14 -4.55 -15.03
C LYS F 429 7.57 -4.19 -15.43
N ILE F 430 8.49 -5.18 -15.43
CA ILE F 430 9.84 -4.97 -15.93
C ILE F 430 9.82 -4.47 -17.37
N LEU F 431 9.01 -5.07 -18.24
CA LEU F 431 8.94 -4.61 -19.64
C LEU F 431 8.50 -3.15 -19.75
N GLN F 432 7.52 -2.77 -18.94
CA GLN F 432 6.99 -1.41 -18.87
C GLN F 432 8.09 -0.47 -18.38
N SER F 433 8.87 -0.95 -17.43
CA SER F 433 10.00 -0.21 -16.91
C SER F 433 11.09 -0.10 -17.96
N SER F 434 11.24 -1.14 -18.77
CA SER F 434 12.19 -1.10 -19.88
C SER F 434 11.79 0.00 -20.85
N LYS F 435 10.51 0.03 -21.22
CA LYS F 435 9.97 1.06 -22.11
C LYS F 435 10.18 2.47 -21.56
N THR F 436 9.91 2.69 -20.29
CA THR F 436 9.98 4.05 -19.76
C THR F 436 11.38 4.46 -19.37
N SER F 437 12.24 3.49 -19.05
CA SER F 437 13.65 3.82 -18.76
C SER F 437 14.50 3.90 -20.02
N ASN F 438 13.99 3.29 -21.09
CA ASN F 438 14.75 3.15 -22.33
C ASN F 438 16.01 2.33 -22.19
N GLU F 439 15.97 1.36 -21.28
CA GLU F 439 16.95 0.31 -21.17
C GLU F 439 16.29 -0.96 -21.67
N PRO F 440 16.60 -1.35 -22.91
CA PRO F 440 15.82 -2.39 -23.60
C PRO F 440 15.96 -3.76 -22.96
N VAL F 441 14.82 -4.39 -22.71
CA VAL F 441 14.80 -5.73 -22.14
C VAL F 441 13.86 -6.58 -22.99
N TRP F 442 14.14 -7.86 -23.11
CA TRP F 442 13.25 -8.74 -23.82
C TRP F 442 12.88 -9.93 -22.95
N TRP F 443 11.62 -10.31 -23.02
CA TRP F 443 11.16 -11.44 -22.27
C TRP F 443 11.56 -12.77 -22.95
N LEU F 444 12.29 -13.57 -22.18
CA LEU F 444 12.71 -14.88 -22.61
C LEU F 444 12.03 -15.92 -21.73
N PRO F 445 11.74 -17.12 -22.28
CA PRO F 445 10.99 -18.11 -21.54
C PRO F 445 11.86 -18.92 -20.58
N ILE F 446 11.29 -19.28 -19.44
CA ILE F 446 11.84 -20.36 -18.65
C ILE F 446 11.20 -21.68 -19.11
N ILE F 447 11.95 -22.46 -19.90
CA ILE F 447 11.36 -23.64 -20.51
C ILE F 447 11.48 -24.82 -19.55
N ASN F 448 10.34 -25.28 -19.03
CA ASN F 448 10.36 -26.32 -18.00
C ASN F 448 10.87 -27.65 -18.47
N GLU F 449 10.69 -27.93 -19.76
CA GLU F 449 11.23 -29.15 -20.33
C GLU F 449 12.71 -29.33 -19.99
N TYR F 450 13.45 -28.24 -19.81
CA TYR F 450 14.87 -28.37 -19.58
C TYR F 450 15.18 -28.74 -18.13
N ARG F 451 14.20 -28.55 -17.27
CA ARG F 451 14.37 -28.76 -15.83
C ARG F 451 15.05 -30.08 -15.48
N ALA F 452 14.65 -31.12 -16.19
CA ALA F 452 15.16 -32.48 -15.96
C ALA F 452 16.70 -32.61 -16.09
N THR F 453 17.32 -31.74 -16.89
CA THR F 453 18.76 -31.81 -17.06
C THR F 453 19.47 -31.20 -15.87
N LEU F 454 18.72 -30.69 -14.90
CA LEU F 454 19.32 -30.28 -13.64
C LEU F 454 19.15 -31.34 -12.56
N ASN F 455 18.60 -32.48 -12.93
CA ASN F 455 18.49 -33.62 -12.01
C ASN F 455 19.84 -34.30 -11.77
N SER F 456 20.48 -33.97 -10.64
CA SER F 456 21.75 -34.54 -10.23
C SER F 456 21.54 -35.95 -9.75
N LYS F 457 22.51 -36.80 -10.00
CA LYS F 457 22.47 -38.16 -9.54
C LYS F 457 22.67 -38.20 -8.03
N TYR F 458 23.45 -37.27 -7.50
CA TYR F 458 23.83 -37.33 -6.11
C TYR F 458 23.25 -36.22 -5.25
N ALA F 459 23.27 -35.00 -5.76
CA ALA F 459 22.72 -33.87 -5.07
C ALA F 459 21.23 -33.71 -5.39
N ASP F 460 20.59 -32.73 -4.75
CA ASP F 460 19.17 -32.46 -5.00
C ASP F 460 19.04 -31.91 -6.39
N ILE F 461 20.03 -31.13 -6.79
CA ILE F 461 20.03 -30.43 -8.07
C ILE F 461 21.45 -30.19 -8.57
N ASN F 462 21.57 -30.18 -9.89
CA ASN F 462 22.75 -29.77 -10.59
C ASN F 462 22.76 -28.28 -10.75
N GLN F 463 23.95 -27.70 -10.69
CA GLN F 463 24.15 -26.30 -10.93
C GLN F 463 23.99 -26.03 -12.43
N ILE F 464 24.60 -26.88 -13.25
CA ILE F 464 24.52 -26.71 -14.71
C ILE F 464 23.90 -27.87 -15.40
N SER F 465 23.42 -27.62 -16.60
CA SER F 465 23.03 -28.72 -17.49
C SER F 465 24.28 -29.42 -18.03
N SER F 466 24.14 -30.69 -18.36
CA SER F 466 25.19 -31.41 -19.09
C SER F 466 24.91 -31.25 -20.59
N SER F 467 23.65 -31.49 -20.95
CA SER F 467 23.18 -31.46 -22.34
C SER F 467 22.84 -30.02 -22.84
N VAL F 468 21.85 -29.38 -22.21
CA VAL F 468 21.25 -28.17 -22.76
C VAL F 468 22.21 -26.97 -22.85
N LYS F 469 22.39 -26.50 -24.10
CA LYS F 469 23.21 -25.34 -24.40
C LYS F 469 22.48 -24.02 -24.21
N ALA F 470 21.16 -24.05 -24.01
CA ALA F 470 20.39 -22.86 -23.70
C ALA F 470 20.64 -22.43 -22.25
N SER F 471 21.84 -21.92 -21.98
CA SER F 471 22.28 -21.82 -20.60
C SER F 471 21.62 -20.68 -19.81
N SER F 472 21.13 -19.66 -20.52
CA SER F 472 20.45 -18.57 -19.85
C SER F 472 19.16 -19.13 -19.31
N ILE F 473 18.53 -19.99 -20.09
CA ILE F 473 17.27 -20.59 -19.66
C ILE F 473 17.51 -21.57 -18.53
N VAL F 474 18.51 -22.44 -18.72
CA VAL F 474 18.94 -23.38 -17.67
C VAL F 474 19.29 -22.68 -16.32
N ALA F 475 20.07 -21.62 -16.38
CA ALA F 475 20.43 -20.85 -15.21
C ALA F 475 19.14 -20.31 -14.56
N SER F 476 18.19 -19.86 -15.36
CA SER F 476 16.93 -19.35 -14.85
C SER F 476 16.19 -20.48 -14.15
N LEU F 477 16.11 -21.64 -14.81
CA LEU F 477 15.48 -22.81 -14.17
C LEU F 477 16.13 -23.09 -12.83
N PHE F 478 17.46 -23.01 -12.78
CA PHE F 478 18.17 -23.25 -11.58
C PHE F 478 17.81 -22.22 -10.51
N LEU F 479 17.80 -20.95 -10.88
CA LEU F 479 17.40 -19.91 -9.94
C LEU F 479 15.96 -20.08 -9.45
N LYS F 480 15.06 -20.45 -10.36
CA LYS F 480 13.65 -20.59 -10.02
C LYS F 480 13.53 -21.48 -8.82
N GLU F 481 14.43 -22.44 -8.74
CA GLU F 481 14.36 -23.43 -7.68
C GLU F 481 14.51 -22.80 -6.30
N PHE F 482 14.96 -21.56 -6.25
CA PHE F 482 15.27 -20.94 -4.98
C PHE F 482 14.29 -19.85 -4.55
N VAL F 483 13.23 -19.70 -5.33
CA VAL F 483 12.10 -18.85 -4.99
C VAL F 483 10.89 -19.78 -4.91
N GLN F 484 10.42 -20.00 -3.68
CA GLN F 484 9.29 -20.91 -3.47
C GLN F 484 7.92 -20.34 -3.82
N ASN F 485 7.65 -19.08 -3.45
CA ASN F 485 6.30 -18.59 -3.45
C ASN F 485 6.16 -17.07 -3.66
N THR F 486 7.12 -16.47 -4.35
CA THR F 486 7.14 -15.03 -4.57
C THR F 486 7.29 -14.73 -6.04
N ALA F 487 6.59 -13.71 -6.50
CA ALA F 487 6.78 -13.22 -7.85
C ALA F 487 8.26 -12.90 -7.97
N TRP F 488 8.91 -13.44 -9.00
CA TRP F 488 10.35 -13.27 -9.20
C TRP F 488 10.68 -13.16 -10.69
N ALA F 489 11.52 -12.19 -11.02
CA ALA F 489 12.04 -11.99 -12.36
C ALA F 489 13.56 -11.89 -12.26
N HIS F 490 14.24 -12.30 -13.33
CA HIS F 490 15.69 -12.39 -13.38
C HIS F 490 16.08 -11.73 -14.67
N ILE F 491 16.90 -10.67 -14.58
CA ILE F 491 17.37 -9.91 -15.73
C ILE F 491 18.83 -10.26 -16.01
N ASP F 492 19.07 -10.94 -17.13
CA ASP F 492 20.41 -11.30 -17.52
C ASP F 492 21.01 -10.18 -18.32
N ILE F 493 21.92 -9.44 -17.71
CA ILE F 493 22.60 -8.32 -18.37
C ILE F 493 24.05 -8.68 -18.78
N ALA F 494 24.34 -9.97 -18.89
CA ALA F 494 25.67 -10.39 -19.33
C ALA F 494 26.06 -9.83 -20.68
N GLY F 495 25.14 -9.77 -21.64
CA GLY F 495 25.46 -9.27 -22.99
C GLY F 495 25.50 -7.76 -23.08
N VAL F 496 24.81 -7.12 -22.17
CA VAL F 496 24.37 -5.76 -22.37
C VAL F 496 25.16 -4.82 -21.46
N SER F 497 25.73 -5.37 -20.41
CA SER F 497 26.33 -4.59 -19.37
C SER F 497 27.52 -3.75 -19.81
N TRP F 498 28.42 -4.37 -20.58
CA TRP F 498 29.64 -3.73 -21.03
C TRP F 498 29.43 -3.19 -22.42
N ASN F 499 29.80 -1.92 -22.62
CA ASN F 499 29.85 -1.30 -23.94
C ASN F 499 31.21 -1.62 -24.55
N PHE F 500 31.25 -2.63 -25.40
CA PHE F 500 32.53 -3.10 -25.95
C PHE F 500 33.15 -2.08 -26.86
N LYS F 501 32.32 -1.43 -27.69
CA LYS F 501 32.81 -0.40 -28.62
C LYS F 501 33.45 0.76 -27.85
N ALA F 502 32.75 1.29 -26.84
CA ALA F 502 33.28 2.41 -26.06
C ALA F 502 34.25 1.99 -24.96
N ARG F 503 34.46 0.69 -24.78
CA ARG F 503 35.40 0.16 -23.78
C ARG F 503 35.08 0.68 -22.37
N LYS F 504 33.80 0.66 -22.01
CA LYS F 504 33.34 1.11 -20.69
C LYS F 504 32.01 0.41 -20.33
N PRO F 505 31.66 0.39 -19.02
CA PRO F 505 30.36 -0.11 -18.63
C PRO F 505 29.24 0.83 -19.12
N LYS F 506 28.02 0.30 -19.17
CA LYS F 506 26.89 1.10 -19.53
C LYS F 506 26.14 1.54 -18.29
N GLY F 507 26.44 0.88 -17.16
CA GLY F 507 25.69 1.06 -15.91
C GLY F 507 24.26 0.59 -16.10
N PHE F 508 24.12 -0.49 -16.87
CA PHE F 508 22.83 -1.00 -17.30
C PHE F 508 21.95 -1.49 -16.15
N GLY F 509 20.71 -1.05 -16.14
CA GLY F 509 19.78 -1.59 -15.19
C GLY F 509 19.38 -0.58 -14.14
N VAL F 510 20.21 0.45 -13.94
CA VAL F 510 19.93 1.38 -12.88
C VAL F 510 18.59 2.05 -13.15
N ARG F 511 18.43 2.59 -14.35
CA ARG F 511 17.22 3.29 -14.68
C ARG F 511 16.03 2.33 -14.75
N LEU F 512 16.22 1.22 -15.44
CA LEU F 512 15.25 0.15 -15.44
C LEU F 512 14.71 -0.16 -14.05
N LEU F 513 15.61 -0.44 -13.12
CA LEU F 513 15.17 -0.84 -11.80
C LEU F 513 14.49 0.29 -11.06
N THR F 514 14.99 1.50 -11.25
CA THR F 514 14.40 2.67 -10.64
C THR F 514 13.01 2.97 -11.21
N GLU F 515 12.87 2.91 -12.53
CA GLU F 515 11.56 3.06 -13.13
C GLU F 515 10.63 2.01 -12.57
N PHE F 516 11.13 0.79 -12.43
CA PHE F 516 10.30 -0.32 -11.94
C PHE F 516 9.76 0.00 -10.56
N VAL F 517 10.67 0.42 -9.68
CA VAL F 517 10.35 0.81 -8.32
C VAL F 517 9.38 2.02 -8.30
N LEU F 518 9.68 3.04 -9.09
CA LEU F 518 8.89 4.26 -9.12
C LEU F 518 7.50 4.12 -9.73
N ASN F 519 7.33 3.31 -10.76
CA ASN F 519 6.00 3.17 -11.39
C ASN F 519 5.10 2.07 -10.79
N ASP F 520 5.70 1.14 -10.03
CA ASP F 520 4.99 -0.01 -9.41
C ASP F 520 5.16 -0.04 -7.90
N SER G 3 -69.17 16.68 -2.20
CA SER G 3 -67.68 16.79 -2.22
C SER G 3 -66.89 15.54 -1.74
N GLU G 4 -65.88 15.16 -2.53
CA GLU G 4 -65.02 14.02 -2.22
C GLU G 4 -64.02 14.46 -1.19
N VAL G 5 -63.89 13.64 -0.14
CA VAL G 5 -62.83 13.84 0.82
C VAL G 5 -61.46 13.40 0.25
N PRO G 6 -60.54 14.36 0.16
CA PRO G 6 -59.18 14.04 -0.20
C PRO G 6 -58.61 13.06 0.81
N GLN G 7 -57.68 12.22 0.35
CA GLN G 7 -57.04 11.21 1.14
C GLN G 7 -55.55 11.18 0.82
N VAL G 8 -54.73 11.03 1.86
CA VAL G 8 -53.30 10.76 1.73
C VAL G 8 -53.08 9.29 1.42
N VAL G 9 -53.82 8.42 2.08
CA VAL G 9 -53.75 6.96 1.80
C VAL G 9 -55.14 6.32 1.67
N SER G 10 -55.24 5.24 0.91
CA SER G 10 -56.55 4.70 0.60
C SER G 10 -57.31 4.41 1.89
N LEU G 11 -56.57 4.20 2.97
CA LEU G 11 -57.18 3.87 4.23
C LEU G 11 -57.80 5.06 4.97
N ASP G 12 -57.49 6.27 4.53
CA ASP G 12 -58.05 7.44 5.13
C ASP G 12 -59.57 7.43 4.99
N PRO G 13 -60.27 7.74 6.07
CA PRO G 13 -61.73 7.73 6.04
C PRO G 13 -62.31 8.82 5.17
N THR G 14 -63.42 8.53 4.51
CA THR G 14 -63.96 9.50 3.57
C THR G 14 -65.32 10.04 4.04
N SER G 15 -65.73 9.61 5.24
CA SER G 15 -66.90 10.17 5.87
C SER G 15 -66.85 9.91 7.38
N ILE G 16 -67.47 10.82 8.12
CA ILE G 16 -67.75 10.65 9.53
C ILE G 16 -68.91 9.66 9.67
N PRO G 17 -68.66 8.44 10.18
CA PRO G 17 -69.84 7.61 10.41
C PRO G 17 -70.74 8.25 11.49
N ILE G 18 -72.04 8.18 11.24
CA ILE G 18 -73.06 8.73 12.12
C ILE G 18 -74.11 7.69 12.40
N GLU G 19 -74.62 7.69 13.63
CA GLU G 19 -75.70 6.81 14.04
C GLU G 19 -76.87 7.74 14.24
N TYR G 20 -77.91 7.50 13.45
CA TYR G 20 -79.13 8.28 13.56
C TYR G 20 -80.11 7.41 14.35
N ASN G 21 -80.21 6.16 13.91
CA ASN G 21 -81.10 5.20 14.50
C ASN G 21 -80.50 4.55 15.74
N THR G 22 -80.43 5.36 16.81
CA THR G 22 -79.81 4.92 18.08
C THR G 22 -80.77 4.03 18.88
N PRO G 23 -80.22 3.12 19.70
CA PRO G 23 -81.08 2.30 20.53
C PRO G 23 -82.09 3.14 21.33
N ILE G 24 -81.67 4.29 21.86
CA ILE G 24 -82.62 5.19 22.52
C ILE G 24 -83.91 5.43 21.67
N HIS G 25 -83.78 5.42 20.33
CA HIS G 25 -84.96 5.69 19.49
C HIS G 25 -85.97 4.59 19.45
N ASP G 26 -85.55 3.42 19.90
CA ASP G 26 -86.38 2.22 19.98
C ASP G 26 -87.07 2.09 21.33
N ILE G 27 -86.68 2.93 22.29
CA ILE G 27 -87.28 2.87 23.63
C ILE G 27 -88.68 3.43 23.67
N LYS G 28 -89.61 2.54 23.93
CA LYS G 28 -91.01 2.91 24.09
C LYS G 28 -91.29 3.57 25.46
N VAL G 29 -91.67 4.83 25.41
CA VAL G 29 -91.84 5.56 26.66
C VAL G 29 -93.30 5.77 27.01
N GLN G 30 -93.65 5.36 28.23
CA GLN G 30 -95.01 5.50 28.71
C GLN G 30 -94.95 6.29 30.03
N VAL G 31 -95.80 7.28 30.17
CA VAL G 31 -95.86 8.02 31.40
C VAL G 31 -97.19 7.70 32.01
N TYR G 32 -97.14 7.31 33.26
CA TYR G 32 -98.36 7.10 33.98
C TYR G 32 -98.39 8.04 35.14
N ASP G 33 -99.60 8.47 35.51
CA ASP G 33 -99.80 9.27 36.69
C ASP G 33 -99.56 8.45 37.99
N ILE G 34 -98.56 8.85 38.75
CA ILE G 34 -98.29 8.27 40.07
C ILE G 34 -99.57 7.94 40.83
N LYS G 35 -100.55 8.83 40.76
CA LYS G 35 -101.70 8.77 41.65
C LYS G 35 -102.61 7.57 41.37
N GLY G 36 -102.45 6.99 40.17
CA GLY G 36 -103.06 5.70 39.80
C GLY G 36 -102.34 4.49 40.38
N GLY G 37 -101.08 4.67 40.81
CA GLY G 37 -100.27 3.59 41.40
C GLY G 37 -99.31 3.00 40.39
N CYS G 38 -98.32 2.24 40.88
CA CYS G 38 -97.29 1.65 40.05
C CYS G 38 -97.46 0.18 39.89
N ASN G 39 -97.47 -0.27 38.64
CA ASN G 39 -97.35 -1.69 38.39
C ASN G 39 -95.86 -1.99 38.33
N VAL G 40 -95.43 -2.79 39.29
CA VAL G 40 -94.05 -3.23 39.44
C VAL G 40 -93.93 -4.61 38.76
N GLU G 41 -93.36 -4.61 37.57
CA GLU G 41 -93.32 -5.85 36.80
C GLU G 41 -91.91 -6.11 36.30
N GLU G 42 -91.77 -6.65 35.11
CA GLU G 42 -90.49 -6.99 34.58
C GLU G 42 -89.68 -5.69 34.51
N GLY G 43 -88.39 -5.84 34.21
CA GLY G 43 -87.47 -4.71 34.15
C GLY G 43 -86.94 -4.40 35.55
N LEU G 44 -86.39 -3.20 35.68
CA LEU G 44 -85.91 -2.72 36.95
C LEU G 44 -86.73 -1.47 37.26
N THR G 45 -87.44 -1.43 38.39
CA THR G 45 -88.31 -0.27 38.77
C THR G 45 -87.64 0.65 39.82
N ILE G 46 -87.18 1.82 39.35
CA ILE G 46 -86.44 2.73 40.20
C ILE G 46 -87.26 3.93 40.74
N PHE G 47 -87.24 4.05 42.07
CA PHE G 47 -87.81 5.20 42.74
C PHE G 47 -86.78 6.28 42.93
N LEU G 48 -87.13 7.47 42.47
CA LEU G 48 -86.35 8.66 42.75
C LEU G 48 -86.88 9.26 44.06
N VAL G 49 -86.12 9.07 45.14
CA VAL G 49 -86.55 9.51 46.46
C VAL G 49 -85.54 10.45 47.09
N ASN G 50 -86.07 11.51 47.69
CA ASN G 50 -85.27 12.37 48.50
C ASN G 50 -85.83 12.28 49.90
N ASN G 51 -85.17 12.91 50.85
CA ASN G 51 -85.84 13.20 52.11
C ASN G 51 -85.53 14.67 52.39
N PRO G 52 -86.41 15.58 51.95
CA PRO G 52 -86.03 16.92 52.35
C PRO G 52 -86.05 16.93 53.90
N GLY G 53 -84.88 17.17 54.49
CA GLY G 53 -84.69 16.99 55.92
C GLY G 53 -83.42 17.63 56.45
N LYS G 54 -82.63 16.88 57.22
CA LYS G 54 -82.55 15.41 57.18
C LYS G 54 -81.65 15.04 55.98
N GLU G 55 -80.55 15.81 55.85
CA GLU G 55 -79.40 15.45 55.02
C GLU G 55 -78.99 13.97 55.30
N ASN G 56 -79.07 13.14 54.26
CA ASN G 56 -78.82 11.67 54.35
C ASN G 56 -79.89 10.85 55.12
N GLY G 57 -81.10 11.38 55.24
CA GLY G 57 -82.17 10.72 55.99
C GLY G 57 -82.66 9.40 55.39
N PRO G 58 -83.61 8.72 56.08
CA PRO G 58 -84.15 7.44 55.59
C PRO G 58 -84.94 7.54 54.26
N VAL G 59 -84.82 6.51 53.42
CA VAL G 59 -85.66 6.39 52.22
C VAL G 59 -87.06 6.19 52.69
N LYS G 60 -88.00 6.85 52.04
CA LYS G 60 -89.42 6.60 52.25
C LYS G 60 -90.11 6.51 50.91
N ILE G 61 -90.86 5.44 50.65
CA ILE G 61 -91.60 5.36 49.40
C ILE G 61 -93.05 5.82 49.61
N SER G 62 -93.38 6.94 49.03
CA SER G 62 -94.66 7.51 49.27
C SER G 62 -95.68 6.89 48.34
N SER G 63 -95.26 6.53 47.14
CA SER G 63 -96.22 6.22 46.06
C SER G 63 -97.07 4.96 46.26
N LYS G 64 -98.24 4.98 45.63
CA LYS G 64 -99.11 3.82 45.67
C LYS G 64 -98.45 2.74 44.83
N VAL G 65 -98.30 1.55 45.39
CA VAL G 65 -97.81 0.42 44.59
C VAL G 65 -98.86 -0.70 44.51
N ASN G 66 -99.41 -0.81 43.30
CA ASN G 66 -100.46 -1.75 42.95
C ASN G 66 -99.99 -3.22 43.01
N ASP G 67 -99.50 -3.61 44.19
CA ASP G 67 -98.99 -4.95 44.43
C ASP G 67 -98.85 -5.05 45.94
N LYS G 68 -99.55 -6.01 46.53
CA LYS G 68 -99.51 -6.17 47.96
C LYS G 68 -98.07 -6.53 48.36
N GLN G 69 -97.49 -7.42 47.58
CA GLN G 69 -96.24 -8.04 47.94
C GLN G 69 -95.15 -7.03 47.98
N VAL G 70 -95.11 -6.15 46.98
CA VAL G 70 -94.05 -5.16 46.84
C VAL G 70 -94.25 -3.99 47.84
N SER G 71 -95.53 -3.68 48.08
CA SER G 71 -96.01 -2.83 49.18
C SER G 71 -95.40 -3.20 50.51
N GLU G 72 -95.59 -4.46 50.94
CA GLU G 72 -94.92 -4.91 52.16
C GLU G 72 -93.45 -4.54 52.09
N PHE G 73 -92.78 -4.96 51.01
CA PHE G 73 -91.33 -4.86 50.91
C PHE G 73 -90.85 -3.43 51.17
N LEU G 74 -91.53 -2.50 50.49
CA LEU G 74 -91.17 -1.09 50.50
C LEU G 74 -91.82 -0.29 51.61
N LYS G 75 -92.36 -0.98 52.63
CA LYS G 75 -92.77 -0.26 53.84
C LYS G 75 -91.57 0.44 54.49
N ASP G 76 -91.86 1.40 55.35
CA ASP G 76 -90.82 2.27 55.90
C ASP G 76 -89.88 1.48 56.76
N GLU G 77 -90.42 0.60 57.60
CA GLU G 77 -89.63 -0.20 58.51
C GLU G 77 -88.52 -0.91 57.69
N ASN G 78 -88.88 -1.40 56.51
CA ASN G 78 -87.94 -2.10 55.65
C ASN G 78 -87.02 -1.14 54.96
N MET G 79 -87.54 0.03 54.60
CA MET G 79 -86.76 1.03 53.88
C MET G 79 -85.88 1.93 54.72
N GLU G 80 -86.11 2.01 56.02
CA GLU G 80 -85.39 3.01 56.80
C GLU G 80 -83.90 2.76 56.78
N LYS G 81 -83.49 1.51 56.61
CA LYS G 81 -82.06 1.20 56.58
C LYS G 81 -81.31 1.90 55.44
N PHE G 82 -82.05 2.32 54.42
CA PHE G 82 -81.44 2.97 53.28
C PHE G 82 -81.62 4.50 53.33
N ASN G 83 -80.59 5.25 52.96
CA ASN G 83 -80.67 6.70 53.01
C ASN G 83 -80.75 7.31 51.63
N VAL G 84 -81.30 8.52 51.51
CA VAL G 84 -81.54 9.15 50.19
C VAL G 84 -80.34 9.90 49.62
N LYS G 85 -79.15 9.67 50.18
CA LYS G 85 -77.96 10.47 49.85
C LYS G 85 -77.80 10.52 48.34
N LEU G 86 -77.66 11.73 47.82
CA LEU G 86 -77.58 12.02 46.38
C LEU G 86 -76.57 11.17 45.62
N GLY G 87 -77.06 10.35 44.68
CA GLY G 87 -76.17 9.48 43.91
C GLY G 87 -76.12 8.08 44.49
N THR G 88 -76.71 7.95 45.67
CA THR G 88 -76.84 6.66 46.31
C THR G 88 -77.90 5.91 45.53
N SER G 89 -77.81 4.58 45.52
CA SER G 89 -78.78 3.73 44.85
C SER G 89 -78.71 2.36 45.51
N LYS G 90 -79.80 1.61 45.51
CA LYS G 90 -79.72 0.24 45.95
C LYS G 90 -80.65 -0.61 45.10
N HIS G 91 -80.38 -1.92 45.05
CA HIS G 91 -81.19 -2.87 44.29
C HIS G 91 -81.95 -3.77 45.21
N PHE G 92 -83.19 -4.02 44.85
CA PHE G 92 -84.06 -4.80 45.67
C PHE G 92 -84.62 -5.93 44.84
N TYR G 93 -84.96 -7.05 45.51
CA TYR G 93 -85.36 -8.25 44.82
C TYR G 93 -86.44 -8.90 45.61
N MET G 94 -87.52 -9.26 44.95
CA MET G 94 -88.64 -9.89 45.64
C MET G 94 -89.53 -10.55 44.60
N PHE G 95 -90.54 -11.27 45.09
CA PHE G 95 -91.62 -11.80 44.27
C PHE G 95 -92.82 -10.89 44.45
N ASN G 96 -93.58 -10.71 43.38
CA ASN G 96 -94.73 -9.81 43.41
C ASN G 96 -96.01 -10.63 43.62
N ASP G 97 -97.19 -10.00 43.47
CA ASP G 97 -98.49 -10.67 43.76
C ASP G 97 -98.74 -11.83 42.79
N ASN G 98 -98.15 -11.69 41.61
CA ASN G 98 -98.30 -12.64 40.54
C ASN G 98 -97.13 -13.60 40.48
N LYS G 99 -96.41 -13.71 41.59
CA LYS G 99 -95.25 -14.60 41.66
C LYS G 99 -94.26 -14.29 40.55
N ASN G 100 -93.84 -13.03 40.45
CA ASN G 100 -92.89 -12.62 39.42
C ASN G 100 -91.71 -11.84 40.01
N SER G 101 -90.59 -12.53 40.17
CA SER G 101 -89.39 -11.91 40.71
C SER G 101 -89.13 -10.54 40.09
N VAL G 102 -89.42 -9.48 40.84
CA VAL G 102 -89.21 -8.14 40.36
C VAL G 102 -87.93 -7.60 40.90
N ALA G 103 -87.34 -6.69 40.12
CA ALA G 103 -86.20 -5.94 40.54
C ALA G 103 -86.73 -4.58 40.79
N VAL G 104 -86.33 -4.02 41.92
CA VAL G 104 -86.87 -2.78 42.38
C VAL G 104 -85.72 -2.02 43.03
N GLY G 105 -85.90 -0.72 43.18
CA GLY G 105 -84.86 0.07 43.72
C GLY G 105 -85.20 1.53 43.70
N TYR G 106 -84.24 2.30 44.19
CA TYR G 106 -84.31 3.73 44.30
C TYR G 106 -82.91 4.29 44.03
N VAL G 107 -82.88 5.46 43.40
CA VAL G 107 -81.76 6.36 43.49
C VAL G 107 -82.07 7.50 44.47
N GLY G 108 -81.13 7.72 45.38
CA GLY G 108 -81.16 8.84 46.30
C GLY G 108 -81.10 10.19 45.64
N CYS G 109 -82.15 10.97 45.89
CA CYS G 109 -82.25 12.33 45.39
C CYS G 109 -81.86 13.46 46.40
N GLY G 110 -81.00 13.11 47.36
CA GLY G 110 -80.46 14.10 48.31
C GLY G 110 -81.50 14.58 49.29
N SER G 111 -81.35 15.81 49.78
CA SER G 111 -82.39 16.37 50.65
C SER G 111 -82.68 17.84 50.37
N VAL G 112 -82.15 18.34 49.26
CA VAL G 112 -82.44 19.69 48.77
C VAL G 112 -83.65 19.70 47.82
N ALA G 113 -84.77 20.21 48.33
CA ALA G 113 -86.08 20.18 47.67
C ALA G 113 -86.07 20.50 46.15
N ASP G 114 -85.28 21.51 45.76
CA ASP G 114 -84.99 21.75 44.33
C ASP G 114 -83.72 21.05 43.90
N LEU G 115 -83.89 19.97 43.13
CA LEU G 115 -82.76 19.38 42.49
C LEU G 115 -82.31 20.36 41.45
N SER G 116 -81.00 20.38 41.22
CA SER G 116 -80.45 21.30 40.25
C SER G 116 -79.92 20.56 39.05
N GLU G 117 -79.54 21.33 38.04
CA GLU G 117 -79.10 20.81 36.76
C GLU G 117 -77.96 19.82 36.99
N ALA G 118 -77.10 20.10 37.96
CA ALA G 118 -75.95 19.24 38.22
C ALA G 118 -76.35 17.99 39.01
N ASP G 119 -77.14 18.19 40.07
CA ASP G 119 -77.62 17.09 40.90
C ASP G 119 -78.43 16.11 40.09
N MET G 120 -79.34 16.62 39.27
CA MET G 120 -80.13 15.76 38.43
C MET G 120 -79.23 14.91 37.58
N LYS G 121 -78.10 15.46 37.17
CA LYS G 121 -77.13 14.74 36.34
C LYS G 121 -76.52 13.61 37.15
N ARG G 122 -76.31 13.82 38.44
CA ARG G 122 -75.76 12.75 39.28
C ARG G 122 -76.82 11.65 39.53
N VAL G 123 -78.06 12.06 39.77
CA VAL G 123 -79.17 11.15 39.88
C VAL G 123 -79.15 10.26 38.66
N VAL G 124 -79.24 10.89 37.49
CA VAL G 124 -79.15 10.17 36.21
C VAL G 124 -77.94 9.26 36.16
N LEU G 125 -76.75 9.82 36.39
CA LEU G 125 -75.53 8.99 36.47
C LEU G 125 -75.69 7.73 37.32
N SER G 126 -76.29 7.83 38.52
CA SER G 126 -76.52 6.63 39.34
C SER G 126 -77.47 5.73 38.60
N LEU G 127 -78.59 6.29 38.20
CA LEU G 127 -79.54 5.57 37.39
C LEU G 127 -78.88 4.85 36.20
N VAL G 128 -78.01 5.50 35.47
CA VAL G 128 -77.40 4.80 34.34
C VAL G 128 -76.57 3.60 34.79
N THR G 129 -75.90 3.73 35.93
CA THR G 129 -75.05 2.60 36.31
C THR G 129 -75.89 1.33 36.62
N MET G 130 -77.10 1.49 37.14
CA MET G 130 -77.99 0.38 37.34
C MET G 130 -78.40 -0.12 35.98
N LEU G 131 -78.35 0.71 34.95
CA LEU G 131 -78.74 0.23 33.61
C LEU G 131 -77.62 -0.53 32.90
N HIS G 132 -76.45 0.07 32.82
CA HIS G 132 -75.24 -0.61 32.33
C HIS G 132 -74.97 -1.90 33.10
N ASP G 133 -74.55 -2.91 32.40
CA ASP G 133 -74.14 -4.15 33.01
C ASP G 133 -75.27 -5.00 33.63
N ASN G 134 -76.47 -4.80 33.11
CA ASN G 134 -77.67 -5.48 33.54
C ASN G 134 -78.62 -5.62 32.40
N LYS G 135 -78.65 -6.77 31.79
CA LYS G 135 -79.49 -6.91 30.63
C LYS G 135 -80.97 -6.71 30.93
N LEU G 136 -81.48 -5.52 30.76
CA LEU G 136 -82.87 -5.27 31.08
C LEU G 136 -83.69 -4.87 29.87
N SER G 137 -84.94 -5.31 29.82
CA SER G 137 -85.83 -4.97 28.73
C SER G 137 -86.59 -3.66 29.01
N LYS G 138 -86.86 -3.41 30.30
CA LYS G 138 -87.70 -2.30 30.75
C LYS G 138 -87.11 -1.61 32.01
N LEU G 139 -87.09 -0.28 32.02
CA LEU G 139 -86.80 0.44 33.23
C LEU G 139 -88.02 1.28 33.49
N THR G 140 -88.52 1.22 34.71
CA THR G 140 -89.53 2.16 35.15
C THR G 140 -88.96 3.10 36.24
N VAL G 141 -89.03 4.40 35.99
CA VAL G 141 -88.70 5.34 37.05
C VAL G 141 -89.92 6.06 37.66
N VAL G 142 -90.02 5.99 38.98
CA VAL G 142 -91.02 6.67 39.80
C VAL G 142 -90.41 7.97 40.40
N PHE G 143 -90.78 9.12 39.84
CA PHE G 143 -90.54 10.42 40.45
C PHE G 143 -91.32 10.61 41.74
N GLU G 144 -90.63 10.54 42.88
CA GLU G 144 -91.21 10.90 44.16
C GLU G 144 -90.41 12.09 44.63
N ILE G 145 -90.19 13.00 43.69
CA ILE G 145 -89.42 14.20 43.89
C ILE G 145 -90.10 15.26 43.06
N ASN G 146 -89.77 16.51 43.33
CA ASN G 146 -90.30 17.59 42.56
C ASN G 146 -89.44 17.82 41.37
N VAL G 147 -90.08 18.00 40.22
CA VAL G 147 -89.36 18.53 39.05
C VAL G 147 -90.32 19.36 38.21
N ASP G 148 -89.86 20.50 37.69
CA ASP G 148 -90.61 21.19 36.69
C ASP G 148 -90.54 20.39 35.35
N LYS G 149 -91.32 20.77 34.35
CA LYS G 149 -91.28 20.14 33.03
C LYS G 149 -89.89 20.22 32.36
N ASN G 150 -89.18 21.32 32.62
CA ASN G 150 -87.87 21.51 32.05
C ASN G 150 -86.91 20.54 32.69
N LEU G 151 -86.96 20.44 34.01
CA LEU G 151 -86.03 19.56 34.65
C LEU G 151 -86.34 18.15 34.20
N PHE G 152 -87.62 17.84 34.05
CA PHE G 152 -88.02 16.48 33.76
C PHE G 152 -87.54 16.15 32.33
N ARG G 153 -87.68 17.11 31.43
CA ARG G 153 -87.16 16.91 30.10
C ARG G 153 -85.65 16.67 30.21
N PHE G 154 -85.00 17.46 31.04
CA PHE G 154 -83.58 17.38 31.22
C PHE G 154 -83.16 16.00 31.72
N PHE G 155 -83.96 15.45 32.63
CA PHE G 155 -83.71 14.13 33.15
C PHE G 155 -83.78 13.11 32.03
N LEU G 156 -84.85 13.15 31.25
CA LEU G 156 -85.00 12.21 30.16
C LEU G 156 -83.81 12.25 29.19
N GLU G 157 -83.46 13.45 28.75
CA GLU G 157 -82.43 13.73 27.78
C GLU G 157 -81.07 13.18 28.24
N THR G 158 -80.66 13.70 29.39
CA THR G 158 -79.48 13.28 30.04
C THR G 158 -79.52 11.77 30.22
N LEU G 159 -80.67 11.21 30.60
CA LEU G 159 -80.69 9.77 30.69
C LEU G 159 -80.29 9.17 29.32
N PHE G 160 -81.13 9.38 28.33
CA PHE G 160 -80.84 9.04 26.95
C PHE G 160 -79.37 9.26 26.59
N TYR G 161 -78.89 10.50 26.78
CA TYR G 161 -77.52 10.86 26.42
C TYR G 161 -76.47 10.01 27.14
N GLU G 162 -76.72 9.74 28.41
CA GLU G 162 -75.76 9.01 29.20
C GLU G 162 -75.87 7.53 29.01
N TYR G 163 -77.01 7.07 28.50
CA TYR G 163 -77.24 5.64 28.36
C TYR G 163 -76.64 5.25 27.04
N MET G 164 -76.56 6.21 26.14
CA MET G 164 -76.04 5.90 24.83
C MET G 164 -74.55 5.62 25.00
N THR G 165 -73.99 4.83 24.10
CA THR G 165 -72.55 4.44 24.18
C THR G 165 -72.14 4.34 22.73
N ASP G 166 -71.25 5.25 22.34
CA ASP G 166 -70.77 5.36 20.96
C ASP G 166 -69.73 4.28 20.63
N GLU G 167 -70.14 3.32 19.82
CA GLU G 167 -69.23 2.27 19.37
C GLU G 167 -68.82 2.46 17.91
N ARG G 168 -68.93 3.67 17.40
CA ARG G 168 -68.55 3.88 16.01
C ARG G 168 -67.12 3.50 15.67
N PHE G 169 -66.21 3.68 16.61
CA PHE G 169 -64.81 3.54 16.31
C PHE G 169 -64.34 2.30 16.96
N LYS G 170 -65.32 1.49 17.37
CA LYS G 170 -65.04 0.15 17.93
C LYS G 170 -64.97 -0.81 16.78
N SER G 171 -63.93 -1.63 16.76
CA SER G 171 -63.81 -2.74 15.85
C SER G 171 -63.83 -4.01 16.69
N THR G 172 -62.64 -4.52 17.00
CA THR G 172 -62.40 -5.69 17.84
C THR G 172 -62.71 -5.55 19.34
N ASP G 173 -63.21 -4.41 19.80
CA ASP G 173 -63.44 -4.25 21.23
C ASP G 173 -64.88 -3.77 21.59
N LYS G 174 -65.82 -4.07 20.69
CA LYS G 174 -67.26 -3.91 20.95
C LYS G 174 -67.63 -4.60 22.28
N ASN G 175 -68.63 -4.02 22.96
CA ASN G 175 -69.12 -4.59 24.21
C ASN G 175 -69.92 -5.87 24.00
N MET G 178 -73.25 -4.33 24.91
CA MET G 178 -74.48 -3.60 25.15
C MET G 178 -75.73 -4.34 24.62
N GLU G 179 -76.78 -4.41 25.44
CA GLU G 179 -78.16 -4.70 25.04
C GLU G 179 -78.98 -3.64 25.80
N TYR G 180 -80.00 -3.05 25.17
CA TYR G 180 -80.59 -1.83 25.71
C TYR G 180 -82.02 -2.05 26.09
N ILE G 181 -82.52 -1.39 27.16
CA ILE G 181 -83.99 -1.34 27.42
C ILE G 181 -84.77 -0.95 26.17
N LYS G 182 -85.96 -1.50 26.03
CA LYS G 182 -86.84 -1.25 24.91
C LYS G 182 -88.04 -0.45 25.40
N HIS G 183 -88.25 -0.46 26.72
CA HIS G 183 -89.34 0.32 27.34
C HIS G 183 -88.80 1.18 28.49
N LEU G 184 -89.26 2.42 28.52
CA LEU G 184 -89.07 3.23 29.68
C LEU G 184 -90.43 3.64 30.20
N GLY G 185 -90.68 3.22 31.44
CA GLY G 185 -91.83 3.68 32.20
C GLY G 185 -91.45 4.96 32.92
N VAL G 186 -92.43 5.81 33.14
CA VAL G 186 -92.31 6.92 34.04
C VAL G 186 -93.63 7.08 34.77
N TYR G 187 -93.51 7.22 36.09
CA TYR G 187 -94.62 7.55 36.96
C TYR G 187 -94.29 8.90 37.58
N ILE G 188 -95.15 9.89 37.32
CA ILE G 188 -94.98 11.25 37.85
C ILE G 188 -96.34 11.90 38.30
N ASN G 189 -96.29 12.87 39.20
CA ASN G 189 -97.50 13.60 39.60
C ASN G 189 -97.92 14.58 38.51
N ASN G 190 -99.15 14.44 38.02
CA ASN G 190 -99.68 15.24 36.89
C ASN G 190 -98.99 14.92 35.57
N ALA G 191 -98.93 13.62 35.31
CA ALA G 191 -98.46 12.99 34.06
C ALA G 191 -98.79 13.73 32.78
N ASP G 192 -100.07 13.98 32.54
CA ASP G 192 -100.49 14.65 31.32
C ASP G 192 -99.70 15.90 31.04
N THR G 193 -99.27 16.60 32.05
CA THR G 193 -98.45 17.78 31.82
C THR G 193 -97.05 17.39 31.28
N TYR G 194 -96.47 16.32 31.83
CA TYR G 194 -95.10 15.93 31.53
C TYR G 194 -94.95 15.13 30.27
N LYS G 195 -96.06 14.58 29.78
CA LYS G 195 -96.03 13.66 28.66
C LYS G 195 -95.46 14.32 27.42
N GLU G 196 -95.74 15.61 27.26
CA GLU G 196 -95.28 16.34 26.12
C GLU G 196 -93.76 16.50 26.09
N GLU G 197 -93.11 16.42 27.25
CA GLU G 197 -91.66 16.54 27.35
C GLU G 197 -90.88 15.36 26.78
N VAL G 198 -91.52 14.19 26.76
CA VAL G 198 -90.89 12.95 26.38
C VAL G 198 -90.27 13.03 24.99
N GLU G 199 -91.10 13.33 24.00
CA GLU G 199 -90.61 13.34 22.64
C GLU G 199 -89.72 14.53 22.37
N LYS G 200 -89.94 15.61 23.11
CA LYS G 200 -89.05 16.75 23.01
C LYS G 200 -87.67 16.35 23.53
N ALA G 201 -87.66 15.58 24.62
CA ALA G 201 -86.43 15.10 25.22
C ALA G 201 -85.70 14.22 24.21
N ARG G 202 -86.45 13.37 23.54
CA ARG G 202 -85.86 12.44 22.62
C ARG G 202 -85.20 13.20 21.49
N VAL G 203 -85.86 14.25 21.01
CA VAL G 203 -85.28 15.09 19.96
C VAL G 203 -84.05 15.81 20.45
N TYR G 204 -84.16 16.41 21.63
CA TYR G 204 -83.04 17.10 22.24
C TYR G 204 -81.85 16.15 22.49
N TYR G 205 -82.14 14.95 22.97
CA TYR G 205 -81.13 13.95 23.16
C TYR G 205 -80.37 13.79 21.85
N PHE G 206 -81.10 13.50 20.77
CA PHE G 206 -80.41 13.15 19.57
C PHE G 206 -79.65 14.33 19.04
N GLY G 207 -80.20 15.51 19.16
CA GLY G 207 -79.48 16.66 18.65
C GLY G 207 -78.14 16.74 19.35
N THR G 208 -78.18 16.56 20.67
CA THR G 208 -77.02 16.65 21.52
C THR G 208 -76.09 15.50 21.21
N TYR G 209 -76.66 14.32 21.06
CA TYR G 209 -75.90 13.13 20.77
C TYR G 209 -75.25 13.22 19.40
N TYR G 210 -75.98 13.80 18.45
CA TYR G 210 -75.48 13.98 17.11
C TYR G 210 -74.28 14.94 17.14
N ALA G 211 -74.39 16.01 17.93
CA ALA G 211 -73.30 16.98 18.02
C ALA G 211 -72.10 16.25 18.59
N SER G 212 -72.39 15.47 19.62
CA SER G 212 -71.44 14.64 20.32
C SER G 212 -70.72 13.71 19.37
N GLN G 213 -71.48 13.02 18.54
CA GLN G 213 -70.90 12.16 17.52
C GLN G 213 -69.90 12.87 16.59
N LEU G 214 -70.26 14.08 16.16
CA LEU G 214 -69.38 14.88 15.32
C LEU G 214 -68.11 15.28 16.05
N ILE G 215 -68.26 15.72 17.29
CA ILE G 215 -67.15 16.23 18.06
C ILE G 215 -66.17 15.09 18.30
N ALA G 216 -66.70 13.98 18.81
CA ALA G 216 -65.91 12.80 19.12
C ALA G 216 -65.20 12.24 17.87
N ALA G 217 -65.83 12.37 16.71
CA ALA G 217 -65.20 11.84 15.52
C ALA G 217 -63.86 12.51 15.42
N PRO G 218 -62.77 11.72 15.30
CA PRO G 218 -61.42 12.23 15.24
C PRO G 218 -61.23 12.97 13.96
N SER G 219 -60.17 13.78 13.90
CA SER G 219 -59.98 14.75 12.81
C SER G 219 -59.68 14.14 11.46
N ASN G 220 -59.15 12.91 11.44
CA ASN G 220 -59.02 12.14 10.19
C ASN G 220 -60.38 11.72 9.61
N TYR G 221 -61.36 11.54 10.46
CA TYR G 221 -62.70 11.20 10.03
C TYR G 221 -63.47 12.46 9.76
N CYS G 222 -63.46 13.35 10.76
CA CYS G 222 -64.20 14.58 10.68
C CYS G 222 -63.24 15.67 10.30
N ASN G 223 -63.27 16.00 9.03
CA ASN G 223 -62.46 17.09 8.45
C ASN G 223 -63.45 18.04 7.78
N PRO G 224 -62.97 19.18 7.26
CA PRO G 224 -63.86 20.16 6.66
C PRO G 224 -64.74 19.57 5.55
N VAL G 225 -64.20 18.67 4.73
CA VAL G 225 -64.98 18.15 3.63
C VAL G 225 -66.02 17.20 4.17
N SER G 226 -65.60 16.25 5.02
CA SER G 226 -66.52 15.24 5.56
C SER G 226 -67.55 15.86 6.50
N LEU G 227 -67.13 16.86 7.29
CA LEU G 227 -68.08 17.57 8.16
C LEU G 227 -69.18 18.25 7.36
N SER G 228 -68.79 19.01 6.35
CA SER G 228 -69.75 19.67 5.49
C SER G 228 -70.62 18.63 4.79
N ASN G 229 -70.02 17.52 4.35
CA ASN G 229 -70.81 16.46 3.74
C ASN G 229 -71.90 16.01 4.70
N ALA G 230 -71.51 15.82 5.96
CA ALA G 230 -72.44 15.36 7.00
C ALA G 230 -73.58 16.36 7.22
N ALA G 231 -73.24 17.64 7.17
CA ALA G 231 -74.23 18.70 7.30
C ALA G 231 -75.22 18.62 6.15
N VAL G 232 -74.70 18.45 4.92
CA VAL G 232 -75.53 18.32 3.73
C VAL G 232 -76.52 17.14 3.90
N GLU G 233 -75.97 16.02 4.36
CA GLU G 233 -76.73 14.82 4.62
C GLU G 233 -77.83 15.12 5.63
N LEU G 234 -77.46 15.75 6.74
CA LEU G 234 -78.42 16.12 7.77
C LEU G 234 -79.53 17.02 7.26
N ALA G 235 -79.15 18.03 6.47
CA ALA G 235 -80.07 18.96 5.83
C ALA G 235 -81.04 18.21 4.91
N GLN G 236 -80.54 17.23 4.18
CA GLN G 236 -81.35 16.49 3.25
C GLN G 236 -82.37 15.67 3.98
N LYS G 237 -81.93 15.08 5.09
CA LYS G 237 -82.83 14.32 5.94
C LYS G 237 -83.89 15.20 6.61
N LEU G 238 -83.59 16.46 6.81
CA LEU G 238 -84.48 17.32 7.55
C LEU G 238 -85.26 18.26 6.67
N ASN G 239 -85.09 18.12 5.36
CA ASN G 239 -85.67 19.05 4.42
C ASN G 239 -85.27 20.52 4.62
N LEU G 240 -84.02 20.74 5.02
CA LEU G 240 -83.50 22.09 5.18
C LEU G 240 -82.84 22.51 3.91
N GLU G 241 -82.90 23.81 3.61
CA GLU G 241 -82.09 24.38 2.55
C GLU G 241 -80.64 24.35 3.02
N TYR G 242 -79.75 24.06 2.09
CA TYR G 242 -78.34 24.04 2.41
C TYR G 242 -77.54 24.53 1.24
N LYS G 243 -76.41 25.13 1.56
CA LYS G 243 -75.47 25.60 0.58
C LYS G 243 -74.12 25.39 1.24
N ILE G 244 -73.19 24.79 0.51
CA ILE G 244 -71.82 24.64 0.97
C ILE G 244 -70.92 25.50 0.13
N LEU G 245 -70.28 26.50 0.74
CA LEU G 245 -69.38 27.39 0.03
C LEU G 245 -67.99 26.76 -0.03
N GLY G 246 -67.50 26.55 -1.25
CA GLY G 246 -66.16 26.03 -1.47
C GLY G 246 -65.21 27.18 -1.70
N VAL G 247 -63.92 26.86 -1.82
CA VAL G 247 -62.85 27.87 -1.87
C VAL G 247 -63.12 28.97 -2.88
N LYS G 248 -63.52 28.60 -4.08
CA LYS G 248 -63.77 29.57 -5.14
C LYS G 248 -64.77 30.61 -4.70
N GLU G 249 -65.88 30.16 -4.14
CA GLU G 249 -66.93 31.09 -3.68
C GLU G 249 -66.46 31.91 -2.48
N LEU G 250 -65.74 31.27 -1.57
CA LEU G 250 -65.11 31.96 -0.46
C LEU G 250 -64.14 33.09 -0.88
N GLU G 251 -63.30 32.82 -1.89
CA GLU G 251 -62.47 33.83 -2.51
C GLU G 251 -63.28 34.98 -3.11
N GLU G 252 -64.31 34.66 -3.88
CA GLU G 252 -65.20 35.67 -4.45
C GLU G 252 -65.84 36.52 -3.34
N LEU G 253 -66.14 35.89 -2.21
CA LEU G 253 -66.73 36.64 -1.13
C LEU G 253 -65.68 37.33 -0.29
N LYS G 254 -64.41 37.15 -0.63
CA LYS G 254 -63.27 37.83 0.04
C LYS G 254 -63.14 37.49 1.52
N MET G 255 -63.40 36.23 1.85
CA MET G 255 -63.24 35.72 3.22
C MET G 255 -61.79 35.34 3.53
N GLY G 256 -60.94 36.34 3.58
CA GLY G 256 -59.51 36.12 3.72
C GLY G 256 -59.06 35.70 5.10
N ALA G 257 -59.82 36.07 6.13
CA ALA G 257 -59.45 35.68 7.48
C ALA G 257 -59.73 34.19 7.62
N TYR G 258 -60.89 33.78 7.17
CA TYR G 258 -61.29 32.39 7.20
C TYR G 258 -60.37 31.57 6.33
N LEU G 259 -60.17 31.99 5.09
CA LEU G 259 -59.32 31.25 4.15
C LEU G 259 -57.86 31.16 4.58
N SER G 260 -57.39 32.15 5.33
CA SER G 260 -56.01 32.14 5.75
C SER G 260 -55.76 31.00 6.70
N VAL G 261 -56.71 30.79 7.62
CA VAL G 261 -56.60 29.70 8.59
C VAL G 261 -56.44 28.37 7.90
N GLY G 262 -57.23 28.15 6.86
CA GLY G 262 -57.29 26.84 6.21
C GLY G 262 -56.17 26.62 5.22
N LYS G 263 -55.41 27.66 4.91
CA LYS G 263 -54.39 27.56 3.87
C LYS G 263 -53.51 26.35 4.02
N GLY G 264 -53.11 26.08 5.27
CA GLY G 264 -52.22 24.98 5.57
C GLY G 264 -52.85 23.60 5.55
N SER G 265 -54.15 23.50 5.33
CA SER G 265 -54.83 22.19 5.37
C SER G 265 -54.88 21.50 4.01
N MET G 266 -54.92 20.17 4.02
CA MET G 266 -55.06 19.43 2.80
C MET G 266 -56.54 19.42 2.41
N TYR G 267 -57.38 19.80 3.37
CA TYR G 267 -58.82 19.87 3.18
C TYR G 267 -59.21 21.29 2.86
N PRO G 268 -59.86 21.48 1.71
CA PRO G 268 -60.31 22.81 1.31
C PRO G 268 -61.32 23.28 2.30
N ASN G 269 -61.31 24.56 2.58
CA ASN G 269 -62.33 25.17 3.40
C ASN G 269 -63.72 24.86 2.86
N LYS G 270 -64.65 24.64 3.78
CA LYS G 270 -66.03 24.45 3.42
C LYS G 270 -66.88 25.25 4.38
N PHE G 271 -67.68 26.14 3.81
CA PHE G 271 -68.55 26.98 4.63
C PHE G 271 -69.96 26.42 4.63
N ILE G 272 -70.46 26.08 5.82
CA ILE G 272 -71.73 25.40 5.88
C ILE G 272 -72.78 26.44 6.09
N HIS G 273 -73.79 26.43 5.21
CA HIS G 273 -74.96 27.26 5.32
C HIS G 273 -76.24 26.41 5.22
N LEU G 274 -76.85 26.17 6.36
CA LEU G 274 -78.14 25.50 6.46
C LEU G 274 -79.21 26.52 6.80
N THR G 275 -80.39 26.33 6.23
CA THR G 275 -81.47 27.27 6.48
C THR G 275 -82.74 26.50 6.79
N TYR G 276 -83.33 26.83 7.93
CA TYR G 276 -84.69 26.44 8.20
C TYR G 276 -85.57 27.66 8.06
N LYS G 277 -86.62 27.57 7.24
CA LYS G 277 -87.58 28.65 7.17
C LYS G 277 -88.94 28.11 7.60
N SER G 278 -89.63 28.83 8.48
CA SER G 278 -90.98 28.43 8.94
C SER G 278 -92.00 28.53 7.82
N LYS G 279 -93.08 27.75 7.96
CA LYS G 279 -94.18 27.78 7.00
C LYS G 279 -94.90 29.14 7.01
N GLY G 280 -95.23 29.65 8.19
CA GLY G 280 -95.99 30.91 8.30
C GLY G 280 -95.22 32.19 7.98
N ASP G 281 -95.77 33.31 8.47
CA ASP G 281 -95.06 34.57 8.40
C ASP G 281 -93.78 34.44 9.23
N VAL G 282 -92.66 34.92 8.69
CA VAL G 282 -91.41 34.92 9.42
C VAL G 282 -91.34 36.20 10.25
N LYS G 283 -91.26 36.04 11.57
CA LYS G 283 -91.22 37.17 12.49
C LYS G 283 -89.82 37.40 13.05
N LYS G 284 -88.97 36.38 12.98
CA LYS G 284 -87.65 36.44 13.57
C LYS G 284 -86.66 35.71 12.70
N LYS G 285 -85.56 36.37 12.38
CA LYS G 285 -84.52 35.75 11.60
C LYS G 285 -83.27 35.61 12.48
N ILE G 286 -82.77 34.40 12.59
CA ILE G 286 -81.63 34.12 13.45
C ILE G 286 -80.52 33.45 12.66
N ALA G 287 -79.31 33.95 12.85
CA ALA G 287 -78.10 33.33 12.30
C ALA G 287 -77.37 32.70 13.47
N LEU G 288 -77.25 31.38 13.46
CA LEU G 288 -76.44 30.67 14.40
C LEU G 288 -75.10 30.31 13.74
N VAL G 289 -74.04 30.82 14.32
CA VAL G 289 -72.70 30.60 13.81
C VAL G 289 -71.90 29.77 14.77
N GLY G 290 -71.35 28.67 14.26
CA GLY G 290 -70.51 27.81 15.08
C GLY G 290 -69.10 27.83 14.55
N LYS G 291 -68.14 27.87 15.47
CA LYS G 291 -66.75 27.65 15.15
C LYS G 291 -66.53 26.24 14.69
N GLY G 292 -65.95 26.11 13.50
CA GLY G 292 -65.77 24.78 12.85
C GLY G 292 -64.35 24.42 12.46
N ILE G 293 -63.44 24.47 13.44
CA ILE G 293 -62.07 24.01 13.26
C ILE G 293 -62.01 22.49 13.55
N THR G 294 -61.85 21.70 12.48
CA THR G 294 -61.96 20.26 12.59
C THR G 294 -60.75 19.67 13.24
N PHE G 295 -59.63 20.36 13.11
CA PHE G 295 -58.49 20.15 13.99
C PHE G 295 -57.72 21.43 14.11
N ASP G 296 -57.33 21.75 15.33
CA ASP G 296 -56.58 22.94 15.60
C ASP G 296 -55.20 22.57 16.11
N SER G 297 -54.21 22.56 15.22
CA SER G 297 -52.84 22.19 15.62
C SER G 297 -52.20 23.40 16.30
N GLY G 298 -52.83 24.56 16.10
CA GLY G 298 -52.21 25.83 16.48
C GLY G 298 -51.55 26.54 15.31
N GLY G 299 -51.33 25.83 14.20
CA GLY G 299 -50.59 26.36 13.07
C GLY G 299 -49.14 26.57 13.47
N TYR G 300 -48.48 27.56 12.88
CA TYR G 300 -47.07 27.81 13.26
C TYR G 300 -46.84 28.12 14.75
N ASN G 301 -47.84 28.72 15.40
CA ASN G 301 -47.93 28.73 16.86
C ASN G 301 -48.47 27.39 17.35
N LEU G 302 -47.73 26.36 17.02
CA LEU G 302 -48.10 25.01 17.37
C LEU G 302 -48.42 24.86 18.85
N LYS G 303 -49.44 24.04 19.14
CA LYS G 303 -49.81 23.70 20.51
C LYS G 303 -48.78 22.74 21.05
N ALA G 304 -47.68 23.30 21.54
CA ALA G 304 -46.55 22.52 22.02
C ALA G 304 -46.37 22.71 23.50
N ALA G 305 -46.99 23.77 24.02
CA ALA G 305 -46.88 24.12 25.44
C ALA G 305 -47.58 23.07 26.29
N PRO G 306 -47.07 22.81 27.51
CA PRO G 306 -47.77 21.92 28.44
C PRO G 306 -49.19 22.43 28.71
N GLY G 307 -50.17 21.52 28.69
CA GLY G 307 -51.57 21.88 28.94
C GLY G 307 -52.29 22.49 27.74
N SER G 308 -51.65 22.53 26.57
CA SER G 308 -52.30 23.04 25.38
C SER G 308 -53.22 22.00 24.79
N MET G 309 -53.09 20.75 25.26
CA MET G 309 -54.03 19.65 24.95
C MET G 309 -54.30 19.47 23.46
N ILE G 310 -53.22 19.40 22.68
CA ILE G 310 -53.34 19.26 21.24
C ILE G 310 -54.19 18.04 20.83
N ASP G 311 -54.17 16.99 21.67
CA ASP G 311 -54.85 15.73 21.39
C ASP G 311 -56.37 15.81 21.49
N LEU G 312 -56.86 16.92 22.03
CA LEU G 312 -58.27 17.16 22.22
C LEU G 312 -58.84 18.00 21.06
N MET G 313 -57.94 18.51 20.23
CA MET G 313 -58.31 19.56 19.31
C MET G 313 -59.25 19.18 18.14
N LYS G 314 -59.61 17.90 18.06
CA LYS G 314 -60.67 17.47 17.17
C LYS G 314 -61.97 18.13 17.63
N PHE G 315 -61.97 18.63 18.87
CA PHE G 315 -63.17 19.11 19.48
C PHE G 315 -63.41 20.57 19.17
N ASP G 316 -62.50 21.15 18.39
CA ASP G 316 -62.57 22.58 18.05
C ASP G 316 -63.65 22.89 16.99
N MET G 317 -64.44 21.87 16.64
CA MET G 317 -65.63 22.13 15.81
C MET G 317 -66.92 21.95 16.61
N SER G 318 -66.77 21.89 17.91
CA SER G 318 -67.88 21.82 18.84
C SER G 318 -68.98 22.86 18.61
N GLY G 319 -68.58 24.09 18.34
CA GLY G 319 -69.53 25.13 18.02
C GLY G 319 -70.32 24.74 16.80
N CYS G 320 -69.61 24.34 15.75
CA CYS G 320 -70.24 23.87 14.54
C CYS G 320 -71.18 22.73 14.84
N ALA G 321 -70.71 21.79 15.67
CA ALA G 321 -71.51 20.64 16.05
C ALA G 321 -72.78 21.08 16.77
N ALA G 322 -72.65 22.02 17.70
CA ALA G 322 -73.79 22.48 18.47
C ALA G 322 -74.81 23.05 17.48
N VAL G 323 -74.33 23.87 16.56
CA VAL G 323 -75.17 24.46 15.57
C VAL G 323 -75.89 23.41 14.71
N LEU G 324 -75.16 22.41 14.25
CA LEU G 324 -75.76 21.35 13.46
C LEU G 324 -76.78 20.58 14.28
N GLY G 325 -76.47 20.29 15.55
CA GLY G 325 -77.36 19.51 16.41
C GLY G 325 -78.66 20.30 16.62
N CYS G 326 -78.49 21.61 16.77
CA CYS G 326 -79.60 22.54 16.84
C CYS G 326 -80.45 22.51 15.55
N ALA G 327 -79.79 22.50 14.40
CA ALA G 327 -80.45 22.28 13.12
C ALA G 327 -81.30 21.01 13.12
N TYR G 328 -80.77 19.92 13.68
CA TYR G 328 -81.54 18.71 13.78
C TYR G 328 -82.81 18.96 14.60
N CYS G 329 -82.66 19.60 15.76
CA CYS G 329 -83.79 19.82 16.65
C CYS G 329 -84.83 20.72 16.03
N VAL G 330 -84.39 21.86 15.53
CA VAL G 330 -85.25 22.80 14.84
C VAL G 330 -85.92 22.15 13.60
N GLY G 331 -85.15 21.44 12.79
CA GLY G 331 -85.73 20.82 11.61
C GLY G 331 -86.76 19.78 11.98
N THR G 332 -86.62 19.20 13.17
CA THR G 332 -87.50 18.14 13.63
C THR G 332 -88.72 18.75 14.30
N LEU G 333 -88.52 19.68 15.22
CA LEU G 333 -89.63 20.25 16.00
C LEU G 333 -90.38 21.30 15.18
N LYS G 334 -89.76 21.76 14.10
CA LYS G 334 -90.38 22.68 13.15
C LYS G 334 -91.09 23.85 13.82
N PRO G 335 -90.33 24.75 14.47
CA PRO G 335 -90.94 25.93 15.09
C PRO G 335 -91.53 26.87 14.04
N GLU G 336 -92.46 27.72 14.45
CA GLU G 336 -93.11 28.65 13.52
C GLU G 336 -92.55 30.07 13.57
N ASN G 337 -92.76 30.81 12.48
CA ASN G 337 -92.46 32.24 12.43
C ASN G 337 -91.00 32.56 12.58
N VAL G 338 -90.15 31.59 12.34
CA VAL G 338 -88.71 31.80 12.43
C VAL G 338 -88.00 31.37 11.18
N GLU G 339 -86.99 32.14 10.81
CA GLU G 339 -86.03 31.73 9.79
C GLU G 339 -84.67 31.59 10.49
N ILE G 340 -84.10 30.41 10.40
CA ILE G 340 -82.82 30.18 11.05
C ILE G 340 -81.78 29.75 10.05
N HIS G 341 -80.66 30.44 10.13
CA HIS G 341 -79.50 30.11 9.36
C HIS G 341 -78.52 29.46 10.26
N PHE G 342 -78.03 28.31 9.82
CA PHE G 342 -77.03 27.57 10.53
C PHE G 342 -75.76 27.66 9.74
N LEU G 343 -74.76 28.30 10.36
CA LEU G 343 -73.56 28.66 9.68
C LEU G 343 -72.34 28.14 10.39
N SER G 344 -71.39 27.59 9.61
CA SER G 344 -70.04 27.37 10.12
C SER G 344 -69.01 27.50 9.04
N ALA G 345 -67.99 28.28 9.35
CA ALA G 345 -66.86 28.43 8.48
C ALA G 345 -65.92 27.31 8.88
N VAL G 346 -65.99 26.19 8.16
CA VAL G 346 -65.24 25.01 8.54
C VAL G 346 -63.87 24.95 7.85
N CYS G 347 -62.86 24.66 8.64
CA CYS G 347 -61.53 24.44 8.14
C CYS G 347 -60.68 23.78 9.18
N GLU G 348 -59.42 23.55 8.82
CA GLU G 348 -58.50 22.85 9.67
C GLU G 348 -57.27 23.73 9.80
N ASN G 349 -56.78 23.90 11.03
CA ASN G 349 -55.62 24.75 11.29
C ASN G 349 -54.34 23.93 11.42
N MET G 350 -53.55 23.89 10.35
CA MET G 350 -52.47 22.93 10.23
C MET G 350 -51.13 23.60 9.95
N VAL G 351 -50.06 22.81 10.02
CA VAL G 351 -48.73 23.35 9.80
C VAL G 351 -48.26 22.80 8.48
N SER G 352 -47.82 23.68 7.62
CA SER G 352 -47.52 23.34 6.26
C SER G 352 -46.70 24.49 5.68
N LYS G 353 -46.03 24.22 4.56
CA LYS G 353 -45.45 25.28 3.77
C LYS G 353 -46.50 26.27 3.30
N ASN G 354 -47.75 25.83 3.30
CA ASN G 354 -48.83 26.68 2.83
C ASN G 354 -49.58 27.41 3.92
N SER G 355 -49.21 27.21 5.16
CA SER G 355 -49.94 27.78 6.26
C SER G 355 -49.74 29.29 6.32
N TYR G 356 -50.73 30.00 6.87
CA TYR G 356 -50.49 31.39 7.21
C TYR G 356 -49.50 31.45 8.39
N ARG G 357 -48.75 32.56 8.44
CA ARG G 357 -47.75 32.76 9.46
C ARG G 357 -48.12 33.79 10.50
N PRO G 358 -47.53 33.66 11.70
CA PRO G 358 -47.66 34.77 12.60
C PRO G 358 -47.10 36.01 11.89
N GLY G 359 -47.83 37.11 12.01
CA GLY G 359 -47.39 38.35 11.41
C GLY G 359 -48.13 38.66 10.15
N ASP G 360 -48.64 37.64 9.46
CA ASP G 360 -49.38 37.86 8.23
C ASP G 360 -50.51 38.86 8.44
N ILE G 361 -50.71 39.70 7.45
CA ILE G 361 -51.83 40.60 7.49
C ILE G 361 -52.83 40.10 6.47
N ILE G 362 -54.04 39.91 6.89
CA ILE G 362 -55.02 39.28 6.04
C ILE G 362 -56.24 40.18 6.05
N THR G 363 -57.09 40.06 5.03
CA THR G 363 -58.25 40.95 4.91
C THR G 363 -59.58 40.20 5.02
N ALA G 364 -60.36 40.56 6.02
CA ALA G 364 -61.68 39.97 6.22
C ALA G 364 -62.63 40.43 5.11
N SER G 365 -63.73 39.70 4.93
CA SER G 365 -64.74 40.01 3.91
C SER G 365 -65.38 41.39 4.04
N ASN G 366 -65.24 42.04 5.19
CA ASN G 366 -65.76 43.41 5.33
C ASN G 366 -64.65 44.44 5.05
N GLY G 367 -63.51 43.98 4.54
CA GLY G 367 -62.43 44.88 4.22
C GLY G 367 -61.46 45.18 5.35
N LYS G 368 -61.79 44.80 6.57
CA LYS G 368 -60.83 45.03 7.65
C LYS G 368 -59.55 44.20 7.53
N THR G 369 -58.41 44.88 7.60
CA THR G 369 -57.15 44.16 7.59
C THR G 369 -56.79 43.73 9.00
N ILE G 370 -56.39 42.48 9.13
CA ILE G 370 -56.07 41.89 10.41
C ILE G 370 -54.61 41.47 10.45
N GLU G 371 -53.88 41.97 11.44
CA GLU G 371 -52.56 41.42 11.75
C GLU G 371 -52.67 40.16 12.61
N VAL G 372 -52.16 39.05 12.08
CA VAL G 372 -52.13 37.80 12.81
C VAL G 372 -50.99 37.83 13.82
N GLY G 373 -51.34 37.84 15.09
CA GLY G 373 -50.33 37.79 16.13
C GLY G 373 -50.00 36.38 16.56
N ASN G 374 -50.93 35.47 16.32
CA ASN G 374 -50.81 34.08 16.76
C ASN G 374 -51.72 33.19 15.96
N THR G 375 -51.13 32.25 15.21
CA THR G 375 -51.94 31.41 14.32
C THR G 375 -52.90 30.53 15.12
N ASP G 376 -52.65 30.43 16.42
CA ASP G 376 -53.47 29.55 17.26
C ASP G 376 -54.76 30.25 17.70
N ALA G 377 -54.85 31.56 17.47
CA ALA G 377 -56.10 32.26 17.69
C ALA G 377 -56.85 32.30 16.35
N GLU G 378 -57.03 31.14 15.77
CA GLU G 378 -57.62 31.05 14.43
C GLU G 378 -59.16 31.18 14.41
N GLY G 379 -59.79 30.83 15.52
CA GLY G 379 -61.23 30.70 15.57
C GLY G 379 -61.88 32.00 15.26
N ARG G 380 -61.38 33.03 15.92
CA ARG G 380 -61.92 34.39 15.74
C ARG G 380 -61.72 34.88 14.32
N LEU G 381 -60.69 34.38 13.65
CA LEU G 381 -60.47 34.73 12.27
C LEU G 381 -61.56 34.13 11.41
N THR G 382 -61.88 32.84 11.65
CA THR G 382 -62.90 32.19 10.84
C THR G 382 -64.25 32.81 11.21
N LEU G 383 -64.46 33.06 12.50
CA LEU G 383 -65.74 33.60 12.93
C LEU G 383 -66.00 34.98 12.40
N ALA G 384 -64.93 35.75 12.23
CA ALA G 384 -65.02 37.09 11.71
C ALA G 384 -65.72 37.05 10.38
N ASP G 385 -65.15 36.30 9.43
CA ASP G 385 -65.77 36.20 8.13
C ASP G 385 -67.16 35.59 8.22
N ALA G 386 -67.36 34.67 9.16
CA ALA G 386 -68.67 34.05 9.32
C ALA G 386 -69.73 35.07 9.84
N LEU G 387 -69.30 35.93 10.76
CA LEU G 387 -70.14 36.99 11.26
C LEU G 387 -70.49 38.04 10.18
N VAL G 388 -69.51 38.44 9.38
CA VAL G 388 -69.77 39.35 8.24
C VAL G 388 -70.82 38.73 7.33
N TYR G 389 -70.64 37.45 7.00
CA TYR G 389 -71.60 36.69 6.22
C TYR G 389 -72.98 36.70 6.88
N ALA G 390 -73.01 36.39 8.18
CA ALA G 390 -74.26 36.30 8.91
C ALA G 390 -75.04 37.59 8.82
N GLU G 391 -74.34 38.70 8.99
CA GLU G 391 -74.99 39.99 9.07
C GLU G 391 -75.49 40.34 7.68
N LYS G 392 -74.75 39.93 6.65
CA LYS G 392 -75.19 40.17 5.28
C LYS G 392 -76.49 39.48 5.00
N LEU G 393 -76.85 38.49 5.82
CA LEU G 393 -78.11 37.77 5.69
C LEU G 393 -79.31 38.60 6.14
N GLY G 394 -79.04 39.68 6.87
CA GLY G 394 -80.11 40.56 7.36
C GLY G 394 -80.94 39.88 8.44
N VAL G 395 -80.27 39.39 9.48
CA VAL G 395 -80.97 38.70 10.56
C VAL G 395 -81.27 39.62 11.73
N ASP G 396 -82.07 39.15 12.67
CA ASP G 396 -82.39 39.96 13.83
C ASP G 396 -81.37 39.67 14.93
N TYR G 397 -80.95 38.39 15.00
CA TYR G 397 -79.94 37.95 15.94
C TYR G 397 -78.87 37.15 15.28
N ILE G 398 -77.64 37.43 15.65
CA ILE G 398 -76.54 36.53 15.39
C ILE G 398 -76.03 35.98 16.71
N VAL G 399 -76.07 34.66 16.84
CA VAL G 399 -75.45 34.02 17.98
C VAL G 399 -74.38 33.07 17.49
N ASP G 400 -73.14 33.32 17.87
CA ASP G 400 -72.07 32.37 17.57
C ASP G 400 -71.72 31.57 18.80
N ILE G 401 -71.32 30.33 18.59
CA ILE G 401 -70.94 29.44 19.67
C ILE G 401 -69.62 28.79 19.24
N ALA G 402 -68.64 28.81 20.13
CA ALA G 402 -67.27 28.48 19.75
C ALA G 402 -66.49 28.06 20.96
N THR G 403 -65.63 27.06 20.75
CA THR G 403 -64.60 26.66 21.71
C THR G 403 -63.47 27.63 21.43
N LEU G 404 -63.65 28.86 21.91
CA LEU G 404 -62.81 29.94 21.47
C LEU G 404 -61.56 30.15 22.29
N THR G 405 -61.69 30.14 23.61
CA THR G 405 -60.55 30.49 24.45
C THR G 405 -60.36 29.57 25.65
N GLY G 406 -59.13 29.05 25.80
CA GLY G 406 -58.76 28.20 26.90
C GLY G 406 -58.90 28.90 28.23
N ALA G 407 -58.76 30.21 28.21
CA ALA G 407 -59.05 31.05 29.39
C ALA G 407 -60.38 30.72 30.05
N MET G 408 -61.34 30.24 29.27
CA MET G 408 -62.64 29.89 29.82
C MET G 408 -62.52 28.94 31.00
N LEU G 409 -61.53 28.05 30.90
CA LEU G 409 -61.24 27.09 31.96
C LEU G 409 -60.86 27.79 33.25
N TYR G 410 -60.25 28.97 33.10
CA TYR G 410 -59.76 29.74 34.23
C TYR G 410 -60.83 30.67 34.74
N SER G 411 -61.75 31.07 33.87
CA SER G 411 -62.84 31.96 34.29
C SER G 411 -64.06 31.19 34.81
N LEU G 412 -64.73 30.43 33.96
CA LEU G 412 -65.97 29.78 34.37
C LEU G 412 -65.83 28.29 34.62
N GLY G 413 -64.75 27.72 34.11
CA GLY G 413 -64.47 26.31 34.32
C GLY G 413 -65.16 25.41 33.32
N THR G 414 -65.48 24.21 33.77
CA THR G 414 -65.95 23.16 32.88
C THR G 414 -67.46 23.03 32.85
N SER G 415 -68.19 23.80 33.67
CA SER G 415 -69.65 23.62 33.79
C SER G 415 -70.49 24.73 33.17
N TYR G 416 -70.00 25.97 33.20
CA TYR G 416 -70.75 27.09 32.63
C TYR G 416 -70.04 27.69 31.43
N ALA G 417 -70.79 27.88 30.33
CA ALA G 417 -70.22 28.55 29.17
C ALA G 417 -70.31 30.00 29.45
N GLY G 418 -69.50 30.76 28.72
CA GLY G 418 -69.53 32.23 28.80
C GLY G 418 -70.33 32.79 27.65
N VAL G 419 -71.18 33.76 27.95
CA VAL G 419 -71.81 34.51 26.89
C VAL G 419 -71.42 35.99 26.95
N PHE G 420 -71.02 36.50 25.80
CA PHE G 420 -70.71 37.90 25.63
C PHE G 420 -71.64 38.37 24.52
N GLY G 421 -71.82 39.66 24.38
CA GLY G 421 -72.64 40.16 23.30
C GLY G 421 -72.69 41.68 23.26
N ASN G 422 -73.28 42.21 22.19
CA ASN G 422 -73.41 43.64 22.04
C ASN G 422 -74.80 44.11 22.39
N ASN G 423 -75.64 43.19 22.87
CA ASN G 423 -77.05 43.49 23.08
C ASN G 423 -77.61 42.81 24.32
N GLU G 424 -78.16 43.61 25.24
CA GLU G 424 -78.66 43.08 26.49
C GLU G 424 -79.88 42.18 26.33
N GLU G 425 -80.85 42.60 25.52
CA GLU G 425 -82.02 41.76 25.26
C GLU G 425 -81.62 40.37 24.76
N LEU G 426 -80.70 40.34 23.80
CA LEU G 426 -80.24 39.08 23.21
C LEU G 426 -79.53 38.25 24.24
N ILE G 427 -78.67 38.88 25.02
CA ILE G 427 -77.97 38.16 26.12
C ILE G 427 -78.96 37.53 27.10
N ASN G 428 -79.95 38.32 27.49
CA ASN G 428 -81.01 37.85 28.38
C ASN G 428 -81.75 36.66 27.79
N LYS G 429 -82.03 36.74 26.49
CA LYS G 429 -82.63 35.61 25.78
C LYS G 429 -81.76 34.36 25.89
N ILE G 430 -80.45 34.52 25.69
CA ILE G 430 -79.55 33.37 25.87
C ILE G 430 -79.63 32.84 27.29
N LEU G 431 -79.65 33.75 28.25
CA LEU G 431 -79.69 33.33 29.68
C LEU G 431 -80.99 32.61 30.04
N GLN G 432 -82.09 33.12 29.53
CA GLN G 432 -83.38 32.44 29.59
C GLN G 432 -83.32 31.03 28.96
N SER G 433 -82.67 30.93 27.80
CA SER G 433 -82.53 29.66 27.15
C SER G 433 -81.63 28.75 27.93
N SER G 434 -80.63 29.33 28.59
CA SER G 434 -79.76 28.58 29.49
C SER G 434 -80.57 27.94 30.59
N LYS G 435 -81.42 28.74 31.23
CA LYS G 435 -82.27 28.26 32.33
C LYS G 435 -83.18 27.16 31.84
N THR G 436 -83.83 27.33 30.70
CA THR G 436 -84.78 26.33 30.24
C THR G 436 -84.16 25.11 29.59
N SER G 437 -82.98 25.24 28.98
CA SER G 437 -82.30 24.07 28.45
C SER G 437 -81.48 23.33 29.51
N ASN G 438 -81.21 24.02 30.61
CA ASN G 438 -80.31 23.48 31.65
C ASN G 438 -78.87 23.24 31.16
N GLU G 439 -78.47 24.03 30.16
CA GLU G 439 -77.09 24.16 29.78
C GLU G 439 -76.62 25.49 30.30
N PRO G 440 -75.87 25.49 31.44
CA PRO G 440 -75.52 26.68 32.20
C PRO G 440 -74.59 27.60 31.43
N VAL G 441 -74.96 28.87 31.42
CA VAL G 441 -74.19 29.89 30.75
C VAL G 441 -74.15 31.06 31.71
N TRP G 442 -73.06 31.80 31.67
CA TRP G 442 -72.92 32.99 32.48
C TRP G 442 -72.54 34.16 31.61
N TRP G 443 -73.11 35.30 31.94
CA TRP G 443 -72.86 36.51 31.19
C TRP G 443 -71.52 37.15 31.61
N LEU G 444 -70.62 37.28 30.64
CA LEU G 444 -69.34 37.91 30.87
C LEU G 444 -69.28 39.19 30.05
N PRO G 445 -68.48 40.16 30.52
CA PRO G 445 -68.49 41.50 29.92
C PRO G 445 -67.55 41.62 28.72
N ILE G 446 -67.96 42.40 27.74
CA ILE G 446 -67.01 42.84 26.71
C ILE G 446 -66.50 44.19 27.19
N ILE G 447 -65.32 44.18 27.76
CA ILE G 447 -64.78 45.37 28.39
C ILE G 447 -64.12 46.23 27.33
N ASN G 448 -64.74 47.35 27.00
CA ASN G 448 -64.19 48.20 25.93
C ASN G 448 -62.81 48.73 26.20
N GLU G 449 -62.46 48.89 27.47
CA GLU G 449 -61.13 49.37 27.86
C GLU G 449 -59.99 48.59 27.19
N TYR G 450 -60.25 47.32 26.90
CA TYR G 450 -59.22 46.48 26.31
C TYR G 450 -59.10 46.66 24.80
N ARG G 451 -60.09 47.34 24.21
CA ARG G 451 -60.20 47.45 22.76
C ARG G 451 -58.91 47.94 22.15
N ALA G 452 -58.28 48.90 22.84
CA ALA G 452 -57.10 49.60 22.32
C ALA G 452 -55.91 48.67 22.09
N THR G 453 -55.90 47.53 22.79
CA THR G 453 -54.78 46.59 22.69
C THR G 453 -54.93 45.79 21.43
N LEU G 454 -56.01 46.02 20.69
CA LEU G 454 -56.16 45.41 19.38
C LEU G 454 -55.78 46.35 18.26
N ASN G 455 -55.33 47.55 18.62
CA ASN G 455 -54.87 48.54 17.66
C ASN G 455 -53.51 48.13 17.07
N SER G 456 -53.53 47.63 15.84
CA SER G 456 -52.34 47.17 15.15
C SER G 456 -51.64 48.36 14.58
N LYS G 457 -50.32 48.30 14.54
CA LYS G 457 -49.52 49.38 13.98
C LYS G 457 -49.67 49.45 12.46
N TYR G 458 -49.94 48.33 11.83
CA TYR G 458 -49.92 48.24 10.40
C TYR G 458 -51.29 47.89 9.85
N ALA G 459 -51.96 46.90 10.45
CA ALA G 459 -53.28 46.47 9.96
C ALA G 459 -54.37 47.32 10.64
N ASP G 460 -55.62 47.16 10.21
CA ASP G 460 -56.73 47.88 10.82
C ASP G 460 -56.88 47.42 12.24
N ILE G 461 -56.60 46.14 12.47
CA ILE G 461 -56.80 45.53 13.76
C ILE G 461 -55.85 44.34 13.96
N ASN G 462 -55.46 44.16 15.23
CA ASN G 462 -54.80 42.99 15.70
C ASN G 462 -55.78 41.87 15.95
N GLN G 463 -55.33 40.64 15.72
CA GLN G 463 -56.10 39.47 16.01
C GLN G 463 -56.09 39.24 17.52
N ILE G 464 -54.93 39.47 18.13
CA ILE G 464 -54.79 39.19 19.55
C ILE G 464 -54.21 40.40 20.24
N SER G 465 -54.48 40.50 21.54
CA SER G 465 -53.85 41.48 22.39
C SER G 465 -52.40 41.06 22.64
N SER G 466 -51.54 42.04 22.81
CA SER G 466 -50.17 41.78 23.26
C SER G 466 -50.12 41.75 24.79
N SER G 467 -50.76 42.75 25.41
CA SER G 467 -50.81 42.90 26.86
C SER G 467 -51.90 42.08 27.58
N VAL G 468 -53.17 42.27 27.20
CA VAL G 468 -54.34 41.75 27.96
C VAL G 468 -54.49 40.21 27.94
N LYS G 469 -54.40 39.61 29.13
CA LYS G 469 -54.51 38.18 29.30
C LYS G 469 -55.95 37.71 29.38
N ALA G 470 -56.91 38.64 29.43
CA ALA G 470 -58.33 38.31 29.46
C ALA G 470 -58.81 37.96 28.04
N SER G 471 -58.30 36.86 27.53
CA SER G 471 -58.40 36.58 26.10
C SER G 471 -59.81 36.25 25.62
N SER G 472 -60.67 35.82 26.51
CA SER G 472 -62.07 35.58 26.14
C SER G 472 -62.72 36.88 25.88
N ILE G 473 -62.31 37.89 26.64
CA ILE G 473 -62.89 39.21 26.49
C ILE G 473 -62.34 39.84 25.23
N VAL G 474 -61.02 39.71 25.08
CA VAL G 474 -60.31 40.22 23.93
C VAL G 474 -60.87 39.61 22.63
N ALA G 475 -60.96 38.28 22.61
CA ALA G 475 -61.55 37.58 21.49
C ALA G 475 -62.95 38.15 21.15
N SER G 476 -63.74 38.42 22.20
CA SER G 476 -65.07 39.00 22.04
C SER G 476 -65.00 40.39 21.43
N LEU G 477 -64.09 41.22 21.93
CA LEU G 477 -63.88 42.54 21.37
C LEU G 477 -63.56 42.43 19.91
N PHE G 478 -62.68 41.48 19.58
CA PHE G 478 -62.29 41.27 18.21
C PHE G 478 -63.51 40.93 17.36
N LEU G 479 -64.29 39.95 17.79
CA LEU G 479 -65.48 39.53 17.07
C LEU G 479 -66.45 40.69 16.89
N LYS G 480 -66.62 41.50 17.93
CA LYS G 480 -67.57 42.59 17.91
C LYS G 480 -67.34 43.46 16.70
N GLU G 481 -66.08 43.54 16.29
CA GLU G 481 -65.68 44.42 15.21
C GLU G 481 -66.21 43.97 13.87
N PHE G 482 -66.82 42.78 13.85
CA PHE G 482 -67.33 42.23 12.61
C PHE G 482 -68.81 42.11 12.60
N VAL G 483 -69.46 42.67 13.62
CA VAL G 483 -70.91 42.86 13.59
C VAL G 483 -71.22 44.36 13.70
N GLN G 484 -71.63 44.95 12.58
CA GLN G 484 -71.76 46.38 12.51
C GLN G 484 -73.03 46.88 13.20
N ASN G 485 -74.15 46.20 12.99
CA ASN G 485 -75.46 46.75 13.32
C ASN G 485 -76.54 45.71 13.69
N THR G 486 -76.14 44.56 14.19
CA THR G 486 -77.08 43.51 14.57
C THR G 486 -76.86 43.06 16.00
N ALA G 487 -77.95 42.76 16.69
CA ALA G 487 -77.85 42.17 18.01
C ALA G 487 -77.04 40.88 17.85
N TRP G 488 -75.97 40.75 18.61
CA TRP G 488 -75.08 39.61 18.49
C TRP G 488 -74.62 39.15 19.86
N ALA G 489 -74.65 37.84 20.07
CA ALA G 489 -74.10 37.20 21.24
C ALA G 489 -73.09 36.09 20.83
N HIS G 490 -72.11 35.85 21.69
CA HIS G 490 -71.02 34.92 21.44
C HIS G 490 -70.93 34.06 22.69
N ILE G 491 -71.05 32.75 22.50
CA ILE G 491 -71.00 31.75 23.56
C ILE G 491 -69.70 30.94 23.46
N ASP G 492 -68.83 31.14 24.44
CA ASP G 492 -67.55 30.49 24.46
C ASP G 492 -67.70 29.24 25.25
N ILE G 493 -67.67 28.12 24.53
CA ILE G 493 -67.85 26.81 25.13
C ILE G 493 -66.53 26.02 25.20
N ALA G 494 -65.42 26.73 25.19
CA ALA G 494 -64.13 26.09 25.21
C ALA G 494 -63.93 25.31 26.50
N GLY G 495 -64.48 25.82 27.61
CA GLY G 495 -64.25 25.16 28.88
C GLY G 495 -65.19 24.00 29.10
N VAL G 496 -66.32 24.07 28.41
CA VAL G 496 -67.50 23.35 28.79
C VAL G 496 -67.81 22.20 27.83
N SER G 497 -67.29 22.30 26.62
CA SER G 497 -67.67 21.42 25.54
C SER G 497 -67.25 19.96 25.76
N TRP G 498 -66.05 19.74 26.29
CA TRP G 498 -65.54 18.40 26.51
C TRP G 498 -65.72 18.02 27.97
N ASN G 499 -66.31 16.85 28.18
CA ASN G 499 -66.39 16.25 29.50
C ASN G 499 -65.11 15.49 29.80
N PHE G 500 -64.15 16.16 30.44
CA PHE G 500 -62.85 15.56 30.71
C PHE G 500 -62.91 14.29 31.56
N LYS G 501 -63.73 14.32 32.61
CA LYS G 501 -63.92 13.15 33.47
C LYS G 501 -64.48 11.95 32.70
N ALA G 502 -65.51 12.16 31.90
CA ALA G 502 -66.09 11.07 31.13
C ALA G 502 -65.33 10.72 29.84
N ARG G 503 -64.37 11.56 29.46
CA ARG G 503 -63.57 11.41 28.22
C ARG G 503 -64.43 11.39 26.95
N LYS G 504 -65.45 12.25 26.92
CA LYS G 504 -66.37 12.39 25.80
C LYS G 504 -66.92 13.82 25.67
N PRO G 505 -67.42 14.19 24.48
CA PRO G 505 -68.03 15.51 24.32
C PRO G 505 -69.35 15.59 25.09
N LYS G 506 -69.81 16.79 25.37
CA LYS G 506 -71.11 16.96 26.02
C LYS G 506 -72.20 17.28 25.00
N GLY G 507 -71.78 17.55 23.77
CA GLY G 507 -72.67 18.13 22.77
C GLY G 507 -73.29 19.43 23.28
N PHE G 508 -72.50 20.21 24.02
CA PHE G 508 -73.01 21.37 24.70
C PHE G 508 -73.47 22.42 23.73
N GLY G 509 -74.62 23.02 24.03
CA GLY G 509 -75.10 24.13 23.24
C GLY G 509 -76.31 23.80 22.39
N VAL G 510 -76.51 22.53 22.07
CA VAL G 510 -77.57 22.15 21.14
C VAL G 510 -78.89 22.56 21.74
N ARG G 511 -79.11 22.15 22.97
CA ARG G 511 -80.38 22.37 23.65
C ARG G 511 -80.56 23.87 23.92
N LEU G 512 -79.47 24.49 24.36
CA LEU G 512 -79.42 25.94 24.57
C LEU G 512 -79.86 26.72 23.36
N LEU G 513 -79.25 26.44 22.22
CA LEU G 513 -79.61 27.11 20.98
C LEU G 513 -81.04 26.81 20.54
N THR G 514 -81.47 25.57 20.73
CA THR G 514 -82.78 25.19 20.32
C THR G 514 -83.81 25.88 21.20
N GLU G 515 -83.61 25.87 22.51
CA GLU G 515 -84.52 26.58 23.39
C GLU G 515 -84.56 28.03 22.95
N PHE G 516 -83.38 28.62 22.71
CA PHE G 516 -83.31 30.02 22.26
C PHE G 516 -84.21 30.28 21.04
N VAL G 517 -84.06 29.45 20.02
CA VAL G 517 -84.84 29.49 18.81
C VAL G 517 -86.34 29.27 19.10
N LEU G 518 -86.63 28.25 19.90
CA LEU G 518 -88.00 27.87 20.19
C LEU G 518 -88.80 28.86 21.04
N ASN G 519 -88.14 29.51 22.00
CA ASN G 519 -88.85 30.40 22.92
C ASN G 519 -88.94 31.82 22.37
N ASP G 520 -88.35 31.98 21.18
CA ASP G 520 -88.57 33.15 20.34
C ASP G 520 -89.65 32.87 19.28
N SER H 3 -40.42 34.96 -10.97
CA SER H 3 -41.22 36.24 -10.97
C SER H 3 -42.71 36.21 -10.50
N GLU H 4 -43.53 35.30 -11.03
CA GLU H 4 -44.93 35.23 -10.54
C GLU H 4 -44.97 34.60 -9.14
N VAL H 5 -45.78 35.21 -8.27
CA VAL H 5 -45.82 34.81 -6.87
C VAL H 5 -46.79 33.62 -6.66
N PRO H 6 -46.28 32.47 -6.17
CA PRO H 6 -47.27 31.41 -6.01
C PRO H 6 -48.29 31.74 -4.91
N GLN H 7 -49.49 31.20 -5.05
CA GLN H 7 -50.58 31.51 -4.14
C GLN H 7 -51.23 30.25 -3.61
N VAL H 8 -51.58 30.26 -2.33
CA VAL H 8 -52.37 29.20 -1.81
C VAL H 8 -53.82 29.55 -2.14
N VAL H 9 -54.22 30.81 -1.99
CA VAL H 9 -55.53 31.27 -2.44
C VAL H 9 -55.47 32.56 -3.27
N SER H 10 -56.52 32.80 -4.07
CA SER H 10 -56.60 34.00 -4.89
C SER H 10 -56.52 35.30 -4.06
N LEU H 11 -56.65 35.21 -2.75
CA LEU H 11 -56.67 36.39 -1.92
C LEU H 11 -55.24 36.73 -1.48
N ASP H 12 -54.33 35.80 -1.75
CA ASP H 12 -52.94 35.95 -1.31
C ASP H 12 -52.19 37.01 -2.11
N PRO H 13 -51.54 37.93 -1.41
CA PRO H 13 -50.92 39.01 -2.19
C PRO H 13 -49.75 38.54 -3.05
N THR H 14 -49.53 39.25 -4.18
CA THR H 14 -48.49 38.84 -5.13
C THR H 14 -47.47 39.94 -5.48
N SER H 15 -47.40 40.96 -4.63
CA SER H 15 -46.35 41.96 -4.64
C SER H 15 -46.29 42.62 -3.27
N ILE H 16 -45.20 43.35 -3.01
CA ILE H 16 -45.08 44.04 -1.75
C ILE H 16 -45.59 45.44 -2.02
N PRO H 17 -46.61 45.90 -1.30
CA PRO H 17 -46.91 47.29 -1.61
C PRO H 17 -45.73 48.14 -1.12
N ILE H 18 -45.38 49.17 -1.90
CA ILE H 18 -44.22 50.01 -1.57
C ILE H 18 -44.54 51.45 -1.88
N GLU H 19 -44.46 52.31 -0.90
CA GLU H 19 -44.52 53.72 -1.16
C GLU H 19 -43.14 54.24 -1.61
N TYR H 20 -43.12 54.91 -2.73
CA TYR H 20 -41.94 55.45 -3.32
C TYR H 20 -42.00 56.94 -3.21
N ASN H 21 -43.00 57.57 -3.78
CA ASN H 21 -43.17 58.97 -3.47
C ASN H 21 -43.90 59.13 -2.20
N THR H 22 -43.15 59.45 -1.17
CA THR H 22 -43.69 59.57 0.13
C THR H 22 -44.12 60.98 0.29
N PRO H 23 -44.80 61.27 1.37
CA PRO H 23 -45.15 62.67 1.72
C PRO H 23 -43.94 63.50 2.14
N ILE H 24 -42.97 62.85 2.79
CA ILE H 24 -41.72 63.53 3.09
C ILE H 24 -41.08 64.01 1.79
N HIS H 25 -41.27 63.26 0.71
CA HIS H 25 -40.82 63.75 -0.60
C HIS H 25 -41.45 65.06 -1.08
N ASP H 26 -42.62 65.39 -0.54
CA ASP H 26 -43.36 66.57 -0.94
C ASP H 26 -43.12 67.73 0.03
N ILE H 27 -41.98 67.71 0.72
CA ILE H 27 -41.67 68.74 1.70
C ILE H 27 -40.66 69.72 1.13
N LYS H 28 -41.14 70.88 0.72
CA LYS H 28 -40.26 71.95 0.33
C LYS H 28 -39.39 72.34 1.55
N VAL H 29 -38.15 71.81 1.60
CA VAL H 29 -37.19 72.15 2.66
C VAL H 29 -36.34 73.35 2.26
N GLN H 30 -36.35 74.38 3.10
CA GLN H 30 -35.49 75.55 2.96
C GLN H 30 -34.53 75.69 4.13
N VAL H 31 -33.33 76.19 3.85
CA VAL H 31 -32.34 76.44 4.91
C VAL H 31 -31.93 77.92 4.91
N TYR H 32 -31.89 78.49 6.10
CA TYR H 32 -31.69 79.91 6.27
C TYR H 32 -30.66 80.14 7.36
N ASP H 33 -29.94 81.25 7.29
CA ASP H 33 -28.93 81.55 8.28
C ASP H 33 -29.52 82.39 9.42
N ILE H 34 -29.70 81.75 10.57
CA ILE H 34 -30.13 82.40 11.81
C ILE H 34 -29.62 83.83 11.86
N LYS H 35 -28.30 83.97 11.74
CA LYS H 35 -27.58 85.26 11.83
C LYS H 35 -28.25 86.32 10.97
N GLY H 36 -28.62 85.95 9.75
CA GLY H 36 -29.45 86.81 8.90
C GLY H 36 -30.91 86.95 9.34
N GLY H 37 -31.13 87.02 10.66
CA GLY H 37 -32.47 87.12 11.25
C GLY H 37 -33.32 85.85 11.13
N CYS H 38 -34.61 85.96 11.48
CA CYS H 38 -35.53 84.82 11.46
C CYS H 38 -37.03 85.15 11.29
N ASN H 39 -37.58 84.85 10.13
CA ASN H 39 -38.98 85.15 9.82
C ASN H 39 -39.96 84.10 10.37
N VAL H 40 -41.01 84.60 11.03
CA VAL H 40 -41.99 83.82 11.76
C VAL H 40 -43.38 84.30 11.38
N GLU H 41 -44.03 83.61 10.46
CA GLU H 41 -45.25 84.20 9.90
C GLU H 41 -46.45 83.26 9.68
N GLU H 42 -46.18 81.96 9.59
CA GLU H 42 -47.28 80.99 9.53
C GLU H 42 -46.77 79.57 9.77
N GLY H 43 -47.69 78.64 10.05
CA GLY H 43 -47.37 77.28 10.46
C GLY H 43 -46.81 77.35 11.86
N LEU H 44 -45.95 76.39 12.19
CA LEU H 44 -45.36 76.33 13.52
C LEU H 44 -43.85 76.60 13.48
N THR H 45 -43.34 77.22 14.52
CA THR H 45 -41.95 77.51 14.54
C THR H 45 -41.40 77.03 15.85
N ILE H 46 -40.38 76.20 15.76
CA ILE H 46 -39.86 75.54 16.93
C ILE H 46 -38.39 75.81 17.12
N PHE H 47 -38.08 76.23 18.34
CA PHE H 47 -36.71 76.60 18.68
C PHE H 47 -36.07 75.44 19.42
N LEU H 48 -34.84 75.12 19.04
CA LEU H 48 -34.10 74.05 19.69
C LEU H 48 -33.15 74.67 20.70
N VAL H 49 -33.66 74.84 21.93
CA VAL H 49 -32.94 75.55 22.95
C VAL H 49 -32.40 74.63 24.03
N ASN H 50 -31.11 74.77 24.30
CA ASN H 50 -30.50 74.07 25.41
C ASN H 50 -30.08 75.12 26.41
N ASN H 51 -29.43 74.68 27.48
CA ASN H 51 -28.78 75.60 28.37
C ASN H 51 -27.50 74.99 28.91
N PRO H 52 -26.43 75.01 28.09
CA PRO H 52 -25.10 74.39 28.20
C PRO H 52 -24.76 73.77 29.57
N LYS H 54 -25.85 73.18 33.00
CA LYS H 54 -26.54 74.20 33.79
C LYS H 54 -28.03 73.89 33.97
N GLU H 55 -28.33 72.65 34.39
CA GLU H 55 -29.67 72.21 34.83
C GLU H 55 -30.81 72.23 33.80
N ASN H 56 -31.98 71.75 34.22
CA ASN H 56 -33.25 72.13 33.61
C ASN H 56 -33.36 73.64 33.64
N GLY H 57 -32.43 74.31 32.96
CA GLY H 57 -32.33 75.78 32.97
C GLY H 57 -33.44 76.48 32.19
N PRO H 58 -33.39 77.83 32.11
CA PRO H 58 -34.44 78.60 31.43
C PRO H 58 -34.37 78.48 29.91
N VAL H 59 -35.42 78.88 29.21
CA VAL H 59 -35.34 78.90 27.76
C VAL H 59 -35.02 80.30 27.34
N LYS H 60 -33.88 80.44 26.65
CA LYS H 60 -33.46 81.73 26.13
C LYS H 60 -33.36 81.67 24.61
N ILE H 61 -33.88 82.69 23.97
CA ILE H 61 -34.00 82.69 22.52
C ILE H 61 -32.88 83.53 21.89
N SER H 62 -31.77 82.88 21.58
CA SER H 62 -30.59 83.57 21.06
C SER H 62 -30.82 84.30 19.71
N SER H 63 -31.74 83.80 18.89
CA SER H 63 -31.89 84.27 17.50
C SER H 63 -32.59 85.60 17.38
N LYS H 64 -32.21 86.33 16.33
CA LYS H 64 -32.91 87.54 15.94
C LYS H 64 -34.17 87.07 15.27
N VAL H 65 -35.28 87.46 15.85
CA VAL H 65 -36.58 87.12 15.31
C VAL H 65 -37.05 88.38 14.64
N ASN H 66 -37.07 88.32 13.30
CA ASN H 66 -37.46 89.44 12.48
C ASN H 66 -38.96 89.69 12.60
N ASP H 67 -39.38 90.02 13.83
CA ASP H 67 -40.74 90.43 14.12
C ASP H 67 -40.79 91.07 15.51
N LYS H 68 -41.23 92.32 15.58
CA LYS H 68 -41.27 93.05 16.86
C LYS H 68 -42.13 92.31 17.91
N GLN H 69 -43.38 91.99 17.57
CA GLN H 69 -44.31 91.31 18.48
C GLN H 69 -43.80 89.93 18.89
N VAL H 70 -43.41 89.16 17.89
CA VAL H 70 -42.83 87.86 18.15
C VAL H 70 -41.57 87.95 19.03
N SER H 71 -40.78 89.01 18.83
CA SER H 71 -39.58 89.24 19.64
C SER H 71 -39.94 89.66 21.05
N GLU H 72 -41.04 90.40 21.17
CA GLU H 72 -41.58 90.79 22.46
C GLU H 72 -42.04 89.58 23.27
N PHE H 73 -42.89 88.76 22.66
CA PHE H 73 -43.39 87.56 23.33
C PHE H 73 -42.22 86.77 23.91
N LEU H 74 -41.14 86.66 23.13
CA LEU H 74 -40.06 85.72 23.40
C LEU H 74 -38.93 86.23 24.33
N LYS H 75 -39.14 87.39 24.94
CA LYS H 75 -38.15 87.96 25.87
C LYS H 75 -37.89 87.03 27.06
N ASP H 76 -36.62 86.89 27.42
CA ASP H 76 -36.18 85.90 28.42
C ASP H 76 -37.03 85.78 29.67
N GLU H 77 -37.54 86.91 30.14
CA GLU H 77 -38.41 86.96 31.29
C GLU H 77 -39.71 86.20 31.01
N ASN H 78 -40.26 86.41 29.81
CA ASN H 78 -41.44 85.67 29.38
C ASN H 78 -41.15 84.19 29.22
N MET H 79 -39.88 83.89 28.94
CA MET H 79 -39.46 82.53 28.62
C MET H 79 -38.97 81.68 29.82
N GLU H 80 -38.72 82.35 30.94
CA GLU H 80 -38.03 81.71 32.09
C GLU H 80 -38.85 80.66 32.85
N LYS H 81 -40.17 80.82 32.82
CA LYS H 81 -41.06 79.80 33.38
C LYS H 81 -40.98 78.45 32.65
N PHE H 82 -40.17 78.40 31.57
CA PHE H 82 -39.93 77.17 30.82
C PHE H 82 -38.52 76.65 30.98
N ASN H 83 -38.38 75.34 31.08
CA ASN H 83 -37.05 74.78 31.12
C ASN H 83 -36.64 74.13 29.80
N VAL H 84 -35.43 73.58 29.80
CA VAL H 84 -34.76 72.99 28.64
C VAL H 84 -34.76 71.47 28.76
N LYS H 85 -35.26 70.96 29.89
CA LYS H 85 -35.28 69.51 30.10
C LYS H 85 -35.37 68.88 28.73
N LEU H 86 -34.30 68.20 28.32
CA LEU H 86 -34.28 67.45 27.05
C LEU H 86 -35.60 66.72 26.82
N GLY H 87 -36.17 66.92 25.64
CA GLY H 87 -37.37 66.21 25.23
C GLY H 87 -38.69 66.92 25.53
N THR H 88 -38.71 67.87 26.46
CA THR H 88 -39.97 68.60 26.72
C THR H 88 -40.24 69.61 25.60
N SER H 89 -41.49 69.98 25.42
CA SER H 89 -41.83 70.96 24.40
C SER H 89 -43.07 71.73 24.79
N LYS H 90 -43.13 72.97 24.29
CA LYS H 90 -44.21 73.89 24.55
C LYS H 90 -44.64 74.62 23.28
N HIS H 91 -45.91 75.00 23.23
CA HIS H 91 -46.52 75.77 22.15
C HIS H 91 -46.93 77.18 22.59
N PHE H 92 -46.66 78.16 21.73
CA PHE H 92 -47.02 79.56 21.95
C PHE H 92 -47.96 80.06 20.86
N TYR H 93 -48.84 80.98 21.24
CA TYR H 93 -49.75 81.62 20.31
C TYR H 93 -49.80 83.12 20.57
N MET H 94 -49.89 83.88 19.50
CA MET H 94 -49.74 85.33 19.52
C MET H 94 -50.14 85.93 18.18
N PHE H 95 -50.24 87.24 18.15
CA PHE H 95 -50.28 87.96 16.91
C PHE H 95 -48.89 88.49 16.61
N ASN H 96 -48.47 88.37 15.36
CA ASN H 96 -47.22 89.01 14.95
C ASN H 96 -47.44 90.50 14.63
N ASP H 97 -46.36 91.19 14.25
CA ASP H 97 -46.41 92.56 13.75
C ASP H 97 -47.54 92.75 12.76
N ASN H 98 -47.56 91.83 11.79
CA ASN H 98 -48.52 91.85 10.72
C ASN H 98 -49.98 91.71 11.18
N LYS H 99 -50.18 91.73 12.48
CA LYS H 99 -51.47 91.50 13.08
C LYS H 99 -51.99 90.13 12.68
N ASN H 100 -51.11 89.16 12.73
CA ASN H 100 -51.44 87.87 12.26
C ASN H 100 -51.16 86.84 13.33
N SER H 101 -52.05 85.86 13.41
CA SER H 101 -51.89 84.72 14.28
C SER H 101 -50.86 83.77 13.72
N VAL H 102 -49.82 83.54 14.51
CA VAL H 102 -48.81 82.51 14.23
C VAL H 102 -48.73 81.47 15.37
N ALA H 103 -48.14 80.32 15.07
CA ALA H 103 -47.85 79.36 16.12
C ALA H 103 -46.32 79.27 16.27
N VAL H 104 -45.86 79.32 17.53
CA VAL H 104 -44.45 79.26 17.85
C VAL H 104 -44.33 78.36 19.07
N GLY H 105 -43.14 77.83 19.31
CA GLY H 105 -42.87 76.97 20.46
C GLY H 105 -41.41 76.62 20.58
N TYR H 106 -41.09 75.60 21.40
CA TYR H 106 -39.72 75.11 21.56
C TYR H 106 -39.66 73.61 21.86
N VAL H 107 -38.49 73.02 21.65
CA VAL H 107 -38.17 71.73 22.24
C VAL H 107 -36.86 71.91 22.96
N GLY H 108 -36.82 71.50 24.21
CA GLY H 108 -35.60 71.61 25.00
C GLY H 108 -34.59 70.55 24.65
N CYS H 109 -33.31 70.91 24.74
CA CYS H 109 -32.25 69.96 24.39
C CYS H 109 -31.29 69.66 25.54
N GLY H 110 -31.78 69.81 26.77
CA GLY H 110 -31.04 69.46 27.96
C GLY H 110 -29.95 70.46 28.31
N SER H 111 -29.04 70.02 29.17
CA SER H 111 -27.91 70.83 29.61
C SER H 111 -26.65 70.48 28.82
N VAL H 112 -26.31 69.20 28.74
CA VAL H 112 -25.06 68.77 28.09
C VAL H 112 -25.02 69.25 26.65
N ALA H 113 -24.24 70.31 26.44
CA ALA H 113 -24.34 71.15 25.24
C ALA H 113 -23.97 70.45 23.93
N ASP H 114 -23.67 69.15 24.02
CA ASP H 114 -23.58 68.28 22.85
C ASP H 114 -24.51 67.07 22.97
N LEU H 115 -25.42 66.91 21.99
CA LEU H 115 -26.45 65.88 22.04
C LEU H 115 -26.03 64.67 21.27
N SER H 116 -26.34 63.49 21.81
CA SER H 116 -26.05 62.23 21.14
C SER H 116 -27.13 61.86 20.14
N GLU H 117 -26.76 61.04 19.16
CA GLU H 117 -27.72 60.40 18.28
C GLU H 117 -29.01 60.04 19.04
N ALA H 118 -28.86 59.54 20.26
CA ALA H 118 -29.99 59.14 21.10
C ALA H 118 -30.77 60.33 21.68
N ASP H 119 -30.04 61.38 22.02
CA ASP H 119 -30.68 62.58 22.53
C ASP H 119 -31.42 63.23 21.37
N MET H 120 -30.77 63.25 20.21
CA MET H 120 -31.32 63.84 19.01
C MET H 120 -32.56 63.07 18.56
N LYS H 121 -32.58 61.77 18.84
CA LYS H 121 -33.79 60.95 18.74
C LYS H 121 -34.92 61.57 19.60
N ARG H 122 -34.67 61.76 20.90
CA ARG H 122 -35.66 62.35 21.80
C ARG H 122 -36.18 63.64 21.24
N VAL H 123 -35.26 64.53 20.89
CA VAL H 123 -35.63 65.83 20.35
C VAL H 123 -36.59 65.61 19.20
N VAL H 124 -36.17 64.83 18.20
CA VAL H 124 -36.97 64.63 16.99
C VAL H 124 -38.36 64.06 17.32
N LEU H 125 -38.41 63.06 18.21
CA LEU H 125 -39.68 62.51 18.63
C LEU H 125 -40.53 63.58 19.25
N SER H 126 -39.92 64.47 20.03
CA SER H 126 -40.66 65.60 20.55
C SER H 126 -41.18 66.43 19.40
N LEU H 127 -40.42 66.46 18.31
CA LEU H 127 -40.85 67.21 17.17
C LEU H 127 -42.03 66.51 16.49
N VAL H 128 -41.90 65.21 16.25
CA VAL H 128 -42.93 64.54 15.49
C VAL H 128 -44.24 64.67 16.28
N THR H 129 -44.06 64.84 17.58
CA THR H 129 -45.16 64.98 18.52
C THR H 129 -46.01 66.22 18.31
N MET H 130 -45.39 67.34 17.97
CA MET H 130 -46.19 68.52 17.69
C MET H 130 -46.59 68.56 16.23
N LEU H 131 -46.03 67.65 15.43
CA LEU H 131 -46.46 67.52 14.04
C LEU H 131 -47.74 66.67 13.96
N HIS H 132 -47.81 65.66 14.80
CA HIS H 132 -48.98 64.86 14.81
C HIS H 132 -50.05 65.64 15.50
N ASP H 133 -51.27 65.51 15.01
CA ASP H 133 -52.42 65.99 15.71
C ASP H 133 -52.58 67.49 15.70
N ASN H 134 -51.76 68.16 14.89
CA ASN H 134 -51.95 69.54 14.50
C ASN H 134 -51.82 69.60 12.99
N LYS H 135 -52.71 70.31 12.32
CA LYS H 135 -52.58 70.42 10.89
C LYS H 135 -51.78 71.62 10.43
N LEU H 136 -50.55 71.38 10.05
CA LEU H 136 -49.64 72.46 9.71
C LEU H 136 -49.22 72.33 8.27
N SER H 137 -48.99 73.47 7.64
CA SER H 137 -48.50 73.50 6.27
C SER H 137 -47.00 73.69 6.32
N LYS H 138 -46.54 74.43 7.31
CA LYS H 138 -45.11 74.65 7.44
C LYS H 138 -44.63 74.40 8.86
N LEU H 139 -43.50 73.72 8.99
CA LEU H 139 -42.81 73.72 10.26
C LEU H 139 -41.54 74.49 10.05
N THR H 140 -41.16 75.25 11.06
CA THR H 140 -39.88 75.94 11.06
C THR H 140 -39.09 75.49 12.26
N VAL H 141 -37.83 75.18 12.03
CA VAL H 141 -36.99 74.75 13.11
C VAL H 141 -35.82 75.72 13.13
N VAL H 142 -35.67 76.37 14.28
CA VAL H 142 -34.62 77.37 14.50
C VAL H 142 -33.59 76.72 15.42
N PHE H 143 -32.33 76.65 14.95
CA PHE H 143 -31.26 75.93 15.64
C PHE H 143 -30.45 76.85 16.53
N GLU H 144 -30.55 76.61 17.84
CA GLU H 144 -29.92 77.44 18.85
C GLU H 144 -29.14 76.52 19.74
N ILE H 145 -29.14 75.27 19.31
CA ILE H 145 -28.14 74.31 19.72
C ILE H 145 -27.28 74.29 18.46
N ASN H 146 -26.03 73.83 18.55
CA ASN H 146 -25.23 73.63 17.32
C ASN H 146 -24.91 72.17 17.12
N VAL H 147 -24.66 71.79 15.87
CA VAL H 147 -24.72 70.38 15.48
C VAL H 147 -23.88 70.09 14.24
N ASP H 148 -22.78 69.33 14.36
CA ASP H 148 -21.95 69.13 13.14
C ASP H 148 -22.84 68.74 11.93
N LYS H 149 -22.25 68.68 10.73
CA LYS H 149 -23.08 68.42 9.55
C LYS H 149 -23.82 67.07 9.65
N ASN H 150 -23.15 66.08 10.26
CA ASN H 150 -23.76 64.76 10.40
C ASN H 150 -25.00 64.84 11.25
N LEU H 151 -24.84 65.20 12.52
CA LEU H 151 -25.94 65.25 13.47
C LEU H 151 -27.19 65.96 12.93
N PHE H 152 -26.94 67.01 12.16
CA PHE H 152 -27.96 67.75 11.45
C PHE H 152 -28.66 66.93 10.39
N ARG H 153 -27.91 66.24 9.54
CA ARG H 153 -28.51 65.33 8.57
C ARG H 153 -29.24 64.20 9.29
N PHE H 154 -28.63 63.67 10.34
CA PHE H 154 -29.29 62.75 11.25
C PHE H 154 -30.62 63.31 11.77
N PHE H 155 -30.59 64.54 12.28
CA PHE H 155 -31.80 65.22 12.64
C PHE H 155 -32.86 65.06 11.52
N LEU H 156 -32.57 65.56 10.33
CA LEU H 156 -33.54 65.49 9.23
C LEU H 156 -33.96 64.07 8.89
N GLU H 157 -32.96 63.21 8.69
CA GLU H 157 -33.24 61.79 8.48
C GLU H 157 -34.18 61.24 9.54
N THR H 158 -33.87 61.54 10.79
CA THR H 158 -34.65 61.01 11.87
C THR H 158 -35.93 61.81 12.01
N LEU H 159 -35.96 63.07 11.59
CA LEU H 159 -37.24 63.75 11.46
C LEU H 159 -38.13 63.12 10.38
N PHE H 160 -37.55 62.92 9.20
CA PHE H 160 -38.29 62.42 8.04
C PHE H 160 -38.85 61.05 8.31
N TYR H 161 -37.98 60.16 8.76
CA TYR H 161 -38.37 58.79 9.06
C TYR H 161 -39.52 58.72 10.01
N GLU H 162 -39.36 59.35 11.17
CA GLU H 162 -40.31 59.24 12.25
C GLU H 162 -41.64 59.96 12.00
N TYR H 163 -41.64 61.01 11.18
CA TYR H 163 -42.85 61.71 10.81
C TYR H 163 -43.75 60.83 9.93
N MET H 164 -43.09 60.05 9.12
CA MET H 164 -43.70 59.21 8.14
C MET H 164 -44.39 58.07 8.82
N THR H 165 -45.66 57.87 8.44
CA THR H 165 -46.52 56.88 9.04
C THR H 165 -46.87 55.85 7.92
N ASP H 166 -46.39 54.62 8.08
CA ASP H 166 -46.60 53.54 7.12
C ASP H 166 -48.03 53.18 7.24
N GLU H 167 -48.81 53.41 6.18
CA GLU H 167 -50.24 53.13 6.17
C GLU H 167 -50.65 52.16 5.04
N ARG H 168 -49.71 51.37 4.52
CA ARG H 168 -49.98 50.55 3.36
C ARG H 168 -50.93 49.36 3.63
N PHE H 169 -51.15 49.02 4.90
CA PHE H 169 -51.94 47.84 5.24
C PHE H 169 -53.19 48.27 5.99
N LYS H 170 -53.40 49.58 6.06
CA LYS H 170 -54.66 50.09 6.55
C LYS H 170 -55.74 49.92 5.46
N SER H 171 -57.00 49.88 5.88
CA SER H 171 -58.11 49.96 4.98
C SER H 171 -59.33 50.43 5.75
N TYR H 180 -49.96 65.98 6.53
CA TYR H 180 -48.53 66.18 6.26
C TYR H 180 -48.19 67.60 5.85
N ILE H 181 -47.11 68.14 6.44
CA ILE H 181 -46.66 69.50 6.14
C ILE H 181 -45.98 69.53 4.77
N LYS H 182 -46.10 70.69 4.09
CA LYS H 182 -45.57 70.94 2.73
C LYS H 182 -44.26 71.74 2.73
N HIS H 183 -43.90 72.31 3.87
CA HIS H 183 -42.69 73.15 3.94
C HIS H 183 -42.02 72.96 5.26
N LEU H 184 -40.71 72.73 5.19
CA LEU H 184 -39.90 72.78 6.39
C LEU H 184 -38.87 73.90 6.31
N GLY H 185 -39.05 74.94 7.12
CA GLY H 185 -38.06 76.01 7.27
C GLY H 185 -36.99 75.65 8.29
N VAL H 186 -35.73 75.88 7.97
CA VAL H 186 -34.68 75.67 8.95
C VAL H 186 -33.77 76.91 9.02
N TYR H 187 -33.68 77.49 10.21
CA TYR H 187 -32.75 78.54 10.50
C TYR H 187 -31.64 77.92 11.30
N ILE H 188 -30.40 78.26 10.93
CA ILE H 188 -29.21 77.61 11.47
C ILE H 188 -27.92 78.41 11.13
N ASN H 189 -27.00 78.50 12.12
CA ASN H 189 -25.68 79.08 11.91
C ASN H 189 -25.02 78.39 10.75
N ASN H 190 -24.13 79.06 10.04
CA ASN H 190 -23.35 78.34 9.03
C ASN H 190 -24.23 77.58 8.04
N ALA H 191 -25.42 78.10 7.78
CA ALA H 191 -26.42 77.47 6.92
C ALA H 191 -25.86 76.87 5.66
N ASP H 192 -24.95 77.59 5.00
CA ASP H 192 -24.40 77.16 3.71
C ASP H 192 -23.69 75.79 3.73
N THR H 193 -22.91 75.53 4.76
CA THR H 193 -22.32 74.20 4.98
C THR H 193 -23.37 73.08 5.24
N TYR H 194 -24.44 73.40 5.98
CA TYR H 194 -25.49 72.42 6.32
C TYR H 194 -26.45 72.12 5.18
N LYS H 195 -26.55 73.05 4.23
CA LYS H 195 -27.51 72.93 3.12
C LYS H 195 -27.33 71.66 2.30
N GLU H 196 -26.07 71.23 2.16
CA GLU H 196 -25.81 70.03 1.38
C GLU H 196 -26.31 68.75 2.07
N GLU H 197 -26.52 68.82 3.38
CA GLU H 197 -26.97 67.67 4.15
C GLU H 197 -28.43 67.39 3.89
N VAL H 198 -29.17 68.40 3.44
CA VAL H 198 -30.62 68.28 3.30
C VAL H 198 -31.01 67.17 2.36
N GLU H 199 -30.52 67.21 1.12
CA GLU H 199 -30.93 66.21 0.14
C GLU H 199 -30.28 64.87 0.38
N LYS H 200 -29.12 64.88 1.04
CA LYS H 200 -28.52 63.63 1.46
C LYS H 200 -29.44 62.95 2.50
N ALA H 201 -29.91 63.75 3.46
CA ALA H 201 -30.83 63.29 4.48
C ALA H 201 -32.07 62.68 3.85
N ARG H 202 -32.58 63.36 2.84
CA ARG H 202 -33.80 62.91 2.21
C ARG H 202 -33.55 61.58 1.50
N VAL H 203 -32.41 61.43 0.85
CA VAL H 203 -32.07 60.12 0.26
C VAL H 203 -31.89 59.04 1.34
N TYR H 204 -31.13 59.39 2.37
CA TYR H 204 -30.93 58.49 3.48
C TYR H 204 -32.25 58.11 4.12
N TYR H 205 -33.13 59.09 4.36
CA TYR H 205 -34.45 58.79 4.88
C TYR H 205 -35.11 57.73 4.04
N PHE H 206 -35.21 57.98 2.73
CA PHE H 206 -35.93 57.04 1.94
C PHE H 206 -35.30 55.66 1.88
N GLY H 207 -33.98 55.57 1.79
CA GLY H 207 -33.32 54.26 1.82
C GLY H 207 -33.68 53.52 3.07
N THR H 208 -33.68 54.23 4.19
CA THR H 208 -34.09 53.69 5.48
C THR H 208 -35.58 53.36 5.51
N TYR H 209 -36.38 54.28 5.04
CA TYR H 209 -37.81 54.05 5.03
C TYR H 209 -38.21 52.93 4.06
N TYR H 210 -37.51 52.83 2.93
CA TYR H 210 -37.72 51.72 2.03
C TYR H 210 -37.41 50.38 2.66
N ALA H 211 -36.25 50.29 3.33
CA ALA H 211 -35.91 49.08 4.06
C ALA H 211 -37.01 48.75 5.07
N SER H 212 -37.38 49.75 5.85
CA SER H 212 -38.47 49.64 6.80
C SER H 212 -39.76 49.12 6.18
N GLN H 213 -40.14 49.64 5.02
CA GLN H 213 -41.34 49.14 4.32
C GLN H 213 -41.24 47.67 3.97
N LEU H 214 -40.08 47.23 3.51
CA LEU H 214 -39.86 45.82 3.22
C LEU H 214 -39.95 44.95 4.47
N ILE H 215 -39.25 45.37 5.53
CA ILE H 215 -39.24 44.64 6.77
C ILE H 215 -40.68 44.57 7.31
N ALA H 216 -41.35 45.73 7.39
CA ALA H 216 -42.72 45.79 7.95
C ALA H 216 -43.72 44.94 7.19
N ALA H 217 -43.55 44.85 5.87
CA ALA H 217 -44.42 44.03 5.05
C ALA H 217 -44.40 42.62 5.62
N PRO H 218 -45.60 42.08 5.92
CA PRO H 218 -45.75 40.76 6.51
C PRO H 218 -45.33 39.73 5.48
N SER H 219 -45.13 38.49 5.92
CA SER H 219 -44.44 37.49 5.13
C SER H 219 -45.31 36.94 4.04
N ASN H 220 -46.63 37.09 4.18
CA ASN H 220 -47.54 36.76 3.08
C ASN H 220 -47.40 37.72 1.90
N TYR H 221 -47.04 38.97 2.19
CA TYR H 221 -46.80 39.98 1.18
C TYR H 221 -45.38 39.92 0.71
N CYS H 222 -44.46 39.94 1.67
CA CYS H 222 -43.04 39.89 1.43
C CYS H 222 -42.54 38.46 1.56
N ASN H 223 -42.43 37.79 0.42
CA ASN H 223 -41.91 36.46 0.38
C ASN H 223 -40.71 36.47 -0.58
N PRO H 224 -39.97 35.36 -0.70
CA PRO H 224 -38.78 35.40 -1.57
C PRO H 224 -39.05 35.84 -2.99
N VAL H 225 -40.18 35.43 -3.57
CA VAL H 225 -40.51 35.84 -4.95
C VAL H 225 -40.85 37.33 -5.03
N SER H 226 -41.76 37.80 -4.17
CA SER H 226 -42.12 39.21 -4.15
C SER H 226 -40.96 40.14 -3.74
N LEU H 227 -40.13 39.68 -2.81
CA LEU H 227 -39.00 40.46 -2.38
C LEU H 227 -38.03 40.62 -3.53
N SER H 228 -37.63 39.53 -4.15
CA SER H 228 -36.78 39.64 -5.32
C SER H 228 -37.44 40.45 -6.43
N ASN H 229 -38.74 40.32 -6.63
CA ASN H 229 -39.42 41.20 -7.59
C ASN H 229 -39.25 42.69 -7.27
N ALA H 230 -39.40 43.04 -6.00
CA ALA H 230 -39.26 44.41 -5.56
C ALA H 230 -37.82 44.91 -5.80
N ALA H 231 -36.83 44.05 -5.57
CA ALA H 231 -35.42 44.40 -5.80
C ALA H 231 -35.20 44.68 -7.28
N VAL H 232 -35.73 43.82 -8.13
CA VAL H 232 -35.68 44.03 -9.57
C VAL H 232 -36.27 45.38 -9.94
N GLU H 233 -37.45 45.67 -9.37
CA GLU H 233 -38.12 46.92 -9.62
C GLU H 233 -37.25 48.10 -9.15
N LEU H 234 -36.65 47.98 -7.98
CA LEU H 234 -35.78 49.04 -7.48
C LEU H 234 -34.57 49.21 -8.37
N ALA H 235 -33.98 48.10 -8.79
CA ALA H 235 -32.82 48.15 -9.67
C ALA H 235 -33.17 48.87 -10.97
N GLN H 236 -34.35 48.60 -11.49
CA GLN H 236 -34.79 49.21 -12.72
C GLN H 236 -34.95 50.70 -12.57
N LYS H 237 -35.55 51.12 -11.46
CA LYS H 237 -35.73 52.53 -11.19
C LYS H 237 -34.41 53.24 -10.99
N LEU H 238 -33.39 52.50 -10.60
CA LEU H 238 -32.11 53.12 -10.27
C LEU H 238 -31.06 52.86 -11.34
N ASN H 239 -31.49 52.21 -12.41
CA ASN H 239 -30.61 51.78 -13.48
C ASN H 239 -29.40 50.98 -12.96
N LEU H 240 -29.65 50.11 -11.97
CA LEU H 240 -28.64 49.19 -11.49
C LEU H 240 -28.71 47.93 -12.29
N GLU H 241 -27.57 47.28 -12.51
CA GLU H 241 -27.56 45.94 -13.07
C GLU H 241 -28.15 45.01 -12.01
N TYR H 242 -28.93 44.02 -12.45
CA TYR H 242 -29.50 43.07 -11.53
C TYR H 242 -29.56 41.73 -12.18
N LYS H 243 -29.53 40.71 -11.34
CA LYS H 243 -29.65 39.32 -11.72
C LYS H 243 -30.36 38.64 -10.55
N ILE H 244 -31.38 37.85 -10.85
CA ILE H 244 -32.05 37.07 -9.81
C ILE H 244 -31.77 35.62 -10.08
N LEU H 245 -31.12 34.96 -9.15
CA LEU H 245 -30.81 33.56 -9.32
C LEU H 245 -31.97 32.75 -8.80
N GLY H 246 -32.51 31.91 -9.68
CA GLY H 246 -33.60 30.98 -9.38
C GLY H 246 -33.04 29.63 -8.99
N VAL H 247 -33.92 28.71 -8.65
CA VAL H 247 -33.54 27.41 -8.10
C VAL H 247 -32.60 26.66 -9.05
N LYS H 248 -32.92 26.63 -10.34
CA LYS H 248 -32.06 25.91 -11.30
C LYS H 248 -30.60 26.41 -11.30
N GLU H 249 -30.43 27.73 -11.37
CA GLU H 249 -29.10 28.30 -11.28
C GLU H 249 -28.45 28.06 -9.92
N LEU H 250 -29.24 28.20 -8.84
CA LEU H 250 -28.74 27.94 -7.50
C LEU H 250 -28.19 26.51 -7.34
N GLU H 251 -28.91 25.55 -7.91
CA GLU H 251 -28.47 24.16 -7.97
C GLU H 251 -27.17 24.02 -8.76
N GLU H 252 -27.11 24.65 -9.94
CA GLU H 252 -25.91 24.59 -10.76
C GLU H 252 -24.73 25.19 -10.00
N LEU H 253 -24.99 26.17 -9.14
CA LEU H 253 -23.92 26.79 -8.39
C LEU H 253 -23.65 26.02 -7.10
N LYS H 254 -24.44 24.99 -6.86
CA LYS H 254 -24.22 24.08 -5.72
C LYS H 254 -24.40 24.78 -4.36
N MET H 255 -25.36 25.70 -4.33
CA MET H 255 -25.70 26.36 -3.08
C MET H 255 -26.64 25.52 -2.24
N GLY H 256 -26.12 24.41 -1.73
CA GLY H 256 -26.91 23.46 -0.92
C GLY H 256 -27.26 23.93 0.47
N ALA H 257 -26.42 24.75 1.10
CA ALA H 257 -26.79 25.25 2.41
C ALA H 257 -28.02 26.14 2.27
N TYR H 258 -27.96 27.06 1.32
CA TYR H 258 -29.00 28.03 1.06
C TYR H 258 -30.27 27.34 0.56
N LEU H 259 -30.12 26.41 -0.36
CA LEU H 259 -31.28 25.73 -0.87
C LEU H 259 -31.96 24.88 0.17
N SER H 260 -31.18 24.34 1.10
CA SER H 260 -31.74 23.46 2.10
C SER H 260 -32.72 24.18 3.01
N VAL H 261 -32.40 25.43 3.34
CA VAL H 261 -33.25 26.22 4.19
C VAL H 261 -34.64 26.44 3.56
N GLY H 262 -34.65 26.58 2.23
CA GLY H 262 -35.80 27.03 1.52
C GLY H 262 -36.65 25.84 1.11
N LYS H 263 -36.09 24.63 1.30
CA LYS H 263 -36.75 23.39 0.82
C LYS H 263 -38.19 23.29 1.28
N GLY H 264 -38.42 23.72 2.53
CA GLY H 264 -39.74 23.68 3.13
C GLY H 264 -40.73 24.72 2.62
N SER H 265 -40.27 25.73 1.90
CA SER H 265 -41.16 26.82 1.51
C SER H 265 -41.90 26.58 0.20
N MET H 266 -43.06 27.20 0.12
CA MET H 266 -43.85 27.19 -1.11
C MET H 266 -43.28 28.18 -2.09
N TYR H 267 -42.41 29.05 -1.60
CA TYR H 267 -41.75 30.04 -2.45
C TYR H 267 -40.34 29.61 -2.81
N PRO H 268 -40.07 29.49 -4.10
CA PRO H 268 -38.75 29.10 -4.55
C PRO H 268 -37.72 30.10 -4.07
N ASN H 269 -36.54 29.62 -3.72
CA ASN H 269 -35.45 30.53 -3.36
C ASN H 269 -35.19 31.52 -4.47
N LYS H 270 -34.86 32.74 -4.08
CA LYS H 270 -34.49 33.76 -5.05
C LYS H 270 -33.25 34.42 -4.52
N PHE H 271 -32.16 34.39 -5.29
CA PHE H 271 -30.92 35.06 -4.88
C PHE H 271 -30.82 36.39 -5.59
N ILE H 272 -30.72 37.44 -4.79
CA ILE H 272 -30.75 38.81 -5.32
C ILE H 272 -29.32 39.27 -5.53
N HIS H 273 -29.02 39.69 -6.76
CA HIS H 273 -27.74 40.25 -7.10
C HIS H 273 -27.90 41.55 -7.86
N LEU H 274 -27.76 42.65 -7.13
CA LEU H 274 -27.78 43.99 -7.70
C LEU H 274 -26.35 44.48 -7.80
N THR H 275 -26.06 45.23 -8.85
CA THR H 275 -24.74 45.81 -9.00
C THR H 275 -24.82 47.28 -9.38
N TYR H 276 -24.08 48.08 -8.63
CA TYR H 276 -23.81 49.47 -8.97
C TYR H 276 -22.34 49.54 -9.35
N LYS H 277 -22.05 50.05 -10.54
CA LYS H 277 -20.68 50.27 -10.94
C LYS H 277 -20.54 51.75 -11.18
N SER H 278 -19.44 52.34 -10.72
CA SER H 278 -19.16 53.76 -10.94
C SER H 278 -18.78 54.05 -12.38
N LYS H 279 -18.95 55.30 -12.78
CA LYS H 279 -18.62 55.71 -14.14
C LYS H 279 -17.11 55.66 -14.36
N GLY H 280 -16.34 56.14 -13.37
CA GLY H 280 -14.89 56.26 -13.52
C GLY H 280 -14.11 54.97 -13.41
N ASP H 281 -12.83 55.09 -13.04
CA ASP H 281 -12.01 53.92 -12.70
C ASP H 281 -12.55 53.36 -11.40
N VAL H 282 -12.68 52.04 -11.34
CA VAL H 282 -13.18 51.39 -10.14
C VAL H 282 -11.99 51.11 -9.23
N LYS H 283 -12.01 51.68 -8.03
CA LYS H 283 -10.88 51.56 -7.11
C LYS H 283 -11.17 50.61 -5.96
N LYS H 284 -12.46 50.37 -5.74
CA LYS H 284 -12.91 49.55 -4.64
C LYS H 284 -14.11 48.72 -5.05
N LYS H 285 -14.04 47.42 -4.82
CA LYS H 285 -15.17 46.54 -5.11
C LYS H 285 -15.71 46.03 -3.79
N ILE H 286 -17.01 46.25 -3.58
CA ILE H 286 -17.66 45.86 -2.32
C ILE H 286 -18.83 44.91 -2.57
N ALA H 287 -18.89 43.84 -1.80
CA ALA H 287 -20.06 42.97 -1.80
C ALA H 287 -20.82 43.18 -0.49
N LEU H 288 -22.08 43.57 -0.58
CA LEU H 288 -22.90 43.75 0.60
C LEU H 288 -23.91 42.65 0.61
N VAL H 289 -23.88 41.84 1.66
CA VAL H 289 -24.69 40.63 1.77
C VAL H 289 -25.70 40.80 2.90
N GLY H 290 -26.98 40.71 2.57
CA GLY H 290 -28.04 40.79 3.57
C GLY H 290 -28.72 39.45 3.80
N LYS H 291 -28.96 39.11 5.06
CA LYS H 291 -29.76 37.93 5.34
C LYS H 291 -31.20 38.22 4.90
N GLY H 292 -31.76 37.30 4.12
CA GLY H 292 -33.07 37.51 3.55
C GLY H 292 -33.95 36.30 3.77
N ILE H 293 -34.25 36.04 5.04
CA ILE H 293 -35.25 35.05 5.42
C ILE H 293 -36.55 35.80 5.58
N THR H 294 -37.48 35.58 4.66
CA THR H 294 -38.72 36.37 4.55
C THR H 294 -39.71 36.01 5.64
N PHE H 295 -39.62 34.76 6.07
CA PHE H 295 -40.21 34.35 7.33
C PHE H 295 -39.38 33.24 7.95
N ASP H 296 -39.15 33.38 9.24
CA ASP H 296 -38.41 32.37 9.94
C ASP H 296 -39.26 31.67 10.96
N SER H 297 -39.83 30.54 10.58
CA SER H 297 -40.62 29.73 11.51
C SER H 297 -39.77 28.95 12.48
N GLY H 298 -38.48 28.82 12.14
CA GLY H 298 -37.55 27.97 12.87
C GLY H 298 -37.30 26.65 12.18
N GLY H 299 -38.21 26.30 11.26
CA GLY H 299 -38.25 24.98 10.64
C GLY H 299 -38.67 23.92 11.67
N TYR H 300 -38.21 22.70 11.48
CA TYR H 300 -38.51 21.69 12.46
C TYR H 300 -38.10 22.11 13.86
N ASN H 301 -37.06 22.94 14.00
CA ASN H 301 -36.75 23.53 15.29
C ASN H 301 -37.62 24.75 15.47
N LEU H 302 -38.93 24.51 15.39
CA LEU H 302 -39.93 25.55 15.41
C LEU H 302 -39.74 26.48 16.59
N LYS H 303 -39.94 27.78 16.36
CA LYS H 303 -39.88 28.78 17.37
C LYS H 303 -41.13 28.65 18.22
N ALA H 304 -41.03 27.76 19.20
CA ALA H 304 -42.17 27.43 20.03
C ALA H 304 -41.87 27.86 21.46
N ALA H 305 -40.57 28.02 21.76
CA ALA H 305 -40.12 28.43 23.08
C ALA H 305 -40.62 29.85 23.43
N PRO H 306 -40.92 30.13 24.73
CA PRO H 306 -41.31 31.47 25.15
C PRO H 306 -40.22 32.45 24.78
N GLY H 307 -40.61 33.62 24.29
CA GLY H 307 -39.65 34.64 23.91
C GLY H 307 -38.91 34.42 22.59
N SER H 308 -39.29 33.37 21.84
CA SER H 308 -38.72 33.16 20.51
C SER H 308 -39.32 34.10 19.48
N MET H 309 -40.45 34.76 19.84
CA MET H 309 -41.04 35.87 19.04
C MET H 309 -41.29 35.52 17.59
N ILE H 310 -41.95 34.40 17.37
CA ILE H 310 -42.21 33.92 16.03
C ILE H 310 -42.97 34.97 15.20
N ASP H 311 -43.81 35.75 15.87
CA ASP H 311 -44.67 36.73 15.22
C ASP H 311 -43.90 37.92 14.65
N LEU H 312 -42.63 37.99 15.02
CA LEU H 312 -41.74 39.06 14.59
C LEU H 312 -40.93 38.66 13.36
N MET H 313 -40.99 37.38 13.02
CA MET H 313 -40.03 36.80 12.12
C MET H 313 -40.14 37.20 10.65
N LYS H 314 -41.16 37.99 10.30
CA LYS H 314 -41.16 38.67 9.01
C LYS H 314 -39.96 39.59 8.88
N PHE H 315 -39.31 39.89 10.01
CA PHE H 315 -38.25 40.86 10.07
C PHE H 315 -36.88 40.22 9.82
N ASP H 316 -36.89 38.94 9.49
CA ASP H 316 -35.66 38.21 9.33
C ASP H 316 -35.00 38.46 7.96
N MET H 317 -35.65 39.27 7.13
CA MET H 317 -34.99 39.78 5.94
C MET H 317 -34.53 41.23 6.06
N SER H 318 -34.40 41.71 7.29
CA SER H 318 -33.91 43.05 7.56
C SER H 318 -32.56 43.27 6.90
N GLY H 319 -31.67 42.30 7.00
CA GLY H 319 -30.35 42.44 6.43
C GLY H 319 -30.50 42.70 4.96
N CYS H 320 -31.27 41.85 4.30
CA CYS H 320 -31.60 42.08 2.91
C CYS H 320 -32.22 43.46 2.64
N ALA H 321 -33.10 43.92 3.52
CA ALA H 321 -33.73 45.22 3.39
C ALA H 321 -32.72 46.33 3.50
N ALA H 322 -31.80 46.19 4.46
CA ALA H 322 -30.77 47.18 4.70
C ALA H 322 -29.93 47.28 3.45
N VAL H 323 -29.55 46.13 2.91
CA VAL H 323 -28.78 46.09 1.64
C VAL H 323 -29.52 46.76 0.46
N LEU H 324 -30.81 46.44 0.31
CA LEU H 324 -31.63 47.08 -0.71
C LEU H 324 -31.81 48.56 -0.50
N GLY H 325 -32.03 48.98 0.75
CA GLY H 325 -32.15 50.42 1.04
C GLY H 325 -30.86 51.13 0.70
N CYS H 326 -29.75 50.49 1.01
CA CYS H 326 -28.43 50.97 0.66
C CYS H 326 -28.26 51.09 -0.84
N ALA H 327 -28.67 50.05 -1.57
CA ALA H 327 -28.68 50.14 -3.03
C ALA H 327 -29.45 51.37 -3.52
N TYR H 328 -30.55 51.71 -2.86
CA TYR H 328 -31.27 52.91 -3.24
C TYR H 328 -30.41 54.15 -3.08
N CYS H 329 -29.81 54.30 -1.90
CA CYS H 329 -28.96 55.44 -1.59
C CYS H 329 -27.77 55.53 -2.53
N VAL H 330 -27.00 54.46 -2.65
CA VAL H 330 -25.89 54.41 -3.58
C VAL H 330 -26.33 54.68 -5.03
N GLY H 331 -27.41 54.03 -5.46
CA GLY H 331 -27.94 54.24 -6.81
C GLY H 331 -28.35 55.69 -7.05
N THR H 332 -28.77 56.36 -5.98
CA THR H 332 -29.22 57.73 -6.07
C THR H 332 -28.07 58.74 -5.97
N LEU H 333 -27.19 58.54 -5.00
CA LEU H 333 -26.09 59.46 -4.74
C LEU H 333 -24.95 59.20 -5.69
N LYS H 334 -24.98 58.04 -6.36
CA LYS H 334 -24.01 57.71 -7.40
C LYS H 334 -22.54 58.02 -7.03
N PRO H 335 -21.99 57.33 -6.04
CA PRO H 335 -20.60 57.55 -5.66
C PRO H 335 -19.67 57.12 -6.78
N GLU H 336 -18.45 57.65 -6.78
CA GLU H 336 -17.47 57.32 -7.81
C GLU H 336 -16.45 56.29 -7.35
N ASN H 337 -15.79 55.65 -8.33
CA ASN H 337 -14.67 54.74 -8.11
C ASN H 337 -15.00 53.48 -7.33
N VAL H 338 -16.28 53.15 -7.25
CA VAL H 338 -16.74 51.96 -6.53
C VAL H 338 -17.58 51.07 -7.41
N GLU H 339 -17.44 49.77 -7.19
CA GLU H 339 -18.35 48.78 -7.72
C GLU H 339 -18.95 48.08 -6.52
N ILE H 340 -20.26 48.17 -6.40
CA ILE H 340 -20.95 47.54 -5.28
C ILE H 340 -21.92 46.47 -5.75
N HIS H 341 -21.84 45.32 -5.10
CA HIS H 341 -22.76 44.25 -5.33
C HIS H 341 -23.61 44.13 -4.10
N PHE H 342 -24.91 44.15 -4.34
CA PHE H 342 -25.90 44.00 -3.32
C PHE H 342 -26.47 42.60 -3.47
N LEU H 343 -26.23 41.77 -2.45
CA LEU H 343 -26.57 40.39 -2.50
C LEU H 343 -27.50 39.98 -1.37
N SER H 344 -28.45 39.11 -1.70
CA SER H 344 -29.22 38.41 -0.67
C SER H 344 -29.76 37.06 -1.13
N ALA H 345 -29.41 36.03 -0.37
CA ALA H 345 -29.92 34.70 -0.59
C ALA H 345 -31.24 34.64 0.12
N VAL H 346 -32.31 34.87 -0.63
CA VAL H 346 -33.62 35.03 -0.08
C VAL H 346 -34.37 33.72 -0.12
N CYS H 347 -34.94 33.35 1.02
CA CYS H 347 -35.82 32.21 1.11
C CYS H 347 -36.65 32.35 2.37
N GLU H 348 -37.46 31.33 2.63
CA GLU H 348 -38.37 31.31 3.75
C GLU H 348 -38.16 29.98 4.45
N ASN H 349 -38.05 30.03 5.78
CA ASN H 349 -37.72 28.87 6.58
C ASN H 349 -39.00 28.32 7.20
N MET H 350 -39.50 27.23 6.61
CA MET H 350 -40.85 26.77 6.92
C MET H 350 -40.88 25.32 7.38
N VAL H 351 -42.04 24.89 7.87
CA VAL H 351 -42.22 23.50 8.29
C VAL H 351 -43.09 22.79 7.29
N SER H 352 -42.55 21.72 6.74
CA SER H 352 -43.17 21.02 5.63
C SER H 352 -42.65 19.61 5.57
N LYS H 353 -43.34 18.76 4.86
CA LYS H 353 -42.77 17.45 4.52
C LYS H 353 -41.44 17.60 3.74
N ASN H 354 -41.23 18.78 3.15
CA ASN H 354 -40.12 19.03 2.31
C ASN H 354 -38.98 19.74 3.01
N SER H 355 -39.22 20.22 4.23
CA SER H 355 -38.20 20.95 4.97
C SER H 355 -36.98 20.11 5.21
N TYR H 356 -35.85 20.76 5.40
CA TYR H 356 -34.64 20.06 5.85
C TYR H 356 -34.86 19.76 7.32
N ARG H 357 -34.21 18.72 7.81
CA ARG H 357 -34.36 18.33 9.21
C ARG H 357 -33.11 18.58 9.99
N PRO H 358 -33.29 18.81 11.30
CA PRO H 358 -32.10 18.74 12.16
C PRO H 358 -31.39 17.41 11.90
N GLY H 359 -30.06 17.46 11.83
CA GLY H 359 -29.27 16.27 11.57
C GLY H 359 -28.80 16.19 10.11
N ASP H 360 -29.60 16.75 9.19
CA ASP H 360 -29.23 16.75 7.78
C ASP H 360 -27.81 17.25 7.57
N ILE H 361 -27.06 16.58 6.70
CA ILE H 361 -25.77 17.10 6.29
C ILE H 361 -25.93 17.60 4.86
N ILE H 362 -25.58 18.87 4.65
CA ILE H 362 -25.80 19.57 3.39
C ILE H 362 -24.46 20.14 2.95
N THR H 363 -24.33 20.42 1.67
CA THR H 363 -23.05 20.83 1.12
C THR H 363 -23.14 22.26 0.59
N ALA H 364 -22.35 23.15 1.16
CA ALA H 364 -22.27 24.52 0.66
C ALA H 364 -21.59 24.58 -0.71
N SER H 365 -21.74 25.71 -1.38
CA SER H 365 -21.17 25.89 -2.72
C SER H 365 -19.64 25.87 -2.76
N ASN H 366 -18.99 25.94 -1.60
CA ASN H 366 -17.53 25.81 -1.59
C ASN H 366 -17.07 24.38 -1.30
N GLY H 367 -18.06 23.47 -1.24
CA GLY H 367 -17.82 22.05 -1.02
C GLY H 367 -17.80 21.63 0.43
N LYS H 368 -17.85 22.58 1.36
CA LYS H 368 -17.91 22.20 2.79
C LYS H 368 -19.23 21.52 3.12
N THR H 369 -19.14 20.39 3.80
CA THR H 369 -20.32 19.70 4.26
C THR H 369 -20.63 20.20 5.65
N ILE H 370 -21.92 20.44 5.89
CA ILE H 370 -22.41 21.08 7.11
C ILE H 370 -23.42 20.19 7.74
N GLU H 371 -23.21 19.87 9.01
CA GLU H 371 -24.19 19.16 9.80
C GLU H 371 -25.16 20.17 10.43
N VAL H 372 -26.44 20.02 10.13
CA VAL H 372 -27.45 20.93 10.63
C VAL H 372 -27.77 20.49 12.04
N GLY H 373 -27.45 21.29 13.04
CA GLY H 373 -27.78 20.96 14.41
C GLY H 373 -29.13 21.54 14.79
N ASN H 374 -29.57 22.56 14.05
CA ASN H 374 -30.78 23.27 14.40
C ASN H 374 -31.28 24.03 13.20
N THR H 375 -32.47 23.70 12.76
CA THR H 375 -33.00 24.29 11.56
C THR H 375 -33.28 25.76 11.70
N ASP H 376 -33.35 26.21 12.96
CA ASP H 376 -33.61 27.62 13.25
C ASP H 376 -32.33 28.45 13.16
N ALA H 377 -31.19 27.81 12.94
CA ALA H 377 -29.97 28.55 12.71
C ALA H 377 -29.79 28.57 11.20
N GLU H 378 -30.80 29.06 10.50
CA GLU H 378 -30.80 28.99 9.06
C GLU H 378 -30.06 30.11 8.40
N GLY H 379 -30.03 31.27 9.05
CA GLY H 379 -29.44 32.47 8.49
C GLY H 379 -28.02 32.18 8.01
N ARG H 380 -27.20 31.63 8.91
CA ARG H 380 -25.79 31.35 8.61
C ARG H 380 -25.61 30.39 7.44
N LEU H 381 -26.59 29.50 7.26
CA LEU H 381 -26.58 28.58 6.14
C LEU H 381 -26.78 29.36 4.86
N THR H 382 -27.77 30.23 4.83
CA THR H 382 -27.99 31.00 3.61
C THR H 382 -26.82 31.93 3.37
N LEU H 383 -26.29 32.52 4.46
CA LEU H 383 -25.19 33.46 4.31
C LEU H 383 -23.93 32.76 3.84
N ALA H 384 -23.74 31.52 4.26
CA ALA H 384 -22.57 30.78 3.87
C ALA H 384 -22.50 30.76 2.34
N ASP H 385 -23.59 30.39 1.70
CA ASP H 385 -23.57 30.30 0.26
C ASP H 385 -23.43 31.69 -0.36
N ALA H 386 -24.07 32.67 0.25
CA ALA H 386 -23.98 34.06 -0.23
C ALA H 386 -22.55 34.54 -0.12
N LEU H 387 -21.85 34.13 0.94
CA LEU H 387 -20.49 34.60 1.15
C LEU H 387 -19.53 34.00 0.12
N VAL H 388 -19.67 32.70 -0.14
CA VAL H 388 -18.90 32.01 -1.18
C VAL H 388 -19.15 32.70 -2.54
N TYR H 389 -20.40 33.11 -2.76
CA TYR H 389 -20.78 33.75 -4.00
C TYR H 389 -20.08 35.09 -4.07
N ALA H 390 -20.18 35.86 -2.97
CA ALA H 390 -19.60 37.19 -2.86
C ALA H 390 -18.12 37.11 -3.14
N GLU H 391 -17.44 36.14 -2.56
CA GLU H 391 -16.01 36.08 -2.71
C GLU H 391 -15.62 35.70 -4.13
N LYS H 392 -16.46 34.92 -4.81
CA LYS H 392 -16.22 34.57 -6.20
C LYS H 392 -16.27 35.80 -7.09
N LEU H 393 -16.92 36.85 -6.62
CA LEU H 393 -17.01 38.13 -7.34
C LEU H 393 -15.69 38.88 -7.42
N GLY H 394 -14.72 38.49 -6.59
CA GLY H 394 -13.42 39.15 -6.52
C GLY H 394 -13.53 40.55 -5.95
N VAL H 395 -14.13 40.69 -4.77
CA VAL H 395 -14.28 42.03 -4.19
C VAL H 395 -13.15 42.35 -3.20
N ASP H 396 -13.03 43.61 -2.81
CA ASP H 396 -12.07 44.00 -1.78
C ASP H 396 -12.64 43.77 -0.38
N TYR H 397 -13.93 44.08 -0.25
CA TYR H 397 -14.65 43.90 1.01
C TYR H 397 -15.94 43.10 0.82
N ILE H 398 -16.20 42.21 1.78
CA ILE H 398 -17.51 41.61 1.94
C ILE H 398 -18.00 42.08 3.30
N VAL H 399 -19.15 42.76 3.32
CA VAL H 399 -19.84 43.06 4.55
C VAL H 399 -21.25 42.46 4.50
N ASP H 400 -21.55 41.54 5.42
CA ASP H 400 -22.86 40.97 5.55
C ASP H 400 -23.55 41.62 6.72
N ILE H 401 -24.87 41.75 6.60
CA ILE H 401 -25.69 42.32 7.64
C ILE H 401 -26.91 41.41 7.78
N ALA H 402 -27.22 41.03 9.01
CA ALA H 402 -28.13 39.92 9.27
C ALA H 402 -28.71 40.02 10.67
N THR H 403 -29.98 39.66 10.76
CA THR H 403 -30.66 39.49 12.01
C THR H 403 -30.30 38.05 12.41
N LEU H 404 -29.08 37.89 12.89
CA LEU H 404 -28.56 36.57 12.96
C LEU H 404 -28.85 35.85 14.27
N THR H 405 -28.64 36.52 15.38
CA THR H 405 -28.69 35.82 16.66
C THR H 405 -29.45 36.62 17.70
N GLY H 406 -30.46 36.00 18.28
CA GLY H 406 -31.18 36.60 19.38
C GLY H 406 -30.26 36.92 20.56
N ALA H 407 -29.14 36.24 20.67
CA ALA H 407 -28.17 36.54 21.72
C ALA H 407 -27.76 38.00 21.70
N MET H 408 -27.86 38.63 20.53
CA MET H 408 -27.55 40.06 20.42
C MET H 408 -28.28 40.88 21.47
N LEU H 409 -29.53 40.50 21.80
CA LEU H 409 -30.34 41.21 22.78
C LEU H 409 -29.73 41.11 24.14
N TYR H 410 -28.96 40.05 24.34
CA TYR H 410 -28.33 39.81 25.62
C TYR H 410 -26.95 40.43 25.68
N SER H 411 -26.35 40.67 24.53
CA SER H 411 -25.01 41.26 24.48
C SER H 411 -25.07 42.76 24.34
N LEU H 412 -25.60 43.28 23.23
CA LEU H 412 -25.55 44.70 23.01
C LEU H 412 -26.89 45.35 23.22
N GLY H 413 -27.95 44.56 23.11
CA GLY H 413 -29.28 45.08 23.28
C GLY H 413 -29.90 45.59 21.99
N THR H 414 -30.76 46.57 22.12
CA THR H 414 -31.62 47.00 21.06
C THR H 414 -31.09 48.26 20.36
N SER H 415 -29.97 48.79 20.86
CA SER H 415 -29.41 50.06 20.38
C SER H 415 -28.20 49.94 19.47
N TYR H 416 -27.31 49.02 19.80
CA TYR H 416 -26.06 48.83 19.07
C TYR H 416 -26.01 47.51 18.37
N ALA H 417 -25.74 47.53 17.07
CA ALA H 417 -25.50 46.27 16.37
C ALA H 417 -24.10 45.79 16.70
N GLY H 418 -23.85 44.52 16.47
CA GLY H 418 -22.55 43.98 16.66
C GLY H 418 -21.87 43.84 15.33
N VAL H 419 -20.58 44.11 15.32
CA VAL H 419 -19.80 43.82 14.15
C VAL H 419 -18.64 42.88 14.49
N PHE H 420 -18.50 41.87 13.65
CA PHE H 420 -17.45 40.89 13.73
C PHE H 420 -16.83 40.92 12.38
N GLY H 421 -15.58 40.46 12.27
CA GLY H 421 -14.94 40.37 10.98
C GLY H 421 -13.60 39.72 11.10
N ASN H 422 -12.97 39.49 9.95
CA ASN H 422 -11.66 38.86 9.91
C ASN H 422 -10.57 39.87 9.58
N ASN H 423 -10.94 41.15 9.55
CA ASN H 423 -10.05 42.22 9.11
C ASN H 423 -10.25 43.52 9.89
N GLU H 424 -9.19 43.95 10.58
CA GLU H 424 -9.26 45.14 11.44
C GLU H 424 -9.53 46.45 10.68
N GLU H 425 -8.87 46.67 9.55
CA GLU H 425 -9.14 47.85 8.73
C GLU H 425 -10.62 47.94 8.33
N LEU H 426 -11.19 46.81 7.91
CA LEU H 426 -12.56 46.79 7.44
C LEU H 426 -13.52 47.04 8.58
N ILE H 427 -13.27 46.41 9.72
CA ILE H 427 -14.02 46.67 10.95
C ILE H 427 -13.98 48.15 11.32
N ASN H 428 -12.78 48.73 11.34
CA ASN H 428 -12.65 50.15 11.64
C ASN H 428 -13.43 51.01 10.70
N LYS H 429 -13.45 50.66 9.41
CA LYS H 429 -14.25 51.35 8.41
C LYS H 429 -15.73 51.30 8.80
N ILE H 430 -16.22 50.12 9.17
CA ILE H 430 -17.59 49.99 9.64
C ILE H 430 -17.82 50.87 10.86
N LEU H 431 -16.86 50.86 11.78
CA LEU H 431 -17.02 51.68 12.97
C LEU H 431 -17.02 53.17 12.62
N GLN H 432 -16.17 53.56 11.69
CA GLN H 432 -16.20 54.95 11.25
C GLN H 432 -17.54 55.29 10.54
N SER H 433 -18.12 54.29 9.84
CA SER H 433 -19.39 54.49 9.15
C SER H 433 -20.49 54.56 10.16
N SER H 434 -20.30 53.83 11.26
CA SER H 434 -21.24 53.85 12.37
C SER H 434 -21.30 55.27 12.93
N LYS H 435 -20.14 55.84 13.16
CA LYS H 435 -20.03 57.16 13.75
C LYS H 435 -20.71 58.18 12.86
N THR H 436 -20.42 58.14 11.55
CA THR H 436 -20.92 59.15 10.63
C THR H 436 -22.40 58.95 10.21
N SER H 437 -22.88 57.71 10.29
CA SER H 437 -24.28 57.44 9.96
C SER H 437 -25.15 57.59 11.18
N ASN H 438 -24.51 57.50 12.35
CA ASN H 438 -25.23 57.53 13.63
C ASN H 438 -26.13 56.32 13.86
N GLU H 439 -25.74 55.20 13.23
CA GLU H 439 -26.32 53.89 13.51
C GLU H 439 -25.28 53.13 14.30
N PRO H 440 -25.48 53.04 15.61
CA PRO H 440 -24.46 52.56 16.54
C PRO H 440 -24.11 51.11 16.32
N VAL H 441 -22.82 50.83 16.30
CA VAL H 441 -22.31 49.49 16.07
C VAL H 441 -21.15 49.28 17.04
N TRP H 442 -21.02 48.08 17.58
CA TRP H 442 -19.93 47.83 18.48
C TRP H 442 -19.16 46.61 18.00
N TRP H 443 -17.86 46.68 18.13
CA TRP H 443 -17.00 45.62 17.66
C TRP H 443 -16.96 44.51 18.69
N LEU H 444 -17.36 43.31 18.26
CA LEU H 444 -17.32 42.11 19.08
C LEU H 444 -16.35 41.11 18.44
N PRO H 445 -15.75 40.26 19.29
CA PRO H 445 -14.63 39.44 18.85
C PRO H 445 -15.10 38.18 18.23
N ILE H 446 -14.37 37.70 17.21
CA ILE H 446 -14.52 36.32 16.80
C ILE H 446 -13.49 35.53 17.58
N ILE H 447 -13.97 34.81 18.60
CA ILE H 447 -13.08 34.07 19.50
C ILE H 447 -12.76 32.71 18.91
N ASN H 448 -11.51 32.53 18.48
CA ASN H 448 -11.15 31.28 17.80
C ASN H 448 -11.22 30.04 18.68
N GLU H 449 -11.00 30.23 19.99
CA GLU H 449 -11.13 29.14 20.94
C GLU H 449 -12.44 28.35 20.77
N TYR H 450 -13.52 29.03 20.35
CA TYR H 450 -14.81 28.36 20.21
C TYR H 450 -14.89 27.52 18.94
N ARG H 451 -13.96 27.75 18.01
CA ARG H 451 -13.98 27.13 16.68
C ARG H 451 -14.14 25.60 16.75
N ALA H 452 -13.47 24.99 17.74
CA ALA H 452 -13.49 23.53 17.91
C ALA H 452 -14.91 22.98 18.13
N THR H 453 -15.78 23.78 18.73
CA THR H 453 -17.16 23.34 18.98
C THR H 453 -17.98 23.29 17.68
N LEU H 454 -17.40 23.68 16.56
CA LEU H 454 -18.05 23.48 15.27
C LEU H 454 -17.51 22.24 14.55
N ASN H 455 -16.60 21.51 15.20
CA ASN H 455 -16.08 20.28 14.63
C ASN H 455 -17.14 19.17 14.68
N SER H 456 -17.80 18.96 13.55
CA SER H 456 -18.77 17.89 13.39
C SER H 456 -18.07 16.53 13.34
N LYS H 457 -18.73 15.50 13.83
CA LYS H 457 -18.17 14.17 13.78
C LYS H 457 -18.29 13.57 12.38
N TYR H 458 -19.28 14.04 11.61
CA TYR H 458 -19.54 13.44 10.32
C TYR H 458 -19.31 14.40 9.19
N ALA H 459 -19.78 15.63 9.32
CA ALA H 459 -19.58 16.62 8.28
C ALA H 459 -18.25 17.36 8.51
N ASP H 460 -17.93 18.26 7.58
CA ASP H 460 -16.76 19.09 7.67
C ASP H 460 -16.91 20.04 8.83
N ILE H 461 -18.13 20.49 9.06
CA ILE H 461 -18.40 21.49 10.07
C ILE H 461 -19.83 21.43 10.55
N ASN H 462 -19.99 21.71 11.82
CA ASN H 462 -21.30 21.90 12.43
C ASN H 462 -21.78 23.29 12.16
N GLN H 463 -23.09 23.39 11.97
CA GLN H 463 -23.75 24.65 11.82
C GLN H 463 -23.78 25.37 13.17
N ILE H 464 -24.05 24.63 14.24
CA ILE H 464 -24.13 25.26 15.56
C ILE H 464 -23.21 24.60 16.55
N SER H 465 -22.86 25.35 17.59
CA SER H 465 -22.15 24.78 18.72
C SER H 465 -23.10 23.94 19.53
N SER H 466 -22.58 22.91 20.17
CA SER H 466 -23.34 22.13 21.14
C SER H 466 -23.20 22.81 22.51
N SER H 467 -21.94 23.10 22.86
CA SER H 467 -21.59 23.69 24.15
C SER H 467 -21.73 25.22 24.21
N VAL H 468 -21.04 25.95 23.33
CA VAL H 468 -20.92 27.41 23.45
C VAL H 468 -22.22 28.23 23.27
N LYS H 469 -22.59 28.97 24.31
CA LYS H 469 -23.81 29.75 24.30
C LYS H 469 -23.59 31.15 23.71
N ALA H 470 -22.33 31.49 23.42
CA ALA H 470 -22.00 32.77 22.79
C ALA H 470 -22.30 32.67 21.29
N SER H 471 -23.59 32.57 20.97
CA SER H 471 -23.99 32.15 19.65
C SER H 471 -23.72 33.16 18.54
N SER H 472 -23.67 34.43 18.89
CA SER H 472 -23.26 35.45 17.90
C SER H 472 -21.83 35.27 17.47
N ILE H 473 -20.97 34.92 18.42
CA ILE H 473 -19.58 34.64 18.12
C ILE H 473 -19.46 33.34 17.30
N VAL H 474 -20.20 32.31 17.73
CA VAL H 474 -20.19 31.04 17.09
C VAL H 474 -20.68 31.16 15.65
N ALA H 475 -21.77 31.92 15.46
CA ALA H 475 -22.32 32.15 14.14
C ALA H 475 -21.27 32.85 13.25
N SER H 476 -20.52 33.77 13.86
CA SER H 476 -19.47 34.47 13.15
C SER H 476 -18.34 33.53 12.77
N LEU H 477 -17.98 32.63 13.68
CA LEU H 477 -16.94 31.62 13.40
C LEU H 477 -17.37 30.76 12.24
N PHE H 478 -18.65 30.38 12.27
CA PHE H 478 -19.20 29.60 11.21
C PHE H 478 -19.06 30.33 9.89
N LEU H 479 -19.53 31.59 9.84
CA LEU H 479 -19.48 32.41 8.64
C LEU H 479 -18.07 32.57 8.11
N LYS H 480 -17.13 32.87 9.02
CA LYS H 480 -15.73 33.04 8.67
C LYS H 480 -15.22 31.90 7.76
N GLU H 481 -15.70 30.70 8.01
CA GLU H 481 -15.28 29.51 7.28
C GLU H 481 -15.62 29.58 5.80
N PHE H 482 -16.43 30.54 5.41
CA PHE H 482 -16.88 30.66 4.04
C PHE H 482 -16.31 31.89 3.33
N VAL H 483 -15.40 32.58 4.00
CA VAL H 483 -14.61 33.63 3.36
C VAL H 483 -13.14 33.23 3.44
N GLN H 484 -12.58 32.85 2.31
CA GLN H 484 -11.23 32.28 2.28
C GLN H 484 -10.12 33.33 2.37
N ASN H 485 -10.26 34.42 1.62
CA ASN H 485 -9.15 35.30 1.44
C ASN H 485 -9.55 36.75 1.19
N THR H 486 -10.67 37.18 1.75
CA THR H 486 -11.18 38.53 1.55
C THR H 486 -11.46 39.15 2.90
N ALA H 487 -11.15 40.44 3.02
CA ALA H 487 -11.61 41.23 4.14
C ALA H 487 -13.14 41.09 4.23
N TRP H 488 -13.61 40.71 5.40
CA TRP H 488 -15.00 40.43 5.60
C TRP H 488 -15.42 40.90 6.99
N ALA H 489 -16.59 41.52 7.05
CA ALA H 489 -17.20 41.91 8.32
C ALA H 489 -18.66 41.52 8.32
N HIS H 490 -19.17 41.28 9.52
CA HIS H 490 -20.49 40.73 9.68
C HIS H 490 -21.15 41.60 10.72
N ILE H 491 -22.30 42.16 10.36
CA ILE H 491 -23.05 43.01 11.26
C ILE H 491 -24.30 42.28 11.72
N ASP H 492 -24.35 41.96 13.00
CA ASP H 492 -25.52 41.28 13.53
C ASP H 492 -26.50 42.31 14.09
N ILE H 493 -27.59 42.51 13.34
CA ILE H 493 -28.61 43.51 13.67
C ILE H 493 -29.84 42.88 14.25
N ALA H 494 -29.72 41.63 14.70
CA ALA H 494 -30.85 40.92 15.30
C ALA H 494 -31.50 41.68 16.48
N GLY H 495 -30.69 42.33 17.32
CA GLY H 495 -31.21 43.01 18.47
C GLY H 495 -31.70 44.41 18.19
N VAL H 496 -31.29 44.95 17.06
CA VAL H 496 -31.35 46.38 16.81
C VAL H 496 -32.35 46.72 15.71
N SER H 497 -32.66 45.71 14.89
CA SER H 497 -33.41 45.95 13.66
C SER H 497 -34.85 46.41 13.94
N TRP H 498 -35.49 45.77 14.88
CA TRP H 498 -36.88 46.08 15.20
C TRP H 498 -36.95 47.02 16.40
N ASN H 499 -37.73 48.08 16.25
CA ASN H 499 -38.02 49.01 17.33
C ASN H 499 -39.22 48.48 18.06
N PHE H 500 -38.98 47.73 19.13
CA PHE H 500 -40.04 47.08 19.88
C PHE H 500 -41.00 48.10 20.50
N LYS H 501 -40.45 49.20 21.03
CA LYS H 501 -41.28 50.22 21.65
C LYS H 501 -42.25 50.85 20.64
N ALA H 502 -41.74 51.23 19.46
CA ALA H 502 -42.57 51.84 18.44
C ALA H 502 -43.35 50.82 17.60
N ARG H 503 -43.06 49.54 17.79
CA ARG H 503 -43.71 48.44 17.04
C ARG H 503 -43.52 48.63 15.53
N LYS H 504 -42.31 48.99 15.11
CA LYS H 504 -41.98 49.13 13.70
C LYS H 504 -40.49 48.88 13.44
N PRO H 505 -40.12 48.60 12.17
CA PRO H 505 -38.71 48.39 11.91
C PRO H 505 -37.96 49.69 12.03
N LYS H 506 -36.64 49.62 12.17
CA LYS H 506 -35.82 50.84 12.18
C LYS H 506 -35.21 51.11 10.84
N GLY H 507 -35.24 50.09 9.96
CA GLY H 507 -34.54 50.12 8.69
C GLY H 507 -33.06 50.22 8.96
N PHE H 508 -32.60 49.59 10.04
CA PHE H 508 -31.23 49.76 10.54
C PHE H 508 -30.23 49.25 9.54
N GLY H 509 -29.19 50.03 9.27
CA GLY H 509 -28.08 49.54 8.48
C GLY H 509 -27.96 50.24 7.16
N VAL H 510 -29.06 50.77 6.64
CA VAL H 510 -29.04 51.45 5.36
C VAL H 510 -28.01 52.57 5.34
N ARG H 511 -28.12 53.49 6.30
CA ARG H 511 -27.23 54.65 6.37
C ARG H 511 -25.81 54.23 6.67
N LEU H 512 -25.65 53.29 7.60
CA LEU H 512 -24.37 52.67 7.91
C LEU H 512 -23.66 52.15 6.67
N LEU H 513 -24.34 51.31 5.93
CA LEU H 513 -23.74 50.71 4.74
C LEU H 513 -23.48 51.76 3.69
N THR H 514 -24.35 52.75 3.61
CA THR H 514 -24.17 53.80 2.62
C THR H 514 -23.00 54.67 2.97
N GLU H 515 -22.89 55.06 4.23
CA GLU H 515 -21.74 55.81 4.67
C GLU H 515 -20.49 55.00 4.40
N PHE H 516 -20.54 53.71 4.70
CA PHE H 516 -19.38 52.85 4.47
C PHE H 516 -18.93 52.95 3.01
N VAL H 517 -19.88 52.82 2.10
CA VAL H 517 -19.64 52.81 0.68
C VAL H 517 -19.11 54.17 0.24
N LEU H 518 -19.71 55.23 0.79
CA LEU H 518 -19.44 56.59 0.37
C LEU H 518 -18.11 57.13 0.90
N ASN H 519 -17.71 56.75 2.10
CA ASN H 519 -16.46 57.26 2.66
C ASN H 519 -15.21 56.50 2.17
N ASP H 520 -15.38 55.68 1.13
CA ASP H 520 -14.29 55.01 0.35
C ASP H 520 -13.97 55.74 -0.96
N SER I 3 -38.73 2.75 -5.15
CA SER I 3 -37.34 2.55 -5.64
C SER I 3 -36.59 3.88 -5.91
N GLU I 4 -37.25 4.86 -6.54
CA GLU I 4 -36.59 6.15 -6.88
C GLU I 4 -36.72 7.24 -5.79
N VAL I 5 -35.59 7.72 -5.28
CA VAL I 5 -35.60 8.65 -4.16
C VAL I 5 -36.12 10.05 -4.51
N PRO I 6 -37.33 10.41 -4.03
CA PRO I 6 -37.84 11.72 -4.45
C PRO I 6 -37.00 12.84 -3.82
N GLN I 7 -36.85 13.93 -4.55
CA GLN I 7 -35.96 15.01 -4.21
C GLN I 7 -36.77 16.29 -4.10
N VAL I 8 -36.18 17.35 -3.56
CA VAL I 8 -36.85 18.65 -3.55
C VAL I 8 -35.99 19.63 -4.37
N VAL I 9 -34.70 19.36 -4.38
CA VAL I 9 -33.80 20.10 -5.21
C VAL I 9 -32.79 19.07 -5.66
N SER I 10 -32.26 19.30 -6.85
CA SER I 10 -31.35 18.36 -7.48
C SER I 10 -30.16 18.07 -6.57
N LEU I 11 -29.89 18.95 -5.63
CA LEU I 11 -28.84 18.68 -4.63
C LEU I 11 -29.17 17.61 -3.61
N ASP I 12 -30.45 17.31 -3.43
CA ASP I 12 -30.83 16.35 -2.42
C ASP I 12 -30.33 15.00 -2.85
N PRO I 13 -29.68 14.29 -1.91
CA PRO I 13 -29.04 13.03 -2.25
C PRO I 13 -30.07 11.95 -2.47
N THR I 14 -29.75 11.02 -3.37
CA THR I 14 -30.69 9.96 -3.76
C THR I 14 -30.29 8.54 -3.32
N SER I 15 -29.26 8.44 -2.50
CA SER I 15 -28.92 7.17 -1.90
C SER I 15 -28.15 7.34 -0.62
N ILE I 16 -28.13 6.33 0.23
CA ILE I 16 -27.14 6.35 1.32
C ILE I 16 -25.76 5.91 0.81
N PRO I 17 -24.74 6.77 0.96
CA PRO I 17 -23.38 6.26 0.75
C PRO I 17 -23.08 5.14 1.74
N ILE I 18 -22.80 3.97 1.18
CA ILE I 18 -22.30 2.83 1.97
C ILE I 18 -20.87 2.38 1.56
N GLU I 19 -20.01 2.43 2.55
CA GLU I 19 -18.65 1.95 2.44
C GLU I 19 -18.70 0.48 2.85
N TYR I 20 -18.60 -0.40 1.85
CA TYR I 20 -18.63 -1.86 2.01
C TYR I 20 -17.26 -2.42 2.31
N ASN I 21 -16.33 -2.14 1.39
CA ASN I 21 -14.96 -2.55 1.54
C ASN I 21 -14.31 -1.49 2.36
N THR I 22 -14.08 -1.81 3.62
CA THR I 22 -13.48 -0.87 4.55
C THR I 22 -12.06 -1.31 4.85
N PRO I 23 -11.20 -0.37 5.24
CA PRO I 23 -9.83 -0.72 5.63
C PRO I 23 -9.78 -1.91 6.59
N ILE I 24 -10.77 -2.02 7.48
CA ILE I 24 -10.74 -3.16 8.36
C ILE I 24 -10.62 -4.43 7.55
N HIS I 25 -11.45 -4.57 6.52
CA HIS I 25 -11.48 -5.74 5.65
C HIS I 25 -10.15 -6.01 4.90
N ASP I 26 -9.27 -5.02 4.91
CA ASP I 26 -8.03 -5.12 4.18
C ASP I 26 -6.91 -5.61 5.09
N ILE I 27 -7.16 -5.60 6.39
CA ILE I 27 -6.15 -6.04 7.35
C ILE I 27 -5.96 -7.56 7.29
N LYS I 28 -4.72 -8.02 7.08
CA LYS I 28 -4.45 -9.45 7.12
C LYS I 28 -4.25 -9.72 8.58
N VAL I 29 -5.05 -10.64 9.11
CA VAL I 29 -4.98 -10.98 10.53
C VAL I 29 -4.42 -12.39 10.72
N GLN I 30 -3.54 -12.54 11.70
CA GLN I 30 -2.89 -13.81 11.95
C GLN I 30 -2.94 -14.02 13.43
N VAL I 31 -3.30 -15.24 13.86
CA VAL I 31 -3.11 -15.61 15.26
C VAL I 31 -1.98 -16.63 15.40
N TYR I 32 -1.16 -16.41 16.44
CA TYR I 32 -0.07 -17.31 16.82
C TYR I 32 -0.23 -17.72 18.30
N ASP I 33 0.16 -18.94 18.61
CA ASP I 33 0.06 -19.38 19.99
C ASP I 33 1.14 -18.64 20.77
N ILE I 34 0.71 -17.94 21.82
CA ILE I 34 1.60 -17.21 22.71
C ILE I 34 2.81 -18.03 23.10
N LYS I 35 2.69 -19.35 23.02
CA LYS I 35 3.73 -20.24 23.52
C LYS I 35 4.95 -20.36 22.60
N GLY I 36 4.74 -20.40 21.28
CA GLY I 36 5.85 -20.47 20.32
C GLY I 36 6.69 -19.20 20.33
N GLY I 37 6.44 -18.32 21.31
CA GLY I 37 7.15 -17.05 21.46
C GLY I 37 6.68 -15.89 20.58
N CYS I 38 6.98 -14.67 21.04
CA CYS I 38 6.60 -13.42 20.37
C CYS I 38 7.68 -12.97 19.42
N ASN I 39 7.33 -12.77 18.17
CA ASN I 39 8.25 -12.12 17.25
C ASN I 39 7.98 -10.63 17.33
N VAL I 40 9.03 -9.81 17.47
CA VAL I 40 8.82 -8.36 17.47
C VAL I 40 9.62 -7.80 16.34
N GLU I 41 8.98 -7.64 15.20
CA GLU I 41 9.74 -7.30 14.00
C GLU I 41 9.51 -5.91 13.40
N GLU I 42 8.29 -5.37 13.55
CA GLU I 42 7.92 -4.10 12.92
C GLU I 42 6.61 -3.59 13.47
N GLY I 43 6.18 -2.41 13.02
CA GLY I 43 4.94 -1.79 13.49
C GLY I 43 4.92 -1.52 14.98
N LEU I 44 3.71 -1.51 15.54
CA LEU I 44 3.57 -1.36 16.97
C LEU I 44 3.24 -2.70 17.58
N THR I 45 3.85 -3.04 18.74
CA THR I 45 3.50 -4.27 19.47
C THR I 45 3.04 -3.98 20.91
N ILE I 46 1.84 -4.45 21.23
CA ILE I 46 1.24 -4.12 22.50
C ILE I 46 0.99 -5.40 23.28
N PHE I 47 1.32 -5.35 24.55
CA PHE I 47 0.99 -6.41 25.44
C PHE I 47 -0.25 -6.03 26.20
N LEU I 48 -1.21 -6.94 26.23
CA LEU I 48 -2.39 -6.70 27.00
C LEU I 48 -2.13 -7.33 28.32
N VAL I 49 -1.98 -6.54 29.37
CA VAL I 49 -1.63 -7.14 30.66
C VAL I 49 -2.39 -6.63 31.86
N ASN I 50 -2.57 -7.53 32.80
CA ASN I 50 -2.95 -7.16 34.13
C ASN I 50 -1.93 -7.65 35.10
N ASN I 51 -2.19 -7.38 36.36
CA ASN I 51 -1.49 -7.95 37.47
C ASN I 51 -2.63 -8.08 38.43
N PRO I 52 -3.14 -9.32 38.55
CA PRO I 52 -4.38 -9.49 39.30
C PRO I 52 -4.11 -9.21 40.78
N GLY I 53 -5.12 -8.70 41.49
CA GLY I 53 -4.98 -8.49 42.92
C GLY I 53 -4.69 -7.05 43.27
N LYS I 54 -3.42 -6.65 43.10
CA LYS I 54 -3.01 -5.26 43.33
C LYS I 54 -3.70 -4.31 42.36
N GLU I 55 -4.45 -3.37 42.95
CA GLU I 55 -5.03 -2.24 42.21
C GLU I 55 -3.87 -1.35 41.74
N ASN I 56 -3.61 -1.32 40.42
CA ASN I 56 -2.48 -0.56 39.87
C ASN I 56 -1.10 -1.21 40.06
N GLY I 57 -1.06 -2.53 40.18
CA GLY I 57 0.21 -3.22 40.34
C GLY I 57 1.11 -3.08 39.12
N PRO I 58 2.43 -3.24 39.31
CA PRO I 58 3.44 -3.09 38.24
C PRO I 58 3.17 -3.93 37.00
N VAL I 59 3.51 -3.41 35.82
CA VAL I 59 3.50 -4.18 34.58
C VAL I 59 4.56 -5.26 34.65
N LYS I 60 4.20 -6.49 34.30
CA LYS I 60 5.18 -7.56 34.16
C LYS I 60 4.82 -8.29 32.87
N ILE I 61 5.82 -8.57 32.02
CA ILE I 61 5.57 -9.22 30.72
C ILE I 61 5.97 -10.68 30.73
N SER I 62 4.99 -11.56 30.58
CA SER I 62 5.20 -13.00 30.67
C SER I 62 5.61 -13.71 29.38
N SER I 63 5.08 -13.30 28.24
CA SER I 63 5.38 -13.98 26.96
C SER I 63 6.86 -14.07 26.76
N LYS I 64 7.31 -15.14 26.12
CA LYS I 64 8.67 -15.10 25.63
C LYS I 64 8.63 -14.22 24.38
N VAL I 65 9.56 -13.29 24.31
CA VAL I 65 9.82 -12.49 23.14
C VAL I 65 11.14 -13.03 22.58
N ASN I 66 11.13 -13.47 21.31
CA ASN I 66 12.32 -14.04 20.69
C ASN I 66 13.11 -12.93 20.10
N ASP I 67 13.74 -12.15 20.96
CA ASP I 67 14.60 -11.07 20.53
C ASP I 67 15.30 -10.67 21.80
N LYS I 68 16.61 -10.87 21.85
CA LYS I 68 17.33 -10.64 23.09
C LYS I 68 17.02 -9.21 23.52
N GLN I 69 17.09 -8.28 22.56
CA GLN I 69 17.02 -6.85 22.90
C GLN I 69 15.66 -6.48 23.39
N VAL I 70 14.61 -6.96 22.72
CA VAL I 70 13.26 -6.59 23.11
C VAL I 70 12.99 -7.21 24.46
N SER I 71 13.47 -8.45 24.64
CA SER I 71 13.44 -9.10 25.94
C SER I 71 14.14 -8.24 26.98
N GLU I 72 15.38 -7.85 26.68
CA GLU I 72 16.15 -7.01 27.61
C GLU I 72 15.27 -5.84 28.06
N PHE I 73 14.70 -5.14 27.07
CA PHE I 73 13.84 -3.99 27.33
C PHE I 73 12.73 -4.33 28.30
N LEU I 74 12.22 -5.56 28.18
CA LEU I 74 10.96 -5.93 28.81
C LEU I 74 11.14 -6.59 30.16
N LYS I 75 12.40 -6.64 30.61
CA LYS I 75 12.72 -7.04 31.97
C LYS I 75 11.72 -6.41 32.91
N ASP I 76 11.32 -7.17 33.91
CA ASP I 76 10.47 -6.63 34.94
C ASP I 76 11.15 -5.42 35.62
N GLU I 77 12.48 -5.51 35.79
CA GLU I 77 13.31 -4.40 36.29
C GLU I 77 13.05 -3.10 35.55
N ASN I 78 12.97 -3.18 34.22
CA ASN I 78 12.61 -2.03 33.38
C ASN I 78 11.12 -1.74 33.39
N MET I 79 10.30 -2.76 33.55
CA MET I 79 8.88 -2.57 33.38
C MET I 79 8.19 -2.04 34.62
N GLU I 80 8.89 -2.12 35.75
CA GLU I 80 8.29 -1.94 37.07
C GLU I 80 7.67 -0.53 37.29
N LYS I 81 8.30 0.49 36.68
CA LYS I 81 7.81 1.88 36.66
C LYS I 81 6.44 2.04 35.96
N PHE I 82 6.07 1.01 35.19
CA PHE I 82 4.76 0.93 34.52
C PHE I 82 3.78 0.05 35.30
N ASN I 83 2.56 0.53 35.45
CA ASN I 83 1.55 -0.21 36.19
C ASN I 83 0.32 -0.49 35.33
N VAL I 84 -0.41 -1.52 35.74
CA VAL I 84 -1.54 -2.07 35.00
C VAL I 84 -2.88 -1.32 35.05
N LYS I 85 -2.94 -0.15 35.70
CA LYS I 85 -4.22 0.54 35.83
C LYS I 85 -5.05 0.44 34.53
N LEU I 86 -6.13 -0.33 34.54
CA LEU I 86 -6.92 -0.58 33.35
C LEU I 86 -7.14 0.67 32.52
N GLY I 87 -6.68 0.65 31.28
CA GLY I 87 -6.86 1.79 30.36
C GLY I 87 -5.60 2.61 30.17
N THR I 88 -4.65 2.42 31.06
CA THR I 88 -3.32 3.00 30.94
C THR I 88 -2.62 2.46 29.67
N SER I 89 -1.67 3.23 29.13
CA SER I 89 -0.82 2.70 28.09
C SER I 89 0.41 3.55 27.94
N LYS I 90 1.43 2.92 27.38
CA LYS I 90 2.72 3.51 27.19
C LYS I 90 3.26 2.97 25.92
N HIS I 91 4.01 3.81 25.22
CA HIS I 91 4.74 3.41 24.05
C HIS I 91 6.22 3.23 24.42
N PHE I 92 6.81 2.15 23.92
CA PHE I 92 8.25 1.96 23.99
C PHE I 92 8.91 2.04 22.61
N TYR I 93 10.12 2.55 22.61
CA TYR I 93 10.89 2.58 21.40
C TYR I 93 12.23 1.92 21.70
N MET I 94 12.60 0.95 20.86
CA MET I 94 13.87 0.24 21.01
C MET I 94 14.28 -0.45 19.72
N PHE I 95 15.56 -0.79 19.67
CA PHE I 95 16.13 -1.59 18.59
C PHE I 95 16.04 -3.07 18.86
N ASN I 96 15.52 -3.81 17.88
CA ASN I 96 15.50 -5.27 17.95
C ASN I 96 16.84 -5.87 17.52
N ASP I 97 16.92 -7.20 17.53
CA ASP I 97 18.16 -7.93 17.22
C ASP I 97 18.77 -7.65 15.83
N ASN I 98 17.90 -7.37 14.85
CA ASN I 98 18.29 -7.01 13.46
C ASN I 98 18.55 -5.51 13.34
N LYS I 99 18.80 -4.92 14.51
CA LYS I 99 19.06 -3.52 14.72
C LYS I 99 18.08 -2.55 14.08
N ASN I 100 16.84 -2.96 13.92
CA ASN I 100 15.79 -2.05 13.54
C ASN I 100 15.08 -1.51 14.75
N SER I 101 14.60 -0.29 14.64
CA SER I 101 13.77 0.25 15.66
C SER I 101 12.45 -0.40 15.59
N VAL I 102 11.93 -0.74 16.74
CA VAL I 102 10.58 -1.21 16.83
C VAL I 102 9.89 -0.40 17.92
N ALA I 103 8.58 -0.29 17.78
CA ALA I 103 7.71 0.30 18.77
C ALA I 103 7.07 -0.84 19.47
N VAL I 104 7.08 -0.83 20.79
CA VAL I 104 6.36 -1.83 21.56
C VAL I 104 5.63 -1.08 22.65
N GLY I 105 4.67 -1.73 23.30
CA GLY I 105 4.04 -1.08 24.44
C GLY I 105 2.99 -1.96 25.04
N TYR I 106 2.23 -1.42 25.98
CA TYR I 106 1.29 -2.27 26.68
C TYR I 106 0.06 -1.46 26.96
N VAL I 107 -1.04 -2.14 27.26
CA VAL I 107 -2.27 -1.53 27.72
C VAL I 107 -2.63 -2.26 29.00
N GLY I 108 -3.19 -1.52 29.96
CA GLY I 108 -3.46 -2.05 31.29
C GLY I 108 -4.87 -2.58 31.41
N CYS I 109 -4.99 -3.80 31.91
CA CYS I 109 -6.27 -4.47 32.06
C CYS I 109 -6.52 -4.78 33.53
N GLY I 110 -5.93 -3.95 34.38
CA GLY I 110 -6.25 -3.91 35.80
C GLY I 110 -5.77 -5.07 36.62
N SER I 111 -6.65 -5.47 37.54
CA SER I 111 -6.35 -6.49 38.53
C SER I 111 -7.50 -7.48 38.68
N VAL I 112 -8.69 -7.09 38.21
CA VAL I 112 -9.85 -7.98 38.25
C VAL I 112 -9.59 -9.21 37.38
N ALA I 113 -10.11 -10.35 37.84
CA ALA I 113 -9.79 -11.66 37.25
C ALA I 113 -9.98 -11.72 35.73
N ASP I 114 -11.15 -11.33 35.26
CA ASP I 114 -11.38 -11.27 33.84
C ASP I 114 -12.27 -10.07 33.58
N LEU I 115 -11.98 -9.36 32.50
CA LEU I 115 -12.60 -8.06 32.23
C LEU I 115 -13.99 -8.25 31.73
N SER I 116 -14.93 -7.45 32.23
CA SER I 116 -16.28 -7.49 31.68
C SER I 116 -16.31 -6.82 30.31
N GLU I 117 -17.45 -6.89 29.64
CA GLU I 117 -17.67 -6.18 28.39
C GLU I 117 -17.10 -4.77 28.44
N ALA I 118 -17.59 -3.97 29.40
CA ALA I 118 -17.24 -2.54 29.54
C ALA I 118 -15.75 -2.33 29.83
N ASP I 119 -15.14 -3.27 30.53
CA ASP I 119 -13.73 -3.17 30.84
C ASP I 119 -12.97 -3.43 29.56
N MET I 120 -13.38 -4.45 28.82
CA MET I 120 -12.72 -4.78 27.59
C MET I 120 -12.91 -3.69 26.56
N LYS I 121 -13.89 -2.82 26.75
CA LYS I 121 -14.07 -1.76 25.78
C LYS I 121 -13.08 -0.65 26.04
N ARG I 122 -12.92 -0.28 27.31
CA ARG I 122 -11.94 0.72 27.72
C ARG I 122 -10.59 0.34 27.20
N VAL I 123 -10.19 -0.92 27.36
CA VAL I 123 -8.88 -1.42 26.83
C VAL I 123 -8.73 -1.17 25.31
N VAL I 124 -9.73 -1.59 24.56
CA VAL I 124 -9.68 -1.46 23.12
C VAL I 124 -9.51 0.02 22.71
N LEU I 125 -10.25 0.86 23.42
CA LEU I 125 -10.22 2.28 23.23
C LEU I 125 -8.81 2.82 23.52
N SER I 126 -8.15 2.33 24.57
CA SER I 126 -6.80 2.81 24.83
C SER I 126 -5.92 2.36 23.70
N LEU I 127 -6.11 1.10 23.30
CA LEU I 127 -5.44 0.53 22.12
C LEU I 127 -5.62 1.39 20.84
N VAL I 128 -6.83 1.91 20.66
CA VAL I 128 -7.14 2.64 19.46
C VAL I 128 -6.59 4.04 19.52
N THR I 129 -6.50 4.63 20.72
CA THR I 129 -5.76 5.89 20.90
C THR I 129 -4.35 5.65 20.45
N MET I 130 -3.84 4.45 20.70
CA MET I 130 -2.47 4.16 20.27
C MET I 130 -2.32 3.99 18.76
N LEU I 131 -3.36 3.56 18.06
CA LEU I 131 -3.32 3.47 16.59
C LEU I 131 -3.69 4.76 15.93
N HIS I 132 -4.25 5.69 16.69
CA HIS I 132 -4.62 6.98 16.11
C HIS I 132 -3.43 7.93 16.05
N ASP I 133 -3.27 8.56 14.94
CA ASP I 133 -2.25 9.52 14.88
C ASP I 133 -0.95 8.79 14.85
N ASN I 134 -0.95 7.56 14.35
CA ASN I 134 0.31 6.83 14.25
C ASN I 134 0.39 5.99 12.99
N LYS I 135 1.15 6.45 12.00
CA LYS I 135 1.24 5.68 10.80
C LYS I 135 1.96 4.40 11.02
N LEU I 136 1.17 3.40 11.35
CA LEU I 136 1.63 2.03 11.60
C LEU I 136 1.18 1.13 10.44
N SER I 137 2.08 0.26 10.00
CA SER I 137 1.74 -0.71 8.95
C SER I 137 1.11 -1.98 9.57
N LYS I 138 1.48 -2.22 10.81
CA LYS I 138 1.08 -3.40 11.52
C LYS I 138 0.83 -3.05 12.99
N LEU I 139 -0.10 -3.79 13.58
CA LEU I 139 -0.29 -3.81 14.99
C LEU I 139 -0.28 -5.29 15.38
N THR I 140 0.38 -5.58 16.48
CA THR I 140 0.45 -6.93 17.00
C THR I 140 -0.05 -6.82 18.44
N VAL I 141 -0.98 -7.68 18.83
CA VAL I 141 -1.49 -7.60 20.18
C VAL I 141 -1.05 -8.86 20.90
N VAL I 142 -0.49 -8.74 22.10
CA VAL I 142 -0.12 -9.94 22.89
C VAL I 142 -1.00 -10.10 24.13
N PHE I 143 -1.75 -11.19 24.13
CA PHE I 143 -2.76 -11.44 25.14
C PHE I 143 -2.19 -12.16 26.35
N GLU I 144 -1.79 -11.37 27.35
CA GLU I 144 -1.33 -11.92 28.62
C GLU I 144 -2.40 -11.77 29.68
N ILE I 145 -3.63 -11.61 29.23
CA ILE I 145 -4.81 -11.71 30.08
C ILE I 145 -5.65 -12.95 29.70
N ASN I 146 -6.52 -13.36 30.62
CA ASN I 146 -7.44 -14.48 30.37
C ASN I 146 -8.76 -14.05 29.71
N VAL I 147 -9.05 -14.67 28.57
CA VAL I 147 -10.15 -14.22 27.72
C VAL I 147 -10.86 -15.39 27.01
N ASP I 148 -12.15 -15.60 27.28
CA ASP I 148 -12.88 -16.68 26.60
C ASP I 148 -12.98 -16.41 25.08
N LYS I 149 -13.42 -17.38 24.29
CA LYS I 149 -13.65 -17.15 22.88
C LYS I 149 -14.61 -15.96 22.55
N ASN I 150 -15.60 -15.66 23.40
CA ASN I 150 -16.54 -14.56 23.05
C ASN I 150 -15.97 -13.20 23.37
N LEU I 151 -15.16 -13.17 24.42
CA LEU I 151 -14.52 -11.93 24.79
C LEU I 151 -13.52 -11.61 23.71
N PHE I 152 -12.75 -12.61 23.32
CA PHE I 152 -11.78 -12.44 22.25
C PHE I 152 -12.40 -11.94 20.95
N ARG I 153 -13.45 -12.61 20.49
CA ARG I 153 -14.16 -12.13 19.34
C ARG I 153 -14.57 -10.70 19.53
N PHE I 154 -15.17 -10.42 20.71
CA PHE I 154 -15.64 -9.09 21.08
C PHE I 154 -14.51 -8.07 21.04
N PHE I 155 -13.31 -8.51 21.40
CA PHE I 155 -12.12 -7.66 21.33
C PHE I 155 -11.88 -7.16 19.93
N LEU I 156 -11.68 -8.07 18.98
CA LEU I 156 -11.43 -7.65 17.59
C LEU I 156 -12.56 -6.79 17.10
N GLU I 157 -13.78 -7.28 17.31
CA GLU I 157 -15.04 -6.61 16.91
C GLU I 157 -15.11 -5.17 17.33
N THR I 158 -14.67 -4.91 18.56
CA THR I 158 -14.65 -3.55 19.07
C THR I 158 -13.53 -2.67 18.46
N LEU I 159 -12.30 -3.18 18.45
CA LEU I 159 -11.17 -2.56 17.74
C LEU I 159 -11.57 -2.23 16.30
N PHE I 160 -12.14 -3.19 15.61
CA PHE I 160 -12.48 -2.99 14.21
C PHE I 160 -13.37 -1.79 14.07
N TYR I 161 -14.46 -1.82 14.83
CA TYR I 161 -15.38 -0.74 14.88
C TYR I 161 -14.77 0.56 15.39
N GLU I 162 -14.10 0.54 16.55
CA GLU I 162 -13.55 1.79 17.13
C GLU I 162 -12.47 2.44 16.26
N TYR I 163 -11.52 1.62 15.80
CA TYR I 163 -10.47 2.05 14.85
C TYR I 163 -11.02 2.68 13.58
N MET I 164 -12.07 2.08 13.03
CA MET I 164 -12.74 2.64 11.85
C MET I 164 -13.22 4.06 12.10
N THR I 165 -12.99 4.92 11.12
CA THR I 165 -13.52 6.25 11.14
C THR I 165 -14.42 6.38 9.92
N ASP I 166 -15.66 6.85 10.15
CA ASP I 166 -16.62 7.11 9.10
C ASP I 166 -16.47 8.52 8.53
N GLU I 167 -16.03 8.56 7.29
CA GLU I 167 -15.80 9.78 6.57
C GLU I 167 -16.74 9.93 5.35
N ARG I 168 -17.80 9.14 5.26
CA ARG I 168 -18.71 9.33 4.11
C ARG I 168 -19.12 10.80 3.93
N PHE I 169 -19.23 11.55 5.01
CA PHE I 169 -19.77 12.91 4.91
C PHE I 169 -18.73 14.04 4.95
N LYS I 170 -17.46 13.64 5.05
CA LYS I 170 -16.31 14.51 5.00
C LYS I 170 -16.00 14.85 3.55
N SER I 171 -15.74 16.13 3.30
CA SER I 171 -15.43 16.60 1.98
C SER I 171 -14.13 17.37 2.05
N THR I 172 -14.20 18.62 2.50
CA THR I 172 -12.98 19.40 2.73
C THR I 172 -12.27 19.08 4.05
N ASP I 173 -12.95 18.40 4.99
CA ASP I 173 -12.37 17.98 6.31
C ASP I 173 -12.06 16.47 6.43
N LYS I 174 -11.74 15.84 5.30
CA LYS I 174 -11.21 14.48 5.32
C LYS I 174 -9.97 14.48 6.22
N ASN I 175 -9.79 13.42 7.00
CA ASN I 175 -8.53 13.27 7.75
C ASN I 175 -7.40 12.88 6.81
N VAL I 176 -6.57 13.86 6.48
CA VAL I 176 -5.45 13.71 5.55
C VAL I 176 -4.36 12.76 6.07
N ASN I 177 -4.57 12.20 7.26
CA ASN I 177 -3.60 11.27 7.88
C ASN I 177 -4.07 9.82 8.00
N MET I 178 -5.36 9.62 8.25
CA MET I 178 -5.91 8.30 8.55
C MET I 178 -5.39 7.26 7.54
N GLU I 179 -4.29 6.63 7.91
CA GLU I 179 -3.81 5.47 7.20
C GLU I 179 -3.91 4.30 8.16
N TYR I 180 -4.66 3.28 7.79
CA TYR I 180 -4.90 2.14 8.65
C TYR I 180 -3.83 1.08 8.48
N ILE I 181 -3.53 0.34 9.55
CA ILE I 181 -2.64 -0.81 9.48
C ILE I 181 -3.03 -1.79 8.37
N LYS I 182 -2.03 -2.51 7.86
CA LYS I 182 -2.23 -3.52 6.82
C LYS I 182 -2.24 -4.92 7.44
N HIS I 183 -1.72 -5.03 8.66
CA HIS I 183 -1.53 -6.30 9.33
C HIS I 183 -1.86 -6.19 10.80
N LEU I 184 -2.55 -7.21 11.32
CA LEU I 184 -2.78 -7.38 12.72
C LEU I 184 -2.29 -8.76 13.01
N GLY I 185 -1.45 -8.86 14.03
CA GLY I 185 -1.00 -10.15 14.57
C GLY I 185 -1.41 -10.31 16.02
N VAL I 186 -1.94 -11.48 16.35
CA VAL I 186 -2.43 -11.72 17.70
C VAL I 186 -1.66 -12.90 18.28
N TYR I 187 -1.31 -12.79 19.56
CA TYR I 187 -0.59 -13.85 20.28
C TYR I 187 -1.38 -14.23 21.51
N ILE I 188 -1.71 -15.53 21.62
CA ILE I 188 -2.65 -15.99 22.66
C ILE I 188 -2.53 -17.47 23.10
N ASN I 189 -2.90 -17.73 24.34
CA ASN I 189 -3.03 -19.11 24.84
C ASN I 189 -4.02 -19.92 23.99
N ASN I 190 -3.54 -21.05 23.45
CA ASN I 190 -4.38 -21.93 22.64
C ASN I 190 -4.83 -21.21 21.39
N ALA I 191 -3.91 -20.75 20.57
CA ALA I 191 -4.30 -19.93 19.44
C ALA I 191 -5.42 -20.61 18.67
N ASP I 192 -5.26 -21.91 18.44
CA ASP I 192 -6.16 -22.66 17.60
C ASP I 192 -7.60 -22.50 17.94
N THR I 193 -7.93 -22.51 19.23
CA THR I 193 -9.33 -22.31 19.61
C THR I 193 -9.79 -20.90 19.26
N TYR I 194 -8.99 -19.88 19.62
CA TYR I 194 -9.35 -18.48 19.39
C TYR I 194 -9.37 -18.09 17.91
N LYS I 195 -8.65 -18.85 17.09
CA LYS I 195 -8.49 -18.52 15.67
C LYS I 195 -9.80 -18.40 14.93
N GLU I 196 -10.74 -19.25 15.27
CA GLU I 196 -12.08 -19.27 14.68
C GLU I 196 -12.87 -17.94 14.97
N GLU I 197 -12.54 -17.28 16.07
CA GLU I 197 -13.26 -16.07 16.44
C GLU I 197 -12.91 -14.89 15.52
N VAL I 198 -11.76 -14.98 14.88
CA VAL I 198 -11.23 -13.87 14.09
C VAL I 198 -12.22 -13.46 12.98
N GLU I 199 -12.56 -14.38 12.10
CA GLU I 199 -13.38 -14.00 10.96
C GLU I 199 -14.81 -13.74 11.36
N LYS I 200 -15.23 -14.36 12.47
CA LYS I 200 -16.55 -14.13 13.01
C LYS I 200 -16.58 -12.69 13.48
N ALA I 201 -15.50 -12.27 14.15
CA ALA I 201 -15.38 -10.91 14.67
C ALA I 201 -15.45 -9.92 13.51
N ARG I 202 -14.82 -10.28 12.42
CA ARG I 202 -14.76 -9.39 11.29
C ARG I 202 -16.14 -9.23 10.69
N VAL I 203 -16.89 -10.34 10.61
CA VAL I 203 -18.26 -10.31 10.11
C VAL I 203 -19.11 -9.47 11.07
N TYR I 204 -19.06 -9.81 12.36
CA TYR I 204 -19.76 -9.07 13.38
C TYR I 204 -19.39 -7.60 13.31
N TYR I 205 -18.11 -7.32 13.16
CA TYR I 205 -17.69 -5.92 13.04
C TYR I 205 -18.47 -5.27 11.93
N PHE I 206 -18.46 -5.86 10.74
CA PHE I 206 -19.08 -5.16 9.63
C PHE I 206 -20.60 -5.03 9.76
N GLY I 207 -21.25 -6.05 10.28
CA GLY I 207 -22.66 -5.98 10.52
C GLY I 207 -22.93 -4.74 11.38
N THR I 208 -22.14 -4.61 12.44
CA THR I 208 -22.33 -3.57 13.43
C THR I 208 -22.02 -2.25 12.74
N TYR I 209 -20.94 -2.26 11.99
CA TYR I 209 -20.47 -1.03 11.34
C TYR I 209 -21.41 -0.59 10.23
N TYR I 210 -21.96 -1.58 9.54
CA TYR I 210 -22.95 -1.34 8.52
C TYR I 210 -24.21 -0.72 9.13
N ALA I 211 -24.69 -1.25 10.25
CA ALA I 211 -25.84 -0.66 10.91
C ALA I 211 -25.50 0.76 11.30
N SER I 212 -24.30 0.92 11.86
CA SER I 212 -23.77 2.20 12.29
C SER I 212 -23.83 3.22 11.15
N GLN I 213 -23.34 2.81 9.98
CA GLN I 213 -23.35 3.66 8.80
C GLN I 213 -24.77 4.09 8.44
N LEU I 214 -25.72 3.18 8.52
CA LEU I 214 -27.09 3.52 8.23
C LEU I 214 -27.61 4.54 9.21
N ILE I 215 -27.33 4.30 10.49
CA ILE I 215 -27.87 5.13 11.54
C ILE I 215 -27.30 6.50 11.38
N ALA I 216 -25.98 6.57 11.23
CA ALA I 216 -25.26 7.85 11.13
C ALA I 216 -25.67 8.70 9.93
N ALA I 217 -25.96 8.06 8.81
CA ALA I 217 -26.45 8.73 7.62
C ALA I 217 -27.61 9.60 8.06
N PRO I 218 -27.53 10.88 7.73
CA PRO I 218 -28.54 11.82 8.08
C PRO I 218 -29.81 11.56 7.28
N SER I 219 -30.92 12.09 7.78
CA SER I 219 -32.25 11.77 7.25
C SER I 219 -32.50 12.23 5.83
N ASN I 220 -31.72 13.19 5.35
CA ASN I 220 -31.76 13.57 3.96
C ASN I 220 -31.12 12.53 3.05
N TYR I 221 -30.14 11.83 3.59
CA TYR I 221 -29.52 10.73 2.89
C TYR I 221 -30.30 9.46 3.09
N CYS I 222 -30.62 9.19 4.35
CA CYS I 222 -31.27 7.96 4.74
C CYS I 222 -32.73 8.27 4.98
N ASN I 223 -33.53 8.02 3.96
CA ASN I 223 -34.95 8.17 4.07
C ASN I 223 -35.59 6.82 3.76
N PRO I 224 -36.90 6.70 3.93
CA PRO I 224 -37.49 5.40 3.68
C PRO I 224 -37.16 4.79 2.31
N VAL I 225 -37.07 5.59 1.26
CA VAL I 225 -36.85 5.03 -0.08
C VAL I 225 -35.39 4.57 -0.19
N SER I 226 -34.47 5.42 0.23
CA SER I 226 -33.03 5.13 0.13
C SER I 226 -32.65 4.01 1.08
N LEU I 227 -33.30 3.98 2.25
CA LEU I 227 -33.05 2.89 3.23
C LEU I 227 -33.43 1.54 2.66
N SER I 228 -34.65 1.46 2.12
CA SER I 228 -35.12 0.23 1.52
C SER I 228 -34.29 -0.14 0.30
N ASN I 229 -33.87 0.85 -0.46
CA ASN I 229 -32.96 0.57 -1.57
C ASN I 229 -31.71 -0.09 -1.08
N ALA I 230 -31.18 0.41 0.01
CA ALA I 230 -29.94 -0.09 0.58
C ALA I 230 -30.13 -1.50 1.06
N ALA I 231 -31.31 -1.78 1.61
CA ALA I 231 -31.65 -3.13 2.08
C ALA I 231 -31.68 -4.10 0.91
N VAL I 232 -32.25 -3.65 -0.21
CA VAL I 232 -32.35 -4.45 -1.42
C VAL I 232 -30.94 -4.75 -1.92
N GLU I 233 -30.12 -3.71 -1.93
CA GLU I 233 -28.75 -3.85 -2.35
C GLU I 233 -28.02 -4.86 -1.47
N LEU I 234 -28.23 -4.77 -0.16
CA LEU I 234 -27.65 -5.71 0.79
C LEU I 234 -28.11 -7.14 0.53
N ALA I 235 -29.41 -7.28 0.34
CA ALA I 235 -30.00 -8.59 0.05
C ALA I 235 -29.39 -9.21 -1.21
N GLN I 236 -29.22 -8.40 -2.23
CA GLN I 236 -28.65 -8.85 -3.48
C GLN I 236 -27.22 -9.35 -3.32
N LYS I 237 -26.42 -8.59 -2.58
CA LYS I 237 -25.05 -8.97 -2.30
C LYS I 237 -24.98 -10.24 -1.48
N LEU I 238 -26.01 -10.51 -0.68
CA LEU I 238 -25.99 -11.64 0.24
C LEU I 238 -26.82 -12.80 -0.26
N ASN I 239 -27.41 -12.64 -1.44
CA ASN I 239 -28.32 -13.63 -1.99
C ASN I 239 -29.49 -13.97 -1.09
N LEU I 240 -30.03 -12.94 -0.44
CA LEU I 240 -31.23 -13.10 0.37
C LEU I 240 -32.42 -12.81 -0.51
N GLU I 241 -33.53 -13.47 -0.21
CA GLU I 241 -34.80 -13.10 -0.80
C GLU I 241 -35.17 -11.77 -0.16
N TYR I 242 -35.77 -10.91 -0.96
CA TYR I 242 -36.22 -9.63 -0.48
C TYR I 242 -37.49 -9.27 -1.17
N LYS I 243 -38.29 -8.45 -0.50
CA LYS I 243 -39.51 -7.90 -1.01
C LYS I 243 -39.62 -6.54 -0.33
N ILE I 244 -39.92 -5.51 -1.11
CA ILE I 244 -40.18 -4.19 -0.55
C ILE I 244 -41.63 -3.85 -0.81
N LEU I 245 -42.37 -3.70 0.27
CA LEU I 245 -43.78 -3.35 0.19
C LEU I 245 -43.97 -1.85 0.07
N GLY I 246 -44.52 -1.44 -1.05
CA GLY I 246 -44.86 -0.03 -1.30
C GLY I 246 -46.27 0.31 -0.85
N VAL I 247 -46.60 1.59 -0.96
CA VAL I 247 -47.86 2.09 -0.41
C VAL I 247 -49.07 1.27 -0.86
N LYS I 248 -49.17 1.00 -2.17
CA LYS I 248 -50.31 0.27 -2.68
C LYS I 248 -50.47 -1.11 -2.03
N GLU I 249 -49.37 -1.81 -1.78
CA GLU I 249 -49.43 -3.11 -1.14
C GLU I 249 -49.74 -2.99 0.34
N LEU I 250 -49.19 -1.94 0.96
CA LEU I 250 -49.44 -1.66 2.36
C LEU I 250 -50.91 -1.35 2.60
N GLU I 251 -51.52 -0.60 1.69
CA GLU I 251 -52.95 -0.31 1.74
C GLU I 251 -53.76 -1.60 1.62
N GLU I 252 -53.34 -2.46 0.69
CA GLU I 252 -54.04 -3.71 0.46
C GLU I 252 -53.90 -4.56 1.71
N LEU I 253 -52.79 -4.42 2.40
CA LEU I 253 -52.61 -5.18 3.62
C LEU I 253 -53.27 -4.50 4.82
N LYS I 254 -53.88 -3.35 4.59
CA LYS I 254 -54.57 -2.59 5.63
C LYS I 254 -53.68 -2.20 6.82
N MET I 255 -52.43 -1.85 6.52
CA MET I 255 -51.48 -1.38 7.52
C MET I 255 -51.65 0.10 7.85
N GLY I 256 -52.82 0.43 8.42
CA GLY I 256 -53.24 1.81 8.71
C GLY I 256 -52.44 2.52 9.79
N ALA I 257 -52.03 1.80 10.81
CA ALA I 257 -51.18 2.39 11.84
C ALA I 257 -49.86 2.83 11.24
N TYR I 258 -49.23 1.94 10.49
CA TYR I 258 -47.95 2.20 9.86
C TYR I 258 -48.08 3.31 8.83
N LEU I 259 -49.08 3.19 7.96
CA LEU I 259 -49.24 4.18 6.91
C LEU I 259 -49.62 5.53 7.46
N SER I 260 -50.29 5.59 8.61
CA SER I 260 -50.65 6.87 9.20
C SER I 260 -49.44 7.72 9.56
N VAL I 261 -48.44 7.07 10.15
CA VAL I 261 -47.22 7.74 10.57
C VAL I 261 -46.56 8.39 9.36
N GLY I 262 -46.54 7.64 8.25
CA GLY I 262 -45.84 8.08 7.05
C GLY I 262 -46.54 9.15 6.24
N LYS I 263 -47.83 9.34 6.50
CA LYS I 263 -48.69 10.25 5.75
C LYS I 263 -48.09 11.64 5.52
N GLY I 264 -47.51 12.20 6.56
CA GLY I 264 -46.84 13.48 6.47
C GLY I 264 -45.53 13.53 5.71
N SER I 265 -44.97 12.38 5.33
CA SER I 265 -43.66 12.39 4.67
C SER I 265 -43.70 12.53 3.17
N MET I 266 -42.68 13.17 2.63
CA MET I 266 -42.51 13.25 1.19
C MET I 266 -42.01 11.92 0.64
N TYR I 267 -41.56 11.06 1.53
CA TYR I 267 -41.12 9.74 1.15
C TYR I 267 -42.17 8.72 1.42
N PRO I 268 -42.56 7.95 0.38
CA PRO I 268 -43.54 6.88 0.53
C PRO I 268 -43.03 5.87 1.52
N ASN I 269 -43.91 5.32 2.34
CA ASN I 269 -43.54 4.21 3.21
C ASN I 269 -42.97 3.09 2.40
N LYS I 270 -42.01 2.41 2.99
CA LYS I 270 -41.41 1.27 2.37
C LYS I 270 -41.24 0.25 3.46
N PHE I 271 -41.82 -0.92 3.28
CA PHE I 271 -41.71 -2.03 4.22
C PHE I 271 -40.65 -3.01 3.72
N ILE I 272 -39.62 -3.21 4.53
CA ILE I 272 -38.51 -4.06 4.16
C ILE I 272 -38.78 -5.46 4.66
N HIS I 273 -38.68 -6.43 3.76
CA HIS I 273 -38.82 -7.82 4.07
C HIS I 273 -37.68 -8.56 3.35
N LEU I 274 -36.66 -8.90 4.14
CA LEU I 274 -35.58 -9.75 3.72
C LEU I 274 -35.77 -11.13 4.33
N THR I 275 -35.37 -12.17 3.60
CA THR I 275 -35.51 -13.53 4.10
C THR I 275 -34.22 -14.26 3.87
N TYR I 276 -33.73 -14.88 4.93
CA TYR I 276 -32.68 -15.87 4.80
C TYR I 276 -33.30 -17.21 5.15
N LYS I 277 -33.20 -18.17 4.22
CA LYS I 277 -33.62 -19.56 4.49
C LYS I 277 -32.40 -20.45 4.45
N SER I 278 -32.28 -21.35 5.43
CA SER I 278 -31.17 -22.31 5.47
C SER I 278 -31.30 -23.38 4.39
N LYS I 279 -30.16 -23.96 4.03
CA LYS I 279 -30.14 -25.03 3.03
C LYS I 279 -30.90 -26.27 3.53
N GLY I 280 -30.63 -26.70 4.75
CA GLY I 280 -31.20 -27.95 5.25
C GLY I 280 -32.66 -27.86 5.67
N ASP I 281 -33.07 -28.77 6.54
CA ASP I 281 -34.40 -28.72 7.16
C ASP I 281 -34.46 -27.46 8.03
N VAL I 282 -35.59 -26.76 7.93
CA VAL I 282 -35.81 -25.56 8.72
C VAL I 282 -36.45 -25.98 10.02
N LYS I 283 -35.74 -25.76 11.11
CA LYS I 283 -36.22 -26.14 12.43
C LYS I 283 -36.78 -24.95 13.23
N LYS I 284 -36.38 -23.74 12.84
CA LYS I 284 -36.75 -22.54 13.58
C LYS I 284 -37.03 -21.43 12.60
N LYS I 285 -38.17 -20.77 12.76
CA LYS I 285 -38.50 -19.61 11.95
C LYS I 285 -38.51 -18.39 12.84
N ILE I 286 -37.77 -17.37 12.44
CA ILE I 286 -37.63 -16.17 13.24
C ILE I 286 -37.95 -14.96 12.40
N ALA I 287 -38.79 -14.09 12.97
CA ALA I 287 -39.03 -12.79 12.39
C ALA I 287 -38.33 -11.76 13.28
N LEU I 288 -37.43 -10.99 12.67
CA LEU I 288 -36.73 -9.90 13.33
C LEU I 288 -37.29 -8.59 12.80
N VAL I 289 -37.87 -7.81 13.71
CA VAL I 289 -38.54 -6.57 13.33
C VAL I 289 -37.82 -5.35 13.90
N GLY I 290 -37.39 -4.46 13.02
CA GLY I 290 -36.68 -3.27 13.44
C GLY I 290 -37.52 -2.02 13.23
N LYS I 291 -37.55 -1.14 14.24
CA LYS I 291 -38.22 0.13 14.06
C LYS I 291 -37.41 0.93 13.08
N GLY I 292 -38.10 1.40 12.04
CA GLY I 292 -37.47 2.12 10.92
C GLY I 292 -38.02 3.50 10.63
N ILE I 293 -37.91 4.37 11.62
CA ILE I 293 -38.28 5.78 11.47
C ILE I 293 -37.04 6.54 11.05
N THR I 294 -37.01 6.98 9.80
CA THR I 294 -35.77 7.53 9.20
C THR I 294 -35.52 8.91 9.70
N PHE I 295 -36.61 9.62 9.99
CA PHE I 295 -36.52 10.77 10.86
C PHE I 295 -37.73 10.92 11.68
N ASP I 296 -37.54 11.30 12.93
CA ASP I 296 -38.70 11.43 13.82
C ASP I 296 -38.82 12.84 14.33
N SER I 297 -39.67 13.63 13.71
CA SER I 297 -39.78 15.02 14.07
C SER I 297 -40.71 15.13 15.29
N GLY I 298 -41.44 14.05 15.53
CA GLY I 298 -42.50 14.02 16.51
C GLY I 298 -43.88 14.15 15.87
N GLY I 299 -43.94 14.65 14.63
CA GLY I 299 -45.21 14.93 13.98
C GLY I 299 -45.77 16.17 14.63
N TYR I 300 -47.09 16.33 14.58
CA TYR I 300 -47.73 17.47 15.24
C TYR I 300 -47.43 17.57 16.72
N ASN I 301 -47.18 16.44 17.37
CA ASN I 301 -46.53 16.47 18.68
C ASN I 301 -45.03 16.71 18.53
N LEU I 302 -44.68 17.83 17.91
CA LEU I 302 -43.31 18.08 17.53
C LEU I 302 -42.37 17.96 18.71
N LYS I 303 -41.18 17.41 18.45
CA LYS I 303 -40.10 17.39 19.47
C LYS I 303 -39.58 18.82 19.65
N ALA I 304 -40.24 19.55 20.54
CA ALA I 304 -39.94 20.93 20.78
C ALA I 304 -39.48 21.11 22.21
N ALA I 305 -39.80 20.14 23.06
CA ALA I 305 -39.48 20.21 24.47
C ALA I 305 -37.96 20.09 24.68
N PRO I 306 -37.42 20.77 25.73
CA PRO I 306 -35.99 20.64 26.02
C PRO I 306 -35.67 19.18 26.26
N GLY I 307 -34.53 18.73 25.75
CA GLY I 307 -34.10 17.34 25.96
C GLY I 307 -34.80 16.34 25.06
N SER I 308 -35.60 16.82 24.11
CA SER I 308 -36.27 15.92 23.15
C SER I 308 -35.33 15.50 22.01
N MET I 309 -34.20 16.19 21.88
CA MET I 309 -33.11 15.76 21.01
C MET I 309 -33.51 15.52 19.53
N ILE I 310 -34.24 16.47 18.96
CA ILE I 310 -34.76 16.31 17.62
C ILE I 310 -33.62 16.09 16.63
N ASP I 311 -32.48 16.67 16.93
CA ASP I 311 -31.34 16.60 16.03
C ASP I 311 -30.69 15.22 15.95
N LEU I 312 -31.11 14.33 16.85
CA LEU I 312 -30.58 12.98 16.93
C LEU I 312 -31.49 11.99 16.18
N MET I 313 -32.67 12.47 15.77
CA MET I 313 -33.75 11.58 15.36
C MET I 313 -33.55 10.89 14.01
N LYS I 314 -32.40 11.13 13.39
CA LYS I 314 -31.99 10.30 12.25
C LYS I 314 -31.72 8.88 12.72
N PHE I 315 -31.52 8.74 14.03
CA PHE I 315 -31.18 7.45 14.64
C PHE I 315 -32.39 6.55 14.96
N ASP I 316 -33.59 7.06 14.73
CA ASP I 316 -34.80 6.31 15.04
C ASP I 316 -35.04 5.14 14.08
N MET I 317 -34.12 4.92 13.14
CA MET I 317 -34.13 3.68 12.35
C MET I 317 -33.04 2.71 12.80
N SER I 318 -32.49 2.94 13.97
CA SER I 318 -31.51 1.99 14.55
C SER I 318 -32.00 0.56 14.60
N GLY I 319 -33.26 0.36 14.94
CA GLY I 319 -33.77 -0.96 15.09
C GLY I 319 -33.67 -1.62 13.75
N CYS I 320 -34.07 -0.88 12.72
CA CYS I 320 -34.02 -1.37 11.36
C CYS I 320 -32.57 -1.62 10.95
N ALA I 321 -31.68 -0.75 11.39
CA ALA I 321 -30.27 -0.89 11.12
C ALA I 321 -29.77 -2.17 11.75
N ALA I 322 -30.14 -2.38 13.01
CA ALA I 322 -29.67 -3.57 13.71
C ALA I 322 -30.09 -4.80 12.94
N VAL I 323 -31.36 -4.83 12.55
CA VAL I 323 -31.93 -5.96 11.82
C VAL I 323 -31.18 -6.17 10.48
N LEU I 324 -30.89 -5.08 9.77
CA LEU I 324 -30.17 -5.18 8.51
C LEU I 324 -28.71 -5.65 8.71
N GLY I 325 -28.04 -5.10 9.71
CA GLY I 325 -26.70 -5.55 10.07
C GLY I 325 -26.72 -7.01 10.43
N CYS I 326 -27.79 -7.43 11.09
CA CYS I 326 -27.94 -8.82 11.43
C CYS I 326 -28.07 -9.65 10.16
N ALA I 327 -28.88 -9.16 9.22
CA ALA I 327 -29.04 -9.85 7.93
C ALA I 327 -27.70 -10.04 7.28
N TYR I 328 -26.85 -9.00 7.34
CA TYR I 328 -25.50 -9.13 6.83
C TYR I 328 -24.81 -10.33 7.48
N CYS I 329 -24.80 -10.37 8.81
CA CYS I 329 -24.09 -11.40 9.55
C CYS I 329 -24.62 -12.79 9.28
N VAL I 330 -25.95 -12.92 9.33
CA VAL I 330 -26.62 -14.17 9.04
C VAL I 330 -26.42 -14.57 7.56
N GLY I 331 -26.60 -13.63 6.64
CA GLY I 331 -26.33 -13.91 5.23
C GLY I 331 -24.88 -14.32 4.93
N THR I 332 -23.93 -13.84 5.73
CA THR I 332 -22.54 -14.16 5.56
C THR I 332 -22.19 -15.48 6.27
N LEU I 333 -22.60 -15.63 7.52
CA LEU I 333 -22.20 -16.81 8.30
C LEU I 333 -23.05 -18.03 7.97
N LYS I 334 -24.16 -17.79 7.28
CA LYS I 334 -25.03 -18.85 6.77
C LYS I 334 -25.33 -19.95 7.79
N PRO I 335 -26.08 -19.63 8.85
CA PRO I 335 -26.45 -20.65 9.84
C PRO I 335 -27.41 -21.69 9.25
N GLU I 336 -27.46 -22.86 9.88
CA GLU I 336 -28.32 -23.91 9.34
C GLU I 336 -29.63 -24.03 10.11
N ASN I 337 -30.60 -24.68 9.47
CA ASN I 337 -31.87 -25.04 10.09
C ASN I 337 -32.72 -23.85 10.54
N VAL I 338 -32.44 -22.67 10.01
CA VAL I 338 -33.21 -21.50 10.38
C VAL I 338 -33.77 -20.81 9.14
N GLU I 339 -34.94 -20.21 9.30
CA GLU I 339 -35.47 -19.32 8.33
C GLU I 339 -35.65 -18.03 9.10
N ILE I 340 -35.02 -16.96 8.61
CA ILE I 340 -35.12 -15.66 9.26
C ILE I 340 -35.70 -14.61 8.33
N HIS I 341 -36.68 -13.89 8.86
CA HIS I 341 -37.25 -12.78 8.15
C HIS I 341 -36.80 -11.51 8.83
N PHE I 342 -36.26 -10.61 8.05
CA PHE I 342 -35.79 -9.33 8.51
C PHE I 342 -36.78 -8.30 8.03
N LEU I 343 -37.45 -7.66 8.98
CA LEU I 343 -38.58 -6.78 8.71
C LEU I 343 -38.40 -5.37 9.27
N SER I 344 -38.72 -4.38 8.47
CA SER I 344 -38.88 -3.05 9.00
C SER I 344 -39.95 -2.28 8.23
N ALA I 345 -40.89 -1.75 8.99
CA ALA I 345 -41.87 -0.87 8.46
C ALA I 345 -41.20 0.49 8.48
N VAL I 346 -40.68 0.90 7.34
CA VAL I 346 -39.88 2.13 7.26
C VAL I 346 -40.75 3.29 6.82
N CYS I 347 -40.60 4.40 7.53
CA CYS I 347 -41.26 5.66 7.17
C CYS I 347 -40.60 6.82 7.90
N GLU I 348 -41.07 8.01 7.63
CA GLU I 348 -40.53 9.18 8.22
C GLU I 348 -41.70 9.95 8.87
N ASN I 349 -41.49 10.41 10.12
CA ASN I 349 -42.57 11.03 10.93
C ASN I 349 -42.46 12.56 10.91
N MET I 350 -43.22 13.18 10.01
CA MET I 350 -43.02 14.58 9.62
C MET I 350 -44.25 15.42 9.90
N VAL I 351 -44.06 16.73 9.79
CA VAL I 351 -45.13 17.70 9.99
C VAL I 351 -45.50 18.28 8.64
N SER I 352 -46.77 18.12 8.29
CA SER I 352 -47.26 18.43 6.97
C SER I 352 -48.75 18.61 7.07
N LYS I 353 -49.35 19.30 6.11
CA LYS I 353 -50.79 19.28 5.97
C LYS I 353 -51.35 17.84 5.86
N ASN I 354 -50.48 16.89 5.51
CA ASN I 354 -50.93 15.52 5.27
C ASN I 354 -50.69 14.59 6.45
N SER I 355 -50.06 15.11 7.51
CA SER I 355 -49.69 14.28 8.63
C SER I 355 -50.91 13.76 9.35
N TYR I 356 -50.73 12.68 10.08
CA TYR I 356 -51.80 12.29 10.99
C TYR I 356 -51.77 13.24 12.20
N ARG I 357 -52.92 13.43 12.84
CA ARG I 357 -52.98 14.34 13.98
C ARG I 357 -53.17 13.60 15.26
N PRO I 358 -52.76 14.21 16.37
CA PRO I 358 -53.22 13.71 17.67
C PRO I 358 -54.75 13.63 17.68
N GLY I 359 -55.28 12.50 18.13
CA GLY I 359 -56.72 12.30 18.19
C GLY I 359 -57.21 11.36 17.12
N ASP I 360 -56.50 11.30 16.00
CA ASP I 360 -56.88 10.42 14.89
C ASP I 360 -57.08 9.01 15.39
N ILE I 361 -58.08 8.34 14.84
CA ILE I 361 -58.28 6.93 15.10
C ILE I 361 -57.94 6.21 13.81
N ILE I 362 -57.00 5.29 13.92
CA ILE I 362 -56.50 4.61 12.76
C ILE I 362 -56.72 3.09 12.98
N THR I 363 -56.69 2.30 11.90
CA THR I 363 -56.95 0.86 11.99
C THR I 363 -55.75 0.03 11.57
N ALA I 364 -55.23 -0.76 12.49
CA ALA I 364 -54.05 -1.59 12.25
C ALA I 364 -54.45 -2.77 11.37
N SER I 365 -53.48 -3.46 10.80
CA SER I 365 -53.78 -4.55 9.86
C SER I 365 -54.52 -5.74 10.46
N ASN I 366 -54.59 -5.79 11.79
CA ASN I 366 -55.33 -6.83 12.43
C ASN I 366 -56.74 -6.35 12.78
N GLY I 367 -57.09 -5.18 12.28
CA GLY I 367 -58.43 -4.67 12.49
C GLY I 367 -58.67 -3.89 13.76
N LYS I 368 -57.71 -3.90 14.69
CA LYS I 368 -57.80 -3.06 15.89
C LYS I 368 -57.73 -1.57 15.54
N THR I 369 -58.69 -0.83 16.07
CA THR I 369 -58.68 0.63 15.94
C THR I 369 -57.87 1.22 17.11
N ILE I 370 -57.10 2.25 16.77
CA ILE I 370 -56.13 2.88 17.66
C ILE I 370 -56.38 4.38 17.70
N GLU I 371 -56.57 4.89 18.91
CA GLU I 371 -56.66 6.30 19.11
C GLU I 371 -55.26 6.86 19.35
N VAL I 372 -54.87 7.78 18.47
CA VAL I 372 -53.56 8.37 18.52
C VAL I 372 -53.61 9.45 19.58
N GLY I 373 -52.88 9.24 20.70
CA GLY I 373 -52.80 10.24 21.74
C GLY I 373 -51.64 11.22 21.53
N ASN I 374 -50.63 10.77 20.77
CA ASN I 374 -49.42 11.52 20.58
C ASN I 374 -48.69 11.06 19.34
N THR I 375 -48.56 11.94 18.37
CA THR I 375 -47.99 11.55 17.10
C THR I 375 -46.52 11.20 17.25
N ASP I 376 -45.92 11.53 18.38
CA ASP I 376 -44.52 11.25 18.61
C ASP I 376 -44.35 9.85 19.17
N ALA I 377 -45.44 9.19 19.53
CA ALA I 377 -45.35 7.77 19.86
C ALA I 377 -45.60 6.92 18.61
N GLU I 378 -44.89 7.23 17.53
CA GLU I 378 -45.16 6.65 16.22
C GLU I 378 -44.59 5.25 16.02
N GLY I 379 -43.47 4.96 16.69
CA GLY I 379 -42.75 3.70 16.58
C GLY I 379 -43.69 2.54 16.77
N ARG I 380 -44.36 2.51 17.91
CA ARG I 380 -45.27 1.43 18.23
C ARG I 380 -46.39 1.24 17.20
N LEU I 381 -46.77 2.33 16.52
CA LEU I 381 -47.78 2.27 15.50
C LEU I 381 -47.18 1.55 14.31
N THR I 382 -45.95 1.90 13.94
CA THR I 382 -45.34 1.18 12.82
C THR I 382 -45.07 -0.26 13.20
N LEU I 383 -44.65 -0.48 14.42
CA LEU I 383 -44.33 -1.84 14.81
C LEU I 383 -45.58 -2.72 14.89
N ALA I 384 -46.69 -2.15 15.33
CA ALA I 384 -47.94 -2.90 15.45
C ALA I 384 -48.21 -3.59 14.13
N ASP I 385 -48.23 -2.81 13.04
CA ASP I 385 -48.46 -3.37 11.71
C ASP I 385 -47.36 -4.34 11.28
N ALA I 386 -46.12 -4.05 11.65
CA ALA I 386 -45.00 -4.93 11.40
C ALA I 386 -45.14 -6.22 12.14
N LEU I 387 -45.67 -6.17 13.36
CA LEU I 387 -45.86 -7.34 14.20
C LEU I 387 -46.97 -8.27 13.69
N VAL I 388 -48.09 -7.69 13.29
CA VAL I 388 -49.16 -8.41 12.64
C VAL I 388 -48.63 -9.10 11.40
N TYR I 389 -47.86 -8.39 10.62
CA TYR I 389 -47.23 -8.94 9.44
C TYR I 389 -46.34 -10.13 9.82
N ALA I 390 -45.49 -9.95 10.81
CA ALA I 390 -44.55 -10.97 11.23
C ALA I 390 -45.32 -12.21 11.64
N GLU I 391 -46.40 -12.01 12.38
CA GLU I 391 -47.12 -13.16 12.91
C GLU I 391 -47.80 -13.93 11.79
N LYS I 392 -48.21 -13.20 10.76
CA LYS I 392 -48.82 -13.82 9.61
C LYS I 392 -47.84 -14.71 8.86
N LEU I 393 -46.53 -14.50 9.09
CA LEU I 393 -45.48 -15.32 8.47
C LEU I 393 -45.39 -16.69 9.10
N GLY I 394 -46.01 -16.86 10.27
CA GLY I 394 -46.01 -18.15 10.96
C GLY I 394 -44.62 -18.51 11.42
N VAL I 395 -44.04 -17.66 12.27
CA VAL I 395 -42.72 -17.90 12.79
C VAL I 395 -42.80 -18.43 14.21
N ASP I 396 -41.68 -18.90 14.73
CA ASP I 396 -41.65 -19.41 16.09
C ASP I 396 -41.40 -18.27 17.05
N TYR I 397 -40.61 -17.30 16.60
CA TYR I 397 -40.21 -16.15 17.39
C TYR I 397 -40.32 -14.87 16.61
N ILE I 398 -40.87 -13.86 17.26
CA ILE I 398 -40.79 -12.53 16.76
C ILE I 398 -39.94 -11.75 17.77
N VAL I 399 -38.88 -11.13 17.27
CA VAL I 399 -38.12 -10.22 18.11
C VAL I 399 -38.08 -8.89 17.40
N ASP I 400 -38.54 -7.85 18.09
CA ASP I 400 -38.47 -6.50 17.56
C ASP I 400 -37.44 -5.74 18.35
N ILE I 401 -36.83 -4.77 17.70
CA ILE I 401 -35.78 -3.98 18.27
C ILE I 401 -36.06 -2.60 17.76
N ALA I 402 -36.11 -1.66 18.70
CA ALA I 402 -36.59 -0.33 18.40
C ALA I 402 -36.03 0.70 19.38
N THR I 403 -35.75 1.89 18.85
CA THR I 403 -35.44 3.00 19.69
C THR I 403 -36.81 3.54 20.07
N LEU I 404 -37.43 2.95 21.08
CA LEU I 404 -38.84 3.12 21.21
C LEU I 404 -39.20 4.18 22.20
N THR I 405 -38.49 4.24 23.32
CA THR I 405 -38.88 5.14 24.41
C THR I 405 -37.69 5.84 25.07
N GLY I 406 -37.79 7.16 25.16
CA GLY I 406 -36.80 7.94 25.83
C GLY I 406 -36.68 7.55 27.29
N ALA I 407 -37.78 7.04 27.86
CA ALA I 407 -37.77 6.61 29.26
C ALA I 407 -36.65 5.59 29.56
N MET I 408 -36.15 4.96 28.51
CA MET I 408 -35.07 3.98 28.65
C MET I 408 -33.81 4.58 29.28
N LEU I 409 -33.56 5.83 28.97
CA LEU I 409 -32.46 6.58 29.55
C LEU I 409 -32.65 6.74 31.05
N TYR I 410 -33.90 6.72 31.50
CA TYR I 410 -34.21 6.90 32.92
C TYR I 410 -34.27 5.57 33.61
N SER I 411 -34.52 4.51 32.86
CA SER I 411 -34.58 3.20 33.47
C SER I 411 -33.22 2.51 33.42
N LEU I 412 -32.74 2.20 32.22
CA LEU I 412 -31.50 1.42 32.11
C LEU I 412 -30.30 2.24 31.71
N GLY I 413 -30.56 3.40 31.11
CA GLY I 413 -29.50 4.33 30.79
C GLY I 413 -28.95 4.04 29.40
N THR I 414 -27.67 4.32 29.22
CA THR I 414 -27.08 4.28 27.92
C THR I 414 -26.33 2.97 27.64
N SER I 415 -26.21 2.09 28.62
CA SER I 415 -25.40 0.86 28.45
C SER I 415 -26.19 -0.41 28.19
N TYR I 416 -27.35 -0.55 28.86
CA TYR I 416 -28.14 -1.77 28.76
C TYR I 416 -29.44 -1.51 28.07
N ALA I 417 -29.76 -2.29 27.06
CA ALA I 417 -31.06 -2.17 26.41
C ALA I 417 -32.05 -2.92 27.29
N GLY I 418 -33.32 -2.60 27.13
CA GLY I 418 -34.38 -3.33 27.80
C GLY I 418 -35.01 -4.38 26.90
N VAL I 419 -35.35 -5.50 27.52
CA VAL I 419 -36.09 -6.52 26.82
C VAL I 419 -37.36 -6.82 27.59
N PHE I 420 -38.45 -6.81 26.84
CA PHE I 420 -39.77 -7.15 27.31
C PHE I 420 -40.23 -8.25 26.37
N GLY I 421 -41.24 -8.99 26.78
CA GLY I 421 -41.77 -10.02 25.94
C GLY I 421 -42.90 -10.80 26.60
N ASN I 422 -43.50 -11.69 25.83
CA ASN I 422 -44.65 -12.46 26.27
C ASN I 422 -44.28 -13.89 26.53
N ASN I 423 -42.98 -14.19 26.47
CA ASN I 423 -42.50 -15.55 26.57
C ASN I 423 -41.15 -15.65 27.25
N GLU I 424 -41.11 -16.35 28.36
CA GLU I 424 -39.91 -16.45 29.16
C GLU I 424 -38.75 -17.15 28.47
N GLU I 425 -39.03 -18.26 27.78
CA GLU I 425 -37.98 -18.97 27.05
C GLU I 425 -37.32 -18.04 26.04
N LEU I 426 -38.13 -17.28 25.32
CA LEU I 426 -37.60 -16.37 24.33
C LEU I 426 -36.75 -15.28 24.96
N ILE I 427 -37.23 -14.71 26.06
CA ILE I 427 -36.52 -13.65 26.79
C ILE I 427 -35.18 -14.19 27.21
N ASN I 428 -35.16 -15.38 27.80
CA ASN I 428 -33.92 -16.01 28.24
C ASN I 428 -32.95 -16.19 27.10
N LYS I 429 -33.47 -16.55 25.93
CA LYS I 429 -32.66 -16.70 24.75
C LYS I 429 -32.02 -15.35 24.41
N ILE I 430 -32.80 -14.28 24.50
CA ILE I 430 -32.25 -12.95 24.24
C ILE I 430 -31.17 -12.64 25.26
N LEU I 431 -31.42 -13.01 26.51
CA LEU I 431 -30.47 -12.71 27.57
C LEU I 431 -29.21 -13.54 27.37
N GLN I 432 -29.37 -14.78 26.94
CA GLN I 432 -28.20 -15.61 26.63
C GLN I 432 -27.43 -15.05 25.43
N SER I 433 -28.18 -14.50 24.46
CA SER I 433 -27.55 -13.85 23.32
C SER I 433 -26.85 -12.57 23.73
N SER I 434 -27.44 -11.89 24.73
CA SER I 434 -26.81 -10.71 25.32
C SER I 434 -25.44 -11.08 25.91
N LYS I 435 -25.41 -12.15 26.69
CA LYS I 435 -24.19 -12.56 27.34
C LYS I 435 -23.11 -12.90 26.30
N THR I 436 -23.48 -13.63 25.24
CA THR I 436 -22.47 -14.11 24.29
C THR I 436 -22.05 -13.04 23.29
N SER I 437 -22.95 -12.10 23.00
CA SER I 437 -22.63 -11.00 22.07
C SER I 437 -21.96 -9.84 22.80
N ASN I 438 -22.12 -9.83 24.11
CA ASN I 438 -21.63 -8.74 24.94
C ASN I 438 -22.29 -7.41 24.63
N GLU I 439 -23.53 -7.48 24.15
CA GLU I 439 -24.37 -6.32 24.04
C GLU I 439 -25.37 -6.44 25.17
N PRO I 440 -25.15 -5.67 26.25
CA PRO I 440 -25.92 -5.83 27.49
C PRO I 440 -27.40 -5.51 27.33
N VAL I 441 -28.21 -6.44 27.82
CA VAL I 441 -29.63 -6.32 27.80
C VAL I 441 -30.16 -6.73 29.17
N TRP I 442 -31.19 -6.03 29.65
CA TRP I 442 -31.83 -6.36 30.90
C TRP I 442 -33.31 -6.62 30.68
N TRP I 443 -33.80 -7.64 31.39
CA TRP I 443 -35.20 -7.99 31.29
C TRP I 443 -36.08 -7.05 32.12
N LEU I 444 -37.04 -6.43 31.45
CA LEU I 444 -37.96 -5.54 32.10
C LEU I 444 -39.36 -6.08 31.97
N PRO I 445 -40.22 -5.79 32.95
CA PRO I 445 -41.55 -6.45 33.00
C PRO I 445 -42.59 -5.79 32.10
N ILE I 446 -43.48 -6.58 31.53
CA ILE I 446 -44.67 -6.00 30.95
C ILE I 446 -45.71 -6.10 32.05
N ILE I 447 -45.96 -4.98 32.69
CA ILE I 447 -46.87 -4.98 33.83
C ILE I 447 -48.33 -4.88 33.38
N ASN I 448 -49.09 -5.95 33.59
CA ASN I 448 -50.44 -5.96 33.02
C ASN I 448 -51.35 -4.94 33.67
N GLU I 449 -51.06 -4.59 34.92
CA GLU I 449 -51.88 -3.66 35.65
C GLU I 449 -52.06 -2.39 34.83
N TYR I 450 -51.06 -2.04 34.02
CA TYR I 450 -51.11 -0.77 33.30
C TYR I 450 -51.94 -0.86 32.03
N ARG I 451 -52.27 -2.08 31.63
CA ARG I 451 -53.01 -2.32 30.40
C ARG I 451 -54.26 -1.45 30.33
N ALA I 452 -54.93 -1.28 31.46
CA ALA I 452 -56.22 -0.56 31.50
C ALA I 452 -56.10 0.91 31.03
N THR I 453 -54.92 1.49 31.20
CA THR I 453 -54.74 2.88 30.77
C THR I 453 -54.65 2.99 29.26
N LEU I 454 -54.65 1.87 28.55
CA LEU I 454 -54.73 1.91 27.09
C LEU I 454 -56.16 1.72 26.57
N ASN I 455 -57.11 1.65 27.50
CA ASN I 455 -58.53 1.55 27.15
C ASN I 455 -59.05 2.87 26.62
N SER I 456 -59.19 2.95 25.31
CA SER I 456 -59.67 4.15 24.66
C SER I 456 -61.18 4.21 24.82
N LYS I 457 -61.73 5.41 24.85
CA LYS I 457 -63.15 5.58 25.00
C LYS I 457 -63.84 5.30 23.69
N TYR I 458 -63.13 5.59 22.61
CA TYR I 458 -63.73 5.48 21.29
C TYR I 458 -63.12 4.37 20.46
N ALA I 459 -61.80 4.22 20.50
CA ALA I 459 -61.14 3.21 19.66
C ALA I 459 -61.02 1.93 20.46
N ASP I 460 -60.50 0.88 19.82
CA ASP I 460 -60.26 -0.40 20.51
C ASP I 460 -59.19 -0.23 21.57
N ILE I 461 -58.24 0.65 21.27
CA ILE I 461 -57.08 0.81 22.15
C ILE I 461 -56.48 2.18 21.94
N ASN I 462 -55.91 2.68 23.01
CA ASN I 462 -55.09 3.88 22.99
C ASN I 462 -53.66 3.51 22.63
N GLN I 463 -53.01 4.43 21.92
CA GLN I 463 -51.61 4.30 21.55
C GLN I 463 -50.77 4.58 22.79
N ILE I 464 -51.14 5.61 23.54
CA ILE I 464 -50.37 5.97 24.74
C ILE I 464 -51.25 5.98 25.96
N SER I 465 -50.63 5.80 27.12
CA SER I 465 -51.27 5.98 28.41
C SER I 465 -51.49 7.45 28.66
N SER I 466 -52.56 7.77 29.37
CA SER I 466 -52.76 9.17 29.82
C SER I 466 -52.07 9.36 31.17
N SER I 467 -52.27 8.38 32.07
CA SER I 467 -51.69 8.39 33.42
C SER I 467 -50.26 7.84 33.52
N VAL I 468 -50.05 6.58 33.09
CA VAL I 468 -48.79 5.89 33.38
C VAL I 468 -47.55 6.48 32.70
N LYS I 469 -46.57 6.90 33.50
CA LYS I 469 -45.30 7.43 33.02
C LYS I 469 -44.25 6.34 32.71
N ALA I 470 -44.60 5.08 32.95
CA ALA I 470 -43.71 3.96 32.65
C ALA I 470 -43.89 3.60 31.16
N SER I 471 -43.43 4.51 30.32
CA SER I 471 -43.80 4.45 28.91
C SER I 471 -43.18 3.30 28.15
N SER I 472 -42.03 2.79 28.59
CA SER I 472 -41.41 1.63 27.96
C SER I 472 -42.28 0.40 28.18
N ILE I 473 -42.85 0.31 29.36
CA ILE I 473 -43.73 -0.79 29.70
C ILE I 473 -45.02 -0.60 28.94
N VAL I 474 -45.54 0.62 28.92
CA VAL I 474 -46.82 0.89 28.29
C VAL I 474 -46.71 0.62 26.80
N ALA I 475 -45.60 1.04 26.22
CA ALA I 475 -45.35 0.77 24.80
C ALA I 475 -45.33 -0.74 24.53
N SER I 476 -44.71 -1.48 25.44
CA SER I 476 -44.65 -2.92 25.36
C SER I 476 -46.03 -3.53 25.44
N LEU I 477 -46.85 -3.05 26.38
CA LEU I 477 -48.26 -3.49 26.53
C LEU I 477 -48.97 -3.28 25.22
N PHE I 478 -48.75 -2.12 24.64
CA PHE I 478 -49.36 -1.75 23.39
C PHE I 478 -48.95 -2.74 22.31
N LEU I 479 -47.65 -3.02 22.20
CA LEU I 479 -47.18 -3.91 21.15
C LEU I 479 -47.73 -5.33 21.33
N LYS I 480 -47.75 -5.78 22.58
CA LYS I 480 -48.24 -7.12 22.93
C LYS I 480 -49.60 -7.40 22.33
N GLU I 481 -50.41 -6.35 22.21
CA GLU I 481 -51.74 -6.48 21.68
C GLU I 481 -51.74 -6.86 20.21
N PHE I 482 -50.56 -6.80 19.57
CA PHE I 482 -50.44 -7.10 18.13
C PHE I 482 -49.74 -8.42 17.80
N VAL I 483 -49.44 -9.17 18.86
CA VAL I 483 -48.98 -10.52 18.72
C VAL I 483 -49.99 -11.38 19.45
N GLN I 484 -50.74 -12.14 18.67
CA GLN I 484 -51.81 -12.99 19.20
C GLN I 484 -51.32 -14.28 19.87
N ASN I 485 -50.41 -14.99 19.20
CA ASN I 485 -50.13 -16.36 19.59
C ASN I 485 -48.71 -16.81 19.28
N THR I 486 -47.76 -15.89 19.32
CA THR I 486 -46.38 -16.23 19.05
C THR I 486 -45.48 -15.72 20.18
N ALA I 487 -44.46 -16.49 20.51
CA ALA I 487 -43.43 -16.01 21.41
C ALA I 487 -42.87 -14.76 20.81
N TRP I 488 -42.85 -13.69 21.58
CA TRP I 488 -42.41 -12.39 21.09
C TRP I 488 -41.61 -11.64 22.15
N ALA I 489 -40.57 -10.95 21.73
CA ALA I 489 -39.77 -10.14 22.63
C ALA I 489 -39.47 -8.84 21.94
N HIS I 490 -39.29 -7.81 22.74
CA HIS I 490 -39.15 -6.44 22.28
C HIS I 490 -37.95 -5.82 22.97
N ILE I 491 -37.02 -5.36 22.15
CA ILE I 491 -35.78 -4.82 22.71
C ILE I 491 -35.79 -3.36 22.44
N ASP I 492 -35.90 -2.57 23.50
CA ASP I 492 -35.92 -1.12 23.43
C ASP I 492 -34.51 -0.59 23.57
N ILE I 493 -33.97 -0.15 22.44
CA ILE I 493 -32.58 0.29 22.37
C ILE I 493 -32.47 1.82 22.29
N ALA I 494 -33.53 2.49 22.73
CA ALA I 494 -33.61 3.93 22.67
C ALA I 494 -32.49 4.59 23.43
N GLY I 495 -32.16 4.04 24.60
CA GLY I 495 -31.14 4.64 25.47
C GLY I 495 -29.73 4.26 25.06
N VAL I 496 -29.61 3.21 24.27
CA VAL I 496 -28.36 2.49 24.15
C VAL I 496 -27.77 2.67 22.75
N SER I 497 -28.64 3.03 21.82
CA SER I 497 -28.31 2.98 20.41
C SER I 497 -27.24 3.99 20.02
N TRP I 498 -27.36 5.20 20.51
CA TRP I 498 -26.41 6.27 20.19
C TRP I 498 -25.36 6.43 21.28
N ASN I 499 -24.10 6.54 20.87
CA ASN I 499 -23.00 6.77 21.80
C ASN I 499 -22.82 8.26 21.91
N PHE I 500 -23.42 8.84 22.95
CA PHE I 500 -23.45 10.28 23.10
C PHE I 500 -22.08 10.85 23.32
N LYS I 501 -21.24 10.16 24.08
CA LYS I 501 -19.88 10.64 24.30
C LYS I 501 -19.08 10.64 23.00
N ALA I 502 -19.12 9.55 22.24
CA ALA I 502 -18.34 9.50 21.00
C ALA I 502 -19.03 10.19 19.85
N ARG I 503 -20.27 10.65 20.05
CA ARG I 503 -21.06 11.30 19.02
C ARG I 503 -21.21 10.43 17.79
N LYS I 504 -21.53 9.15 17.99
CA LYS I 504 -21.74 8.22 16.90
C LYS I 504 -22.68 7.07 17.29
N PRO I 505 -23.25 6.34 16.29
CA PRO I 505 -24.05 5.17 16.62
C PRO I 505 -23.19 4.05 17.18
N LYS I 506 -23.82 3.09 17.84
CA LYS I 506 -23.13 1.92 18.35
C LYS I 506 -23.36 0.75 17.42
N GLY I 507 -24.40 0.85 16.60
CA GLY I 507 -24.84 -0.27 15.80
C GLY I 507 -25.34 -1.36 16.72
N PHE I 508 -25.93 -0.94 17.82
CA PHE I 508 -26.31 -1.86 18.89
C PHE I 508 -27.39 -2.86 18.43
N GLY I 509 -27.20 -4.12 18.78
CA GLY I 509 -28.22 -5.09 18.50
C GLY I 509 -27.86 -6.04 17.38
N VAL I 510 -26.93 -5.65 16.49
CA VAL I 510 -26.54 -6.51 15.39
C VAL I 510 -25.97 -7.82 15.90
N ARG I 511 -24.99 -7.74 16.79
CA ARG I 511 -24.37 -8.95 17.35
C ARG I 511 -25.35 -9.76 18.17
N LEU I 512 -26.09 -9.09 19.06
CA LEU I 512 -27.14 -9.69 19.87
C LEU I 512 -28.10 -10.50 19.03
N LEU I 513 -28.69 -9.88 18.01
CA LEU I 513 -29.60 -10.60 17.14
C LEU I 513 -28.93 -11.76 16.40
N THR I 514 -27.70 -11.56 15.93
CA THR I 514 -27.00 -12.62 15.26
C THR I 514 -26.68 -13.78 16.21
N GLU I 515 -26.21 -13.47 17.41
CA GLU I 515 -25.98 -14.51 18.39
C GLU I 515 -27.28 -15.27 18.64
N PHE I 516 -28.37 -14.53 18.76
CA PHE I 516 -29.66 -15.11 19.02
C PHE I 516 -30.04 -16.09 17.92
N VAL I 517 -29.91 -15.66 16.69
CA VAL I 517 -30.14 -16.48 15.51
C VAL I 517 -29.21 -17.70 15.49
N LEU I 518 -27.92 -17.47 15.73
CA LEU I 518 -26.91 -18.51 15.60
C LEU I 518 -26.96 -19.57 16.70
N ASN I 519 -27.37 -19.20 17.90
CA ASN I 519 -27.30 -20.16 19.00
C ASN I 519 -28.56 -20.98 19.22
N ASP I 520 -29.54 -20.84 18.34
CA ASP I 520 -30.75 -21.68 18.41
C ASP I 520 -30.51 -23.12 17.96
N SER J 3 -39.28 12.66 73.85
CA SER J 3 -38.59 13.85 73.26
C SER J 3 -39.54 14.97 72.86
N GLU J 4 -39.07 16.20 72.99
CA GLU J 4 -39.93 17.40 72.97
C GLU J 4 -40.08 18.00 71.58
N VAL J 5 -41.19 17.67 70.94
CA VAL J 5 -41.50 18.17 69.61
C VAL J 5 -41.62 19.70 69.66
N PRO J 6 -40.71 20.43 68.96
CA PRO J 6 -40.85 21.90 68.86
C PRO J 6 -42.09 22.36 68.09
N GLN J 7 -42.56 23.55 68.47
CA GLN J 7 -43.77 24.14 67.90
C GLN J 7 -43.46 25.53 67.36
N VAL J 8 -44.14 25.97 66.30
CA VAL J 8 -43.99 27.36 65.91
C VAL J 8 -45.03 28.21 66.66
N VAL J 9 -46.30 27.87 66.44
CA VAL J 9 -47.42 28.34 67.24
C VAL J 9 -47.99 27.18 68.11
N SER J 10 -48.83 27.54 69.10
CA SER J 10 -49.33 26.55 70.07
C SER J 10 -50.32 25.59 69.43
N LEU J 11 -50.92 26.03 68.33
CA LEU J 11 -51.79 25.17 67.53
C LEU J 11 -51.00 24.14 66.71
N ASP J 12 -49.68 24.10 66.84
CA ASP J 12 -48.86 23.13 66.11
C ASP J 12 -48.92 21.76 66.77
N PRO J 13 -49.27 20.72 66.01
CA PRO J 13 -49.43 19.42 66.65
C PRO J 13 -48.09 18.86 67.17
N THR J 14 -48.16 18.13 68.29
CA THR J 14 -46.97 17.62 68.97
C THR J 14 -46.76 16.13 68.65
N SER J 15 -47.85 15.40 68.45
CA SER J 15 -47.73 14.00 68.12
C SER J 15 -48.54 13.62 66.86
N ILE J 16 -48.11 12.55 66.21
CA ILE J 16 -48.91 11.92 65.16
C ILE J 16 -50.03 11.17 65.87
N PRO J 17 -51.26 11.32 65.40
CA PRO J 17 -52.28 10.41 65.95
C PRO J 17 -52.29 9.09 65.20
N ILE J 18 -52.48 8.01 65.95
CA ILE J 18 -52.39 6.68 65.45
C ILE J 18 -53.55 5.92 65.97
N GLU J 19 -54.37 5.37 65.07
CA GLU J 19 -55.43 4.42 65.47
C GLU J 19 -54.81 3.01 65.48
N TYR J 20 -54.57 2.46 66.69
CA TYR J 20 -54.10 1.08 66.86
C TYR J 20 -55.22 0.04 66.74
N ASN J 21 -56.13 0.00 67.71
CA ASN J 21 -57.37 -0.77 67.58
C ASN J 21 -58.16 -0.11 66.50
N THR J 22 -58.48 -0.86 65.46
CA THR J 22 -59.29 -0.39 64.38
C THR J 22 -60.51 -1.27 64.37
N PRO J 23 -61.56 -0.86 63.66
CA PRO J 23 -62.68 -1.77 63.47
C PRO J 23 -62.24 -3.14 62.90
N ILE J 24 -61.34 -3.15 61.91
CA ILE J 24 -60.85 -4.42 61.32
C ILE J 24 -60.61 -5.51 62.36
N HIS J 25 -59.84 -5.14 63.37
CA HIS J 25 -59.54 -6.02 64.51
C HIS J 25 -60.73 -6.64 65.18
N ASP J 26 -61.86 -5.95 65.22
CA ASP J 26 -63.10 -6.47 65.82
C ASP J 26 -63.92 -7.37 64.92
N ILE J 27 -63.53 -7.48 63.64
CA ILE J 27 -64.22 -8.42 62.74
C ILE J 27 -63.79 -9.84 63.09
N LYS J 28 -64.78 -10.71 63.33
CA LYS J 28 -64.53 -12.14 63.48
C LYS J 28 -64.56 -12.72 62.09
N VAL J 29 -63.56 -13.54 61.76
CA VAL J 29 -63.50 -14.16 60.47
C VAL J 29 -63.80 -15.63 60.63
N GLN J 30 -64.64 -16.17 59.75
CA GLN J 30 -64.84 -17.61 59.71
C GLN J 30 -64.59 -18.12 58.30
N VAL J 31 -63.85 -19.21 58.19
CA VAL J 31 -63.62 -19.80 56.88
C VAL J 31 -64.32 -21.17 56.78
N TYR J 32 -65.28 -21.25 55.89
CA TYR J 32 -66.07 -22.46 55.68
C TYR J 32 -65.69 -23.12 54.37
N ASP J 33 -65.88 -24.42 54.24
CA ASP J 33 -65.56 -25.07 52.97
C ASP J 33 -66.73 -24.90 52.03
N ILE J 34 -66.38 -24.57 50.78
CA ILE J 34 -67.35 -24.32 49.73
C ILE J 34 -68.00 -25.63 49.25
N LYS J 35 -67.40 -26.76 49.65
CA LYS J 35 -67.94 -28.06 49.31
C LYS J 35 -69.14 -28.40 50.17
N GLY J 36 -69.27 -27.71 51.30
CA GLY J 36 -70.47 -27.84 52.14
C GLY J 36 -71.68 -27.06 51.63
N GLY J 37 -71.45 -26.16 50.69
CA GLY J 37 -72.51 -25.24 50.24
C GLY J 37 -72.67 -24.07 51.19
N CYS J 38 -73.45 -23.08 50.78
CA CYS J 38 -73.38 -21.77 51.39
C CYS J 38 -74.59 -21.30 52.18
N ASN J 39 -74.34 -21.06 53.46
CA ASN J 39 -75.31 -20.46 54.36
C ASN J 39 -75.42 -18.99 53.99
N VAL J 40 -76.62 -18.52 53.63
CA VAL J 40 -76.92 -17.10 53.47
C VAL J 40 -78.19 -16.69 54.24
N GLU J 41 -78.00 -16.30 55.49
CA GLU J 41 -79.12 -16.00 56.35
C GLU J 41 -78.95 -14.61 56.93
N GLU J 42 -77.80 -14.00 56.71
CA GLU J 42 -77.60 -12.60 57.14
C GLU J 42 -76.55 -11.78 56.34
N GLY J 43 -76.65 -10.46 56.47
CA GLY J 43 -75.63 -9.54 55.95
C GLY J 43 -75.54 -9.58 54.43
N LEU J 44 -74.35 -9.26 53.95
CA LEU J 44 -74.07 -9.27 52.52
C LEU J 44 -73.26 -10.51 52.23
N THR J 45 -73.79 -11.30 51.29
CA THR J 45 -73.07 -12.43 50.73
C THR J 45 -72.76 -12.07 49.30
N ILE J 46 -71.49 -12.20 48.95
CA ILE J 46 -71.02 -11.83 47.64
C ILE J 46 -70.25 -12.97 47.03
N PHE J 47 -70.65 -13.33 45.81
CA PHE J 47 -69.99 -14.43 45.10
C PHE J 47 -68.90 -13.88 44.22
N LEU J 48 -67.68 -14.39 44.41
CA LEU J 48 -66.61 -14.09 43.47
C LEU J 48 -66.65 -15.09 42.30
N VAL J 49 -66.90 -14.63 41.08
CA VAL J 49 -67.04 -15.61 40.00
C VAL J 49 -66.37 -15.18 38.74
N ASN J 50 -65.84 -16.13 38.03
CA ASN J 50 -65.17 -15.75 36.83
C ASN J 50 -65.84 -16.55 35.74
N ASN J 51 -65.55 -16.26 34.49
CA ASN J 51 -66.03 -17.10 33.43
C ASN J 51 -64.90 -17.34 32.45
N PRO J 52 -63.97 -18.26 32.80
CA PRO J 52 -62.81 -18.47 31.93
C PRO J 52 -63.24 -18.82 30.51
N GLY J 53 -62.52 -18.31 29.53
CA GLY J 53 -62.89 -18.55 28.13
C GLY J 53 -63.72 -17.41 27.58
N LYS J 54 -64.99 -17.33 28.01
CA LYS J 54 -65.89 -16.23 27.63
C LYS J 54 -65.45 -14.86 28.23
N GLU J 55 -64.80 -14.04 27.41
CA GLU J 55 -64.37 -12.70 27.81
C GLU J 55 -65.63 -11.88 28.10
N ASN J 56 -65.72 -11.37 29.34
CA ASN J 56 -66.92 -10.66 29.86
C ASN J 56 -68.19 -11.48 29.78
N GLY J 57 -68.04 -12.78 29.98
CA GLY J 57 -69.17 -13.70 29.87
C GLY J 57 -70.12 -13.61 31.06
N PRO J 58 -71.16 -14.45 31.04
CA PRO J 58 -72.19 -14.42 32.06
C PRO J 58 -71.71 -14.96 33.41
N VAL J 59 -72.38 -14.46 34.46
CA VAL J 59 -72.29 -14.98 35.83
C VAL J 59 -73.11 -16.25 35.95
N LYS J 60 -72.44 -17.31 36.42
CA LYS J 60 -73.07 -18.54 36.85
C LYS J 60 -72.53 -18.80 38.25
N ILE J 61 -73.43 -18.86 39.22
CA ILE J 61 -73.03 -19.21 40.57
C ILE J 61 -73.16 -20.72 40.72
N SER J 62 -72.05 -21.38 41.01
CA SER J 62 -72.07 -22.84 41.22
C SER J 62 -72.79 -23.28 42.50
N SER J 63 -72.50 -22.62 43.63
CA SER J 63 -72.80 -23.13 45.00
C SER J 63 -74.23 -23.43 45.34
N LYS J 64 -74.43 -24.56 45.99
CA LYS J 64 -75.74 -24.79 46.58
C LYS J 64 -75.83 -23.81 47.73
N VAL J 65 -76.99 -23.23 47.93
CA VAL J 65 -77.16 -22.31 49.04
C VAL J 65 -78.41 -22.59 49.83
N ASN J 66 -78.20 -22.72 51.15
CA ASN J 66 -79.22 -23.02 52.18
C ASN J 66 -80.54 -22.26 52.14
N ASP J 67 -80.64 -21.21 51.34
CA ASP J 67 -81.88 -20.45 51.25
C ASP J 67 -82.63 -20.62 49.93
N LYS J 68 -83.91 -20.96 50.02
CA LYS J 68 -84.78 -21.11 48.83
C LYS J 68 -84.88 -19.79 48.06
N GLN J 69 -85.08 -18.70 48.78
CA GLN J 69 -85.27 -17.41 48.14
C GLN J 69 -84.06 -17.06 47.32
N VAL J 70 -82.88 -17.24 47.92
CA VAL J 70 -81.61 -16.90 47.29
C VAL J 70 -81.25 -17.89 46.20
N SER J 71 -81.52 -19.17 46.44
CA SER J 71 -81.36 -20.21 45.42
C SER J 71 -81.99 -19.74 44.12
N GLU J 72 -83.19 -19.18 44.24
CA GLU J 72 -83.96 -18.72 43.11
C GLU J 72 -83.30 -17.49 42.50
N PHE J 73 -83.03 -16.48 43.31
CA PHE J 73 -82.38 -15.29 42.82
C PHE J 73 -81.06 -15.59 42.07
N LEU J 74 -80.30 -16.60 42.54
CA LEU J 74 -78.99 -16.92 41.95
C LEU J 74 -79.06 -17.84 40.73
N LYS J 75 -80.26 -18.27 40.34
CA LYS J 75 -80.43 -19.23 39.25
C LYS J 75 -79.85 -18.71 37.95
N ASP J 76 -79.31 -19.61 37.14
CA ASP J 76 -78.64 -19.12 35.95
C ASP J 76 -79.44 -18.10 35.11
N GLU J 77 -80.76 -18.26 35.00
CA GLU J 77 -81.53 -17.28 34.18
C GLU J 77 -81.40 -15.87 34.72
N ASN J 78 -81.22 -15.73 36.03
CA ASN J 78 -81.09 -14.42 36.65
C ASN J 78 -79.69 -13.85 36.54
N MET J 79 -78.71 -14.68 36.85
CA MET J 79 -77.37 -14.18 37.00
C MET J 79 -76.80 -13.89 35.64
N GLU J 80 -77.27 -14.62 34.62
CA GLU J 80 -76.75 -14.45 33.27
C GLU J 80 -76.97 -13.04 32.66
N LYS J 81 -77.85 -12.27 33.28
CA LYS J 81 -78.05 -10.88 32.88
C LYS J 81 -76.88 -9.96 33.26
N PHE J 82 -75.98 -10.47 34.11
CA PHE J 82 -74.78 -9.78 34.54
C PHE J 82 -73.55 -10.46 33.98
N ASN J 83 -72.44 -9.73 33.89
CA ASN J 83 -71.22 -10.25 33.28
C ASN J 83 -69.98 -10.18 34.20
N VAL J 84 -69.06 -11.12 34.03
CA VAL J 84 -67.95 -11.28 35.00
C VAL J 84 -66.80 -10.29 34.81
N LYS J 85 -67.06 -9.24 34.03
CA LYS J 85 -66.00 -8.30 33.71
C LYS J 85 -65.32 -7.87 35.00
N LEU J 86 -64.02 -8.12 35.06
CA LEU J 86 -63.21 -7.81 36.20
C LEU J 86 -63.70 -6.57 36.97
N GLY J 87 -64.06 -6.77 38.24
CA GLY J 87 -64.25 -5.65 39.13
C GLY J 87 -65.69 -5.25 39.16
N THR J 88 -66.42 -5.64 38.14
CA THR J 88 -67.87 -5.35 38.04
C THR J 88 -68.70 -6.05 39.11
N SER J 89 -69.75 -5.41 39.58
CA SER J 89 -70.62 -6.04 40.57
C SER J 89 -72.03 -5.55 40.51
N LYS J 90 -72.93 -6.48 40.85
CA LYS J 90 -74.31 -6.17 41.22
C LYS J 90 -74.56 -6.77 42.60
N HIS J 91 -75.49 -6.17 43.33
CA HIS J 91 -75.99 -6.74 44.57
C HIS J 91 -77.41 -6.27 44.90
N PHE J 92 -78.24 -7.21 45.33
CA PHE J 92 -79.61 -6.91 45.69
C PHE J 92 -79.95 -7.21 47.15
N TYR J 93 -80.83 -6.39 47.73
CA TYR J 93 -81.51 -6.78 48.96
C TYR J 93 -82.77 -7.54 48.64
N MET J 94 -83.00 -8.56 49.45
CA MET J 94 -84.13 -9.45 49.31
C MET J 94 -84.39 -10.01 50.69
N PHE J 95 -85.57 -10.57 50.90
CA PHE J 95 -85.80 -11.30 52.09
C PHE J 95 -85.32 -12.74 51.90
N ASN J 96 -84.90 -13.41 52.99
CA ASN J 96 -84.56 -14.82 52.88
C ASN J 96 -85.71 -15.75 53.29
N ASP J 97 -85.40 -16.97 53.72
CA ASP J 97 -86.46 -17.93 53.98
C ASP J 97 -87.10 -17.71 55.33
N ASN J 98 -86.36 -17.05 56.16
CA ASN J 98 -86.78 -16.67 57.45
C ASN J 98 -87.33 -15.26 57.51
N LYS J 99 -87.49 -14.68 56.33
CA LYS J 99 -87.89 -13.32 56.14
C LYS J 99 -86.97 -12.35 56.83
N ASN J 100 -85.68 -12.53 56.62
CA ASN J 100 -84.67 -11.63 57.18
C ASN J 100 -83.88 -10.93 56.09
N SER J 101 -83.69 -9.62 56.24
CA SER J 101 -83.00 -8.86 55.23
C SER J 101 -81.60 -9.36 54.93
N VAL J 102 -81.40 -9.94 53.78
CA VAL J 102 -80.06 -10.28 53.36
C VAL J 102 -79.71 -9.48 52.13
N ALA J 103 -78.44 -9.59 51.71
CA ALA J 103 -77.99 -9.09 50.42
C ALA J 103 -77.03 -10.07 49.78
N VAL J 104 -77.16 -10.16 48.46
CA VAL J 104 -76.49 -11.16 47.68
C VAL J 104 -76.02 -10.47 46.41
N GLY J 105 -74.82 -10.85 45.97
CA GLY J 105 -74.39 -10.46 44.65
C GLY J 105 -73.12 -11.17 44.26
N TYR J 106 -72.43 -10.56 43.32
CA TYR J 106 -71.17 -11.08 42.86
C TYR J 106 -70.21 -9.93 42.62
N VAL J 107 -68.94 -10.28 42.46
CA VAL J 107 -67.96 -9.37 41.88
C VAL J 107 -67.29 -10.19 40.79
N GLY J 108 -67.32 -9.71 39.56
CA GLY J 108 -66.70 -10.46 38.45
C GLY J 108 -65.18 -10.50 38.59
N CYS J 109 -64.58 -11.63 38.27
CA CYS J 109 -63.11 -11.75 38.26
C CYS J 109 -62.60 -12.14 36.89
N GLY J 110 -63.30 -11.67 35.87
CA GLY J 110 -62.84 -11.86 34.51
C GLY J 110 -62.92 -13.24 33.92
N SER J 111 -62.02 -13.50 32.98
CA SER J 111 -61.95 -14.78 32.30
C SER J 111 -60.51 -15.28 32.36
N VAL J 112 -59.90 -15.12 33.52
CA VAL J 112 -58.53 -15.54 33.73
C VAL J 112 -58.36 -16.12 35.14
N ALA J 113 -58.35 -17.45 35.21
CA ALA J 113 -58.34 -18.18 36.48
C ALA J 113 -57.17 -17.80 37.39
N ASP J 114 -56.09 -17.34 36.77
CA ASP J 114 -54.92 -16.96 37.49
C ASP J 114 -55.08 -15.49 37.88
N LEU J 115 -55.72 -15.21 39.01
CA LEU J 115 -55.87 -13.83 39.43
C LEU J 115 -54.53 -13.30 39.92
N SER J 116 -54.12 -12.14 39.41
CA SER J 116 -52.90 -11.48 39.91
C SER J 116 -53.23 -10.57 41.10
N GLU J 117 -52.21 -10.15 41.81
CA GLU J 117 -52.40 -9.13 42.84
C GLU J 117 -53.18 -7.90 42.34
N ALA J 118 -52.83 -7.42 41.15
CA ALA J 118 -53.56 -6.36 40.50
C ALA J 118 -55.02 -6.75 40.37
N ASP J 119 -55.25 -7.89 39.76
CA ASP J 119 -56.59 -8.29 39.48
C ASP J 119 -57.36 -8.42 40.80
N MET J 120 -56.70 -8.97 41.80
CA MET J 120 -57.37 -9.20 43.05
C MET J 120 -57.71 -7.86 43.70
N LYS J 121 -56.83 -6.89 43.48
CA LYS J 121 -57.04 -5.54 43.97
C LYS J 121 -58.29 -4.91 43.35
N ARG J 122 -58.52 -5.12 42.06
CA ARG J 122 -59.70 -4.57 41.45
C ARG J 122 -60.90 -5.16 42.16
N VAL J 123 -60.75 -6.43 42.55
CA VAL J 123 -61.84 -7.18 43.15
C VAL J 123 -62.14 -6.69 44.56
N VAL J 124 -61.09 -6.61 45.36
CA VAL J 124 -61.26 -6.10 46.69
C VAL J 124 -61.97 -4.77 46.57
N LEU J 125 -61.48 -3.93 45.66
CA LEU J 125 -61.97 -2.58 45.53
C LEU J 125 -63.45 -2.58 45.25
N SER J 126 -63.85 -3.45 44.36
CA SER J 126 -65.26 -3.53 44.05
C SER J 126 -66.00 -3.86 45.33
N LEU J 127 -65.48 -4.82 46.07
CA LEU J 127 -66.14 -5.27 47.27
C LEU J 127 -66.22 -4.15 48.30
N VAL J 128 -65.16 -3.38 48.33
CA VAL J 128 -65.00 -2.38 49.33
C VAL J 128 -65.95 -1.23 49.04
N THR J 129 -66.21 -0.99 47.77
CA THR J 129 -67.28 -0.07 47.46
C THR J 129 -68.59 -0.56 48.08
N MET J 130 -68.94 -1.82 47.82
CA MET J 130 -70.18 -2.34 48.35
C MET J 130 -70.22 -2.17 49.86
N LEU J 131 -69.14 -2.59 50.50
CA LEU J 131 -68.99 -2.43 51.94
C LEU J 131 -69.26 -1.01 52.46
N HIS J 132 -68.62 -0.01 51.88
CA HIS J 132 -68.78 1.36 52.30
C HIS J 132 -70.17 1.93 52.10
N ASP J 133 -71.08 1.15 51.57
CA ASP J 133 -72.45 1.52 51.53
C ASP J 133 -73.37 0.44 52.08
N ASN J 134 -72.83 -0.50 52.84
CA ASN J 134 -73.56 -1.59 53.49
C ASN J 134 -73.70 -1.09 54.86
N LYS J 135 -74.89 -1.16 55.41
CA LYS J 135 -75.00 -0.67 56.72
C LYS J 135 -75.04 -1.86 57.61
N LEU J 136 -74.90 -3.05 57.04
CA LEU J 136 -74.99 -4.24 57.89
C LEU J 136 -73.69 -4.74 58.54
N SER J 137 -73.73 -5.99 58.98
CA SER J 137 -72.85 -6.44 60.04
C SER J 137 -72.02 -7.66 59.68
N LYS J 138 -72.41 -8.35 58.62
CA LYS J 138 -71.65 -9.47 58.16
C LYS J 138 -71.45 -9.36 56.66
N LEU J 139 -70.20 -9.58 56.27
CA LEU J 139 -69.85 -9.83 54.89
C LEU J 139 -69.50 -11.28 54.78
N THR J 140 -70.07 -11.91 53.77
CA THR J 140 -69.77 -13.29 53.46
C THR J 140 -69.31 -13.32 52.02
N VAL J 141 -68.02 -13.60 51.86
CA VAL J 141 -67.41 -13.76 50.56
C VAL J 141 -67.24 -15.22 50.20
N VAL J 142 -67.82 -15.58 49.05
CA VAL J 142 -67.83 -16.92 48.47
C VAL J 142 -66.92 -17.03 47.23
N PHE J 143 -65.78 -17.71 47.40
CA PHE J 143 -64.80 -17.88 46.31
C PHE J 143 -65.19 -18.96 45.35
N GLU J 144 -65.75 -18.58 44.20
CA GLU J 144 -65.99 -19.56 43.11
C GLU J 144 -64.94 -19.44 42.02
N ILE J 145 -63.74 -19.14 42.48
CA ILE J 145 -62.60 -18.83 41.64
C ILE J 145 -61.43 -19.44 42.39
N ASN J 146 -60.30 -19.61 41.70
CA ASN J 146 -59.16 -20.30 42.28
C ASN J 146 -58.16 -19.33 42.90
N VAL J 147 -57.78 -19.53 44.15
CA VAL J 147 -56.69 -18.70 44.71
C VAL J 147 -55.82 -19.48 45.68
N ASP J 148 -54.52 -19.45 45.49
CA ASP J 148 -53.62 -20.04 46.50
C ASP J 148 -53.74 -19.36 47.87
N LYS J 149 -52.99 -19.88 48.84
CA LYS J 149 -52.93 -19.34 50.19
C LYS J 149 -52.46 -17.87 50.29
N ASN J 150 -51.36 -17.51 49.59
CA ASN J 150 -50.81 -16.15 49.63
C ASN J 150 -51.78 -15.18 49.05
N LEU J 151 -52.32 -15.53 47.89
CA LEU J 151 -53.25 -14.68 47.23
C LEU J 151 -54.45 -14.45 48.11
N PHE J 152 -54.81 -15.49 48.86
CA PHE J 152 -56.01 -15.44 49.66
C PHE J 152 -55.76 -14.51 50.83
N ARG J 153 -54.61 -14.67 51.46
CA ARG J 153 -54.24 -13.79 52.53
C ARG J 153 -54.18 -12.38 51.94
N PHE J 154 -53.55 -12.26 50.79
CA PHE J 154 -53.49 -10.99 50.12
C PHE J 154 -54.91 -10.37 50.02
N PHE J 155 -55.92 -11.25 49.85
CA PHE J 155 -57.27 -10.78 49.62
C PHE J 155 -57.63 -10.11 50.94
N LEU J 156 -57.53 -10.90 51.99
CA LEU J 156 -57.80 -10.44 53.34
C LEU J 156 -57.11 -9.15 53.73
N GLU J 157 -55.79 -9.14 53.65
CA GLU J 157 -55.03 -7.92 53.90
C GLU J 157 -55.67 -6.78 53.15
N THR J 158 -55.74 -6.91 51.82
CA THR J 158 -56.22 -5.85 50.95
C THR J 158 -57.66 -5.49 51.27
N LEU J 159 -58.50 -6.49 51.53
CA LEU J 159 -59.86 -6.23 51.98
C LEU J 159 -59.79 -5.31 53.16
N PHE J 160 -59.02 -5.71 54.18
CA PHE J 160 -59.01 -5.02 55.48
C PHE J 160 -58.49 -3.63 55.30
N TYR J 161 -57.48 -3.54 54.47
CA TYR J 161 -56.74 -2.32 54.28
C TYR J 161 -57.62 -1.29 53.64
N GLU J 162 -58.16 -1.67 52.49
CA GLU J 162 -59.08 -0.80 51.79
C GLU J 162 -60.33 -0.43 52.62
N TYR J 163 -60.99 -1.40 53.26
CA TYR J 163 -62.15 -1.14 54.11
C TYR J 163 -61.90 -0.02 55.09
N MET J 164 -60.79 -0.16 55.80
CA MET J 164 -60.39 0.79 56.79
C MET J 164 -60.31 2.18 56.17
N THR J 165 -60.99 3.13 56.79
CA THR J 165 -60.88 4.49 56.36
C THR J 165 -60.26 5.30 57.50
N ASP J 166 -59.59 6.40 57.17
CA ASP J 166 -58.66 7.05 58.10
C ASP J 166 -59.17 8.43 58.59
N GLU J 167 -60.04 8.41 59.59
CA GLU J 167 -60.68 9.64 60.00
C GLU J 167 -59.76 10.57 60.78
N ARG J 168 -58.58 10.10 61.19
CA ARG J 168 -57.66 10.86 62.07
C ARG J 168 -57.62 12.38 61.95
N PHE J 169 -57.74 12.94 60.75
CA PHE J 169 -57.74 14.39 60.64
C PHE J 169 -59.08 14.98 60.19
N LYS J 170 -60.14 14.17 60.24
CA LYS J 170 -61.49 14.73 60.08
C LYS J 170 -61.94 15.42 61.38
N SER J 171 -63.02 16.19 61.33
CA SER J 171 -63.49 16.87 62.55
C SER J 171 -64.76 16.23 63.15
N ASN J 177 -73.74 6.71 54.88
CA ASN J 177 -73.77 5.63 53.90
C ASN J 177 -73.61 4.18 54.48
N MET J 178 -72.58 3.94 55.33
CA MET J 178 -72.17 2.58 55.82
C MET J 178 -72.01 2.36 57.33
N GLU J 179 -71.53 1.15 57.68
CA GLU J 179 -71.18 0.71 59.06
C GLU J 179 -70.27 -0.54 59.03
N TYR J 180 -69.20 -0.53 59.83
CA TYR J 180 -68.23 -1.66 59.84
C TYR J 180 -68.88 -3.00 60.20
N ILE J 181 -68.67 -3.97 59.33
CA ILE J 181 -69.11 -5.31 59.57
C ILE J 181 -68.44 -5.78 60.85
N LYS J 182 -69.02 -6.75 61.53
CA LYS J 182 -68.39 -7.33 62.72
C LYS J 182 -68.07 -8.82 62.48
N HIS J 183 -68.57 -9.34 61.36
CA HIS J 183 -68.25 -10.71 60.90
C HIS J 183 -67.91 -10.73 59.42
N LEU J 184 -66.87 -11.49 59.09
CA LEU J 184 -66.50 -11.79 57.71
C LEU J 184 -66.52 -13.29 57.58
N GLY J 185 -67.44 -13.80 56.77
CA GLY J 185 -67.44 -15.21 56.42
C GLY J 185 -66.72 -15.42 55.09
N VAL J 186 -65.96 -16.50 54.98
CA VAL J 186 -65.32 -16.85 53.72
C VAL J 186 -65.59 -18.29 53.36
N TYR J 187 -66.24 -18.53 52.23
CA TYR J 187 -66.37 -19.89 51.69
C TYR J 187 -65.40 -20.13 50.55
N ILE J 188 -64.42 -20.99 50.82
CA ILE J 188 -63.35 -21.31 49.90
C ILE J 188 -63.06 -22.81 50.01
N ASN J 189 -62.79 -23.41 48.86
CA ASN J 189 -62.39 -24.80 48.77
C ASN J 189 -61.12 -24.98 49.55
N ASN J 190 -61.04 -26.05 50.35
CA ASN J 190 -59.93 -26.31 51.28
C ASN J 190 -59.94 -25.42 52.47
N ALA J 191 -61.11 -25.04 52.98
CA ALA J 191 -61.13 -24.06 54.06
C ALA J 191 -60.07 -24.32 55.14
N ASP J 192 -59.85 -25.58 55.50
CA ASP J 192 -58.88 -25.88 56.55
C ASP J 192 -57.44 -25.37 56.35
N THR J 193 -56.96 -25.43 55.11
CA THR J 193 -55.58 -24.99 54.80
C THR J 193 -55.39 -23.44 54.91
N TYR J 194 -56.50 -22.74 55.08
CA TYR J 194 -56.55 -21.29 54.98
C TYR J 194 -56.75 -20.57 56.31
N LYS J 195 -57.29 -21.27 57.29
CA LYS J 195 -57.59 -20.66 58.56
C LYS J 195 -56.40 -19.94 59.17
N GLU J 196 -55.21 -20.47 58.96
CA GLU J 196 -54.03 -19.90 59.58
C GLU J 196 -53.64 -18.55 58.94
N GLU J 197 -54.13 -18.30 57.73
CA GLU J 197 -53.85 -17.06 57.03
C GLU J 197 -54.61 -15.89 57.59
N VAL J 198 -55.76 -16.16 58.21
CA VAL J 198 -56.62 -15.10 58.73
C VAL J 198 -55.91 -14.15 59.68
N GLU J 199 -55.34 -14.67 60.77
CA GLU J 199 -54.72 -13.77 61.74
C GLU J 199 -53.43 -13.16 61.22
N LYS J 200 -52.76 -13.90 60.33
CA LYS J 200 -51.58 -13.35 59.65
C LYS J 200 -51.98 -12.14 58.80
N ALA J 201 -53.03 -12.32 58.00
CA ALA J 201 -53.58 -11.22 57.23
C ALA J 201 -53.90 -10.03 58.10
N ARG J 202 -54.50 -10.26 59.26
CA ARG J 202 -54.89 -9.18 60.13
C ARG J 202 -53.64 -8.44 60.62
N VAL J 203 -52.60 -9.20 60.95
CA VAL J 203 -51.35 -8.58 61.37
C VAL J 203 -50.75 -7.79 60.23
N TYR J 204 -50.67 -8.45 59.07
CA TYR J 204 -50.17 -7.80 57.85
C TYR J 204 -50.96 -6.55 57.51
N TYR J 205 -52.30 -6.66 57.52
CA TYR J 205 -53.15 -5.50 57.37
C TYR J 205 -52.67 -4.39 58.28
N PHE J 206 -52.53 -4.63 59.57
CA PHE J 206 -52.29 -3.51 60.44
C PHE J 206 -50.92 -2.92 60.30
N GLY J 207 -49.92 -3.77 60.07
CA GLY J 207 -48.58 -3.28 59.75
C GLY J 207 -48.62 -2.33 58.57
N THR J 208 -49.34 -2.70 57.53
CA THR J 208 -49.45 -1.91 56.31
C THR J 208 -50.23 -0.66 56.63
N TYR J 209 -51.36 -0.84 57.32
CA TYR J 209 -52.20 0.31 57.63
C TYR J 209 -51.48 1.28 58.57
N TYR J 210 -50.67 0.75 59.46
CA TYR J 210 -49.92 1.58 60.34
C TYR J 210 -48.89 2.41 59.58
N ALA J 211 -48.20 1.79 58.61
CA ALA J 211 -47.28 2.55 57.75
C ALA J 211 -48.05 3.65 57.03
N SER J 212 -49.16 3.24 56.44
CA SER J 212 -50.09 4.10 55.74
C SER J 212 -50.42 5.31 56.59
N GLN J 213 -50.82 5.05 57.83
CA GLN J 213 -51.14 6.12 58.75
C GLN J 213 -50.01 7.11 58.94
N LEU J 214 -48.79 6.59 59.05
CA LEU J 214 -47.63 7.46 59.18
C LEU J 214 -47.38 8.30 57.91
N ILE J 215 -47.44 7.63 56.75
CA ILE J 215 -47.18 8.31 55.50
C ILE J 215 -48.24 9.39 55.31
N ALA J 216 -49.51 9.03 55.50
CA ALA J 216 -50.60 9.94 55.25
C ALA J 216 -50.54 11.13 56.16
N ALA J 217 -50.02 10.93 57.38
CA ALA J 217 -49.89 12.04 58.33
C ALA J 217 -49.09 13.11 57.69
N PRO J 218 -49.65 14.34 57.63
CA PRO J 218 -48.97 15.47 56.99
C PRO J 218 -47.72 15.86 57.77
N SER J 219 -46.86 16.64 57.14
CA SER J 219 -45.53 16.83 57.67
C SER J 219 -45.53 17.68 58.90
N ASN J 220 -46.59 18.48 59.10
CA ASN J 220 -46.73 19.23 60.34
C ASN J 220 -47.05 18.33 61.52
N TYR J 221 -47.77 17.23 61.24
CA TYR J 221 -48.02 16.20 62.23
C TYR J 221 -46.86 15.24 62.35
N CYS J 222 -46.45 14.69 61.20
CA CYS J 222 -45.38 13.73 61.13
C CYS J 222 -44.07 14.44 60.80
N ASN J 223 -43.29 14.73 61.82
CA ASN J 223 -41.98 15.35 61.66
C ASN J 223 -40.96 14.43 62.31
N PRO J 224 -39.67 14.73 62.19
CA PRO J 224 -38.67 13.78 62.71
C PRO J 224 -38.83 13.49 64.20
N VAL J 225 -39.22 14.49 64.99
CA VAL J 225 -39.43 14.28 66.42
C VAL J 225 -40.69 13.44 66.73
N SER J 226 -41.81 13.78 66.11
CA SER J 226 -43.02 13.02 66.31
C SER J 226 -42.90 11.58 65.76
N LEU J 227 -42.28 11.45 64.58
CA LEU J 227 -42.12 10.16 63.96
C LEU J 227 -41.32 9.29 64.87
N SER J 228 -40.18 9.78 65.34
CA SER J 228 -39.37 8.96 66.24
C SER J 228 -40.06 8.69 67.57
N ASN J 229 -40.82 9.66 68.07
CA ASN J 229 -41.70 9.38 69.21
C ASN J 229 -42.69 8.22 68.96
N ALA J 230 -43.27 8.20 67.76
CA ALA J 230 -44.22 7.17 67.42
C ALA J 230 -43.52 5.81 67.37
N ALA J 231 -42.34 5.76 66.77
CA ALA J 231 -41.55 4.53 66.72
C ALA J 231 -41.29 4.02 68.15
N VAL J 232 -40.83 4.92 69.02
CA VAL J 232 -40.65 4.59 70.44
C VAL J 232 -41.90 3.98 71.06
N GLU J 233 -43.04 4.62 70.82
CA GLU J 233 -44.33 4.12 71.29
C GLU J 233 -44.62 2.71 70.75
N LEU J 234 -44.42 2.52 69.45
CA LEU J 234 -44.60 1.23 68.82
C LEU J 234 -43.69 0.17 69.44
N ALA J 235 -42.39 0.49 69.53
CA ALA J 235 -41.42 -0.41 70.20
C ALA J 235 -41.87 -0.83 71.60
N GLN J 236 -42.37 0.14 72.37
CA GLN J 236 -42.85 -0.11 73.75
C GLN J 236 -44.04 -1.03 73.76
N LYS J 237 -44.96 -0.80 72.84
CA LYS J 237 -46.11 -1.68 72.72
C LYS J 237 -45.72 -3.09 72.30
N LEU J 238 -44.61 -3.23 71.62
CA LEU J 238 -44.27 -4.46 70.99
C LEU J 238 -43.17 -5.07 71.74
N ASN J 239 -42.58 -4.33 72.63
CA ASN J 239 -41.59 -4.92 73.46
C ASN J 239 -40.26 -5.03 72.76
N LEU J 240 -39.96 -4.04 71.93
CA LEU J 240 -38.77 -4.07 71.14
C LEU J 240 -37.80 -3.22 71.79
N GLU J 241 -36.54 -3.58 71.68
CA GLU J 241 -35.50 -2.66 72.11
C GLU J 241 -35.55 -1.49 71.13
N TYR J 242 -35.31 -0.28 71.65
CA TYR J 242 -35.29 0.89 70.80
C TYR J 242 -34.25 1.83 71.34
N LYS J 243 -33.74 2.68 70.46
CA LYS J 243 -32.79 3.70 70.78
C LYS J 243 -33.08 4.77 69.75
N ILE J 244 -33.18 6.01 70.19
CA ILE J 244 -33.32 7.16 69.27
C ILE J 244 -32.07 8.04 69.35
N LEU J 245 -31.39 8.16 68.22
CA LEU J 245 -30.17 8.91 68.20
C LEU J 245 -30.50 10.36 67.91
N GLY J 246 -30.09 11.23 68.82
CA GLY J 246 -30.28 12.67 68.69
C GLY J 246 -29.02 13.31 68.12
N VAL J 247 -29.11 14.62 67.87
CA VAL J 247 -28.07 15.33 67.15
C VAL J 247 -26.70 15.12 67.74
N LYS J 248 -26.61 15.23 69.06
CA LYS J 248 -25.32 15.12 69.73
C LYS J 248 -24.65 13.78 69.43
N GLU J 249 -25.41 12.68 69.57
CA GLU J 249 -24.89 11.34 69.24
C GLU J 249 -24.55 11.21 67.73
N LEU J 250 -25.44 11.74 66.89
CA LEU J 250 -25.22 11.70 65.47
C LEU J 250 -23.92 12.38 65.12
N GLU J 251 -23.68 13.52 65.76
CA GLU J 251 -22.42 14.24 65.56
C GLU J 251 -21.23 13.38 66.01
N GLU J 252 -21.34 12.75 67.17
CA GLU J 252 -20.26 11.89 67.70
C GLU J 252 -20.02 10.76 66.71
N LEU J 253 -21.10 10.28 66.11
CA LEU J 253 -20.98 9.21 65.13
C LEU J 253 -20.50 9.72 63.77
N LYS J 254 -20.37 11.05 63.63
CA LYS J 254 -19.88 11.67 62.41
C LYS J 254 -20.79 11.42 61.19
N MET J 255 -22.09 11.42 61.44
CA MET J 255 -23.07 11.26 60.38
C MET J 255 -23.34 12.59 59.67
N GLY J 256 -22.30 13.10 59.00
CA GLY J 256 -22.34 14.39 58.32
C GLY J 256 -23.27 14.46 57.12
N ALA J 257 -23.39 13.36 56.37
CA ALA J 257 -24.29 13.38 55.22
C ALA J 257 -25.73 13.52 55.75
N TYR J 258 -26.07 12.69 56.71
CA TYR J 258 -27.42 12.65 57.25
C TYR J 258 -27.75 13.99 57.92
N LEU J 259 -26.82 14.46 58.76
CA LEU J 259 -26.99 15.72 59.48
C LEU J 259 -27.07 16.91 58.57
N SER J 260 -26.40 16.86 57.43
CA SER J 260 -26.42 17.99 56.50
C SER J 260 -27.82 18.23 55.98
N VAL J 261 -28.52 17.15 55.66
CA VAL J 261 -29.86 17.24 55.07
C VAL J 261 -30.81 17.93 56.03
N GLY J 262 -30.70 17.56 57.31
CA GLY J 262 -31.57 18.03 58.38
C GLY J 262 -31.28 19.45 58.82
N LYS J 263 -30.09 19.97 58.46
CA LYS J 263 -29.60 21.28 58.97
C LYS J 263 -30.62 22.38 58.84
N GLY J 264 -31.33 22.40 57.70
CA GLY J 264 -32.36 23.40 57.43
C GLY J 264 -33.64 23.28 58.23
N SER J 265 -33.84 22.16 58.93
CA SER J 265 -35.12 21.90 59.56
C SER J 265 -35.22 22.47 60.96
N MET J 266 -36.44 22.85 61.32
CA MET J 266 -36.70 23.25 62.69
C MET J 266 -36.72 22.04 63.63
N TYR J 267 -36.82 20.84 63.05
CA TYR J 267 -36.85 19.58 63.81
C TYR J 267 -35.46 18.95 63.78
N PRO J 268 -34.92 18.66 64.96
CA PRO J 268 -33.62 18.01 65.06
C PRO J 268 -33.75 16.66 64.45
N ASN J 269 -32.69 16.22 63.78
CA ASN J 269 -32.62 14.85 63.27
C ASN J 269 -32.83 13.84 64.39
N LYS J 270 -33.54 12.76 64.06
CA LYS J 270 -33.77 11.67 64.99
C LYS J 270 -33.54 10.38 64.22
N PHE J 271 -32.65 9.56 64.73
CA PHE J 271 -32.28 8.32 64.06
C PHE J 271 -32.95 7.21 64.83
N ILE J 272 -33.85 6.50 64.15
CA ILE J 272 -34.64 5.47 64.79
C ILE J 272 -33.89 4.15 64.69
N HIS J 273 -33.72 3.51 65.85
CA HIS J 273 -33.12 2.19 65.90
C HIS J 273 -33.96 1.28 66.78
N LEU J 274 -34.80 0.46 66.13
CA LEU J 274 -35.57 -0.58 66.79
C LEU J 274 -34.92 -1.91 66.58
N THR J 275 -35.00 -2.75 67.61
CA THR J 275 -34.41 -4.10 67.55
C THR J 275 -35.38 -5.17 68.00
N TYR J 276 -35.56 -6.16 67.14
CA TYR J 276 -36.24 -7.36 67.54
C TYR J 276 -35.19 -8.43 67.60
N LYS J 277 -35.08 -9.11 68.74
CA LYS J 277 -34.20 -10.26 68.85
C LYS J 277 -35.03 -11.50 69.17
N SER J 278 -34.78 -12.62 68.51
CA SER J 278 -35.53 -13.87 68.76
C SER J 278 -35.16 -14.46 70.09
N LYS J 279 -36.05 -15.28 70.62
CA LYS J 279 -35.79 -15.98 71.88
C LYS J 279 -34.66 -16.99 71.73
N GLY J 280 -34.68 -17.78 70.65
CA GLY J 280 -33.71 -18.84 70.47
C GLY J 280 -32.34 -18.40 70.01
N ASP J 281 -31.61 -19.33 69.43
CA ASP J 281 -30.32 -18.99 68.82
C ASP J 281 -30.60 -18.08 67.63
N VAL J 282 -29.78 -17.04 67.50
CA VAL J 282 -29.91 -16.12 66.38
C VAL J 282 -29.07 -16.67 65.23
N LYS J 283 -29.72 -16.95 64.11
CA LYS J 283 -29.07 -17.54 62.95
C LYS J 283 -28.91 -16.53 61.83
N LYS J 284 -29.71 -15.46 61.86
CA LYS J 284 -29.71 -14.45 60.83
C LYS J 284 -29.87 -13.07 61.46
N LYS J 285 -29.00 -12.14 61.09
CA LYS J 285 -29.14 -10.78 61.56
C LYS J 285 -29.47 -9.93 60.36
N ILE J 286 -30.55 -9.16 60.46
CA ILE J 286 -30.99 -8.31 59.35
C ILE J 286 -31.13 -6.88 59.78
N ALA J 287 -30.60 -5.96 58.97
CA ALA J 287 -30.81 -4.54 59.18
C ALA J 287 -31.77 -4.04 58.11
N LEU J 288 -32.92 -3.53 58.54
CA LEU J 288 -33.87 -2.91 57.62
C LEU J 288 -33.78 -1.42 57.74
N VAL J 289 -33.42 -0.76 56.64
CA VAL J 289 -33.21 0.69 56.62
C VAL J 289 -34.27 1.39 55.77
N GLY J 290 -35.06 2.27 56.39
CA GLY J 290 -36.03 3.03 55.66
C GLY J 290 -35.64 4.48 55.47
N LYS J 291 -35.87 5.03 54.27
CA LYS J 291 -35.74 6.46 54.06
C LYS J 291 -36.81 7.22 54.88
N GLY J 292 -36.35 8.22 55.64
CA GLY J 292 -37.21 8.88 56.60
C GLY J 292 -37.16 10.38 56.50
N ILE J 293 -37.50 10.88 55.30
CA ILE J 293 -37.59 12.33 55.04
C ILE J 293 -39.05 12.78 55.27
N THR J 294 -39.33 13.40 56.41
CA THR J 294 -40.69 13.59 56.85
C THR J 294 -41.34 14.64 56.00
N PHE J 295 -40.53 15.58 55.51
CA PHE J 295 -40.93 16.41 54.35
C PHE J 295 -39.75 16.73 53.44
N ASP J 296 -39.98 16.61 52.14
CA ASP J 296 -38.95 16.89 51.20
C ASP J 296 -39.34 18.09 50.35
N SER J 297 -38.82 19.25 50.72
CA SER J 297 -39.05 20.45 49.94
C SER J 297 -38.13 20.50 48.77
N GLY J 298 -37.04 19.76 48.84
CA GLY J 298 -36.00 19.81 47.83
C GLY J 298 -34.77 20.52 48.36
N GLY J 299 -34.96 21.30 49.42
CA GLY J 299 -33.93 22.20 49.92
C GLY J 299 -33.74 23.34 48.95
N TYR J 300 -32.53 23.89 48.88
CA TYR J 300 -32.25 24.95 47.91
C TYR J 300 -32.53 24.52 46.47
N ASN J 301 -32.41 23.24 46.17
CA ASN J 301 -32.92 22.73 44.92
C ASN J 301 -34.41 22.48 45.06
N LEU J 302 -35.14 23.51 45.44
CA LEU J 302 -36.58 23.43 45.67
C LEU J 302 -37.34 22.71 44.58
N LYS J 303 -38.29 21.88 44.99
CA LYS J 303 -39.20 21.20 44.07
C LYS J 303 -40.16 22.23 43.50
N ALA J 304 -39.72 22.92 42.46
CA ALA J 304 -40.49 23.99 41.92
C ALA J 304 -40.85 23.65 40.48
N ALA J 305 -40.16 22.65 39.92
CA ALA J 305 -40.41 22.22 38.56
C ALA J 305 -41.80 21.60 38.44
N PRO J 306 -42.46 21.73 37.27
CA PRO J 306 -43.73 21.05 37.06
C PRO J 306 -43.56 19.54 37.27
N GLY J 307 -44.53 18.91 37.94
CA GLY J 307 -44.50 17.48 38.19
C GLY J 307 -43.55 17.01 39.28
N SER J 308 -42.94 17.94 40.00
CA SER J 308 -42.09 17.58 41.14
C SER J 308 -42.91 17.22 42.38
N MET J 309 -44.22 17.57 42.34
CA MET J 309 -45.22 17.08 43.31
C MET J 309 -44.83 17.35 44.74
N ILE J 310 -44.40 18.57 45.00
CA ILE J 310 -43.98 18.96 46.33
C ILE J 310 -45.04 18.68 47.39
N ASP J 311 -46.32 18.73 46.99
CA ASP J 311 -47.42 18.56 47.94
C ASP J 311 -47.58 17.12 48.45
N LEU J 312 -46.88 16.20 47.79
CA LEU J 312 -46.93 14.78 48.11
C LEU J 312 -45.80 14.41 49.08
N MET J 313 -44.86 15.33 49.28
CA MET J 313 -43.58 14.98 49.86
C MET J 313 -43.59 14.62 51.32
N LYS J 314 -44.75 14.72 51.97
CA LYS J 314 -44.92 14.10 53.31
C LYS J 314 -44.66 12.58 53.21
N PHE J 315 -44.71 12.06 51.99
CA PHE J 315 -44.65 10.63 51.76
C PHE J 315 -43.21 10.12 51.70
N ASP J 316 -42.28 11.03 51.80
CA ASP J 316 -40.88 10.69 51.62
C ASP J 316 -40.29 9.93 52.83
N MET J 317 -41.13 9.65 53.81
CA MET J 317 -40.73 8.77 54.88
C MET J 317 -41.40 7.41 54.76
N SER J 318 -41.96 7.14 53.59
CA SER J 318 -42.59 5.82 53.33
C SER J 318 -41.68 4.65 53.64
N GLY J 319 -40.40 4.77 53.26
CA GLY J 319 -39.45 3.73 53.56
C GLY J 319 -39.39 3.50 55.06
N CYS J 320 -39.27 4.59 55.79
CA CYS J 320 -39.31 4.49 57.24
C CYS J 320 -40.63 3.92 57.72
N ALA J 321 -41.71 4.31 57.08
CA ALA J 321 -43.02 3.73 57.46
C ALA J 321 -43.06 2.22 57.26
N ALA J 322 -42.58 1.79 56.08
CA ALA J 322 -42.56 0.39 55.71
C ALA J 322 -41.80 -0.41 56.76
N VAL J 323 -40.62 0.11 57.12
CA VAL J 323 -39.78 -0.50 58.13
C VAL J 323 -40.48 -0.55 59.48
N LEU J 324 -41.16 0.53 59.86
CA LEU J 324 -41.91 0.51 61.15
C LEU J 324 -43.06 -0.48 61.13
N GLY J 325 -43.80 -0.49 60.03
CA GLY J 325 -44.91 -1.43 59.87
C GLY J 325 -44.40 -2.84 59.98
N CYS J 326 -43.25 -3.10 59.35
CA CYS J 326 -42.62 -4.39 59.42
C CYS J 326 -42.25 -4.75 60.85
N ALA J 327 -41.68 -3.79 61.57
CA ALA J 327 -41.44 -3.97 63.00
C ALA J 327 -42.71 -4.36 63.72
N TYR J 328 -43.85 -3.74 63.39
CA TYR J 328 -45.10 -4.16 64.00
C TYR J 328 -45.36 -5.62 63.71
N CYS J 329 -45.30 -6.00 62.43
CA CYS J 329 -45.56 -7.40 62.05
C CYS J 329 -44.60 -8.39 62.72
N VAL J 330 -43.31 -8.11 62.62
CA VAL J 330 -42.31 -8.97 63.21
C VAL J 330 -42.47 -9.04 64.74
N GLY J 331 -42.74 -7.90 65.36
CA GLY J 331 -42.88 -7.82 66.82
C GLY J 331 -44.09 -8.61 67.26
N THR J 332 -45.08 -8.69 66.37
CA THR J 332 -46.31 -9.37 66.70
C THR J 332 -46.22 -10.89 66.40
N LEU J 333 -45.71 -11.22 65.22
CA LEU J 333 -45.61 -12.60 64.80
C LEU J 333 -44.46 -13.32 65.47
N LYS J 334 -43.49 -12.57 65.99
CA LYS J 334 -42.37 -13.11 66.75
C LYS J 334 -41.67 -14.28 66.09
N PRO J 335 -41.02 -14.05 64.94
CA PRO J 335 -40.28 -15.11 64.26
C PRO J 335 -39.08 -15.55 65.08
N GLU J 336 -38.60 -16.76 64.83
CA GLU J 336 -37.47 -17.27 65.59
C GLU J 336 -36.17 -17.17 64.84
N ASN J 337 -35.08 -17.22 65.60
CA ASN J 337 -33.72 -17.29 65.06
C ASN J 337 -33.28 -16.08 64.25
N VAL J 338 -33.98 -14.97 64.43
CA VAL J 338 -33.60 -13.75 63.74
C VAL J 338 -33.40 -12.62 64.72
N GLU J 339 -32.43 -11.78 64.40
CA GLU J 339 -32.26 -10.48 65.02
C GLU J 339 -32.47 -9.44 63.92
N ILE J 340 -33.46 -8.58 64.11
CA ILE J 340 -33.77 -7.58 63.12
C ILE J 340 -33.65 -6.20 63.71
N HIS J 341 -32.91 -5.36 62.98
CA HIS J 341 -32.73 -3.96 63.29
C HIS J 341 -33.53 -3.10 62.33
N PHE J 342 -34.39 -2.29 62.92
CA PHE J 342 -35.21 -1.40 62.15
C PHE J 342 -34.59 -0.03 62.28
N LEU J 343 -34.14 0.49 61.14
CA LEU J 343 -33.39 1.74 61.13
C LEU J 343 -34.00 2.79 60.21
N SER J 344 -34.06 4.03 60.69
CA SER J 344 -34.30 5.16 59.79
C SER J 344 -33.64 6.43 60.28
N ALA J 345 -32.85 7.02 59.40
CA ALA J 345 -32.23 8.31 59.63
C ALA J 345 -33.28 9.35 59.26
N VAL J 346 -34.02 9.80 60.27
CA VAL J 346 -35.17 10.68 60.05
C VAL J 346 -34.77 12.14 60.12
N CYS J 347 -35.25 12.92 59.17
CA CYS J 347 -35.02 14.36 59.14
C CYS J 347 -35.96 14.96 58.12
N GLU J 348 -35.85 16.25 57.96
CA GLU J 348 -36.74 17.00 57.09
C GLU J 348 -35.88 17.89 56.26
N ASN J 349 -36.17 17.89 54.95
CA ASN J 349 -35.34 18.63 53.97
C ASN J 349 -35.98 19.97 53.62
N MET J 350 -35.42 21.02 54.19
CA MET J 350 -36.10 22.30 54.21
C MET J 350 -35.24 23.42 53.69
N VAL J 351 -35.85 24.56 53.43
CA VAL J 351 -35.10 25.72 52.96
C VAL J 351 -35.05 26.73 54.08
N SER J 352 -33.83 27.08 54.47
CA SER J 352 -33.58 27.92 55.60
C SER J 352 -32.25 28.61 55.33
N LYS J 353 -31.90 29.58 56.16
CA LYS J 353 -30.56 30.12 56.19
C LYS J 353 -29.57 29.04 56.66
N ASN J 354 -30.09 28.01 57.33
CA ASN J 354 -29.26 26.97 57.92
C ASN J 354 -29.07 25.76 57.05
N SER J 355 -29.79 25.72 55.91
CA SER J 355 -29.80 24.55 55.02
C SER J 355 -28.44 24.27 54.44
N TYR J 356 -28.16 23.05 54.07
CA TYR J 356 -26.95 22.81 53.27
C TYR J 356 -27.23 23.33 51.88
N ARG J 357 -26.17 23.59 51.13
CA ARG J 357 -26.32 24.18 49.81
C ARG J 357 -25.84 23.23 48.73
N PRO J 358 -26.35 23.40 47.51
CA PRO J 358 -25.76 22.70 46.42
C PRO J 358 -24.29 23.08 46.41
N GLY J 359 -23.40 22.12 46.22
CA GLY J 359 -21.98 22.42 46.18
C GLY J 359 -21.29 22.04 47.46
N ASP J 360 -21.99 22.11 48.58
CA ASP J 360 -21.42 21.75 49.85
C ASP J 360 -20.70 20.41 49.77
N ILE J 361 -19.56 20.31 50.43
CA ILE J 361 -18.93 18.99 50.56
C ILE J 361 -19.07 18.57 52.01
N ILE J 362 -19.69 17.42 52.20
CA ILE J 362 -20.01 16.90 53.51
C ILE J 362 -19.29 15.56 53.65
N THR J 363 -19.08 15.12 54.90
CA THR J 363 -18.39 13.87 55.17
C THR J 363 -19.30 12.84 55.81
N ALA J 364 -19.47 11.68 55.17
CA ALA J 364 -20.26 10.61 55.77
C ALA J 364 -19.53 9.97 56.94
N SER J 365 -20.26 9.21 57.75
CA SER J 365 -19.66 8.58 58.93
C SER J 365 -18.53 7.61 58.60
N ASN J 366 -18.41 7.15 57.37
CA ASN J 366 -17.34 6.23 57.01
C ASN J 366 -16.14 7.01 56.48
N GLY J 367 -16.20 8.33 56.57
CA GLY J 367 -15.10 9.18 56.15
C GLY J 367 -15.16 9.68 54.72
N LYS J 368 -16.01 9.10 53.90
CA LYS J 368 -16.13 9.56 52.53
C LYS J 368 -16.65 10.99 52.45
N THR J 369 -15.95 11.84 51.72
CA THR J 369 -16.46 13.18 51.42
C THR J 369 -17.32 13.14 50.18
N ILE J 370 -18.46 13.81 50.30
CA ILE J 370 -19.48 13.83 49.28
C ILE J 370 -19.72 15.26 48.82
N GLU J 371 -19.68 15.47 47.50
CA GLU J 371 -20.02 16.76 46.93
C GLU J 371 -21.50 16.75 46.58
N VAL J 372 -22.25 17.66 47.19
CA VAL J 372 -23.69 17.72 47.02
C VAL J 372 -23.94 18.43 45.71
N GLY J 373 -24.47 17.71 44.74
CA GLY J 373 -24.77 18.31 43.42
C GLY J 373 -26.18 18.88 43.39
N ASN J 374 -27.01 18.34 44.28
CA ASN J 374 -28.41 18.67 44.32
C ASN J 374 -29.01 18.38 45.70
N THR J 375 -29.47 19.43 46.38
CA THR J 375 -30.00 19.22 47.72
C THR J 375 -31.25 18.39 47.73
N ASP J 376 -31.90 18.27 46.58
CA ASP J 376 -33.09 17.43 46.47
C ASP J 376 -32.74 15.94 46.36
N ALA J 377 -31.47 15.59 46.20
CA ALA J 377 -31.09 14.20 46.19
C ALA J 377 -30.63 13.83 47.63
N GLU J 378 -31.50 14.13 48.61
CA GLU J 378 -31.13 14.06 50.02
C GLU J 378 -31.24 12.68 50.63
N GLY J 379 -32.12 11.86 50.05
CA GLY J 379 -32.39 10.55 50.59
C GLY J 379 -31.11 9.78 50.69
N ARG J 380 -30.38 9.70 49.58
CA ARG J 380 -29.18 8.86 49.49
C ARG J 380 -28.13 9.36 50.45
N LEU J 381 -28.16 10.65 50.74
CA LEU J 381 -27.30 11.22 51.78
C LEU J 381 -27.66 10.63 53.12
N THR J 382 -28.93 10.62 53.46
CA THR J 382 -29.32 10.12 54.78
C THR J 382 -29.10 8.62 54.82
N LEU J 383 -29.36 7.95 53.71
CA LEU J 383 -29.23 6.50 53.69
C LEU J 383 -27.76 6.09 53.83
N ALA J 384 -26.87 6.91 53.28
CA ALA J 384 -25.45 6.64 53.31
C ALA J 384 -25.02 6.43 54.74
N ASP J 385 -25.39 7.37 55.60
CA ASP J 385 -25.01 7.29 56.98
C ASP J 385 -25.75 6.16 57.67
N ALA J 386 -27.00 5.93 57.27
CA ALA J 386 -27.77 4.83 57.83
C ALA J 386 -27.14 3.49 57.47
N LEU J 387 -26.65 3.37 56.23
CA LEU J 387 -26.00 2.15 55.76
C LEU J 387 -24.70 1.84 56.48
N VAL J 388 -23.85 2.86 56.63
CA VAL J 388 -22.64 2.72 57.40
C VAL J 388 -22.98 2.27 58.80
N TYR J 389 -24.04 2.84 59.37
CA TYR J 389 -24.53 2.44 60.70
C TYR J 389 -24.97 0.98 60.73
N ALA J 390 -25.82 0.61 59.78
CA ALA J 390 -26.31 -0.77 59.67
C ALA J 390 -25.17 -1.74 59.55
N GLU J 391 -24.19 -1.47 58.72
CA GLU J 391 -23.10 -2.41 58.55
C GLU J 391 -22.27 -2.52 59.84
N LYS J 392 -22.17 -1.42 60.57
CA LYS J 392 -21.44 -1.46 61.82
C LYS J 392 -22.11 -2.40 62.81
N LEU J 393 -23.36 -2.73 62.55
CA LEU J 393 -24.14 -3.62 63.42
C LEU J 393 -23.74 -5.08 63.27
N GLY J 394 -23.01 -5.38 62.19
CA GLY J 394 -22.57 -6.74 61.88
C GLY J 394 -23.74 -7.63 61.51
N VAL J 395 -24.51 -7.19 60.53
CA VAL J 395 -25.64 -8.00 60.11
C VAL J 395 -25.27 -8.87 58.90
N ASP J 396 -26.16 -9.81 58.56
CA ASP J 396 -26.00 -10.66 57.41
C ASP J 396 -26.59 -10.01 56.17
N TYR J 397 -27.71 -9.33 56.37
CA TYR J 397 -28.35 -8.56 55.34
C TYR J 397 -28.65 -7.13 55.76
N ILE J 398 -28.44 -6.21 54.83
CA ILE J 398 -29.00 -4.89 54.94
C ILE J 398 -29.93 -4.71 53.75
N VAL J 399 -31.19 -4.41 54.04
CA VAL J 399 -32.17 -4.07 53.02
C VAL J 399 -32.66 -2.69 53.35
N ASP J 400 -32.46 -1.75 52.42
CA ASP J 400 -33.04 -0.41 52.53
C ASP J 400 -34.21 -0.28 51.59
N ILE J 401 -35.17 0.53 52.01
CA ILE J 401 -36.38 0.75 51.25
C ILE J 401 -36.60 2.22 51.33
N ALA J 402 -36.78 2.85 50.18
CA ALA J 402 -36.78 4.31 50.12
C ALA J 402 -37.57 4.83 48.94
N THR J 403 -38.28 5.94 49.15
CA THR J 403 -38.90 6.66 48.06
C THR J 403 -37.78 7.49 47.48
N LEU J 404 -36.91 6.84 46.70
CA LEU J 404 -35.63 7.42 46.39
C LEU J 404 -35.59 8.22 45.11
N THR J 405 -36.22 7.75 44.04
CA THR J 405 -36.06 8.43 42.75
C THR J 405 -37.36 8.51 41.98
N GLY J 406 -37.74 9.72 41.61
CA GLY J 406 -38.87 9.92 40.72
C GLY J 406 -38.74 9.13 39.43
N ALA J 407 -37.51 8.81 39.04
CA ALA J 407 -37.30 8.09 37.77
C ALA J 407 -38.04 6.75 37.79
N MET J 408 -38.30 6.23 38.99
CA MET J 408 -38.98 4.93 39.10
C MET J 408 -40.28 4.97 38.34
N LEU J 409 -40.95 6.12 38.34
CA LEU J 409 -42.19 6.31 37.65
C LEU J 409 -42.01 6.08 36.17
N TYR J 410 -40.82 6.37 35.69
CA TYR J 410 -40.52 6.22 34.28
C TYR J 410 -40.02 4.83 33.96
N SER J 411 -39.48 4.14 34.96
CA SER J 411 -38.95 2.81 34.73
C SER J 411 -40.01 1.74 34.98
N LEU J 412 -40.44 1.60 36.23
CA LEU J 412 -41.38 0.53 36.57
C LEU J 412 -42.81 0.99 36.77
N GLY J 413 -42.99 2.27 37.00
CA GLY J 413 -44.30 2.83 37.18
C GLY J 413 -44.77 2.83 38.62
N THR J 414 -46.08 2.71 38.77
CA THR J 414 -46.72 2.82 40.07
C THR J 414 -47.02 1.46 40.73
N SER J 415 -46.70 0.36 40.06
CA SER J 415 -47.08 -0.94 40.58
C SER J 415 -45.96 -1.78 41.09
N TYR J 416 -44.81 -1.74 40.45
CA TYR J 416 -43.67 -2.55 40.84
C TYR J 416 -42.59 -1.67 41.41
N ALA J 417 -42.10 -2.03 42.57
CA ALA J 417 -40.96 -1.33 43.11
C ALA J 417 -39.72 -1.89 42.41
N GLY J 418 -38.61 -1.20 42.56
CA GLY J 418 -37.39 -1.66 42.00
C GLY J 418 -36.51 -2.18 43.10
N VAL J 419 -35.72 -3.21 42.79
CA VAL J 419 -34.76 -3.70 43.74
C VAL J 419 -33.41 -3.75 43.07
N PHE J 420 -32.44 -3.16 43.76
CA PHE J 420 -31.07 -3.15 43.35
C PHE J 420 -30.33 -3.74 44.50
N GLY J 421 -29.17 -4.35 44.26
CA GLY J 421 -28.39 -4.83 45.35
C GLY J 421 -27.02 -5.25 44.88
N ASN J 422 -26.18 -5.64 45.85
CA ASN J 422 -24.81 -6.07 45.56
C ASN J 422 -24.67 -7.56 45.66
N ASN J 423 -25.78 -8.27 45.90
CA ASN J 423 -25.75 -9.71 46.21
C ASN J 423 -26.95 -10.41 45.62
N GLU J 424 -26.69 -11.43 44.80
CA GLU J 424 -27.75 -12.10 44.06
C GLU J 424 -28.67 -12.86 44.98
N GLU J 425 -28.11 -13.65 45.91
CA GLU J 425 -28.91 -14.41 46.85
C GLU J 425 -29.91 -13.51 47.59
N LEU J 426 -29.41 -12.38 48.10
CA LEU J 426 -30.27 -11.44 48.81
C LEU J 426 -31.37 -10.88 47.93
N ILE J 427 -31.03 -10.49 46.70
CA ILE J 427 -32.00 -10.04 45.72
C ILE J 427 -33.10 -11.11 45.47
N ASN J 428 -32.67 -12.33 45.28
CA ASN J 428 -33.60 -13.41 45.06
C ASN J 428 -34.52 -13.59 46.24
N LYS J 429 -33.96 -13.47 47.45
CA LYS J 429 -34.78 -13.51 48.67
C LYS J 429 -35.85 -12.41 48.65
N ILE J 430 -35.45 -11.19 48.29
CA ILE J 430 -36.43 -10.10 48.13
C ILE J 430 -37.48 -10.48 47.09
N LEU J 431 -37.03 -11.04 45.96
CA LEU J 431 -37.98 -11.40 44.88
C LEU J 431 -38.97 -12.47 45.33
N GLN J 432 -38.49 -13.52 46.01
CA GLN J 432 -39.39 -14.53 46.59
C GLN J 432 -40.31 -13.87 47.62
N SER J 433 -39.79 -12.91 48.40
CA SER J 433 -40.64 -12.19 49.36
C SER J 433 -41.69 -11.36 48.63
N SER J 434 -41.34 -10.86 47.46
CA SER J 434 -42.27 -10.15 46.63
C SER J 434 -43.39 -11.11 46.22
N LYS J 435 -43.01 -12.28 45.75
CA LYS J 435 -43.98 -13.27 45.29
C LYS J 435 -44.93 -13.61 46.41
N THR J 436 -44.40 -13.86 47.60
CA THR J 436 -45.25 -14.37 48.68
C THR J 436 -46.06 -13.30 49.42
N SER J 437 -45.57 -12.06 49.40
CA SER J 437 -46.29 -10.94 50.00
C SER J 437 -47.29 -10.32 49.04
N ASN J 438 -47.01 -10.52 47.75
CA ASN J 438 -47.79 -9.95 46.67
C ASN J 438 -47.62 -8.46 46.57
N GLU J 439 -46.47 -7.97 47.01
CA GLU J 439 -46.04 -6.61 46.75
C GLU J 439 -44.98 -6.67 45.67
N PRO J 440 -45.37 -6.35 44.43
CA PRO J 440 -44.53 -6.61 43.26
C PRO J 440 -43.23 -5.78 43.24
N VAL J 441 -42.14 -6.48 43.02
CA VAL J 441 -40.84 -5.85 42.95
C VAL J 441 -40.11 -6.39 41.72
N TRP J 442 -39.33 -5.55 41.10
CA TRP J 442 -38.58 -6.02 39.95
C TRP J 442 -37.11 -5.72 40.15
N TRP J 443 -36.29 -6.67 39.78
CA TRP J 443 -34.87 -6.54 39.87
C TRP J 443 -34.33 -5.61 38.79
N LEU J 444 -33.65 -4.54 39.21
CA LEU J 444 -33.02 -3.61 38.31
C LEU J 444 -31.49 -3.65 38.56
N PRO J 445 -30.70 -3.36 37.51
CA PRO J 445 -29.25 -3.53 37.61
C PRO J 445 -28.54 -2.33 38.22
N ILE J 446 -27.47 -2.60 38.94
CA ILE J 446 -26.56 -1.55 39.31
C ILE J 446 -25.47 -1.62 38.25
N ILE J 447 -25.54 -0.69 37.31
CA ILE J 447 -24.64 -0.70 36.18
C ILE J 447 -23.33 0.03 36.53
N ASN J 448 -22.25 -0.72 36.67
CA ASN J 448 -21.01 -0.14 37.14
C ASN J 448 -20.41 0.87 36.19
N GLU J 449 -20.69 0.72 34.91
CA GLU J 449 -20.25 1.71 33.92
C GLU J 449 -20.59 3.13 34.34
N TYR J 450 -21.72 3.33 35.03
CA TYR J 450 -22.12 4.67 35.43
C TYR J 450 -21.33 5.21 36.64
N ARG J 451 -20.62 4.33 37.33
CA ARG J 451 -19.89 4.68 38.56
C ARG J 451 -18.98 5.91 38.39
N ALA J 452 -18.33 6.00 37.24
CA ALA J 452 -17.39 7.07 36.97
C ALA J 452 -18.03 8.44 37.05
N THR J 453 -19.33 8.53 36.72
CA THR J 453 -19.99 9.83 36.75
C THR J 453 -20.28 10.29 38.17
N LEU J 454 -19.92 9.48 39.17
CA LEU J 454 -19.91 9.94 40.56
C LEU J 454 -18.53 10.36 41.06
N ASN J 455 -17.54 10.34 40.17
CA ASN J 455 -16.21 10.85 40.49
C ASN J 455 -16.21 12.37 40.58
N SER J 456 -16.23 12.88 41.79
CA SER J 456 -16.15 14.30 42.05
C SER J 456 -14.72 14.79 41.83
N LYS J 457 -14.58 16.02 41.35
CA LYS J 457 -13.30 16.66 41.19
C LYS J 457 -12.67 16.98 42.54
N TYR J 458 -13.50 17.29 43.53
CA TYR J 458 -13.01 17.76 44.81
C TYR J 458 -13.24 16.80 45.96
N ALA J 459 -14.42 16.20 45.99
CA ALA J 459 -14.76 15.28 47.06
C ALA J 459 -14.41 13.88 46.63
N ASP J 460 -14.56 12.91 47.54
CA ASP J 460 -14.29 11.52 47.26
C ASP J 460 -15.30 11.05 46.25
N ILE J 461 -16.52 11.57 46.36
CA ILE J 461 -17.61 11.12 45.54
C ILE J 461 -18.67 12.19 45.38
N ASN J 462 -19.32 12.17 44.22
CA ASN J 462 -20.46 12.99 43.91
C ASN J 462 -21.68 12.32 44.40
N GLN J 463 -22.64 13.14 44.81
CA GLN J 463 -23.92 12.67 45.28
C GLN J 463 -24.76 12.31 44.06
N ILE J 464 -24.69 13.13 43.03
CA ILE J 464 -25.46 12.86 41.84
C ILE J 464 -24.56 12.81 40.62
N SER J 465 -25.05 12.17 39.57
CA SER J 465 -24.42 12.22 38.28
C SER J 465 -24.65 13.60 37.68
N SER J 466 -23.75 14.00 36.80
CA SER J 466 -23.99 15.19 35.98
C SER J 466 -24.64 14.75 34.68
N SER J 467 -24.05 13.74 34.05
CA SER J 467 -24.53 13.20 32.76
C SER J 467 -25.69 12.21 32.89
N VAL J 468 -25.49 11.08 33.57
CA VAL J 468 -26.44 9.96 33.58
C VAL J 468 -27.86 10.24 34.14
N LYS J 469 -28.85 10.06 33.27
CA LYS J 469 -30.25 10.27 33.63
C LYS J 469 -30.90 9.03 34.26
N ALA J 470 -30.19 7.90 34.25
CA ALA J 470 -30.62 6.69 34.96
C ALA J 470 -30.42 6.83 36.49
N SER J 471 -31.19 7.73 37.10
CA SER J 471 -30.91 8.19 38.43
C SER J 471 -31.15 7.14 39.52
N SER J 472 -32.03 6.18 39.27
CA SER J 472 -32.28 5.12 40.23
C SER J 472 -31.07 4.24 40.29
N ILE J 473 -30.42 4.03 39.14
CA ILE J 473 -29.23 3.20 39.08
C ILE J 473 -28.04 3.97 39.70
N VAL J 474 -27.91 5.25 39.35
CA VAL J 474 -26.92 6.12 39.92
C VAL J 474 -27.06 6.25 41.43
N ALA J 475 -28.28 6.43 41.92
CA ALA J 475 -28.52 6.50 43.35
C ALA J 475 -28.05 5.21 44.01
N SER J 476 -28.29 4.09 43.34
CA SER J 476 -27.91 2.79 43.85
C SER J 476 -26.39 2.70 43.91
N LEU J 477 -25.74 3.15 42.85
CA LEU J 477 -24.29 3.09 42.79
C LEU J 477 -23.73 3.92 43.93
N PHE J 478 -24.38 5.03 44.21
CA PHE J 478 -23.99 5.91 45.28
C PHE J 478 -24.12 5.17 46.60
N LEU J 479 -25.25 4.51 46.81
CA LEU J 479 -25.49 3.82 48.08
C LEU J 479 -24.50 2.67 48.28
N LYS J 480 -24.24 1.93 47.20
CA LYS J 480 -23.36 0.80 47.22
C LYS J 480 -22.03 1.18 47.83
N GLU J 481 -21.65 2.44 47.64
CA GLU J 481 -20.37 2.92 48.16
C GLU J 481 -20.32 2.95 49.68
N PHE J 482 -21.46 2.70 50.34
CA PHE J 482 -21.56 2.82 51.79
C PHE J 482 -21.83 1.49 52.47
N VAL J 483 -21.79 0.43 51.65
CA VAL J 483 -21.80 -0.92 52.16
C VAL J 483 -20.50 -1.58 51.68
N GLN J 484 -19.58 -1.81 52.62
CA GLN J 484 -18.26 -2.33 52.29
C GLN J 484 -18.26 -3.82 52.02
N ASN J 485 -18.92 -4.60 52.88
CA ASN J 485 -18.74 -6.02 52.88
C ASN J 485 -19.94 -6.83 53.36
N THR J 486 -21.14 -6.35 53.06
CA THR J 486 -22.36 -7.00 53.51
C THR J 486 -23.32 -7.12 52.35
N ALA J 487 -24.02 -8.23 52.29
CA ALA J 487 -25.08 -8.41 51.35
C ALA J 487 -26.07 -7.26 51.58
N TRP J 488 -26.37 -6.52 50.52
CA TRP J 488 -27.21 -5.36 50.62
C TRP J 488 -28.11 -5.24 49.43
N ALA J 489 -29.38 -4.90 49.70
CA ALA J 489 -30.37 -4.66 48.66
C ALA J 489 -31.10 -3.36 48.97
N HIS J 490 -31.56 -2.70 47.92
CA HIS J 490 -32.15 -1.39 48.01
C HIS J 490 -33.44 -1.45 47.20
N ILE J 491 -34.55 -1.11 47.87
CA ILE J 491 -35.87 -1.18 47.25
C ILE J 491 -36.36 0.24 47.06
N ASP J 492 -36.41 0.68 45.82
CA ASP J 492 -36.86 2.02 45.51
C ASP J 492 -38.36 2.03 45.29
N ILE J 493 -39.08 2.54 46.28
CA ILE J 493 -40.54 2.51 46.27
C ILE J 493 -41.15 3.85 45.93
N ALA J 494 -40.33 4.75 45.38
CA ALA J 494 -40.76 6.09 44.99
C ALA J 494 -41.93 6.13 44.06
N GLY J 495 -41.99 5.19 43.10
CA GLY J 495 -43.10 5.13 42.17
C GLY J 495 -44.35 4.48 42.71
N VAL J 496 -44.18 3.66 43.74
CA VAL J 496 -45.14 2.63 44.07
C VAL J 496 -45.79 2.95 45.42
N SER J 497 -45.16 3.82 46.17
CA SER J 497 -45.57 4.07 47.54
C SER J 497 -46.94 4.75 47.68
N TRP J 498 -47.20 5.71 46.80
CA TRP J 498 -48.42 6.47 46.86
C TRP J 498 -49.40 5.97 45.81
N ASN J 499 -50.61 5.69 46.28
CA ASN J 499 -51.70 5.39 45.39
C ASN J 499 -52.31 6.68 44.92
N PHE J 500 -51.88 7.15 43.76
CA PHE J 500 -52.38 8.39 43.19
C PHE J 500 -53.86 8.36 42.90
N LYS J 501 -54.37 7.26 42.33
CA LYS J 501 -55.79 7.18 41.99
C LYS J 501 -56.62 7.28 43.26
N ALA J 502 -56.28 6.53 44.30
CA ALA J 502 -57.04 6.54 45.57
C ALA J 502 -56.65 7.69 46.53
N ARG J 503 -55.65 8.47 46.14
CA ARG J 503 -55.21 9.61 46.93
C ARG J 503 -54.82 9.21 48.37
N LYS J 504 -54.06 8.12 48.48
CA LYS J 504 -53.66 7.58 49.77
C LYS J 504 -52.40 6.74 49.64
N PRO J 505 -51.71 6.49 50.76
CA PRO J 505 -50.52 5.66 50.69
C PRO J 505 -50.92 4.23 50.50
N LYS J 506 -49.99 3.39 50.08
CA LYS J 506 -50.23 1.98 49.94
C LYS J 506 -49.71 1.21 51.15
N GLY J 507 -48.86 1.86 51.93
CA GLY J 507 -48.13 1.19 53.00
C GLY J 507 -47.20 0.15 52.40
N PHE J 508 -46.71 0.44 51.19
CA PHE J 508 -45.96 -0.53 50.41
C PHE J 508 -44.65 -0.97 51.08
N GLY J 509 -44.44 -2.26 51.12
CA GLY J 509 -43.19 -2.74 51.65
C GLY J 509 -43.30 -3.47 52.97
N VAL J 510 -44.35 -3.18 53.73
CA VAL J 510 -44.49 -3.78 55.04
C VAL J 510 -44.51 -5.29 54.90
N ARG J 511 -45.43 -5.78 54.09
CA ARG J 511 -45.59 -7.22 53.88
C ARG J 511 -44.36 -7.83 53.20
N LEU J 512 -43.86 -7.15 52.19
CA LEU J 512 -42.65 -7.61 51.54
C LEU J 512 -41.53 -7.83 52.55
N LEU J 513 -41.26 -6.84 53.39
CA LEU J 513 -40.15 -6.95 54.35
C LEU J 513 -40.43 -8.01 55.39
N THR J 514 -41.70 -8.15 55.78
CA THR J 514 -42.06 -9.11 56.79
C THR J 514 -41.93 -10.50 56.23
N GLU J 515 -42.42 -10.71 55.02
CA GLU J 515 -42.21 -12.00 54.37
C GLU J 515 -40.72 -12.30 54.31
N PHE J 516 -39.94 -11.32 53.89
CA PHE J 516 -38.51 -11.50 53.79
C PHE J 516 -37.93 -12.00 55.11
N VAL J 517 -38.26 -11.31 56.19
CA VAL J 517 -37.81 -11.65 57.53
C VAL J 517 -38.29 -13.05 57.94
N LEU J 518 -39.60 -13.30 57.75
CA LEU J 518 -40.23 -14.57 58.12
C LEU J 518 -39.77 -15.78 57.34
N ASN J 519 -39.46 -15.63 56.05
CA ASN J 519 -39.11 -16.83 55.25
C ASN J 519 -37.65 -17.21 55.26
N ASP J 520 -36.84 -16.54 56.08
CA ASP J 520 -35.43 -16.95 56.26
C ASP J 520 -34.88 -16.61 57.67
N SER K 3 -15.27 37.05 62.75
CA SER K 3 -14.10 36.13 62.95
C SER K 3 -14.43 34.69 63.37
N GLU K 4 -15.36 34.46 64.29
CA GLU K 4 -15.66 33.06 64.64
C GLU K 4 -16.74 32.49 63.73
N VAL K 5 -16.53 31.27 63.21
CA VAL K 5 -17.48 30.76 62.24
C VAL K 5 -18.73 30.16 62.92
N PRO K 6 -19.94 30.61 62.51
CA PRO K 6 -21.11 30.00 63.10
C PRO K 6 -21.39 28.67 62.41
N GLN K 7 -21.90 27.72 63.18
CA GLN K 7 -22.14 26.37 62.71
C GLN K 7 -23.56 26.00 62.99
N VAL K 8 -24.11 25.07 62.24
CA VAL K 8 -25.41 24.51 62.62
C VAL K 8 -25.23 23.21 63.43
N VAL K 9 -24.28 22.37 63.01
CA VAL K 9 -23.91 21.16 63.71
C VAL K 9 -22.39 21.14 63.90
N SER K 10 -21.86 20.61 64.99
CA SER K 10 -20.39 20.65 65.17
C SER K 10 -19.55 20.14 63.96
N LEU K 11 -20.16 19.41 63.04
CA LEU K 11 -19.41 18.85 61.92
C LEU K 11 -19.40 19.81 60.76
N ASP K 12 -19.83 21.02 61.02
CA ASP K 12 -19.75 22.07 60.02
C ASP K 12 -18.35 22.68 60.05
N PRO K 13 -17.70 22.78 58.85
CA PRO K 13 -16.32 23.28 58.81
C PRO K 13 -16.28 24.71 59.36
N THR K 14 -15.19 25.09 60.04
CA THR K 14 -15.06 26.44 60.59
C THR K 14 -13.96 27.26 59.97
N SER K 15 -13.42 26.77 58.85
CA SER K 15 -12.54 27.54 57.96
C SER K 15 -12.34 26.88 56.59
N ILE K 16 -11.78 27.64 55.66
CA ILE K 16 -11.39 27.05 54.39
C ILE K 16 -10.01 26.36 54.51
N PRO K 17 -9.89 25.12 54.04
CA PRO K 17 -8.49 24.72 53.92
C PRO K 17 -7.86 25.48 52.76
N ILE K 18 -6.65 25.97 52.99
CA ILE K 18 -5.84 26.59 51.97
C ILE K 18 -4.51 25.85 51.93
N GLU K 19 -4.09 25.38 50.74
CA GLU K 19 -2.68 24.92 50.62
C GLU K 19 -1.85 26.02 49.97
N TYR K 20 -0.87 26.50 50.74
CA TYR K 20 0.00 27.56 50.33
C TYR K 20 1.31 27.07 49.71
N ASN K 21 1.86 26.01 50.29
CA ASN K 21 3.06 25.33 49.79
C ASN K 21 2.65 24.17 48.92
N THR K 22 2.93 24.25 47.65
CA THR K 22 2.37 23.25 46.74
C THR K 22 3.51 22.54 46.08
N PRO K 23 3.22 21.36 45.57
CA PRO K 23 4.28 20.59 44.97
C PRO K 23 4.92 21.31 43.81
N ILE K 24 4.22 22.31 43.29
CA ILE K 24 4.79 23.22 42.27
C ILE K 24 5.97 23.96 42.85
N HIS K 25 5.72 24.71 43.90
CA HIS K 25 6.78 25.46 44.57
C HIS K 25 8.10 24.71 44.62
N ASP K 26 8.08 23.40 44.64
CA ASP K 26 9.31 22.62 44.73
C ASP K 26 9.94 22.20 43.39
N ILE K 27 9.43 22.72 42.27
CA ILE K 27 10.02 22.41 40.99
C ILE K 27 11.15 23.37 40.66
N LYS K 28 12.37 22.81 40.58
CA LYS K 28 13.54 23.56 40.15
C LYS K 28 13.52 23.67 38.61
N VAL K 29 13.51 24.92 38.14
CA VAL K 29 13.30 25.27 36.77
C VAL K 29 14.62 25.71 36.18
N GLN K 30 14.90 25.24 34.97
CA GLN K 30 16.09 25.68 34.27
C GLN K 30 15.69 26.10 32.88
N VAL K 31 16.18 27.24 32.47
CA VAL K 31 16.02 27.61 31.10
C VAL K 31 17.40 27.57 30.41
N TYR K 32 17.49 26.86 29.30
CA TYR K 32 18.71 26.85 28.51
C TYR K 32 18.40 27.30 27.14
N ASP K 33 19.39 27.96 26.53
CA ASP K 33 19.25 28.39 25.18
C ASP K 33 19.24 27.17 24.27
N ILE K 34 18.35 27.22 23.27
CA ILE K 34 18.09 26.07 22.44
C ILE K 34 19.35 25.73 21.65
N LYS K 35 20.02 26.80 21.20
CA LYS K 35 21.32 26.70 20.58
C LYS K 35 22.25 26.01 21.58
N GLY K 36 23.14 25.17 21.09
CA GLY K 36 24.00 24.45 22.00
C GLY K 36 23.58 23.03 21.91
N GLY K 37 22.31 22.84 21.51
CA GLY K 37 21.73 21.52 21.39
C GLY K 37 21.05 21.23 22.69
N CYS K 38 20.30 20.14 22.75
CA CYS K 38 19.57 19.77 23.96
C CYS K 38 20.14 18.52 24.48
N ASN K 39 20.27 18.46 25.79
CA ASN K 39 20.52 17.19 26.44
C ASN K 39 19.23 16.40 26.87
N VAL K 40 19.23 15.11 26.60
CA VAL K 40 18.14 14.26 26.98
C VAL K 40 18.82 13.17 27.76
N GLU K 41 18.62 13.22 29.08
CA GLU K 41 19.32 12.38 30.03
C GLU K 41 18.32 11.67 30.95
N GLU K 42 17.27 12.40 31.34
CA GLU K 42 16.34 11.95 32.36
C GLU K 42 14.88 12.32 32.06
N GLY K 43 13.97 11.82 32.89
CA GLY K 43 12.60 12.20 32.80
C GLY K 43 12.04 12.25 31.39
N LEU K 44 11.27 13.26 31.11
CA LEU K 44 10.58 13.33 29.88
C LEU K 44 10.92 14.65 29.19
N THR K 45 11.34 14.54 27.94
CA THR K 45 11.58 15.68 27.07
C THR K 45 10.42 15.80 26.09
N ILE K 46 9.76 16.93 26.13
CA ILE K 46 8.71 17.21 25.17
C ILE K 46 9.15 18.33 24.21
N PHE K 47 9.12 18.03 22.91
CA PHE K 47 9.30 19.05 21.89
C PHE K 47 7.94 19.69 21.63
N LEU K 48 7.89 21.02 21.57
CA LEU K 48 6.73 21.71 21.07
C LEU K 48 7.03 22.02 19.65
N VAL K 49 6.24 21.44 18.74
CA VAL K 49 6.47 21.78 17.38
C VAL K 49 5.19 22.12 16.66
N ASN K 50 5.35 22.64 15.46
CA ASN K 50 4.23 22.89 14.64
C ASN K 50 4.63 22.65 13.20
N ASN K 51 3.70 22.86 12.29
CA ASN K 51 3.99 22.81 10.88
C ASN K 51 3.20 23.89 10.16
N PRO K 52 3.81 25.08 10.04
CA PRO K 52 3.11 26.33 9.73
C PRO K 52 2.77 26.53 8.24
N GLU K 55 -0.35 22.12 7.49
CA GLU K 55 -1.44 21.87 8.44
C GLU K 55 -1.79 20.40 8.62
N ASN K 56 -2.02 20.00 9.87
CA ASN K 56 -1.95 18.60 10.30
C ASN K 56 -0.79 17.86 9.65
N GLY K 57 0.24 18.63 9.32
CA GLY K 57 1.39 18.07 8.65
C GLY K 57 2.24 17.40 9.70
N PRO K 58 3.32 16.73 9.26
CA PRO K 58 4.16 15.87 10.10
C PRO K 58 4.90 16.65 11.15
N VAL K 59 5.24 15.99 12.24
CA VAL K 59 6.24 16.48 13.21
C VAL K 59 7.66 16.44 12.59
N LYS K 60 8.34 17.60 12.61
CA LYS K 60 9.77 17.73 12.30
C LYS K 60 10.45 18.37 13.51
N ILE K 61 11.49 17.71 14.02
CA ILE K 61 12.25 18.23 15.17
C ILE K 61 13.49 18.87 14.64
N SER K 62 13.59 20.20 14.76
CA SER K 62 14.79 20.92 14.31
C SER K 62 15.97 20.64 15.23
N SER K 63 15.78 20.86 16.53
CA SER K 63 16.86 20.84 17.54
C SER K 63 17.89 19.72 17.46
N LYS K 64 19.19 20.03 17.50
CA LYS K 64 20.16 18.97 17.77
C LYS K 64 20.02 18.55 19.22
N VAL K 65 20.19 17.25 19.44
CA VAL K 65 19.93 16.61 20.70
C VAL K 65 21.20 15.83 20.95
N ASN K 66 21.85 16.08 22.08
CA ASN K 66 23.20 15.60 22.29
C ASN K 66 23.24 14.15 22.77
N ASP K 67 22.43 13.31 22.14
CA ASP K 67 22.30 11.92 22.52
C ASP K 67 22.02 11.10 21.27
N LYS K 68 22.87 10.09 21.03
CA LYS K 68 22.77 9.33 19.80
C LYS K 68 21.40 8.70 19.66
N GLN K 69 20.90 8.07 20.72
CA GLN K 69 19.73 7.19 20.65
C GLN K 69 18.44 7.95 20.44
N VAL K 70 18.32 9.09 21.09
CA VAL K 70 17.15 9.91 20.98
C VAL K 70 17.15 10.59 19.61
N SER K 71 18.35 10.89 19.12
CA SER K 71 18.44 11.53 17.81
C SER K 71 17.88 10.56 16.81
N GLU K 72 18.21 9.30 16.98
CA GLU K 72 17.73 8.31 16.07
C GLU K 72 16.20 8.16 16.14
N PHE K 73 15.62 8.44 17.30
CA PHE K 73 14.17 8.29 17.51
C PHE K 73 13.52 9.50 16.88
N LEU K 74 14.23 10.61 17.00
CA LEU K 74 13.76 11.90 16.62
C LEU K 74 14.00 12.18 15.16
N LYS K 75 14.49 11.20 14.41
CA LYS K 75 14.77 11.38 12.99
C LYS K 75 13.49 11.68 12.24
N ASP K 76 13.63 12.46 11.18
CA ASP K 76 12.50 12.84 10.35
C ASP K 76 11.78 11.58 9.91
N GLU K 77 12.48 10.58 9.44
CA GLU K 77 11.75 9.44 8.99
C GLU K 77 10.75 8.95 10.04
N ASN K 78 11.15 8.81 11.25
CA ASN K 78 10.21 8.54 12.37
C ASN K 78 9.08 9.57 12.75
N MET K 79 9.43 10.79 13.01
CA MET K 79 8.54 11.79 13.53
C MET K 79 7.44 12.21 12.61
N GLU K 80 7.59 11.94 11.34
CA GLU K 80 6.59 12.21 10.32
C GLU K 80 5.36 11.30 10.45
N LYS K 81 5.54 10.19 11.16
CA LYS K 81 4.41 9.32 11.49
C LYS K 81 3.48 10.01 12.50
N PHE K 82 3.96 11.11 13.07
CA PHE K 82 3.17 11.88 13.97
C PHE K 82 2.91 13.21 13.34
N ASN K 83 1.84 13.84 13.78
CA ASN K 83 1.38 15.06 13.16
C ASN K 83 1.17 16.16 14.19
N VAL K 84 1.26 17.40 13.75
CA VAL K 84 1.33 18.47 14.71
C VAL K 84 -0.03 19.07 15.08
N LYS K 85 -1.11 18.37 14.71
CA LYS K 85 -2.48 18.80 15.07
C LYS K 85 -2.46 19.40 16.48
N LEU K 86 -3.09 20.53 16.68
CA LEU K 86 -2.96 21.21 17.96
C LEU K 86 -3.44 20.37 19.11
N GLY K 87 -2.53 20.11 20.07
CA GLY K 87 -2.84 19.41 21.31
C GLY K 87 -2.61 17.92 21.24
N THR K 88 -2.34 17.43 20.03
CA THR K 88 -1.89 16.07 19.81
C THR K 88 -0.51 15.81 20.46
N SER K 89 -0.36 14.63 21.06
CA SER K 89 0.89 14.24 21.71
C SER K 89 1.19 12.73 21.60
N LYS K 90 2.46 12.43 21.41
CA LYS K 90 2.92 11.07 21.45
C LYS K 90 4.12 11.14 22.33
N HIS K 91 4.30 10.16 23.20
CA HIS K 91 5.56 10.12 23.92
C HIS K 91 5.93 8.68 24.17
N PHE K 92 7.24 8.39 24.07
CA PHE K 92 7.77 7.03 24.05
C PHE K 92 8.79 6.90 25.17
N TYR K 93 8.89 5.72 25.80
CA TYR K 93 10.05 5.39 26.64
C TYR K 93 11.11 4.61 25.90
N MET K 94 12.37 4.97 26.15
CA MET K 94 13.46 4.33 25.43
C MET K 94 14.75 4.51 26.22
N PHE K 95 15.79 3.78 25.83
CA PHE K 95 17.03 3.95 26.53
C PHE K 95 17.82 5.02 25.83
N ASN K 96 18.43 5.93 26.59
CA ASN K 96 19.39 6.86 25.97
C ASN K 96 20.82 6.27 25.82
N ASP K 97 21.79 7.14 25.52
CA ASP K 97 23.18 6.67 25.30
C ASP K 97 23.67 5.87 26.48
N ASN K 98 23.16 6.23 27.64
CA ASN K 98 23.62 5.77 28.91
C ASN K 98 22.92 4.57 29.48
N LYS K 99 22.10 3.94 28.68
CA LYS K 99 21.06 3.04 29.07
C LYS K 99 20.20 3.52 30.20
N ASN K 100 19.88 4.78 30.23
CA ASN K 100 18.95 5.23 31.19
C ASN K 100 17.64 5.43 30.56
N SER K 101 16.60 5.09 31.29
CA SER K 101 15.24 5.31 30.84
C SER K 101 14.87 6.73 30.74
N VAL K 102 14.21 7.06 29.67
CA VAL K 102 14.20 8.41 29.18
C VAL K 102 12.95 8.38 28.32
N ALA K 103 12.10 9.38 28.50
CA ALA K 103 10.82 9.50 27.76
C ALA K 103 10.84 10.71 26.84
N VAL K 104 10.53 10.51 25.58
CA VAL K 104 10.66 11.61 24.65
C VAL K 104 9.40 11.77 23.82
N GLY K 105 9.13 12.99 23.41
CA GLY K 105 8.03 13.24 22.51
C GLY K 105 7.63 14.68 22.31
N TYR K 106 6.47 14.86 21.68
CA TYR K 106 6.07 16.16 21.19
C TYR K 106 4.61 16.44 21.62
N VAL K 107 4.25 17.71 21.73
CA VAL K 107 2.86 18.12 21.74
C VAL K 107 2.80 18.97 20.51
N GLY K 108 1.70 18.89 19.77
CA GLY K 108 1.59 19.69 18.53
C GLY K 108 1.03 21.09 18.75
N CYS K 109 1.45 22.04 17.92
CA CYS K 109 1.03 23.45 18.06
C CYS K 109 0.45 23.93 16.71
N GLY K 110 0.15 22.97 15.84
CA GLY K 110 -0.55 23.25 14.61
C GLY K 110 0.28 24.00 13.61
N SER K 111 -0.32 25.04 13.04
CA SER K 111 0.18 25.57 11.78
C SER K 111 0.25 27.07 11.77
N VAL K 112 -0.07 27.69 12.90
CA VAL K 112 0.08 29.11 13.04
C VAL K 112 1.24 29.35 13.96
N ALA K 113 2.26 30.05 13.49
CA ALA K 113 3.38 30.46 14.34
C ALA K 113 2.90 31.13 15.64
N ASP K 114 2.27 32.30 15.54
CA ASP K 114 1.74 33.02 16.73
C ASP K 114 0.59 32.21 17.38
N LEU K 115 0.84 31.68 18.56
CA LEU K 115 -0.15 30.92 19.26
C LEU K 115 -0.94 31.84 20.14
N SER K 116 -2.21 31.49 20.37
CA SER K 116 -3.08 32.32 21.18
C SER K 116 -2.94 31.82 22.61
N GLU K 117 -3.63 32.44 23.56
CA GLU K 117 -3.52 31.96 24.90
C GLU K 117 -4.33 30.69 24.88
N ALA K 118 -5.40 30.70 24.10
CA ALA K 118 -6.24 29.53 24.02
C ALA K 118 -5.52 28.35 23.36
N ASP K 119 -4.85 28.57 22.24
CA ASP K 119 -3.96 27.55 21.68
C ASP K 119 -2.95 27.08 22.76
N MET K 120 -2.25 28.01 23.40
CA MET K 120 -1.31 27.64 24.47
C MET K 120 -1.94 26.78 25.60
N LYS K 121 -3.21 27.03 25.96
CA LYS K 121 -3.88 26.21 26.96
C LYS K 121 -3.93 24.76 26.45
N ARG K 122 -4.59 24.54 25.31
CA ARG K 122 -4.64 23.20 24.72
C ARG K 122 -3.23 22.57 24.65
N VAL K 123 -2.21 23.36 24.34
CA VAL K 123 -0.86 22.84 24.26
C VAL K 123 -0.51 22.29 25.61
N VAL K 124 -0.51 23.17 26.62
CA VAL K 124 -0.27 22.83 28.05
C VAL K 124 -1.18 21.72 28.59
N LEU K 125 -2.47 21.78 28.29
CA LEU K 125 -3.39 20.67 28.65
C LEU K 125 -2.84 19.31 28.24
N SER K 126 -2.27 19.27 27.04
CA SER K 126 -1.70 18.01 26.58
C SER K 126 -0.36 17.72 27.28
N LEU K 127 0.39 18.76 27.57
CA LEU K 127 1.55 18.53 28.36
C LEU K 127 1.15 17.86 29.71
N VAL K 128 0.06 18.34 30.33
CA VAL K 128 -0.30 18.01 31.69
C VAL K 128 -0.85 16.61 31.70
N THR K 129 -1.65 16.30 30.67
CA THR K 129 -2.13 14.92 30.49
C THR K 129 -0.95 13.97 30.51
N MET K 130 0.17 14.36 29.94
CA MET K 130 1.35 13.49 30.04
C MET K 130 1.96 13.40 31.41
N LEU K 131 2.03 14.52 32.10
CA LEU K 131 2.59 14.50 33.47
C LEU K 131 1.73 13.75 34.50
N HIS K 132 0.40 13.95 34.51
CA HIS K 132 -0.44 13.15 35.39
C HIS K 132 -0.23 11.65 35.16
N ASP K 133 0.18 11.26 33.96
CA ASP K 133 0.15 9.87 33.60
C ASP K 133 1.51 9.22 33.71
N ASN K 134 2.47 9.94 34.22
CA ASN K 134 3.79 9.38 34.34
C ASN K 134 4.50 9.71 35.63
N LYS K 135 5.19 8.75 36.18
CA LYS K 135 6.05 8.98 37.30
C LYS K 135 7.30 9.50 36.71
N LEU K 136 7.65 10.70 37.05
CA LEU K 136 8.83 11.32 36.47
C LEU K 136 9.48 12.24 37.49
N SER K 137 10.80 12.34 37.46
CA SER K 137 11.52 13.34 38.26
C SER K 137 11.64 14.68 37.53
N LYS K 138 11.79 14.63 36.21
CA LYS K 138 12.05 15.81 35.41
C LYS K 138 11.11 15.90 34.22
N LEU K 139 10.75 17.10 33.87
CA LEU K 139 10.16 17.41 32.56
C LEU K 139 11.08 18.43 31.86
N THR K 140 11.24 18.25 30.56
CA THR K 140 12.05 19.17 29.75
C THR K 140 11.14 19.52 28.62
N VAL K 141 11.03 20.81 28.34
CA VAL K 141 10.18 21.27 27.24
C VAL K 141 11.03 22.01 26.24
N VAL K 142 11.24 21.38 25.08
CA VAL K 142 11.97 22.01 24.02
C VAL K 142 11.01 22.84 23.14
N PHE K 143 11.18 24.16 23.19
CA PHE K 143 10.34 25.04 22.42
C PHE K 143 10.81 25.17 20.96
N GLU K 144 10.16 24.49 20.03
CA GLU K 144 10.48 24.77 18.62
C GLU K 144 9.39 25.66 17.99
N ILE K 145 8.69 26.37 18.88
CA ILE K 145 7.77 27.42 18.47
C ILE K 145 8.19 28.79 19.03
N ASN K 146 7.76 29.88 18.41
CA ASN K 146 8.03 31.23 18.97
C ASN K 146 7.01 31.70 19.98
N VAL K 147 7.52 32.18 21.09
CA VAL K 147 6.68 32.80 22.08
C VAL K 147 7.39 33.99 22.66
N ASP K 148 6.66 35.09 22.73
CA ASP K 148 7.20 36.28 23.36
C ASP K 148 7.42 35.99 24.87
N LYS K 149 8.00 36.93 25.60
CA LYS K 149 8.20 36.75 27.03
C LYS K 149 6.89 36.46 27.81
N ASN K 150 5.80 37.19 27.52
CA ASN K 150 4.51 36.98 28.23
C ASN K 150 3.90 35.60 28.06
N LEU K 151 3.94 35.15 26.82
CA LEU K 151 3.36 33.90 26.45
C LEU K 151 4.15 32.80 27.12
N PHE K 152 5.47 32.86 27.03
CA PHE K 152 6.30 31.90 27.75
C PHE K 152 6.02 31.95 29.28
N ARG K 153 5.75 33.13 29.81
CA ARG K 153 5.31 33.16 31.19
C ARG K 153 3.96 32.48 31.38
N PHE K 154 3.02 32.76 30.48
CA PHE K 154 1.66 32.20 30.62
C PHE K 154 1.71 30.66 30.58
N PHE K 155 2.35 30.14 29.53
CA PHE K 155 2.64 28.72 29.35
C PHE K 155 2.96 28.08 30.67
N LEU K 156 4.00 28.60 31.30
CA LEU K 156 4.47 28.18 32.59
C LEU K 156 3.38 28.28 33.62
N GLU K 157 2.82 29.48 33.80
CA GLU K 157 1.64 29.74 34.67
C GLU K 157 0.59 28.68 34.52
N THR K 158 0.27 28.40 33.27
CA THR K 158 -0.81 27.49 32.96
C THR K 158 -0.35 26.12 33.40
N LEU K 159 0.88 25.81 32.99
CA LEU K 159 1.43 24.49 33.22
C LEU K 159 1.28 24.18 34.70
N PHE K 160 1.94 24.98 35.55
CA PHE K 160 1.68 24.96 37.00
C PHE K 160 0.21 24.85 37.46
N TYR K 161 -0.69 25.71 37.01
CA TYR K 161 -2.06 25.65 37.53
C TYR K 161 -2.76 24.40 37.10
N GLU K 162 -2.61 24.04 35.83
CA GLU K 162 -3.20 22.77 35.35
C GLU K 162 -2.55 21.56 36.02
N TYR K 163 -1.23 21.55 36.16
CA TYR K 163 -0.56 20.44 36.80
C TYR K 163 -0.95 20.23 38.24
N MET K 164 -1.02 21.30 39.02
CA MET K 164 -1.52 21.23 40.39
C MET K 164 -2.93 20.69 40.42
N THR K 165 -3.21 19.78 41.33
CA THR K 165 -4.59 19.32 41.47
C THR K 165 -5.06 19.44 42.93
N ASP K 166 -6.12 20.22 43.13
CA ASP K 166 -6.70 20.47 44.46
C ASP K 166 -7.29 19.20 45.12
N GLU K 167 -6.70 18.74 46.22
CA GLU K 167 -7.26 17.55 46.88
C GLU K 167 -7.55 17.79 48.36
N ARG K 168 -7.68 19.07 48.74
CA ARG K 168 -8.03 19.45 50.11
C ARG K 168 -9.27 18.71 50.61
N PHE K 169 -10.20 18.40 49.71
CA PHE K 169 -11.46 17.76 50.07
C PHE K 169 -11.55 16.23 49.86
N LYS K 170 -10.49 15.62 49.34
CA LYS K 170 -10.35 14.17 49.27
C LYS K 170 -10.02 13.61 50.64
N SER K 171 -10.51 12.41 50.98
CA SER K 171 -9.95 11.66 52.13
C SER K 171 -9.67 10.22 51.79
N GLU K 179 3.39 11.62 43.29
CA GLU K 179 4.69 12.24 42.98
C GLU K 179 4.70 13.22 41.77
N TYR K 180 4.97 14.49 42.07
CA TYR K 180 5.14 15.55 41.08
C TYR K 180 6.58 15.61 40.58
N ILE K 181 6.80 16.07 39.36
CA ILE K 181 8.17 16.43 38.97
C ILE K 181 8.83 17.34 40.02
N LYS K 182 10.14 17.21 40.17
CA LYS K 182 10.90 18.16 41.01
C LYS K 182 11.83 19.08 40.18
N HIS K 183 11.91 18.76 38.89
CA HIS K 183 12.68 19.53 37.93
C HIS K 183 11.90 19.83 36.67
N LEU K 184 12.08 21.04 36.14
CA LEU K 184 11.52 21.44 34.88
C LEU K 184 12.61 22.10 34.07
N GLY K 185 12.97 21.48 32.95
CA GLY K 185 13.94 22.04 32.04
C GLY K 185 13.19 22.71 30.90
N VAL K 186 13.78 23.73 30.31
CA VAL K 186 13.22 24.32 29.12
C VAL K 186 14.29 24.51 28.07
N TYR K 187 14.02 24.22 26.83
CA TYR K 187 14.94 24.74 25.85
C TYR K 187 14.21 25.76 25.02
N ILE K 188 14.86 26.94 24.91
CA ILE K 188 14.30 28.06 24.20
C ILE K 188 15.45 28.97 23.78
N ASN K 189 15.28 29.53 22.57
CA ASN K 189 16.14 30.52 21.94
C ASN K 189 16.04 31.86 22.64
N ASN K 190 17.19 32.42 22.98
CA ASN K 190 17.27 33.68 23.73
C ASN K 190 16.97 33.49 25.21
N ALA K 191 17.39 32.32 25.74
CA ALA K 191 17.09 31.87 27.11
C ALA K 191 17.23 32.94 28.18
N ASP K 192 18.30 33.71 28.11
CA ASP K 192 18.51 34.82 29.02
C ASP K 192 17.26 35.64 29.15
N THR K 193 16.67 36.04 28.01
CA THR K 193 15.56 36.99 28.04
C THR K 193 14.36 36.48 28.85
N TYR K 194 14.45 35.24 29.32
CA TYR K 194 13.29 34.54 29.90
C TYR K 194 13.37 34.15 31.34
N LYS K 195 14.59 34.07 31.87
CA LYS K 195 14.82 33.60 33.22
C LYS K 195 14.01 34.36 34.25
N GLU K 196 13.84 35.66 34.03
CA GLU K 196 13.14 36.51 34.99
C GLU K 196 11.64 36.18 35.06
N GLU K 197 11.13 35.56 34.00
CA GLU K 197 9.72 35.19 33.95
C GLU K 197 9.35 34.01 34.84
N VAL K 198 10.33 33.15 35.13
CA VAL K 198 10.11 31.97 35.93
C VAL K 198 9.47 32.26 37.28
N GLU K 199 10.10 33.08 38.10
CA GLU K 199 9.60 33.27 39.46
C GLU K 199 8.36 34.15 39.47
N LYS K 200 8.22 34.96 38.43
CA LYS K 200 7.02 35.75 38.23
C LYS K 200 5.86 34.81 37.92
N ALA K 201 6.12 33.84 37.06
CA ALA K 201 5.15 32.80 36.70
C ALA K 201 4.73 32.05 37.94
N ARG K 202 5.71 31.72 38.78
CA ARG K 202 5.44 30.96 39.98
C ARG K 202 4.52 31.75 40.91
N VAL K 203 4.81 33.04 41.10
CA VAL K 203 3.94 33.90 41.91
C VAL K 203 2.55 33.98 41.31
N TYR K 204 2.47 34.32 40.03
CA TYR K 204 1.22 34.37 39.29
C TYR K 204 0.47 33.04 39.39
N TYR K 205 1.17 31.92 39.17
CA TYR K 205 0.55 30.60 39.37
C TYR K 205 -0.16 30.56 40.73
N PHE K 206 0.55 30.87 41.81
CA PHE K 206 -0.04 30.69 43.10
C PHE K 206 -1.18 31.66 43.40
N GLY K 207 -1.06 32.90 42.94
CA GLY K 207 -2.14 33.85 43.02
C GLY K 207 -3.40 33.30 42.39
N THR K 208 -3.25 32.78 41.19
CA THR K 208 -4.32 32.18 40.45
C THR K 208 -4.84 30.93 41.16
N TYR K 209 -3.91 30.10 41.60
CA TYR K 209 -4.28 28.84 42.21
C TYR K 209 -4.95 29.12 43.56
N TYR K 210 -4.48 30.15 44.24
CA TYR K 210 -5.05 30.54 45.52
C TYR K 210 -6.52 31.01 45.32
N ALA K 211 -6.75 31.86 44.31
CA ALA K 211 -8.08 32.27 43.96
C ALA K 211 -8.92 31.04 43.67
N SER K 212 -8.36 30.16 42.86
CA SER K 212 -8.98 28.89 42.48
C SER K 212 -9.43 28.14 43.73
N GLN K 213 -8.52 28.03 44.69
CA GLN K 213 -8.80 27.28 45.93
C GLN K 213 -9.99 27.84 46.68
N LEU K 214 -10.07 29.15 46.75
CA LEU K 214 -11.19 29.81 47.40
C LEU K 214 -12.46 29.52 46.66
N ILE K 215 -12.41 29.62 45.33
CA ILE K 215 -13.61 29.52 44.53
C ILE K 215 -14.10 28.10 44.67
N ALA K 216 -13.20 27.15 44.58
CA ALA K 216 -13.56 25.74 44.53
C ALA K 216 -14.13 25.28 45.85
N ALA K 217 -13.61 25.86 46.93
CA ALA K 217 -14.13 25.62 48.27
C ALA K 217 -15.65 25.84 48.25
N PRO K 218 -16.39 24.79 48.60
CA PRO K 218 -17.83 24.85 48.60
C PRO K 218 -18.31 25.79 49.68
N SER K 219 -19.57 26.21 49.58
CA SER K 219 -20.07 27.34 50.37
C SER K 219 -20.18 27.04 51.84
N ASN K 220 -20.29 25.78 52.20
CA ASN K 220 -20.25 25.41 53.61
C ASN K 220 -18.85 25.63 54.23
N TYR K 221 -17.83 25.54 53.39
CA TYR K 221 -16.46 25.81 53.83
C TYR K 221 -16.15 27.29 53.69
N CYS K 222 -16.40 27.80 52.49
CA CYS K 222 -16.15 29.17 52.17
C CYS K 222 -17.43 29.96 52.33
N ASN K 223 -17.61 30.54 53.51
CA ASN K 223 -18.70 31.45 53.81
C ASN K 223 -18.13 32.86 54.10
N PRO K 224 -19.00 33.85 54.27
CA PRO K 224 -18.49 35.20 54.53
C PRO K 224 -17.50 35.27 55.68
N VAL K 225 -17.71 34.47 56.72
CA VAL K 225 -16.83 34.56 57.90
C VAL K 225 -15.49 33.87 57.62
N SER K 226 -15.56 32.67 57.08
CA SER K 226 -14.34 31.94 56.77
C SER K 226 -13.54 32.61 55.65
N LEU K 227 -14.24 33.17 54.66
CA LEU K 227 -13.56 33.88 53.58
C LEU K 227 -12.75 35.05 54.10
N SER K 228 -13.42 35.94 54.84
CA SER K 228 -12.76 37.07 55.45
C SER K 228 -11.63 36.61 56.38
N ASN K 229 -11.84 35.55 57.15
CA ASN K 229 -10.78 34.98 57.93
C ASN K 229 -9.57 34.60 57.08
N ALA K 230 -9.83 34.06 55.90
CA ALA K 230 -8.75 33.62 55.04
C ALA K 230 -8.03 34.85 54.48
N ALA K 231 -8.79 35.88 54.16
CA ALA K 231 -8.18 37.12 53.67
C ALA K 231 -7.26 37.71 54.75
N VAL K 232 -7.70 37.68 56.01
CA VAL K 232 -6.94 38.18 57.13
C VAL K 232 -5.64 37.39 57.22
N GLU K 233 -5.75 36.08 57.10
CA GLU K 233 -4.59 35.24 57.17
C GLU K 233 -3.62 35.59 56.01
N LEU K 234 -4.15 35.78 54.82
CA LEU K 234 -3.33 36.11 53.68
C LEU K 234 -2.59 37.41 53.89
N ALA K 235 -3.33 38.40 54.38
CA ALA K 235 -2.81 39.72 54.68
C ALA K 235 -1.67 39.61 55.68
N GLN K 236 -1.87 38.78 56.70
CA GLN K 236 -0.87 38.61 57.73
C GLN K 236 0.39 37.98 57.15
N LYS K 237 0.21 37.00 56.28
CA LYS K 237 1.33 36.35 55.63
C LYS K 237 2.06 37.27 54.70
N LEU K 238 1.36 38.25 54.16
CA LEU K 238 1.97 39.16 53.18
C LEU K 238 2.34 40.53 53.72
N ASN K 239 2.17 40.72 55.02
CA ASN K 239 2.35 42.02 55.65
C ASN K 239 1.52 43.17 55.07
N LEU K 240 0.30 42.85 54.65
CA LEU K 240 -0.63 43.85 54.19
C LEU K 240 -1.43 44.37 55.36
N GLU K 241 -1.78 45.64 55.29
CA GLU K 241 -2.78 46.18 56.21
C GLU K 241 -4.12 45.53 55.86
N TYR K 242 -4.88 45.21 56.89
CA TYR K 242 -6.20 44.70 56.66
C TYR K 242 -7.17 45.28 57.67
N LYS K 243 -8.43 45.30 57.28
CA LYS K 243 -9.53 45.67 58.14
C LYS K 243 -10.70 44.82 57.63
N ILE K 244 -11.40 44.18 58.56
CA ILE K 244 -12.66 43.49 58.22
C ILE K 244 -13.83 44.24 58.87
N LEU K 245 -14.71 44.75 58.03
CA LEU K 245 -15.88 45.45 58.52
C LEU K 245 -16.97 44.45 58.83
N GLY K 246 -17.39 44.44 60.10
CA GLY K 246 -18.53 43.63 60.56
C GLY K 246 -19.85 44.37 60.46
N VAL K 247 -20.93 43.69 60.76
CA VAL K 247 -22.26 44.24 60.60
C VAL K 247 -22.46 45.62 61.25
N LYS K 248 -22.02 45.78 62.51
CA LYS K 248 -22.18 47.04 63.23
C LYS K 248 -21.53 48.21 62.47
N GLU K 249 -20.32 48.00 61.97
CA GLU K 249 -19.62 49.03 61.21
C GLU K 249 -20.28 49.25 59.87
N LEU K 250 -20.74 48.18 59.22
CA LEU K 250 -21.48 48.30 57.94
C LEU K 250 -22.76 49.10 58.09
N GLU K 251 -23.44 48.92 59.22
CA GLU K 251 -24.65 49.69 59.53
C GLU K 251 -24.30 51.18 59.76
N GLU K 252 -23.24 51.44 60.53
CA GLU K 252 -22.75 52.79 60.73
C GLU K 252 -22.38 53.43 59.39
N LEU K 253 -21.83 52.66 58.47
CA LEU K 253 -21.49 53.18 57.15
C LEU K 253 -22.71 53.28 56.25
N LYS K 254 -23.86 52.79 56.73
CA LYS K 254 -25.10 52.86 55.97
C LYS K 254 -25.07 52.09 54.65
N MET K 255 -24.37 50.95 54.68
CA MET K 255 -24.33 50.04 53.54
C MET K 255 -25.57 49.13 53.51
N GLY K 256 -26.70 49.76 53.22
CA GLY K 256 -27.97 49.05 53.14
C GLY K 256 -28.16 48.12 51.97
N ALA K 257 -27.55 48.43 50.81
CA ALA K 257 -27.72 47.53 49.67
C ALA K 257 -26.98 46.24 49.99
N TYR K 258 -25.74 46.37 50.40
CA TYR K 258 -24.90 45.23 50.75
C TYR K 258 -25.47 44.41 51.90
N LEU K 259 -25.91 45.09 52.96
CA LEU K 259 -26.49 44.41 54.12
C LEU K 259 -27.80 43.75 53.80
N SER K 260 -28.58 44.31 52.88
CA SER K 260 -29.86 43.68 52.52
C SER K 260 -29.69 42.29 51.95
N VAL K 261 -28.68 42.14 51.08
CA VAL K 261 -28.41 40.85 50.43
C VAL K 261 -28.10 39.79 51.48
N GLY K 262 -27.35 40.21 52.49
CA GLY K 262 -26.84 39.28 53.49
C GLY K 262 -27.83 38.95 54.58
N LYS K 263 -28.92 39.73 54.64
CA LYS K 263 -29.95 39.59 55.68
C LYS K 263 -30.42 38.16 55.91
N GLY K 264 -30.64 37.43 54.82
CA GLY K 264 -31.10 36.05 54.91
C GLY K 264 -30.05 35.03 55.33
N SER K 265 -28.79 35.43 55.49
CA SER K 265 -27.74 34.45 55.76
C SER K 265 -27.47 34.24 57.25
N MET K 266 -27.04 33.03 57.58
CA MET K 266 -26.64 32.73 58.95
C MET K 266 -25.26 33.27 59.18
N TYR K 267 -24.59 33.67 58.11
CA TYR K 267 -23.27 34.26 58.22
C TYR K 267 -23.37 35.77 58.11
N PRO K 268 -22.87 36.47 59.13
CA PRO K 268 -22.84 37.92 59.13
C PRO K 268 -22.02 38.40 57.98
N ASN K 269 -22.44 39.52 57.37
CA ASN K 269 -21.66 40.16 56.34
C ASN K 269 -20.28 40.52 56.85
N LYS K 270 -19.30 40.31 55.97
CA LYS K 270 -17.91 40.65 56.27
C LYS K 270 -17.34 41.41 55.08
N PHE K 271 -16.93 42.64 55.34
CA PHE K 271 -16.39 43.47 54.27
C PHE K 271 -14.88 43.43 54.37
N ILE K 272 -14.23 42.93 53.31
CA ILE K 272 -12.80 42.71 53.29
C ILE K 272 -12.14 43.96 52.74
N HIS K 273 -11.19 44.49 53.52
CA HIS K 273 -10.38 45.62 53.11
C HIS K 273 -8.91 45.34 53.39
N LEU K 274 -8.20 44.96 52.33
CA LEU K 274 -6.77 44.79 52.38
C LEU K 274 -6.13 45.99 51.71
N THR K 275 -4.94 46.35 52.18
CA THR K 275 -4.21 47.45 51.62
C THR K 275 -2.75 47.10 51.47
N TYR K 276 -2.25 47.28 50.26
CA TYR K 276 -0.84 47.28 50.01
C TYR K 276 -0.43 48.73 49.72
N LYS K 277 0.57 49.23 50.45
CA LYS K 277 1.14 50.57 50.19
C LYS K 277 2.61 50.39 49.84
N SER K 278 3.06 51.08 48.79
CA SER K 278 4.46 50.99 48.38
C SER K 278 5.36 51.71 49.36
N LYS K 279 6.63 51.31 49.39
CA LYS K 279 7.61 51.93 50.25
C LYS K 279 7.85 53.41 49.82
N GLY K 280 8.04 53.65 48.52
CA GLY K 280 8.37 54.99 48.03
C GLY K 280 7.20 55.98 48.01
N ASP K 281 7.31 56.99 47.18
CA ASP K 281 6.20 57.90 46.97
C ASP K 281 5.11 57.16 46.26
N VAL K 282 3.89 57.41 46.69
CA VAL K 282 2.75 56.79 46.05
C VAL K 282 2.26 57.67 44.92
N LYS K 283 2.31 57.13 43.71
CA LYS K 283 1.94 57.87 42.52
C LYS K 283 0.55 57.51 42.01
N LYS K 284 0.07 56.34 42.42
CA LYS K 284 -1.18 55.77 41.92
C LYS K 284 -1.90 55.05 43.05
N LYS K 285 -3.17 55.38 43.21
CA LYS K 285 -4.01 54.70 44.18
C LYS K 285 -5.09 53.94 43.44
N ILE K 286 -5.22 52.66 43.77
CA ILE K 286 -6.10 51.75 43.07
C ILE K 286 -6.95 51.02 44.07
N ALA K 287 -8.25 50.95 43.78
CA ALA K 287 -9.17 50.18 44.57
C ALA K 287 -9.60 49.03 43.69
N LEU K 288 -9.37 47.81 44.15
CA LEU K 288 -9.78 46.63 43.41
C LEU K 288 -10.94 46.05 44.15
N VAL K 289 -12.09 45.95 43.48
CA VAL K 289 -13.29 45.50 44.15
C VAL K 289 -13.69 44.16 43.55
N GLY K 290 -13.84 43.15 44.40
CA GLY K 290 -14.36 41.86 43.95
C GLY K 290 -15.73 41.52 44.51
N LYS K 291 -16.61 40.99 43.66
CA LYS K 291 -17.89 40.47 44.12
C LYS K 291 -17.63 39.25 44.97
N GLY K 292 -18.20 39.25 46.18
CA GLY K 292 -17.92 38.22 47.17
C GLY K 292 -19.17 37.53 47.67
N ILE K 293 -19.95 36.98 46.75
CA ILE K 293 -21.15 36.24 47.15
C ILE K 293 -20.75 34.81 47.36
N THR K 294 -20.61 34.38 48.63
CA THR K 294 -20.07 33.04 48.94
C THR K 294 -20.98 31.91 48.50
N PHE K 295 -22.27 32.20 48.48
CA PHE K 295 -23.22 31.35 47.80
C PHE K 295 -24.39 32.15 47.35
N ASP K 296 -24.75 31.96 46.10
CA ASP K 296 -25.88 32.67 45.58
C ASP K 296 -27.03 31.73 45.26
N SER K 297 -27.95 31.57 46.19
CA SER K 297 -29.16 30.79 45.95
C SER K 297 -30.14 31.54 45.04
N GLY K 298 -29.96 32.83 44.88
CA GLY K 298 -30.96 33.63 44.20
C GLY K 298 -31.81 34.43 45.17
N GLY K 299 -31.88 34.00 46.43
CA GLY K 299 -32.80 34.60 47.40
C GLY K 299 -34.19 34.16 47.03
N TYR K 300 -35.20 34.97 47.40
CA TYR K 300 -36.56 34.64 47.05
C TYR K 300 -36.75 34.45 45.56
N ASN K 301 -35.96 35.16 44.75
CA ASN K 301 -35.85 34.86 43.31
C ASN K 301 -34.94 33.66 43.10
N LEU K 302 -35.33 32.56 43.74
CA LEU K 302 -34.50 31.37 43.78
C LEU K 302 -34.06 30.97 42.38
N LYS K 303 -32.80 30.55 42.27
CA LYS K 303 -32.31 29.93 41.05
C LYS K 303 -32.94 28.59 40.88
N ALA K 304 -34.11 28.58 40.26
CA ALA K 304 -34.89 27.34 40.13
C ALA K 304 -35.10 27.04 38.67
N ALA K 305 -34.95 28.06 37.82
CA ALA K 305 -35.06 27.90 36.38
C ALA K 305 -34.01 26.94 35.82
N PRO K 306 -34.37 26.20 34.77
CA PRO K 306 -33.37 25.34 34.10
C PRO K 306 -32.19 26.17 33.62
N GLY K 307 -30.98 25.67 33.83
CA GLY K 307 -29.77 26.38 33.42
C GLY K 307 -29.28 27.49 34.34
N SER K 308 -29.95 27.68 35.48
CA SER K 308 -29.56 28.72 36.47
C SER K 308 -28.35 28.26 37.27
N MET K 309 -28.06 26.97 37.18
CA MET K 309 -26.83 26.39 37.73
C MET K 309 -26.58 26.69 39.21
N ILE K 310 -27.61 26.49 40.02
CA ILE K 310 -27.50 26.83 41.42
C ILE K 310 -26.30 26.11 42.07
N ASP K 311 -25.95 24.95 41.52
CA ASP K 311 -24.93 24.08 42.11
C ASP K 311 -23.53 24.61 41.89
N LEU K 312 -23.42 25.59 41.00
CA LEU K 312 -22.17 26.27 40.71
C LEU K 312 -21.92 27.51 41.58
N MET K 313 -22.96 27.97 42.28
CA MET K 313 -22.97 29.31 42.86
C MET K 313 -22.04 29.54 44.04
N LYS K 314 -21.34 28.50 44.50
CA LYS K 314 -20.20 28.72 45.38
C LYS K 314 -19.17 29.60 44.69
N PHE K 315 -19.26 29.72 43.35
CA PHE K 315 -18.26 30.44 42.54
C PHE K 315 -18.56 31.95 42.42
N ASP K 316 -19.59 32.40 43.12
CA ASP K 316 -20.03 33.77 43.01
C ASP K 316 -19.18 34.71 43.84
N MET K 317 -18.13 34.17 44.45
CA MET K 317 -17.14 35.02 45.08
C MET K 317 -15.83 35.01 44.29
N SER K 318 -15.88 34.51 43.07
CA SER K 318 -14.71 34.53 42.17
C SER K 318 -14.04 35.90 42.09
N GLY K 319 -14.86 36.96 42.06
CA GLY K 319 -14.34 38.32 41.92
C GLY K 319 -13.49 38.63 43.14
N CYS K 320 -14.04 38.27 44.30
CA CYS K 320 -13.33 38.44 45.54
C CYS K 320 -12.10 37.53 45.54
N ALA K 321 -12.22 36.33 45.01
CA ALA K 321 -11.05 35.44 44.90
C ALA K 321 -9.98 36.09 44.04
N ALA K 322 -10.40 36.64 42.91
CA ALA K 322 -9.45 37.23 41.96
C ALA K 322 -8.67 38.34 42.65
N VAL K 323 -9.41 39.17 43.37
CA VAL K 323 -8.84 40.28 44.11
C VAL K 323 -7.86 39.78 45.20
N LEU K 324 -8.21 38.71 45.88
CA LEU K 324 -7.31 38.18 46.92
C LEU K 324 -6.07 37.55 46.32
N GLY K 325 -6.27 36.88 45.19
CA GLY K 325 -5.18 36.28 44.47
C GLY K 325 -4.24 37.37 44.01
N CYS K 326 -4.84 38.46 43.56
CA CYS K 326 -4.02 39.62 43.15
C CYS K 326 -3.25 40.20 44.34
N ALA K 327 -3.93 40.35 45.48
CA ALA K 327 -3.26 40.77 46.72
C ALA K 327 -2.06 39.88 47.03
N TYR K 328 -2.19 38.57 46.80
CA TYR K 328 -1.03 37.69 46.99
C TYR K 328 0.09 38.08 46.07
N CYS K 329 -0.20 38.26 44.77
CA CYS K 329 0.83 38.60 43.79
C CYS K 329 1.49 39.95 44.10
N VAL K 330 0.65 40.95 44.33
CA VAL K 330 1.13 42.30 44.64
C VAL K 330 1.94 42.27 45.93
N GLY K 331 1.42 41.63 46.97
CA GLY K 331 2.11 41.55 48.24
C GLY K 331 3.47 40.88 48.09
N THR K 332 3.58 39.98 47.11
CA THR K 332 4.77 39.19 46.95
C THR K 332 5.74 39.91 46.05
N LEU K 333 5.24 40.46 44.95
CA LEU K 333 6.12 41.12 43.97
C LEU K 333 6.47 42.55 44.39
N LYS K 334 5.69 43.07 45.33
CA LYS K 334 5.97 44.38 45.96
C LYS K 334 6.26 45.51 44.98
N PRO K 335 5.29 45.86 44.12
CA PRO K 335 5.48 46.95 43.17
C PRO K 335 5.69 48.26 43.86
N GLU K 336 6.30 49.22 43.18
CA GLU K 336 6.55 50.52 43.79
C GLU K 336 5.56 51.59 43.35
N ASN K 337 5.49 52.64 44.15
CA ASN K 337 4.72 53.85 43.86
C ASN K 337 3.21 53.66 43.74
N VAL K 338 2.72 52.54 44.27
CA VAL K 338 1.29 52.23 44.24
C VAL K 338 0.73 51.98 45.62
N GLU K 339 -0.50 52.41 45.80
CA GLU K 339 -1.25 52.03 46.97
C GLU K 339 -2.45 51.28 46.44
N ILE K 340 -2.56 50.00 46.81
CA ILE K 340 -3.69 49.20 46.35
C ILE K 340 -4.58 48.79 47.49
N HIS K 341 -5.89 49.01 47.28
CA HIS K 341 -6.91 48.53 48.19
C HIS K 341 -7.63 47.37 47.56
N PHE K 342 -7.65 46.27 48.29
CA PHE K 342 -8.37 45.09 47.85
C PHE K 342 -9.60 45.05 48.71
N LEU K 343 -10.74 45.13 48.05
CA LEU K 343 -12.04 45.18 48.71
C LEU K 343 -12.99 44.09 48.24
N SER K 344 -13.71 43.51 49.18
CA SER K 344 -14.89 42.72 48.82
C SER K 344 -15.97 42.80 49.90
N ALA K 345 -17.18 43.15 49.45
CA ALA K 345 -18.33 43.14 50.31
C ALA K 345 -18.85 41.71 50.26
N VAL K 346 -18.45 40.92 51.24
CA VAL K 346 -18.72 39.51 51.24
C VAL K 346 -19.99 39.22 52.02
N CYS K 347 -20.81 38.37 51.45
CA CYS K 347 -22.01 37.88 52.10
C CYS K 347 -22.52 36.69 51.30
N GLU K 348 -23.64 36.14 51.76
CA GLU K 348 -24.25 34.96 51.14
C GLU K 348 -25.71 35.30 50.88
N ASN K 349 -26.19 34.95 49.69
CA ASN K 349 -27.56 35.26 49.26
C ASN K 349 -28.50 34.07 49.48
N MET K 350 -29.23 34.09 50.59
CA MET K 350 -29.98 32.93 51.01
C MET K 350 -31.46 33.21 51.11
N VAL K 351 -32.20 32.14 51.33
CA VAL K 351 -33.64 32.21 51.50
C VAL K 351 -33.96 31.91 52.95
N SER K 352 -34.76 32.78 53.55
CA SER K 352 -34.97 32.76 54.96
C SER K 352 -36.12 33.69 55.30
N LYS K 353 -36.63 33.60 56.52
CA LYS K 353 -37.64 34.54 56.95
C LYS K 353 -37.02 35.92 57.04
N ASN K 354 -35.69 35.97 57.06
CA ASN K 354 -34.98 37.23 57.24
C ASN K 354 -34.47 37.86 55.94
N SER K 355 -34.61 37.16 54.83
CA SER K 355 -34.05 37.64 53.56
C SER K 355 -34.75 38.87 53.10
N TYR K 356 -34.10 39.62 52.23
CA TYR K 356 -34.76 40.75 51.62
C TYR K 356 -35.67 40.17 50.55
N ARG K 357 -36.71 40.93 50.19
CA ARG K 357 -37.70 40.44 49.23
C ARG K 357 -37.64 41.22 47.95
N PRO K 358 -38.07 40.57 46.87
CA PRO K 358 -38.33 41.36 45.68
C PRO K 358 -39.33 42.49 46.04
N GLY K 359 -39.03 43.71 45.62
CA GLY K 359 -39.89 44.83 45.91
C GLY K 359 -39.31 45.73 46.97
N ASP K 360 -38.54 45.16 47.90
CA ASP K 360 -37.91 45.94 48.94
C ASP K 360 -37.18 47.13 48.36
N ILE K 361 -37.32 48.27 49.02
CA ILE K 361 -36.53 49.43 48.68
C ILE K 361 -35.52 49.62 49.78
N ILE K 362 -34.26 49.61 49.36
CA ILE K 362 -33.15 49.68 50.28
C ILE K 362 -32.33 50.94 49.96
N THR K 363 -31.44 51.36 50.88
CA THR K 363 -30.69 52.61 50.72
C THR K 363 -29.22 52.32 50.76
N ALA K 364 -28.55 52.58 49.64
CA ALA K 364 -27.09 52.39 49.57
C ALA K 364 -26.40 53.43 50.45
N SER K 365 -25.13 53.21 50.73
CA SER K 365 -24.36 54.13 51.58
C SER K 365 -24.23 55.57 51.04
N ASN K 366 -24.52 55.78 49.76
CA ASN K 366 -24.42 57.12 49.19
C ASN K 366 -25.80 57.80 49.25
N GLY K 367 -26.73 57.16 49.94
CA GLY K 367 -28.07 57.70 50.11
C GLY K 367 -29.08 57.37 49.00
N LYS K 368 -28.62 56.79 47.88
CA LYS K 368 -29.53 56.39 46.80
C LYS K 368 -30.44 55.26 47.27
N THR K 369 -31.75 55.42 47.06
CA THR K 369 -32.70 54.35 47.33
C THR K 369 -32.82 53.47 46.10
N ILE K 370 -32.90 52.17 46.37
CA ILE K 370 -32.90 51.17 45.33
C ILE K 370 -34.10 50.28 45.51
N GLU K 371 -34.89 50.15 44.45
CA GLU K 371 -35.98 49.19 44.42
C GLU K 371 -35.39 47.89 43.92
N VAL K 372 -35.49 46.85 44.76
CA VAL K 372 -35.10 45.50 44.40
C VAL K 372 -36.18 44.86 43.51
N GLY K 373 -35.85 44.66 42.24
CA GLY K 373 -36.74 43.97 41.30
C GLY K 373 -36.52 42.45 41.32
N ASN K 374 -35.32 42.04 41.74
CA ASN K 374 -34.98 40.63 41.70
C ASN K 374 -33.85 40.32 42.69
N THR K 375 -34.13 39.46 43.66
CA THR K 375 -33.15 39.24 44.71
C THR K 375 -31.91 38.53 44.19
N ASP K 376 -32.05 37.91 43.01
CA ASP K 376 -30.95 37.24 42.38
C ASP K 376 -30.01 38.18 41.66
N ALA K 377 -30.37 39.45 41.54
CA ALA K 377 -29.43 40.44 41.04
C ALA K 377 -28.71 41.10 42.21
N GLU K 378 -28.22 40.28 43.13
CA GLU K 378 -27.65 40.74 44.39
C GLU K 378 -26.23 41.27 44.30
N GLY K 379 -25.47 40.83 43.30
CA GLY K 379 -24.08 41.25 43.19
C GLY K 379 -23.94 42.76 43.09
N ARG K 380 -24.76 43.36 42.21
CA ARG K 380 -24.69 44.80 41.97
C ARG K 380 -25.05 45.57 43.25
N LEU K 381 -25.97 45.01 44.02
CA LEU K 381 -26.28 45.63 45.31
C LEU K 381 -25.06 45.66 46.22
N THR K 382 -24.35 44.55 46.34
CA THR K 382 -23.17 44.53 47.20
C THR K 382 -22.10 45.40 46.59
N LEU K 383 -21.95 45.33 45.26
CA LEU K 383 -20.93 46.15 44.61
C LEU K 383 -21.15 47.67 44.77
N ALA K 384 -22.41 48.09 44.70
CA ALA K 384 -22.79 49.47 44.88
C ALA K 384 -22.20 50.00 46.18
N ASP K 385 -22.43 49.32 47.28
CA ASP K 385 -21.88 49.82 48.54
C ASP K 385 -20.36 49.77 48.56
N ALA K 386 -19.80 48.71 47.96
CA ALA K 386 -18.35 48.54 47.84
C ALA K 386 -17.77 49.65 46.96
N LEU K 387 -18.49 50.09 45.93
CA LEU K 387 -17.99 51.15 45.07
C LEU K 387 -17.99 52.50 45.76
N VAL K 388 -19.08 52.82 46.46
CA VAL K 388 -19.17 54.02 47.27
C VAL K 388 -18.01 54.04 48.31
N TYR K 389 -17.78 52.89 48.96
CA TYR K 389 -16.66 52.74 49.87
C TYR K 389 -15.34 52.97 49.15
N ALA K 390 -15.19 52.41 47.95
CA ALA K 390 -13.93 52.51 47.22
C ALA K 390 -13.65 53.98 46.90
N GLU K 391 -14.69 54.68 46.44
CA GLU K 391 -14.52 56.06 46.02
C GLU K 391 -14.19 56.93 47.21
N LYS K 392 -14.74 56.60 48.37
CA LYS K 392 -14.46 57.37 49.56
C LYS K 392 -12.99 57.26 49.94
N LEU K 393 -12.30 56.27 49.36
CA LEU K 393 -10.90 56.04 49.66
C LEU K 393 -10.02 57.04 48.95
N GLY K 394 -10.60 57.71 47.96
CA GLY K 394 -9.88 58.70 47.15
C GLY K 394 -8.79 58.07 46.30
N VAL K 395 -9.18 57.12 45.46
CA VAL K 395 -8.24 56.42 44.60
C VAL K 395 -8.27 57.00 43.19
N ASP K 396 -7.29 56.63 42.36
CA ASP K 396 -7.25 57.10 40.99
C ASP K 396 -8.10 56.22 40.12
N TYR K 397 -8.07 54.93 40.41
CA TYR K 397 -8.86 53.94 39.71
C TYR K 397 -9.61 53.06 40.67
N ILE K 398 -10.82 52.71 40.24
CA ILE K 398 -11.58 51.64 40.84
C ILE K 398 -11.82 50.63 39.76
N VAL K 399 -11.33 49.42 39.97
CA VAL K 399 -11.69 48.30 39.13
C VAL K 399 -12.41 47.25 39.94
N ASP K 400 -13.62 46.92 39.51
CA ASP K 400 -14.35 45.81 40.11
C ASP K 400 -14.36 44.61 39.18
N ILE K 401 -14.46 43.44 39.77
CA ILE K 401 -14.42 42.20 39.03
C ILE K 401 -15.43 41.29 39.71
N ALA K 402 -16.34 40.74 38.90
CA ALA K 402 -17.53 40.12 39.46
C ALA K 402 -18.09 39.13 38.50
N THR K 403 -18.58 38.02 39.04
CA THR K 403 -19.34 37.06 38.25
C THR K 403 -20.73 37.66 38.29
N LEU K 404 -20.97 38.65 37.45
CA LEU K 404 -22.13 39.50 37.62
C LEU K 404 -23.38 39.08 36.83
N THR K 405 -23.21 38.65 35.59
CA THR K 405 -24.38 38.39 34.78
C THR K 405 -24.19 37.16 33.91
N GLY K 406 -25.12 36.22 34.04
CA GLY K 406 -25.17 35.06 33.20
C GLY K 406 -25.17 35.42 31.72
N ALA K 407 -25.68 36.60 31.39
CA ALA K 407 -25.75 37.04 30.01
C ALA K 407 -24.37 36.99 29.34
N MET K 408 -23.31 37.12 30.14
CA MET K 408 -21.95 37.03 29.62
C MET K 408 -21.69 35.76 28.80
N LEU K 409 -22.31 34.67 29.19
CA LEU K 409 -22.21 33.44 28.45
C LEU K 409 -22.82 33.59 27.08
N TYR K 410 -23.74 34.54 26.94
CA TYR K 410 -24.44 34.75 25.66
C TYR K 410 -23.74 35.82 24.83
N SER K 411 -22.96 36.68 25.47
CA SER K 411 -22.27 37.73 24.74
C SER K 411 -20.86 37.26 24.40
N LEU K 412 -20.03 37.06 25.40
CA LEU K 412 -18.63 36.72 25.15
C LEU K 412 -18.30 35.23 25.30
N GLY K 413 -19.10 34.51 26.05
CA GLY K 413 -18.87 33.11 26.25
C GLY K 413 -17.98 32.84 27.44
N THR K 414 -17.26 31.73 27.35
CA THR K 414 -16.49 31.22 28.48
C THR K 414 -15.03 31.61 28.42
N SER K 415 -14.65 32.37 27.40
CA SER K 415 -13.21 32.63 27.24
C SER K 415 -12.80 34.08 27.44
N TYR K 416 -13.65 35.02 27.05
CA TYR K 416 -13.32 36.41 27.24
C TYR K 416 -14.22 37.07 28.27
N ALA K 417 -13.64 37.74 29.26
CA ALA K 417 -14.44 38.46 30.23
C ALA K 417 -14.84 39.75 29.54
N GLY K 418 -15.85 40.42 30.10
CA GLY K 418 -16.27 41.69 29.57
C GLY K 418 -15.71 42.77 30.46
N VAL K 419 -15.34 43.90 29.85
CA VAL K 419 -14.97 45.07 30.60
C VAL K 419 -15.81 46.24 30.16
N PHE K 420 -16.36 46.91 31.16
CA PHE K 420 -17.19 48.11 31.03
C PHE K 420 -16.53 49.11 31.92
N GLY K 421 -16.75 50.38 31.63
CA GLY K 421 -16.19 51.45 32.45
C GLY K 421 -16.62 52.84 32.04
N ASN K 422 -16.27 53.82 32.86
CA ASN K 422 -16.65 55.22 32.64
C ASN K 422 -15.47 56.01 32.14
N ASN K 423 -14.37 55.31 31.85
CA ASN K 423 -13.12 55.95 31.49
C ASN K 423 -12.30 55.18 30.47
N GLU K 424 -12.06 55.78 29.32
CA GLU K 424 -11.39 55.09 28.23
C GLU K 424 -9.94 54.71 28.60
N GLU K 425 -9.19 55.64 29.21
CA GLU K 425 -7.81 55.36 29.59
C GLU K 425 -7.74 54.13 30.48
N LEU K 426 -8.64 54.07 31.45
CA LEU K 426 -8.66 52.96 32.40
C LEU K 426 -8.97 51.65 31.70
N ILE K 427 -9.99 51.66 30.84
CA ILE K 427 -10.38 50.50 30.05
C ILE K 427 -9.20 50.03 29.21
N ASN K 428 -8.48 50.94 28.59
CA ASN K 428 -7.36 50.60 27.75
C ASN K 428 -6.26 49.96 28.58
N LYS K 429 -6.14 50.42 29.83
CA LYS K 429 -5.16 49.85 30.73
C LYS K 429 -5.53 48.41 31.06
N ILE K 430 -6.81 48.17 31.35
CA ILE K 430 -7.29 46.79 31.52
C ILE K 430 -6.97 45.96 30.28
N LEU K 431 -7.26 46.51 29.10
CA LEU K 431 -7.09 45.75 27.87
C LEU K 431 -5.63 45.44 27.69
N GLN K 432 -4.76 46.36 28.06
CA GLN K 432 -3.35 46.15 27.90
C GLN K 432 -2.90 45.08 28.89
N SER K 433 -3.51 45.09 30.08
CA SER K 433 -3.23 44.08 31.09
C SER K 433 -3.78 42.75 30.67
N SER K 434 -4.88 42.75 29.95
CA SER K 434 -5.40 41.54 29.33
C SER K 434 -4.36 40.96 28.36
N LYS K 435 -3.80 41.81 27.52
CA LYS K 435 -2.82 41.37 26.55
C LYS K 435 -1.60 40.75 27.22
N THR K 436 -1.07 41.42 28.24
CA THR K 436 0.16 40.96 28.89
C THR K 436 -0.03 39.79 29.88
N SER K 437 -1.23 39.68 30.45
CA SER K 437 -1.54 38.59 31.40
C SER K 437 -2.04 37.35 30.68
N ASN K 438 -2.49 37.57 29.44
CA ASN K 438 -3.10 36.55 28.63
C ASN K 438 -4.40 36.01 29.23
N GLU K 439 -5.06 36.86 30.01
CA GLU K 439 -6.42 36.60 30.44
C GLU K 439 -7.31 37.50 29.60
N PRO K 440 -7.96 36.92 28.57
CA PRO K 440 -8.67 37.68 27.54
C PRO K 440 -9.90 38.44 28.06
N VAL K 441 -9.91 39.72 27.75
CA VAL K 441 -10.98 40.59 28.11
C VAL K 441 -11.43 41.37 26.86
N TRP K 442 -12.71 41.68 26.77
CA TRP K 442 -13.18 42.48 25.68
C TRP K 442 -13.99 43.66 26.18
N TRP K 443 -13.79 44.79 25.52
CA TRP K 443 -14.46 45.99 25.91
C TRP K 443 -15.89 46.01 25.43
N LEU K 444 -16.81 46.19 26.36
CA LEU K 444 -18.21 46.22 26.05
C LEU K 444 -18.77 47.59 26.46
N PRO K 445 -19.78 48.08 25.73
CA PRO K 445 -20.23 49.45 25.98
C PRO K 445 -21.17 49.58 27.16
N ILE K 446 -21.13 50.71 27.85
CA ILE K 446 -22.21 51.06 28.75
C ILE K 446 -23.13 51.96 27.94
N ILE K 447 -24.24 51.40 27.47
CA ILE K 447 -25.12 52.14 26.58
C ILE K 447 -26.13 52.96 27.40
N ASN K 448 -25.92 54.27 27.37
CA ASN K 448 -26.72 55.18 28.22
C ASN K 448 -28.18 55.18 27.91
N GLU K 449 -28.54 54.90 26.67
CA GLU K 449 -29.94 54.77 26.26
C GLU K 449 -30.72 53.86 27.19
N TYR K 450 -30.04 52.88 27.78
CA TYR K 450 -30.74 51.89 28.62
C TYR K 450 -30.97 52.41 30.02
N ARG K 451 -30.24 53.47 30.38
CA ARG K 451 -30.31 54.08 31.71
C ARG K 451 -31.76 54.32 32.17
N ALA K 452 -32.63 54.72 31.25
CA ALA K 452 -34.00 55.09 31.61
C ALA K 452 -34.78 53.92 32.19
N THR K 453 -34.41 52.70 31.80
CA THR K 453 -35.11 51.52 32.33
C THR K 453 -34.75 51.21 33.78
N LEU K 454 -33.80 51.95 34.33
CA LEU K 454 -33.53 51.86 35.75
C LEU K 454 -34.29 52.89 36.61
N ASN K 455 -35.11 53.71 35.94
CA ASN K 455 -35.91 54.73 36.62
C ASN K 455 -37.05 54.08 37.36
N SER K 456 -36.91 53.98 38.67
CA SER K 456 -37.88 53.37 39.53
C SER K 456 -39.04 54.35 39.69
N LYS K 457 -40.23 53.83 39.95
CA LYS K 457 -41.34 54.72 40.19
C LYS K 457 -41.28 55.27 41.63
N TYR K 458 -40.71 54.47 42.52
CA TYR K 458 -40.74 54.80 43.94
C TYR K 458 -39.37 55.13 44.49
N ALA K 459 -38.38 54.31 44.14
CA ALA K 459 -37.03 54.55 44.61
C ALA K 459 -36.29 55.45 43.68
N ASP K 460 -35.07 55.77 44.06
CA ASP K 460 -34.19 56.60 43.22
C ASP K 460 -33.85 55.85 41.94
N ILE K 461 -33.66 54.54 42.12
CA ILE K 461 -33.22 53.75 41.03
C ILE K 461 -33.74 52.33 41.20
N ASN K 462 -34.01 51.68 40.07
CA ASN K 462 -34.24 50.25 40.01
C ASN K 462 -32.93 49.49 40.03
N GLN K 463 -32.97 48.31 40.63
CA GLN K 463 -31.85 47.43 40.63
C GLN K 463 -31.72 46.80 39.23
N ILE K 464 -32.85 46.40 38.66
CA ILE K 464 -32.83 45.71 37.38
C ILE K 464 -33.71 46.43 36.40
N SER K 465 -33.49 46.15 35.13
CA SER K 465 -34.37 46.64 34.08
C SER K 465 -35.57 45.78 34.10
N SER K 466 -36.71 46.33 33.68
CA SER K 466 -37.89 45.51 33.42
C SER K 466 -37.85 45.02 31.96
N SER K 467 -37.60 45.97 31.04
CA SER K 467 -37.52 45.71 29.58
C SER K 467 -36.17 45.10 29.09
N VAL K 468 -35.06 45.84 29.29
CA VAL K 468 -33.80 45.52 28.62
C VAL K 468 -33.15 44.18 29.01
N LYS K 469 -32.98 43.31 28.03
CA LYS K 469 -32.38 41.99 28.23
C LYS K 469 -30.84 42.02 28.21
N ALA K 470 -30.27 43.15 27.84
CA ALA K 470 -28.83 43.33 27.83
C ALA K 470 -28.36 43.60 29.27
N SER K 471 -28.44 42.54 30.09
CA SER K 471 -28.32 42.70 31.52
C SER K 471 -26.90 43.02 32.01
N SER K 472 -25.89 42.66 31.23
CA SER K 472 -24.52 42.99 31.62
C SER K 472 -24.31 44.48 31.45
N ILE K 473 -24.97 45.04 30.43
CA ILE K 473 -24.89 46.47 30.20
C ILE K 473 -25.71 47.20 31.26
N VAL K 474 -26.92 46.72 31.52
CA VAL K 474 -27.79 47.28 32.54
C VAL K 474 -27.13 47.24 33.93
N ALA K 475 -26.55 46.10 34.27
CA ALA K 475 -25.86 45.99 35.54
C ALA K 475 -24.74 47.06 35.63
N SER K 476 -24.07 47.30 34.50
CA SER K 476 -22.98 48.26 34.45
C SER K 476 -23.50 49.66 34.65
N LEU K 477 -24.59 49.98 33.96
CA LEU K 477 -25.29 51.25 34.15
C LEU K 477 -25.65 51.43 35.61
N PHE K 478 -26.17 50.37 36.23
CA PHE K 478 -26.48 50.41 37.64
C PHE K 478 -25.28 50.75 38.47
N LEU K 479 -24.17 50.05 38.25
CA LEU K 479 -22.95 50.26 39.05
C LEU K 479 -22.36 51.66 38.85
N LYS K 480 -22.44 52.14 37.60
CA LYS K 480 -21.97 53.47 37.27
C LYS K 480 -22.57 54.51 38.20
N GLU K 481 -23.81 54.28 38.62
CA GLU K 481 -24.50 55.25 39.44
C GLU K 481 -23.88 55.40 40.84
N PHE K 482 -22.93 54.53 41.16
CA PHE K 482 -22.29 54.54 42.47
C PHE K 482 -20.83 54.96 42.41
N VAL K 483 -20.38 55.33 41.21
CA VAL K 483 -19.08 55.99 41.10
C VAL K 483 -19.32 57.40 40.57
N GLN K 484 -19.13 58.39 41.42
CA GLN K 484 -19.41 59.78 41.09
C GLN K 484 -18.35 60.43 40.21
N ASN K 485 -17.08 60.24 40.54
CA ASN K 485 -16.07 61.09 39.97
C ASN K 485 -14.70 60.43 39.87
N THR K 486 -14.69 59.11 39.71
CA THR K 486 -13.45 58.36 39.64
C THR K 486 -13.48 57.50 38.41
N ALA K 487 -12.32 57.33 37.79
CA ALA K 487 -12.17 56.41 36.69
C ALA K 487 -12.49 55.06 37.27
N TRP K 488 -13.35 54.33 36.59
CA TRP K 488 -13.88 53.04 37.08
C TRP K 488 -14.12 52.09 35.94
N ALA K 489 -13.75 50.84 36.15
CA ALA K 489 -13.98 49.81 35.18
C ALA K 489 -14.55 48.65 35.94
N HIS K 490 -15.33 47.85 35.24
CA HIS K 490 -16.04 46.71 35.79
C HIS K 490 -15.78 45.54 34.86
N ILE K 491 -15.27 44.44 35.43
CA ILE K 491 -14.95 43.26 34.64
C ILE K 491 -15.93 42.19 35.04
N ASP K 492 -16.80 41.83 34.12
CA ASP K 492 -17.75 40.75 34.34
C ASP K 492 -17.14 39.40 33.93
N ILE K 493 -16.85 38.59 34.94
CA ILE K 493 -16.19 37.28 34.73
C ILE K 493 -17.18 36.12 34.97
N ALA K 494 -18.47 36.44 34.91
CA ALA K 494 -19.49 35.43 35.08
C ALA K 494 -19.35 34.29 34.09
N GLY K 495 -19.02 34.60 32.84
CA GLY K 495 -18.94 33.56 31.82
C GLY K 495 -17.64 32.80 31.83
N VAL K 496 -16.64 33.39 32.43
CA VAL K 496 -15.27 33.00 32.17
C VAL K 496 -14.66 32.34 33.43
N SER K 497 -15.27 32.58 34.56
CA SER K 497 -14.65 32.24 35.82
C SER K 497 -14.49 30.74 36.05
N TRP K 498 -15.54 30.00 35.72
CA TRP K 498 -15.55 28.55 35.89
C TRP K 498 -15.21 27.81 34.60
N ASN K 499 -14.28 26.86 34.69
CA ASN K 499 -13.94 26.01 33.59
C ASN K 499 -14.88 24.84 33.61
N PHE K 500 -15.96 24.95 32.85
CA PHE K 500 -17.00 23.92 32.83
C PHE K 500 -16.48 22.59 32.36
N LYS K 501 -15.66 22.60 31.31
CA LYS K 501 -15.10 21.36 30.76
C LYS K 501 -14.23 20.67 31.82
N ALA K 502 -13.32 21.41 32.47
CA ALA K 502 -12.43 20.80 33.49
C ALA K 502 -13.09 20.63 34.86
N ARG K 503 -14.30 21.16 35.02
CA ARG K 503 -15.02 21.13 36.29
C ARG K 503 -14.24 21.75 37.45
N LYS K 504 -13.67 22.94 37.20
CA LYS K 504 -12.84 23.66 38.17
C LYS K 504 -12.80 25.16 37.88
N PRO K 505 -12.42 25.98 38.88
CA PRO K 505 -12.31 27.39 38.61
C PRO K 505 -11.07 27.65 37.77
N LYS K 506 -11.04 28.80 37.11
CA LYS K 506 -9.86 29.21 36.38
C LYS K 506 -9.01 30.13 37.24
N GLY K 507 -9.60 30.71 38.28
CA GLY K 507 -8.89 31.70 39.08
C GLY K 507 -8.69 32.96 38.25
N PHE K 508 -9.66 33.19 37.36
CA PHE K 508 -9.57 34.23 36.35
C PHE K 508 -9.49 35.61 36.96
N GLY K 509 -8.63 36.46 36.43
CA GLY K 509 -8.55 37.84 36.88
C GLY K 509 -7.34 38.13 37.75
N VAL K 510 -6.79 37.11 38.41
CA VAL K 510 -5.65 37.37 39.28
C VAL K 510 -4.50 38.00 38.49
N ARG K 511 -4.13 37.36 37.39
CA ARG K 511 -2.99 37.83 36.58
C ARG K 511 -3.32 39.16 35.91
N LEU K 512 -4.52 39.26 35.37
CA LEU K 512 -4.99 40.49 34.77
C LEU K 512 -4.88 41.66 35.72
N LEU K 513 -5.42 41.51 36.92
CA LEU K 513 -5.35 42.60 37.91
C LEU K 513 -3.90 42.88 38.33
N THR K 514 -3.12 41.81 38.47
CA THR K 514 -1.74 42.00 38.85
C THR K 514 -0.97 42.74 37.76
N GLU K 515 -1.06 42.28 36.51
CA GLU K 515 -0.47 43.03 35.39
C GLU K 515 -0.92 44.48 35.39
N PHE K 516 -2.21 44.72 35.59
CA PHE K 516 -2.74 46.07 35.64
C PHE K 516 -2.04 46.89 36.70
N VAL K 517 -1.96 46.35 37.91
CA VAL K 517 -1.30 47.03 39.01
C VAL K 517 0.17 47.24 38.70
N LEU K 518 0.84 46.21 38.21
CA LEU K 518 2.29 46.26 37.93
C LEU K 518 2.71 47.17 36.80
N ASN K 519 1.88 47.29 35.77
CA ASN K 519 2.27 48.09 34.58
C ASN K 519 1.86 49.56 34.56
N ASP K 520 1.20 50.04 35.62
CA ASP K 520 0.89 51.48 35.77
C ASP K 520 2.13 52.39 35.96
N SER L 3 -46.76 47.84 68.69
CA SER L 3 -45.70 46.80 68.48
C SER L 3 -44.42 47.34 67.83
N GLU L 4 -43.28 46.89 68.36
CA GLU L 4 -42.00 47.12 67.72
C GLU L 4 -42.03 46.28 66.43
N VAL L 5 -41.71 46.91 65.32
CA VAL L 5 -41.44 46.14 64.13
C VAL L 5 -40.08 45.50 64.34
N PRO L 6 -39.98 44.18 64.15
CA PRO L 6 -38.65 43.56 64.21
C PRO L 6 -37.74 43.97 63.02
N GLN L 7 -36.47 43.64 63.13
CA GLN L 7 -35.47 44.11 62.20
C GLN L 7 -34.35 43.08 62.17
N VAL L 8 -33.79 42.81 61.00
CA VAL L 8 -32.59 41.99 60.94
C VAL L 8 -31.40 42.89 61.15
N VAL L 9 -31.41 44.02 60.45
CA VAL L 9 -30.34 45.01 60.52
C VAL L 9 -30.89 46.33 61.09
N SER L 10 -29.98 47.17 61.61
CA SER L 10 -30.39 48.48 62.15
C SER L 10 -30.84 49.44 61.05
N LEU L 11 -30.81 48.99 59.81
CA LEU L 11 -31.21 49.80 58.66
C LEU L 11 -32.58 49.43 58.13
N ASP L 12 -33.23 48.45 58.75
CA ASP L 12 -34.53 48.00 58.34
C ASP L 12 -35.60 48.98 58.75
N PRO L 13 -36.36 49.51 57.81
CA PRO L 13 -37.51 50.41 58.11
C PRO L 13 -38.36 49.90 59.28
N THR L 14 -38.72 50.77 60.23
CA THR L 14 -39.59 50.33 61.32
C THR L 14 -40.93 51.01 61.28
N SER L 15 -41.28 51.52 60.12
CA SER L 15 -42.65 51.93 59.84
C SER L 15 -42.79 52.36 58.39
N ILE L 16 -44.03 52.28 57.91
CA ILE L 16 -44.45 52.75 56.62
C ILE L 16 -44.53 54.25 56.70
N PRO L 17 -43.75 54.94 55.87
CA PRO L 17 -43.97 56.38 55.75
C PRO L 17 -45.30 56.64 55.01
N ILE L 18 -46.10 57.56 55.50
CA ILE L 18 -47.44 57.83 55.02
C ILE L 18 -47.64 59.32 54.92
N GLU L 19 -47.99 59.80 53.73
CA GLU L 19 -48.34 61.18 53.57
C GLU L 19 -49.80 61.36 53.81
N TYR L 20 -50.15 62.30 54.65
CA TYR L 20 -51.53 62.58 54.97
C TYR L 20 -51.99 63.87 54.39
N ASN L 21 -51.35 64.92 54.80
CA ASN L 21 -51.59 66.18 54.18
C ASN L 21 -50.84 66.26 52.89
N THR L 22 -51.54 66.17 51.79
CA THR L 22 -50.92 66.11 50.49
C THR L 22 -51.16 67.33 49.70
N PRO L 23 -50.30 67.57 48.73
CA PRO L 23 -50.45 68.81 47.96
C PRO L 23 -51.85 68.98 47.45
N ILE L 24 -52.56 67.86 47.37
CA ILE L 24 -53.91 67.88 46.85
C ILE L 24 -54.90 68.49 47.84
N HIS L 25 -54.57 68.43 49.12
CA HIS L 25 -55.42 68.98 50.13
C HIS L 25 -55.27 70.48 50.22
N ASP L 26 -54.26 71.03 49.56
CA ASP L 26 -54.04 72.48 49.59
C ASP L 26 -54.74 73.18 48.44
N ILE L 27 -55.30 72.40 47.51
CA ILE L 27 -55.90 72.95 46.29
C ILE L 27 -57.26 73.51 46.61
N LYS L 28 -57.45 74.80 46.39
CA LYS L 28 -58.77 75.39 46.47
C LYS L 28 -59.56 75.04 45.21
N VAL L 29 -60.79 74.56 45.37
CA VAL L 29 -61.60 74.15 44.22
C VAL L 29 -62.84 75.04 44.10
N GLN L 30 -63.22 75.38 42.87
CA GLN L 30 -64.42 76.20 42.64
C GLN L 30 -65.22 75.71 41.42
N VAL L 31 -66.51 75.54 41.62
CA VAL L 31 -67.35 75.12 40.53
C VAL L 31 -68.14 76.32 40.12
N TYR L 32 -67.91 76.77 38.89
CA TYR L 32 -68.63 77.91 38.38
C TYR L 32 -69.61 77.41 37.36
N ASP L 33 -70.68 78.17 37.17
CA ASP L 33 -71.69 77.83 36.19
C ASP L 33 -71.15 78.18 34.82
N ILE L 34 -71.48 77.39 33.80
CA ILE L 34 -70.95 77.67 32.47
C ILE L 34 -71.77 78.74 31.73
N LYS L 35 -73.07 78.80 32.00
CA LYS L 35 -73.95 79.80 31.40
C LYS L 35 -73.38 81.20 31.62
N GLY L 36 -72.66 81.36 32.74
CA GLY L 36 -72.10 82.65 33.12
C GLY L 36 -70.90 83.10 32.29
N GLY L 37 -70.46 82.23 31.37
CA GLY L 37 -69.25 82.48 30.58
C GLY L 37 -68.01 82.16 31.39
N CYS L 38 -66.92 81.83 30.70
CA CYS L 38 -65.66 81.47 31.34
C CYS L 38 -64.67 82.62 31.40
N ASN L 39 -64.00 82.76 32.53
CA ASN L 39 -62.87 83.69 32.64
C ASN L 39 -61.54 82.95 32.49
N VAL L 40 -60.59 83.61 31.85
CA VAL L 40 -59.27 83.06 31.61
C VAL L 40 -58.27 84.12 32.04
N GLU L 41 -57.79 84.02 33.28
CA GLU L 41 -56.96 85.08 33.83
C GLU L 41 -55.59 84.62 34.29
N GLU L 42 -55.47 83.35 34.69
CA GLU L 42 -54.19 82.82 35.15
C GLU L 42 -54.11 81.31 34.93
N GLY L 43 -52.94 80.74 35.17
CA GLY L 43 -52.75 79.30 35.12
C GLY L 43 -53.22 78.68 33.82
N LEU L 44 -53.57 77.39 33.86
CA LEU L 44 -53.98 76.74 32.64
C LEU L 44 -55.46 76.38 32.64
N THR L 45 -56.13 76.77 31.54
CA THR L 45 -57.55 76.56 31.30
C THR L 45 -57.72 75.52 30.19
N ILE L 46 -58.43 74.44 30.52
CA ILE L 46 -58.62 73.24 29.68
C ILE L 46 -60.10 72.90 29.38
N PHE L 47 -60.40 72.73 28.10
CA PHE L 47 -61.73 72.39 27.66
C PHE L 47 -61.82 70.89 27.44
N LEU L 48 -62.77 70.29 28.12
CA LEU L 48 -63.12 68.94 27.81
C LEU L 48 -64.13 68.99 26.65
N VAL L 49 -63.65 68.66 25.47
CA VAL L 49 -64.47 68.68 24.29
C VAL L 49 -64.55 67.30 23.63
N ASN L 50 -65.73 67.00 23.08
CA ASN L 50 -65.96 65.81 22.27
C ASN L 50 -66.66 66.14 20.95
N ASN L 51 -66.39 65.33 19.92
CA ASN L 51 -67.15 65.39 18.67
C ASN L 51 -68.15 64.24 18.52
N PRO L 52 -69.37 64.42 19.08
CA PRO L 52 -70.36 63.37 18.96
C PRO L 52 -70.66 63.11 17.47
N GLY L 53 -70.53 64.17 16.66
CA GLY L 53 -70.81 64.15 15.23
C GLY L 53 -69.79 63.51 14.30
N LYS L 54 -68.60 63.16 14.80
CA LYS L 54 -67.57 62.49 13.97
C LYS L 54 -66.45 61.80 14.79
N GLU L 55 -66.24 60.52 14.51
CA GLU L 55 -65.15 59.76 15.11
C GLU L 55 -63.84 60.43 14.72
N ASN L 56 -63.09 60.85 15.73
CA ASN L 56 -61.85 61.59 15.54
C ASN L 56 -62.05 62.97 14.87
N GLY L 57 -63.22 63.57 15.11
CA GLY L 57 -63.61 64.85 14.51
C GLY L 57 -62.94 66.05 15.17
N PRO L 58 -63.04 67.26 14.56
CA PRO L 58 -62.35 68.48 15.05
C PRO L 58 -62.87 69.07 16.37
N VAL L 59 -61.95 69.73 17.08
CA VAL L 59 -62.23 70.42 18.32
C VAL L 59 -63.05 71.66 18.00
N LYS L 60 -64.27 71.75 18.48
CA LYS L 60 -64.96 73.06 18.43
C LYS L 60 -65.38 73.47 19.85
N ILE L 61 -64.88 74.64 20.29
CA ILE L 61 -65.20 75.13 21.64
C ILE L 61 -66.52 75.87 21.58
N SER L 62 -67.27 75.85 22.66
CA SER L 62 -68.65 76.25 22.58
C SER L 62 -69.11 77.12 23.74
N SER L 63 -68.30 77.23 24.78
CA SER L 63 -68.69 78.04 25.93
C SER L 63 -68.27 79.49 25.73
N LYS L 64 -68.98 80.41 26.41
CA LYS L 64 -68.55 81.80 26.43
C LYS L 64 -67.18 81.85 27.10
N VAL L 65 -66.26 82.58 26.46
CA VAL L 65 -64.91 82.81 26.95
C VAL L 65 -64.78 84.31 26.99
N ASN L 66 -64.55 84.88 28.18
CA ASN L 66 -64.73 86.32 28.37
C ASN L 66 -63.51 87.18 28.11
N ASP L 67 -62.44 86.51 27.70
CA ASP L 67 -61.26 87.16 27.17
C ASP L 67 -61.43 87.31 25.65
N LYS L 68 -61.32 88.53 25.15
CA LYS L 68 -61.40 88.75 23.71
C LYS L 68 -60.22 88.10 22.94
N GLN L 69 -59.07 87.93 23.60
CA GLN L 69 -57.83 87.38 23.00
C GLN L 69 -57.79 85.86 22.97
N VAL L 70 -58.31 85.26 24.03
CA VAL L 70 -58.40 83.81 24.17
C VAL L 70 -59.55 83.31 23.28
N SER L 71 -60.70 83.99 23.33
CA SER L 71 -61.82 83.72 22.40
C SER L 71 -61.36 83.70 20.95
N GLU L 72 -60.30 84.47 20.67
CA GLU L 72 -59.66 84.44 19.38
C GLU L 72 -58.93 83.12 19.16
N PHE L 73 -58.07 82.75 20.10
CA PHE L 73 -57.32 81.49 19.99
C PHE L 73 -58.27 80.35 19.71
N LEU L 74 -59.44 80.42 20.33
CA LEU L 74 -60.48 79.36 20.26
C LEU L 74 -61.38 79.46 19.02
N LYS L 75 -61.02 80.38 18.11
CA LYS L 75 -61.62 80.49 16.78
C LYS L 75 -61.87 79.08 16.29
N ASP L 76 -63.11 78.82 15.84
CA ASP L 76 -63.47 77.52 15.28
C ASP L 76 -62.50 77.14 14.17
N GLU L 77 -62.10 78.14 13.37
CA GLU L 77 -61.10 77.95 12.30
C GLU L 77 -59.69 77.60 12.85
N ASN L 78 -59.39 78.02 14.07
CA ASN L 78 -58.13 77.68 14.73
C ASN L 78 -58.13 76.23 15.18
N MET L 79 -59.16 75.88 15.95
CA MET L 79 -59.25 74.64 16.72
C MET L 79 -59.49 73.39 15.87
N GLU L 80 -60.00 73.59 14.66
CA GLU L 80 -60.27 72.45 13.79
C GLU L 80 -58.97 71.89 13.20
N LYS L 81 -57.86 72.58 13.43
CA LYS L 81 -56.55 72.08 13.05
C LYS L 81 -56.16 70.97 14.04
N PHE L 82 -57.03 70.76 15.05
CA PHE L 82 -56.94 69.67 16.04
C PHE L 82 -58.24 68.84 16.20
N ASN L 83 -58.06 67.56 16.49
CA ASN L 83 -59.16 66.62 16.54
C ASN L 83 -59.60 66.31 17.98
N VAL L 84 -60.33 65.23 18.17
CA VAL L 84 -61.01 65.01 19.43
C VAL L 84 -60.75 63.57 19.91
N LYS L 85 -60.07 62.80 19.06
CA LYS L 85 -59.51 61.51 19.42
C LYS L 85 -59.31 61.43 20.94
N LEU L 86 -60.02 60.50 21.58
CA LEU L 86 -60.06 60.40 23.03
C LEU L 86 -58.65 60.50 23.60
N GLY L 87 -58.42 61.52 24.42
CA GLY L 87 -57.20 61.59 25.20
C GLY L 87 -56.15 62.47 24.57
N THR L 88 -56.43 62.94 23.37
CA THR L 88 -55.46 63.78 22.72
C THR L 88 -55.67 65.20 23.27
N SER L 89 -54.58 65.94 23.37
CA SER L 89 -54.70 67.29 23.86
C SER L 89 -53.69 68.20 23.22
N LYS L 90 -53.94 69.48 23.35
CA LYS L 90 -53.04 70.51 22.91
C LYS L 90 -53.26 71.66 23.87
N HIS L 91 -52.19 72.35 24.21
CA HIS L 91 -52.31 73.59 24.97
C HIS L 91 -51.22 74.50 24.51
N PHE L 92 -51.57 75.79 24.46
CA PHE L 92 -50.63 76.82 24.06
C PHE L 92 -50.46 77.79 25.21
N TYR L 93 -49.38 78.57 25.14
CA TYR L 93 -49.19 79.79 25.96
C TYR L 93 -49.38 81.06 25.12
N MET L 94 -50.20 81.96 25.65
CA MET L 94 -50.48 83.18 24.92
C MET L 94 -50.60 84.37 25.89
N PHE L 95 -50.73 85.57 25.34
CA PHE L 95 -51.19 86.67 26.17
C PHE L 95 -52.69 86.94 26.04
N ASN L 96 -53.34 86.98 27.19
CA ASN L 96 -54.75 87.37 27.31
C ASN L 96 -54.97 88.91 27.33
N ASP L 97 -56.17 89.37 27.69
CA ASP L 97 -56.51 90.79 27.69
C ASP L 97 -55.68 91.68 28.61
N ASN L 98 -55.12 91.09 29.66
CA ASN L 98 -54.37 91.86 30.65
C ASN L 98 -52.87 91.58 30.58
N LYS L 99 -52.34 91.58 29.36
CA LYS L 99 -50.92 91.33 29.15
C LYS L 99 -50.37 90.29 30.12
N ASN L 100 -51.20 89.28 30.42
CA ASN L 100 -50.80 88.21 31.32
C ASN L 100 -50.73 86.87 30.61
N SER L 101 -49.66 86.11 30.88
CA SER L 101 -49.48 84.82 30.26
C SER L 101 -50.43 83.86 30.91
N VAL L 102 -51.32 83.35 30.09
CA VAL L 102 -52.18 82.22 30.40
C VAL L 102 -51.92 81.10 29.39
N ALA L 103 -52.26 79.88 29.77
CA ALA L 103 -52.22 78.76 28.85
C ALA L 103 -53.62 78.19 28.65
N VAL L 104 -53.95 77.91 27.41
CA VAL L 104 -55.29 77.51 27.04
C VAL L 104 -55.17 76.33 26.08
N GLY L 105 -55.82 75.22 26.47
CA GLY L 105 -55.87 73.99 25.67
C GLY L 105 -57.20 73.25 25.73
N TYR L 106 -57.16 71.99 25.25
CA TYR L 106 -58.36 71.14 25.17
C TYR L 106 -57.95 69.68 25.45
N VAL L 107 -58.85 68.87 25.98
CA VAL L 107 -58.64 67.42 25.93
C VAL L 107 -59.77 66.74 25.17
N GLY L 108 -59.40 65.90 24.20
CA GLY L 108 -60.36 65.19 23.37
C GLY L 108 -61.12 64.10 24.11
N CYS L 109 -62.44 64.19 24.07
CA CYS L 109 -63.33 63.30 24.77
C CYS L 109 -64.05 62.32 23.84
N GLY L 110 -63.31 61.87 22.84
CA GLY L 110 -63.78 60.87 21.91
C GLY L 110 -64.99 61.33 21.15
N SER L 111 -65.74 60.35 20.67
CA SER L 111 -66.92 60.60 19.86
C SER L 111 -68.17 60.07 20.55
N VAL L 112 -67.98 59.28 21.61
CA VAL L 112 -69.10 58.76 22.39
C VAL L 112 -69.53 59.86 23.38
N ALA L 113 -70.85 60.09 23.46
CA ALA L 113 -71.45 61.16 24.30
C ALA L 113 -71.38 60.87 25.79
N ASP L 114 -71.62 59.59 26.12
CA ASP L 114 -71.63 59.10 27.50
C ASP L 114 -70.29 58.53 27.87
N LEU L 115 -69.47 59.29 28.57
CA LEU L 115 -68.12 58.83 28.85
C LEU L 115 -68.09 57.63 29.79
N SER L 116 -67.27 56.64 29.45
CA SER L 116 -67.12 55.51 30.32
C SER L 116 -66.19 55.89 31.45
N GLU L 117 -66.14 55.03 32.45
CA GLU L 117 -65.12 55.17 33.48
C GLU L 117 -63.70 55.08 32.81
N ALA L 118 -63.52 54.09 31.94
CA ALA L 118 -62.22 53.90 31.28
C ALA L 118 -61.78 55.10 30.44
N ASP L 119 -62.75 55.71 29.76
CA ASP L 119 -62.45 56.83 28.87
C ASP L 119 -62.10 58.09 29.67
N MET L 120 -62.93 58.42 30.65
CA MET L 120 -62.72 59.51 31.62
C MET L 120 -61.32 59.47 32.27
N LYS L 121 -60.81 58.26 32.55
CA LYS L 121 -59.43 58.12 33.03
C LYS L 121 -58.48 58.68 32.00
N ARG L 122 -58.71 58.29 30.75
CA ARG L 122 -57.79 58.69 29.68
C ARG L 122 -57.80 60.21 29.55
N VAL L 123 -59.00 60.76 29.68
CA VAL L 123 -59.17 62.17 29.78
C VAL L 123 -58.34 62.72 30.95
N VAL L 124 -58.46 62.13 32.13
CA VAL L 124 -57.78 62.68 33.29
C VAL L 124 -56.24 62.50 33.15
N LEU L 125 -55.78 61.37 32.61
CA LEU L 125 -54.36 61.13 32.35
C LEU L 125 -53.70 62.19 31.45
N SER L 126 -54.32 62.46 30.31
CA SER L 126 -53.75 63.42 29.37
C SER L 126 -53.60 64.78 30.07
N LEU L 127 -54.69 65.26 30.65
CA LEU L 127 -54.67 66.39 31.59
C LEU L 127 -53.51 66.35 32.60
N VAL L 128 -53.41 65.29 33.40
CA VAL L 128 -52.31 65.16 34.37
C VAL L 128 -50.97 65.35 33.65
N THR L 129 -50.76 64.65 32.54
CA THR L 129 -49.60 64.87 31.69
C THR L 129 -49.26 66.38 31.63
N MET L 130 -50.28 67.22 31.44
CA MET L 130 -50.06 68.65 31.36
C MET L 130 -49.70 69.28 32.70
N LEU L 131 -50.43 68.99 33.77
CA LEU L 131 -49.98 69.53 35.07
C LEU L 131 -48.52 69.12 35.40
N HIS L 132 -48.09 67.97 34.90
CA HIS L 132 -46.75 67.46 35.15
C HIS L 132 -45.67 68.24 34.42
N ASP L 133 -45.92 68.63 33.18
CA ASP L 133 -45.01 69.47 32.41
C ASP L 133 -45.16 71.00 32.50
N ASN L 134 -45.88 71.49 33.49
CA ASN L 134 -46.21 72.88 33.55
C ASN L 134 -46.24 73.31 34.98
N LYS L 135 -45.66 74.46 35.27
CA LYS L 135 -45.82 75.11 36.51
C LYS L 135 -47.09 75.90 36.41
N LEU L 136 -48.02 75.70 37.30
CA LEU L 136 -49.25 76.47 37.25
C LEU L 136 -49.73 76.80 38.63
N SER L 137 -50.04 78.07 38.85
CA SER L 137 -50.76 78.47 40.05
C SER L 137 -52.13 77.82 40.06
N LYS L 138 -52.76 77.73 38.89
CA LYS L 138 -54.17 77.33 38.77
C LYS L 138 -54.48 76.40 37.60
N LEU L 139 -55.30 75.36 37.83
CA LEU L 139 -56.02 74.68 36.74
C LEU L 139 -57.55 74.92 36.71
N THR L 140 -58.00 75.34 35.56
CA THR L 140 -59.40 75.60 35.27
C THR L 140 -59.90 74.52 34.27
N VAL L 141 -60.83 73.65 34.68
CA VAL L 141 -61.38 72.68 33.74
C VAL L 141 -62.76 73.13 33.24
N VAL L 142 -63.01 72.97 31.95
CA VAL L 142 -64.32 73.38 31.40
C VAL L 142 -65.06 72.26 30.71
N PHE L 143 -66.23 71.91 31.25
CA PHE L 143 -66.93 70.74 30.73
C PHE L 143 -67.87 71.04 29.58
N GLU L 144 -67.45 70.66 28.37
CA GLU L 144 -68.32 70.74 27.21
C GLU L 144 -68.74 69.33 26.76
N ILE L 145 -68.53 68.39 27.65
CA ILE L 145 -69.14 67.06 27.58
C ILE L 145 -70.23 66.99 28.66
N ASN L 146 -71.08 65.96 28.59
CA ASN L 146 -72.09 65.73 29.61
C ASN L 146 -71.61 64.69 30.61
N VAL L 147 -71.46 65.11 31.87
CA VAL L 147 -71.16 64.18 32.94
C VAL L 147 -72.22 64.11 34.06
N ASP L 148 -72.30 62.89 34.62
CA ASP L 148 -73.02 62.47 35.80
C ASP L 148 -72.46 63.17 37.09
N LYS L 149 -73.29 63.36 38.11
CA LYS L 149 -72.75 63.83 39.38
C LYS L 149 -71.71 62.85 39.84
N ASN L 150 -71.93 61.56 39.61
CA ASN L 150 -70.99 60.53 40.07
C ASN L 150 -69.75 60.56 39.21
N LEU L 151 -69.94 60.67 37.89
CA LEU L 151 -68.82 60.65 36.98
C LEU L 151 -67.96 61.86 37.26
N PHE L 152 -68.62 62.96 37.52
CA PHE L 152 -67.94 64.21 37.92
C PHE L 152 -67.13 64.07 39.23
N ARG L 153 -67.61 63.25 40.17
CA ARG L 153 -66.82 62.97 41.35
C ARG L 153 -65.54 62.16 40.91
N PHE L 154 -65.76 61.07 40.20
CA PHE L 154 -64.71 60.27 39.58
C PHE L 154 -63.67 61.12 38.88
N PHE L 155 -64.11 62.07 38.06
CA PHE L 155 -63.15 62.91 37.35
C PHE L 155 -62.13 63.48 38.34
N LEU L 156 -62.65 64.05 39.43
CA LEU L 156 -61.83 64.66 40.47
C LEU L 156 -60.98 63.64 41.18
N GLU L 157 -61.61 62.59 41.71
CA GLU L 157 -60.90 61.57 42.48
C GLU L 157 -59.74 61.04 41.67
N THR L 158 -59.97 60.87 40.37
CA THR L 158 -58.97 60.31 39.45
C THR L 158 -57.94 61.39 39.23
N LEU L 159 -58.42 62.64 39.08
CA LEU L 159 -57.51 63.73 38.85
C LEU L 159 -56.52 63.86 40.00
N PHE L 160 -57.03 64.14 41.19
CA PHE L 160 -56.20 64.22 42.38
C PHE L 160 -55.31 63.01 42.48
N TYR L 161 -55.89 61.82 42.34
CA TYR L 161 -55.14 60.56 42.38
C TYR L 161 -53.92 60.53 41.42
N GLU L 162 -54.21 60.50 40.12
CA GLU L 162 -53.20 60.45 39.12
C GLU L 162 -52.17 61.58 39.23
N TYR L 163 -52.65 62.74 39.64
CA TYR L 163 -51.82 63.94 39.71
C TYR L 163 -50.81 63.80 40.86
N MET L 164 -51.31 63.38 42.02
CA MET L 164 -50.51 63.17 43.22
C MET L 164 -49.34 62.21 42.95
N THR L 165 -48.15 62.50 43.50
CA THR L 165 -46.95 61.70 43.15
C THR L 165 -46.22 61.24 44.42
N ASP L 166 -46.41 59.96 44.71
CA ASP L 166 -45.78 59.28 45.83
C ASP L 166 -44.27 59.29 45.73
N GLU L 167 -43.65 60.21 46.47
CA GLU L 167 -42.19 60.36 46.52
C GLU L 167 -41.57 60.03 47.87
N ARG L 168 -42.20 59.14 48.63
CA ARG L 168 -41.72 58.82 49.97
C ARG L 168 -40.36 58.13 49.91
N PHE L 169 -40.14 57.38 48.82
CA PHE L 169 -39.03 56.45 48.80
C PHE L 169 -37.97 56.98 47.91
N LYS L 170 -38.12 58.25 47.56
CA LYS L 170 -37.12 59.04 46.84
C LYS L 170 -36.22 59.76 47.84
N SER L 171 -34.91 59.52 47.74
CA SER L 171 -33.92 60.12 48.64
C SER L 171 -33.95 61.64 48.60
N GLU L 179 -44.93 74.45 42.55
CA GLU L 179 -44.82 73.00 42.40
C GLU L 179 -46.15 72.36 41.94
N TYR L 180 -47.15 72.32 42.84
CA TYR L 180 -48.51 71.89 42.50
C TYR L 180 -49.44 73.10 42.30
N ILE L 181 -50.45 72.99 41.45
CA ILE L 181 -51.48 74.07 41.42
C ILE L 181 -52.06 74.25 42.84
N LYS L 182 -52.25 75.48 43.26
CA LYS L 182 -52.97 75.67 44.51
C LYS L 182 -54.47 75.90 44.27
N HIS L 183 -54.88 75.87 42.99
CA HIS L 183 -56.25 76.25 42.52
C HIS L 183 -56.85 75.39 41.38
N LEU L 184 -58.13 75.10 41.54
CA LEU L 184 -58.86 74.35 40.56
C LEU L 184 -60.23 74.99 40.33
N GLY L 185 -60.42 75.46 39.10
CA GLY L 185 -61.71 75.94 38.62
C GLY L 185 -62.42 74.94 37.71
N VAL L 186 -63.68 74.68 38.04
CA VAL L 186 -64.52 73.85 37.20
C VAL L 186 -65.60 74.68 36.56
N TYR L 187 -65.68 74.57 35.25
CA TYR L 187 -66.82 75.08 34.54
C TYR L 187 -67.67 73.92 34.09
N ILE L 188 -68.89 73.90 34.62
CA ILE L 188 -69.85 72.85 34.32
C ILE L 188 -71.24 73.44 34.18
N ASN L 189 -72.09 72.72 33.46
CA ASN L 189 -73.48 73.06 33.45
C ASN L 189 -74.18 72.59 34.69
N ASN L 190 -74.94 73.51 35.28
CA ASN L 190 -75.67 73.25 36.50
C ASN L 190 -74.69 73.07 37.63
N ALA L 191 -73.75 74.00 37.70
CA ALA L 191 -72.68 73.99 38.70
C ALA L 191 -73.09 73.54 40.10
N ASP L 192 -74.21 74.06 40.59
CA ASP L 192 -74.61 73.82 41.97
C ASP L 192 -74.98 72.38 42.27
N THR L 193 -75.55 71.69 41.28
CA THR L 193 -75.81 70.28 41.43
C THR L 193 -74.52 69.45 41.42
N TYR L 194 -73.35 70.08 41.59
CA TYR L 194 -72.06 69.37 41.55
C TYR L 194 -71.14 69.73 42.69
N LYS L 195 -71.41 70.85 43.33
CA LYS L 195 -70.50 71.38 44.35
C LYS L 195 -70.28 70.39 45.47
N GLU L 196 -71.32 69.64 45.82
CA GLU L 196 -71.25 68.70 46.92
C GLU L 196 -70.30 67.53 46.63
N GLU L 197 -70.03 67.28 45.35
CA GLU L 197 -69.17 66.19 44.95
C GLU L 197 -67.70 66.50 45.20
N VAL L 198 -67.37 67.78 45.26
CA VAL L 198 -65.98 68.19 45.37
C VAL L 198 -65.30 67.60 46.61
N GLU L 199 -65.85 67.83 47.79
CA GLU L 199 -65.17 67.39 49.00
C GLU L 199 -65.31 65.91 49.18
N LYS L 200 -66.37 65.35 48.62
CA LYS L 200 -66.51 63.90 48.60
C LYS L 200 -65.36 63.31 47.76
N ALA L 201 -65.10 63.92 46.61
CA ALA L 201 -64.06 63.45 45.72
C ALA L 201 -62.72 63.53 46.43
N ARG L 202 -62.53 64.57 47.21
CA ARG L 202 -61.28 64.77 47.87
C ARG L 202 -61.09 63.68 48.92
N VAL L 203 -62.17 63.36 49.63
CA VAL L 203 -62.08 62.29 50.62
C VAL L 203 -61.77 60.97 49.88
N TYR L 204 -62.56 60.68 48.84
CA TYR L 204 -62.41 59.45 48.07
C TYR L 204 -61.00 59.36 47.51
N TYR L 205 -60.52 60.49 46.98
CA TYR L 205 -59.15 60.55 46.49
C TYR L 205 -58.21 60.03 47.58
N PHE L 206 -58.31 60.59 48.79
CA PHE L 206 -57.32 60.28 49.79
C PHE L 206 -57.46 58.87 50.33
N GLY L 207 -58.69 58.40 50.43
CA GLY L 207 -58.90 56.99 50.76
C GLY L 207 -58.15 56.09 49.78
N THR L 208 -58.35 56.36 48.49
CA THR L 208 -57.75 55.61 47.43
C THR L 208 -56.25 55.79 47.46
N TYR L 209 -55.81 57.03 47.63
CA TYR L 209 -54.41 57.29 47.61
C TYR L 209 -53.72 56.70 48.84
N TYR L 210 -54.42 56.72 49.96
CA TYR L 210 -53.88 56.15 51.17
C TYR L 210 -53.71 54.66 50.97
N ALA L 211 -54.68 54.01 50.35
CA ALA L 211 -54.58 52.57 50.09
C ALA L 211 -53.35 52.33 49.21
N SER L 212 -53.30 53.09 48.13
CA SER L 212 -52.23 53.11 47.15
C SER L 212 -50.88 53.20 47.83
N GLN L 213 -50.78 54.12 48.78
CA GLN L 213 -49.56 54.31 49.51
C GLN L 213 -49.16 53.04 50.24
N LEU L 214 -50.12 52.40 50.90
CA LEU L 214 -49.84 51.16 51.64
C LEU L 214 -49.36 50.12 50.68
N ILE L 215 -50.14 49.87 49.63
CA ILE L 215 -49.82 48.87 48.62
C ILE L 215 -48.42 49.12 48.08
N ALA L 216 -48.15 50.34 47.64
CA ALA L 216 -46.88 50.68 47.00
C ALA L 216 -45.71 50.50 47.94
N ALA L 217 -45.91 50.80 49.22
CA ALA L 217 -44.87 50.55 50.20
C ALA L 217 -44.43 49.09 50.09
N PRO L 218 -43.10 48.88 49.88
CA PRO L 218 -42.49 47.58 49.72
C PRO L 218 -42.53 46.82 51.03
N SER L 219 -42.37 45.51 50.91
CA SER L 219 -42.65 44.61 52.02
C SER L 219 -41.70 44.74 53.20
N ASN L 220 -40.53 45.34 52.98
CA ASN L 220 -39.63 45.64 54.07
C ASN L 220 -40.12 46.83 54.92
N TYR L 221 -40.87 47.72 54.27
CA TYR L 221 -41.50 48.84 54.94
C TYR L 221 -42.83 48.42 55.48
N CYS L 222 -43.62 47.85 54.60
CA CYS L 222 -44.96 47.41 54.93
C CYS L 222 -44.97 45.92 55.22
N ASN L 223 -44.87 45.59 56.49
CA ASN L 223 -44.97 44.22 56.96
C ASN L 223 -46.15 44.18 57.93
N PRO L 224 -46.54 42.98 58.41
CA PRO L 224 -47.68 42.85 59.30
C PRO L 224 -47.65 43.79 60.52
N VAL L 225 -46.50 43.95 61.14
CA VAL L 225 -46.39 44.82 62.31
C VAL L 225 -46.56 46.29 61.92
N SER L 226 -45.82 46.73 60.91
CA SER L 226 -45.91 48.10 60.49
C SER L 226 -47.29 48.42 59.90
N LEU L 227 -47.88 47.45 59.19
CA LEU L 227 -49.17 47.68 58.57
C LEU L 227 -50.21 47.86 59.66
N SER L 228 -50.24 46.93 60.61
CA SER L 228 -51.19 47.07 61.70
C SER L 228 -50.94 48.36 62.50
N ASN L 229 -49.67 48.72 62.68
CA ASN L 229 -49.39 49.99 63.33
C ASN L 229 -50.01 51.13 62.57
N ALA L 230 -49.95 51.07 61.25
CA ALA L 230 -50.44 52.17 60.44
C ALA L 230 -51.95 52.26 60.59
N ALA L 231 -52.60 51.09 60.67
CA ALA L 231 -54.02 51.02 60.81
C ALA L 231 -54.44 51.68 62.12
N VAL L 232 -53.75 51.32 63.21
CA VAL L 232 -53.95 51.90 64.52
C VAL L 232 -53.84 53.43 64.45
N GLU L 233 -52.77 53.90 63.84
CA GLU L 233 -52.58 55.33 63.65
C GLU L 233 -53.77 55.92 62.91
N LEU L 234 -54.21 55.26 61.84
CA LEU L 234 -55.35 55.76 61.07
C LEU L 234 -56.61 55.81 61.93
N ALA L 235 -56.81 54.75 62.71
CA ALA L 235 -57.97 54.65 63.60
C ALA L 235 -57.99 55.78 64.61
N GLN L 236 -56.80 56.10 65.13
CA GLN L 236 -56.65 57.14 66.12
C GLN L 236 -56.94 58.49 65.54
N LYS L 237 -56.48 58.72 64.33
CA LYS L 237 -56.75 59.95 63.62
C LYS L 237 -58.23 60.11 63.26
N LEU L 238 -58.94 58.99 63.15
CA LEU L 238 -60.32 59.03 62.71
C LEU L 238 -61.30 58.79 63.85
N ASN L 239 -60.76 58.65 65.07
CA ASN L 239 -61.52 58.27 66.27
C ASN L 239 -62.34 57.01 66.05
N LEU L 240 -61.74 56.02 65.37
CA LEU L 240 -62.35 54.71 65.23
C LEU L 240 -61.92 53.83 66.37
N GLU L 241 -62.78 52.89 66.77
CA GLU L 241 -62.35 51.84 67.70
C GLU L 241 -61.46 50.91 66.92
N TYR L 242 -60.41 50.44 67.59
CA TYR L 242 -59.49 49.53 66.97
C TYR L 242 -59.02 48.52 67.98
N LYS L 243 -58.71 47.34 67.47
CA LYS L 243 -58.17 46.26 68.23
C LYS L 243 -57.20 45.53 67.25
N ILE L 244 -55.97 45.30 67.70
CA ILE L 244 -55.03 44.48 66.93
C ILE L 244 -54.85 43.18 67.69
N LEU L 245 -55.23 42.09 67.05
CA LEU L 245 -55.03 40.76 67.61
C LEU L 245 -53.63 40.27 67.29
N GLY L 246 -52.87 39.98 68.34
CA GLY L 246 -51.54 39.39 68.22
C GLY L 246 -51.60 37.87 68.33
N VAL L 247 -50.46 37.22 68.18
CA VAL L 247 -50.36 35.76 68.06
C VAL L 247 -51.06 35.05 69.23
N LYS L 248 -50.79 35.50 70.45
CA LYS L 248 -51.41 34.91 71.65
C LYS L 248 -52.95 34.88 71.55
N GLU L 249 -53.55 36.02 71.20
CA GLU L 249 -55.00 36.09 71.03
C GLU L 249 -55.47 35.23 69.86
N LEU L 250 -54.70 35.26 68.77
CA LEU L 250 -55.02 34.45 67.57
C LEU L 250 -55.04 32.98 67.87
N GLU L 251 -54.06 32.53 68.66
CA GLU L 251 -54.00 31.15 69.12
C GLU L 251 -55.19 30.79 69.98
N GLU L 252 -55.52 31.64 70.96
CA GLU L 252 -56.74 31.46 71.77
C GLU L 252 -57.99 31.40 70.92
N LEU L 253 -58.04 32.19 69.86
CA LEU L 253 -59.17 32.16 68.94
C LEU L 253 -59.13 30.98 67.97
N LYS L 254 -58.01 30.22 68.01
CA LYS L 254 -57.83 29.01 67.21
C LYS L 254 -57.82 29.29 65.70
N MET L 255 -57.17 30.38 65.34
CA MET L 255 -57.11 30.76 63.94
C MET L 255 -55.88 30.07 63.31
N GLY L 256 -55.96 28.76 63.23
CA GLY L 256 -54.86 27.96 62.69
C GLY L 256 -54.58 28.14 61.20
N ALA L 257 -55.61 28.38 60.39
CA ALA L 257 -55.38 28.57 58.99
C ALA L 257 -54.57 29.85 58.81
N TYR L 258 -55.04 30.93 59.42
CA TYR L 258 -54.37 32.21 59.35
C TYR L 258 -52.96 32.11 59.92
N LEU L 259 -52.83 31.51 61.09
CA LEU L 259 -51.54 31.43 61.76
C LEU L 259 -50.56 30.54 61.02
N SER L 260 -51.07 29.54 60.31
CA SER L 260 -50.20 28.66 59.55
C SER L 260 -49.44 29.42 58.49
N VAL L 261 -50.16 30.26 57.75
CA VAL L 261 -49.55 31.07 56.68
C VAL L 261 -48.37 31.88 57.16
N GLY L 262 -48.51 32.48 58.36
CA GLY L 262 -47.54 33.45 58.88
C GLY L 262 -46.37 32.79 59.58
N LYS L 263 -46.47 31.49 59.79
CA LYS L 263 -45.50 30.74 60.59
C LYS L 263 -44.07 30.98 60.14
N GLY L 264 -43.89 31.02 58.84
CA GLY L 264 -42.60 31.25 58.25
C GLY L 264 -42.09 32.68 58.25
N SER L 265 -42.90 33.65 58.70
CA SER L 265 -42.46 35.04 58.69
C SER L 265 -41.72 35.49 59.96
N MET L 266 -40.80 36.42 59.80
CA MET L 266 -40.15 37.01 60.95
C MET L 266 -41.09 38.00 61.68
N TYR L 267 -42.16 38.36 60.98
CA TYR L 267 -43.16 39.25 61.53
C TYR L 267 -44.33 38.47 62.08
N PRO L 268 -44.66 38.71 63.35
CA PRO L 268 -45.79 38.04 63.94
C PRO L 268 -47.06 38.47 63.23
N ASN L 269 -48.01 37.54 63.10
CA ASN L 269 -49.31 37.86 62.57
C ASN L 269 -50.00 38.98 63.36
N LYS L 270 -50.69 39.85 62.65
CA LYS L 270 -51.42 40.91 63.29
C LYS L 270 -52.75 40.99 62.64
N PHE L 271 -53.80 40.81 63.43
CA PHE L 271 -55.17 40.87 62.91
C PHE L 271 -55.73 42.24 63.17
N ILE L 272 -56.06 42.95 62.11
CA ILE L 272 -56.54 44.32 62.25
C ILE L 272 -58.05 44.27 62.36
N HIS L 273 -58.54 44.94 63.42
CA HIS L 273 -59.98 45.11 63.66
C HIS L 273 -60.33 46.55 63.99
N LEU L 274 -60.76 47.29 62.97
CA LEU L 274 -61.24 48.64 63.12
C LEU L 274 -62.76 48.62 63.13
N THR L 275 -63.36 49.51 63.93
CA THR L 275 -64.80 49.64 63.99
C THR L 275 -65.20 51.08 63.88
N TYR L 276 -66.12 51.34 62.97
CA TYR L 276 -66.86 52.58 62.94
C TYR L 276 -68.30 52.29 63.31
N LYS L 277 -68.79 52.97 64.34
CA LYS L 277 -70.20 52.88 64.72
C LYS L 277 -70.85 54.24 64.51
N SER L 278 -72.04 54.25 63.94
CA SER L 278 -72.77 55.52 63.76
C SER L 278 -73.30 56.06 65.07
N LYS L 279 -73.56 57.36 65.07
CA LYS L 279 -74.11 58.04 66.25
C LYS L 279 -75.54 57.58 66.55
N GLY L 280 -76.38 57.48 65.52
CA GLY L 280 -77.78 57.09 65.71
C GLY L 280 -78.05 55.61 65.96
N ASP L 281 -79.29 55.20 65.71
CA ASP L 281 -79.64 53.79 65.77
C ASP L 281 -78.85 53.13 64.67
N VAL L 282 -78.29 51.96 64.97
CA VAL L 282 -77.58 51.16 63.98
C VAL L 282 -78.57 50.22 63.26
N LYS L 283 -78.68 50.39 61.95
CA LYS L 283 -79.64 49.64 61.17
C LYS L 283 -78.94 48.57 60.32
N LYS L 284 -77.65 48.73 60.12
CA LYS L 284 -76.92 47.80 59.28
C LYS L 284 -75.53 47.58 59.84
N LYS L 285 -75.15 46.31 59.97
CA LYS L 285 -73.83 45.97 60.47
C LYS L 285 -73.06 45.29 59.35
N ILE L 286 -71.90 45.83 59.03
CA ILE L 286 -71.14 45.36 57.91
C ILE L 286 -69.72 45.02 58.35
N ALA L 287 -69.24 43.86 57.93
CA ALA L 287 -67.85 43.48 58.12
C ALA L 287 -67.16 43.51 56.78
N LEU L 288 -66.15 44.38 56.66
CA LEU L 288 -65.31 44.44 55.48
C LEU L 288 -64.00 43.77 55.77
N VAL L 289 -63.73 42.70 55.03
CA VAL L 289 -62.55 41.88 55.24
C VAL L 289 -61.59 42.03 54.06
N GLY L 290 -60.35 42.45 54.32
CA GLY L 290 -59.39 42.55 53.25
C GLY L 290 -58.28 41.56 53.42
N LYS L 291 -57.86 40.97 52.31
CA LYS L 291 -56.69 40.12 52.33
C LYS L 291 -55.46 40.94 52.61
N GLY L 292 -54.66 40.50 53.57
CA GLY L 292 -53.52 41.29 54.03
C GLY L 292 -52.20 40.56 54.08
N ILE L 293 -51.79 40.03 52.94
CA ILE L 293 -50.51 39.37 52.85
C ILE L 293 -49.49 40.43 52.46
N THR L 294 -48.62 40.78 53.40
CA THR L 294 -47.73 41.93 53.16
C THR L 294 -46.65 41.61 52.16
N PHE L 295 -46.31 40.32 52.06
CA PHE L 295 -45.54 39.81 50.95
C PHE L 295 -45.89 38.36 50.77
N ASP L 296 -46.09 37.98 49.52
CA ASP L 296 -46.45 36.63 49.20
C ASP L 296 -45.36 36.00 48.36
N SER L 297 -44.45 35.27 49.01
CA SER L 297 -43.37 34.58 48.30
C SER L 297 -43.92 33.34 47.63
N GLY L 298 -45.07 32.88 48.10
CA GLY L 298 -45.61 31.59 47.72
C GLY L 298 -45.41 30.53 48.78
N GLY L 299 -44.50 30.77 49.71
CA GLY L 299 -44.12 29.75 50.68
C GLY L 299 -43.32 28.68 49.97
N TYR L 300 -43.36 27.44 50.47
CA TYR L 300 -42.63 26.36 49.84
C TYR L 300 -43.06 26.15 48.40
N ASN L 301 -44.31 26.44 48.09
CA ASN L 301 -44.72 26.62 46.69
C ASN L 301 -44.30 27.98 46.17
N LEU L 302 -43.00 28.20 46.23
CA LEU L 302 -42.39 29.46 45.84
C LEU L 302 -42.85 29.93 44.47
N LYS L 303 -43.06 31.24 44.34
CA LYS L 303 -43.42 31.84 43.05
C LYS L 303 -42.18 31.89 42.21
N ALA L 304 -41.91 30.78 41.54
CA ALA L 304 -40.67 30.62 40.78
C ALA L 304 -41.01 30.47 39.31
N ALA L 305 -42.27 30.17 39.03
CA ALA L 305 -42.76 29.96 37.67
C ALA L 305 -42.70 31.26 36.90
N PRO L 306 -42.44 31.20 35.58
CA PRO L 306 -42.52 32.41 34.76
C PRO L 306 -43.91 33.03 34.88
N GLY L 307 -43.97 34.35 35.00
CA GLY L 307 -45.27 35.04 35.11
C GLY L 307 -45.94 35.01 36.47
N SER L 308 -45.28 34.43 37.46
CA SER L 308 -45.79 34.44 38.83
C SER L 308 -45.56 35.81 39.51
N MET L 309 -44.71 36.66 38.93
CA MET L 309 -44.58 38.05 39.34
C MET L 309 -44.28 38.24 40.83
N ILE L 310 -43.27 37.54 41.33
CA ILE L 310 -42.99 37.57 42.74
C ILE L 310 -42.69 39.00 43.19
N ASP L 311 -42.14 39.79 42.27
CA ASP L 311 -41.65 41.13 42.60
C ASP L 311 -42.79 42.11 42.88
N LEU L 312 -43.99 41.70 42.52
CA LEU L 312 -45.17 42.52 42.69
C LEU L 312 -45.86 42.22 44.04
N MET L 313 -45.41 41.16 44.70
CA MET L 313 -46.23 40.57 45.74
C MET L 313 -46.33 41.38 47.06
N LYS L 314 -45.70 42.54 47.10
CA LYS L 314 -45.93 43.50 48.13
C LYS L 314 -47.40 43.99 48.05
N PHE L 315 -48.02 43.74 46.88
CA PHE L 315 -49.37 44.22 46.62
C PHE L 315 -50.45 43.27 47.16
N ASP L 316 -50.02 42.18 47.76
CA ASP L 316 -50.95 41.14 48.20
C ASP L 316 -51.73 41.54 49.50
N MET L 317 -51.50 42.79 49.93
CA MET L 317 -52.30 43.40 50.97
C MET L 317 -53.18 44.52 50.43
N SER L 318 -53.33 44.58 49.12
CA SER L 318 -54.29 45.47 48.49
C SER L 318 -55.68 45.44 49.10
N GLY L 319 -56.16 44.25 49.41
CA GLY L 319 -57.50 44.06 49.98
C GLY L 319 -57.57 44.76 51.31
N CYS L 320 -56.52 44.56 52.08
CA CYS L 320 -56.42 45.20 53.38
C CYS L 320 -56.33 46.69 53.19
N ALA L 321 -55.58 47.11 52.18
CA ALA L 321 -55.41 48.52 51.90
C ALA L 321 -56.75 49.10 51.50
N ALA L 322 -57.51 48.36 50.69
CA ALA L 322 -58.78 48.87 50.20
C ALA L 322 -59.65 49.11 51.40
N VAL L 323 -59.68 48.13 52.29
CA VAL L 323 -60.48 48.18 53.50
C VAL L 323 -60.09 49.35 54.43
N LEU L 324 -58.80 49.59 54.58
CA LEU L 324 -58.30 50.72 55.39
C LEU L 324 -58.60 52.05 54.76
N GLY L 325 -58.48 52.15 53.45
CA GLY L 325 -58.78 53.40 52.74
C GLY L 325 -60.24 53.68 52.94
N CYS L 326 -61.04 52.61 52.92
CA CYS L 326 -62.47 52.72 53.11
C CYS L 326 -62.76 53.21 54.53
N ALA L 327 -62.02 52.69 55.49
CA ALA L 327 -62.12 53.16 56.85
C ALA L 327 -61.87 54.65 56.90
N TYR L 328 -60.88 55.12 56.14
CA TYR L 328 -60.62 56.54 56.12
C TYR L 328 -61.83 57.30 55.60
N CYS L 329 -62.39 56.84 54.49
CA CYS L 329 -63.55 57.51 53.91
C CYS L 329 -64.76 57.49 54.85
N VAL L 330 -65.08 56.31 55.37
CA VAL L 330 -66.20 56.14 56.27
C VAL L 330 -65.99 56.97 57.55
N GLY L 331 -64.78 56.91 58.08
CA GLY L 331 -64.46 57.66 59.29
C GLY L 331 -64.57 59.14 59.08
N THR L 332 -64.31 59.58 57.85
CA THR L 332 -64.32 60.99 57.50
C THR L 332 -65.72 61.49 57.16
N LEU L 333 -66.45 60.73 56.34
CA LEU L 333 -67.77 61.14 55.87
C LEU L 333 -68.84 60.84 56.89
N LYS L 334 -68.50 59.97 57.85
CA LYS L 334 -69.35 59.67 58.98
C LYS L 334 -70.79 59.34 58.59
N PRO L 335 -70.99 58.21 57.89
CA PRO L 335 -72.37 57.80 57.52
C PRO L 335 -73.21 57.41 58.75
N GLU L 336 -74.53 57.48 58.62
CA GLU L 336 -75.39 57.21 59.76
C GLU L 336 -75.99 55.81 59.69
N ASN L 337 -76.41 55.32 60.85
CA ASN L 337 -77.14 54.06 60.95
C ASN L 337 -76.35 52.84 60.51
N VAL L 338 -75.03 52.94 60.50
CA VAL L 338 -74.19 51.82 60.17
C VAL L 338 -73.11 51.55 61.21
N GLU L 339 -72.87 50.27 61.44
CA GLU L 339 -71.73 49.83 62.18
C GLU L 339 -70.86 49.06 61.18
N ILE L 340 -69.67 49.55 60.95
CA ILE L 340 -68.74 48.87 60.07
C ILE L 340 -67.49 48.38 60.81
N HIS L 341 -67.18 47.12 60.55
CA HIS L 341 -65.97 46.51 61.02
C HIS L 341 -65.01 46.34 59.86
N PHE L 342 -63.82 46.88 60.04
CA PHE L 342 -62.76 46.77 59.08
C PHE L 342 -61.77 45.74 59.57
N LEU L 343 -61.69 44.63 58.83
CA LEU L 343 -60.86 43.49 59.22
C LEU L 343 -59.78 43.10 58.20
N SER L 344 -58.62 42.77 58.72
CA SER L 344 -57.65 42.07 57.93
C SER L 344 -56.74 41.22 58.79
N ALA L 345 -56.66 39.94 58.41
CA ALA L 345 -55.76 38.98 59.01
C ALA L 345 -54.46 39.18 58.27
N VAL L 346 -53.55 39.90 58.90
CA VAL L 346 -52.36 40.35 58.21
C VAL L 346 -51.21 39.44 58.59
N CYS L 347 -50.45 39.04 57.58
CA CYS L 347 -49.24 38.25 57.78
C CYS L 347 -48.48 38.25 56.50
N GLU L 348 -47.35 37.54 56.53
CA GLU L 348 -46.44 37.48 55.43
C GLU L 348 -46.18 36.03 55.12
N ASN L 349 -46.28 35.67 53.83
CA ASN L 349 -46.06 34.29 53.36
C ASN L 349 -44.62 34.05 52.94
N MET L 350 -43.85 33.39 53.79
CA MET L 350 -42.42 33.30 53.60
C MET L 350 -41.90 31.89 53.63
N VAL L 351 -40.65 31.73 53.21
CA VAL L 351 -40.02 30.42 53.16
C VAL L 351 -39.01 30.39 54.27
N SER L 352 -39.09 29.36 55.10
CA SER L 352 -38.35 29.32 56.34
C SER L 352 -38.41 27.91 56.83
N LYS L 353 -37.52 27.55 57.75
CA LYS L 353 -37.64 26.29 58.45
C LYS L 353 -38.95 26.20 59.20
N ASN L 354 -39.55 27.35 59.51
CA ASN L 354 -40.77 27.44 60.31
C ASN L 354 -42.05 27.51 59.51
N SER L 355 -41.93 27.51 58.17
CA SER L 355 -43.08 27.74 57.31
C SER L 355 -43.99 26.54 57.37
N TYR L 356 -45.27 26.74 57.04
CA TYR L 356 -46.11 25.58 56.81
C TYR L 356 -45.71 24.98 55.48
N ARG L 357 -45.98 23.69 55.30
CA ARG L 357 -45.61 22.98 54.09
C ARG L 357 -46.83 22.57 53.30
N PRO L 358 -46.63 22.27 52.00
CA PRO L 358 -47.65 21.62 51.24
C PRO L 358 -47.97 20.28 51.89
N GLY L 359 -49.24 19.98 52.06
CA GLY L 359 -49.62 18.72 52.70
C GLY L 359 -50.08 18.88 54.14
N ASP L 360 -49.61 19.93 54.80
CA ASP L 360 -50.01 20.22 56.19
C ASP L 360 -51.52 20.27 56.34
N ILE L 361 -52.01 19.71 57.43
CA ILE L 361 -53.42 19.83 57.70
C ILE L 361 -53.55 20.76 58.88
N ILE L 362 -54.35 21.78 58.70
CA ILE L 362 -54.45 22.83 59.68
C ILE L 362 -55.92 23.00 60.01
N THR L 363 -56.19 23.62 61.16
CA THR L 363 -57.56 23.74 61.64
C THR L 363 -58.01 25.17 61.75
N ALA L 364 -59.04 25.51 60.98
CA ALA L 364 -59.58 26.87 61.02
C ALA L 364 -60.29 27.14 62.36
N SER L 365 -60.55 28.39 62.66
CA SER L 365 -61.20 28.72 63.93
C SER L 365 -62.60 28.16 64.07
N ASN L 366 -63.22 27.71 62.99
CA ASN L 366 -64.55 27.14 63.12
C ASN L 366 -64.46 25.63 63.29
N GLY L 367 -63.23 25.14 63.49
CA GLY L 367 -63.00 23.70 63.64
C GLY L 367 -62.78 22.91 62.36
N LYS L 368 -63.02 23.50 61.19
CA LYS L 368 -62.76 22.75 59.94
C LYS L 368 -61.27 22.48 59.75
N THR L 369 -60.93 21.22 59.49
CA THR L 369 -59.53 20.90 59.13
C THR L 369 -59.33 21.08 57.64
N ILE L 370 -58.20 21.68 57.31
CA ILE L 370 -57.87 22.02 55.94
C ILE L 370 -56.59 21.34 55.51
N GLU L 371 -56.63 20.62 54.40
CA GLU L 371 -55.42 20.12 53.80
C GLU L 371 -54.84 21.18 52.90
N VAL L 372 -53.59 21.57 53.17
CA VAL L 372 -52.87 22.52 52.34
C VAL L 372 -52.29 21.81 51.09
N GLY L 373 -52.86 22.10 49.94
CA GLY L 373 -52.37 21.54 48.70
C GLY L 373 -51.33 22.45 48.06
N ASN L 374 -51.30 23.72 48.46
CA ASN L 374 -50.36 24.68 47.91
C ASN L 374 -50.19 25.88 48.82
N THR L 375 -48.98 26.08 49.32
CA THR L 375 -48.74 27.16 50.27
C THR L 375 -48.96 28.55 49.62
N ASP L 376 -48.90 28.61 48.29
CA ASP L 376 -49.16 29.83 47.59
C ASP L 376 -50.66 30.20 47.52
N ALA L 377 -51.55 29.28 47.83
CA ALA L 377 -52.95 29.67 47.95
C ALA L 377 -53.24 30.06 49.43
N GLU L 378 -52.50 31.06 49.93
CA GLU L 378 -52.50 31.34 51.34
C GLU L 378 -53.60 32.33 51.76
N GLY L 379 -54.06 33.13 50.82
CA GLY L 379 -55.00 34.21 51.08
C GLY L 379 -56.25 33.62 51.63
N ARG L 380 -56.76 32.61 50.94
CA ARG L 380 -58.00 31.96 51.33
C ARG L 380 -57.88 31.38 52.73
N LEU L 381 -56.69 30.95 53.09
CA LEU L 381 -56.49 30.41 54.42
C LEU L 381 -56.66 31.53 55.44
N THR L 382 -56.04 32.69 55.18
CA THR L 382 -56.14 33.77 56.12
C THR L 382 -57.61 34.28 56.12
N LEU L 383 -58.19 34.40 54.92
CA LEU L 383 -59.57 34.87 54.83
C LEU L 383 -60.56 33.95 55.53
N ALA L 384 -60.28 32.66 55.50
CA ALA L 384 -61.13 31.68 56.21
C ALA L 384 -61.28 32.09 57.65
N ASP L 385 -60.16 32.34 58.31
CA ASP L 385 -60.20 32.66 59.71
C ASP L 385 -60.81 34.06 59.93
N ALA L 386 -60.57 34.95 58.99
CA ALA L 386 -61.08 36.28 59.10
C ALA L 386 -62.62 36.24 58.94
N LEU L 387 -63.09 35.42 58.01
CA LEU L 387 -64.51 35.24 57.79
C LEU L 387 -65.25 34.67 59.00
N VAL L 388 -64.66 33.65 59.61
CA VAL L 388 -65.23 33.08 60.84
C VAL L 388 -65.30 34.14 61.95
N TYR L 389 -64.25 34.93 62.05
CA TYR L 389 -64.21 36.03 62.95
C TYR L 389 -65.32 37.05 62.62
N ALA L 390 -65.41 37.45 61.36
CA ALA L 390 -66.38 38.41 60.90
C ALA L 390 -67.78 37.98 61.26
N GLU L 391 -68.09 36.72 61.01
CA GLU L 391 -69.44 36.21 61.24
C GLU L 391 -69.73 36.18 62.74
N LYS L 392 -68.71 35.92 63.54
CA LYS L 392 -68.91 35.92 64.99
C LYS L 392 -69.34 37.29 65.47
N LEU L 393 -69.05 38.32 64.67
CA LEU L 393 -69.40 39.69 64.99
C LEU L 393 -70.90 39.98 64.90
N GLY L 394 -71.66 39.07 64.29
CA GLY L 394 -73.10 39.22 64.11
C GLY L 394 -73.44 40.37 63.16
N VAL L 395 -72.87 40.35 61.96
CA VAL L 395 -73.11 41.41 61.00
C VAL L 395 -74.18 41.02 59.99
N ASP L 396 -74.66 41.98 59.25
CA ASP L 396 -75.66 41.68 58.23
C ASP L 396 -75.00 41.27 56.93
N TYR L 397 -73.87 41.92 56.64
CA TYR L 397 -73.09 41.62 55.46
C TYR L 397 -71.66 41.40 55.84
N ILE L 398 -71.04 40.42 55.17
CA ILE L 398 -69.58 40.33 55.13
C ILE L 398 -69.14 40.48 53.70
N VAL L 399 -68.34 41.50 53.43
CA VAL L 399 -67.71 41.62 52.13
C VAL L 399 -66.19 41.52 52.30
N ASP L 400 -65.58 40.53 51.65
CA ASP L 400 -64.14 40.47 51.62
C ASP L 400 -63.64 40.94 50.28
N ILE L 401 -62.43 41.46 50.30
CA ILE L 401 -61.81 42.00 49.09
C ILE L 401 -60.37 41.53 49.19
N ALA L 402 -59.88 40.95 48.08
CA ALA L 402 -58.63 40.23 48.13
C ALA L 402 -58.07 40.06 46.74
N THR L 403 -56.75 40.24 46.67
CA THR L 403 -55.98 39.89 45.49
C THR L 403 -55.81 38.40 45.63
N LEU L 404 -56.88 37.68 45.28
CA LEU L 404 -56.92 36.25 45.58
C LEU L 404 -56.35 35.33 44.51
N THR L 405 -56.71 35.54 43.25
CA THR L 405 -56.37 34.55 42.23
C THR L 405 -55.87 35.17 40.93
N GLY L 406 -54.68 34.73 40.53
CA GLY L 406 -54.06 35.18 39.27
C GLY L 406 -54.99 34.90 38.10
N ALA L 407 -55.82 33.89 38.24
CA ALA L 407 -56.78 33.57 37.22
C ALA L 407 -57.64 34.75 36.78
N MET L 408 -57.93 35.66 37.72
CA MET L 408 -58.68 36.88 37.41
C MET L 408 -58.16 37.62 36.17
N LEU L 409 -56.84 37.56 35.95
CA LEU L 409 -56.22 38.17 34.79
C LEU L 409 -56.71 37.49 33.53
N TYR L 410 -57.07 36.22 33.65
CA TYR L 410 -57.51 35.45 32.50
C TYR L 410 -59.00 35.54 32.33
N SER L 411 -59.72 35.86 33.41
CA SER L 411 -61.16 35.96 33.35
C SER L 411 -61.64 37.38 33.03
N LEU L 412 -61.38 38.31 33.92
CA LEU L 412 -61.86 39.67 33.73
C LEU L 412 -60.80 40.66 33.28
N GLY L 413 -59.54 40.35 33.57
CA GLY L 413 -58.46 41.17 33.10
C GLY L 413 -58.05 42.15 34.15
N THR L 414 -57.57 43.30 33.69
CA THR L 414 -57.01 44.29 34.59
C THR L 414 -57.99 45.39 34.94
N SER L 415 -59.19 45.36 34.34
CA SER L 415 -60.12 46.46 34.53
C SER L 415 -61.30 46.22 35.46
N TYR L 416 -61.80 45.01 35.46
CA TYR L 416 -62.96 44.69 36.26
C TYR L 416 -62.62 43.66 37.30
N ALA L 417 -62.99 43.93 38.55
CA ALA L 417 -62.79 42.97 39.63
C ALA L 417 -63.92 42.00 39.52
N GLY L 418 -63.76 40.82 40.11
CA GLY L 418 -64.80 39.81 40.11
C GLY L 418 -65.50 39.83 41.43
N VAL L 419 -66.81 39.63 41.44
CA VAL L 419 -67.51 39.53 42.70
C VAL L 419 -68.31 38.26 42.72
N PHE L 420 -68.09 37.49 43.77
CA PHE L 420 -68.75 36.23 44.02
C PHE L 420 -69.43 36.43 45.35
N GLY L 421 -70.48 35.66 45.61
CA GLY L 421 -71.18 35.74 46.88
C GLY L 421 -72.21 34.65 47.05
N ASN L 422 -72.79 34.63 48.24
CA ASN L 422 -73.80 33.64 48.57
C ASN L 422 -75.18 34.29 48.65
N ASN L 423 -75.26 35.56 48.26
CA ASN L 423 -76.49 36.30 48.42
C ASN L 423 -76.67 37.28 47.31
N GLU L 424 -77.73 37.08 46.55
CA GLU L 424 -78.02 37.95 45.39
C GLU L 424 -78.19 39.44 45.76
N GLU L 425 -78.94 39.75 46.82
CA GLU L 425 -79.17 41.13 47.24
C GLU L 425 -77.82 41.81 47.47
N LEU L 426 -76.97 41.13 48.24
CA LEU L 426 -75.67 41.69 48.57
C LEU L 426 -74.85 41.95 47.33
N ILE L 427 -74.75 40.96 46.44
CA ILE L 427 -74.06 41.10 45.15
C ILE L 427 -74.59 42.29 44.37
N ASN L 428 -75.91 42.43 44.29
CA ASN L 428 -76.50 43.56 43.56
C ASN L 428 -76.12 44.88 44.19
N LYS L 429 -76.08 44.92 45.52
CA LYS L 429 -75.57 46.09 46.22
C LYS L 429 -74.14 46.41 45.81
N ILE L 430 -73.26 45.41 45.80
CA ILE L 430 -71.87 45.61 45.33
C ILE L 430 -71.90 46.16 43.90
N LEU L 431 -72.71 45.55 43.05
CA LEU L 431 -72.79 46.00 41.66
C LEU L 431 -73.23 47.46 41.54
N GLN L 432 -74.17 47.88 42.39
CA GLN L 432 -74.67 49.24 42.37
C GLN L 432 -73.60 50.19 42.87
N SER L 433 -72.87 49.74 43.88
CA SER L 433 -71.71 50.47 44.38
C SER L 433 -70.62 50.56 43.34
N SER L 434 -70.47 49.51 42.53
CA SER L 434 -69.56 49.52 41.42
C SER L 434 -69.96 50.62 40.46
N LYS L 435 -71.24 50.66 40.09
CA LYS L 435 -71.77 51.69 39.18
C LYS L 435 -71.52 53.10 39.73
N THR L 436 -71.80 53.30 41.01
CA THR L 436 -71.70 54.65 41.55
C THR L 436 -70.29 55.08 41.91
N SER L 437 -69.44 54.14 42.28
CA SER L 437 -68.04 54.47 42.54
C SER L 437 -67.22 54.55 41.26
N ASN L 438 -67.71 53.90 40.19
CA ASN L 438 -66.99 53.77 38.92
C ASN L 438 -65.71 52.96 39.09
N GLU L 439 -65.74 52.02 40.02
CA GLU L 439 -64.76 50.94 40.11
C GLU L 439 -65.44 49.69 39.61
N PRO L 440 -65.12 49.28 38.36
CA PRO L 440 -65.88 48.24 37.66
C PRO L 440 -65.75 46.86 38.31
N VAL L 441 -66.89 46.22 38.55
CA VAL L 441 -66.93 44.90 39.14
C VAL L 441 -67.88 44.07 38.32
N TRP L 442 -67.61 42.77 38.22
CA TRP L 442 -68.47 41.92 37.44
C TRP L 442 -68.83 40.72 38.30
N TRP L 443 -70.09 40.34 38.21
CA TRP L 443 -70.57 39.20 38.95
C TRP L 443 -70.16 37.86 38.30
N LEU L 444 -69.44 37.07 39.08
CA LEU L 444 -69.01 35.77 38.66
C LEU L 444 -69.72 34.73 39.53
N PRO L 445 -70.00 33.56 38.96
CA PRO L 445 -70.71 32.54 39.72
C PRO L 445 -69.83 31.75 40.70
N ILE L 446 -70.41 31.34 41.81
CA ILE L 446 -69.82 30.26 42.60
C ILE L 446 -70.48 28.95 42.13
N ILE L 447 -69.75 28.15 41.35
CA ILE L 447 -70.34 26.98 40.71
C ILE L 447 -70.26 25.77 41.67
N ASN L 448 -71.39 25.37 42.24
CA ASN L 448 -71.35 24.32 43.26
C ASN L 448 -70.86 22.96 42.77
N GLU L 449 -71.02 22.72 41.48
CA GLU L 449 -70.48 21.53 40.84
C GLU L 449 -69.00 21.31 41.22
N TYR L 450 -68.23 22.39 41.40
CA TYR L 450 -66.82 22.26 41.63
C TYR L 450 -66.49 21.89 43.09
N ARG L 451 -67.46 22.10 43.97
CA ARG L 451 -67.31 21.89 45.42
C ARG L 451 -66.64 20.60 45.75
N ALA L 452 -67.09 19.53 45.09
CA ALA L 452 -66.57 18.18 45.32
C ALA L 452 -65.02 18.08 45.21
N THR L 453 -64.40 18.92 44.36
CA THR L 453 -62.97 18.83 44.17
C THR L 453 -62.23 19.38 45.38
N LEU L 454 -62.99 19.92 46.34
CA LEU L 454 -62.39 20.33 47.61
C LEU L 454 -62.53 19.28 48.69
N ASN L 455 -63.10 18.13 48.35
CA ASN L 455 -63.23 17.03 49.29
C ASN L 455 -61.88 16.37 49.50
N SER L 456 -61.25 16.68 50.63
CA SER L 456 -59.96 16.11 51.01
C SER L 456 -60.17 14.71 51.49
N LYS L 457 -59.19 13.86 51.24
CA LYS L 457 -59.24 12.49 51.68
C LYS L 457 -59.04 12.41 53.20
N TYR L 458 -58.26 13.34 53.74
CA TYR L 458 -57.90 13.27 55.12
C TYR L 458 -58.47 14.40 55.95
N ALA L 459 -58.48 15.60 55.40
CA ALA L 459 -58.98 16.75 56.11
C ALA L 459 -60.45 16.92 55.82
N ASP L 460 -61.08 17.88 56.49
CA ASP L 460 -62.49 18.16 56.22
C ASP L 460 -62.64 18.73 54.81
N ILE L 461 -61.65 19.50 54.41
CA ILE L 461 -61.69 20.19 53.15
C ILE L 461 -60.26 20.45 52.63
N ASN L 462 -60.14 20.43 51.31
CA ASN L 462 -58.94 20.86 50.62
C ASN L 462 -58.93 22.36 50.48
N GLN L 463 -57.76 22.95 50.64
CA GLN L 463 -57.54 24.36 50.31
C GLN L 463 -57.67 24.63 48.82
N ILE L 464 -57.09 23.76 47.99
CA ILE L 464 -57.16 23.92 46.54
C ILE L 464 -57.79 22.73 45.85
N SER L 465 -58.34 22.95 44.66
CA SER L 465 -58.68 21.87 43.76
C SER L 465 -57.42 21.20 43.21
N SER L 466 -57.54 19.93 42.90
CA SER L 466 -56.52 19.22 42.13
C SER L 466 -56.82 19.39 40.63
N SER L 467 -58.10 19.13 40.27
CA SER L 467 -58.57 19.16 38.87
C SER L 467 -58.91 20.57 38.38
N VAL L 468 -59.91 21.21 38.99
CA VAL L 468 -60.51 22.47 38.47
C VAL L 468 -59.55 23.68 38.39
N LYS L 469 -59.38 24.18 37.17
CA LYS L 469 -58.51 25.33 36.85
C LYS L 469 -59.23 26.66 37.04
N ALA L 470 -60.55 26.61 37.24
CA ALA L 470 -61.33 27.80 37.56
C ALA L 470 -61.09 28.25 39.01
N SER L 471 -59.87 28.72 39.27
CA SER L 471 -59.41 28.82 40.62
C SER L 471 -60.07 29.94 41.43
N SER L 472 -60.58 30.95 40.71
CA SER L 472 -61.30 32.05 41.37
C SER L 472 -62.60 31.51 41.91
N ILE L 473 -63.21 30.65 41.13
CA ILE L 473 -64.47 30.06 41.57
C ILE L 473 -64.19 29.09 42.70
N VAL L 474 -63.17 28.24 42.53
CA VAL L 474 -62.77 27.30 43.57
C VAL L 474 -62.42 28.01 44.90
N ALA L 475 -61.62 29.06 44.85
CA ALA L 475 -61.29 29.81 46.03
C ALA L 475 -62.58 30.35 46.70
N SER L 476 -63.54 30.78 45.89
CA SER L 476 -64.81 31.31 46.40
C SER L 476 -65.53 30.20 47.07
N LEU L 477 -65.59 29.04 46.42
CA LEU L 477 -66.20 27.84 47.05
C LEU L 477 -65.58 27.54 48.41
N PHE L 478 -64.26 27.66 48.48
CA PHE L 478 -63.53 27.39 49.68
C PHE L 478 -63.91 28.41 50.76
N LEU L 479 -63.83 29.69 50.44
CA LEU L 479 -64.30 30.74 51.36
C LEU L 479 -65.75 30.54 51.83
N LYS L 480 -66.66 30.15 50.93
CA LYS L 480 -68.06 30.04 51.25
C LYS L 480 -68.22 29.12 52.43
N GLU L 481 -67.33 28.15 52.50
CA GLU L 481 -67.38 27.17 53.57
C GLU L 481 -67.20 27.78 54.95
N PHE L 482 -66.77 29.05 55.01
CA PHE L 482 -66.45 29.68 56.29
C PHE L 482 -67.42 30.77 56.73
N VAL L 483 -68.49 30.93 55.94
CA VAL L 483 -69.60 31.78 56.26
C VAL L 483 -70.81 30.88 56.32
N GLN L 484 -71.32 30.69 57.53
CA GLN L 484 -72.40 29.73 57.78
C GLN L 484 -73.76 30.29 57.42
N ASN L 485 -74.02 31.56 57.73
CA ASN L 485 -75.38 32.01 57.75
C ASN L 485 -75.52 33.53 57.57
N THR L 486 -74.58 34.15 56.88
CA THR L 486 -74.58 35.57 56.69
C THR L 486 -74.42 35.85 55.20
N ALA L 487 -75.11 36.87 54.71
CA ALA L 487 -74.94 37.36 53.37
C ALA L 487 -73.47 37.73 53.26
N TRP L 488 -72.81 37.16 52.25
CA TRP L 488 -71.38 37.34 52.04
C TRP L 488 -71.03 37.48 50.57
N ALA L 489 -70.16 38.43 50.28
CA ALA L 489 -69.65 38.65 48.93
C ALA L 489 -68.13 38.74 48.99
N HIS L 490 -67.49 38.34 47.91
CA HIS L 490 -66.04 38.24 47.82
C HIS L 490 -65.62 38.93 46.54
N ILE L 491 -64.80 39.97 46.67
CA ILE L 491 -64.35 40.73 45.52
C ILE L 491 -62.88 40.40 45.25
N ASP L 492 -62.63 39.75 44.11
CA ASP L 492 -61.30 39.36 43.73
C ASP L 492 -60.70 40.47 42.89
N ILE L 493 -59.76 41.18 43.50
CA ILE L 493 -59.11 42.32 42.86
C ILE L 493 -57.67 41.97 42.44
N ALA L 494 -57.39 40.69 42.26
CA ALA L 494 -56.05 40.25 41.88
C ALA L 494 -55.61 40.78 40.54
N GLY L 495 -56.55 40.86 39.59
CA GLY L 495 -56.23 41.37 38.26
C GLY L 495 -56.19 42.89 38.18
N VAL L 496 -56.89 43.54 39.10
CA VAL L 496 -57.33 44.92 38.92
C VAL L 496 -56.55 45.85 39.84
N SER L 497 -55.96 45.26 40.88
CA SER L 497 -55.38 46.06 41.92
C SER L 497 -54.20 46.90 41.44
N TRP L 498 -53.31 46.28 40.67
CA TRP L 498 -52.10 46.94 40.23
C TRP L 498 -52.28 47.46 38.81
N ASN L 499 -51.92 48.71 38.61
CA ASN L 499 -51.85 49.30 37.30
C ASN L 499 -50.46 49.02 36.72
N PHE L 500 -50.38 47.96 35.92
CA PHE L 500 -49.13 47.52 35.32
C PHE L 500 -48.56 48.57 34.38
N LYS L 501 -49.41 49.20 33.56
CA LYS L 501 -48.91 50.22 32.66
C LYS L 501 -48.28 51.40 33.40
N ALA L 502 -48.97 51.93 34.41
CA ALA L 502 -48.44 53.06 35.20
C ALA L 502 -47.42 52.68 36.28
N ARG L 503 -47.19 51.39 36.46
CA ARG L 503 -46.27 50.86 37.49
C ARG L 503 -46.60 51.33 38.91
N LYS L 504 -47.89 51.32 39.24
CA LYS L 504 -48.38 51.77 40.54
C LYS L 504 -49.73 51.12 40.94
N PRO L 505 -50.06 51.12 42.25
CA PRO L 505 -51.35 50.59 42.66
C PRO L 505 -52.47 51.46 42.20
N LYS L 506 -53.66 50.90 42.08
CA LYS L 506 -54.82 51.70 41.77
C LYS L 506 -55.52 52.17 43.03
N GLY L 507 -55.24 51.50 44.15
CA GLY L 507 -56.02 51.70 45.36
C GLY L 507 -57.45 51.21 45.15
N PHE L 508 -57.60 50.16 44.35
CA PHE L 508 -58.89 49.70 43.91
C PHE L 508 -59.72 49.21 45.07
N GLY L 509 -60.99 49.61 45.06
CA GLY L 509 -61.94 49.04 46.00
C GLY L 509 -62.35 50.01 47.08
N VAL L 510 -61.53 51.05 47.34
CA VAL L 510 -61.80 51.98 48.44
C VAL L 510 -63.14 52.66 48.17
N ARG L 511 -63.27 53.22 46.99
CA ARG L 511 -64.47 53.91 46.63
C ARG L 511 -65.65 52.95 46.54
N LEU L 512 -65.44 51.83 45.87
CA LEU L 512 -66.44 50.77 45.82
C LEU L 512 -67.02 50.41 47.19
N LEU L 513 -66.15 50.07 48.12
CA LEU L 513 -66.60 49.73 49.47
C LEU L 513 -67.27 50.92 50.18
N THR L 514 -66.76 52.12 49.97
CA THR L 514 -67.32 53.29 50.61
C THR L 514 -68.70 53.57 50.06
N GLU L 515 -68.85 53.50 48.74
CA GLU L 515 -70.16 53.69 48.13
C GLU L 515 -71.11 52.65 48.68
N PHE L 516 -70.65 51.40 48.74
CA PHE L 516 -71.43 50.29 49.31
C PHE L 516 -71.94 50.62 50.72
N VAL L 517 -71.02 51.03 51.59
CA VAL L 517 -71.35 51.45 52.94
C VAL L 517 -72.32 52.65 52.95
N LEU L 518 -72.03 53.66 52.15
CA LEU L 518 -72.81 54.87 52.13
C LEU L 518 -74.20 54.75 51.55
N ASN L 519 -74.37 53.92 50.52
CA ASN L 519 -75.69 53.82 49.86
C ASN L 519 -76.60 52.81 50.54
N ASP L 520 -76.03 52.05 51.47
CA ASP L 520 -76.76 51.04 52.22
C ASP L 520 -77.48 51.67 53.43
N ALA L 521 -76.90 52.74 53.98
CA ALA L 521 -77.66 53.62 54.88
C ALA L 521 -78.85 54.17 54.05
N LEU L 522 -80.04 53.58 54.29
CA LEU L 522 -81.15 53.72 53.33
C LEU L 522 -81.92 55.02 53.45
C CO3 M . 22.11 -18.75 -42.40
O1 CO3 M . 22.22 -17.84 -43.32
O2 CO3 M . 21.76 -19.96 -42.71
O3 CO3 M . 22.36 -18.44 -41.17
ZN ZN N . 25.41 -23.13 -43.06
ZN ZN O . 22.20 -23.76 -43.13
O3 BEY P . 25.44 -22.70 -40.86
P BEY P . 23.96 -22.42 -40.70
O4 BEY P . 23.19 -21.97 -41.92
C19 BEY P . 23.37 -24.06 -40.21
C18 BEY P . 22.88 -23.92 -38.77
C15 BEY P . 21.92 -25.01 -38.34
C16 BEY P . 22.38 -25.60 -37.04
C10 BEY P . 23.73 -25.50 -36.67
C11 BEY P . 24.16 -26.08 -35.48
C12 BEY P . 23.22 -26.74 -34.68
C14 BEY P . 21.87 -26.84 -35.05
C13 BEY P . 21.45 -26.27 -36.24
N BEY P . 22.33 -24.42 -41.16
C17 BEY P . 23.73 -21.13 -39.46
C8 BEY P . 25.09 -20.61 -39.06
C9 BEY P . 25.47 -21.36 -37.82
O2 BEY P . 26.57 -21.95 -37.78
O1 BEY P . 24.66 -21.35 -36.86
C7 BEY P . 24.98 -19.11 -38.82
C1 BEY P . 26.30 -18.39 -39.04
C2 BEY P . 27.50 -19.08 -39.21
C3 BEY P . 28.68 -18.38 -39.40
C4 BEY P . 28.66 -16.98 -39.43
C6 BEY P . 27.48 -16.29 -39.25
C5 BEY P . 26.30 -16.99 -39.06
S SO4 Q . 3.53 -46.39 -49.76
O1 SO4 Q . 4.71 -46.98 -50.41
O2 SO4 Q . 2.35 -46.58 -50.60
O3 SO4 Q . 3.27 -47.04 -48.47
O4 SO4 Q . 3.81 -44.97 -49.58
S SO4 R . -5.36 -59.26 -28.84
O1 SO4 R . -4.65 -58.00 -29.08
O2 SO4 R . -4.36 -60.32 -28.78
O3 SO4 R . -5.93 -59.20 -27.50
O4 SO4 R . -6.39 -59.59 -29.86
S SO4 S . -11.60 -56.49 -39.82
O1 SO4 S . -10.70 -56.71 -40.96
O2 SO4 S . -12.46 -57.69 -39.70
O3 SO4 S . -10.79 -56.26 -38.60
O4 SO4 S . -12.46 -55.34 -40.13
C12 1PE T . -4.35 -42.53 -47.27
C22 1PE T . -3.47 -41.35 -47.66
OH3 1PE T . -2.12 -41.49 -47.18
C13 1PE T . -0.78 -39.84 -48.39
C23 1PE T . -1.44 -40.24 -47.05
OH4 1PE T . -1.43 -38.70 -48.98
C14 1PE T . -2.57 -37.88 -50.93
C24 1PE T . -1.38 -38.67 -50.41
OH5 1PE T . -3.62 -38.76 -51.38
C22 1PE U . 0.92 -38.89 -58.70
OH3 1PE U . 1.52 -40.16 -58.42
C13 1PE U . 3.51 -41.45 -57.89
C23 1PE U . 2.90 -40.06 -58.08
OH4 1PE U . 3.23 -42.01 -56.59
C14 1PE U . 3.43 -43.99 -55.15
C24 1PE U . 4.02 -43.18 -56.30
OH5 1PE U . 2.86 -43.12 -54.16
C15 1PE U . 0.77 -43.78 -52.97
C25 1PE U . 2.30 -43.80 -53.02
OH6 1PE U . 0.25 -42.80 -52.06
C26 1PE U . -1.11 -43.05 -51.70
C CO3 V . 53.06 -19.04 -49.01
O1 CO3 V . 53.98 -19.25 -49.89
O2 CO3 V . 51.92 -18.47 -49.28
O3 CO3 V . 53.33 -19.44 -47.83
ZN ZN W . 47.64 -19.86 -48.47
ZN ZN X . 48.37 -17.04 -49.90
O3 BEY Y . 48.05 -18.60 -46.36
P BEY Y . 49.02 -17.76 -47.17
O4 BEY Y . 49.37 -18.24 -48.56
C19 BEY Y . 48.39 -16.07 -47.41
C18 BEY Y . 47.67 -15.45 -46.21
C15 BEY Y . 48.54 -14.50 -45.36
C16 BEY Y . 47.80 -13.79 -44.23
C10 BEY Y . 46.88 -14.48 -43.41
C11 BEY Y . 46.21 -13.83 -42.37
C12 BEY Y . 46.48 -12.48 -42.14
C14 BEY Y . 47.40 -11.76 -42.94
C13 BEY Y . 48.04 -12.44 -43.98
N BEY Y . 49.57 -15.31 -47.78
C17 BEY Y . 50.54 -17.76 -46.19
C8 BEY Y . 50.40 -18.78 -45.07
C9 BEY Y . 50.02 -18.08 -43.77
O2 BEY Y . 48.82 -18.10 -43.39
O1 BEY Y . 50.87 -17.47 -43.07
C7 BEY Y . 51.76 -19.47 -45.04
C1 BEY Y . 51.76 -20.82 -44.35
C2 BEY Y . 50.60 -21.54 -44.12
C3 BEY Y . 50.68 -22.77 -43.47
C4 BEY Y . 51.90 -23.30 -43.07
C6 BEY Y . 53.07 -22.58 -43.30
C5 BEY Y . 53.00 -21.34 -43.94
C12 1PE Z . 44.69 7.64 -71.68
C22 1PE Z . 45.67 6.62 -71.13
OH3 1PE Z . 44.99 5.58 -70.43
C13 1PE Z . 44.79 4.89 -68.13
C23 1PE Z . 45.75 5.15 -69.30
OH4 1PE Z . 44.16 6.09 -67.70
C14 1PE Z . 43.87 7.19 -65.52
C24 1PE Z . 43.62 5.94 -66.38
OH5 1PE Z . 42.69 8.01 -65.50
C25 1PE Z . 42.61 8.87 -66.65
C12 1PE AA . 42.20 5.07 -71.93
C22 1PE AA . 41.52 5.95 -70.89
OH3 1PE AA . 40.78 5.18 -69.93
C13 1PE AA . 38.76 3.95 -69.28
C23 1PE AA . 39.38 4.99 -70.23
OH4 1PE AA . 37.71 3.10 -69.79
C14 1PE AA . 38.12 0.86 -70.87
C24 1PE AA . 37.99 2.37 -71.00
OH5 1PE AA . 38.22 0.29 -72.18
C25 1PE AA . 39.47 -0.31 -72.59
C12 1PE BA . 54.77 14.44 -70.51
C22 1PE BA . 53.54 13.90 -69.81
OH3 1PE BA . 53.27 12.58 -70.31
C13 1PE BA . 51.90 10.51 -70.17
C23 1PE BA . 52.04 12.00 -69.80
OH4 1PE BA . 50.64 10.19 -70.81
C14 1PE BA . 48.23 9.95 -70.34
C24 1PE BA . 49.67 9.59 -69.94
OH5 1PE BA . 47.59 10.74 -69.32
C25 1PE BA . 46.25 10.33 -68.99
C CO3 CA . 38.36 -45.88 -40.97
O1 CO3 CA . 39.14 -45.53 -41.95
O2 CO3 CA . 37.30 -46.58 -41.22
O3 CO3 CA . 38.58 -45.56 -39.73
ZN ZN DA . 42.34 -43.30 -43.81
ZN ZN EA . 40.05 -41.17 -43.02
O3 BEY FA . 41.17 -40.93 -41.04
P BEY FA . 41.54 -42.35 -40.98
O4 BEY FA . 40.94 -43.16 -42.11
C19 BEY FA . 43.37 -42.36 -41.01
C18 BEY FA . 44.00 -42.88 -39.71
C15 BEY FA . 45.52 -42.99 -39.82
C16 BEY FA . 46.31 -42.04 -38.93
C10 BEY FA . 45.78 -40.85 -38.40
C11 BEY FA . 46.54 -39.99 -37.58
C12 BEY FA . 47.85 -40.34 -37.27
C14 BEY FA . 48.39 -41.53 -37.79
C13 BEY FA . 47.63 -42.35 -38.62
N BEY FA . 43.92 -43.09 -42.14
C17 BEY FA . 40.92 -43.06 -39.41
C8 BEY FA . 40.34 -42.13 -38.34
C9 BEY FA . 41.28 -41.82 -37.21
O2 BEY FA . 41.54 -40.62 -36.95
O1 BEY FA . 41.73 -42.77 -36.53
C7 BEY FA . 39.21 -42.85 -37.63
C1 BEY FA . 38.08 -41.90 -37.38
C2 BEY FA . 37.99 -40.70 -38.12
C3 BEY FA . 36.92 -39.84 -37.89
C4 BEY FA . 35.95 -40.18 -36.92
C6 BEY FA . 36.04 -41.37 -36.19
C5 BEY FA . 37.11 -42.23 -36.42
S SO4 GA . 34.99 -30.45 -57.93
O1 SO4 GA . 35.86 -29.29 -57.95
O2 SO4 GA . 35.53 -31.45 -57.04
O3 SO4 GA . 33.67 -30.01 -57.45
O4 SO4 GA . 34.81 -31.06 -59.24
C12 1PE HA . 56.04 -56.87 -67.12
C22 1PE HA . 56.07 -55.35 -66.97
OH3 1PE HA . 57.39 -54.77 -66.83
C13 1PE HA . 58.75 -52.61 -67.02
C23 1PE HA . 57.39 -53.31 -66.80
OH4 1PE HA . 59.57 -52.55 -65.84
C14 1PE HA . 62.05 -53.09 -65.29
C24 1PE HA . 60.98 -52.30 -66.09
OH5 1PE HA . 61.60 -54.07 -64.31
C15 1PE HA . 62.08 -56.44 -63.49
C25 1PE HA . 62.60 -55.04 -63.90
OH6 1PE HA . 61.40 -57.15 -64.57
C26 1PE HA . 61.54 -58.57 -64.57
C12 1PE IA . 62.67 -61.25 -62.03
C22 1PE IA . 61.30 -61.10 -61.40
OH3 1PE IA . 61.13 -59.72 -61.05
C13 1PE IA . 60.75 -58.08 -59.30
C23 1PE IA . 60.42 -59.48 -59.82
OH4 1PE IA . 61.90 -58.15 -58.44
C14 1PE IA . 64.21 -57.45 -57.97
C24 1PE IA . 62.91 -57.16 -58.73
OH5 1PE IA . 65.30 -57.67 -58.88
C CO3 JA . 49.33 -39.62 -14.60
O1 CO3 JA . 48.28 -39.26 -13.89
O2 CO3 JA . 49.20 -39.78 -15.88
O3 CO3 JA . 50.51 -39.81 -14.03
ZN ZN KA . 45.21 -38.16 -12.33
ZN ZN LA . 46.12 -35.70 -13.76
O3 BEY MA . 45.41 -36.38 -15.81
P BEY MA . 45.42 -37.85 -15.46
O4 BEY MA . 46.02 -38.21 -14.12
C19 BEY MA . 43.65 -38.23 -15.52
C18 BEY MA . 43.40 -39.41 -16.45
C15 BEY MA . 41.99 -39.97 -16.29
C16 BEY MA . 41.06 -39.56 -17.40
C10 BEY MA . 41.20 -38.34 -18.06
C11 BEY MA . 40.32 -37.99 -19.08
C12 BEY MA . 39.30 -38.89 -19.40
C14 BEY MA . 39.17 -40.11 -18.74
C13 BEY MA . 40.06 -40.44 -17.74
N BEY MA . 43.19 -38.50 -14.18
C17 BEY MA . 46.41 -38.80 -16.65
C8 BEY MA . 47.02 -37.90 -17.72
C9 BEY MA . 46.03 -37.85 -18.84
O2 BEY MA . 45.61 -36.73 -19.18
O1 BEY MA . 45.68 -38.92 -19.38
C7 BEY MA . 48.37 -38.44 -18.20
C1 BEY MA . 49.02 -37.46 -19.16
C2 BEY MA . 48.89 -36.06 -18.96
C3 BEY MA . 49.50 -35.19 -19.85
C4 BEY MA . 50.25 -35.68 -20.94
C6 BEY MA . 50.38 -37.06 -21.12
C5 BEY MA . 49.78 -37.95 -20.23
S SO4 NA . 25.11 -47.43 8.57
O1 SO4 NA . 24.70 -46.04 8.77
O2 SO4 NA . 26.43 -47.65 9.16
O3 SO4 NA . 24.14 -48.32 9.22
O4 SO4 NA . 25.12 -47.73 7.14
C12 1PE OA . 31.11 -55.29 11.51
C22 1PE OA . 30.91 -55.12 10.01
OH3 1PE OA . 31.95 -54.29 9.47
C13 1PE OA . 31.15 -53.46 7.24
C23 1PE OA . 32.14 -54.35 8.03
OH4 1PE OA . 30.07 -54.30 6.80
C14 1PE OA . 27.94 -54.66 5.80
C24 1PE OA . 28.90 -53.62 6.35
OH5 1PE OA . 26.92 -54.90 6.77
C25 1PE OA . 26.95 -56.25 7.29
C13 1PE PA . 68.36 -44.38 -12.93
C23 1PE PA . 67.01 -44.14 -13.65
OH4 1PE PA . 68.36 -43.94 -11.55
C14 1PE PA . 69.56 -43.11 -9.60
C24 1PE PA . 69.65 -43.54 -11.07
OH5 1PE PA . 68.38 -43.60 -8.98
C15 1PE PA . 67.28 -45.68 -8.10
C25 1PE PA . 68.57 -44.87 -8.29
OH6 1PE PA . 67.56 -47.09 -8.02
C16 1PE PA . 67.87 -48.49 -10.03
C26 1PE PA . 66.89 -47.92 -8.99
C12 1PE QA . 34.69 -49.01 14.42
C22 1PE QA . 34.21 -47.61 14.13
OH3 1PE QA . 32.89 -47.59 13.55
C13 1PE QA . 30.74 -46.36 13.42
C23 1PE QA . 32.28 -46.29 13.38
OH4 1PE QA . 30.17 -46.45 12.11
C14 1PE QA . 28.31 -48.09 12.11
C24 1PE QA . 28.73 -46.61 12.07
OH5 1PE QA . 28.63 -48.74 10.89
C25 1PE QA . 28.05 -50.04 10.74
C13 1PE RA . 60.03 -59.79 -13.16
OH4 1PE RA . 60.45 -59.17 -11.94
C14 1PE RA . 60.65 -61.52 -11.27
C24 1PE RA . 61.19 -60.08 -11.12
OH5 1PE RA . 60.58 -62.25 -10.03
C15 1PE RA . 58.93 -63.24 -8.45
C25 1PE RA . 59.41 -63.09 -9.90
C CO3 SA . 55.71 -9.93 -21.29
O1 CO3 SA . 55.66 -8.75 -20.76
O2 CO3 SA . 55.08 -10.16 -22.41
O3 CO3 SA . 56.39 -10.87 -20.68
ZN ZN TA . 57.25 -14.25 -19.32
ZN ZN UA . 53.90 -14.34 -19.31
O3 BEY VA . 54.08 -15.29 -21.83
P BEY VA . 55.37 -14.52 -21.81
O4 BEY VA . 55.76 -13.73 -20.58
C19 BEY VA . 56.67 -15.74 -22.23
C18 BEY VA . 57.04 -15.78 -23.70
C15 BEY VA . 58.18 -16.79 -23.92
C16 BEY VA . 57.84 -17.76 -25.04
C10 BEY VA . 56.51 -18.00 -25.42
C11 BEY VA . 56.23 -18.89 -26.46
C12 BEY VA . 57.27 -19.54 -27.10
C14 BEY VA . 58.59 -19.33 -26.73
C13 BEY VA . 58.87 -18.43 -25.70
N BEY VA . 57.92 -15.50 -21.53
C17 BEY VA . 55.04 -13.30 -23.07
C8 BEY VA . 53.73 -13.63 -23.75
C9 BEY VA . 53.92 -13.37 -25.23
O2 BEY VA . 53.81 -14.30 -26.03
O1 BEY VA . 54.20 -12.21 -25.63
C7 BEY VA . 52.72 -12.74 -23.06
C1 BEY VA . 51.46 -12.42 -23.83
C2 BEY VA . 50.45 -13.38 -23.95
C3 BEY VA . 49.29 -13.06 -24.65
C4 BEY VA . 49.15 -11.79 -25.22
C6 BEY VA . 50.16 -10.84 -25.09
C5 BEY VA . 51.32 -11.16 -24.40
S SO4 WA . 46.62 -20.00 -2.58
O1 SO4 WA . 47.70 -19.80 -3.53
O2 SO4 WA . 46.17 -21.36 -2.66
O3 SO4 WA . 47.17 -19.82 -1.24
O4 SO4 WA . 45.52 -19.08 -2.85
S SO4 XA . 82.59 -25.92 -7.78
O1 SO4 XA . 82.57 -26.79 -8.96
O2 SO4 XA . 83.54 -26.38 -6.78
O3 SO4 XA . 82.99 -24.58 -8.15
O4 SO4 XA . 81.25 -25.85 -7.22
C12 1PE YA . 85.39 -19.78 -6.27
C22 1PE YA . 85.21 -21.28 -6.22
OH3 1PE YA . 83.82 -21.59 -5.98
C13 1PE YA . 82.09 -22.60 -4.63
C23 1PE YA . 83.57 -22.60 -4.99
OH4 1PE YA . 81.83 -21.53 -3.71
C14 1PE YA . 80.34 -20.51 -2.02
C24 1PE YA . 80.47 -21.42 -3.25
OH5 1PE YA . 81.05 -19.27 -2.18
C15 1PE YA . 81.44 -16.98 -1.54
C25 1PE YA . 80.48 -18.16 -1.50
OH6 1PE YA . 82.77 -17.42 -1.80
C12 1PE ZA . 90.85 -20.51 -11.02
C22 1PE ZA . 89.54 -21.22 -10.72
OH3 1PE ZA . 88.59 -20.90 -11.74
C13 1PE ZA . 86.24 -21.02 -12.41
C23 1PE ZA . 87.39 -21.71 -11.68
OH4 1PE ZA . 85.39 -20.40 -11.45
C14 1PE ZA . 83.88 -18.70 -10.87
C24 1PE ZA . 84.56 -19.40 -12.03
OH5 1PE ZA . 84.46 -17.42 -10.58
C15 1PE ZA . 85.69 -16.17 -8.88
C25 1PE ZA . 84.64 -17.25 -9.17
OH6 1PE ZA . 86.83 -16.70 -8.18
OH3 1PE AB . 51.91 6.95 -21.14
C13 1PE AB . 50.65 8.85 -20.30
C23 1PE AB . 51.32 8.20 -21.51
OH4 1PE AB . 51.58 8.84 -19.20
C14 1PE AB . 50.91 9.26 -16.99
C24 1PE AB . 51.36 9.90 -18.29
OH5 1PE AB . 51.14 10.12 -15.89
C25 1PE AB . 52.26 9.65 -15.14
C CO3 BB . 26.36 -18.61 -13.45
O1 CO3 BB . 26.96 -17.46 -13.31
O2 CO3 BB . 26.17 -19.11 -14.62
O3 CO3 BB . 25.92 -19.25 -12.44
ZN ZN CB . 29.95 -14.60 -13.43
ZN ZN DB . 31.80 -17.45 -14.26
O3 BEY EB . 31.00 -17.61 -16.44
P BEY EB . 29.81 -16.71 -16.10
O4 BEY EB . 29.29 -16.64 -14.68
C19 BEY EB . 30.33 -15.07 -16.68
C18 BEY EB . 29.29 -14.47 -17.63
C15 BEY EB . 29.75 -13.10 -18.13
C16 BEY EB . 30.04 -13.02 -19.62
C10 BEY EB . 30.96 -13.89 -20.23
C11 BEY EB . 31.25 -13.78 -21.61
C12 BEY EB . 30.58 -12.81 -22.36
C14 BEY EB . 29.65 -11.93 -21.76
C13 BEY EB . 29.39 -12.04 -20.39
N BEY EB . 30.52 -14.23 -15.54
C17 BEY EB . 28.50 -17.33 -17.20
C8 BEY EB . 29.00 -18.50 -18.03
C9 BEY EB . 29.29 -18.08 -19.44
O2 BEY EB . 30.46 -18.13 -19.88
O1 BEY EB . 28.33 -17.73 -20.16
C7 BEY EB . 27.91 -19.57 -18.02
C1 BEY EB . 28.43 -21.00 -17.93
C2 BEY EB . 29.77 -21.32 -18.23
C3 BEY EB . 30.17 -22.64 -18.13
C4 BEY EB . 29.27 -23.62 -17.73
C6 BEY EB . 27.94 -23.32 -17.45
C5 BEY EB . 27.52 -22.01 -17.55
S SO4 FB . 33.60 13.97 -4.56
O1 SO4 FB . 33.70 15.38 -4.17
O2 SO4 FB . 34.06 13.81 -5.94
O3 SO4 FB . 34.38 13.11 -3.66
O4 SO4 FB . 32.20 13.59 -4.44
OH4 1PE GB . 24.11 12.65 -0.70
C14 1PE GB . 26.23 12.49 -1.83
C24 1PE GB . 25.52 12.91 -0.55
OH5 1PE GB . 25.32 11.75 -2.66
C15 1PE GB . 25.43 12.00 -5.06
C25 1PE GB . 25.90 11.21 -3.85
OH6 1PE GB . 26.11 13.25 -5.08
C16 1PE GB . 26.34 15.42 -6.16
C26 1PE GB . 25.81 14.00 -6.27
OH7 1PE GB . 25.26 16.20 -5.65
OH4 1PE HB . 29.18 10.36 4.06
C14 1PE HB . 31.36 9.22 3.77
C24 1PE HB . 29.85 9.09 4.09
OH5 1PE HB . 31.56 10.09 2.65
C15 1PE HB . 33.19 11.47 1.43
C25 1PE HB . 32.89 10.12 2.12
OH6 1PE HB . 32.15 11.89 0.53
C16 1PE HB . 31.65 13.53 -1.27
C26 1PE HB . 32.65 12.54 -0.66
OH7 1PE HB . 30.34 13.36 -0.72
OH4 1PE IB . 15.40 -30.74 -4.19
C14 1PE IB . 15.37 -30.74 -1.72
C24 1PE IB . 14.72 -31.21 -3.03
OH5 1PE IB . 14.82 -29.50 -1.27
C15 1PE IB . 14.08 -28.19 0.66
C25 1PE IB . 15.13 -29.15 0.08
OH6 1PE IB . 13.66 -27.25 -0.34
C16 1PE IB . 11.56 -25.96 -0.24
C26 1PE IB . 13.03 -26.07 0.19
OH7 1PE IB . 11.42 -26.00 -1.68
C CO3 JB . -59.38 31.87 18.76
O1 CO3 JB . -59.73 32.90 18.08
O2 CO3 JB . -59.65 30.65 18.31
O3 CO3 JB . -58.78 32.08 19.90
ZN ZN KB . -59.39 26.95 18.14
ZN ZN LB . -56.23 27.46 18.17
O3 BEY MB . -56.20 28.09 20.53
P BEY MB . -57.69 28.31 20.70
O4 BEY MB . -58.59 28.72 19.54
C19 BEY MB . -58.30 26.71 21.33
C18 BEY MB . -59.07 26.86 22.65
C15 BEY MB . -59.91 25.63 23.02
C16 BEY MB . -59.49 25.01 24.33
C10 BEY MB . -58.14 24.74 24.63
C11 BEY MB . -57.74 24.17 25.84
C12 BEY MB . -58.71 23.86 26.75
C14 BEY MB . -60.07 24.09 26.46
C13 BEY MB . -60.48 24.67 25.26
N BEY MB . -59.16 26.15 20.31
C17 BEY MB . -57.86 29.64 21.91
C8 BEY MB . -56.49 30.20 22.27
C9 BEY MB . -56.00 29.38 23.41
O2 BEY MB . -56.79 29.13 24.34
O1 BEY MB . -54.84 28.99 23.36
C7 BEY MB . -56.61 31.64 22.70
C1 BEY MB . -55.38 32.51 22.42
C2 BEY MB . -54.37 32.09 21.55
C3 BEY MB . -53.28 32.93 21.32
C4 BEY MB . -53.19 34.16 21.97
C6 BEY MB . -54.21 34.57 22.83
C5 BEY MB . -55.30 33.76 23.07
S SO4 NB . -78.08 4.29 11.50
O1 SO4 NB . -78.03 5.70 11.90
O2 SO4 NB . -76.77 3.88 11.04
O3 SO4 NB . -78.46 3.49 12.68
O4 SO4 NB . -79.05 4.09 10.42
S SO4 OB . -84.98 -5.06 52.56
O1 SO4 OB . -84.38 -4.37 51.42
O2 SO4 OB . -84.88 -6.51 52.36
O3 SO4 OB . -84.27 -4.69 53.78
O4 SO4 OB . -86.38 -4.68 52.67
C22 1PE PB . -84.89 12.81 9.50
OH3 1PE PB . -83.72 12.14 10.01
C13 1PE PB . -82.38 11.81 12.02
C23 1PE PB . -83.27 12.75 11.22
OH4 1PE PB . -83.06 11.32 13.18
C14 1PE PB . -83.84 9.35 14.36
C24 1PE PB . -82.80 9.94 13.43
OH5 1PE PB . -84.58 8.33 13.68
C25 1PE PB . -85.83 8.75 13.13
OH4 1PE QB . -74.70 37.81 35.36
C14 1PE QB . -74.74 40.19 35.27
C24 1PE QB . -74.01 38.97 35.81
OH5 1PE QB . -75.24 40.99 36.36
C15 1PE QB . -76.57 42.51 34.94
C25 1PE QB . -75.50 42.36 36.03
OH6 1PE QB . -77.90 42.23 35.41
C14 1PE RB . -99.24 -3.20 33.36
C24 1PE RB . -100.69 -3.48 32.99
OH5 1PE RB . -98.84 -2.02 32.69
C15 1PE RB . -98.11 0.16 33.35
C25 1PE RB . -97.81 -1.33 33.37
OH6 1PE RB . -99.16 0.46 34.27
C14 1PE SB . -103.80 -1.03 35.60
C24 1PE SB . -103.07 -2.33 35.30
OH5 1PE SB . -103.01 -0.16 36.42
C15 1PE SB . -101.74 1.92 36.75
C25 1PE SB . -102.94 1.24 36.07
OH6 1PE SB . -100.70 2.31 35.83
C12 1PE TB . -83.10 11.57 3.15
C22 1PE TB . -82.13 10.46 3.49
OH3 1PE TB . -80.77 10.93 3.61
C13 1PE TB . -78.46 10.02 3.24
C23 1PE TB . -79.83 10.44 2.63
OH4 1PE TB . -78.59 8.95 4.19
C14 1PE TB . -77.67 6.95 5.27
C24 1PE TB . -77.37 8.28 4.56
OH5 1PE TB . -78.04 7.11 6.65
C15 1PE TB . -79.83 6.87 8.34
C25 1PE TB . -79.18 6.32 7.05
OH6 1PE TB . -80.87 7.81 8.06
C16 1PE TB . -83.15 8.35 8.84
C26 1PE TB . -81.65 8.26 9.18
OH7 1PE TB . -83.47 9.48 8.02
C CO3 UB . -28.63 31.78 12.23
O1 CO3 UB . -27.69 31.15 11.57
O2 CO3 UB . -29.59 32.43 11.63
O3 CO3 UB . -28.56 31.71 13.53
ZN ZN VB . -33.19 33.69 11.29
ZN ZN WB . -33.95 31.13 12.71
O3 BEY XB . -33.15 31.81 14.82
P BEY XB . -32.31 32.94 14.27
O4 BEY XB . -31.89 32.94 12.82
C19 BEY XB . -33.34 34.43 14.62
C18 BEY XB . -32.60 35.42 15.54
C15 BEY XB . -33.33 36.74 15.73
C16 BEY XB . -34.05 36.94 17.06
C10 BEY XB . -34.46 35.87 17.88
C11 BEY XB . -35.13 36.10 19.08
C12 BEY XB . -35.41 37.41 19.46
C14 BEY XB . -35.00 38.49 18.65
C13 BEY XB . -34.32 38.25 17.46
N BEY XB . -33.84 35.04 13.39
C17 BEY XB . -30.79 32.87 15.24
C8 BEY XB . -30.88 31.81 16.34
C9 BEY XB . -31.54 32.38 17.58
O2 BEY XB . -32.77 32.16 17.77
O1 BEY XB . -30.86 33.06 18.39
C7 BEY XB . -29.44 31.32 16.59
C1 BEY XB . -29.40 29.90 17.10
C2 BEY XB . -30.41 28.98 16.78
C3 BEY XB . -30.34 27.68 17.29
C4 BEY XB . -29.27 27.32 18.09
C6 BEY XB . -28.26 28.22 18.42
C5 BEY XB . -28.32 29.52 17.91
C12 1PE YB . -38.92 60.70 -6.03
C22 1PE YB . -38.91 59.97 -4.70
OH3 1PE YB . -38.97 58.55 -4.89
C13 1PE YB . -37.63 56.54 -4.87
C23 1PE YB . -37.94 57.87 -4.18
OH4 1PE YB . -37.54 56.67 -6.30
C14 1PE YB . -35.68 55.69 -7.59
C24 1PE YB . -37.04 55.48 -6.94
OH5 1PE YB . -35.80 56.03 -8.99
C25 1PE YB . -35.07 57.21 -9.33
C12 1PE ZB . -42.99 55.25 -8.13
C22 1PE ZB . -44.11 54.33 -8.53
OH3 1PE ZB . -43.54 53.12 -9.06
C13 1PE ZB . -44.46 51.30 -10.45
C23 1PE ZB . -44.46 52.02 -9.09
OH4 1PE ZB . -43.25 50.57 -10.62
C14 1PE ZB . -41.45 49.90 -12.08
C24 1PE ZB . -42.92 50.30 -11.99
OH5 1PE ZB . -40.61 51.01 -12.43
C25 1PE ZB . -39.24 50.67 -12.57
C CO3 AC . -43.16 5.03 20.24
O1 CO3 AC . -42.82 5.44 19.08
O2 CO3 AC . -43.82 3.95 20.42
O3 CO3 AC . -42.80 5.74 21.24
ZN ZN BC . -41.46 9.59 18.30
ZN ZN CC . -39.35 7.40 17.45
O3 BEY DC . -40.38 9.71 20.13
P BEY DC . -39.97 8.27 20.26
O4 BEY DC . -40.63 7.28 19.35
C19 BEY DC . -38.17 8.32 19.98
C18 BEY DC . -37.44 8.10 21.29
C15 BEY DC . -35.92 8.14 21.18
C16 BEY DC . -35.30 8.94 22.28
C10 BEY DC . -36.01 9.94 22.93
C11 BEY DC . -35.39 10.68 23.96
C12 BEY DC . -34.07 10.41 24.29
C14 BEY DC . -33.36 9.42 23.63
C13 BEY DC . -33.99 8.70 22.62
N BEY DC . -37.78 7.32 19.02
C17 BEY DC . -40.38 7.87 21.98
C8 BEY DC . -40.96 9.10 22.67
C9 BEY DC . -40.58 9.12 24.14
O2 BEY DC . -40.41 10.24 24.70
O1 BEY DC . -40.43 8.03 24.76
C7 BEY DC . -42.46 9.16 22.32
C1 BEY DC . -43.52 9.23 23.39
C2 BEY DC . -44.24 10.41 23.49
C3 BEY DC . -45.27 10.50 24.44
C4 BEY DC . -45.56 9.43 25.28
C6 BEY DC . -44.83 8.24 25.17
C5 BEY DC . -43.81 8.14 24.23
S SO4 EC . -46.75 20.39 3.22
O1 SO4 EC . -45.82 21.47 3.53
O2 SO4 EC . -46.23 19.16 3.79
O3 SO4 EC . -48.05 20.68 3.81
O4 SO4 EC . -46.91 20.24 1.76
C12 1PE FC . -24.52 -6.27 -5.79
C22 1PE FC . -25.41 -5.23 -6.46
OH3 1PE FC . -25.36 -3.92 -5.88
C13 1PE FC . -23.69 -2.26 -5.10
C23 1PE FC . -24.27 -3.08 -6.28
OH4 1PE FC . -22.55 -1.42 -5.44
C14 1PE FC . -20.37 -1.89 -4.41
C24 1PE FC . -21.68 -1.09 -4.35
OH5 1PE FC . -20.14 -2.70 -3.24
C15 1PE FC . -18.60 -4.45 -2.47
C25 1PE FC . -18.78 -3.00 -2.95
OH6 1PE FC . -19.79 -5.24 -2.66
C16 1PE FC . -19.65 -6.47 -4.79
C26 1PE FC . -19.55 -6.52 -3.26
OH7 1PE FC . -21.01 -6.36 -5.24
C12 1PE GC . -19.72 -10.37 -1.64
C22 1PE GC . -20.62 -9.88 -0.52
OH3 1PE GC . -19.94 -8.82 0.17
C13 1PE GC . -20.32 -7.07 1.85
C23 1PE GC . -20.49 -8.54 1.47
OH4 1PE GC . -19.25 -6.83 2.78
C14 1PE GC . -16.79 -6.98 2.76
C24 1PE GC . -18.05 -6.45 2.11
OH5 1PE GC . -15.90 -7.38 1.71
C15 1PE GC . -13.56 -8.08 1.83
C25 1PE GC . -15.03 -8.48 2.02
C13 1PE HC . 5.30 -15.62 12.94
OH4 1PE HC . 5.81 -15.71 14.28
C14 1PE HC . 6.03 -17.25 16.20
C24 1PE HC . 5.21 -16.79 15.00
OH5 1PE HC . 7.41 -17.34 15.83
C15 1PE HC . 9.65 -18.27 15.98
C25 1PE HC . 8.17 -18.42 16.38
C CO3 IC . -32.18 10.87 46.80
O1 CO3 IC . -32.28 11.01 45.53
O2 CO3 IC . -31.03 10.56 47.32
O3 CO3 IC . -33.22 11.08 47.55
ZN ZN JC . -36.65 12.38 48.76
ZN ZN KC . -35.67 15.13 47.42
O3 BEY LC . -36.08 14.26 45.14
P BEY LC . -36.05 12.87 45.75
O4 BEY LC . -35.28 12.64 47.02
C19 BEY LC . -37.77 12.40 46.17
C18 BEY LC . -38.75 12.51 45.02
C15 BEY LC . -39.58 11.25 44.97
C16 BEY LC . -40.64 11.28 43.90
C10 BEY LC . -40.69 12.29 42.95
C11 BEY LC . -41.70 12.26 41.98
C12 BEY LC . -42.65 11.24 41.97
C14 BEY LC . -42.60 10.22 42.92
C13 BEY LC . -41.58 10.24 43.87
N BEY LC . -37.71 11.05 46.63
C17 BEY LC . -35.21 11.82 44.55
C8 BEY LC . -34.64 12.64 43.42
C9 BEY LC . -35.65 12.66 42.28
O2 BEY LC . -35.78 13.71 41.62
O1 BEY LC . -36.30 11.62 42.05
C7 BEY LC . -33.30 12.06 42.94
C1 BEY LC . -32.51 13.01 42.05
C2 BEY LC . -32.50 14.39 42.28
C3 BEY LC . -31.76 15.23 41.43
C4 BEY LC . -31.02 14.69 40.37
C6 BEY LC . -31.02 13.31 40.13
C5 BEY LC . -31.77 12.46 40.97
S SO4 MC . -34.92 30.67 58.76
O1 SO4 MC . -35.04 29.23 58.66
O2 SO4 MC . -33.81 31.10 57.97
O3 SO4 MC . -36.13 31.29 58.23
O4 SO4 MC . -34.80 31.01 60.15
S SO4 NC . -56.80 3.27 69.54
O1 SO4 NC . -55.45 2.75 69.36
O2 SO4 NC . -57.76 2.17 69.51
O3 SO4 NC . -56.86 3.94 70.83
O4 SO4 NC . -57.17 4.18 68.46
C13 1PE OC . -54.48 -5.57 68.99
OH4 1PE OC . -55.19 -4.38 68.61
C14 1PE OC . -53.60 -2.86 67.65
C24 1PE OC . -54.70 -3.85 67.38
OH5 1PE OC . -52.36 -3.48 67.40
C15 1PE OC . -50.25 -3.79 68.57
C25 1PE OC . -51.26 -2.78 68.03
OH6 1PE OC . -49.58 -3.36 69.76
C16 1PE OC . -50.41 -4.45 71.81
C26 1PE OC . -49.32 -4.41 70.72
OH7 1PE OC . -50.33 -3.29 72.68
OH4 1PE PC . -47.40 1.87 75.49
C14 1PE PC . -49.24 3.33 74.94
C24 1PE PC . -47.74 3.25 75.23
OH5 1PE PC . -49.71 4.67 74.67
C15 1PE PC . -51.80 4.84 73.30
C25 1PE PC . -50.25 4.87 73.37
OH6 1PE PC . -52.22 3.49 73.15
C16 1PE PC . -53.94 2.07 72.29
C26 1PE PC . -53.63 3.39 73.00
OH7 1PE PC . -52.90 1.10 72.52
C13 1PE QC . -11.59 5.52 48.50
OH4 1PE QC . -12.72 6.39 48.69
C14 1PE QC . -12.83 5.89 51.10
C24 1PE QC . -12.88 6.95 50.00
OH5 1PE QC . -13.37 6.32 52.35
C15 1PE QC . -14.25 4.35 53.63
C25 1PE QC . -13.12 5.38 53.42
OH6 1PE QC . -14.26 3.43 52.54
C16 1PE QC . -12.32 1.98 52.14
C26 1PE QC . -13.68 2.15 52.80
C CO3 RC . -26.21 40.96 39.71
O1 CO3 RC . -26.51 42.20 39.72
O2 CO3 RC . -26.69 40.21 38.76
O3 CO3 RC . -25.45 40.51 40.65
ZN ZN SC . -24.38 36.51 41.79
ZN ZN TC . -27.67 36.33 42.01
O3 BEY UC . -27.51 35.20 39.36
P BEY UC . -26.48 36.28 39.27
O4 BEY UC . -26.17 37.12 40.49
C19 BEY UC . -25.04 35.27 38.78
C18 BEY UC . -24.84 35.14 37.30
C15 BEY UC . -23.63 34.22 37.26
C16 BEY UC . -23.84 33.07 36.29
C10 BEY UC . -25.12 32.52 36.10
C11 BEY UC . -25.31 31.47 35.21
C12 BEY UC . -24.20 30.99 34.50
C14 BEY UC . -22.93 31.53 34.68
C13 BEY UC . -22.75 32.59 35.56
N BEY UC . -23.78 35.76 39.28
C17 BEY UC . -27.06 37.47 38.07
C8 BEY UC . -28.27 36.85 37.40
C9 BEY UC . -28.14 36.91 35.89
O2 BEY UC . -28.62 35.98 35.21
O1 BEY UC . -27.53 37.84 35.32
C7 BEY UC . -29.46 37.54 38.09
C1 BEY UC . -30.36 38.48 37.32
C2 BEY UC . -31.74 38.28 37.42
C3 BEY UC . -32.59 39.14 36.73
C4 BEY UC . -32.08 40.19 35.94
C6 BEY UC . -30.71 40.38 35.86
C5 BEY UC . -29.85 39.53 36.55
S SO4 VC . 0.69 24.74 53.46
O1 SO4 VC . 0.44 24.35 52.07
O2 SO4 VC . -0.58 25.06 54.10
O3 SO4 VC . 1.33 23.63 54.16
O4 SO4 VC . 1.56 25.92 53.55
C12 1PE WC . 4.15 31.55 55.19
C22 1PE WC . 3.63 30.20 54.69
OH3 1PE WC . 2.35 29.90 55.31
C13 1PE WC . 0.73 28.22 56.28
C23 1PE WC . 2.16 28.52 55.75
OH4 1PE WC . 0.43 28.92 57.50
C14 1PE WC . -1.09 29.66 59.28
C24 1PE WC . -0.84 28.69 58.11
OH5 1PE WC . -0.80 31.02 58.92
C15 1PE WC . -0.76 33.38 59.45
C25 1PE WC . -1.30 32.01 59.84
OH6 1PE WC . 0.67 33.32 59.40
C12 1PE XC . 8.79 29.08 51.50
C22 1PE XC . 8.45 29.22 50.02
OH3 1PE XC . 7.21 29.90 49.87
C13 1PE XC . 5.07 29.90 48.61
C23 1PE XC . 6.16 29.08 49.32
OH4 1PE XC . 4.10 30.40 49.55
C14 1PE XC . 2.11 31.74 49.81
C24 1PE XC . 2.87 30.76 48.94
OH5 1PE XC . 2.95 32.34 50.79
C15 1PE XC . 3.31 34.55 51.52
C25 1PE XC . 2.31 33.41 51.47
OH6 1PE XC . 4.38 34.17 52.40
OH3 1PE YC . -29.60 58.31 40.17
C13 1PE YC . -30.09 59.79 42.09
C23 1PE YC . -29.92 58.36 41.57
OH4 1PE YC . -30.20 59.78 43.51
C14 1PE YC . -30.21 61.62 45.04
C24 1PE YC . -31.02 60.84 44.02
OH5 1PE YC . -29.07 60.79 45.39
C15 1PE YC . -26.66 60.43 45.32
C25 1PE YC . -27.81 61.45 45.24
OH6 1PE YC . -25.39 60.94 44.86
C26 1PE YC . -25.38 61.23 43.48
C13 1PE ZC . -14.31 21.82 63.27
OH4 1PE ZC . -15.30 21.22 62.43
C14 1PE ZC . -14.03 21.15 60.29
C24 1PE ZC . -14.88 20.39 61.32
OH5 1PE ZC . -13.60 20.32 59.20
C25 1PE ZC . -12.18 20.38 58.97
C CO3 AD . -55.14 32.38 47.87
O1 CO3 AD . -55.43 32.86 46.73
O2 CO3 AD . -54.31 33.04 48.56
O3 CO3 AD . -55.69 31.26 48.28
ZN ZN BD . -51.74 35.96 47.75
ZN ZN CD . -49.96 33.30 47.11
O3 BEY DD . -50.62 33.35 45.12
P BEY DD . -51.86 34.20 45.15
O4 BEY DD . -52.49 34.44 46.50
C19 BEY DD . -51.37 35.79 44.45
C18 BEY DD . -52.32 36.17 43.32
C15 BEY DD . -52.10 37.59 42.86
C16 BEY DD . -51.71 37.66 41.39
C10 BEY DD . -50.82 36.73 40.85
C11 BEY DD . -50.47 36.81 39.50
C12 BEY DD . -51.02 37.84 38.72
C14 BEY DD . -51.91 38.78 39.27
C13 BEY DD . -52.25 38.69 40.62
N BEY DD . -51.32 36.81 45.49
C17 BEY DD . -53.05 33.40 44.04
C8 BEY DD . -52.53 32.04 43.55
C9 BEY DD . -52.39 32.02 42.04
O2 BEY DD . -51.58 31.22 41.49
O1 BEY DD . -53.08 32.82 41.36
C7 BEY DD . -53.51 31.00 44.08
C1 BEY DD . -53.24 29.55 43.73
C2 BEY DD . -51.98 28.97 43.95
C3 BEY DD . -51.76 27.63 43.63
C4 BEY DD . -52.81 26.88 43.09
C6 BEY DD . -54.07 27.44 42.88
C5 BEY DD . -54.29 28.78 43.20
S SO4 ED . -48.06 64.42 56.60
O1 SO4 ED . -48.00 65.86 56.88
O2 SO4 ED . -46.75 63.79 56.86
O3 SO4 ED . -49.04 63.78 57.47
O4 SO4 ED . -48.42 64.30 55.20
OH4 1PE FD . -56.61 67.41 56.91
C14 1PE FD . -55.10 66.07 55.54
C24 1PE FD . -56.02 67.29 55.61
OH5 1PE FD . -55.82 64.83 55.37
C15 1PE FD . -56.17 62.57 56.24
C25 1PE FD . -55.27 63.80 56.20
OH6 1PE FD . -55.96 61.84 57.46
C16 1PE FD . -56.77 62.92 59.46
C26 1PE FD . -57.07 61.90 58.37
OH7 1PE FD . -57.99 63.23 60.14
C12 1PE GD . -66.70 18.66 58.13
C22 1PE GD . -66.50 20.06 58.64
OH3 1PE GD . -66.25 20.09 60.06
C13 1PE GD . -66.93 22.32 60.92
C23 1PE GD . -67.25 20.82 60.79
OH4 1PE GD . -68.10 23.07 61.30
C14 1PE GD . -69.88 24.35 60.23
C24 1PE GD . -68.37 24.23 60.50
OH5 1PE GD . -70.19 24.26 58.83
C15 1PE GD . -70.93 22.37 57.40
C25 1PE GD . -71.26 23.34 58.55
OH6 1PE GD . -70.37 23.07 56.29
C13 1PE HD . -51.98 60.37 65.83
OH4 1PE HD . -51.14 60.07 64.70
C14 1PE HD . -49.07 60.61 63.39
C24 1PE HD . -49.85 60.74 64.72
OH5 1PE HD . -48.83 61.88 62.77
C15 1PE HD . -49.51 63.23 60.83
C25 1PE HD . -48.95 61.90 61.34
OH6 1PE HD . -50.86 63.08 60.36
C16 1PE HD . -53.15 63.93 59.94
C26 1PE HD . -51.81 64.13 60.68
OH7 1PE HD . -54.30 63.93 60.82
#